data_4R7M
#
_entry.id   4R7M
#
_cell.length_a   172.560
_cell.length_b   175.590
_cell.length_c   225.480
_cell.angle_alpha   90.000
_cell.angle_beta   90.000
_cell.angle_gamma   90.000
#
_symmetry.space_group_name_H-M   'P 21 21 21'
#
loop_
_entity.id
_entity.type
_entity.pdbx_description
1 polymer 'M17 leucyl aminopeptidase'
2 non-polymer 'ZINC ION'
3 non-polymer 'CARBONATE ION'
4 non-polymer 'PENTAETHYLENE GLYCOL'
5 non-polymer 4-amino-N-{(1R)-2-(hydroxyamino)-2-oxo-1-[4-(1H-pyrazol-1-yl)phenyl]ethyl}benzamide
6 non-polymer 'SULFATE ION'
7 non-polymer 'DIMETHYL SULFOXIDE'
8 water water
#
_entity_poly.entity_id   1
_entity_poly.type   'polypeptide(L)'
_entity_poly.pdbx_seq_one_letter_code
;MASEVPQVVSLDPTSIPIEYNTPIHDIKVQVYDIKGGCNVEEGLTIFLVNNPGKENGPVKISSKVNDKQVSEFLKDENME
KFNVKLGTSKHFYMFNDNKNSVAVGYVGCGSVADLSEADMKRVVLSLVTMLHDNKLSKLTVVFEINVDKNLFRFFLETLF
YEYMTDERFKSTDKNVNMEYIKHLGVYINNADTYKEEVEKARVYYFGTYYASQLIAAPSNYCNPVSLSNAAVELAQKLNL
EYKILGVKELEELKMGAYLSVGKGSMYPNKFIHLTYKSKGDVKKKIALVGKGITFDSGGYNLKAAPGSMIDLMKFDMSGC
AAVLGCAYCVGTLKPENVEIHFLSAVCENMVSKNSYRPGDIITASNGKTIEVGNTDAEGRLTLADALVYAEKLGVDYIVD
IATLTGAMLYSLGTSYAGVFGNNEELINKILQSSKTSNEPVWWLPIINEYRATLNSKYADINQISSSVKASSIVASLFLK
EFVQNTAWAHIDIAGVSWNFKARKPKGFGVRLLTEFVLNDALHHHHHH
;
_entity_poly.pdbx_strand_id   A,B,C,D,E,F,G,H,I,J,K,L
#
loop_
_chem_comp.id
_chem_comp.type
_chem_comp.name
_chem_comp.formula
1PE non-polymer 'PENTAETHYLENE GLYCOL' 'C10 H22 O6'
3MW non-polymer 4-amino-N-{(1R)-2-(hydroxyamino)-2-oxo-1-[4-(1H-pyrazol-1-yl)phenyl]ethyl}benzamide 'C18 H17 N5 O3'
CO3 non-polymer 'CARBONATE ION' 'C O3 -2'
DMS non-polymer 'DIMETHYL SULFOXIDE' 'C2 H6 O S'
SO4 non-polymer 'SULFATE ION' 'O4 S -2'
ZN non-polymer 'ZINC ION' 'Zn 2'
#
# COMPACT_ATOMS: atom_id res chain seq x y z
N SER A 3 66.25 -26.99 -11.34
CA SER A 3 66.26 -28.40 -11.69
C SER A 3 66.50 -28.69 -13.18
N GLU A 4 66.70 -29.96 -13.49
CA GLU A 4 66.91 -30.47 -14.84
C GLU A 4 65.60 -30.80 -15.55
N VAL A 5 65.37 -30.20 -16.71
CA VAL A 5 64.19 -30.53 -17.49
C VAL A 5 64.49 -31.73 -18.36
N PRO A 6 63.79 -32.85 -18.15
CA PRO A 6 63.99 -34.07 -18.95
C PRO A 6 63.58 -33.88 -20.41
N GLN A 7 64.26 -34.58 -21.31
CA GLN A 7 63.97 -34.48 -22.73
C GLN A 7 63.74 -35.86 -23.32
N VAL A 8 62.85 -35.94 -24.31
CA VAL A 8 62.65 -37.17 -25.06
C VAL A 8 63.58 -37.12 -26.27
N VAL A 9 63.58 -35.96 -26.92
CA VAL A 9 64.54 -35.67 -27.97
C VAL A 9 65.28 -34.39 -27.63
N SER A 10 66.41 -34.15 -28.26
CA SER A 10 67.24 -32.99 -27.95
C SER A 10 66.57 -31.69 -28.36
N LEU A 11 65.52 -31.80 -29.18
CA LEU A 11 64.81 -30.63 -29.69
C LEU A 11 63.74 -30.14 -28.73
N ASP A 12 63.52 -30.90 -27.66
CA ASP A 12 62.56 -30.51 -26.63
C ASP A 12 63.03 -29.27 -25.89
N PRO A 13 62.19 -28.23 -25.81
CA PRO A 13 62.58 -27.00 -25.13
C PRO A 13 62.85 -27.24 -23.65
N THR A 14 63.76 -26.47 -23.07
CA THR A 14 64.17 -26.69 -21.68
C THR A 14 63.86 -25.51 -20.76
N SER A 15 63.18 -24.49 -21.29
CA SER A 15 62.76 -23.36 -20.47
C SER A 15 61.55 -22.63 -21.06
N ILE A 16 60.76 -22.02 -20.19
CA ILE A 16 59.64 -21.19 -20.63
C ILE A 16 60.13 -19.79 -20.98
N PRO A 17 60.01 -19.41 -22.26
CA PRO A 17 60.39 -18.05 -22.65
C PRO A 17 59.52 -17.01 -21.98
N ILE A 18 60.14 -16.02 -21.36
CA ILE A 18 59.40 -14.97 -20.66
C ILE A 18 59.93 -13.61 -21.05
N GLU A 19 59.05 -12.74 -21.52
CA GLU A 19 59.45 -11.37 -21.84
C GLU A 19 59.13 -10.48 -20.65
N TYR A 20 60.20 -10.02 -19.98
CA TYR A 20 60.07 -9.19 -18.79
C TYR A 20 59.96 -7.72 -19.18
N ASN A 21 60.84 -7.31 -20.08
CA ASN A 21 60.82 -5.93 -20.57
C ASN A 21 59.89 -5.77 -21.76
N THR A 22 58.63 -5.48 -21.49
CA THR A 22 57.67 -5.27 -22.56
C THR A 22 57.73 -3.82 -23.04
N PRO A 23 57.29 -3.58 -24.28
CA PRO A 23 57.25 -2.23 -24.85
C PRO A 23 56.40 -1.28 -23.99
N ILE A 24 55.52 -1.86 -23.19
CA ILE A 24 54.69 -1.07 -22.28
C ILE A 24 55.55 -0.37 -21.23
N HIS A 25 56.58 -1.06 -20.75
CA HIS A 25 57.44 -0.53 -19.71
C HIS A 25 58.28 0.65 -20.18
N ASP A 26 58.40 0.80 -21.49
CA ASP A 26 59.18 1.90 -22.05
C ASP A 26 58.33 3.14 -22.32
N ILE A 27 57.02 3.01 -22.17
CA ILE A 27 56.10 4.12 -22.41
C ILE A 27 56.03 5.09 -21.23
N LYS A 28 56.38 6.35 -21.49
CA LYS A 28 56.30 7.39 -20.48
C LYS A 28 54.90 7.99 -20.40
N VAL A 29 54.28 7.89 -19.23
CA VAL A 29 52.90 8.32 -19.04
C VAL A 29 52.83 9.69 -18.35
N GLN A 30 52.09 10.61 -18.95
CA GLN A 30 51.90 11.95 -18.41
C GLN A 30 50.43 12.23 -18.15
N VAL A 31 50.12 12.71 -16.94
CA VAL A 31 48.74 13.03 -16.57
C VAL A 31 48.53 14.54 -16.43
N TYR A 32 47.58 15.08 -17.18
CA TYR A 32 47.29 16.52 -17.12
C TYR A 32 45.87 16.79 -16.63
N ASP A 33 45.67 17.97 -16.06
CA ASP A 33 44.33 18.40 -15.66
C ASP A 33 43.64 19.14 -16.80
N ILE A 34 42.39 18.78 -17.07
CA ILE A 34 41.66 19.36 -18.19
C ILE A 34 41.35 20.83 -17.93
N LYS A 35 41.30 21.24 -16.66
CA LYS A 35 41.02 22.64 -16.34
C LYS A 35 42.16 23.58 -16.73
N GLY A 36 42.96 23.18 -17.72
CA GLY A 36 44.07 23.99 -18.17
C GLY A 36 44.21 23.93 -19.67
N GLY A 37 43.34 23.15 -20.30
CA GLY A 37 43.34 22.99 -21.74
C GLY A 37 44.21 21.83 -22.19
N CYS A 38 43.87 21.28 -23.35
CA CYS A 38 44.61 20.16 -23.95
C CYS A 38 45.47 20.64 -25.12
N ASN A 39 46.67 20.08 -25.25
CA ASN A 39 47.52 20.40 -26.38
C ASN A 39 47.43 19.27 -27.42
N VAL A 40 46.95 19.60 -28.61
CA VAL A 40 46.71 18.61 -29.66
C VAL A 40 47.81 18.56 -30.72
N GLU A 41 49.03 18.21 -30.31
CA GLU A 41 50.15 18.15 -31.24
C GLU A 41 50.43 16.84 -31.96
N GLU A 42 51.51 16.18 -31.54
CA GLU A 42 52.03 15.01 -32.22
C GLU A 42 51.22 13.74 -31.96
N GLY A 43 51.45 12.73 -32.78
CA GLY A 43 50.85 11.42 -32.60
C GLY A 43 49.35 11.52 -32.76
N LEU A 44 48.63 10.61 -32.10
CA LEU A 44 47.18 10.61 -32.16
C LEU A 44 46.60 11.07 -30.82
N THR A 45 45.64 11.97 -30.87
CA THR A 45 45.00 12.47 -29.66
C THR A 45 43.53 12.06 -29.69
N ILE A 46 43.13 11.24 -28.72
CA ILE A 46 41.78 10.66 -28.72
C ILE A 46 40.93 11.13 -27.56
N PHE A 47 39.71 11.55 -27.87
CA PHE A 47 38.75 11.99 -26.87
C PHE A 47 37.76 10.90 -26.47
N LEU A 48 37.65 10.63 -25.17
CA LEU A 48 36.62 9.73 -24.66
C LEU A 48 35.36 10.52 -24.36
N VAL A 49 34.34 10.39 -25.19
CA VAL A 49 33.15 11.22 -25.08
C VAL A 49 31.86 10.41 -24.91
N ASN A 50 30.96 10.91 -24.08
CA ASN A 50 29.64 10.29 -23.91
C ASN A 50 28.53 11.31 -24.08
N ASN A 51 27.29 10.84 -24.05
CA ASN A 51 26.13 11.72 -24.07
C ASN A 51 25.01 11.10 -23.24
N PRO A 52 24.99 11.44 -21.94
CA PRO A 52 24.00 10.92 -20.98
C PRO A 52 22.57 11.16 -21.46
N GLY A 53 21.74 10.12 -21.36
CA GLY A 53 20.35 10.23 -21.76
C GLY A 53 20.11 9.90 -23.23
N LYS A 54 20.68 10.70 -24.12
CA LYS A 54 20.49 10.50 -25.56
C LYS A 54 21.18 9.24 -26.06
N GLU A 55 20.39 8.19 -26.29
CA GLU A 55 20.91 6.93 -26.79
C GLU A 55 21.50 7.09 -28.19
N ASN A 56 22.79 6.81 -28.32
CA ASN A 56 23.51 7.02 -29.57
C ASN A 56 23.44 8.48 -30.02
N GLY A 57 23.55 9.39 -29.05
CA GLY A 57 23.44 10.82 -29.30
C GLY A 57 24.69 11.39 -29.94
N PRO A 58 24.67 12.70 -30.22
CA PRO A 58 25.77 13.38 -30.91
C PRO A 58 27.01 13.56 -30.04
N VAL A 59 28.15 13.83 -30.68
CA VAL A 59 29.41 14.04 -29.97
C VAL A 59 29.64 15.53 -29.69
N LYS A 60 29.91 15.83 -28.42
CA LYS A 60 30.23 17.20 -28.00
C LYS A 60 31.52 17.23 -27.19
N ILE A 61 32.53 17.93 -27.69
CA ILE A 61 33.80 18.03 -26.98
C ILE A 61 33.78 19.17 -25.96
N SER A 62 33.78 18.80 -24.69
CA SER A 62 33.66 19.77 -23.60
C SER A 62 34.98 20.47 -23.28
N SER A 63 36.07 19.72 -23.30
CA SER A 63 37.38 20.22 -22.87
C SER A 63 37.87 21.39 -23.72
N LYS A 64 38.56 22.33 -23.08
CA LYS A 64 39.16 23.44 -23.79
C LYS A 64 40.44 23.00 -24.48
N VAL A 65 40.55 23.29 -25.76
CA VAL A 65 41.74 22.93 -26.53
C VAL A 65 42.54 24.18 -26.88
N ASN A 66 43.83 24.16 -26.54
CA ASN A 66 44.70 25.31 -26.74
C ASN A 66 45.21 25.40 -28.17
N ASP A 67 44.28 25.48 -29.12
CA ASP A 67 44.62 25.60 -30.53
C ASP A 67 43.39 26.09 -31.30
N LYS A 68 43.53 27.21 -31.98
CA LYS A 68 42.40 27.86 -32.64
C LYS A 68 41.84 26.98 -33.76
N GLN A 69 42.74 26.32 -34.49
CA GLN A 69 42.33 25.48 -35.61
C GLN A 69 41.72 24.17 -35.12
N VAL A 70 42.26 23.64 -34.03
CA VAL A 70 41.75 22.39 -33.48
C VAL A 70 40.43 22.63 -32.76
N SER A 71 40.30 23.78 -32.13
CA SER A 71 39.05 24.16 -31.49
C SER A 71 37.94 24.36 -32.52
N GLU A 72 38.31 24.96 -33.65
CA GLU A 72 37.38 25.18 -34.75
C GLU A 72 36.90 23.86 -35.36
N PHE A 73 37.84 22.93 -35.54
CA PHE A 73 37.52 21.63 -36.10
C PHE A 73 36.63 20.85 -35.13
N LEU A 74 36.98 20.91 -33.85
CA LEU A 74 36.29 20.14 -32.83
C LEU A 74 35.09 20.84 -32.22
N LYS A 75 34.59 21.90 -32.86
CA LYS A 75 33.42 22.58 -32.32
C LYS A 75 32.19 21.67 -32.36
N ASP A 76 31.03 22.20 -32.01
CA ASP A 76 29.83 21.37 -31.93
C ASP A 76 29.17 21.11 -33.28
N GLU A 77 29.18 22.13 -34.14
CA GLU A 77 28.56 22.04 -35.45
C GLU A 77 29.21 20.97 -36.32
N ASN A 78 30.47 20.70 -36.04
CA ASN A 78 31.25 19.72 -36.80
C ASN A 78 31.12 18.29 -36.26
N MET A 79 30.94 18.18 -34.95
CA MET A 79 30.94 16.88 -34.29
C MET A 79 29.55 16.21 -34.23
N GLU A 80 28.51 16.97 -34.55
CA GLU A 80 27.14 16.45 -34.44
C GLU A 80 26.87 15.29 -35.40
N LYS A 81 27.63 15.24 -36.49
CA LYS A 81 27.44 14.19 -37.49
C LYS A 81 27.91 12.84 -36.95
N PHE A 82 28.65 12.89 -35.85
CA PHE A 82 29.13 11.67 -35.20
C PHE A 82 28.36 11.40 -33.91
N ASN A 83 28.20 10.13 -33.58
CA ASN A 83 27.47 9.74 -32.38
C ASN A 83 28.37 9.05 -31.33
N VAL A 84 27.85 8.91 -30.12
CA VAL A 84 28.63 8.37 -29.01
C VAL A 84 28.32 6.91 -28.72
N LYS A 85 27.89 6.18 -29.75
CA LYS A 85 27.60 4.76 -29.61
C LYS A 85 28.80 4.03 -29.01
N LEU A 86 28.55 3.24 -27.97
CA LEU A 86 29.61 2.58 -27.23
C LEU A 86 30.50 1.72 -28.13
N GLY A 87 31.75 2.13 -28.28
CA GLY A 87 32.70 1.39 -29.09
C GLY A 87 33.02 2.06 -30.41
N THR A 88 32.18 3.02 -30.79
CA THR A 88 32.36 3.74 -32.05
C THR A 88 33.63 4.58 -32.03
N SER A 89 34.33 4.61 -33.16
CA SER A 89 35.56 5.38 -33.24
C SER A 89 35.70 6.07 -34.60
N LYS A 90 36.39 7.21 -34.58
CA LYS A 90 36.65 8.01 -35.77
C LYS A 90 38.01 8.69 -35.68
N HIS A 91 38.66 8.87 -36.83
CA HIS A 91 39.94 9.56 -36.89
C HIS A 91 39.80 10.85 -37.67
N PHE A 92 40.48 11.91 -37.19
CA PHE A 92 40.38 13.21 -37.82
C PHE A 92 41.75 13.67 -38.29
N TYR A 93 41.77 14.37 -39.42
CA TYR A 93 43.01 14.93 -39.95
C TYR A 93 42.87 16.45 -40.07
N MET A 94 43.86 17.18 -39.58
CA MET A 94 43.80 18.64 -39.64
C MET A 94 45.16 19.27 -39.41
N PHE A 95 45.30 20.55 -39.76
CA PHE A 95 46.51 21.32 -39.45
C PHE A 95 46.27 22.23 -38.25
N ASN A 96 47.26 22.31 -37.35
CA ASN A 96 47.11 23.16 -36.18
C ASN A 96 47.60 24.60 -36.41
N ASP A 97 47.66 25.37 -35.33
CA ASP A 97 48.06 26.78 -35.37
C ASP A 97 49.48 26.99 -35.89
N ASN A 98 50.33 26.00 -35.63
CA ASN A 98 51.74 26.04 -36.04
C ASN A 98 51.89 25.57 -37.47
N LYS A 99 50.80 25.04 -38.02
CA LYS A 99 50.73 24.52 -39.38
C LYS A 99 51.38 23.15 -39.43
N ASN A 100 51.12 22.36 -38.40
CA ASN A 100 51.55 20.98 -38.39
C ASN A 100 50.36 20.04 -38.44
N SER A 101 50.52 18.97 -39.19
CA SER A 101 49.46 17.98 -39.34
C SER A 101 49.28 17.13 -38.09
N VAL A 102 48.16 17.32 -37.40
CA VAL A 102 47.87 16.52 -36.21
C VAL A 102 46.73 15.53 -36.45
N ALA A 103 46.72 14.48 -35.64
CA ALA A 103 45.67 13.47 -35.72
C ALA A 103 44.83 13.47 -34.46
N VAL A 104 43.52 13.59 -34.64
CA VAL A 104 42.56 13.66 -33.56
C VAL A 104 41.39 12.70 -33.78
N GLY A 105 40.77 12.27 -32.70
CA GLY A 105 39.61 11.39 -32.81
C GLY A 105 38.87 11.22 -31.51
N TYR A 106 37.94 10.27 -31.49
CA TYR A 106 37.14 10.01 -30.30
C TYR A 106 36.71 8.55 -30.22
N VAL A 107 36.33 8.14 -29.02
CA VAL A 107 35.75 6.83 -28.80
C VAL A 107 34.45 7.00 -28.04
N GLY A 108 33.38 6.42 -28.55
CA GLY A 108 32.08 6.53 -27.92
C GLY A 108 32.04 5.81 -26.60
N CYS A 109 31.55 6.48 -25.57
CA CYS A 109 31.47 5.90 -24.24
C CYS A 109 30.01 5.74 -23.81
N GLY A 110 29.13 5.68 -24.81
CA GLY A 110 27.73 5.38 -24.58
C GLY A 110 26.89 6.49 -23.99
N SER A 111 25.73 6.11 -23.47
CA SER A 111 24.76 7.05 -22.91
C SER A 111 24.65 6.87 -21.40
N VAL A 112 25.25 5.78 -20.91
CA VAL A 112 25.27 5.52 -19.48
C VAL A 112 26.42 6.25 -18.82
N ALA A 113 26.14 6.84 -17.66
CA ALA A 113 27.13 7.60 -16.90
C ALA A 113 28.17 6.63 -16.35
N ASP A 114 27.98 6.23 -15.10
CA ASP A 114 28.83 5.23 -14.45
C ASP A 114 29.09 4.02 -15.36
N LEU A 115 30.11 4.13 -16.21
CA LEU A 115 30.47 3.04 -17.13
C LEU A 115 30.87 1.78 -16.40
N SER A 116 30.47 0.63 -16.93
CA SER A 116 30.83 -0.65 -16.34
C SER A 116 32.24 -1.03 -16.76
N GLU A 117 32.58 -2.30 -16.63
CA GLU A 117 33.92 -2.78 -16.96
C GLU A 117 33.94 -3.38 -18.37
N ALA A 118 32.88 -4.10 -18.71
CA ALA A 118 32.72 -4.59 -20.07
C ALA A 118 32.62 -3.41 -21.02
N ASP A 119 31.96 -2.35 -20.57
CA ASP A 119 31.87 -1.13 -21.35
C ASP A 119 33.25 -0.53 -21.54
N MET A 120 34.00 -0.46 -20.45
CA MET A 120 35.35 0.09 -20.48
C MET A 120 36.28 -0.76 -21.34
N LYS A 121 36.15 -2.09 -21.24
CA LYS A 121 36.93 -2.98 -22.09
C LYS A 121 36.57 -2.74 -23.56
N ARG A 122 35.29 -2.56 -23.83
CA ARG A 122 34.83 -2.26 -25.18
C ARG A 122 35.41 -0.94 -25.65
N VAL A 123 35.52 0.02 -24.73
CA VAL A 123 36.14 1.30 -25.04
C VAL A 123 37.61 1.14 -25.37
N VAL A 124 38.32 0.42 -24.51
CA VAL A 124 39.76 0.19 -24.68
C VAL A 124 40.09 -0.59 -25.97
N LEU A 125 39.34 -1.66 -26.23
CA LEU A 125 39.55 -2.46 -27.42
C LEU A 125 39.45 -1.63 -28.69
N SER A 126 38.44 -0.76 -28.75
CA SER A 126 38.25 0.15 -29.86
C SER A 126 39.47 1.07 -29.98
N LEU A 127 40.00 1.45 -28.82
CA LEU A 127 41.17 2.32 -28.76
C LEU A 127 42.41 1.60 -29.26
N VAL A 128 42.51 0.31 -28.93
CA VAL A 128 43.66 -0.50 -29.34
C VAL A 128 43.69 -0.67 -30.86
N THR A 129 42.52 -0.71 -31.48
CA THR A 129 42.42 -0.82 -32.94
C THR A 129 43.01 0.43 -33.59
N MET A 130 42.82 1.58 -32.95
CA MET A 130 43.36 2.83 -33.46
C MET A 130 44.87 2.84 -33.31
N LEU A 131 45.37 2.12 -32.30
CA LEU A 131 46.82 2.02 -32.08
C LEU A 131 47.45 1.02 -33.04
N HIS A 132 46.72 -0.05 -33.34
CA HIS A 132 47.22 -1.10 -34.23
C HIS A 132 47.15 -0.65 -35.69
N ASP A 133 48.09 -1.14 -36.49
CA ASP A 133 48.15 -0.80 -37.90
C ASP A 133 48.39 0.69 -38.13
N ASN A 134 48.83 1.38 -37.08
CA ASN A 134 49.16 2.79 -37.16
C ASN A 134 50.50 2.95 -36.43
N LYS A 135 51.47 3.57 -37.09
CA LYS A 135 52.81 3.70 -36.54
C LYS A 135 53.02 4.93 -35.68
N LEU A 136 52.22 5.06 -34.63
CA LEU A 136 52.28 6.24 -33.78
C LEU A 136 53.43 6.18 -32.78
N SER A 137 53.74 7.32 -32.17
CA SER A 137 54.85 7.42 -31.23
C SER A 137 54.30 7.88 -29.87
N LYS A 138 53.18 8.57 -29.93
CA LYS A 138 52.52 9.12 -28.75
C LYS A 138 51.01 8.95 -28.84
N LEU A 139 50.40 8.50 -27.75
CA LEU A 139 48.94 8.48 -27.65
C LEU A 139 48.45 9.39 -26.54
N THR A 140 47.48 10.24 -26.84
CA THR A 140 46.91 11.12 -25.84
C THR A 140 45.42 10.86 -25.67
N VAL A 141 45.01 10.50 -24.45
CA VAL A 141 43.61 10.22 -24.17
C VAL A 141 43.01 11.30 -23.26
N VAL A 142 41.92 11.89 -23.71
CA VAL A 142 41.24 12.94 -22.95
C VAL A 142 39.94 12.41 -22.36
N PHE A 143 39.83 12.45 -21.04
CA PHE A 143 38.66 11.90 -20.35
C PHE A 143 37.54 12.91 -20.15
N GLU A 144 36.58 12.92 -21.07
CA GLU A 144 35.38 13.72 -20.90
C GLU A 144 34.25 12.85 -20.36
N ILE A 145 34.63 11.80 -19.64
CA ILE A 145 33.67 10.95 -18.96
C ILE A 145 34.09 10.85 -17.50
N ASN A 146 33.16 10.48 -16.62
CA ASN A 146 33.49 10.38 -15.21
C ASN A 146 33.83 8.94 -14.81
N VAL A 147 35.02 8.76 -14.25
CA VAL A 147 35.49 7.45 -13.80
C VAL A 147 36.21 7.53 -12.45
N ASP A 148 36.00 6.53 -11.59
CA ASP A 148 36.70 6.51 -10.30
C ASP A 148 38.18 6.19 -10.52
N LYS A 149 38.96 6.31 -9.45
CA LYS A 149 40.39 6.06 -9.52
C LYS A 149 40.65 4.62 -9.95
N ASN A 150 39.82 3.70 -9.46
CA ASN A 150 39.92 2.29 -9.79
C ASN A 150 39.62 2.02 -11.26
N LEU A 151 38.60 2.69 -11.78
CA LEU A 151 38.18 2.52 -13.16
C LEU A 151 39.22 3.11 -14.10
N PHE A 152 39.84 4.20 -13.66
CA PHE A 152 40.91 4.83 -14.40
C PHE A 152 42.10 3.89 -14.51
N ARG A 153 42.49 3.30 -13.37
CA ARG A 153 43.59 2.35 -13.34
C ARG A 153 43.26 1.13 -14.20
N PHE A 154 42.00 0.70 -14.16
CA PHE A 154 41.56 -0.41 -14.99
C PHE A 154 41.70 -0.07 -16.47
N PHE A 155 41.45 1.19 -16.80
CA PHE A 155 41.63 1.67 -18.17
C PHE A 155 43.07 1.47 -18.61
N LEU A 156 44.01 1.89 -17.77
CA LEU A 156 45.42 1.77 -18.08
C LEU A 156 45.86 0.31 -18.10
N GLU A 157 45.42 -0.45 -17.09
CA GLU A 157 45.69 -1.88 -17.02
C GLU A 157 45.27 -2.60 -18.30
N THR A 158 44.02 -2.35 -18.70
CA THR A 158 43.45 -3.01 -19.87
C THR A 158 44.11 -2.54 -21.16
N LEU A 159 44.40 -1.25 -21.23
CA LEU A 159 45.07 -0.68 -22.39
C LEU A 159 46.42 -1.33 -22.62
N PHE A 160 47.23 -1.41 -21.57
CA PHE A 160 48.55 -2.02 -21.65
C PHE A 160 48.47 -3.48 -22.07
N TYR A 161 47.55 -4.21 -21.47
CA TYR A 161 47.43 -5.65 -21.71
C TYR A 161 47.00 -5.99 -23.13
N GLU A 162 46.03 -5.24 -23.66
CA GLU A 162 45.50 -5.52 -25.00
C GLU A 162 46.42 -4.97 -26.09
N TYR A 163 47.09 -3.85 -25.80
CA TYR A 163 48.05 -3.24 -26.72
C TYR A 163 49.21 -4.19 -26.97
N MET A 164 49.64 -4.84 -25.90
CA MET A 164 50.79 -5.75 -25.93
C MET A 164 50.51 -6.97 -26.77
N THR A 165 51.47 -7.36 -27.61
CA THR A 165 51.34 -8.56 -28.44
C THR A 165 52.43 -9.58 -28.11
N ASP A 166 52.01 -10.84 -27.95
CA ASP A 166 52.92 -11.92 -27.57
C ASP A 166 53.46 -12.66 -28.80
N GLU A 167 54.75 -12.51 -29.07
CA GLU A 167 55.37 -13.12 -30.24
C GLU A 167 56.51 -14.08 -29.89
N ARG A 168 56.48 -14.62 -28.66
CA ARG A 168 57.55 -15.49 -28.18
C ARG A 168 57.73 -16.74 -29.02
N PHE A 169 56.66 -17.23 -29.62
CA PHE A 169 56.72 -18.49 -30.36
C PHE A 169 56.58 -18.28 -31.87
N LYS A 170 56.71 -17.03 -32.31
CA LYS A 170 56.74 -16.75 -33.74
C LYS A 170 58.19 -16.82 -34.22
N SER A 171 58.45 -17.57 -35.29
CA SER A 171 59.77 -17.51 -35.91
C SER A 171 59.76 -16.77 -37.24
N THR A 172 58.84 -17.17 -38.13
CA THR A 172 58.93 -16.84 -39.55
C THR A 172 57.82 -15.85 -39.87
N ASP A 173 56.90 -15.74 -38.93
CA ASP A 173 55.78 -14.81 -39.03
C ASP A 173 55.94 -13.83 -37.87
N LYS A 174 56.14 -12.56 -38.20
CA LYS A 174 56.34 -11.54 -37.18
C LYS A 174 55.93 -10.16 -37.67
N ASN A 175 56.02 -9.19 -36.77
CA ASN A 175 55.65 -7.80 -37.04
C ASN A 175 56.35 -7.14 -38.23
N VAL A 176 56.32 -5.80 -38.23
CA VAL A 176 56.89 -5.00 -39.29
C VAL A 176 56.48 -3.54 -39.08
N GLU A 179 55.81 -1.75 -33.55
CA GLU A 179 56.08 -0.31 -33.43
C GLU A 179 55.19 0.33 -32.37
N TYR A 180 55.42 -0.04 -31.11
CA TYR A 180 54.65 0.49 -29.99
C TYR A 180 54.91 1.97 -29.76
N ILE A 181 53.91 2.68 -29.25
CA ILE A 181 54.08 4.10 -28.92
C ILE A 181 55.10 4.24 -27.81
N LYS A 182 55.65 5.44 -27.66
CA LYS A 182 56.65 5.70 -26.63
C LYS A 182 56.11 6.62 -25.55
N HIS A 183 55.00 7.29 -25.83
CA HIS A 183 54.44 8.24 -24.88
C HIS A 183 52.92 8.13 -24.74
N LEU A 184 52.44 8.22 -23.50
CA LEU A 184 51.00 8.21 -23.24
C LEU A 184 50.59 9.43 -22.43
N GLY A 185 49.80 10.30 -23.05
CA GLY A 185 49.28 11.50 -22.39
C GLY A 185 47.85 11.30 -21.92
N VAL A 186 47.56 11.70 -20.69
CA VAL A 186 46.23 11.55 -20.13
C VAL A 186 45.68 12.88 -19.62
N TYR A 187 44.54 13.29 -20.17
CA TYR A 187 43.86 14.51 -19.71
C TYR A 187 42.59 14.16 -18.93
N ILE A 188 42.57 14.50 -17.65
CA ILE A 188 41.41 14.22 -16.82
C ILE A 188 41.28 15.28 -15.73
N ASN A 189 40.06 15.46 -15.22
CA ASN A 189 39.83 16.44 -14.17
C ASN A 189 40.32 15.92 -12.83
N ASN A 190 40.91 16.79 -12.04
CA ASN A 190 41.48 16.39 -10.75
C ASN A 190 42.60 15.38 -10.98
N ALA A 191 43.47 15.69 -11.93
CA ALA A 191 44.50 14.75 -12.39
C ALA A 191 45.43 14.26 -11.28
N ASP A 192 45.68 15.10 -10.30
CA ASP A 192 46.67 14.78 -9.26
C ASP A 192 46.25 13.64 -8.34
N THR A 193 44.95 13.34 -8.32
CA THR A 193 44.48 12.22 -7.51
C THR A 193 44.65 10.91 -8.28
N TYR A 194 44.71 11.02 -9.61
CA TYR A 194 44.81 9.85 -10.46
C TYR A 194 46.24 9.41 -10.75
N LYS A 195 47.21 10.29 -10.51
CA LYS A 195 48.61 10.00 -10.83
C LYS A 195 49.15 8.79 -10.08
N GLU A 196 48.69 8.61 -8.84
CA GLU A 196 49.17 7.51 -8.00
C GLU A 196 48.77 6.16 -8.60
N GLU A 197 47.75 6.16 -9.45
CA GLU A 197 47.22 4.93 -10.01
C GLU A 197 48.00 4.44 -11.23
N VAL A 198 48.84 5.31 -11.78
CA VAL A 198 49.54 5.00 -13.03
C VAL A 198 50.52 3.84 -12.92
N GLU A 199 51.43 3.90 -11.96
CA GLU A 199 52.44 2.87 -11.81
C GLU A 199 51.84 1.63 -11.15
N LYS A 200 50.76 1.83 -10.42
CA LYS A 200 50.01 0.70 -9.87
C LYS A 200 49.43 -0.10 -11.02
N ALA A 201 48.96 0.62 -12.04
CA ALA A 201 48.42 0.00 -13.25
C ALA A 201 49.51 -0.72 -14.05
N ARG A 202 50.68 -0.10 -14.16
CA ARG A 202 51.79 -0.69 -14.88
C ARG A 202 52.25 -1.98 -14.22
N VAL A 203 52.23 -2.01 -12.89
CA VAL A 203 52.59 -3.21 -12.14
C VAL A 203 51.52 -4.29 -12.31
N TYR A 204 50.26 -3.90 -12.11
CA TYR A 204 49.14 -4.82 -12.29
C TYR A 204 49.13 -5.36 -13.71
N TYR A 205 49.49 -4.52 -14.67
CA TYR A 205 49.56 -4.93 -16.07
C TYR A 205 50.50 -6.13 -16.27
N PHE A 206 51.74 -6.00 -15.82
CA PHE A 206 52.74 -7.04 -16.08
C PHE A 206 52.43 -8.30 -15.25
N GLY A 207 51.97 -8.10 -14.03
CA GLY A 207 51.53 -9.20 -13.20
C GLY A 207 50.50 -10.02 -13.95
N THR A 208 49.57 -9.30 -14.58
CA THR A 208 48.56 -9.92 -15.41
C THR A 208 49.18 -10.54 -16.66
N TYR A 209 50.02 -9.77 -17.35
CA TYR A 209 50.64 -10.25 -18.57
C TYR A 209 51.61 -11.40 -18.27
N TYR A 210 52.25 -11.34 -17.11
CA TYR A 210 53.15 -12.40 -16.67
C TYR A 210 52.41 -13.73 -16.50
N ALA A 211 51.28 -13.68 -15.80
CA ALA A 211 50.45 -14.88 -15.63
C ALA A 211 50.01 -15.38 -17.00
N SER A 212 49.73 -14.44 -17.90
CA SER A 212 49.32 -14.76 -19.26
C SER A 212 50.40 -15.49 -20.06
N GLN A 213 51.64 -15.02 -19.97
CA GLN A 213 52.73 -15.65 -20.71
C GLN A 213 52.95 -17.09 -20.29
N LEU A 214 52.82 -17.36 -18.99
CA LEU A 214 52.99 -18.70 -18.46
C LEU A 214 51.87 -19.60 -18.98
N ILE A 215 50.65 -19.07 -18.98
CA ILE A 215 49.49 -19.83 -19.43
C ILE A 215 49.52 -20.08 -20.94
N ALA A 216 49.85 -19.06 -21.70
CA ALA A 216 49.88 -19.15 -23.16
C ALA A 216 50.93 -20.15 -23.65
N ALA A 217 52.02 -20.26 -22.90
CA ALA A 217 53.09 -21.20 -23.25
C ALA A 217 52.59 -22.63 -23.29
N PRO A 218 52.91 -23.35 -24.38
CA PRO A 218 52.50 -24.75 -24.58
C PRO A 218 53.05 -25.68 -23.49
N SER A 219 52.52 -26.89 -23.42
CA SER A 219 52.86 -27.79 -22.32
C SER A 219 54.23 -28.44 -22.47
N ASN A 220 54.77 -28.42 -23.68
CA ASN A 220 56.13 -28.92 -23.88
C ASN A 220 57.13 -27.87 -23.43
N TYR A 221 56.72 -26.61 -23.48
CA TYR A 221 57.51 -25.51 -22.95
C TYR A 221 57.24 -25.34 -21.46
N CYS A 222 55.97 -25.19 -21.10
CA CYS A 222 55.59 -25.01 -19.71
C CYS A 222 55.19 -26.34 -19.10
N ASN A 223 56.15 -26.97 -18.43
CA ASN A 223 55.92 -28.22 -17.71
C ASN A 223 56.22 -28.00 -16.23
N PRO A 224 55.95 -29.03 -15.40
CA PRO A 224 56.17 -28.90 -13.96
C PRO A 224 57.56 -28.41 -13.58
N VAL A 225 58.58 -28.81 -14.33
CA VAL A 225 59.95 -28.40 -14.04
C VAL A 225 60.23 -26.98 -14.51
N SER A 226 59.94 -26.71 -15.78
CA SER A 226 60.23 -25.41 -16.37
C SER A 226 59.41 -24.31 -15.71
N LEU A 227 58.21 -24.66 -15.27
CA LEU A 227 57.33 -23.68 -14.62
C LEU A 227 57.84 -23.34 -13.23
N SER A 228 58.25 -24.36 -12.48
CA SER A 228 58.80 -24.15 -11.14
C SER A 228 60.13 -23.39 -11.21
N ASN A 229 60.92 -23.67 -12.23
CA ASN A 229 62.17 -22.94 -12.45
C ASN A 229 61.92 -21.46 -12.67
N ALA A 230 60.86 -21.15 -13.42
CA ALA A 230 60.50 -19.77 -13.71
C ALA A 230 60.05 -19.05 -12.44
N ALA A 231 59.39 -19.78 -11.55
CA ALA A 231 58.92 -19.22 -10.29
C ALA A 231 60.12 -18.92 -9.40
N VAL A 232 61.11 -19.82 -9.43
CA VAL A 232 62.35 -19.61 -8.70
C VAL A 232 63.05 -18.37 -9.25
N GLU A 233 63.11 -18.28 -10.57
CA GLU A 233 63.72 -17.14 -11.24
C GLU A 233 62.96 -15.86 -10.89
N LEU A 234 61.64 -15.97 -10.78
CA LEU A 234 60.79 -14.84 -10.43
C LEU A 234 61.04 -14.38 -9.01
N ALA A 235 61.15 -15.34 -8.09
CA ALA A 235 61.41 -15.05 -6.70
C ALA A 235 62.78 -14.38 -6.54
N GLN A 236 63.74 -14.83 -7.33
CA GLN A 236 65.10 -14.30 -7.28
C GLN A 236 65.16 -12.85 -7.70
N LYS A 237 64.42 -12.52 -8.76
CA LYS A 237 64.39 -11.15 -9.27
C LYS A 237 63.65 -10.22 -8.33
N LEU A 238 62.71 -10.77 -7.57
CA LEU A 238 61.92 -9.98 -6.63
C LEU A 238 62.45 -10.08 -5.20
N ASN A 239 63.54 -10.83 -5.02
CA ASN A 239 64.10 -11.05 -3.70
C ASN A 239 63.09 -11.70 -2.77
N LEU A 240 62.36 -12.68 -3.29
CA LEU A 240 61.37 -13.41 -2.51
C LEU A 240 61.94 -14.72 -2.04
N GLU A 241 61.59 -15.11 -0.83
CA GLU A 241 61.94 -16.42 -0.31
C GLU A 241 61.26 -17.49 -1.16
N TYR A 242 62.02 -18.46 -1.65
CA TYR A 242 61.44 -19.51 -2.48
C TYR A 242 61.92 -20.89 -2.03
N LYS A 243 61.08 -21.88 -2.28
CA LYS A 243 61.39 -23.25 -1.93
C LYS A 243 60.64 -24.18 -2.87
N ILE A 244 61.38 -25.04 -3.58
CA ILE A 244 60.76 -25.98 -4.50
C ILE A 244 60.87 -27.39 -3.94
N LEU A 245 59.72 -27.96 -3.55
CA LEU A 245 59.71 -29.30 -3.00
C LEU A 245 59.73 -30.33 -4.10
N GLY A 246 60.61 -31.32 -3.97
CA GLY A 246 60.71 -32.38 -4.95
C GLY A 246 59.99 -33.62 -4.51
N VAL A 247 60.07 -34.68 -5.30
CA VAL A 247 59.34 -35.91 -5.03
C VAL A 247 59.67 -36.51 -3.67
N LYS A 248 60.95 -36.54 -3.32
CA LYS A 248 61.40 -37.13 -2.06
C LYS A 248 60.85 -36.40 -0.85
N GLU A 249 60.84 -35.06 -0.90
CA GLU A 249 60.35 -34.27 0.21
C GLU A 249 58.82 -34.31 0.29
N LEU A 250 58.17 -34.46 -0.87
CA LEU A 250 56.72 -34.59 -0.91
C LEU A 250 56.34 -35.98 -0.37
N GLU A 251 57.21 -36.95 -0.61
CA GLU A 251 57.00 -38.29 -0.06
C GLU A 251 57.08 -38.26 1.46
N GLU A 252 57.97 -37.42 1.99
CA GLU A 252 58.13 -37.29 3.44
C GLU A 252 56.97 -36.52 4.07
N LEU A 253 56.35 -35.66 3.28
CA LEU A 253 55.17 -34.94 3.74
C LEU A 253 53.93 -35.77 3.47
N LYS A 254 54.12 -36.89 2.79
CA LYS A 254 53.06 -37.87 2.55
C LYS A 254 51.93 -37.29 1.71
N MET A 255 52.27 -36.45 0.74
CA MET A 255 51.27 -35.88 -0.16
C MET A 255 50.88 -36.88 -1.23
N GLY A 256 50.12 -37.89 -0.83
CA GLY A 256 49.78 -38.99 -1.71
C GLY A 256 48.80 -38.61 -2.79
N ALA A 257 47.89 -37.67 -2.48
CA ALA A 257 46.92 -37.21 -3.46
C ALA A 257 47.62 -36.47 -4.58
N TYR A 258 48.41 -35.47 -4.20
CA TYR A 258 49.19 -34.67 -5.14
C TYR A 258 50.15 -35.54 -5.96
N LEU A 259 50.86 -36.45 -5.28
CA LEU A 259 51.85 -37.30 -5.94
C LEU A 259 51.25 -38.32 -6.92
N SER A 260 50.06 -38.82 -6.61
CA SER A 260 49.43 -39.83 -7.46
C SER A 260 49.13 -39.30 -8.86
N VAL A 261 48.78 -38.02 -8.94
CA VAL A 261 48.45 -37.38 -10.20
C VAL A 261 49.66 -37.31 -11.14
N GLY A 262 50.82 -37.01 -10.57
CA GLY A 262 52.03 -36.83 -11.35
C GLY A 262 52.74 -38.11 -11.77
N LYS A 263 52.25 -39.25 -11.30
CA LYS A 263 52.88 -40.54 -11.55
C LYS A 263 53.12 -40.84 -13.02
N GLY A 264 52.13 -40.53 -13.86
CA GLY A 264 52.21 -40.85 -15.28
C GLY A 264 53.00 -39.88 -16.13
N SER A 265 53.60 -38.89 -15.50
CA SER A 265 54.35 -37.87 -16.23
C SER A 265 55.84 -38.16 -16.24
N MET A 266 56.52 -37.75 -17.31
CA MET A 266 57.98 -37.87 -17.38
C MET A 266 58.63 -36.77 -16.56
N TYR A 267 57.83 -35.77 -16.21
CA TYR A 267 58.31 -34.63 -15.43
C TYR A 267 57.94 -34.81 -13.96
N PRO A 268 58.96 -34.76 -13.08
CA PRO A 268 58.75 -34.91 -11.64
C PRO A 268 57.90 -33.78 -11.07
N ASN A 269 57.12 -34.09 -10.04
CA ASN A 269 56.29 -33.10 -9.36
C ASN A 269 57.14 -31.99 -8.75
N LYS A 270 56.65 -30.76 -8.80
CA LYS A 270 57.36 -29.63 -8.21
C LYS A 270 56.39 -28.74 -7.43
N PHE A 271 56.55 -28.69 -6.11
CA PHE A 271 55.68 -27.88 -5.25
C PHE A 271 56.32 -26.51 -5.04
N ILE A 272 55.69 -25.47 -5.58
CA ILE A 272 56.23 -24.11 -5.48
C ILE A 272 55.84 -23.41 -4.18
N HIS A 273 56.83 -22.85 -3.51
CA HIS A 273 56.57 -22.12 -2.28
C HIS A 273 57.39 -20.83 -2.20
N LEU A 274 56.83 -19.75 -2.72
CA LEU A 274 57.43 -18.42 -2.58
C LEU A 274 56.84 -17.73 -1.35
N THR A 275 57.58 -16.78 -0.80
CA THR A 275 57.13 -16.08 0.40
C THR A 275 57.47 -14.59 0.38
N TYR A 276 56.47 -13.78 0.72
CA TYR A 276 56.67 -12.35 0.90
C TYR A 276 56.58 -12.02 2.39
N LYS A 277 57.66 -11.49 2.94
CA LYS A 277 57.72 -11.15 4.35
C LYS A 277 57.87 -9.64 4.53
N SER A 278 56.78 -8.95 4.86
CA SER A 278 56.88 -7.50 5.02
C SER A 278 57.89 -7.20 6.14
N LYS A 279 58.45 -5.99 6.11
CA LYS A 279 59.59 -5.66 6.96
C LYS A 279 59.24 -5.21 8.38
N GLY A 280 57.95 -5.11 8.68
CA GLY A 280 57.54 -4.64 9.99
C GLY A 280 56.82 -5.66 10.85
N ASP A 281 55.74 -5.19 11.46
CA ASP A 281 54.95 -5.97 12.41
C ASP A 281 53.84 -6.78 11.74
N VAL A 282 54.21 -7.86 11.04
CA VAL A 282 53.24 -8.73 10.39
C VAL A 282 52.00 -9.00 11.26
N LYS A 283 50.86 -8.53 10.78
CA LYS A 283 49.60 -8.61 11.51
C LYS A 283 48.59 -9.50 10.78
N LYS A 284 48.81 -9.67 9.48
CA LYS A 284 47.97 -10.52 8.64
C LYS A 284 48.80 -11.60 7.96
N LYS A 285 48.32 -12.83 8.04
CA LYS A 285 49.02 -13.93 7.40
C LYS A 285 48.15 -14.58 6.33
N ILE A 286 48.62 -14.60 5.09
CA ILE A 286 47.82 -15.08 3.97
C ILE A 286 48.52 -16.19 3.17
N ALA A 287 47.76 -17.23 2.82
CA ALA A 287 48.28 -18.28 1.96
C ALA A 287 47.53 -18.31 0.64
N LEU A 288 48.24 -18.06 -0.46
CA LEU A 288 47.62 -18.12 -1.78
C LEU A 288 47.99 -19.40 -2.50
N VAL A 289 47.00 -20.28 -2.69
CA VAL A 289 47.22 -21.55 -3.37
C VAL A 289 46.62 -21.53 -4.77
N GLY A 290 47.40 -21.92 -5.77
CA GLY A 290 46.93 -21.95 -7.13
C GLY A 290 47.12 -23.32 -7.76
N LYS A 291 46.13 -23.75 -8.54
CA LYS A 291 46.22 -25.02 -9.25
C LYS A 291 47.27 -24.96 -10.35
N GLY A 292 48.19 -25.93 -10.34
CA GLY A 292 49.31 -25.92 -11.27
C GLY A 292 49.50 -27.20 -12.08
N ILE A 293 48.49 -27.57 -12.85
CA ILE A 293 48.62 -28.69 -13.79
C ILE A 293 49.00 -28.17 -15.17
N THR A 294 50.25 -28.43 -15.54
CA THR A 294 50.83 -27.87 -16.76
C THR A 294 50.14 -28.41 -18.01
N PHE A 295 49.63 -29.64 -17.92
CA PHE A 295 48.74 -30.18 -18.94
C PHE A 295 47.81 -31.23 -18.35
N ASP A 296 46.54 -31.15 -18.73
CA ASP A 296 45.54 -32.09 -18.21
C ASP A 296 44.93 -32.93 -19.33
N SER A 297 45.48 -34.12 -19.55
CA SER A 297 44.93 -35.06 -20.52
C SER A 297 43.66 -35.70 -19.97
N GLY A 298 43.55 -35.71 -18.64
CA GLY A 298 42.44 -36.35 -17.97
C GLY A 298 42.83 -37.70 -17.40
N GLY A 299 44.01 -38.17 -17.78
CA GLY A 299 44.47 -39.48 -17.36
C GLY A 299 43.71 -40.59 -18.08
N TYR A 300 43.55 -41.73 -17.41
CA TYR A 300 42.82 -42.84 -18.01
C TYR A 300 41.36 -42.46 -18.24
N ASN A 301 40.88 -41.50 -17.45
CA ASN A 301 39.62 -40.83 -17.78
C ASN A 301 39.92 -39.76 -18.83
N LEU A 302 40.43 -40.20 -19.97
CA LEU A 302 40.95 -39.29 -21.00
C LEU A 302 39.90 -38.33 -21.52
N LYS A 303 40.32 -37.10 -21.78
CA LYS A 303 39.44 -36.11 -22.38
C LYS A 303 39.23 -36.44 -23.85
N ALA A 304 38.41 -37.45 -24.11
CA ALA A 304 38.16 -37.92 -25.46
C ALA A 304 36.74 -37.58 -25.91
N ALA A 305 35.88 -37.26 -24.95
CA ALA A 305 34.50 -36.89 -25.24
C ALA A 305 34.43 -35.52 -25.93
N PRO A 306 33.46 -35.35 -26.82
CA PRO A 306 33.24 -34.08 -27.54
C PRO A 306 33.00 -32.89 -26.62
N GLY A 307 33.73 -31.81 -26.84
CA GLY A 307 33.58 -30.59 -26.05
C GLY A 307 34.45 -30.57 -24.82
N SER A 308 35.23 -31.63 -24.64
CA SER A 308 36.14 -31.73 -23.49
C SER A 308 37.31 -30.77 -23.63
N MET A 309 37.59 -30.34 -24.87
CA MET A 309 38.59 -29.32 -25.17
C MET A 309 39.99 -29.62 -24.61
N ILE A 310 40.54 -30.77 -24.97
CA ILE A 310 41.83 -31.20 -24.46
C ILE A 310 42.99 -30.35 -24.97
N ASP A 311 42.81 -29.73 -26.15
CA ASP A 311 43.85 -28.89 -26.74
C ASP A 311 44.05 -27.59 -25.96
N LEU A 312 43.05 -27.23 -25.16
CA LEU A 312 43.10 -26.03 -24.34
C LEU A 312 43.81 -26.27 -23.00
N MET A 313 43.94 -27.53 -22.63
CA MET A 313 44.28 -27.90 -21.27
C MET A 313 45.71 -27.59 -20.84
N LYS A 314 46.39 -26.75 -21.60
CA LYS A 314 47.67 -26.20 -21.13
C LYS A 314 47.37 -25.12 -20.12
N PHE A 315 46.15 -24.57 -20.18
CA PHE A 315 45.72 -23.46 -19.33
C PHE A 315 45.41 -23.92 -17.90
N ASP A 316 45.49 -25.23 -17.66
CA ASP A 316 45.07 -25.80 -16.39
C ASP A 316 46.04 -25.44 -15.26
N MET A 317 47.04 -24.63 -15.60
CA MET A 317 47.98 -24.10 -14.61
C MET A 317 47.73 -22.60 -14.40
N SER A 318 46.53 -22.16 -14.79
CA SER A 318 46.16 -20.75 -14.71
C SER A 318 46.12 -20.24 -13.27
N GLY A 319 45.71 -21.11 -12.36
CA GLY A 319 45.67 -20.78 -10.95
C GLY A 319 47.05 -20.42 -10.43
N CYS A 320 48.03 -21.23 -10.80
CA CYS A 320 49.42 -20.99 -10.44
C CYS A 320 49.92 -19.67 -11.02
N ALA A 321 49.57 -19.41 -12.28
CA ALA A 321 50.02 -18.21 -12.96
C ALA A 321 49.46 -16.95 -12.29
N ALA A 322 48.22 -17.03 -11.82
CA ALA A 322 47.60 -15.91 -11.12
C ALA A 322 48.32 -15.67 -9.81
N VAL A 323 48.67 -16.77 -9.14
CA VAL A 323 49.36 -16.70 -7.86
C VAL A 323 50.76 -16.10 -8.05
N LEU A 324 51.45 -16.53 -9.09
CA LEU A 324 52.77 -15.99 -9.39
C LEU A 324 52.66 -14.53 -9.83
N GLY A 325 51.63 -14.22 -10.61
CA GLY A 325 51.37 -12.85 -11.02
C GLY A 325 51.12 -11.97 -9.82
N CYS A 326 50.40 -12.50 -8.84
CA CYS A 326 50.17 -11.79 -7.59
C CYS A 326 51.48 -11.59 -6.84
N ALA A 327 52.31 -12.63 -6.83
CA ALA A 327 53.61 -12.58 -6.18
C ALA A 327 54.48 -11.47 -6.77
N TYR A 328 54.38 -11.26 -8.07
CA TYR A 328 55.13 -10.19 -8.72
C TYR A 328 54.63 -8.83 -8.26
N CYS A 329 53.31 -8.63 -8.35
CA CYS A 329 52.70 -7.35 -7.97
C CYS A 329 52.97 -7.05 -6.51
N VAL A 330 52.79 -8.05 -5.66
CA VAL A 330 53.03 -7.91 -4.23
C VAL A 330 54.51 -7.67 -3.96
N GLY A 331 55.36 -8.44 -4.63
CA GLY A 331 56.79 -8.29 -4.49
C GLY A 331 57.28 -6.94 -4.97
N THR A 332 56.56 -6.36 -5.93
CA THR A 332 56.93 -5.08 -6.50
C THR A 332 56.42 -3.90 -5.67
N LEU A 333 55.15 -3.95 -5.29
CA LEU A 333 54.54 -2.85 -4.55
C LEU A 333 54.93 -2.88 -3.07
N LYS A 334 55.27 -4.07 -2.58
CA LYS A 334 55.75 -4.23 -1.21
C LYS A 334 54.78 -3.71 -0.16
N PRO A 335 53.64 -4.39 0.04
CA PRO A 335 52.70 -3.99 1.09
C PRO A 335 53.29 -4.23 2.47
N GLU A 336 52.78 -3.54 3.48
CA GLU A 336 53.32 -3.66 4.84
C GLU A 336 52.43 -4.49 5.76
N ASN A 337 53.03 -4.99 6.84
CA ASN A 337 52.30 -5.69 7.89
C ASN A 337 51.65 -6.97 7.40
N VAL A 338 52.26 -7.61 6.42
CA VAL A 338 51.70 -8.82 5.84
C VAL A 338 52.74 -9.86 5.46
N GLU A 339 52.38 -11.13 5.65
CA GLU A 339 53.20 -12.25 5.21
C GLU A 339 52.39 -13.08 4.23
N ILE A 340 52.88 -13.18 3.00
CA ILE A 340 52.13 -13.85 1.95
C ILE A 340 52.87 -15.08 1.44
N HIS A 341 52.19 -16.21 1.45
CA HIS A 341 52.75 -17.44 0.91
C HIS A 341 52.11 -17.79 -0.43
N PHE A 342 52.94 -17.90 -1.46
CA PHE A 342 52.46 -18.23 -2.79
C PHE A 342 52.72 -19.72 -3.07
N LEU A 343 51.65 -20.50 -3.05
CA LEU A 343 51.77 -21.95 -3.13
C LEU A 343 51.16 -22.53 -4.40
N SER A 344 51.77 -23.59 -4.90
CA SER A 344 51.20 -24.34 -6.02
C SER A 344 51.80 -25.74 -6.13
N ALA A 345 50.95 -26.76 -6.06
CA ALA A 345 51.38 -28.12 -6.28
C ALA A 345 51.36 -28.42 -7.78
N VAL A 346 52.52 -28.28 -8.41
CA VAL A 346 52.61 -28.38 -9.86
C VAL A 346 52.92 -29.81 -10.31
N CYS A 347 52.18 -30.27 -11.32
CA CYS A 347 52.39 -31.59 -11.90
C CYS A 347 51.72 -31.71 -13.26
N GLU A 348 51.84 -32.88 -13.86
CA GLU A 348 51.23 -33.15 -15.16
C GLU A 348 50.41 -34.44 -15.09
N ASN A 349 49.17 -34.38 -15.53
CA ASN A 349 48.31 -35.56 -15.54
C ASN A 349 48.33 -36.26 -16.88
N MET A 350 49.00 -37.42 -16.94
CA MET A 350 49.23 -38.09 -18.21
C MET A 350 48.83 -39.57 -18.16
N VAL A 351 48.79 -40.19 -19.35
CA VAL A 351 48.45 -41.61 -19.47
C VAL A 351 49.70 -42.45 -19.68
N SER A 352 49.87 -43.45 -18.83
CA SER A 352 51.07 -44.27 -18.84
C SER A 352 50.87 -45.57 -18.06
N LYS A 353 51.86 -46.46 -18.13
CA LYS A 353 51.86 -47.64 -17.28
C LYS A 353 52.05 -47.19 -15.85
N ASN A 354 52.64 -46.01 -15.68
CA ASN A 354 52.94 -45.47 -14.37
C ASN A 354 51.80 -44.61 -13.83
N SER A 355 50.84 -44.29 -14.68
CA SER A 355 49.71 -43.44 -14.30
C SER A 355 48.85 -44.09 -13.21
N TYR A 356 48.17 -43.27 -12.41
CA TYR A 356 47.25 -43.80 -11.42
C TYR A 356 45.90 -44.09 -12.09
N ARG A 357 45.19 -45.07 -11.56
CA ARG A 357 43.98 -45.58 -12.20
C ARG A 357 42.71 -45.10 -11.50
N PRO A 358 41.60 -45.05 -12.26
CA PRO A 358 40.28 -44.82 -11.67
C PRO A 358 39.95 -45.93 -10.68
N GLY A 359 39.53 -45.58 -9.48
CA GLY A 359 39.23 -46.57 -8.46
C GLY A 359 40.36 -46.72 -7.46
N ASP A 360 41.54 -46.25 -7.84
CA ASP A 360 42.69 -46.25 -6.95
C ASP A 360 42.37 -45.44 -5.69
N ILE A 361 42.76 -45.97 -4.53
CA ILE A 361 42.62 -45.23 -3.28
C ILE A 361 43.97 -44.67 -2.82
N ILE A 362 44.00 -43.35 -2.64
CA ILE A 362 45.23 -42.65 -2.27
C ILE A 362 45.07 -41.96 -0.91
N THR A 363 46.21 -41.61 -0.29
CA THR A 363 46.20 -41.03 1.04
C THR A 363 46.78 -39.62 1.07
N ALA A 364 45.96 -38.65 1.48
CA ALA A 364 46.39 -37.25 1.54
C ALA A 364 47.30 -37.00 2.75
N SER A 365 47.89 -35.81 2.80
CA SER A 365 48.87 -35.48 3.84
C SER A 365 48.24 -35.25 5.21
N ASN A 366 46.91 -35.21 5.26
CA ASN A 366 46.23 -35.06 6.54
C ASN A 366 45.64 -36.38 7.00
N GLY A 367 46.03 -37.45 6.32
CA GLY A 367 45.65 -38.80 6.71
C GLY A 367 44.39 -39.35 6.06
N LYS A 368 43.61 -38.48 5.40
CA LYS A 368 42.37 -38.93 4.78
C LYS A 368 42.63 -39.75 3.52
N THR A 369 41.99 -40.90 3.44
CA THR A 369 42.10 -41.76 2.28
C THR A 369 41.05 -41.36 1.25
N ILE A 370 41.45 -41.34 -0.03
CA ILE A 370 40.58 -40.87 -1.09
C ILE A 370 40.40 -41.90 -2.20
N GLU A 371 39.15 -42.27 -2.48
CA GLU A 371 38.91 -43.15 -3.61
C GLU A 371 38.75 -42.33 -4.89
N VAL A 372 39.66 -42.54 -5.84
CA VAL A 372 39.60 -41.83 -7.10
C VAL A 372 38.51 -42.41 -7.98
N GLY A 373 37.51 -41.60 -8.30
CA GLY A 373 36.41 -42.03 -9.14
C GLY A 373 36.64 -41.58 -10.58
N ASN A 374 37.48 -40.57 -10.73
CA ASN A 374 37.77 -40.03 -12.06
C ASN A 374 39.12 -39.31 -12.06
N THR A 375 40.03 -39.79 -12.89
CA THR A 375 41.39 -39.24 -12.93
C THR A 375 41.42 -37.86 -13.58
N ASP A 376 40.29 -37.46 -14.17
CA ASP A 376 40.23 -36.15 -14.81
C ASP A 376 39.88 -35.07 -13.79
N ALA A 377 39.51 -35.50 -12.59
CA ALA A 377 39.30 -34.57 -11.48
C ALA A 377 40.54 -34.49 -10.60
N GLU A 378 41.69 -34.22 -11.21
CA GLU A 378 42.97 -34.30 -10.51
C GLU A 378 43.28 -33.02 -9.75
N GLY A 379 42.73 -31.90 -10.22
CA GLY A 379 43.00 -30.61 -9.63
C GLY A 379 42.68 -30.55 -8.15
N ARG A 380 41.56 -31.15 -7.77
CA ARG A 380 41.13 -31.14 -6.37
C ARG A 380 42.03 -32.06 -5.54
N LEU A 381 42.63 -33.05 -6.20
CA LEU A 381 43.55 -33.96 -5.54
C LEU A 381 44.84 -33.23 -5.20
N THR A 382 45.33 -32.44 -6.14
CA THR A 382 46.55 -31.66 -5.93
C THR A 382 46.31 -30.52 -4.94
N LEU A 383 45.16 -29.86 -5.07
CA LEU A 383 44.81 -28.77 -4.18
C LEU A 383 44.58 -29.29 -2.76
N ALA A 384 44.13 -30.54 -2.66
CA ALA A 384 43.91 -31.17 -1.37
C ALA A 384 45.18 -31.17 -0.53
N ASP A 385 46.27 -31.70 -1.10
CA ASP A 385 47.55 -31.72 -0.42
C ASP A 385 48.13 -30.32 -0.28
N ALA A 386 47.86 -29.48 -1.28
CA ALA A 386 48.32 -28.10 -1.28
C ALA A 386 47.66 -27.31 -0.16
N LEU A 387 46.38 -27.59 0.08
CA LEU A 387 45.62 -26.89 1.11
C LEU A 387 46.05 -27.32 2.52
N VAL A 388 46.40 -28.59 2.67
CA VAL A 388 46.91 -29.10 3.94
C VAL A 388 48.25 -28.46 4.27
N TYR A 389 49.11 -28.36 3.26
CA TYR A 389 50.39 -27.67 3.38
C TYR A 389 50.21 -26.23 3.85
N ALA A 390 49.19 -25.57 3.29
CA ALA A 390 48.93 -24.17 3.58
C ALA A 390 48.52 -23.93 5.02
N GLU A 391 47.61 -24.76 5.52
CA GLU A 391 47.08 -24.58 6.87
C GLU A 391 48.14 -24.84 7.94
N LYS A 392 49.12 -25.71 7.63
CA LYS A 392 50.22 -25.98 8.56
C LYS A 392 51.10 -24.75 8.73
N LEU A 393 51.10 -23.87 7.74
CA LEU A 393 51.88 -22.66 7.81
C LEU A 393 51.27 -21.75 8.87
N GLY A 394 50.01 -22.05 9.21
CA GLY A 394 49.31 -21.32 10.26
C GLY A 394 48.96 -19.87 9.93
N VAL A 395 48.16 -19.69 8.88
CA VAL A 395 47.84 -18.37 8.36
C VAL A 395 46.43 -17.96 8.77
N ASP A 396 46.12 -16.69 8.61
CA ASP A 396 44.80 -16.19 8.93
C ASP A 396 43.84 -16.50 7.79
N TYR A 397 44.31 -16.37 6.55
CA TYR A 397 43.46 -16.58 5.38
C TYR A 397 44.09 -17.55 4.39
N ILE A 398 43.32 -18.53 3.96
CA ILE A 398 43.71 -19.38 2.84
C ILE A 398 42.78 -19.12 1.66
N VAL A 399 43.34 -18.61 0.56
CA VAL A 399 42.55 -18.37 -0.63
C VAL A 399 43.18 -19.10 -1.82
N ASP A 400 42.48 -20.12 -2.31
CA ASP A 400 42.95 -20.87 -3.48
C ASP A 400 42.26 -20.40 -4.75
N ILE A 401 42.96 -20.53 -5.87
CA ILE A 401 42.42 -20.15 -7.16
C ILE A 401 42.79 -21.19 -8.22
N ALA A 402 41.80 -21.69 -8.95
CA ALA A 402 42.03 -22.82 -9.83
C ALA A 402 40.98 -22.97 -10.92
N THR A 403 41.45 -23.36 -12.12
CA THR A 403 40.56 -23.78 -13.20
C THR A 403 40.06 -25.19 -12.88
N LEU A 404 39.13 -25.28 -11.93
CA LEU A 404 38.80 -26.57 -11.34
C LEU A 404 37.68 -27.32 -12.05
N THR A 405 36.57 -26.65 -12.31
CA THR A 405 35.41 -27.33 -12.88
C THR A 405 34.86 -26.64 -14.12
N GLY A 406 34.59 -27.42 -15.16
CA GLY A 406 34.03 -26.91 -16.39
C GLY A 406 32.59 -26.45 -16.23
N ALA A 407 31.95 -26.94 -15.18
CA ALA A 407 30.57 -26.57 -14.87
C ALA A 407 30.43 -25.06 -14.66
N MET A 408 31.53 -24.39 -14.37
CA MET A 408 31.52 -22.95 -14.18
C MET A 408 31.06 -22.22 -15.44
N LEU A 409 31.31 -22.83 -16.61
CA LEU A 409 30.85 -22.27 -17.87
C LEU A 409 29.33 -22.30 -17.97
N TYR A 410 28.72 -23.24 -17.25
CA TYR A 410 27.28 -23.37 -17.22
C TYR A 410 26.72 -22.56 -16.06
N SER A 411 27.57 -22.27 -15.08
CA SER A 411 27.19 -21.48 -13.91
C SER A 411 27.23 -19.97 -14.19
N LEU A 412 28.43 -19.40 -14.17
CA LEU A 412 28.58 -17.96 -14.32
C LEU A 412 29.07 -17.57 -15.72
N GLY A 413 29.60 -18.54 -16.44
CA GLY A 413 30.07 -18.31 -17.80
C GLY A 413 31.52 -17.87 -17.89
N THR A 414 31.80 -16.96 -18.82
CA THR A 414 33.18 -16.58 -19.13
C THR A 414 33.53 -15.23 -18.53
N SER A 415 32.54 -14.55 -17.96
CA SER A 415 32.74 -13.20 -17.47
C SER A 415 32.97 -13.18 -15.97
N TYR A 416 32.18 -13.95 -15.23
CA TYR A 416 32.30 -13.99 -13.78
C TYR A 416 32.91 -15.29 -13.28
N ALA A 417 33.86 -15.17 -12.36
CA ALA A 417 34.42 -16.34 -11.70
C ALA A 417 33.61 -16.62 -10.44
N GLY A 418 33.64 -17.86 -9.98
CA GLY A 418 32.87 -18.22 -8.80
C GLY A 418 33.74 -18.33 -7.56
N VAL A 419 33.25 -17.80 -6.45
CA VAL A 419 33.96 -17.89 -5.19
C VAL A 419 33.19 -18.68 -4.14
N PHE A 420 33.86 -19.66 -3.55
CA PHE A 420 33.28 -20.44 -2.47
C PHE A 420 34.13 -20.21 -1.22
N GLY A 421 33.63 -20.61 -0.06
CA GLY A 421 34.37 -20.44 1.18
C GLY A 421 33.66 -20.94 2.41
N ASN A 422 34.37 -20.94 3.53
CA ASN A 422 33.79 -21.34 4.80
C ASN A 422 33.66 -20.18 5.77
N ASN A 423 34.05 -19.00 5.31
CA ASN A 423 34.07 -17.82 6.18
C ASN A 423 33.49 -16.63 5.41
N GLU A 424 32.46 -16.02 5.97
CA GLU A 424 31.70 -15.01 5.24
C GLU A 424 32.40 -13.65 5.21
N GLU A 425 33.25 -13.38 6.19
CA GLU A 425 33.99 -12.12 6.21
C GLU A 425 35.08 -12.17 5.16
N LEU A 426 35.68 -13.34 5.00
CA LEU A 426 36.70 -13.56 3.97
C LEU A 426 36.09 -13.46 2.58
N ILE A 427 34.88 -13.98 2.42
CA ILE A 427 34.18 -13.92 1.15
C ILE A 427 33.86 -12.48 0.76
N ASN A 428 33.41 -11.69 1.75
CA ASN A 428 33.10 -10.28 1.51
C ASN A 428 34.35 -9.49 1.11
N LYS A 429 35.49 -9.90 1.64
CA LYS A 429 36.76 -9.26 1.30
C LYS A 429 37.17 -9.61 -0.12
N ILE A 430 36.90 -10.85 -0.53
CA ILE A 430 37.15 -11.26 -1.91
C ILE A 430 36.30 -10.47 -2.89
N LEU A 431 35.02 -10.28 -2.55
CA LEU A 431 34.10 -9.55 -3.41
C LEU A 431 34.44 -8.06 -3.55
N GLN A 432 34.82 -7.42 -2.44
CA GLN A 432 35.24 -6.02 -2.50
C GLN A 432 36.52 -5.87 -3.29
N SER A 433 37.41 -6.85 -3.18
CA SER A 433 38.64 -6.84 -3.96
C SER A 433 38.28 -7.02 -5.42
N SER A 434 37.23 -7.78 -5.68
CA SER A 434 36.69 -7.94 -7.02
C SER A 434 36.23 -6.58 -7.56
N LYS A 435 35.61 -5.78 -6.68
CA LYS A 435 35.12 -4.47 -7.06
C LYS A 435 36.26 -3.49 -7.37
N THR A 436 37.31 -3.53 -6.56
CA THR A 436 38.41 -2.59 -6.69
C THR A 436 39.42 -3.06 -7.73
N SER A 437 39.55 -4.38 -7.86
CA SER A 437 40.42 -4.97 -8.87
C SER A 437 39.75 -4.93 -10.22
N ASN A 438 38.43 -4.76 -10.21
CA ASN A 438 37.63 -4.74 -11.41
C ASN A 438 37.67 -6.09 -12.11
N GLU A 439 37.93 -7.14 -11.33
CA GLU A 439 37.82 -8.51 -11.83
C GLU A 439 36.61 -9.19 -11.20
N PRO A 440 35.53 -9.30 -11.99
CA PRO A 440 34.22 -9.72 -11.47
C PRO A 440 34.20 -11.14 -10.92
N VAL A 441 33.65 -11.27 -9.71
CA VAL A 441 33.53 -12.57 -9.06
C VAL A 441 32.17 -12.65 -8.38
N TRP A 442 31.52 -13.80 -8.48
CA TRP A 442 30.23 -13.97 -7.84
C TRP A 442 30.28 -15.07 -6.79
N TRP A 443 29.65 -14.83 -5.66
CA TRP A 443 29.65 -15.78 -4.56
C TRP A 443 28.69 -16.93 -4.81
N LEU A 444 29.21 -18.15 -4.76
CA LEU A 444 28.38 -19.34 -4.89
C LEU A 444 28.47 -20.14 -3.60
N PRO A 445 27.40 -20.88 -3.29
CA PRO A 445 27.29 -21.56 -1.99
C PRO A 445 27.92 -22.95 -1.94
N ILE A 446 28.49 -23.29 -0.79
CA ILE A 446 28.89 -24.67 -0.53
C ILE A 446 27.74 -25.37 0.18
N ILE A 447 26.98 -26.17 -0.55
CA ILE A 447 25.77 -26.80 -0.03
C ILE A 447 26.04 -28.15 0.63
N ASN A 448 25.95 -28.19 1.95
CA ASN A 448 26.32 -29.37 2.73
C ASN A 448 25.43 -30.57 2.48
N GLU A 449 24.27 -30.35 1.87
CA GLU A 449 23.36 -31.45 1.58
C GLU A 449 24.00 -32.40 0.57
N TYR A 450 24.93 -31.86 -0.21
CA TYR A 450 25.62 -32.65 -1.23
C TYR A 450 26.75 -33.47 -0.63
N ARG A 451 27.18 -33.09 0.57
CA ARG A 451 28.35 -33.69 1.21
C ARG A 451 28.27 -35.20 1.33
N ALA A 452 27.06 -35.72 1.49
CA ALA A 452 26.86 -37.16 1.67
C ALA A 452 27.22 -37.94 0.41
N THR A 453 27.25 -37.27 -0.74
CA THR A 453 27.53 -37.93 -2.00
C THR A 453 29.01 -38.22 -2.15
N LEU A 454 29.80 -37.67 -1.23
CA LEU A 454 31.24 -37.91 -1.21
C LEU A 454 31.58 -39.05 -0.26
N ASN A 455 30.55 -39.71 0.26
CA ASN A 455 30.73 -40.82 1.19
C ASN A 455 31.20 -42.10 0.49
N SER A 456 32.49 -42.37 0.57
CA SER A 456 33.05 -43.56 -0.05
C SER A 456 32.71 -44.80 0.77
N LYS A 457 32.54 -45.93 0.09
CA LYS A 457 32.23 -47.18 0.76
C LYS A 457 33.46 -47.75 1.47
N TYR A 458 34.64 -47.46 0.93
CA TYR A 458 35.88 -48.04 1.45
C TYR A 458 36.86 -47.00 1.99
N ALA A 459 37.05 -45.93 1.23
CA ALA A 459 37.94 -44.84 1.66
C ALA A 459 37.21 -43.86 2.58
N ASP A 460 37.93 -42.88 3.10
CA ASP A 460 37.32 -41.86 3.95
C ASP A 460 36.37 -40.98 3.17
N ILE A 461 36.78 -40.58 1.97
CA ILE A 461 35.95 -39.66 1.19
C ILE A 461 36.11 -39.91 -0.31
N ASN A 462 35.02 -39.69 -1.06
CA ASN A 462 35.07 -39.78 -2.51
C ASN A 462 35.65 -38.52 -3.14
N GLN A 463 36.32 -38.71 -4.27
CA GLN A 463 36.87 -37.61 -5.05
C GLN A 463 35.78 -36.88 -5.82
N ILE A 464 34.88 -37.66 -6.44
CA ILE A 464 33.78 -37.09 -7.21
C ILE A 464 32.45 -37.64 -6.73
N SER A 465 31.36 -37.03 -7.17
CA SER A 465 30.03 -37.53 -6.87
C SER A 465 29.53 -38.42 -7.99
N SER A 466 28.81 -39.47 -7.64
CA SER A 466 28.22 -40.34 -8.65
C SER A 466 26.97 -39.69 -9.23
N SER A 467 26.20 -39.05 -8.36
CA SER A 467 24.90 -38.50 -8.73
C SER A 467 24.93 -37.00 -8.99
N VAL A 468 25.26 -36.22 -7.96
CA VAL A 468 25.17 -34.76 -8.04
C VAL A 468 26.04 -34.14 -9.14
N LYS A 469 25.40 -33.37 -10.02
CA LYS A 469 26.09 -32.75 -11.15
C LYS A 469 26.47 -31.29 -10.93
N ALA A 470 26.14 -30.76 -9.76
CA ALA A 470 26.65 -29.45 -9.38
C ALA A 470 28.13 -29.63 -9.02
N SER A 471 28.94 -29.94 -10.03
CA SER A 471 30.32 -30.36 -9.82
C SER A 471 31.21 -29.31 -9.16
N SER A 472 30.92 -28.04 -9.40
CA SER A 472 31.72 -26.97 -8.80
C SER A 472 31.50 -26.93 -7.29
N ILE A 473 30.28 -27.20 -6.87
CA ILE A 473 29.95 -27.20 -5.46
C ILE A 473 30.50 -28.45 -4.80
N VAL A 474 30.41 -29.58 -5.51
CA VAL A 474 30.96 -30.83 -5.02
C VAL A 474 32.47 -30.72 -4.84
N ALA A 475 33.11 -30.06 -5.80
CA ALA A 475 34.55 -29.82 -5.73
C ALA A 475 34.90 -28.96 -4.51
N SER A 476 34.06 -27.95 -4.25
CA SER A 476 34.25 -27.09 -3.09
C SER A 476 34.04 -27.86 -1.79
N LEU A 477 33.07 -28.77 -1.79
CA LEU A 477 32.81 -29.61 -0.64
C LEU A 477 34.00 -30.52 -0.33
N PHE A 478 34.65 -31.00 -1.39
CA PHE A 478 35.83 -31.84 -1.25
C PHE A 478 36.97 -31.06 -0.62
N LEU A 479 37.25 -29.88 -1.16
CA LEU A 479 38.32 -29.04 -0.65
C LEU A 479 38.11 -28.57 0.80
N LYS A 480 36.87 -28.27 1.15
CA LYS A 480 36.56 -27.78 2.49
C LYS A 480 36.95 -28.81 3.55
N GLU A 481 36.98 -30.08 3.14
CA GLU A 481 37.33 -31.17 4.04
C GLU A 481 38.81 -31.15 4.39
N PHE A 482 39.58 -30.35 3.66
CA PHE A 482 41.02 -30.30 3.87
C PHE A 482 41.46 -28.98 4.51
N VAL A 483 40.50 -28.26 5.06
CA VAL A 483 40.79 -27.09 5.89
C VAL A 483 39.97 -27.20 7.17
N GLN A 484 40.66 -27.37 8.30
CA GLN A 484 40.00 -27.72 9.55
C GLN A 484 39.55 -26.52 10.37
N ASN A 485 40.45 -25.55 10.56
CA ASN A 485 40.12 -24.41 11.40
C ASN A 485 40.75 -23.12 10.90
N THR A 486 40.60 -22.85 9.61
CA THR A 486 41.12 -21.63 9.03
C THR A 486 40.13 -21.04 8.02
N ALA A 487 40.02 -19.72 8.00
CA ALA A 487 39.20 -19.04 7.02
C ALA A 487 39.72 -19.36 5.63
N TRP A 488 38.85 -19.90 4.78
CA TRP A 488 39.28 -20.37 3.47
C TRP A 488 38.31 -19.98 2.37
N ALA A 489 38.86 -19.50 1.26
CA ALA A 489 38.06 -19.16 0.09
C ALA A 489 38.60 -19.89 -1.14
N HIS A 490 37.70 -20.22 -2.06
CA HIS A 490 38.05 -20.98 -3.25
C HIS A 490 37.52 -20.29 -4.50
N ILE A 491 38.42 -19.87 -5.39
CA ILE A 491 38.01 -19.18 -6.60
C ILE A 491 38.15 -20.07 -7.83
N ASP A 492 37.01 -20.47 -8.39
CA ASP A 492 36.99 -21.33 -9.56
C ASP A 492 36.98 -20.46 -10.81
N ILE A 493 38.10 -20.47 -11.53
CA ILE A 493 38.28 -19.60 -12.69
C ILE A 493 38.37 -20.39 -13.98
N ALA A 494 37.76 -21.57 -14.01
CA ALA A 494 37.79 -22.41 -15.19
C ALA A 494 37.11 -21.73 -16.37
N GLY A 495 36.04 -21.00 -16.08
CA GLY A 495 35.27 -20.33 -17.12
C GLY A 495 35.86 -19.02 -17.60
N VAL A 496 36.53 -18.30 -16.71
CA VAL A 496 37.00 -16.95 -17.01
C VAL A 496 38.47 -16.86 -17.44
N SER A 497 39.23 -17.93 -17.23
CA SER A 497 40.67 -17.87 -17.44
C SER A 497 41.08 -17.65 -18.89
N TRP A 498 40.39 -18.31 -19.82
CA TRP A 498 40.76 -18.24 -21.23
C TRP A 498 39.77 -17.39 -22.03
N ASN A 499 40.30 -16.44 -22.80
CA ASN A 499 39.48 -15.64 -23.70
C ASN A 499 39.33 -16.34 -25.05
N PHE A 500 38.23 -17.04 -25.23
CA PHE A 500 38.03 -17.88 -26.41
C PHE A 500 37.94 -17.06 -27.69
N LYS A 501 37.40 -15.85 -27.59
CA LYS A 501 37.23 -14.99 -28.77
C LYS A 501 38.58 -14.46 -29.27
N ALA A 502 39.43 -14.04 -28.35
CA ALA A 502 40.74 -13.50 -28.70
C ALA A 502 41.77 -14.63 -28.83
N ARG A 503 41.34 -15.84 -28.51
CA ARG A 503 42.19 -17.03 -28.55
C ARG A 503 43.41 -16.86 -27.66
N LYS A 504 43.20 -16.31 -26.47
CA LYS A 504 44.31 -16.08 -25.54
C LYS A 504 43.86 -16.04 -24.07
N PRO A 505 44.83 -16.14 -23.15
CA PRO A 505 44.58 -16.06 -21.70
C PRO A 505 44.22 -14.66 -21.23
N LYS A 506 43.53 -14.56 -20.10
CA LYS A 506 43.20 -13.26 -19.51
C LYS A 506 44.20 -12.87 -18.43
N GLY A 507 44.85 -13.87 -17.84
CA GLY A 507 45.67 -13.63 -16.67
C GLY A 507 44.76 -13.23 -15.52
N PHE A 508 43.58 -13.85 -15.49
CA PHE A 508 42.55 -13.51 -14.51
C PHE A 508 42.95 -13.93 -13.11
N GLY A 509 42.67 -13.08 -12.14
CA GLY A 509 42.93 -13.40 -10.74
C GLY A 509 44.08 -12.62 -10.14
N VAL A 510 45.02 -12.21 -10.99
CA VAL A 510 46.22 -11.52 -10.52
C VAL A 510 45.84 -10.25 -9.76
N ARG A 511 45.05 -9.40 -10.38
CA ARG A 511 44.63 -8.16 -9.75
C ARG A 511 43.68 -8.41 -8.58
N LEU A 512 42.83 -9.42 -8.71
CA LEU A 512 41.90 -9.78 -7.64
C LEU A 512 42.64 -10.17 -6.36
N LEU A 513 43.62 -11.05 -6.50
CA LEU A 513 44.36 -11.53 -5.35
C LEU A 513 45.22 -10.40 -4.77
N THR A 514 45.78 -9.58 -5.65
CA THR A 514 46.64 -8.47 -5.22
C THR A 514 45.85 -7.38 -4.49
N GLU A 515 44.67 -7.05 -5.01
CA GLU A 515 43.79 -6.10 -4.35
C GLU A 515 43.36 -6.64 -2.99
N PHE A 516 43.21 -7.96 -2.93
CA PHE A 516 42.86 -8.64 -1.69
C PHE A 516 43.96 -8.49 -0.64
N VAL A 517 45.20 -8.59 -1.09
CA VAL A 517 46.34 -8.52 -0.18
C VAL A 517 46.61 -7.09 0.27
N LEU A 518 46.50 -6.15 -0.66
CA LEU A 518 46.80 -4.75 -0.37
C LEU A 518 45.76 -4.07 0.54
N ASN A 519 44.48 -4.28 0.25
CA ASN A 519 43.45 -3.56 0.98
C ASN A 519 43.20 -4.18 2.35
N ASP A 520 43.60 -5.44 2.52
CA ASP A 520 43.56 -6.10 3.81
C ASP A 520 44.81 -5.77 4.61
N SER B 3 57.93 -61.36 -7.16
CA SER B 3 57.64 -61.33 -5.73
C SER B 3 57.61 -59.89 -5.22
N GLU B 4 58.59 -59.10 -5.65
CA GLU B 4 58.69 -57.70 -5.22
C GLU B 4 57.84 -56.80 -6.12
N VAL B 5 56.96 -56.01 -5.50
CA VAL B 5 56.08 -55.12 -6.23
C VAL B 5 56.77 -53.81 -6.62
N PRO B 6 56.87 -53.52 -7.92
CA PRO B 6 57.49 -52.29 -8.41
C PRO B 6 56.71 -51.04 -7.99
N GLN B 7 57.41 -49.94 -7.79
CA GLN B 7 56.79 -48.68 -7.39
C GLN B 7 57.18 -47.51 -8.28
N VAL B 8 56.26 -46.56 -8.45
CA VAL B 8 56.57 -45.31 -9.13
C VAL B 8 56.99 -44.27 -8.11
N VAL B 9 56.25 -44.20 -7.02
CA VAL B 9 56.62 -43.37 -5.87
C VAL B 9 56.69 -44.25 -4.63
N SER B 10 57.34 -43.77 -3.58
CA SER B 10 57.52 -44.58 -2.38
C SER B 10 56.20 -44.77 -1.64
N LEU B 11 55.19 -43.96 -1.98
CA LEU B 11 53.90 -44.04 -1.31
C LEU B 11 53.00 -45.09 -1.94
N ASP B 12 53.43 -45.62 -3.09
CA ASP B 12 52.68 -46.69 -3.74
C ASP B 12 52.80 -47.98 -2.93
N PRO B 13 51.65 -48.58 -2.59
CA PRO B 13 51.55 -49.80 -1.78
C PRO B 13 52.21 -51.02 -2.43
N THR B 14 52.72 -51.92 -1.60
CA THR B 14 53.44 -53.10 -2.09
C THR B 14 52.74 -54.40 -1.67
N SER B 15 51.57 -54.29 -1.06
CA SER B 15 50.82 -55.48 -0.68
C SER B 15 49.33 -55.22 -0.55
N ILE B 16 48.53 -56.26 -0.78
CA ILE B 16 47.09 -56.18 -0.57
C ILE B 16 46.80 -56.43 0.90
N PRO B 17 46.24 -55.42 1.60
CA PRO B 17 45.86 -55.67 2.99
C PRO B 17 44.79 -56.76 3.06
N ILE B 18 45.02 -57.78 3.88
CA ILE B 18 44.05 -58.86 3.98
C ILE B 18 43.73 -59.19 5.44
N GLU B 19 42.45 -59.15 5.77
CA GLU B 19 41.99 -59.53 7.09
C GLU B 19 41.50 -60.97 7.05
N TYR B 20 42.26 -61.86 7.69
CA TYR B 20 41.94 -63.28 7.70
C TYR B 20 41.02 -63.58 8.87
N ASN B 21 41.35 -63.03 10.03
CA ASN B 21 40.54 -63.17 11.21
C ASN B 21 39.50 -62.05 11.34
N THR B 22 38.32 -62.26 10.77
CA THR B 22 37.25 -61.27 10.83
C THR B 22 36.45 -61.39 12.12
N PRO B 23 35.75 -60.31 12.51
CA PRO B 23 34.88 -60.30 13.68
C PRO B 23 33.83 -61.41 13.63
N ILE B 24 33.57 -61.91 12.42
CA ILE B 24 32.64 -63.02 12.25
C ILE B 24 33.19 -64.29 12.91
N HIS B 25 34.49 -64.49 12.79
CA HIS B 25 35.13 -65.70 13.33
C HIS B 25 35.17 -65.76 14.85
N ASP B 26 35.01 -64.62 15.52
CA ASP B 26 35.06 -64.64 16.98
C ASP B 26 33.66 -64.87 17.54
N ILE B 27 32.67 -64.92 16.65
CA ILE B 27 31.30 -65.15 17.08
C ILE B 27 31.14 -66.63 17.39
N LYS B 28 30.81 -66.93 18.64
CA LYS B 28 30.57 -68.31 19.05
C LYS B 28 29.13 -68.65 18.69
N VAL B 29 28.96 -69.66 17.83
CA VAL B 29 27.65 -70.01 17.32
C VAL B 29 27.06 -71.22 18.03
N GLN B 30 25.83 -71.06 18.52
CA GLN B 30 25.13 -72.14 19.19
C GLN B 30 23.82 -72.48 18.48
N VAL B 31 23.66 -73.76 18.18
CA VAL B 31 22.44 -74.24 17.54
C VAL B 31 21.66 -75.10 18.54
N TYR B 32 20.42 -74.72 18.80
CA TYR B 32 19.58 -75.48 19.69
C TYR B 32 18.39 -76.01 18.90
N ASP B 33 17.82 -77.11 19.36
CA ASP B 33 16.62 -77.64 18.73
C ASP B 33 15.43 -76.98 19.41
N ILE B 34 14.50 -76.49 18.58
CA ILE B 34 13.39 -75.70 19.10
C ILE B 34 12.46 -76.56 19.94
N LYS B 35 12.49 -77.87 19.69
CA LYS B 35 11.68 -78.82 20.46
C LYS B 35 12.18 -78.86 21.89
N GLY B 36 11.85 -77.84 22.66
CA GLY B 36 12.31 -77.76 24.04
C GLY B 36 12.26 -76.34 24.55
N GLY B 37 11.82 -75.42 23.68
CA GLY B 37 11.64 -74.04 24.09
C GLY B 37 12.84 -73.15 23.88
N CYS B 38 12.57 -71.86 23.75
CA CYS B 38 13.62 -70.86 23.59
C CYS B 38 13.76 -70.10 24.90
N ASN B 39 15.00 -69.78 25.27
CA ASN B 39 15.28 -68.95 26.43
C ASN B 39 15.59 -67.53 25.95
N VAL B 40 14.81 -66.57 26.42
CA VAL B 40 15.01 -65.19 25.98
C VAL B 40 15.93 -64.50 26.99
N GLU B 41 17.12 -65.08 27.12
CA GLU B 41 18.21 -64.58 27.96
C GLU B 41 19.14 -63.65 27.18
N GLU B 42 19.28 -62.41 27.65
CA GLU B 42 20.12 -61.36 27.06
C GLU B 42 20.01 -61.10 25.55
N GLY B 43 20.58 -59.97 25.15
CA GLY B 43 20.76 -59.64 23.74
C GLY B 43 19.47 -59.43 22.99
N LEU B 44 19.53 -59.64 21.68
CA LEU B 44 18.36 -59.49 20.82
C LEU B 44 17.89 -60.86 20.36
N THR B 45 16.59 -61.11 20.47
CA THR B 45 16.04 -62.37 19.99
C THR B 45 15.03 -62.09 18.88
N ILE B 46 15.33 -62.59 17.68
CA ILE B 46 14.48 -62.31 16.53
C ILE B 46 13.84 -63.60 16.02
N PHE B 47 12.53 -63.55 15.85
CA PHE B 47 11.78 -64.68 15.31
C PHE B 47 11.52 -64.53 13.82
N LEU B 48 11.89 -65.58 13.08
CA LEU B 48 11.60 -65.66 11.66
C LEU B 48 10.21 -66.26 11.49
N VAL B 49 9.27 -65.43 11.05
CA VAL B 49 7.86 -65.82 11.03
C VAL B 49 7.26 -65.82 9.64
N ASN B 50 6.36 -66.76 9.41
CA ASN B 50 5.66 -66.88 8.13
C ASN B 50 4.15 -66.83 8.32
N ASN B 51 3.42 -66.71 7.21
CA ASN B 51 1.98 -66.80 7.24
C ASN B 51 1.45 -67.32 5.91
N PRO B 52 1.34 -68.65 5.78
CA PRO B 52 0.86 -69.27 4.54
C PRO B 52 -0.51 -68.75 4.11
N GLY B 53 -0.65 -68.43 2.82
CA GLY B 53 -1.90 -67.94 2.27
C GLY B 53 -2.08 -66.44 2.31
N LYS B 54 -2.18 -65.87 3.50
CA LYS B 54 -2.37 -64.42 3.61
C LYS B 54 -1.08 -63.72 3.20
N GLU B 55 -1.20 -62.67 2.41
CA GLU B 55 -0.05 -61.91 1.94
C GLU B 55 0.65 -61.27 3.13
N ASN B 56 0.06 -60.19 3.63
CA ASN B 56 0.63 -59.42 4.73
C ASN B 56 -0.22 -59.63 6.00
N GLY B 57 -0.57 -60.89 6.25
CA GLY B 57 -1.42 -61.24 7.37
C GLY B 57 -0.70 -61.12 8.70
N PRO B 58 -1.40 -61.44 9.80
CA PRO B 58 -0.87 -61.23 11.15
C PRO B 58 0.25 -62.20 11.53
N VAL B 59 1.01 -61.81 12.55
CA VAL B 59 2.11 -62.61 13.05
C VAL B 59 1.69 -63.55 14.18
N LYS B 60 2.02 -64.82 14.04
CA LYS B 60 1.74 -65.79 15.10
C LYS B 60 2.99 -66.58 15.45
N ILE B 61 3.48 -66.40 16.66
CA ILE B 61 4.66 -67.10 17.14
C ILE B 61 4.30 -68.45 17.76
N SER B 62 4.68 -69.51 17.08
CA SER B 62 4.34 -70.87 17.46
C SER B 62 5.22 -71.39 18.59
N SER B 63 6.49 -71.00 18.56
CA SER B 63 7.49 -71.54 19.47
C SER B 63 7.16 -71.31 20.94
N LYS B 64 7.48 -72.30 21.77
CA LYS B 64 7.31 -72.17 23.20
C LYS B 64 8.48 -71.39 23.78
N VAL B 65 8.17 -70.38 24.58
CA VAL B 65 9.20 -69.56 25.22
C VAL B 65 9.22 -69.85 26.71
N ASN B 66 10.41 -70.16 27.23
CA ASN B 66 10.54 -70.52 28.64
C ASN B 66 10.57 -69.26 29.49
N ASP B 67 9.51 -68.47 29.37
CA ASP B 67 9.36 -67.23 30.12
C ASP B 67 7.90 -66.81 30.13
N LYS B 68 7.34 -66.66 31.32
CA LYS B 68 5.91 -66.38 31.48
C LYS B 68 5.52 -65.00 30.96
N GLN B 69 6.37 -64.02 31.21
CA GLN B 69 6.06 -62.64 30.84
C GLN B 69 6.23 -62.41 29.36
N VAL B 70 7.25 -63.04 28.79
CA VAL B 70 7.55 -62.93 27.37
C VAL B 70 6.54 -63.74 26.57
N SER B 71 6.11 -64.87 27.13
CA SER B 71 5.11 -65.70 26.49
C SER B 71 3.78 -64.95 26.43
N GLU B 72 3.47 -64.23 27.51
CA GLU B 72 2.26 -63.42 27.56
C GLU B 72 2.37 -62.27 26.57
N PHE B 73 3.57 -61.69 26.48
CA PHE B 73 3.83 -60.59 25.56
C PHE B 73 3.71 -61.07 24.12
N LEU B 74 4.24 -62.28 23.85
CA LEU B 74 4.27 -62.81 22.50
C LEU B 74 3.02 -63.57 22.12
N LYS B 75 1.93 -63.40 22.87
CA LYS B 75 0.69 -64.09 22.55
C LYS B 75 0.14 -63.64 21.19
N ASP B 76 -1.06 -64.11 20.85
CA ASP B 76 -1.64 -63.78 19.56
C ASP B 76 -2.32 -62.41 19.55
N GLU B 77 -3.00 -62.10 20.66
CA GLU B 77 -3.74 -60.86 20.78
C GLU B 77 -2.83 -59.64 20.70
N ASN B 78 -1.58 -59.80 21.09
CA ASN B 78 -0.62 -58.71 21.06
C ASN B 78 0.13 -58.63 19.73
N MET B 79 0.30 -59.78 19.08
CA MET B 79 1.07 -59.87 17.84
C MET B 79 0.23 -59.62 16.58
N GLU B 80 -1.09 -59.58 16.73
CA GLU B 80 -1.99 -59.46 15.58
C GLU B 80 -1.86 -58.15 14.82
N LYS B 81 -1.44 -57.08 15.50
CA LYS B 81 -1.32 -55.77 14.85
C LYS B 81 -0.12 -55.71 13.90
N PHE B 82 0.75 -56.70 13.96
CA PHE B 82 1.91 -56.77 13.08
C PHE B 82 1.70 -57.80 11.99
N ASN B 83 2.27 -57.54 10.81
CA ASN B 83 2.12 -58.44 9.68
C ASN B 83 3.44 -59.08 9.26
N VAL B 84 3.35 -60.12 8.43
CA VAL B 84 4.50 -60.91 8.05
C VAL B 84 5.02 -60.55 6.66
N LYS B 85 4.80 -59.31 6.24
CA LYS B 85 5.30 -58.84 4.96
C LYS B 85 6.81 -59.07 4.86
N LEU B 86 7.23 -59.68 3.76
CA LEU B 86 8.62 -60.08 3.57
C LEU B 86 9.59 -58.90 3.74
N GLY B 87 10.40 -58.95 4.80
CA GLY B 87 11.36 -57.90 5.07
C GLY B 87 11.03 -57.01 6.25
N THR B 88 9.77 -57.05 6.69
CA THR B 88 9.30 -56.26 7.82
C THR B 88 9.97 -56.70 9.13
N SER B 89 10.26 -55.74 10.00
CA SER B 89 10.90 -56.02 11.28
C SER B 89 10.32 -55.15 12.39
N LYS B 90 10.36 -55.68 13.61
CA LYS B 90 9.87 -54.98 14.80
C LYS B 90 10.74 -55.30 16.02
N HIS B 91 10.90 -54.33 16.91
CA HIS B 91 11.65 -54.55 18.15
C HIS B 91 10.72 -54.42 19.34
N PHE B 92 10.93 -55.29 20.33
CA PHE B 92 10.09 -55.27 21.52
C PHE B 92 10.94 -55.09 22.76
N TYR B 93 10.38 -54.39 23.75
CA TYR B 93 11.05 -54.24 25.04
C TYR B 93 10.19 -54.85 26.14
N MET B 94 10.80 -55.66 27.01
CA MET B 94 10.05 -56.29 28.07
C MET B 94 10.96 -56.81 29.19
N PHE B 95 10.36 -57.11 30.33
CA PHE B 95 11.06 -57.72 31.43
C PHE B 95 10.73 -59.21 31.48
N ASN B 96 11.74 -60.05 31.71
CA ASN B 96 11.51 -61.48 31.82
C ASN B 96 11.20 -61.91 33.26
N ASP B 97 11.16 -63.22 33.51
CA ASP B 97 10.77 -63.73 34.83
C ASP B 97 11.68 -63.30 35.98
N ASN B 98 12.97 -63.17 35.70
CA ASN B 98 13.91 -62.73 36.72
C ASN B 98 13.97 -61.20 36.74
N LYS B 99 13.31 -60.58 35.74
CA LYS B 99 13.22 -59.13 35.59
C LYS B 99 14.46 -58.49 34.96
N ASN B 100 14.94 -59.08 33.87
CA ASN B 100 16.07 -58.48 33.15
C ASN B 100 15.60 -57.90 31.82
N SER B 101 16.16 -56.75 31.45
CA SER B 101 15.78 -56.11 30.20
C SER B 101 16.30 -56.87 28.98
N VAL B 102 15.40 -57.56 28.28
CA VAL B 102 15.74 -58.28 27.07
C VAL B 102 15.10 -57.64 25.84
N ALA B 103 15.68 -57.84 24.67
CA ALA B 103 15.13 -57.32 23.44
C ALA B 103 14.68 -58.46 22.53
N VAL B 104 13.45 -58.40 22.07
CA VAL B 104 12.87 -59.43 21.23
C VAL B 104 12.21 -58.80 20.00
N GLY B 105 12.14 -59.54 18.90
CA GLY B 105 11.53 -59.04 17.70
C GLY B 105 11.30 -60.12 16.65
N TYR B 106 10.94 -59.69 15.45
CA TYR B 106 10.67 -60.63 14.36
C TYR B 106 11.00 -60.05 12.99
N VAL B 107 11.16 -60.93 12.02
CA VAL B 107 11.32 -60.52 10.63
C VAL B 107 10.34 -61.26 9.74
N GLY B 108 9.59 -60.51 8.93
CA GLY B 108 8.61 -61.09 8.05
C GLY B 108 9.25 -61.92 6.95
N CYS B 109 8.75 -63.12 6.76
CA CYS B 109 9.30 -64.03 5.75
C CYS B 109 8.27 -64.33 4.66
N GLY B 110 7.29 -63.44 4.51
CA GLY B 110 6.31 -63.56 3.46
C GLY B 110 5.23 -64.59 3.72
N SER B 111 4.54 -64.99 2.67
CA SER B 111 3.44 -65.95 2.77
C SER B 111 3.79 -67.26 2.07
N VAL B 112 4.88 -67.24 1.31
CA VAL B 112 5.35 -68.42 0.60
C VAL B 112 6.23 -69.32 1.46
N ALA B 113 6.01 -70.63 1.31
CA ALA B 113 6.75 -71.66 2.04
C ALA B 113 8.21 -71.66 1.58
N ASP B 114 8.52 -72.55 0.64
CA ASP B 114 9.84 -72.62 0.03
C ASP B 114 10.39 -71.25 -0.38
N LEU B 115 10.99 -70.54 0.59
CA LEU B 115 11.56 -69.22 0.33
C LEU B 115 12.71 -69.27 -0.68
N SER B 116 12.79 -68.28 -1.55
CA SER B 116 13.84 -68.20 -2.55
C SER B 116 15.13 -67.64 -1.94
N GLU B 117 16.03 -67.17 -2.80
CA GLU B 117 17.32 -66.65 -2.35
C GLU B 117 17.27 -65.13 -2.21
N ALA B 118 16.62 -64.48 -3.17
CA ALA B 118 16.39 -63.05 -3.08
C ALA B 118 15.49 -62.78 -1.88
N ASP B 119 14.56 -63.69 -1.64
CA ASP B 119 13.69 -63.61 -0.47
C ASP B 119 14.49 -63.74 0.81
N MET B 120 15.36 -64.75 0.86
CA MET B 120 16.20 -65.01 2.02
C MET B 120 17.19 -63.87 2.28
N LYS B 121 17.77 -63.35 1.21
CA LYS B 121 18.69 -62.22 1.33
C LYS B 121 17.98 -61.01 1.95
N ARG B 122 16.75 -60.77 1.53
CA ARG B 122 15.98 -59.68 2.11
C ARG B 122 15.71 -59.97 3.58
N VAL B 123 15.50 -61.24 3.89
CA VAL B 123 15.31 -61.65 5.28
C VAL B 123 16.58 -61.36 6.05
N VAL B 124 17.71 -61.80 5.49
CA VAL B 124 19.01 -61.60 6.11
C VAL B 124 19.35 -60.11 6.24
N LEU B 125 19.16 -59.37 5.14
CA LEU B 125 19.42 -57.93 5.12
C LEU B 125 18.61 -57.17 6.17
N SER B 126 17.33 -57.48 6.27
CA SER B 126 16.45 -56.86 7.25
C SER B 126 16.93 -57.10 8.68
N LEU B 127 17.44 -58.31 8.92
CA LEU B 127 17.95 -58.69 10.22
C LEU B 127 19.25 -57.93 10.52
N VAL B 128 20.06 -57.74 9.48
CA VAL B 128 21.33 -57.06 9.62
C VAL B 128 21.14 -55.60 9.99
N THR B 129 20.01 -55.03 9.56
CA THR B 129 19.67 -53.65 9.90
C THR B 129 19.53 -53.45 11.40
N MET B 130 18.98 -54.46 12.06
CA MET B 130 18.82 -54.42 13.52
C MET B 130 20.17 -54.56 14.21
N LEU B 131 21.12 -55.20 13.53
CA LEU B 131 22.47 -55.39 14.05
C LEU B 131 23.35 -54.15 13.94
N HIS B 132 23.14 -53.36 12.88
CA HIS B 132 23.97 -52.18 12.62
C HIS B 132 23.73 -50.96 13.52
N ASP B 133 22.48 -50.72 13.89
CA ASP B 133 22.17 -49.56 14.73
C ASP B 133 22.08 -49.93 16.21
N ASN B 134 22.61 -51.09 16.57
CA ASN B 134 22.53 -51.58 17.94
C ASN B 134 23.85 -52.16 18.46
N LYS B 135 24.22 -51.73 19.66
CA LYS B 135 25.44 -52.19 20.32
C LYS B 135 25.17 -53.49 21.06
N LEU B 136 24.73 -54.50 20.31
CA LEU B 136 24.28 -55.76 20.90
C LEU B 136 25.44 -56.67 21.27
N SER B 137 25.14 -57.68 22.07
CA SER B 137 26.15 -58.61 22.57
C SER B 137 25.82 -60.03 22.13
N LYS B 138 24.53 -60.28 21.96
CA LYS B 138 24.04 -61.60 21.60
C LYS B 138 22.91 -61.51 20.58
N LEU B 139 22.99 -62.33 19.54
CA LEU B 139 21.89 -62.46 18.61
C LEU B 139 21.34 -63.87 18.65
N THR B 140 20.03 -63.99 18.81
CA THR B 140 19.39 -65.29 18.81
C THR B 140 18.34 -65.34 17.70
N VAL B 141 18.50 -66.29 16.78
CA VAL B 141 17.57 -66.41 15.68
C VAL B 141 16.74 -67.69 15.77
N VAL B 142 15.42 -67.54 15.79
CA VAL B 142 14.51 -68.68 15.86
C VAL B 142 13.81 -68.90 14.51
N PHE B 143 14.00 -70.08 13.93
CA PHE B 143 13.44 -70.39 12.63
C PHE B 143 12.05 -71.00 12.71
N GLU B 144 11.03 -70.15 12.59
CA GLU B 144 9.64 -70.62 12.52
C GLU B 144 9.19 -70.70 11.07
N ILE B 145 10.16 -70.92 10.18
CA ILE B 145 9.93 -71.15 8.77
C ILE B 145 10.63 -72.44 8.35
N ASN B 146 10.28 -72.98 7.18
CA ASN B 146 10.91 -74.19 6.70
C ASN B 146 12.08 -73.91 5.77
N VAL B 147 13.24 -74.42 6.12
CA VAL B 147 14.41 -74.29 5.27
C VAL B 147 15.14 -75.63 5.21
N ASP B 148 15.56 -76.02 4.03
CA ASP B 148 16.38 -77.22 3.88
C ASP B 148 17.78 -76.92 4.41
N LYS B 149 18.60 -77.95 4.55
CA LYS B 149 19.93 -77.78 5.13
C LYS B 149 20.77 -76.79 4.31
N ASN B 150 20.63 -76.86 3.00
CA ASN B 150 21.37 -75.98 2.10
C ASN B 150 21.02 -74.50 2.25
N LEU B 151 19.74 -74.20 2.38
CA LEU B 151 19.28 -72.81 2.49
C LEU B 151 19.70 -72.22 3.84
N PHE B 152 19.73 -73.07 4.86
CA PHE B 152 20.17 -72.65 6.19
C PHE B 152 21.60 -72.17 6.16
N ARG B 153 22.46 -72.92 5.46
CA ARG B 153 23.86 -72.54 5.32
C ARG B 153 23.96 -71.19 4.61
N PHE B 154 23.11 -71.00 3.61
CA PHE B 154 23.07 -69.76 2.85
C PHE B 154 22.65 -68.58 3.74
N PHE B 155 21.73 -68.85 4.67
CA PHE B 155 21.31 -67.84 5.63
C PHE B 155 22.51 -67.36 6.43
N LEU B 156 23.31 -68.31 6.91
CA LEU B 156 24.50 -68.00 7.68
C LEU B 156 25.54 -67.32 6.80
N GLU B 157 25.75 -67.88 5.60
CA GLU B 157 26.67 -67.27 4.63
C GLU B 157 26.33 -65.82 4.37
N THR B 158 25.07 -65.55 4.07
CA THR B 158 24.62 -64.21 3.74
C THR B 158 24.64 -63.32 4.98
N LEU B 159 24.29 -63.90 6.13
CA LEU B 159 24.36 -63.16 7.39
C LEU B 159 25.80 -62.71 7.66
N PHE B 160 26.73 -63.66 7.56
CA PHE B 160 28.14 -63.37 7.80
C PHE B 160 28.70 -62.34 6.83
N TYR B 161 28.41 -62.52 5.54
CA TYR B 161 28.97 -61.67 4.49
C TYR B 161 28.44 -60.23 4.54
N GLU B 162 27.15 -60.09 4.80
CA GLU B 162 26.52 -58.76 4.83
C GLU B 162 26.77 -58.05 6.17
N TYR B 163 26.86 -58.82 7.25
CA TYR B 163 27.15 -58.28 8.57
C TYR B 163 28.54 -57.66 8.57
N MET B 164 29.47 -58.35 7.93
CA MET B 164 30.86 -57.95 7.88
C MET B 164 31.05 -56.67 7.09
N THR B 165 31.84 -55.75 7.63
CA THR B 165 32.13 -54.48 6.95
C THR B 165 33.63 -54.35 6.65
N ASP B 166 33.94 -53.96 5.43
CA ASP B 166 35.33 -53.83 4.99
C ASP B 166 35.84 -52.42 5.25
N GLU B 167 36.77 -52.29 6.20
CA GLU B 167 37.29 -50.99 6.58
C GLU B 167 38.80 -50.89 6.39
N ARG B 168 39.35 -51.73 5.50
CA ARG B 168 40.78 -51.77 5.26
C ARG B 168 41.35 -50.45 4.74
N PHE B 169 40.54 -49.71 4.00
CA PHE B 169 41.01 -48.49 3.33
C PHE B 169 40.43 -47.23 3.99
N LYS B 170 39.85 -47.41 5.17
CA LYS B 170 39.40 -46.28 6.00
C LYS B 170 40.50 -45.81 6.94
N SER B 171 40.69 -44.49 7.01
CA SER B 171 41.58 -43.91 8.00
C SER B 171 40.72 -43.34 9.12
N THR B 172 39.41 -43.52 8.98
CA THR B 172 38.45 -43.23 10.04
C THR B 172 37.95 -44.55 10.60
N ASP B 173 36.64 -44.64 10.85
CA ASP B 173 36.03 -45.87 11.36
C ASP B 173 34.60 -45.67 11.81
N LYS B 174 34.08 -46.65 12.54
CA LYS B 174 32.74 -46.60 13.13
C LYS B 174 31.66 -46.41 12.08
N GLU B 179 30.97 -52.74 16.73
CA GLU B 179 30.55 -53.54 17.88
C GLU B 179 29.89 -54.84 17.44
N TYR B 180 30.66 -55.73 16.83
CA TYR B 180 30.14 -57.01 16.36
C TYR B 180 29.73 -57.90 17.53
N ILE B 181 28.70 -58.72 17.32
CA ILE B 181 28.28 -59.67 18.35
C ILE B 181 29.35 -60.72 18.60
N LYS B 182 29.28 -61.36 19.76
CA LYS B 182 30.26 -62.39 20.12
C LYS B 182 29.60 -63.77 20.18
N HIS B 183 28.28 -63.79 20.22
CA HIS B 183 27.52 -65.04 20.28
C HIS B 183 26.33 -65.03 19.33
N LEU B 184 26.12 -66.16 18.65
CA LEU B 184 24.97 -66.31 17.78
C LEU B 184 24.18 -67.56 18.16
N GLY B 185 22.96 -67.36 18.64
CA GLY B 185 22.10 -68.47 18.99
C GLY B 185 21.09 -68.74 17.89
N VAL B 186 20.97 -70.02 17.52
CA VAL B 186 20.06 -70.42 16.47
C VAL B 186 19.11 -71.50 16.98
N TYR B 187 17.82 -71.22 16.93
CA TYR B 187 16.81 -72.19 17.32
C TYR B 187 16.10 -72.73 16.09
N ILE B 188 16.26 -74.01 15.81
CA ILE B 188 15.62 -74.60 14.64
C ILE B 188 15.27 -76.06 14.90
N ASN B 189 14.23 -76.55 14.23
CA ASN B 189 13.82 -77.95 14.37
C ASN B 189 14.74 -78.82 13.53
N ASN B 190 15.05 -80.03 14.02
CA ASN B 190 16.05 -80.90 13.40
C ASN B 190 17.41 -80.22 13.48
N ALA B 191 17.71 -79.69 14.67
CA ALA B 191 18.91 -78.91 14.89
C ALA B 191 20.17 -79.73 14.62
N ASP B 192 20.07 -81.04 14.88
CA ASP B 192 21.24 -81.91 14.83
C ASP B 192 21.79 -82.12 13.42
N THR B 193 20.94 -81.92 12.41
CA THR B 193 21.38 -82.03 11.02
C THR B 193 21.93 -80.71 10.48
N TYR B 194 21.51 -79.61 11.09
CA TYR B 194 21.89 -78.28 10.62
C TYR B 194 23.22 -77.83 11.20
N LYS B 195 23.63 -78.49 12.28
CA LYS B 195 24.86 -78.12 12.97
C LYS B 195 26.08 -78.30 12.08
N GLU B 196 26.03 -79.30 11.21
CA GLU B 196 27.16 -79.59 10.32
C GLU B 196 27.35 -78.45 9.31
N GLU B 197 26.29 -77.69 9.07
CA GLU B 197 26.30 -76.62 8.08
C GLU B 197 26.85 -75.33 8.68
N VAL B 198 26.99 -75.30 10.00
CA VAL B 198 27.39 -74.08 10.70
C VAL B 198 28.80 -73.65 10.35
N GLU B 199 29.75 -74.56 10.49
CA GLU B 199 31.14 -74.23 10.23
C GLU B 199 31.46 -74.26 8.73
N LYS B 200 30.67 -75.02 7.97
CA LYS B 200 30.80 -75.01 6.52
C LYS B 200 30.42 -73.64 5.98
N ALA B 201 29.40 -73.04 6.58
CA ALA B 201 28.96 -71.71 6.18
C ALA B 201 30.05 -70.70 6.45
N ARG B 202 30.70 -70.84 7.60
CA ARG B 202 31.80 -69.96 7.98
C ARG B 202 32.95 -70.08 7.00
N VAL B 203 33.19 -71.29 6.51
CA VAL B 203 34.23 -71.53 5.52
C VAL B 203 33.85 -70.93 4.18
N TYR B 204 32.65 -71.26 3.70
CA TYR B 204 32.16 -70.67 2.46
C TYR B 204 32.11 -69.15 2.58
N TYR B 205 31.76 -68.67 3.77
CA TYR B 205 31.71 -67.25 4.03
C TYR B 205 33.03 -66.55 3.73
N PHE B 206 34.11 -67.02 4.34
CA PHE B 206 35.38 -66.33 4.19
C PHE B 206 35.97 -66.49 2.79
N GLY B 207 35.81 -67.66 2.19
CA GLY B 207 36.24 -67.88 0.83
C GLY B 207 35.61 -66.81 -0.03
N THR B 208 34.33 -66.55 0.24
CA THR B 208 33.59 -65.49 -0.44
C THR B 208 34.10 -64.11 -0.03
N TYR B 209 34.22 -63.88 1.28
CA TYR B 209 34.66 -62.58 1.76
C TYR B 209 36.11 -62.34 1.34
N TYR B 210 36.88 -63.42 1.28
CA TYR B 210 38.26 -63.37 0.81
C TYR B 210 38.29 -62.88 -0.64
N ALA B 211 37.46 -63.47 -1.48
CA ALA B 211 37.36 -63.06 -2.87
C ALA B 211 36.95 -61.60 -2.97
N SER B 212 36.05 -61.19 -2.07
CA SER B 212 35.58 -59.81 -2.04
C SER B 212 36.71 -58.83 -1.73
N GLN B 213 37.55 -59.17 -0.76
CA GLN B 213 38.66 -58.31 -0.37
C GLN B 213 39.63 -58.09 -1.53
N LEU B 214 39.90 -59.15 -2.29
CA LEU B 214 40.80 -59.07 -3.42
C LEU B 214 40.20 -58.18 -4.50
N ILE B 215 38.91 -58.38 -4.76
CA ILE B 215 38.20 -57.61 -5.77
C ILE B 215 38.04 -56.16 -5.35
N ALA B 216 37.63 -55.95 -4.10
CA ALA B 216 37.41 -54.61 -3.57
C ALA B 216 38.69 -53.79 -3.53
N ALA B 217 39.82 -54.46 -3.30
CA ALA B 217 41.11 -53.80 -3.24
C ALA B 217 41.39 -53.10 -4.57
N PRO B 218 41.75 -51.81 -4.51
CA PRO B 218 42.02 -51.00 -5.70
C PRO B 218 43.19 -51.55 -6.51
N SER B 219 43.36 -51.06 -7.73
CA SER B 219 44.33 -51.63 -8.65
C SER B 219 45.76 -51.25 -8.29
N ASN B 220 45.91 -50.18 -7.50
CA ASN B 220 47.24 -49.78 -7.03
C ASN B 220 47.69 -50.66 -5.87
N TYR B 221 46.72 -51.21 -5.14
CA TYR B 221 47.01 -52.16 -4.07
C TYR B 221 47.11 -53.57 -4.65
N CYS B 222 46.08 -53.97 -5.38
CA CYS B 222 46.02 -55.29 -5.99
C CYS B 222 46.52 -55.26 -7.43
N ASN B 223 47.78 -55.62 -7.62
CA ASN B 223 48.38 -55.73 -8.94
C ASN B 223 48.84 -57.16 -9.21
N PRO B 224 49.33 -57.44 -10.43
CA PRO B 224 49.76 -58.80 -10.78
C PRO B 224 50.74 -59.39 -9.78
N VAL B 225 51.62 -58.56 -9.23
CA VAL B 225 52.62 -59.03 -8.27
C VAL B 225 52.02 -59.23 -6.89
N SER B 226 51.33 -58.21 -6.37
CA SER B 226 50.77 -58.28 -5.03
C SER B 226 49.69 -59.35 -4.91
N LEU B 227 48.97 -59.58 -6.00
CA LEU B 227 47.93 -60.58 -6.03
C LEU B 227 48.55 -61.98 -6.04
N SER B 228 49.59 -62.15 -6.83
CA SER B 228 50.31 -63.42 -6.90
C SER B 228 50.97 -63.71 -5.55
N ASN B 229 51.46 -62.66 -4.89
CA ASN B 229 52.00 -62.81 -3.54
C ASN B 229 50.92 -63.29 -2.58
N ALA B 230 49.71 -62.76 -2.75
CA ALA B 230 48.60 -63.13 -1.89
C ALA B 230 48.23 -64.59 -2.09
N ALA B 231 48.34 -65.06 -3.32
CA ALA B 231 48.06 -66.46 -3.63
C ALA B 231 49.12 -67.36 -3.00
N VAL B 232 50.36 -66.92 -3.08
CA VAL B 232 51.46 -67.63 -2.43
C VAL B 232 51.21 -67.62 -0.92
N GLU B 233 50.85 -66.46 -0.40
CA GLU B 233 50.52 -66.31 1.01
C GLU B 233 49.33 -67.19 1.39
N LEU B 234 48.35 -67.26 0.49
CA LEU B 234 47.16 -68.07 0.72
C LEU B 234 47.49 -69.56 0.69
N ALA B 235 48.28 -69.97 -0.30
CA ALA B 235 48.66 -71.37 -0.43
C ALA B 235 49.45 -71.84 0.79
N GLN B 236 50.29 -70.95 1.31
CA GLN B 236 51.11 -71.25 2.48
C GLN B 236 50.28 -71.42 3.75
N LYS B 237 49.28 -70.56 3.96
CA LYS B 237 48.43 -70.67 5.14
C LYS B 237 47.59 -71.94 5.04
N LEU B 238 47.41 -72.42 3.81
CA LEU B 238 46.74 -73.67 3.60
C LEU B 238 47.88 -74.67 3.56
N ASN B 239 47.91 -75.55 2.56
CA ASN B 239 49.00 -76.50 2.43
C ASN B 239 49.01 -77.02 1.01
N LEU B 240 48.86 -76.10 0.06
CA LEU B 240 48.79 -76.44 -1.34
C LEU B 240 50.13 -76.22 -2.03
N GLU B 241 50.46 -77.14 -2.94
CA GLU B 241 51.63 -76.95 -3.79
C GLU B 241 51.37 -75.72 -4.66
N TYR B 242 52.32 -74.80 -4.71
CA TYR B 242 52.17 -73.59 -5.50
C TYR B 242 53.40 -73.29 -6.34
N LYS B 243 53.18 -72.64 -7.48
CA LYS B 243 54.29 -72.18 -8.31
C LYS B 243 53.83 -71.02 -9.17
N ILE B 244 54.58 -69.92 -9.11
CA ILE B 244 54.25 -68.73 -9.88
C ILE B 244 55.22 -68.55 -11.03
N LEU B 245 54.70 -68.66 -12.25
CA LEU B 245 55.52 -68.52 -13.45
C LEU B 245 55.71 -67.04 -13.77
N GLY B 246 56.96 -66.67 -14.02
CA GLY B 246 57.28 -65.29 -14.37
C GLY B 246 57.44 -65.16 -15.87
N VAL B 247 57.80 -63.96 -16.32
CA VAL B 247 57.90 -63.68 -17.75
C VAL B 247 58.86 -64.59 -18.51
N LYS B 248 60.02 -64.88 -17.91
CA LYS B 248 61.04 -65.67 -18.60
C LYS B 248 60.59 -67.10 -18.94
N GLU B 249 59.94 -67.77 -17.99
CA GLU B 249 59.47 -69.13 -18.27
C GLU B 249 58.20 -69.12 -19.13
N LEU B 250 57.41 -68.06 -19.02
CA LEU B 250 56.21 -67.94 -19.82
C LEU B 250 56.62 -67.74 -21.28
N GLU B 251 57.76 -67.09 -21.48
CA GLU B 251 58.33 -66.93 -22.80
C GLU B 251 58.76 -68.29 -23.37
N GLU B 252 59.27 -69.16 -22.51
CA GLU B 252 59.72 -70.49 -22.94
C GLU B 252 58.53 -71.40 -23.21
N LEU B 253 57.41 -71.12 -22.55
CA LEU B 253 56.17 -71.85 -22.80
C LEU B 253 55.43 -71.17 -23.95
N LYS B 254 55.97 -70.04 -24.39
CA LYS B 254 55.48 -69.35 -25.57
C LYS B 254 54.04 -68.86 -25.43
N MET B 255 53.68 -68.41 -24.23
CA MET B 255 52.33 -67.88 -24.01
C MET B 255 52.23 -66.45 -24.55
N GLY B 256 52.21 -66.34 -25.87
CA GLY B 256 52.26 -65.04 -26.53
C GLY B 256 51.02 -64.18 -26.42
N ALA B 257 49.86 -64.82 -26.35
CA ALA B 257 48.60 -64.09 -26.20
C ALA B 257 48.56 -63.41 -24.85
N TYR B 258 48.80 -64.20 -23.81
CA TYR B 258 48.82 -63.74 -22.43
C TYR B 258 49.85 -62.62 -22.21
N LEU B 259 51.05 -62.82 -22.73
CA LEU B 259 52.14 -61.86 -22.53
C LEU B 259 51.88 -60.52 -23.22
N SER B 260 51.21 -60.57 -24.37
CA SER B 260 50.92 -59.35 -25.13
C SER B 260 50.04 -58.38 -24.37
N VAL B 261 49.10 -58.92 -23.60
CA VAL B 261 48.18 -58.10 -22.83
C VAL B 261 48.92 -57.34 -21.75
N GLY B 262 49.87 -57.99 -21.10
CA GLY B 262 50.63 -57.40 -20.02
C GLY B 262 51.78 -56.48 -20.45
N LYS B 263 52.01 -56.42 -21.76
CA LYS B 263 53.15 -55.67 -22.31
C LYS B 263 53.21 -54.20 -21.86
N GLY B 264 52.07 -53.54 -21.85
CA GLY B 264 52.02 -52.11 -21.54
C GLY B 264 52.01 -51.78 -20.06
N SER B 265 52.13 -52.80 -19.22
CA SER B 265 52.02 -52.62 -17.77
C SER B 265 53.38 -52.49 -17.10
N MET B 266 53.40 -51.75 -15.99
CA MET B 266 54.61 -51.65 -15.17
C MET B 266 54.77 -52.89 -14.31
N TYR B 267 53.69 -53.67 -14.21
CA TYR B 267 53.70 -54.90 -13.43
C TYR B 267 53.88 -56.12 -14.33
N PRO B 268 54.93 -56.91 -14.07
CA PRO B 268 55.23 -58.13 -14.84
C PRO B 268 54.12 -59.17 -14.72
N ASN B 269 53.91 -59.95 -15.77
CA ASN B 269 52.92 -61.02 -15.73
C ASN B 269 53.25 -62.06 -14.67
N LYS B 270 52.22 -62.55 -13.99
CA LYS B 270 52.40 -63.59 -12.99
C LYS B 270 51.31 -64.64 -13.14
N PHE B 271 51.70 -65.85 -13.52
CA PHE B 271 50.74 -66.94 -13.70
C PHE B 271 50.59 -67.75 -12.42
N ILE B 272 49.41 -67.69 -11.82
CA ILE B 272 49.16 -68.38 -10.57
C ILE B 272 48.76 -69.84 -10.81
N HIS B 273 49.45 -70.74 -10.13
CA HIS B 273 49.18 -72.17 -10.23
C HIS B 273 49.25 -72.83 -8.86
N LEU B 274 48.12 -72.85 -8.17
CA LEU B 274 47.99 -73.56 -6.91
C LEU B 274 47.48 -74.97 -7.16
N THR B 275 47.76 -75.89 -6.25
CA THR B 275 47.34 -77.27 -6.45
C THR B 275 46.91 -77.95 -5.16
N TYR B 276 45.73 -78.55 -5.17
CA TYR B 276 45.28 -79.40 -4.08
C TYR B 276 45.23 -80.85 -4.55
N LYS B 277 46.04 -81.71 -3.94
CA LYS B 277 46.09 -83.12 -4.30
C LYS B 277 45.62 -83.99 -3.14
N SER B 278 44.54 -84.74 -3.32
CA SER B 278 44.02 -85.55 -2.22
C SER B 278 45.05 -86.61 -1.84
N LYS B 279 44.91 -87.14 -0.62
CA LYS B 279 45.93 -88.02 -0.06
C LYS B 279 45.75 -89.48 -0.48
N GLY B 280 44.69 -89.76 -1.22
CA GLY B 280 44.42 -91.12 -1.63
C GLY B 280 44.45 -91.34 -3.13
N ASP B 281 43.43 -92.05 -3.61
CA ASP B 281 43.30 -92.46 -5.00
C ASP B 281 42.59 -91.42 -5.87
N VAL B 282 43.27 -90.32 -6.17
CA VAL B 282 42.73 -89.28 -7.05
C VAL B 282 42.00 -89.86 -8.26
N LYS B 283 40.69 -89.63 -8.34
CA LYS B 283 39.87 -90.21 -9.39
C LYS B 283 39.33 -89.16 -10.35
N LYS B 284 39.23 -87.92 -9.88
CA LYS B 284 38.84 -86.81 -10.73
C LYS B 284 39.91 -85.70 -10.66
N LYS B 285 40.34 -85.22 -11.82
CA LYS B 285 41.30 -84.11 -11.85
C LYS B 285 40.64 -82.89 -12.45
N ILE B 286 40.67 -81.78 -11.70
CA ILE B 286 39.97 -80.58 -12.08
C ILE B 286 40.88 -79.37 -12.15
N ALA B 287 40.75 -78.59 -13.23
CA ALA B 287 41.49 -77.34 -13.36
C ALA B 287 40.55 -76.15 -13.34
N LEU B 288 40.72 -75.28 -12.35
CA LEU B 288 39.93 -74.07 -12.26
C LEU B 288 40.74 -72.87 -12.72
N VAL B 289 40.31 -72.27 -13.84
CA VAL B 289 40.99 -71.14 -14.43
C VAL B 289 40.21 -69.87 -14.17
N GLY B 290 40.89 -68.82 -13.71
CA GLY B 290 40.24 -67.57 -13.46
C GLY B 290 40.86 -66.42 -14.23
N LYS B 291 40.01 -65.55 -14.78
CA LYS B 291 40.50 -64.36 -15.46
C LYS B 291 41.10 -63.44 -14.42
N GLY B 292 42.34 -63.02 -14.65
CA GLY B 292 43.06 -62.25 -13.65
C GLY B 292 43.62 -60.93 -14.13
N ILE B 293 42.74 -60.04 -14.58
CA ILE B 293 43.15 -58.71 -14.94
C ILE B 293 42.93 -57.77 -13.75
N THR B 294 44.03 -57.37 -13.11
CA THR B 294 43.97 -56.59 -11.89
C THR B 294 43.37 -55.22 -12.16
N PHE B 295 43.58 -54.73 -13.38
CA PHE B 295 42.88 -53.54 -13.86
C PHE B 295 42.74 -53.55 -15.38
N ASP B 296 41.55 -53.17 -15.85
CA ASP B 296 41.26 -53.15 -17.28
C ASP B 296 40.99 -51.73 -17.79
N SER B 297 42.03 -51.09 -18.30
CA SER B 297 41.87 -49.78 -18.92
C SER B 297 41.22 -49.91 -20.28
N GLY B 298 41.37 -51.09 -20.89
CA GLY B 298 40.85 -51.34 -22.21
C GLY B 298 41.96 -51.28 -23.24
N GLY B 299 43.11 -50.76 -22.82
CA GLY B 299 44.23 -50.56 -23.72
C GLY B 299 44.01 -49.41 -24.67
N TYR B 300 44.58 -49.50 -25.86
CA TYR B 300 44.45 -48.45 -26.86
C TYR B 300 42.99 -48.33 -27.30
N ASN B 301 42.25 -49.43 -27.18
CA ASN B 301 40.81 -49.36 -27.24
C ASN B 301 40.28 -48.96 -25.86
N LEU B 302 40.66 -47.76 -25.45
CA LEU B 302 40.42 -47.25 -24.10
C LEU B 302 38.94 -47.24 -23.73
N LYS B 303 38.64 -47.57 -22.49
CA LYS B 303 37.27 -47.47 -22.00
C LYS B 303 36.97 -46.00 -21.78
N ALA B 304 36.74 -45.28 -22.88
CA ALA B 304 36.47 -43.85 -22.84
C ALA B 304 35.02 -43.56 -23.19
N ALA B 305 34.36 -44.55 -23.77
CA ALA B 305 32.96 -44.38 -24.15
C ALA B 305 32.08 -44.31 -22.90
N PRO B 306 31.00 -43.53 -22.98
CA PRO B 306 30.05 -43.41 -21.88
C PRO B 306 29.49 -44.78 -21.50
N GLY B 307 29.49 -45.11 -20.21
CA GLY B 307 28.96 -46.37 -19.75
C GLY B 307 30.00 -47.48 -19.71
N SER B 308 31.24 -47.14 -20.03
CA SER B 308 32.33 -48.12 -20.00
C SER B 308 32.65 -48.50 -18.56
N MET B 309 32.28 -47.62 -17.63
CA MET B 309 32.44 -47.88 -16.19
C MET B 309 33.87 -48.26 -15.87
N ILE B 310 34.81 -47.38 -16.26
CA ILE B 310 36.23 -47.66 -16.11
C ILE B 310 36.67 -47.70 -14.65
N ASP B 311 35.95 -46.99 -13.78
CA ASP B 311 36.30 -46.96 -12.36
C ASP B 311 36.02 -48.29 -11.69
N LEU B 312 35.19 -49.11 -12.33
CA LEU B 312 34.85 -50.42 -11.80
C LEU B 312 35.88 -51.48 -12.18
N MET B 313 36.71 -51.19 -13.18
CA MET B 313 37.52 -52.21 -13.82
C MET B 313 38.64 -52.78 -12.94
N LYS B 314 38.57 -52.51 -11.64
CA LYS B 314 39.40 -53.21 -10.69
C LYS B 314 38.81 -54.60 -10.46
N PHE B 315 37.53 -54.75 -10.80
CA PHE B 315 36.80 -55.99 -10.57
C PHE B 315 37.16 -57.05 -11.59
N ASP B 316 37.98 -56.69 -12.58
CA ASP B 316 38.25 -57.59 -13.70
C ASP B 316 39.13 -58.78 -13.28
N MET B 317 39.43 -58.88 -11.99
CA MET B 317 40.14 -60.03 -11.46
C MET B 317 39.21 -60.88 -10.59
N SER B 318 37.91 -60.71 -10.79
CA SER B 318 36.91 -61.40 -9.98
C SER B 318 36.96 -62.91 -10.20
N GLY B 319 37.27 -63.32 -11.43
CA GLY B 319 37.42 -64.72 -11.75
C GLY B 319 38.53 -65.34 -10.94
N CYS B 320 39.67 -64.64 -10.90
CA CYS B 320 40.81 -65.08 -10.10
C CYS B 320 40.45 -65.13 -8.63
N ALA B 321 39.73 -64.10 -8.17
CA ALA B 321 39.32 -64.03 -6.77
C ALA B 321 38.41 -65.20 -6.44
N ALA B 322 37.59 -65.60 -7.41
CA ALA B 322 36.68 -66.72 -7.23
C ALA B 322 37.45 -68.03 -7.09
N VAL B 323 38.49 -68.21 -7.91
CA VAL B 323 39.32 -69.40 -7.85
C VAL B 323 40.09 -69.48 -6.54
N LEU B 324 40.63 -68.34 -6.12
CA LEU B 324 41.37 -68.26 -4.87
C LEU B 324 40.46 -68.53 -3.70
N GLY B 325 39.24 -67.99 -3.77
CA GLY B 325 38.24 -68.25 -2.75
C GLY B 325 37.93 -69.73 -2.69
N CYS B 326 37.84 -70.36 -3.86
CA CYS B 326 37.63 -71.80 -3.95
C CYS B 326 38.81 -72.56 -3.37
N ALA B 327 40.02 -72.10 -3.67
CA ALA B 327 41.23 -72.72 -3.17
C ALA B 327 41.24 -72.74 -1.65
N TYR B 328 40.70 -71.68 -1.05
CA TYR B 328 40.60 -71.60 0.40
C TYR B 328 39.63 -72.64 0.97
N CYS B 329 38.42 -72.67 0.43
CA CYS B 329 37.39 -73.59 0.91
C CYS B 329 37.83 -75.03 0.70
N VAL B 330 38.37 -75.31 -0.47
CA VAL B 330 38.88 -76.63 -0.80
C VAL B 330 40.06 -76.99 0.10
N GLY B 331 40.97 -76.04 0.27
CA GLY B 331 42.13 -76.24 1.12
C GLY B 331 41.75 -76.47 2.57
N THR B 332 40.64 -75.90 3.00
CA THR B 332 40.18 -76.04 4.37
C THR B 332 39.37 -77.31 4.61
N LEU B 333 38.41 -77.57 3.71
CA LEU B 333 37.53 -78.73 3.89
C LEU B 333 38.23 -80.04 3.50
N LYS B 334 39.22 -79.94 2.63
CA LYS B 334 40.04 -81.10 2.27
C LYS B 334 39.25 -82.30 1.76
N PRO B 335 38.70 -82.19 0.54
CA PRO B 335 37.97 -83.30 -0.06
C PRO B 335 38.91 -84.44 -0.46
N GLU B 336 38.38 -85.66 -0.61
CA GLU B 336 39.22 -86.81 -0.93
C GLU B 336 39.08 -87.24 -2.39
N ASN B 337 40.12 -87.92 -2.90
CA ASN B 337 40.09 -88.51 -4.24
C ASN B 337 39.95 -87.48 -5.37
N VAL B 338 40.49 -86.28 -5.16
CA VAL B 338 40.42 -85.24 -6.17
C VAL B 338 41.71 -84.45 -6.23
N GLU B 339 42.11 -84.07 -7.44
CA GLU B 339 43.27 -83.21 -7.64
C GLU B 339 42.86 -81.95 -8.37
N ILE B 340 43.04 -80.80 -7.74
CA ILE B 340 42.57 -79.53 -8.29
C ILE B 340 43.71 -78.56 -8.59
N HIS B 341 43.73 -78.05 -9.81
CA HIS B 341 44.69 -77.02 -10.20
C HIS B 341 44.00 -75.67 -10.27
N PHE B 342 44.50 -74.72 -9.49
CA PHE B 342 43.94 -73.37 -9.48
C PHE B 342 44.81 -72.46 -10.33
N LEU B 343 44.30 -72.11 -11.51
CA LEU B 343 45.08 -71.37 -12.48
C LEU B 343 44.54 -69.97 -12.68
N SER B 344 45.43 -69.02 -12.92
CA SER B 344 45.04 -67.68 -13.28
C SER B 344 46.22 -66.95 -13.93
N ALA B 345 46.02 -66.50 -15.15
CA ALA B 345 47.02 -65.70 -15.83
C ALA B 345 46.81 -64.24 -15.46
N VAL B 346 47.56 -63.77 -14.47
CA VAL B 346 47.35 -62.43 -13.93
C VAL B 346 48.21 -61.40 -14.65
N CYS B 347 47.59 -60.31 -15.04
CA CYS B 347 48.29 -59.21 -15.69
C CYS B 347 47.45 -57.95 -15.66
N GLU B 348 47.98 -56.88 -16.26
CA GLU B 348 47.29 -55.61 -16.29
C GLU B 348 47.23 -55.07 -17.72
N ASN B 349 46.03 -54.69 -18.16
CA ASN B 349 45.85 -54.14 -19.50
C ASN B 349 45.92 -52.62 -19.45
N MET B 350 47.03 -52.06 -19.92
CA MET B 350 47.29 -50.64 -19.78
C MET B 350 47.68 -49.98 -21.10
N VAL B 351 47.71 -48.65 -21.09
CA VAL B 351 48.11 -47.89 -22.27
C VAL B 351 49.54 -47.39 -22.10
N SER B 352 50.39 -47.70 -23.06
CA SER B 352 51.81 -47.40 -22.96
C SER B 352 52.48 -47.48 -24.33
N LYS B 353 53.73 -47.05 -24.41
CA LYS B 353 54.52 -47.24 -25.62
C LYS B 353 54.79 -48.72 -25.82
N ASN B 354 54.76 -49.46 -24.71
CA ASN B 354 55.04 -50.89 -24.71
C ASN B 354 53.78 -51.73 -24.92
N SER B 355 52.62 -51.08 -24.87
CA SER B 355 51.33 -51.76 -25.01
C SER B 355 51.19 -52.44 -26.38
N TYR B 356 50.38 -53.50 -26.43
CA TYR B 356 50.09 -54.15 -27.70
C TYR B 356 48.99 -53.36 -28.41
N ARG B 357 49.02 -53.39 -29.75
CA ARG B 357 48.15 -52.53 -30.55
C ARG B 357 46.99 -53.28 -31.20
N PRO B 358 45.92 -52.55 -31.51
CA PRO B 358 44.85 -53.10 -32.34
C PRO B 358 45.39 -53.47 -33.72
N GLY B 359 45.10 -54.68 -34.18
CA GLY B 359 45.59 -55.14 -35.47
C GLY B 359 46.79 -56.06 -35.33
N ASP B 360 47.41 -56.02 -34.16
CA ASP B 360 48.54 -56.90 -33.85
C ASP B 360 48.17 -58.37 -33.97
N ILE B 361 49.06 -59.15 -34.57
CA ILE B 361 48.90 -60.60 -34.61
C ILE B 361 49.83 -61.28 -33.61
N ILE B 362 49.27 -62.04 -32.68
CA ILE B 362 50.06 -62.70 -31.64
C ILE B 362 49.94 -64.22 -31.73
N THR B 363 50.88 -64.92 -31.10
CA THR B 363 50.93 -66.38 -31.18
C THR B 363 50.74 -67.04 -29.82
N ALA B 364 49.67 -67.82 -29.69
CA ALA B 364 49.37 -68.52 -28.44
C ALA B 364 50.28 -69.73 -28.23
N SER B 365 50.20 -70.32 -27.03
CA SER B 365 51.08 -71.42 -26.65
C SER B 365 50.74 -72.73 -27.33
N ASN B 366 49.62 -72.75 -28.06
CA ASN B 366 49.21 -73.93 -28.81
C ASN B 366 49.49 -73.78 -30.31
N GLY B 367 50.22 -72.74 -30.67
CA GLY B 367 50.65 -72.53 -32.04
C GLY B 367 49.72 -71.68 -32.89
N LYS B 368 48.50 -71.46 -32.43
CA LYS B 368 47.53 -70.68 -33.18
C LYS B 368 47.85 -69.18 -33.13
N THR B 369 47.85 -68.55 -34.30
CA THR B 369 48.09 -67.11 -34.41
C THR B 369 46.76 -66.36 -34.29
N ILE B 370 46.77 -65.26 -33.56
CA ILE B 370 45.55 -64.50 -33.28
C ILE B 370 45.66 -63.03 -33.71
N GLU B 371 44.73 -62.59 -34.54
CA GLU B 371 44.65 -61.18 -34.90
C GLU B 371 43.82 -60.41 -33.88
N VAL B 372 44.48 -59.47 -33.19
CA VAL B 372 43.80 -58.66 -32.18
C VAL B 372 42.95 -57.59 -32.83
N GLY B 373 41.64 -57.64 -32.60
CA GLY B 373 40.74 -56.66 -33.17
C GLY B 373 40.38 -55.57 -32.19
N ASN B 374 40.55 -55.86 -30.90
CA ASN B 374 40.22 -54.91 -29.84
C ASN B 374 41.01 -55.22 -28.58
N THR B 375 41.79 -54.24 -28.12
CA THR B 375 42.65 -54.44 -26.97
C THR B 375 41.86 -54.54 -25.66
N ASP B 376 40.57 -54.23 -25.72
CA ASP B 376 39.71 -54.32 -24.55
C ASP B 376 39.13 -55.73 -24.39
N ALA B 377 39.35 -56.57 -25.40
CA ALA B 377 38.97 -57.97 -25.31
C ALA B 377 40.18 -58.82 -24.90
N GLU B 378 40.82 -58.43 -23.80
CA GLU B 378 42.09 -59.04 -23.41
C GLU B 378 41.91 -60.33 -22.62
N GLY B 379 40.77 -60.43 -21.94
CA GLY B 379 40.50 -61.57 -21.08
C GLY B 379 40.56 -62.90 -21.80
N ARG B 380 40.04 -62.94 -23.02
CA ARG B 380 40.01 -64.17 -23.80
C ARG B 380 41.42 -64.52 -24.29
N LEU B 381 42.25 -63.49 -24.43
CA LEU B 381 43.64 -63.69 -24.84
C LEU B 381 44.43 -64.36 -23.71
N THR B 382 44.22 -63.88 -22.50
CA THR B 382 44.89 -64.44 -21.33
C THR B 382 44.33 -65.82 -21.02
N LEU B 383 43.02 -65.98 -21.16
CA LEU B 383 42.38 -67.26 -20.90
C LEU B 383 42.78 -68.33 -21.92
N ALA B 384 43.07 -67.92 -23.15
CA ALA B 384 43.50 -68.85 -24.19
C ALA B 384 44.76 -69.61 -23.78
N ASP B 385 45.80 -68.88 -23.41
CA ASP B 385 47.06 -69.50 -23.01
C ASP B 385 46.89 -70.25 -21.70
N ALA B 386 46.01 -69.72 -20.84
CA ALA B 386 45.72 -70.38 -19.57
C ALA B 386 45.04 -71.72 -19.80
N LEU B 387 44.18 -71.77 -20.82
CA LEU B 387 43.45 -72.99 -21.16
C LEU B 387 44.35 -74.04 -21.82
N VAL B 388 45.30 -73.58 -22.62
CA VAL B 388 46.26 -74.49 -23.24
C VAL B 388 47.11 -75.13 -22.15
N TYR B 389 47.55 -74.29 -21.22
CA TYR B 389 48.30 -74.73 -20.04
C TYR B 389 47.47 -75.72 -19.23
N ALA B 390 46.17 -75.44 -19.11
CA ALA B 390 45.27 -76.25 -18.29
C ALA B 390 45.12 -77.65 -18.87
N GLU B 391 44.90 -77.75 -20.18
CA GLU B 391 44.70 -79.05 -20.81
C GLU B 391 45.99 -79.87 -20.80
N LYS B 392 47.13 -79.19 -20.79
CA LYS B 392 48.42 -79.87 -20.72
C LYS B 392 48.58 -80.62 -19.40
N LEU B 393 47.83 -80.18 -18.39
CA LEU B 393 47.88 -80.82 -17.07
C LEU B 393 47.23 -82.20 -17.11
N GLY B 394 46.45 -82.46 -18.17
CA GLY B 394 45.79 -83.74 -18.34
C GLY B 394 44.64 -83.94 -17.37
N VAL B 395 43.64 -83.07 -17.45
CA VAL B 395 42.51 -83.11 -16.52
C VAL B 395 41.22 -83.62 -17.15
N ASP B 396 40.26 -83.95 -16.29
CA ASP B 396 38.95 -84.40 -16.74
C ASP B 396 38.07 -83.20 -17.04
N TYR B 397 38.18 -82.17 -16.21
CA TYR B 397 37.36 -80.98 -16.35
C TYR B 397 38.19 -79.70 -16.35
N ILE B 398 37.97 -78.85 -17.35
CA ILE B 398 38.55 -77.50 -17.34
C ILE B 398 37.43 -76.46 -17.21
N VAL B 399 37.45 -75.71 -16.11
CA VAL B 399 36.43 -74.68 -15.87
C VAL B 399 37.01 -73.30 -15.61
N ASP B 400 36.79 -72.37 -16.53
CA ASP B 400 37.22 -71.00 -16.35
C ASP B 400 36.06 -70.13 -15.87
N ILE B 401 36.38 -69.08 -15.12
CA ILE B 401 35.36 -68.15 -14.62
C ILE B 401 35.90 -66.73 -14.75
N ALA B 402 35.13 -65.84 -15.39
CA ALA B 402 35.66 -64.53 -15.75
C ALA B 402 34.61 -63.47 -16.02
N THR B 403 34.89 -62.26 -15.58
CA THR B 403 34.12 -61.08 -15.95
C THR B 403 34.52 -60.71 -17.38
N LEU B 404 34.04 -61.51 -18.34
CA LEU B 404 34.57 -61.48 -19.69
C LEU B 404 33.86 -60.47 -20.58
N THR B 405 32.53 -60.51 -20.56
CA THR B 405 31.76 -59.67 -21.47
C THR B 405 30.70 -58.83 -20.74
N GLY B 406 30.66 -57.54 -21.05
CA GLY B 406 29.70 -56.65 -20.45
C GLY B 406 28.29 -56.92 -20.94
N ALA B 407 28.20 -57.62 -22.07
CA ALA B 407 26.91 -57.96 -22.67
C ALA B 407 26.04 -58.80 -21.74
N MET B 408 26.66 -59.42 -20.75
CA MET B 408 25.93 -60.24 -19.79
C MET B 408 24.88 -59.42 -19.04
N LEU B 409 25.15 -58.12 -18.90
CA LEU B 409 24.20 -57.22 -18.27
C LEU B 409 22.92 -57.08 -19.09
N TYR B 410 23.05 -57.30 -20.40
CA TYR B 410 21.91 -57.25 -21.30
C TYR B 410 21.29 -58.63 -21.48
N SER B 411 22.09 -59.66 -21.19
CA SER B 411 21.61 -61.03 -21.29
C SER B 411 20.84 -61.42 -20.04
N LEU B 412 21.56 -61.72 -18.97
CA LEU B 412 20.95 -62.21 -17.74
C LEU B 412 20.86 -61.15 -16.64
N GLY B 413 21.64 -60.08 -16.79
CA GLY B 413 21.62 -59.00 -15.81
C GLY B 413 22.61 -59.17 -14.68
N THR B 414 22.21 -58.78 -13.47
CA THR B 414 23.12 -58.73 -12.34
C THR B 414 22.95 -59.88 -11.36
N SER B 415 21.90 -60.69 -11.53
CA SER B 415 21.59 -61.74 -10.58
C SER B 415 22.04 -63.11 -11.07
N TYR B 416 21.83 -63.38 -12.35
CA TYR B 416 22.18 -64.68 -12.91
C TYR B 416 23.46 -64.58 -13.73
N ALA B 417 24.38 -65.51 -13.51
CA ALA B 417 25.58 -65.61 -14.32
C ALA B 417 25.34 -66.56 -15.48
N GLY B 418 26.12 -66.40 -16.55
CA GLY B 418 25.98 -67.27 -17.70
C GLY B 418 27.08 -68.30 -17.76
N VAL B 419 26.73 -69.54 -18.07
CA VAL B 419 27.72 -70.60 -18.20
C VAL B 419 27.71 -71.21 -19.60
N PHE B 420 28.89 -71.30 -20.20
CA PHE B 420 29.03 -71.91 -21.52
C PHE B 420 29.90 -73.17 -21.42
N GLY B 421 29.90 -73.98 -22.47
CA GLY B 421 30.72 -75.19 -22.46
C GLY B 421 30.63 -76.03 -23.73
N ASN B 422 31.49 -77.04 -23.80
CA ASN B 422 31.49 -77.99 -24.92
C ASN B 422 31.05 -79.37 -24.48
N ASN B 423 30.68 -79.50 -23.21
CA ASN B 423 30.30 -80.78 -22.62
C ASN B 423 29.05 -80.61 -21.78
N GLU B 424 28.01 -81.38 -22.12
CA GLU B 424 26.70 -81.18 -21.52
C GLU B 424 26.60 -81.72 -20.10
N GLU B 425 27.38 -82.76 -19.81
CA GLU B 425 27.36 -83.35 -18.48
C GLU B 425 28.10 -82.44 -17.50
N LEU B 426 29.17 -81.81 -17.98
CA LEU B 426 29.94 -80.89 -17.16
C LEU B 426 29.12 -79.64 -16.81
N ILE B 427 28.35 -79.16 -17.77
CA ILE B 427 27.49 -78.00 -17.55
C ILE B 427 26.42 -78.28 -16.52
N ASN B 428 25.82 -79.47 -16.57
CA ASN B 428 24.79 -79.83 -15.61
C ASN B 428 25.34 -79.91 -14.19
N LYS B 429 26.62 -80.26 -14.07
CA LYS B 429 27.26 -80.29 -12.77
C LYS B 429 27.47 -78.87 -12.25
N ILE B 430 27.84 -77.97 -13.17
CA ILE B 430 27.95 -76.55 -12.83
C ILE B 430 26.60 -75.99 -12.42
N LEU B 431 25.57 -76.34 -13.20
CA LEU B 431 24.20 -75.89 -12.93
C LEU B 431 23.69 -76.50 -11.63
N GLN B 432 24.06 -77.76 -11.41
CA GLN B 432 23.70 -78.47 -10.19
C GLN B 432 24.35 -77.80 -8.99
N SER B 433 25.57 -77.31 -9.17
CA SER B 433 26.28 -76.58 -8.12
C SER B 433 25.65 -75.22 -7.89
N SER B 434 25.14 -74.61 -8.96
CA SER B 434 24.46 -73.33 -8.86
C SER B 434 23.25 -73.40 -7.93
N LYS B 435 22.51 -74.51 -8.02
CA LYS B 435 21.33 -74.71 -7.19
C LYS B 435 21.70 -74.87 -5.72
N THR B 436 22.75 -75.63 -5.46
CA THR B 436 23.16 -75.96 -4.09
C THR B 436 24.09 -74.88 -3.52
N SER B 437 24.85 -74.22 -4.37
CA SER B 437 25.70 -73.12 -3.91
C SER B 437 24.85 -71.87 -3.71
N ASN B 438 23.65 -71.89 -4.29
CA ASN B 438 22.73 -70.77 -4.23
C ASN B 438 23.30 -69.54 -4.93
N GLU B 439 24.20 -69.77 -5.89
CA GLU B 439 24.67 -68.72 -6.77
C GLU B 439 24.10 -68.98 -8.16
N PRO B 440 23.08 -68.20 -8.54
CA PRO B 440 22.27 -68.47 -9.73
C PRO B 440 23.06 -68.39 -11.02
N VAL B 441 22.88 -69.41 -11.85
CA VAL B 441 23.57 -69.51 -13.14
C VAL B 441 22.60 -70.02 -14.20
N TRP B 442 22.67 -69.44 -15.39
CA TRP B 442 21.83 -69.88 -16.49
C TRP B 442 22.68 -70.40 -17.64
N TRP B 443 22.24 -71.51 -18.24
CA TRP B 443 22.98 -72.12 -19.33
C TRP B 443 22.73 -71.37 -20.64
N LEU B 444 23.81 -70.94 -21.28
CA LEU B 444 23.72 -70.29 -22.58
C LEU B 444 24.45 -71.11 -23.65
N PRO B 445 24.01 -70.99 -24.90
CA PRO B 445 24.48 -71.83 -26.01
C PRO B 445 25.72 -71.27 -26.71
N ILE B 446 26.60 -72.16 -27.15
CA ILE B 446 27.70 -71.78 -28.04
C ILE B 446 27.29 -72.01 -29.49
N ILE B 447 26.94 -70.93 -30.18
CA ILE B 447 26.39 -71.03 -31.52
C ILE B 447 27.47 -71.07 -32.60
N ASN B 448 27.66 -72.24 -33.19
CA ASN B 448 28.76 -72.46 -34.15
C ASN B 448 28.62 -71.67 -35.44
N GLU B 449 27.43 -71.16 -35.71
CA GLU B 449 27.20 -70.37 -36.92
C GLU B 449 27.97 -69.06 -36.86
N TYR B 450 28.27 -68.60 -35.64
CA TYR B 450 29.00 -67.36 -35.45
C TYR B 450 30.51 -67.55 -35.63
N ARG B 451 30.96 -68.80 -35.55
CA ARG B 451 32.39 -69.12 -35.59
C ARG B 451 33.09 -68.57 -36.83
N ALA B 452 32.35 -68.46 -37.93
CA ALA B 452 32.93 -67.98 -39.18
C ALA B 452 33.34 -66.51 -39.06
N THR B 453 32.78 -65.82 -38.08
CA THR B 453 33.07 -64.42 -37.87
C THR B 453 34.42 -64.22 -37.18
N LEU B 454 34.99 -65.33 -36.68
CA LEU B 454 36.31 -65.30 -36.05
C LEU B 454 37.40 -65.69 -37.05
N ASN B 455 37.01 -65.88 -38.30
CA ASN B 455 37.95 -66.28 -39.35
C ASN B 455 38.81 -65.12 -39.86
N SER B 456 40.05 -65.07 -39.38
CA SER B 456 40.99 -64.01 -39.76
C SER B 456 41.56 -64.20 -41.16
N LYS B 457 41.86 -63.10 -41.83
CA LYS B 457 42.43 -63.16 -43.17
C LYS B 457 43.91 -63.56 -43.20
N TYR B 458 44.64 -63.23 -42.14
CA TYR B 458 46.08 -63.46 -42.13
C TYR B 458 46.51 -64.41 -41.02
N ALA B 459 45.97 -64.22 -39.83
CA ALA B 459 46.26 -65.10 -38.71
C ALA B 459 45.35 -66.32 -38.76
N ASP B 460 45.54 -67.26 -37.82
CA ASP B 460 44.69 -68.45 -37.78
C ASP B 460 43.26 -68.08 -37.38
N ILE B 461 43.13 -67.20 -36.40
CA ILE B 461 41.82 -66.86 -35.88
C ILE B 461 41.74 -65.42 -35.40
N ASN B 462 40.56 -64.83 -35.54
CA ASN B 462 40.30 -63.49 -35.05
C ASN B 462 40.02 -63.48 -33.56
N GLN B 463 40.40 -62.40 -32.90
CA GLN B 463 40.10 -62.22 -31.48
C GLN B 463 38.64 -61.87 -31.28
N ILE B 464 38.13 -60.97 -32.13
CA ILE B 464 36.76 -60.53 -32.02
C ILE B 464 36.00 -60.71 -33.34
N SER B 465 34.68 -60.54 -33.28
CA SER B 465 33.83 -60.60 -34.45
C SER B 465 33.55 -59.21 -35.02
N SER B 466 33.42 -59.12 -36.33
CA SER B 466 33.11 -57.84 -36.96
C SER B 466 31.63 -57.47 -36.85
N SER B 467 30.74 -58.44 -37.06
CA SER B 467 29.30 -58.17 -37.11
C SER B 467 28.55 -58.55 -35.84
N VAL B 468 28.54 -59.85 -35.53
CA VAL B 468 27.72 -60.40 -34.45
C VAL B 468 28.00 -59.75 -33.10
N LYS B 469 26.94 -59.25 -32.47
CA LYS B 469 27.06 -58.52 -31.21
C LYS B 469 26.82 -59.39 -29.99
N ALA B 470 26.53 -60.67 -30.22
CA ALA B 470 26.42 -61.63 -29.13
C ALA B 470 27.82 -61.99 -28.62
N SER B 471 28.47 -61.01 -28.00
CA SER B 471 29.88 -61.12 -27.64
C SER B 471 30.19 -62.21 -26.62
N SER B 472 29.24 -62.52 -25.74
CA SER B 472 29.45 -63.54 -24.73
C SER B 472 29.58 -64.90 -25.40
N ILE B 473 28.81 -65.07 -26.47
CA ILE B 473 28.83 -66.31 -27.24
C ILE B 473 30.07 -66.33 -28.15
N VAL B 474 30.38 -65.20 -28.75
CA VAL B 474 31.54 -65.08 -29.62
C VAL B 474 32.83 -65.36 -28.86
N ALA B 475 32.92 -64.82 -27.64
CA ALA B 475 34.07 -65.05 -26.77
C ALA B 475 34.23 -66.54 -26.47
N SER B 476 33.10 -67.20 -26.22
CA SER B 476 33.08 -68.63 -25.93
C SER B 476 33.58 -69.45 -27.11
N LEU B 477 33.23 -69.01 -28.32
CA LEU B 477 33.67 -69.65 -29.54
C LEU B 477 35.19 -69.56 -29.69
N PHE B 478 35.75 -68.44 -29.27
CA PHE B 478 37.18 -68.22 -29.28
C PHE B 478 37.86 -69.17 -28.30
N LEU B 479 37.31 -69.25 -27.09
CA LEU B 479 37.84 -70.10 -26.03
C LEU B 479 37.82 -71.58 -26.43
N LYS B 480 36.76 -72.00 -27.12
CA LYS B 480 36.62 -73.40 -27.51
C LYS B 480 37.78 -73.87 -28.39
N GLU B 481 38.40 -72.93 -29.09
CA GLU B 481 39.50 -73.26 -29.99
C GLU B 481 40.78 -73.64 -29.26
N PHE B 482 40.85 -73.33 -27.97
CA PHE B 482 42.06 -73.60 -27.19
C PHE B 482 41.84 -74.76 -26.23
N VAL B 483 40.78 -75.53 -26.49
CA VAL B 483 40.55 -76.79 -25.82
C VAL B 483 40.26 -77.84 -26.88
N GLN B 484 41.15 -78.82 -27.02
CA GLN B 484 41.06 -79.76 -28.14
C GLN B 484 40.24 -80.98 -27.78
N ASN B 485 40.52 -81.59 -26.64
CA ASN B 485 39.80 -82.82 -26.27
C ASN B 485 39.57 -82.97 -24.78
N THR B 486 39.06 -81.93 -24.13
CA THR B 486 38.77 -81.98 -22.70
C THR B 486 37.45 -81.29 -22.39
N ALA B 487 36.71 -81.87 -21.45
CA ALA B 487 35.46 -81.27 -21.00
C ALA B 487 35.72 -79.89 -20.42
N TRP B 488 35.07 -78.87 -20.97
CA TRP B 488 35.35 -77.50 -20.58
C TRP B 488 34.09 -76.66 -20.44
N ALA B 489 34.02 -75.92 -19.33
CA ALA B 489 32.90 -75.02 -19.08
C ALA B 489 33.41 -73.61 -18.80
N HIS B 490 32.63 -72.61 -19.20
CA HIS B 490 33.01 -71.21 -19.06
C HIS B 490 31.90 -70.42 -18.40
N ILE B 491 32.19 -69.85 -17.22
CA ILE B 491 31.19 -69.08 -16.50
C ILE B 491 31.49 -67.59 -16.63
N ASP B 492 30.64 -66.89 -17.37
CA ASP B 492 30.83 -65.47 -17.59
C ASP B 492 30.11 -64.69 -16.50
N ILE B 493 30.89 -64.09 -15.61
CA ILE B 493 30.34 -63.44 -14.42
C ILE B 493 30.54 -61.92 -14.42
N ALA B 494 30.63 -61.33 -15.61
CA ALA B 494 30.83 -59.90 -15.73
C ALA B 494 29.65 -59.11 -15.14
N GLY B 495 28.45 -59.64 -15.30
CA GLY B 495 27.25 -58.95 -14.85
C GLY B 495 26.94 -59.08 -13.37
N VAL B 496 27.30 -60.21 -12.79
CA VAL B 496 26.91 -60.52 -11.41
C VAL B 496 27.99 -60.20 -10.38
N SER B 497 29.21 -59.93 -10.86
CA SER B 497 30.37 -59.81 -9.97
C SER B 497 30.26 -58.64 -9.00
N TRP B 498 29.75 -57.51 -9.47
CA TRP B 498 29.67 -56.31 -8.63
C TRP B 498 28.22 -56.03 -8.20
N ASN B 499 28.04 -55.82 -6.89
CA ASN B 499 26.74 -55.44 -6.35
C ASN B 499 26.59 -53.93 -6.43
N PHE B 500 25.95 -53.47 -7.49
CA PHE B 500 25.87 -52.04 -7.80
C PHE B 500 25.08 -51.24 -6.77
N LYS B 501 24.06 -51.85 -6.17
CA LYS B 501 23.22 -51.16 -5.19
C LYS B 501 23.96 -50.97 -3.87
N ALA B 502 24.68 -51.99 -3.43
CA ALA B 502 25.40 -51.94 -2.16
C ALA B 502 26.80 -51.34 -2.33
N ARG B 503 27.18 -51.07 -3.57
CA ARG B 503 28.48 -50.49 -3.88
C ARG B 503 29.63 -51.36 -3.38
N LYS B 504 29.50 -52.67 -3.57
CA LYS B 504 30.52 -53.61 -3.14
C LYS B 504 30.48 -54.89 -3.98
N PRO B 505 31.53 -55.71 -3.89
CA PRO B 505 31.60 -56.98 -4.63
C PRO B 505 30.67 -58.02 -4.02
N LYS B 506 30.28 -59.02 -4.81
CA LYS B 506 29.44 -60.09 -4.31
C LYS B 506 30.29 -61.28 -3.86
N GLY B 507 31.50 -61.37 -4.39
CA GLY B 507 32.33 -62.54 -4.17
C GLY B 507 31.71 -63.73 -4.86
N PHE B 508 31.12 -63.49 -6.03
CA PHE B 508 30.39 -64.50 -6.76
C PHE B 508 31.29 -65.58 -7.34
N GLY B 509 30.85 -66.83 -7.24
CA GLY B 509 31.56 -67.94 -7.83
C GLY B 509 32.26 -68.87 -6.85
N VAL B 510 32.66 -68.32 -5.70
CA VAL B 510 33.42 -69.09 -4.72
C VAL B 510 32.62 -70.31 -4.25
N ARG B 511 31.39 -70.07 -3.80
CA ARG B 511 30.54 -71.16 -3.31
C ARG B 511 30.09 -72.09 -4.44
N LEU B 512 29.85 -71.52 -5.62
CA LEU B 512 29.46 -72.31 -6.77
C LEU B 512 30.53 -73.35 -7.12
N LEU B 513 31.78 -72.90 -7.20
CA LEU B 513 32.89 -73.77 -7.57
C LEU B 513 33.20 -74.79 -6.48
N THR B 514 33.07 -74.39 -5.22
CA THR B 514 33.37 -75.28 -4.10
C THR B 514 32.36 -76.42 -4.06
N GLU B 515 31.09 -76.10 -4.28
CA GLU B 515 30.06 -77.12 -4.36
C GLU B 515 30.32 -78.05 -5.54
N PHE B 516 30.87 -77.50 -6.61
CA PHE B 516 31.21 -78.28 -7.79
C PHE B 516 32.29 -79.31 -7.47
N VAL B 517 33.30 -78.89 -6.71
CA VAL B 517 34.39 -79.78 -6.36
C VAL B 517 33.93 -80.76 -5.29
N LEU B 518 33.36 -80.23 -4.21
CA LEU B 518 32.89 -81.04 -3.11
C LEU B 518 31.47 -81.55 -3.32
N SER C 3 69.28 -50.43 -36.01
CA SER C 3 69.13 -51.66 -36.78
C SER C 3 68.52 -52.78 -35.94
N GLU C 4 68.75 -52.73 -34.64
CA GLU C 4 68.22 -53.75 -33.74
C GLU C 4 66.81 -53.40 -33.30
N VAL C 5 65.88 -54.33 -33.49
CA VAL C 5 64.49 -54.08 -33.11
C VAL C 5 64.28 -54.33 -31.62
N PRO C 6 63.90 -53.27 -30.89
CA PRO C 6 63.65 -53.38 -29.45
C PRO C 6 62.46 -54.29 -29.12
N GLN C 7 62.53 -54.99 -28.00
CA GLN C 7 61.45 -55.92 -27.61
C GLN C 7 60.93 -55.67 -26.19
N VAL C 8 59.65 -55.93 -25.98
CA VAL C 8 59.08 -55.92 -24.64
C VAL C 8 59.13 -57.32 -24.04
N VAL C 9 58.77 -58.32 -24.84
CA VAL C 9 58.94 -59.71 -24.46
C VAL C 9 59.79 -60.41 -25.52
N SER C 10 60.33 -61.57 -25.19
CA SER C 10 61.22 -62.27 -26.12
C SER C 10 60.44 -62.79 -27.32
N LEU C 11 59.12 -62.81 -27.20
CA LEU C 11 58.26 -63.33 -28.26
C LEU C 11 57.91 -62.26 -29.29
N ASP C 12 58.29 -61.01 -29.01
CA ASP C 12 58.06 -59.93 -29.96
C ASP C 12 58.94 -60.13 -31.19
N PRO C 13 58.32 -60.11 -32.37
CA PRO C 13 59.05 -60.32 -33.62
C PRO C 13 60.07 -59.21 -33.85
N THR C 14 61.19 -59.54 -34.48
CA THR C 14 62.27 -58.57 -34.66
C THR C 14 62.49 -58.26 -36.13
N SER C 15 61.63 -58.80 -36.98
CA SER C 15 61.69 -58.53 -38.41
C SER C 15 60.33 -58.77 -39.05
N ILE C 16 60.07 -58.05 -40.13
CA ILE C 16 58.88 -58.28 -40.92
C ILE C 16 59.13 -59.41 -41.89
N PRO C 17 58.37 -60.51 -41.75
CA PRO C 17 58.51 -61.63 -42.69
C PRO C 17 58.17 -61.19 -44.11
N ILE C 18 59.06 -61.49 -45.05
CA ILE C 18 58.86 -61.10 -46.44
C ILE C 18 59.09 -62.27 -47.39
N GLU C 19 58.09 -62.57 -48.21
CA GLU C 19 58.21 -63.61 -49.22
C GLU C 19 58.60 -62.99 -50.57
N TYR C 20 59.83 -63.25 -51.00
CA TYR C 20 60.33 -62.70 -52.25
C TYR C 20 59.98 -63.60 -53.42
N ASN C 21 60.25 -64.89 -53.26
CA ASN C 21 59.94 -65.87 -54.30
C ASN C 21 58.52 -66.41 -54.13
N THR C 22 57.57 -65.73 -54.78
CA THR C 22 56.18 -66.15 -54.73
C THR C 22 55.94 -67.23 -55.78
N PRO C 23 54.91 -68.06 -55.57
CA PRO C 23 54.54 -69.09 -56.55
C PRO C 23 54.25 -68.49 -57.92
N ILE C 24 53.93 -67.21 -57.94
CA ILE C 24 53.66 -66.50 -59.19
C ILE C 24 54.91 -66.42 -60.06
N HIS C 25 56.05 -66.21 -59.41
CA HIS C 25 57.33 -66.07 -60.13
C HIS C 25 57.77 -67.39 -60.74
N ASP C 26 57.17 -68.49 -60.27
CA ASP C 26 57.51 -69.82 -60.78
C ASP C 26 56.64 -70.19 -61.98
N ILE C 27 55.67 -69.32 -62.28
CA ILE C 27 54.75 -69.54 -63.39
C ILE C 27 55.39 -69.17 -64.73
N LYS C 28 55.50 -70.14 -65.63
CA LYS C 28 56.04 -69.88 -66.96
C LYS C 28 54.94 -69.34 -67.87
N VAL C 29 55.11 -68.10 -68.33
CA VAL C 29 54.09 -67.46 -69.14
C VAL C 29 54.48 -67.45 -70.61
N GLN C 30 53.62 -68.02 -71.45
CA GLN C 30 53.85 -68.05 -72.89
C GLN C 30 52.71 -67.43 -73.67
N VAL C 31 53.05 -66.53 -74.59
CA VAL C 31 52.05 -65.84 -75.40
C VAL C 31 52.08 -66.32 -76.85
N TYR C 32 50.93 -66.78 -77.31
CA TYR C 32 50.76 -67.25 -78.68
C TYR C 32 49.79 -66.35 -79.43
N ASP C 33 49.88 -66.37 -80.76
CA ASP C 33 48.92 -65.63 -81.57
C ASP C 33 47.71 -66.54 -81.79
N ILE C 34 46.53 -65.98 -81.56
CA ILE C 34 45.29 -66.75 -81.57
C ILE C 34 44.98 -67.22 -83.00
N LYS C 35 45.58 -66.54 -83.98
CA LYS C 35 45.38 -66.87 -85.38
C LYS C 35 45.94 -68.25 -85.74
N GLY C 36 46.96 -68.68 -85.03
CA GLY C 36 47.61 -69.95 -85.30
C GLY C 36 46.84 -71.12 -84.73
N GLY C 37 45.69 -70.83 -84.12
CA GLY C 37 44.83 -71.86 -83.56
C GLY C 37 45.16 -72.11 -82.11
N CYS C 38 44.18 -72.60 -81.36
CA CYS C 38 44.37 -72.87 -79.94
C CYS C 38 44.56 -74.36 -79.70
N ASN C 39 45.49 -74.71 -78.81
CA ASN C 39 45.68 -76.11 -78.46
C ASN C 39 45.06 -76.44 -77.10
N VAL C 40 44.08 -77.33 -77.10
CA VAL C 40 43.39 -77.72 -75.86
C VAL C 40 43.90 -79.03 -75.30
N GLU C 41 45.17 -78.99 -74.90
CA GLU C 41 45.89 -80.10 -74.34
C GLU C 41 45.59 -80.25 -72.85
N GLU C 42 46.55 -79.92 -72.00
CA GLU C 42 46.44 -80.06 -70.55
C GLU C 42 45.72 -78.89 -69.86
N GLY C 43 45.35 -79.12 -68.60
CA GLY C 43 44.84 -78.07 -67.72
C GLY C 43 43.50 -77.45 -68.07
N LEU C 44 43.32 -76.19 -67.65
CA LEU C 44 42.07 -75.46 -67.89
C LEU C 44 42.24 -74.36 -68.94
N THR C 45 41.30 -74.30 -69.88
CA THR C 45 41.33 -73.27 -70.92
C THR C 45 40.11 -72.37 -70.83
N ILE C 46 40.33 -71.09 -70.60
CA ILE C 46 39.26 -70.12 -70.42
C ILE C 46 39.22 -69.08 -71.53
N PHE C 47 38.03 -68.89 -72.10
CA PHE C 47 37.82 -67.89 -73.13
C PHE C 47 37.23 -66.59 -72.56
N LEU C 48 37.89 -65.47 -72.83
CA LEU C 48 37.34 -64.18 -72.45
C LEU C 48 36.44 -63.71 -73.58
N VAL C 49 35.13 -63.76 -73.34
CA VAL C 49 34.17 -63.53 -74.41
C VAL C 49 33.20 -62.39 -74.11
N ASN C 50 32.87 -61.63 -75.15
CA ASN C 50 31.89 -60.56 -75.06
C ASN C 50 30.81 -60.67 -76.14
N ASN C 51 29.81 -59.81 -76.04
CA ASN C 51 28.77 -59.70 -77.06
C ASN C 51 28.31 -58.25 -77.15
N PRO C 52 29.00 -57.45 -77.99
CA PRO C 52 28.72 -56.02 -78.19
C PRO C 52 27.26 -55.75 -78.55
N GLY C 53 26.66 -54.76 -77.90
CA GLY C 53 25.28 -54.41 -78.18
C GLY C 53 24.30 -55.20 -77.34
N LYS C 54 24.28 -56.51 -77.54
CA LYS C 54 23.34 -57.39 -76.83
C LYS C 54 23.67 -57.51 -75.34
N GLU C 55 22.92 -56.78 -74.52
CA GLU C 55 23.08 -56.80 -73.07
C GLU C 55 22.74 -58.19 -72.53
N ASN C 56 23.73 -58.85 -71.94
CA ASN C 56 23.57 -60.22 -71.47
C ASN C 56 23.27 -61.17 -72.63
N GLY C 57 23.95 -60.95 -73.75
CA GLY C 57 23.73 -61.74 -74.95
C GLY C 57 24.36 -63.12 -74.84
N PRO C 58 24.19 -63.93 -75.90
CA PRO C 58 24.68 -65.32 -75.92
C PRO C 58 26.20 -65.42 -76.03
N VAL C 59 26.74 -66.58 -75.70
CA VAL C 59 28.18 -66.82 -75.81
C VAL C 59 28.52 -67.44 -77.16
N LYS C 60 29.43 -66.80 -77.88
CA LYS C 60 29.90 -67.31 -79.16
C LYS C 60 31.42 -67.34 -79.18
N ILE C 61 32.00 -68.54 -79.30
CA ILE C 61 33.46 -68.66 -79.33
C ILE C 61 33.99 -68.46 -80.74
N SER C 62 34.66 -67.33 -80.94
CA SER C 62 35.16 -66.93 -82.26
C SER C 62 36.46 -67.64 -82.62
N SER C 63 37.32 -67.82 -81.63
CA SER C 63 38.66 -68.35 -81.85
C SER C 63 38.64 -69.74 -82.48
N LYS C 64 39.58 -69.99 -83.37
CA LYS C 64 39.72 -71.32 -83.95
C LYS C 64 40.45 -72.26 -82.99
N VAL C 65 39.87 -73.42 -82.75
CA VAL C 65 40.46 -74.40 -81.83
C VAL C 65 40.99 -75.61 -82.59
N ASN C 66 42.25 -75.95 -82.34
CA ASN C 66 42.91 -77.04 -83.05
C ASN C 66 42.59 -78.41 -82.45
N ASP C 67 41.30 -78.73 -82.36
CA ASP C 67 40.89 -80.02 -81.83
C ASP C 67 39.43 -80.26 -82.21
N LYS C 68 39.17 -81.38 -82.89
CA LYS C 68 37.83 -81.64 -83.43
C LYS C 68 36.78 -81.79 -82.35
N GLN C 69 37.12 -82.46 -81.25
CA GLN C 69 36.17 -82.67 -80.16
C GLN C 69 35.93 -81.43 -79.33
N VAL C 70 36.97 -80.63 -79.12
CA VAL C 70 36.81 -79.41 -78.34
C VAL C 70 36.12 -78.34 -79.18
N SER C 71 36.42 -78.32 -80.48
CA SER C 71 35.79 -77.38 -81.40
C SER C 71 34.29 -77.68 -81.57
N GLU C 72 33.95 -78.95 -81.63
CA GLU C 72 32.55 -79.37 -81.75
C GLU C 72 31.77 -79.00 -80.50
N PHE C 73 32.40 -79.17 -79.35
CA PHE C 73 31.80 -78.84 -78.08
C PHE C 73 31.53 -77.34 -77.98
N LEU C 74 32.48 -76.55 -78.46
CA LEU C 74 32.42 -75.10 -78.34
C LEU C 74 31.66 -74.40 -79.46
N LYS C 75 30.85 -75.14 -80.22
CA LYS C 75 30.12 -74.49 -81.31
C LYS C 75 29.14 -73.44 -80.77
N ASP C 76 28.35 -72.85 -81.66
CA ASP C 76 27.45 -71.78 -81.26
C ASP C 76 26.16 -72.34 -80.67
N GLU C 77 25.68 -73.43 -81.26
CA GLU C 77 24.43 -74.05 -80.84
C GLU C 77 24.50 -74.56 -79.40
N ASN C 78 25.71 -74.90 -78.96
CA ASN C 78 25.89 -75.43 -77.61
CA ASN C 78 25.92 -75.43 -77.61
C ASN C 78 26.16 -74.31 -76.60
N MET C 79 26.73 -73.20 -77.08
CA MET C 79 27.10 -72.09 -76.21
C MET C 79 25.96 -71.09 -75.99
N GLU C 80 24.90 -71.22 -76.79
CA GLU C 80 23.81 -70.25 -76.74
C GLU C 80 23.09 -70.22 -75.39
N LYS C 81 23.13 -71.35 -74.68
CA LYS C 81 22.48 -71.43 -73.38
C LYS C 81 23.22 -70.62 -72.30
N PHE C 82 24.44 -70.20 -72.60
CA PHE C 82 25.20 -69.36 -71.69
C PHE C 82 25.29 -67.93 -72.22
N ASN C 83 25.31 -66.96 -71.31
CA ASN C 83 25.40 -65.56 -71.71
C ASN C 83 26.70 -64.91 -71.22
N VAL C 84 27.00 -63.73 -71.76
CA VAL C 84 28.27 -63.07 -71.50
C VAL C 84 28.18 -61.98 -70.44
N LYS C 85 27.23 -62.12 -69.52
CA LYS C 85 27.07 -61.16 -68.43
C LYS C 85 28.38 -60.96 -67.68
N LEU C 86 28.76 -59.70 -67.48
CA LEU C 86 30.04 -59.33 -66.88
C LEU C 86 30.23 -60.00 -65.52
N GLY C 87 31.20 -60.90 -65.42
CA GLY C 87 31.49 -61.59 -64.17
C GLY C 87 31.05 -63.03 -64.21
N THR C 88 30.19 -63.36 -65.18
CA THR C 88 29.69 -64.71 -65.37
C THR C 88 30.81 -65.66 -65.81
N SER C 89 30.77 -66.87 -65.28
CA SER C 89 31.75 -67.89 -65.63
C SER C 89 31.07 -69.25 -65.72
N LYS C 90 31.63 -70.13 -66.53
CA LYS C 90 31.13 -71.49 -66.68
C LYS C 90 32.29 -72.46 -66.88
N HIS C 91 32.13 -73.67 -66.37
CA HIS C 91 33.16 -74.70 -66.49
C HIS C 91 32.67 -75.87 -67.32
N PHE C 92 33.55 -76.37 -68.19
CA PHE C 92 33.21 -77.44 -69.11
C PHE C 92 34.11 -78.66 -68.94
N TYR C 93 33.55 -79.86 -69.13
CA TYR C 93 34.32 -81.09 -69.11
C TYR C 93 34.20 -81.83 -70.45
N MET C 94 35.32 -82.26 -71.02
CA MET C 94 35.28 -82.98 -72.29
C MET C 94 36.56 -83.76 -72.62
N PHE C 95 36.44 -84.67 -73.58
CA PHE C 95 37.59 -85.39 -74.11
C PHE C 95 38.02 -84.83 -75.46
N ASN C 96 39.32 -84.70 -75.66
CA ASN C 96 39.83 -84.21 -76.94
C ASN C 96 40.11 -85.36 -77.91
N ASP C 97 40.76 -85.04 -79.02
CA ASP C 97 41.07 -86.03 -80.06
C ASP C 97 41.91 -87.17 -79.51
N ASN C 98 42.71 -86.86 -78.50
CA ASN C 98 43.60 -87.83 -77.87
C ASN C 98 42.89 -88.69 -76.83
N LYS C 99 41.69 -88.25 -76.44
CA LYS C 99 40.88 -88.94 -75.44
C LYS C 99 41.43 -88.63 -74.05
N ASN C 100 41.75 -87.36 -73.84
CA ASN C 100 42.20 -86.86 -72.55
C ASN C 100 41.17 -85.94 -71.90
N SER C 101 41.06 -86.04 -70.58
CA SER C 101 40.13 -85.21 -69.83
C SER C 101 40.63 -83.77 -69.81
N VAL C 102 39.97 -82.90 -70.56
CA VAL C 102 40.34 -81.49 -70.58
C VAL C 102 39.27 -80.63 -69.92
N ALA C 103 39.69 -79.47 -69.43
CA ALA C 103 38.77 -78.53 -68.81
C ALA C 103 38.69 -77.24 -69.62
N VAL C 104 37.47 -76.83 -69.94
CA VAL C 104 37.22 -75.63 -70.73
C VAL C 104 36.17 -74.77 -70.06
N GLY C 105 36.22 -73.46 -70.29
CA GLY C 105 35.22 -72.57 -69.73
C GLY C 105 35.32 -71.16 -70.30
N TYR C 106 34.57 -70.24 -69.70
CA TYR C 106 34.58 -68.85 -70.15
C TYR C 106 34.26 -67.89 -69.00
N VAL C 107 34.60 -66.62 -69.20
CA VAL C 107 34.23 -65.57 -68.26
C VAL C 107 33.53 -64.44 -69.01
N GLY C 108 32.37 -64.04 -68.52
CA GLY C 108 31.61 -62.99 -69.19
C GLY C 108 32.31 -61.65 -69.11
N CYS C 109 32.44 -60.99 -70.25
CA CYS C 109 33.10 -59.70 -70.31
C CYS C 109 32.13 -58.61 -70.74
N GLY C 110 30.85 -58.86 -70.53
CA GLY C 110 29.82 -57.87 -70.77
C GLY C 110 29.46 -57.61 -72.22
N SER C 111 28.79 -56.49 -72.47
CA SER C 111 28.30 -56.13 -73.79
C SER C 111 29.02 -54.91 -74.35
N VAL C 112 29.77 -54.24 -73.49
CA VAL C 112 30.54 -53.07 -73.93
C VAL C 112 31.88 -53.47 -74.52
N ALA C 113 32.25 -52.81 -75.62
CA ALA C 113 33.50 -53.05 -76.31
C ALA C 113 34.63 -52.60 -75.41
N ASP C 114 35.11 -51.38 -75.64
CA ASP C 114 36.12 -50.76 -74.78
C ASP C 114 35.81 -51.02 -73.32
N LEU C 115 36.23 -52.19 -72.83
CA LEU C 115 35.99 -52.61 -71.46
C LEU C 115 36.64 -51.66 -70.47
N SER C 116 35.98 -51.42 -69.35
CA SER C 116 36.52 -50.51 -68.35
C SER C 116 37.61 -51.14 -67.50
N GLU C 117 37.92 -50.48 -66.38
CA GLU C 117 38.96 -50.94 -65.47
C GLU C 117 38.41 -51.66 -64.26
N ALA C 118 37.33 -51.14 -63.67
CA ALA C 118 36.65 -51.84 -62.59
C ALA C 118 36.05 -53.12 -63.12
N ASP C 119 35.58 -53.05 -64.36
CA ASP C 119 34.99 -54.20 -65.05
C ASP C 119 36.00 -55.32 -65.22
N MET C 120 37.21 -54.96 -65.61
CA MET C 120 38.30 -55.93 -65.80
C MET C 120 38.65 -56.64 -64.50
N LYS C 121 38.67 -55.90 -63.40
CA LYS C 121 38.93 -56.49 -62.08
C LYS C 121 37.86 -57.54 -61.76
N ARG C 122 36.60 -57.24 -62.07
CA ARG C 122 35.51 -58.19 -61.86
C ARG C 122 35.75 -59.43 -62.71
N VAL C 123 36.30 -59.21 -63.91
CA VAL C 123 36.64 -60.30 -64.81
C VAL C 123 37.72 -61.16 -64.18
N VAL C 124 38.79 -60.51 -63.70
CA VAL C 124 39.92 -61.19 -63.09
C VAL C 124 39.50 -61.96 -61.83
N LEU C 125 38.74 -61.31 -60.97
CA LEU C 125 38.24 -61.95 -59.75
C LEU C 125 37.44 -63.20 -60.08
N SER C 126 36.59 -63.10 -61.10
CA SER C 126 35.80 -64.23 -61.55
C SER C 126 36.69 -65.38 -61.99
N LEU C 127 37.80 -65.04 -62.64
CA LEU C 127 38.76 -66.03 -63.11
C LEU C 127 39.48 -66.70 -61.94
N VAL C 128 39.80 -65.90 -60.93
CA VAL C 128 40.53 -66.41 -59.76
C VAL C 128 39.66 -67.41 -58.99
N THR C 129 38.34 -67.21 -59.05
CA THR C 129 37.40 -68.13 -58.40
C THR C 129 37.53 -69.50 -59.03
N MET C 130 37.76 -69.53 -60.34
CA MET C 130 37.93 -70.77 -61.06
C MET C 130 39.26 -71.44 -60.72
N LEU C 131 40.26 -70.62 -60.36
CA LEU C 131 41.57 -71.14 -59.98
C LEU C 131 41.57 -71.66 -58.55
N HIS C 132 40.78 -71.02 -57.69
CA HIS C 132 40.69 -71.45 -56.30
C HIS C 132 39.86 -72.71 -56.21
N ASP C 133 40.12 -73.51 -55.18
CA ASP C 133 39.38 -74.75 -54.95
C ASP C 133 39.51 -75.76 -56.09
N ASN C 134 40.49 -75.54 -56.98
CA ASN C 134 40.73 -76.45 -58.09
C ASN C 134 42.24 -76.66 -58.23
N LYS C 135 42.67 -77.91 -58.29
CA LYS C 135 44.09 -78.24 -58.36
C LYS C 135 44.73 -78.31 -59.76
N LEU C 136 44.66 -77.22 -60.50
CA LEU C 136 45.17 -77.21 -61.87
C LEU C 136 46.68 -77.00 -61.93
N SER C 137 47.27 -77.25 -63.11
CA SER C 137 48.71 -77.14 -63.31
C SER C 137 49.00 -76.08 -64.36
N LYS C 138 48.03 -75.89 -65.26
CA LYS C 138 48.13 -74.91 -66.32
C LYS C 138 46.80 -74.19 -66.52
N LEU C 139 46.87 -72.87 -66.66
CA LEU C 139 45.72 -72.08 -67.04
C LEU C 139 45.98 -71.44 -68.40
N THR C 140 45.01 -71.57 -69.30
CA THR C 140 45.14 -70.97 -70.62
C THR C 140 44.03 -69.94 -70.83
N VAL C 141 44.43 -68.71 -71.11
CA VAL C 141 43.47 -67.64 -71.29
C VAL C 141 43.41 -67.23 -72.76
N VAL C 142 42.21 -67.28 -73.32
CA VAL C 142 42.01 -66.91 -74.72
C VAL C 142 41.29 -65.57 -74.78
N PHE C 143 41.95 -64.59 -75.39
CA PHE C 143 41.40 -63.24 -75.45
C PHE C 143 40.54 -63.06 -76.70
N GLU C 144 39.23 -63.24 -76.53
CA GLU C 144 38.32 -62.96 -77.62
C GLU C 144 37.78 -61.56 -77.47
N ILE C 145 38.53 -60.74 -76.74
CA ILE C 145 38.24 -59.32 -76.65
C ILE C 145 39.51 -58.54 -76.95
N ASN C 146 39.37 -57.29 -77.35
CA ASN C 146 40.54 -56.48 -77.63
C ASN C 146 40.84 -55.59 -76.44
N VAL C 147 42.08 -55.66 -75.97
CA VAL C 147 42.53 -54.81 -74.88
C VAL C 147 43.88 -54.23 -75.27
N ASP C 148 44.10 -52.97 -74.96
CA ASP C 148 45.38 -52.35 -75.27
C ASP C 148 46.46 -52.93 -74.39
N LYS C 149 47.71 -52.60 -74.69
CA LYS C 149 48.83 -53.17 -73.97
C LYS C 149 48.78 -52.85 -72.48
N ASN C 150 48.31 -51.67 -72.14
CA ASN C 150 48.16 -51.28 -70.74
C ASN C 150 47.13 -52.14 -70.02
N LEU C 151 46.00 -52.39 -70.67
CA LEU C 151 44.93 -53.18 -70.05
C LEU C 151 45.32 -54.65 -69.95
N PHE C 152 46.07 -55.13 -70.94
CA PHE C 152 46.56 -56.50 -70.93
C PHE C 152 47.50 -56.75 -69.76
N ARG C 153 48.45 -55.84 -69.56
CA ARG C 153 49.38 -55.94 -68.45
C ARG C 153 48.61 -55.89 -67.14
N PHE C 154 47.58 -55.05 -67.10
CA PHE C 154 46.72 -54.92 -65.94
C PHE C 154 46.01 -56.24 -65.62
N PHE C 155 45.64 -56.98 -66.67
CA PHE C 155 45.01 -58.28 -66.49
C PHE C 155 45.93 -59.24 -65.72
N LEU C 156 47.18 -59.32 -66.15
CA LEU C 156 48.15 -60.20 -65.51
C LEU C 156 48.50 -59.71 -64.11
N GLU C 157 48.74 -58.41 -63.96
CA GLU C 157 49.01 -57.79 -62.67
C GLU C 157 47.93 -58.17 -61.65
N THR C 158 46.68 -57.97 -62.04
CA THR C 158 45.55 -58.24 -61.17
C THR C 158 45.36 -59.74 -60.95
N LEU C 159 45.57 -60.52 -62.02
CA LEU C 159 45.49 -61.97 -61.94
C LEU C 159 46.50 -62.51 -60.94
N PHE C 160 47.75 -62.08 -61.07
CA PHE C 160 48.82 -62.52 -60.18
C PHE C 160 48.52 -62.14 -58.73
N TYR C 161 48.10 -60.89 -58.54
CA TYR C 161 47.87 -60.34 -57.22
C TYR C 161 46.68 -60.99 -56.50
N GLU C 162 45.60 -61.23 -57.23
CA GLU C 162 44.40 -61.81 -56.65
C GLU C 162 44.56 -63.32 -56.47
N TYR C 163 45.31 -63.93 -57.39
CA TYR C 163 45.60 -65.35 -57.33
C TYR C 163 46.43 -65.65 -56.08
N MET C 164 47.40 -64.78 -55.81
CA MET C 164 48.32 -64.96 -54.70
C MET C 164 47.61 -64.84 -53.36
N THR C 165 47.93 -65.76 -52.46
CA THR C 165 47.35 -65.75 -51.12
C THR C 165 48.46 -65.54 -50.10
N ASP C 166 48.24 -64.63 -49.16
CA ASP C 166 49.24 -64.30 -48.16
C ASP C 166 49.06 -65.18 -46.92
N GLU C 167 50.01 -66.08 -46.69
CA GLU C 167 49.92 -67.01 -45.59
C GLU C 167 51.08 -66.90 -44.61
N ARG C 168 51.69 -65.71 -44.55
CA ARG C 168 52.84 -65.49 -43.68
C ARG C 168 52.50 -65.72 -42.21
N PHE C 169 51.26 -65.44 -41.84
CA PHE C 169 50.86 -65.49 -40.43
C PHE C 169 49.92 -66.65 -40.08
N LYS C 170 49.76 -67.61 -40.98
CA LYS C 170 49.01 -68.82 -40.64
C LYS C 170 49.96 -69.88 -40.10
N SER C 171 49.63 -70.45 -38.94
CA SER C 171 50.39 -71.60 -38.46
C SER C 171 49.59 -72.89 -38.54
N THR C 172 48.37 -72.85 -38.03
CA THR C 172 47.59 -74.06 -37.79
C THR C 172 46.43 -74.08 -38.77
N ASP C 173 46.24 -72.95 -39.44
CA ASP C 173 45.18 -72.81 -40.44
C ASP C 173 45.76 -72.48 -41.81
N LYS C 174 46.94 -73.02 -42.11
CA LYS C 174 47.49 -72.83 -43.45
C LYS C 174 46.57 -73.61 -44.38
N ASN C 175 46.71 -73.44 -45.69
CA ASN C 175 45.82 -74.17 -46.58
C ASN C 175 46.41 -75.51 -46.95
N VAL C 176 45.53 -76.50 -47.11
CA VAL C 176 45.96 -77.84 -47.45
C VAL C 176 45.86 -78.02 -48.96
N ASN C 177 44.93 -77.27 -49.55
CA ASN C 177 44.61 -77.45 -50.96
C ASN C 177 45.14 -76.36 -51.88
N MET C 178 45.99 -75.49 -51.36
CA MET C 178 46.59 -74.44 -52.18
C MET C 178 47.66 -75.04 -53.10
N GLU C 179 47.33 -75.14 -54.39
CA GLU C 179 48.30 -75.60 -55.38
C GLU C 179 48.29 -74.70 -56.62
N TYR C 180 49.25 -73.78 -56.67
CA TYR C 180 49.34 -72.84 -57.78
C TYR C 180 49.70 -73.53 -59.09
N ILE C 181 49.21 -72.98 -60.19
CA ILE C 181 49.55 -73.49 -61.52
C ILE C 181 51.03 -73.26 -61.79
N LYS C 182 51.58 -74.00 -62.75
CA LYS C 182 53.00 -73.87 -63.08
C LYS C 182 53.21 -73.28 -64.46
N HIS C 183 52.15 -73.27 -65.26
CA HIS C 183 52.21 -72.76 -66.63
C HIS C 183 51.03 -71.88 -66.97
N LEU C 184 51.30 -70.78 -67.66
CA LEU C 184 50.24 -69.89 -68.11
C LEU C 184 50.33 -69.66 -69.61
N GLY C 185 49.33 -70.15 -70.34
CA GLY C 185 49.27 -69.93 -71.77
C GLY C 185 48.32 -68.79 -72.08
N VAL C 186 48.77 -67.87 -72.93
CA VAL C 186 47.94 -66.74 -73.30
C VAL C 186 47.78 -66.66 -74.81
N TYR C 187 46.53 -66.72 -75.27
CA TYR C 187 46.22 -66.58 -76.68
C TYR C 187 45.59 -65.22 -76.96
N ILE C 188 46.27 -64.41 -77.75
CA ILE C 188 45.78 -63.08 -78.08
C ILE C 188 46.26 -62.71 -79.48
N ASN C 189 45.53 -61.84 -80.16
CA ASN C 189 45.92 -61.43 -81.51
C ASN C 189 47.05 -60.41 -81.48
N ASN C 190 47.95 -60.50 -82.44
CA ASN C 190 49.11 -59.61 -82.50
C ASN C 190 49.95 -59.80 -81.24
N ALA C 191 50.24 -61.08 -80.95
CA ALA C 191 50.91 -61.50 -79.72
C ALA C 191 52.28 -60.86 -79.47
N ASP C 192 52.99 -60.52 -80.53
CA ASP C 192 54.37 -60.05 -80.39
C ASP C 192 54.47 -58.69 -79.70
N THR C 193 53.39 -57.92 -79.72
CA THR C 193 53.39 -56.63 -79.05
C THR C 193 53.04 -56.77 -77.57
N TYR C 194 52.34 -57.84 -77.22
CA TYR C 194 51.89 -58.07 -75.86
C TYR C 194 52.90 -58.85 -75.02
N LYS C 195 53.85 -59.50 -75.69
CA LYS C 195 54.84 -60.33 -75.00
C LYS C 195 55.72 -59.53 -74.04
N GLU C 196 56.03 -58.30 -74.42
CA GLU C 196 56.89 -57.44 -73.61
C GLU C 196 56.20 -57.04 -72.30
N GLU C 197 54.88 -57.14 -72.27
CA GLU C 197 54.11 -56.68 -71.11
C GLU C 197 54.04 -57.74 -70.01
N VAL C 198 54.43 -58.97 -70.33
CA VAL C 198 54.30 -60.08 -69.39
C VAL C 198 55.18 -59.89 -68.16
N GLU C 199 56.48 -59.68 -68.39
CA GLU C 199 57.40 -59.55 -67.28
C GLU C 199 57.31 -58.16 -66.66
N LYS C 200 56.82 -57.20 -67.43
CA LYS C 200 56.50 -55.90 -66.87
C LYS C 200 55.37 -56.08 -65.88
N ALA C 201 54.41 -56.93 -66.24
CA ALA C 201 53.28 -57.25 -65.39
C ALA C 201 53.74 -57.99 -64.15
N ARG C 202 54.64 -58.94 -64.33
CA ARG C 202 55.17 -59.73 -63.21
C ARG C 202 55.94 -58.85 -62.23
N VAL C 203 56.64 -57.85 -62.77
CA VAL C 203 57.39 -56.92 -61.94
C VAL C 203 56.44 -56.02 -61.16
N TYR C 204 55.49 -55.41 -61.87
CA TYR C 204 54.48 -54.58 -61.24
C TYR C 204 53.71 -55.35 -60.18
N TYR C 205 53.48 -56.63 -60.45
CA TYR C 205 52.79 -57.51 -59.53
C TYR C 205 53.47 -57.53 -58.17
N PHE C 206 54.77 -57.84 -58.16
CA PHE C 206 55.47 -58.00 -56.90
C PHE C 206 55.69 -56.65 -56.20
N GLY C 207 55.95 -55.61 -56.99
CA GLY C 207 56.06 -54.26 -56.45
C GLY C 207 54.82 -53.91 -55.66
N THR C 208 53.66 -54.24 -56.23
CA THR C 208 52.38 -54.05 -55.56
C THR C 208 52.26 -55.03 -54.40
N TYR C 209 52.56 -56.30 -54.67
CA TYR C 209 52.46 -57.35 -53.66
C TYR C 209 53.46 -57.13 -52.52
N TYR C 210 54.63 -56.59 -52.84
CA TYR C 210 55.61 -56.25 -51.81
C TYR C 210 55.04 -55.19 -50.90
N ALA C 211 54.50 -54.13 -51.50
CA ALA C 211 53.87 -53.05 -50.76
C ALA C 211 52.68 -53.56 -49.95
N SER C 212 51.95 -54.50 -50.54
CA SER C 212 50.81 -55.11 -49.87
C SER C 212 51.23 -55.87 -48.62
N GLN C 213 52.32 -56.63 -48.74
CA GLN C 213 52.85 -57.42 -47.63
C GLN C 213 53.26 -56.56 -46.45
N LEU C 214 53.87 -55.42 -46.75
CA LEU C 214 54.32 -54.49 -45.71
C LEU C 214 53.12 -53.94 -44.95
N ILE C 215 52.10 -53.58 -45.71
CA ILE C 215 50.88 -53.01 -45.15
C ILE C 215 50.12 -54.06 -44.35
N ALA C 216 50.01 -55.26 -44.90
CA ALA C 216 49.27 -56.34 -44.26
C ALA C 216 49.89 -56.76 -42.93
N ALA C 217 51.22 -56.66 -42.84
CA ALA C 217 51.91 -57.00 -41.60
C ALA C 217 51.46 -56.11 -40.46
N PRO C 218 51.08 -56.72 -39.33
CA PRO C 218 50.63 -55.99 -38.14
C PRO C 218 51.71 -55.08 -37.58
N SER C 219 51.34 -54.18 -36.67
CA SER C 219 52.26 -53.15 -36.21
C SER C 219 53.33 -53.68 -35.27
N ASN C 220 53.11 -54.87 -34.70
CA ASN C 220 54.14 -55.50 -33.86
C ASN C 220 55.24 -56.13 -34.71
N TYR C 221 54.88 -56.55 -35.92
CA TYR C 221 55.84 -57.06 -36.89
C TYR C 221 56.46 -55.90 -37.65
N CYS C 222 55.59 -55.06 -38.21
CA CYS C 222 56.03 -53.91 -38.99
C CYS C 222 56.10 -52.67 -38.11
N ASN C 223 57.30 -52.37 -37.64
CA ASN C 223 57.55 -51.17 -36.86
C ASN C 223 58.60 -50.31 -37.56
N PRO C 224 58.84 -49.10 -37.04
CA PRO C 224 59.79 -48.16 -37.66
C PRO C 224 61.16 -48.77 -37.94
N VAL C 225 61.63 -49.64 -37.05
CA VAL C 225 62.95 -50.25 -37.22
C VAL C 225 62.95 -51.40 -38.23
N SER C 226 62.06 -52.35 -38.03
CA SER C 226 62.00 -53.54 -38.88
C SER C 226 61.66 -53.19 -40.32
N LEU C 227 60.86 -52.14 -40.50
CA LEU C 227 60.47 -51.70 -41.83
C LEU C 227 61.67 -51.07 -42.53
N SER C 228 62.43 -50.27 -41.79
CA SER C 228 63.64 -49.66 -42.34
C SER C 228 64.66 -50.73 -42.67
N ASN C 229 64.73 -51.75 -41.82
CA ASN C 229 65.60 -52.89 -42.06
C ASN C 229 65.20 -53.61 -43.34
N ALA C 230 63.89 -53.76 -43.54
CA ALA C 230 63.35 -54.41 -44.71
C ALA C 230 63.63 -53.58 -45.97
N ALA C 231 63.59 -52.25 -45.81
CA ALA C 231 63.86 -51.34 -46.90
C ALA C 231 65.33 -51.43 -47.30
N VAL C 232 66.20 -51.53 -46.30
CA VAL C 232 67.63 -51.70 -46.51
C VAL C 232 67.91 -52.99 -47.26
N GLU C 233 67.27 -54.07 -46.81
CA GLU C 233 67.41 -55.38 -47.41
C GLU C 233 66.95 -55.37 -48.87
N LEU C 234 65.90 -54.60 -49.15
CA LEU C 234 65.39 -54.48 -50.50
C LEU C 234 66.38 -53.73 -51.39
N ALA C 235 66.93 -52.65 -50.86
CA ALA C 235 67.92 -51.86 -51.59
C ALA C 235 69.19 -52.68 -51.88
N GLN C 236 69.57 -53.53 -50.94
CA GLN C 236 70.75 -54.37 -51.09
C GLN C 236 70.59 -55.38 -52.21
N LYS C 237 69.41 -55.99 -52.27
CA LYS C 237 69.10 -56.98 -53.31
C LYS C 237 68.99 -56.37 -54.70
N LEU C 238 68.67 -55.08 -54.74
CA LEU C 238 68.47 -54.39 -56.01
C LEU C 238 69.75 -53.70 -56.46
N ASN C 239 70.50 -53.19 -55.48
CA ASN C 239 71.78 -52.50 -55.67
C ASN C 239 71.53 -51.00 -55.70
N LEU C 240 70.68 -50.57 -54.77
CA LEU C 240 70.33 -49.16 -54.63
C LEU C 240 71.14 -48.54 -53.50
N GLU C 241 71.56 -47.30 -53.69
CA GLU C 241 72.18 -46.55 -52.61
C GLU C 241 71.13 -46.38 -51.50
N TYR C 242 71.52 -46.70 -50.27
CA TYR C 242 70.59 -46.57 -49.16
C TYR C 242 71.23 -45.86 -47.97
N LYS C 243 70.41 -45.17 -47.20
CA LYS C 243 70.86 -44.51 -45.99
C LYS C 243 69.69 -44.34 -45.03
N ILE C 244 69.82 -44.88 -43.83
CA ILE C 244 68.77 -44.82 -42.82
C ILE C 244 69.16 -43.88 -41.69
N LEU C 245 68.47 -42.75 -41.59
CA LEU C 245 68.76 -41.76 -40.55
C LEU C 245 68.11 -42.09 -39.22
N GLY C 246 68.89 -42.03 -38.15
CA GLY C 246 68.41 -42.28 -36.81
C GLY C 246 68.14 -40.97 -36.08
N VAL C 247 67.76 -41.07 -34.81
CA VAL C 247 67.37 -39.90 -34.03
C VAL C 247 68.45 -38.83 -33.96
N LYS C 248 69.70 -39.24 -33.78
CA LYS C 248 70.80 -38.28 -33.64
C LYS C 248 70.99 -37.45 -34.91
N GLU C 249 70.85 -38.09 -36.05
CA GLU C 249 71.02 -37.42 -37.33
C GLU C 249 69.84 -36.51 -37.61
N LEU C 250 68.66 -36.93 -37.16
CA LEU C 250 67.43 -36.16 -37.31
C LEU C 250 67.41 -34.95 -36.38
N GLU C 251 67.98 -35.12 -35.20
CA GLU C 251 68.08 -34.01 -34.24
C GLU C 251 68.95 -32.90 -34.80
N GLU C 252 70.00 -33.28 -35.53
CA GLU C 252 70.91 -32.30 -36.12
C GLU C 252 70.24 -31.61 -37.29
N LEU C 253 69.29 -32.29 -37.91
CA LEU C 253 68.54 -31.71 -39.02
C LEU C 253 67.35 -30.91 -38.50
N LYS C 254 67.12 -30.97 -37.20
CA LYS C 254 66.11 -30.14 -36.54
C LYS C 254 64.70 -30.43 -37.04
N MET C 255 64.43 -31.69 -37.34
CA MET C 255 63.11 -32.13 -37.78
C MET C 255 62.16 -32.26 -36.58
N GLY C 256 61.71 -31.13 -36.04
CA GLY C 256 60.93 -31.12 -34.82
C GLY C 256 59.53 -31.68 -34.96
N ALA C 257 58.93 -31.50 -36.13
CA ALA C 257 57.60 -32.04 -36.40
C ALA C 257 57.62 -33.57 -36.43
N TYR C 258 58.52 -34.10 -37.25
CA TYR C 258 58.68 -35.54 -37.40
C TYR C 258 59.03 -36.22 -36.07
N LEU C 259 59.98 -35.65 -35.34
CA LEU C 259 60.41 -36.23 -34.07
C LEU C 259 59.33 -36.17 -33.00
N SER C 260 58.53 -35.10 -33.01
CA SER C 260 57.49 -34.92 -32.00
C SER C 260 56.45 -36.03 -32.06
N VAL C 261 56.15 -36.49 -33.28
CA VAL C 261 55.16 -37.54 -33.49
C VAL C 261 55.65 -38.87 -32.91
N GLY C 262 56.93 -39.17 -33.10
CA GLY C 262 57.50 -40.42 -32.66
C GLY C 262 57.91 -40.49 -31.19
N LYS C 263 57.78 -39.36 -30.49
CA LYS C 263 58.23 -39.26 -29.09
C LYS C 263 57.66 -40.34 -28.18
N GLY C 264 56.37 -40.64 -28.33
CA GLY C 264 55.71 -41.58 -27.44
C GLY C 264 55.92 -43.04 -27.77
N SER C 265 56.77 -43.31 -28.76
CA SER C 265 56.99 -44.67 -29.23
C SER C 265 58.23 -45.31 -28.61
N MET C 266 58.18 -46.63 -28.43
CA MET C 266 59.33 -47.40 -27.98
C MET C 266 60.29 -47.64 -29.14
N TYR C 267 59.80 -47.41 -30.35
CA TYR C 267 60.61 -47.58 -31.56
C TYR C 267 61.16 -46.25 -32.04
N PRO C 268 62.48 -46.16 -32.17
CA PRO C 268 63.14 -44.93 -32.62
C PRO C 268 62.71 -44.56 -34.04
N ASN C 269 62.65 -43.28 -34.34
CA ASN C 269 62.33 -42.83 -35.69
C ASN C 269 63.37 -43.32 -36.68
N LYS C 270 62.92 -43.73 -37.85
CA LYS C 270 63.81 -44.15 -38.93
C LYS C 270 63.38 -43.56 -40.25
N PHE C 271 64.22 -42.68 -40.78
CA PHE C 271 63.95 -42.02 -42.04
C PHE C 271 64.59 -42.78 -43.20
N ILE C 272 63.76 -43.35 -44.06
CA ILE C 272 64.24 -44.14 -45.19
C ILE C 272 64.57 -43.27 -46.39
N HIS C 273 65.76 -43.47 -46.95
CA HIS C 273 66.18 -42.72 -48.13
C HIS C 273 66.89 -43.62 -49.12
N LEU C 274 66.13 -44.21 -50.04
CA LEU C 274 66.70 -44.99 -51.13
C LEU C 274 66.92 -44.11 -52.34
N THR C 275 67.86 -44.48 -53.19
CA THR C 275 68.15 -43.68 -54.38
C THR C 275 68.46 -44.55 -55.59
N TYR C 276 67.79 -44.25 -56.69
CA TYR C 276 68.07 -44.89 -57.97
C TYR C 276 68.69 -43.89 -58.92
N LYS C 277 69.92 -44.17 -59.38
CA LYS C 277 70.58 -43.27 -60.32
C LYS C 277 70.75 -43.96 -61.67
N SER C 278 69.99 -43.54 -62.67
CA SER C 278 70.09 -44.18 -63.97
C SER C 278 71.51 -44.03 -64.51
N LYS C 279 71.89 -44.93 -65.41
CA LYS C 279 73.25 -44.98 -65.89
C LYS C 279 73.41 -44.05 -67.09
N GLY C 280 74.02 -42.90 -66.87
CA GLY C 280 74.21 -41.95 -67.94
C GLY C 280 73.80 -40.51 -67.66
N ASP C 281 73.06 -39.94 -68.62
CA ASP C 281 72.68 -38.53 -68.59
C ASP C 281 71.38 -38.25 -67.84
N VAL C 282 71.41 -38.37 -66.51
CA VAL C 282 70.27 -38.04 -65.66
C VAL C 282 69.62 -36.72 -66.10
N LYS C 283 68.37 -36.80 -66.54
CA LYS C 283 67.68 -35.62 -67.06
C LYS C 283 66.53 -35.20 -66.15
N LYS C 284 66.02 -36.16 -65.39
CA LYS C 284 64.99 -35.86 -64.40
C LYS C 284 65.35 -36.34 -62.99
N LYS C 285 65.18 -35.46 -62.02
CA LYS C 285 65.42 -35.81 -60.62
C LYS C 285 64.08 -35.76 -59.87
N ILE C 286 63.72 -36.89 -59.27
CA ILE C 286 62.41 -37.03 -58.62
C ILE C 286 62.51 -37.50 -57.18
N ALA C 287 61.72 -36.88 -56.31
CA ALA C 287 61.66 -37.31 -54.92
C ALA C 287 60.28 -37.86 -54.60
N LEU C 288 60.24 -39.13 -54.23
CA LEU C 288 58.98 -39.77 -53.85
C LEU C 288 58.90 -39.88 -52.34
N VAL C 289 57.96 -39.15 -51.75
CA VAL C 289 57.79 -39.15 -50.30
C VAL C 289 56.55 -39.93 -49.91
N GLY C 290 56.70 -40.83 -48.95
CA GLY C 290 55.59 -41.65 -48.48
C GLY C 290 55.40 -41.53 -46.99
N LYS C 291 54.15 -41.46 -46.55
CA LYS C 291 53.83 -41.41 -45.13
C LYS C 291 54.16 -42.76 -44.49
N GLY C 292 54.93 -42.72 -43.41
CA GLY C 292 55.38 -43.96 -42.79
C GLY C 292 55.07 -44.06 -41.31
N ILE C 293 53.78 -44.02 -40.99
CA ILE C 293 53.33 -44.25 -39.63
C ILE C 293 52.97 -45.72 -39.47
N THR C 294 53.82 -46.46 -38.76
CA THR C 294 53.64 -47.92 -38.65
C THR C 294 52.38 -48.24 -37.87
N PHE C 295 52.01 -47.35 -36.95
CA PHE C 295 50.70 -47.42 -36.31
C PHE C 295 50.25 -46.05 -35.83
N ASP C 296 48.97 -45.74 -36.07
CA ASP C 296 48.41 -44.47 -35.66
C ASP C 296 47.31 -44.65 -34.63
N SER C 297 47.70 -44.54 -33.35
CA SER C 297 46.74 -44.60 -32.26
C SER C 297 45.95 -43.30 -32.17
N GLY C 298 46.54 -42.23 -32.69
CA GLY C 298 45.93 -40.91 -32.61
C GLY C 298 46.60 -40.07 -31.55
N GLY C 299 47.42 -40.71 -30.73
CA GLY C 299 48.08 -40.03 -29.62
C GLY C 299 47.10 -39.71 -28.51
N TYR C 300 47.35 -38.62 -27.80
CA TYR C 300 46.46 -38.19 -26.72
C TYR C 300 45.09 -37.79 -27.26
N ASN C 301 45.06 -37.39 -28.53
CA ASN C 301 43.79 -37.30 -29.25
C ASN C 301 43.45 -38.70 -29.73
N LEU C 302 43.28 -39.61 -28.77
CA LEU C 302 43.16 -41.03 -29.06
C LEU C 302 41.99 -41.33 -29.97
N LYS C 303 42.18 -42.30 -30.87
CA LYS C 303 41.11 -42.77 -31.74
C LYS C 303 40.13 -43.60 -30.93
N ALA C 304 39.29 -42.92 -30.15
CA ALA C 304 38.33 -43.60 -29.28
C ALA C 304 36.90 -43.40 -29.76
N ALA C 305 36.70 -42.42 -30.65
CA ALA C 305 35.38 -42.13 -31.21
C ALA C 305 34.94 -43.24 -32.16
N PRO C 306 33.63 -43.50 -32.23
CA PRO C 306 33.08 -44.51 -33.14
C PRO C 306 33.45 -44.22 -34.60
N GLY C 307 33.95 -45.23 -35.30
CA GLY C 307 34.32 -45.08 -36.69
C GLY C 307 35.75 -44.62 -36.91
N SER C 308 36.50 -44.45 -35.83
CA SER C 308 37.90 -44.04 -35.94
C SER C 308 38.75 -45.18 -36.52
N MET C 309 38.23 -46.40 -36.37
CA MET C 309 38.84 -47.60 -36.94
C MET C 309 40.31 -47.74 -36.55
N ILE C 310 40.56 -47.76 -35.24
CA ILE C 310 41.93 -47.80 -34.73
C ILE C 310 42.61 -49.12 -35.05
N ASP C 311 41.82 -50.18 -35.19
CA ASP C 311 42.35 -51.50 -35.50
C ASP C 311 42.92 -51.56 -36.91
N LEU C 312 42.49 -50.62 -37.75
CA LEU C 312 42.95 -50.55 -39.13
C LEU C 312 44.27 -49.81 -39.29
N MET C 313 44.64 -49.03 -38.29
CA MET C 313 45.71 -48.05 -38.44
C MET C 313 47.11 -48.63 -38.57
N LYS C 314 47.20 -49.93 -38.85
CA LYS C 314 48.47 -50.53 -39.24
C LYS C 314 48.78 -50.16 -40.68
N PHE C 315 47.73 -49.76 -41.40
CA PHE C 315 47.83 -49.40 -42.81
C PHE C 315 48.39 -48.00 -43.02
N ASP C 316 48.65 -47.27 -41.94
CA ASP C 316 49.04 -45.86 -42.04
C ASP C 316 50.45 -45.65 -42.58
N MET C 317 51.10 -46.74 -42.97
CA MET C 317 52.41 -46.65 -43.61
C MET C 317 52.31 -47.03 -45.08
N SER C 318 51.08 -46.99 -45.61
CA SER C 318 50.82 -47.40 -46.98
C SER C 318 51.50 -46.47 -47.97
N GLY C 319 51.61 -45.20 -47.60
CA GLY C 319 52.31 -44.23 -48.43
C GLY C 319 53.76 -44.67 -48.54
N CYS C 320 54.34 -45.05 -47.41
CA CYS C 320 55.70 -45.57 -47.37
C CYS C 320 55.83 -46.87 -48.18
N ALA C 321 54.85 -47.75 -48.01
CA ALA C 321 54.86 -49.04 -48.71
C ALA C 321 54.78 -48.87 -50.22
N ALA C 322 54.03 -47.86 -50.66
CA ALA C 322 53.89 -47.58 -52.08
C ALA C 322 55.22 -47.19 -52.68
N VAL C 323 55.98 -46.39 -51.93
CA VAL C 323 57.30 -45.93 -52.37
C VAL C 323 58.30 -47.08 -52.48
N LEU C 324 58.31 -47.96 -51.48
CA LEU C 324 59.22 -49.11 -51.49
C LEU C 324 58.89 -50.12 -52.59
N GLY C 325 57.60 -50.37 -52.79
CA GLY C 325 57.16 -51.26 -53.85
C GLY C 325 57.61 -50.70 -55.19
N CYS C 326 57.52 -49.38 -55.31
CA CYS C 326 57.98 -48.68 -56.50
C CYS C 326 59.49 -48.83 -56.69
N ALA C 327 60.23 -48.72 -55.59
CA ALA C 327 61.69 -48.88 -55.61
C ALA C 327 62.07 -50.22 -56.21
N TYR C 328 61.26 -51.24 -55.92
CA TYR C 328 61.49 -52.55 -56.49
C TYR C 328 61.30 -52.53 -58.00
N CYS C 329 60.16 -51.99 -58.42
CA CYS C 329 59.83 -51.92 -59.84
C CYS C 329 60.85 -51.07 -60.58
N VAL C 330 61.18 -49.92 -60.01
CA VAL C 330 62.17 -49.02 -60.59
C VAL C 330 63.55 -49.69 -60.57
N GLY C 331 63.89 -50.30 -59.45
CA GLY C 331 65.17 -50.97 -59.31
C GLY C 331 65.33 -52.17 -60.23
N THR C 332 64.21 -52.82 -60.55
CA THR C 332 64.24 -54.00 -61.41
C THR C 332 64.21 -53.62 -62.89
N LEU C 333 63.33 -52.69 -63.25
CA LEU C 333 63.15 -52.29 -64.63
C LEU C 333 64.29 -51.40 -65.14
N LYS C 334 64.93 -50.69 -64.22
CA LYS C 334 66.10 -49.88 -64.52
C LYS C 334 65.87 -48.84 -65.63
N PRO C 335 65.03 -47.83 -65.35
CA PRO C 335 64.82 -46.76 -66.34
C PRO C 335 66.06 -45.89 -66.46
N GLU C 336 66.20 -45.20 -67.59
CA GLU C 336 67.38 -44.38 -67.84
C GLU C 336 67.05 -42.89 -67.74
N ASN C 337 68.08 -42.06 -67.52
CA ASN C 337 67.91 -40.61 -67.51
C ASN C 337 67.02 -40.07 -66.38
N VAL C 338 67.04 -40.77 -65.25
CA VAL C 338 66.24 -40.36 -64.09
C VAL C 338 66.99 -40.62 -62.80
N GLU C 339 66.85 -39.71 -61.85
CA GLU C 339 67.37 -39.92 -60.51
C GLU C 339 66.19 -39.85 -59.55
N ILE C 340 65.95 -40.96 -58.85
CA ILE C 340 64.76 -41.07 -58.01
C ILE C 340 65.15 -41.24 -56.55
N HIS C 341 64.60 -40.39 -55.70
CA HIS C 341 64.80 -40.53 -54.27
C HIS C 341 63.53 -41.04 -53.61
N PHE C 342 63.65 -42.17 -52.93
CA PHE C 342 62.52 -42.79 -52.24
C PHE C 342 62.59 -42.45 -50.76
N LEU C 343 61.71 -41.56 -50.32
CA LEU C 343 61.75 -41.04 -48.97
C LEU C 343 60.54 -41.45 -48.13
N SER C 344 60.78 -41.67 -46.84
CA SER C 344 59.71 -41.92 -45.89
C SER C 344 60.21 -41.65 -44.47
N ALA C 345 59.55 -40.71 -43.79
CA ALA C 345 59.86 -40.45 -42.39
C ALA C 345 59.05 -41.41 -41.54
N VAL C 346 59.68 -42.51 -41.13
CA VAL C 346 58.95 -43.58 -40.46
C VAL C 346 58.97 -43.41 -38.94
N CYS C 347 57.79 -43.55 -38.34
CA CYS C 347 57.64 -43.47 -36.90
C CYS C 347 56.32 -44.10 -36.47
N GLU C 348 56.04 -44.08 -35.17
CA GLU C 348 54.81 -44.66 -34.65
C GLU C 348 54.12 -43.68 -33.70
N ASN C 349 52.82 -43.46 -33.92
CA ASN C 349 52.05 -42.54 -33.09
C ASN C 349 51.36 -43.26 -31.93
N MET C 350 51.89 -43.06 -30.72
CA MET C 350 51.43 -43.81 -29.55
C MET C 350 51.11 -42.90 -28.36
N VAL C 351 50.48 -43.47 -27.34
CA VAL C 351 50.15 -42.72 -26.14
C VAL C 351 51.13 -43.06 -25.02
N SER C 352 51.76 -42.03 -24.47
CA SER C 352 52.82 -42.21 -23.48
C SER C 352 53.08 -40.95 -22.69
N LYS C 353 53.91 -41.06 -21.66
CA LYS C 353 54.39 -39.90 -20.92
C LYS C 353 55.32 -39.07 -21.78
N ASN C 354 55.93 -39.70 -22.78
CA ASN C 354 56.86 -39.03 -23.69
C ASN C 354 56.15 -38.47 -24.93
N SER C 355 54.89 -38.84 -25.11
CA SER C 355 54.13 -38.40 -26.28
C SER C 355 53.99 -36.88 -26.28
N TYR C 356 53.82 -36.30 -27.47
CA TYR C 356 53.58 -34.87 -27.56
C TYR C 356 52.11 -34.58 -27.28
N ARG C 357 51.83 -33.41 -26.71
CA ARG C 357 50.50 -33.06 -26.22
C ARG C 357 49.78 -32.11 -27.15
N PRO C 358 48.44 -32.13 -27.10
CA PRO C 358 47.66 -31.11 -27.80
C PRO C 358 48.00 -29.73 -27.28
N GLY C 359 48.31 -28.80 -28.19
CA GLY C 359 48.68 -27.45 -27.79
C GLY C 359 50.17 -27.25 -27.85
N ASP C 360 50.91 -28.36 -27.88
CA ASP C 360 52.37 -28.29 -27.98
C ASP C 360 52.77 -27.54 -29.24
N ILE C 361 53.75 -26.66 -29.12
CA ILE C 361 54.30 -25.97 -30.27
C ILE C 361 55.67 -26.54 -30.62
N ILE C 362 55.81 -27.03 -31.85
CA ILE C 362 57.03 -27.66 -32.29
C ILE C 362 57.63 -26.87 -33.44
N THR C 363 58.92 -27.09 -33.69
CA THR C 363 59.61 -26.33 -34.73
C THR C 363 60.10 -27.27 -35.83
N ALA C 364 59.59 -27.05 -37.03
CA ALA C 364 59.97 -27.89 -38.17
C ALA C 364 61.38 -27.58 -38.63
N SER C 365 61.90 -28.41 -39.52
CA SER C 365 63.28 -28.30 -39.95
C SER C 365 63.51 -27.10 -40.87
N ASN C 366 62.43 -26.41 -41.24
CA ASN C 366 62.56 -25.23 -42.08
C ASN C 366 62.38 -23.95 -41.27
N GLY C 367 62.35 -24.09 -39.95
CA GLY C 367 62.27 -22.96 -39.06
C GLY C 367 60.87 -22.55 -38.64
N LYS C 368 59.86 -23.06 -39.34
CA LYS C 368 58.48 -22.73 -39.03
C LYS C 368 58.02 -23.43 -37.76
N THR C 369 57.44 -22.66 -36.84
CA THR C 369 56.89 -23.22 -35.61
C THR C 369 55.45 -23.62 -35.82
N ILE C 370 55.07 -24.76 -35.27
CA ILE C 370 53.75 -25.34 -35.51
C ILE C 370 53.00 -25.60 -34.20
N GLU C 371 51.81 -25.01 -34.08
CA GLU C 371 50.96 -25.30 -32.94
C GLU C 371 50.10 -26.53 -33.21
N VAL C 372 50.33 -27.58 -32.43
CA VAL C 372 49.59 -28.83 -32.57
C VAL C 372 48.19 -28.71 -31.98
N GLY C 373 47.18 -28.87 -32.83
CA GLY C 373 45.80 -28.79 -32.39
C GLY C 373 45.20 -30.16 -32.13
N ASN C 374 45.81 -31.18 -32.73
CA ASN C 374 45.35 -32.55 -32.60
C ASN C 374 46.48 -33.53 -32.88
N THR C 375 46.78 -34.36 -31.89
CA THR C 375 47.90 -35.29 -32.01
C THR C 375 47.61 -36.41 -33.00
N ASP C 376 46.35 -36.48 -33.43
CA ASP C 376 45.94 -37.48 -34.42
C ASP C 376 46.19 -37.00 -35.84
N ALA C 377 46.55 -35.73 -35.98
CA ALA C 377 46.94 -35.19 -37.27
C ALA C 377 48.46 -35.20 -37.45
N GLU C 378 49.07 -36.36 -37.24
CA GLU C 378 50.52 -36.48 -37.21
C GLU C 378 51.13 -36.67 -38.59
N GLY C 379 50.35 -37.24 -39.50
CA GLY C 379 50.82 -37.53 -40.84
C GLY C 379 51.37 -36.31 -41.55
N ARG C 380 50.68 -35.18 -41.40
CA ARG C 380 51.11 -33.94 -42.03
C ARG C 380 52.34 -33.38 -41.33
N LEU C 381 52.51 -33.76 -40.07
CA LEU C 381 53.66 -33.31 -39.29
C LEU C 381 54.95 -33.98 -39.76
N THR C 382 54.89 -35.28 -39.99
CA THR C 382 56.06 -36.03 -40.44
C THR C 382 56.41 -35.69 -41.87
N LEU C 383 55.39 -35.53 -42.70
CA LEU C 383 55.57 -35.20 -44.11
C LEU C 383 56.15 -33.80 -44.29
N ALA C 384 55.85 -32.91 -43.33
CA ALA C 384 56.37 -31.55 -43.35
C ALA C 384 57.89 -31.57 -43.38
N ASP C 385 58.48 -32.29 -42.44
CA ASP C 385 59.94 -32.41 -42.37
C ASP C 385 60.46 -33.23 -43.55
N ALA C 386 59.68 -34.22 -43.99
CA ALA C 386 60.06 -35.06 -45.11
C ALA C 386 60.11 -34.26 -46.41
N LEU C 387 59.19 -33.31 -46.54
CA LEU C 387 59.14 -32.47 -47.74
C LEU C 387 60.29 -31.49 -47.75
N VAL C 388 60.68 -31.02 -46.56
CA VAL C 388 61.83 -30.14 -46.43
C VAL C 388 63.10 -30.89 -46.82
N TYR C 389 63.21 -32.11 -46.31
CA TYR C 389 64.32 -33.00 -46.67
C TYR C 389 64.37 -33.23 -48.17
N ALA C 390 63.19 -33.43 -48.77
CA ALA C 390 63.10 -33.73 -50.19
C ALA C 390 63.54 -32.53 -51.02
N GLU C 391 63.07 -31.35 -50.65
CA GLU C 391 63.36 -30.14 -51.40
C GLU C 391 64.84 -29.78 -51.30
N LYS C 392 65.46 -30.17 -50.20
CA LYS C 392 66.89 -29.93 -50.00
C LYS C 392 67.73 -30.75 -51.00
N LEU C 393 67.14 -31.83 -51.51
CA LEU C 393 67.83 -32.68 -52.47
C LEU C 393 67.98 -31.99 -53.82
N GLY C 394 67.23 -30.91 -54.02
CA GLY C 394 67.31 -30.18 -55.27
C GLY C 394 66.67 -31.04 -56.35
N VAL C 395 65.40 -31.33 -56.17
CA VAL C 395 64.69 -32.23 -57.07
C VAL C 395 63.74 -31.44 -57.98
N ASP C 396 63.32 -32.07 -59.07
CA ASP C 396 62.43 -31.41 -60.02
C ASP C 396 60.98 -31.55 -59.61
N TYR C 397 60.64 -32.74 -59.15
CA TYR C 397 59.27 -33.07 -58.78
C TYR C 397 59.26 -33.70 -57.39
N ILE C 398 58.40 -33.17 -56.52
CA ILE C 398 58.16 -33.81 -55.25
C ILE C 398 56.75 -34.37 -55.19
N VAL C 399 56.64 -35.68 -55.05
CA VAL C 399 55.33 -36.33 -54.98
C VAL C 399 55.22 -37.13 -53.70
N ASP C 400 54.36 -36.67 -52.80
CA ASP C 400 54.10 -37.40 -51.56
C ASP C 400 52.84 -38.23 -51.70
N ILE C 401 52.79 -39.35 -51.00
CA ILE C 401 51.63 -40.22 -51.02
C ILE C 401 51.37 -40.72 -49.60
N ALA C 402 50.14 -40.54 -49.11
CA ALA C 402 49.88 -40.77 -47.70
C ALA C 402 48.41 -41.00 -47.37
N THR C 403 48.17 -41.90 -46.43
CA THR C 403 46.86 -42.09 -45.82
C THR C 403 46.61 -40.93 -44.87
N LEU C 404 46.33 -39.75 -45.42
CA LEU C 404 46.39 -38.53 -44.64
C LEU C 404 45.08 -38.14 -43.96
N THR C 405 43.98 -38.16 -44.71
CA THR C 405 42.70 -37.69 -44.19
C THR C 405 41.57 -38.69 -44.36
N GLY C 406 40.81 -38.92 -43.29
CA GLY C 406 39.67 -39.80 -43.33
C GLY C 406 38.52 -39.22 -44.12
N ALA C 407 38.54 -37.90 -44.29
CA ALA C 407 37.52 -37.20 -45.07
C ALA C 407 37.49 -37.68 -46.51
N MET C 408 38.59 -38.31 -46.94
CA MET C 408 38.66 -38.84 -48.29
C MET C 408 37.56 -39.88 -48.51
N LEU C 409 37.14 -40.54 -47.44
CA LEU C 409 36.03 -41.48 -47.52
C LEU C 409 34.72 -40.79 -47.85
N TYR C 410 34.62 -39.52 -47.49
CA TYR C 410 33.42 -38.73 -47.78
C TYR C 410 33.55 -37.97 -49.10
N SER C 411 34.79 -37.77 -49.55
CA SER C 411 35.04 -37.08 -50.81
C SER C 411 34.90 -38.01 -52.02
N LEU C 412 35.92 -38.84 -52.23
CA LEU C 412 35.98 -39.70 -53.41
C LEU C 412 35.60 -41.14 -53.10
N GLY C 413 35.64 -41.50 -51.82
CA GLY C 413 35.26 -42.85 -51.43
C GLY C 413 36.40 -43.84 -51.41
N THR C 414 36.11 -45.06 -51.85
CA THR C 414 37.05 -46.17 -51.73
C THR C 414 37.76 -46.55 -53.04
N SER C 415 37.33 -45.97 -54.15
CA SER C 415 37.86 -46.34 -55.46
C SER C 415 38.87 -45.35 -56.03
N TYR C 416 38.57 -44.06 -55.89
CA TYR C 416 39.41 -43.01 -56.46
C TYR C 416 40.24 -42.31 -55.40
N ALA C 417 41.52 -42.12 -55.66
CA ALA C 417 42.38 -41.37 -54.75
C ALA C 417 42.37 -39.90 -55.16
N GLY C 418 42.67 -39.02 -54.20
CA GLY C 418 42.69 -37.60 -54.47
C GLY C 418 44.10 -37.08 -54.62
N VAL C 419 44.31 -36.23 -55.61
CA VAL C 419 45.62 -35.62 -55.81
C VAL C 419 45.53 -34.11 -55.69
N PHE C 420 46.41 -33.54 -54.87
CA PHE C 420 46.51 -32.10 -54.72
C PHE C 420 47.87 -31.68 -55.23
N GLY C 421 48.08 -30.38 -55.39
CA GLY C 421 49.36 -29.89 -55.86
C GLY C 421 49.46 -28.38 -55.98
N ASN C 422 50.66 -27.91 -56.26
CA ASN C 422 50.92 -26.50 -56.47
C ASN C 422 51.31 -26.23 -57.92
N ASN C 423 51.30 -27.30 -58.73
CA ASN C 423 51.72 -27.24 -60.12
C ASN C 423 50.83 -28.04 -61.07
N GLU C 424 50.35 -27.39 -62.13
CA GLU C 424 49.36 -28.00 -63.01
C GLU C 424 49.95 -29.08 -63.90
N GLU C 425 51.21 -28.95 -64.26
CA GLU C 425 51.85 -29.93 -65.13
C GLU C 425 52.16 -31.21 -64.37
N LEU C 426 52.57 -31.07 -63.12
CA LEU C 426 52.88 -32.21 -62.29
C LEU C 426 51.63 -33.02 -61.99
N ILE C 427 50.54 -32.33 -61.73
CA ILE C 427 49.26 -32.98 -61.47
C ILE C 427 48.79 -33.73 -62.72
N ASN C 428 48.97 -33.12 -63.88
CA ASN C 428 48.58 -33.74 -65.14
C ASN C 428 49.38 -35.01 -65.43
N LYS C 429 50.64 -35.03 -64.98
CA LYS C 429 51.46 -36.22 -65.15
C LYS C 429 50.98 -37.33 -64.24
N ILE C 430 50.57 -36.95 -63.03
CA ILE C 430 50.00 -37.91 -62.09
C ILE C 430 48.72 -38.51 -62.68
N LEU C 431 47.89 -37.66 -63.28
CA LEU C 431 46.65 -38.12 -63.87
C LEU C 431 46.94 -39.04 -65.06
N GLN C 432 47.94 -38.68 -65.85
CA GLN C 432 48.39 -39.53 -66.96
C GLN C 432 48.98 -40.83 -66.47
N SER C 433 49.70 -40.77 -65.36
CA SER C 433 50.25 -41.98 -64.76
C SER C 433 49.11 -42.80 -64.18
N SER C 434 48.09 -42.10 -63.67
CA SER C 434 46.89 -42.76 -63.16
C SER C 434 46.17 -43.56 -64.24
N LYS C 435 46.14 -43.00 -65.45
CA LYS C 435 45.45 -43.65 -66.57
C LYS C 435 46.17 -44.91 -67.07
N THR C 436 47.49 -44.84 -67.17
CA THR C 436 48.27 -45.94 -67.74
C THR C 436 48.65 -46.99 -66.69
N SER C 437 48.81 -46.54 -65.45
CA SER C 437 49.11 -47.46 -64.36
C SER C 437 47.82 -48.17 -63.97
N ASN C 438 46.70 -47.61 -64.38
CA ASN C 438 45.41 -48.19 -64.05
C ASN C 438 45.15 -48.14 -62.55
N GLU C 439 45.67 -47.09 -61.91
CA GLU C 439 45.29 -46.75 -60.54
C GLU C 439 44.56 -45.40 -60.47
N PRO C 440 43.22 -45.42 -60.33
CA PRO C 440 42.41 -44.22 -60.50
C PRO C 440 42.65 -43.13 -59.44
N VAL C 441 42.82 -41.90 -59.92
CA VAL C 441 43.05 -40.75 -59.04
C VAL C 441 42.27 -39.52 -59.55
N TRP C 442 41.70 -38.76 -58.63
CA TRP C 442 40.94 -37.57 -59.01
C TRP C 442 41.56 -36.28 -58.45
N TRP C 443 41.55 -35.24 -59.28
CA TRP C 443 42.15 -33.96 -58.91
C TRP C 443 41.23 -33.16 -57.99
N LEU C 444 41.75 -32.78 -56.82
CA LEU C 444 41.03 -31.94 -55.87
C LEU C 444 41.77 -30.62 -55.67
N PRO C 445 41.02 -29.56 -55.33
CA PRO C 445 41.59 -28.21 -55.26
C PRO C 445 42.19 -27.87 -53.90
N ILE C 446 43.27 -27.11 -53.90
CA ILE C 446 43.78 -26.52 -52.67
C ILE C 446 43.23 -25.10 -52.53
N ILE C 447 42.23 -24.95 -51.66
CA ILE C 447 41.52 -23.68 -51.53
C ILE C 447 42.19 -22.73 -50.54
N ASN C 448 42.82 -21.68 -51.07
CA ASN C 448 43.62 -20.75 -50.27
C ASN C 448 42.80 -19.91 -49.29
N GLU C 449 41.50 -19.83 -49.49
CA GLU C 449 40.66 -19.04 -48.60
C GLU C 449 40.62 -19.69 -47.21
N TYR C 450 40.90 -20.98 -47.16
CA TYR C 450 40.89 -21.73 -45.91
C TYR C 450 42.19 -21.50 -45.14
N ARG C 451 43.20 -21.02 -45.84
CA ARG C 451 44.54 -20.82 -45.27
C ARG C 451 44.51 -19.95 -44.03
N ALA C 452 43.57 -19.01 -43.98
CA ALA C 452 43.48 -18.06 -42.87
C ALA C 452 43.08 -18.75 -41.57
N THR C 453 42.49 -19.93 -41.67
CA THR C 453 42.06 -20.66 -40.49
C THR C 453 43.24 -21.34 -39.82
N LEU C 454 44.37 -21.36 -40.51
CA LEU C 454 45.60 -21.94 -39.97
C LEU C 454 46.50 -20.89 -39.32
N ASN C 455 45.99 -19.65 -39.22
CA ASN C 455 46.74 -18.56 -38.61
C ASN C 455 46.77 -18.69 -37.09
N SER C 456 47.89 -19.16 -36.56
CA SER C 456 48.03 -19.37 -35.12
C SER C 456 48.20 -18.07 -34.34
N LYS C 457 47.69 -18.07 -33.12
CA LYS C 457 47.79 -16.91 -32.25
C LYS C 457 49.22 -16.75 -31.74
N TYR C 458 49.92 -17.88 -31.59
CA TYR C 458 51.24 -17.87 -31.00
C TYR C 458 52.32 -18.43 -31.92
N ALA C 459 52.04 -19.55 -32.57
CA ALA C 459 52.99 -20.15 -33.50
C ALA C 459 52.89 -19.49 -34.88
N ASP C 460 53.77 -19.90 -35.79
CA ASP C 460 53.75 -19.38 -37.15
C ASP C 460 52.49 -19.86 -37.86
N ILE C 461 52.18 -21.14 -37.66
CA ILE C 461 51.06 -21.75 -38.36
C ILE C 461 50.40 -22.82 -37.49
N ASN C 462 49.09 -22.95 -37.64
CA ASN C 462 48.35 -24.01 -36.95
C ASN C 462 48.51 -25.32 -37.68
N GLN C 463 48.50 -26.42 -36.93
CA GLN C 463 48.58 -27.74 -37.52
C GLN C 463 47.24 -28.06 -38.19
N ILE C 464 46.16 -27.77 -37.48
CA ILE C 464 44.82 -28.04 -37.98
C ILE C 464 43.95 -26.79 -37.94
N SER C 465 42.80 -26.87 -38.59
CA SER C 465 41.82 -25.80 -38.54
C SER C 465 40.80 -26.11 -37.45
N SER C 466 40.34 -25.09 -36.74
CA SER C 466 39.30 -25.25 -35.74
C SER C 466 37.93 -25.35 -36.42
N SER C 467 37.76 -24.57 -37.48
CA SER C 467 36.46 -24.41 -38.13
C SER C 467 36.28 -25.27 -39.38
N VAL C 468 37.10 -25.03 -40.40
CA VAL C 468 36.93 -25.67 -41.70
C VAL C 468 36.96 -27.20 -41.59
N LYS C 469 35.92 -27.84 -42.13
CA LYS C 469 35.78 -29.29 -42.01
C LYS C 469 36.29 -29.98 -43.27
N ALA C 470 36.76 -29.19 -44.23
CA ALA C 470 37.42 -29.73 -45.41
C ALA C 470 38.84 -30.19 -45.07
N SER C 471 38.93 -31.24 -44.28
CA SER C 471 40.20 -31.68 -43.73
C SER C 471 41.21 -32.10 -44.81
N SER C 472 40.70 -32.62 -45.93
CA SER C 472 41.57 -33.03 -47.02
C SER C 472 42.26 -31.84 -47.68
N ILE C 473 41.54 -30.74 -47.83
CA ILE C 473 42.10 -29.54 -48.43
C ILE C 473 42.98 -28.75 -47.47
N VAL C 474 42.53 -28.64 -46.22
CA VAL C 474 43.27 -27.92 -45.19
C VAL C 474 44.63 -28.59 -44.96
N ALA C 475 44.64 -29.91 -44.95
CA ALA C 475 45.88 -30.66 -44.79
C ALA C 475 46.84 -30.34 -45.92
N SER C 476 46.30 -30.24 -47.13
CA SER C 476 47.09 -29.88 -48.30
C SER C 476 47.63 -28.45 -48.18
N LEU C 477 46.82 -27.57 -47.59
CA LEU C 477 47.26 -26.19 -47.33
C LEU C 477 48.44 -26.18 -46.38
N PHE C 478 48.42 -27.10 -45.41
CA PHE C 478 49.50 -27.23 -44.44
C PHE C 478 50.76 -27.73 -45.15
N LEU C 479 50.62 -28.78 -45.94
CA LEU C 479 51.74 -29.36 -46.68
C LEU C 479 52.34 -28.33 -47.64
N LYS C 480 51.47 -27.53 -48.24
CA LYS C 480 51.87 -26.51 -49.21
C LYS C 480 52.84 -25.51 -48.60
N GLU C 481 52.76 -25.33 -47.29
CA GLU C 481 53.59 -24.37 -46.57
C GLU C 481 55.05 -24.83 -46.42
N PHE C 482 55.29 -26.11 -46.67
CA PHE C 482 56.63 -26.67 -46.49
C PHE C 482 57.32 -27.01 -47.81
N VAL C 483 56.80 -26.44 -48.90
CA VAL C 483 57.47 -26.49 -50.18
C VAL C 483 57.53 -25.07 -50.74
N GLN C 484 58.74 -24.53 -50.87
CA GLN C 484 58.91 -23.12 -51.18
C GLN C 484 58.98 -22.85 -52.68
N ASN C 485 59.80 -23.61 -53.40
CA ASN C 485 59.99 -23.37 -54.82
C ASN C 485 60.24 -24.66 -55.60
N THR C 486 59.39 -25.67 -55.37
CA THR C 486 59.50 -26.94 -56.08
C THR C 486 58.14 -27.47 -56.49
N ALA C 487 58.06 -28.06 -57.67
CA ALA C 487 56.84 -28.70 -58.13
C ALA C 487 56.45 -29.82 -57.19
N TRP C 488 55.25 -29.75 -56.62
CA TRP C 488 54.83 -30.71 -55.61
C TRP C 488 53.38 -31.17 -55.81
N ALA C 489 53.18 -32.48 -55.73
CA ALA C 489 51.85 -33.05 -55.80
C ALA C 489 51.61 -33.93 -54.59
N HIS C 490 50.36 -33.98 -54.14
CA HIS C 490 50.02 -34.71 -52.92
C HIS C 490 48.88 -35.69 -53.19
N ILE C 491 49.18 -36.97 -53.03
CA ILE C 491 48.19 -38.02 -53.28
C ILE C 491 47.68 -38.61 -51.98
N ASP C 492 46.42 -38.33 -51.67
CA ASP C 492 45.79 -38.82 -50.46
C ASP C 492 45.13 -40.17 -50.71
N ILE C 493 45.71 -41.22 -50.11
CA ILE C 493 45.27 -42.58 -50.36
C ILE C 493 44.62 -43.20 -49.13
N ALA C 494 44.08 -42.35 -48.26
CA ALA C 494 43.43 -42.81 -47.04
C ALA C 494 42.20 -43.65 -47.37
N GLY C 495 41.46 -43.25 -48.40
CA GLY C 495 40.24 -43.93 -48.78
C GLY C 495 40.44 -45.17 -49.63
N VAL C 496 41.45 -45.17 -50.48
CA VAL C 496 41.62 -46.23 -51.47
C VAL C 496 42.61 -47.32 -51.08
N SER C 497 43.43 -47.05 -50.06
CA SER C 497 44.54 -47.94 -49.75
C SER C 497 44.08 -49.32 -49.28
N TRP C 498 43.03 -49.36 -48.46
CA TRP C 498 42.59 -50.63 -47.90
C TRP C 498 41.32 -51.14 -48.57
N ASN C 499 41.36 -52.41 -48.97
CA ASN C 499 40.21 -53.07 -49.56
C ASN C 499 39.32 -53.66 -48.47
N PHE C 500 38.30 -52.90 -48.10
CA PHE C 500 37.44 -53.27 -46.98
C PHE C 500 36.65 -54.54 -47.29
N LYS C 501 36.31 -54.72 -48.56
CA LYS C 501 35.53 -55.87 -48.99
C LYS C 501 36.35 -57.16 -48.94
N ALA C 502 37.59 -57.10 -49.42
CA ALA C 502 38.46 -58.27 -49.43
C ALA C 502 39.26 -58.43 -48.13
N ARG C 503 39.14 -57.43 -47.26
CA ARG C 503 39.85 -57.43 -45.99
C ARG C 503 41.36 -57.55 -46.18
N LYS C 504 41.88 -56.85 -47.18
CA LYS C 504 43.31 -56.87 -47.46
C LYS C 504 43.72 -55.58 -48.16
N PRO C 505 45.03 -55.32 -48.22
CA PRO C 505 45.56 -54.11 -48.86
C PRO C 505 45.45 -54.15 -50.38
N LYS C 506 45.46 -52.98 -51.01
CA LYS C 506 45.46 -52.89 -52.46
C LYS C 506 46.88 -52.76 -52.98
N GLY C 507 47.78 -52.29 -52.13
CA GLY C 507 49.13 -51.97 -52.56
C GLY C 507 49.04 -50.80 -53.52
N PHE C 508 48.12 -49.89 -53.22
CA PHE C 508 47.81 -48.78 -54.12
C PHE C 508 48.97 -47.79 -54.20
N GLY C 509 49.25 -47.32 -55.42
CA GLY C 509 50.26 -46.30 -55.62
C GLY C 509 51.51 -46.81 -56.31
N VAL C 510 51.82 -48.09 -56.11
CA VAL C 510 53.04 -48.69 -56.63
C VAL C 510 53.12 -48.55 -58.15
N ARG C 511 52.09 -48.99 -58.85
CA ARG C 511 52.06 -48.89 -60.30
C ARG C 511 51.90 -47.45 -60.76
N LEU C 512 51.12 -46.67 -60.03
CA LEU C 512 50.94 -45.26 -60.36
C LEU C 512 52.27 -44.52 -60.31
N LEU C 513 53.02 -44.71 -59.23
CA LEU C 513 54.31 -44.04 -59.06
C LEU C 513 55.34 -44.55 -60.04
N THR C 514 55.33 -45.85 -60.32
CA THR C 514 56.30 -46.44 -61.23
C THR C 514 56.05 -45.96 -62.66
N GLU C 515 54.77 -45.92 -63.04
CA GLU C 515 54.39 -45.36 -64.34
C GLU C 515 54.72 -43.88 -64.42
N PHE C 516 54.63 -43.20 -63.29
CA PHE C 516 54.96 -41.78 -63.22
C PHE C 516 56.44 -41.60 -63.55
N VAL C 517 57.26 -42.51 -63.04
CA VAL C 517 58.70 -42.44 -63.26
C VAL C 517 59.08 -42.87 -64.67
N LEU C 518 58.46 -43.93 -65.15
CA LEU C 518 58.77 -44.49 -66.47
C LEU C 518 58.29 -43.61 -67.62
N ASN C 519 57.07 -43.10 -67.51
CA ASN C 519 56.42 -42.38 -68.59
C ASN C 519 56.91 -40.95 -68.76
N ASP C 520 57.60 -40.43 -67.75
CA ASP C 520 58.21 -39.12 -67.84
C ASP C 520 59.02 -38.96 -69.13
N SER D 3 -2.47 -18.95 -54.41
CA SER D 3 -3.06 -19.80 -53.40
C SER D 3 -2.83 -19.20 -52.02
N GLU D 4 -3.82 -19.38 -51.15
CA GLU D 4 -3.80 -18.81 -49.80
C GLU D 4 -3.02 -19.69 -48.82
N VAL D 5 -2.12 -19.06 -48.07
CA VAL D 5 -1.28 -19.77 -47.12
C VAL D 5 -2.06 -20.09 -45.85
N PRO D 6 -2.19 -21.38 -45.53
CA PRO D 6 -2.91 -21.88 -44.36
C PRO D 6 -2.29 -21.41 -43.05
N GLN D 7 -3.12 -21.25 -42.03
CA GLN D 7 -2.65 -20.78 -40.72
C GLN D 7 -3.07 -21.71 -39.59
N VAL D 8 -2.23 -21.79 -38.57
CA VAL D 8 -2.57 -22.49 -37.34
C VAL D 8 -3.20 -21.47 -36.39
N VAL D 9 -2.55 -20.32 -36.30
CA VAL D 9 -3.11 -19.18 -35.56
C VAL D 9 -3.19 -17.98 -36.50
N SER D 10 -3.99 -17.00 -36.13
CA SER D 10 -4.20 -15.83 -36.98
C SER D 10 -2.95 -14.96 -37.06
N LEU D 11 -2.01 -15.18 -36.15
CA LEU D 11 -0.78 -14.38 -36.11
C LEU D 11 0.28 -14.95 -37.04
N ASP D 12 0.03 -16.13 -37.59
CA ASP D 12 0.95 -16.72 -38.57
C ASP D 12 0.93 -15.93 -39.86
N PRO D 13 2.11 -15.50 -40.34
CA PRO D 13 2.22 -14.71 -41.57
C PRO D 13 1.73 -15.46 -42.79
N THR D 14 1.18 -14.75 -43.77
CA THR D 14 0.59 -15.38 -44.95
C THR D 14 1.34 -15.01 -46.22
N SER D 15 2.44 -14.28 -46.07
CA SER D 15 3.26 -13.92 -47.23
C SER D 15 4.70 -13.61 -46.85
N ILE D 16 5.61 -13.84 -47.79
CA ILE D 16 7.01 -13.47 -47.62
C ILE D 16 7.21 -12.01 -47.97
N PRO D 17 7.61 -11.20 -46.98
CA PRO D 17 7.93 -9.79 -47.26
C PRO D 17 9.13 -9.69 -48.20
N ILE D 18 9.00 -8.91 -49.27
CA ILE D 18 10.08 -8.78 -50.24
C ILE D 18 10.38 -7.32 -50.58
N GLU D 19 11.64 -6.93 -50.44
CA GLU D 19 12.05 -5.60 -50.83
C GLU D 19 12.59 -5.64 -52.25
N TYR D 20 11.83 -5.06 -53.17
CA TYR D 20 12.19 -5.04 -54.58
C TYR D 20 13.01 -3.78 -54.87
N ASN D 21 12.54 -2.65 -54.37
CA ASN D 21 13.25 -1.39 -54.53
C ASN D 21 14.24 -1.15 -53.39
N THR D 22 15.48 -1.63 -53.56
CA THR D 22 16.49 -1.45 -52.53
C THR D 22 17.22 -0.12 -52.67
N PRO D 23 17.79 0.37 -51.55
CA PRO D 23 18.61 1.59 -51.51
C PRO D 23 19.81 1.52 -52.47
N ILE D 24 20.22 0.31 -52.83
CA ILE D 24 21.32 0.13 -53.77
C ILE D 24 20.91 0.68 -55.12
N HIS D 25 19.64 0.48 -55.48
CA HIS D 25 19.12 0.93 -56.76
C HIS D 25 19.08 2.45 -56.86
N ASP D 26 19.19 3.14 -55.73
CA ASP D 26 19.17 4.60 -55.72
C ASP D 26 20.55 5.19 -55.90
N ILE D 27 21.57 4.34 -55.85
CA ILE D 27 22.95 4.79 -55.98
C ILE D 27 23.37 5.05 -57.43
N LYS D 28 23.74 6.29 -57.71
CA LYS D 28 24.22 6.66 -59.04
C LYS D 28 25.71 6.36 -59.15
N VAL D 29 26.06 5.50 -60.11
CA VAL D 29 27.44 5.06 -60.28
C VAL D 29 28.11 5.81 -61.41
N GLN D 30 29.26 6.42 -61.11
CA GLN D 30 30.04 7.15 -62.11
C GLN D 30 31.42 6.54 -62.21
N VAL D 31 31.84 6.23 -63.43
CA VAL D 31 33.16 5.64 -63.65
C VAL D 31 34.08 6.63 -64.36
N TYR D 32 35.21 6.92 -63.74
CA TYR D 32 36.20 7.82 -64.30
C TYR D 32 37.48 7.06 -64.60
N ASP D 33 38.29 7.58 -65.51
CA ASP D 33 39.57 6.96 -65.80
C ASP D 33 40.62 7.49 -64.84
N ILE D 34 41.37 6.57 -64.25
CA ILE D 34 42.34 6.91 -63.22
C ILE D 34 43.51 7.69 -63.78
N LYS D 35 43.76 7.55 -65.07
CA LYS D 35 44.84 8.28 -65.73
C LYS D 35 44.59 9.79 -65.82
N GLY D 36 43.77 10.34 -64.94
CA GLY D 36 43.45 11.75 -65.02
C GLY D 36 43.33 12.49 -63.70
N GLY D 37 43.57 11.78 -62.60
CA GLY D 37 43.50 12.39 -61.28
C GLY D 37 42.12 12.23 -60.67
N CYS D 38 42.07 12.26 -59.35
CA CYS D 38 40.83 12.08 -58.60
C CYS D 38 40.29 13.39 -58.02
N ASN D 39 38.97 13.55 -58.04
CA ASN D 39 38.35 14.70 -57.40
C ASN D 39 37.77 14.29 -56.04
N VAL D 40 38.34 14.85 -54.96
CA VAL D 40 37.88 14.53 -53.62
C VAL D 40 37.04 15.65 -52.98
N GLU D 41 35.91 15.98 -53.59
CA GLU D 41 35.07 17.04 -53.06
C GLU D 41 34.11 16.51 -51.98
N GLU D 42 33.05 15.81 -52.40
CA GLU D 42 32.06 15.28 -51.49
C GLU D 42 32.39 13.88 -50.94
N GLY D 43 31.71 13.49 -49.87
CA GLY D 43 31.72 12.12 -49.39
C GLY D 43 33.01 11.51 -48.88
N LEU D 44 33.09 10.19 -49.03
CA LEU D 44 34.23 9.38 -48.60
C LEU D 44 35.04 8.88 -49.79
N THR D 45 36.36 9.02 -49.70
CA THR D 45 37.24 8.54 -50.76
C THR D 45 38.19 7.44 -50.28
N ILE D 46 38.07 6.26 -50.86
CA ILE D 46 38.88 5.10 -50.45
C ILE D 46 39.80 4.60 -51.57
N PHE D 47 41.08 4.46 -51.26
CA PHE D 47 42.05 3.93 -52.21
C PHE D 47 42.34 2.44 -51.97
N LEU D 48 42.19 1.65 -53.02
CA LEU D 48 42.57 0.24 -52.97
C LEU D 48 44.04 0.10 -53.39
N VAL D 49 44.90 -0.16 -52.41
CA VAL D 49 46.34 -0.16 -52.65
C VAL D 49 47.02 -1.47 -52.24
N ASN D 50 48.00 -1.89 -53.02
CA ASN D 50 48.79 -3.08 -52.69
C ASN D 50 50.29 -2.78 -52.71
N ASN D 51 51.08 -3.79 -52.36
CA ASN D 51 52.53 -3.70 -52.38
C ASN D 51 53.15 -5.04 -52.80
N PRO D 52 53.30 -5.25 -54.12
CA PRO D 52 53.88 -6.47 -54.68
C PRO D 52 55.28 -6.75 -54.13
N GLY D 53 55.52 -8.00 -53.75
CA GLY D 53 56.82 -8.38 -53.21
C GLY D 53 56.90 -8.16 -51.72
N LYS D 54 56.80 -6.90 -51.30
CA LYS D 54 56.87 -6.54 -49.90
C LYS D 54 55.62 -6.99 -49.14
N GLU D 55 55.71 -8.15 -48.49
CA GLU D 55 54.60 -8.70 -47.73
C GLU D 55 54.24 -7.79 -46.55
N ASN D 56 52.99 -7.34 -46.54
CA ASN D 56 52.52 -6.38 -45.54
C ASN D 56 53.32 -5.08 -45.57
N GLY D 57 53.65 -4.62 -46.78
CA GLY D 57 54.46 -3.43 -46.94
C GLY D 57 53.67 -2.16 -46.67
N PRO D 58 54.35 -1.00 -46.76
CA PRO D 58 53.74 0.29 -46.47
C PRO D 58 52.77 0.73 -47.56
N VAL D 59 51.91 1.70 -47.25
CA VAL D 59 50.95 2.20 -48.21
C VAL D 59 51.51 3.37 -49.02
N LYS D 60 51.44 3.26 -50.33
CA LYS D 60 51.84 4.34 -51.22
C LYS D 60 50.74 4.67 -52.20
N ILE D 61 50.23 5.89 -52.12
CA ILE D 61 49.16 6.33 -53.01
C ILE D 61 49.78 6.84 -54.30
N SER D 62 49.59 6.10 -55.39
CA SER D 62 50.22 6.45 -56.65
C SER D 62 49.47 7.57 -57.38
N SER D 63 48.14 7.50 -57.36
CA SER D 63 47.30 8.42 -58.11
C SER D 63 47.45 9.87 -57.67
N LYS D 64 47.40 10.78 -58.65
CA LYS D 64 47.40 12.21 -58.37
C LYS D 64 46.03 12.67 -57.92
N VAL D 65 45.97 13.41 -56.83
CA VAL D 65 44.71 13.92 -56.30
C VAL D 65 44.61 15.44 -56.51
N ASN D 66 43.50 15.87 -57.11
CA ASN D 66 43.30 17.28 -57.42
C ASN D 66 42.79 18.06 -56.21
N ASP D 67 43.54 18.01 -55.12
CA ASP D 67 43.16 18.73 -53.90
C ASP D 67 44.38 18.88 -52.99
N LYS D 68 44.70 20.13 -52.67
CA LYS D 68 45.91 20.46 -51.92
C LYS D 68 45.89 19.93 -50.49
N GLN D 69 44.74 20.00 -49.83
CA GLN D 69 44.64 19.60 -48.43
C GLN D 69 44.64 18.08 -48.29
N VAL D 70 43.99 17.40 -49.22
CA VAL D 70 43.94 15.94 -49.22
C VAL D 70 45.27 15.34 -49.71
N SER D 71 45.92 16.04 -50.64
CA SER D 71 47.20 15.59 -51.18
C SER D 71 48.28 15.56 -50.10
N GLU D 72 48.24 16.53 -49.19
CA GLU D 72 49.18 16.55 -48.08
C GLU D 72 48.94 15.33 -47.21
N PHE D 73 47.66 14.97 -47.04
CA PHE D 73 47.29 13.79 -46.29
C PHE D 73 47.81 12.52 -46.95
N LEU D 74 47.67 12.47 -48.27
CA LEU D 74 47.99 11.26 -49.00
C LEU D 74 49.45 11.15 -49.40
N LYS D 75 50.32 11.99 -48.84
CA LYS D 75 51.72 11.89 -49.23
C LYS D 75 52.29 10.55 -48.72
N ASP D 76 53.58 10.34 -48.95
CA ASP D 76 54.19 9.07 -48.59
C ASP D 76 54.58 9.03 -47.11
N GLU D 77 55.03 10.15 -46.58
CA GLU D 77 55.50 10.22 -45.21
C GLU D 77 54.40 9.93 -44.18
N ASN D 78 53.15 10.25 -44.51
CA ASN D 78 52.04 9.97 -43.61
C ASN D 78 51.40 8.61 -43.87
N MET D 79 51.43 8.17 -45.12
CA MET D 79 50.75 6.93 -45.50
C MET D 79 51.62 5.71 -45.26
N GLU D 80 52.92 5.94 -45.08
CA GLU D 80 53.86 4.85 -44.87
C GLU D 80 53.59 4.17 -43.52
N LYS D 81 52.95 4.92 -42.62
CA LYS D 81 52.65 4.44 -41.29
C LYS D 81 51.59 3.35 -41.34
N PHE D 82 50.95 3.22 -42.51
CA PHE D 82 49.94 2.19 -42.74
C PHE D 82 50.48 1.10 -43.67
N ASN D 83 50.01 -0.12 -43.48
CA ASN D 83 50.46 -1.25 -44.29
C ASN D 83 49.32 -1.81 -45.13
N VAL D 84 49.65 -2.62 -46.13
CA VAL D 84 48.67 -3.11 -47.08
C VAL D 84 48.19 -4.53 -46.81
N LYS D 85 48.29 -4.97 -45.56
CA LYS D 85 47.81 -6.30 -45.18
C LYS D 85 46.34 -6.44 -45.61
N LEU D 86 46.04 -7.54 -46.29
CA LEU D 86 44.73 -7.75 -46.90
C LEU D 86 43.55 -7.59 -45.93
N GLY D 87 42.77 -6.53 -46.16
CA GLY D 87 41.59 -6.25 -45.36
C GLY D 87 41.75 -5.08 -44.41
N THR D 88 43.00 -4.70 -44.15
CA THR D 88 43.29 -3.59 -43.26
C THR D 88 42.83 -2.27 -43.87
N SER D 89 42.24 -1.41 -43.04
CA SER D 89 41.75 -0.12 -43.52
C SER D 89 41.91 1.01 -42.50
N LYS D 90 42.04 2.23 -43.03
CA LYS D 90 42.09 3.43 -42.22
C LYS D 90 41.39 4.56 -42.97
N HIS D 91 40.63 5.40 -42.28
CA HIS D 91 40.08 6.59 -42.93
C HIS D 91 40.01 7.76 -41.94
N PHE D 92 40.32 8.95 -42.42
CA PHE D 92 40.34 10.14 -41.58
C PHE D 92 39.34 11.17 -42.11
N TYR D 93 38.90 12.06 -41.22
CA TYR D 93 37.98 13.12 -41.58
C TYR D 93 38.74 14.43 -41.57
N MET D 94 38.53 15.23 -42.61
CA MET D 94 39.28 16.46 -42.79
C MET D 94 38.56 17.44 -43.71
N PHE D 95 39.04 18.67 -43.74
CA PHE D 95 38.50 19.68 -44.65
C PHE D 95 39.37 19.82 -45.88
N ASN D 96 38.74 19.94 -47.05
CA ASN D 96 39.46 20.12 -48.30
C ASN D 96 39.70 21.61 -48.59
N ASP D 97 40.12 21.92 -49.81
CA ASP D 97 40.48 23.29 -50.18
C ASP D 97 39.35 24.32 -50.01
N ASN D 98 38.10 23.92 -50.25
CA ASN D 98 36.94 24.82 -50.10
C ASN D 98 36.38 24.86 -48.69
N LYS D 99 36.88 23.96 -47.83
CA LYS D 99 36.44 23.85 -46.44
C LYS D 99 35.14 23.05 -46.24
N ASN D 100 35.04 21.92 -46.92
CA ASN D 100 33.95 20.97 -46.71
C ASN D 100 34.49 19.70 -46.05
N SER D 101 33.71 19.14 -45.14
CA SER D 101 34.12 17.94 -44.42
C SER D 101 34.12 16.70 -45.32
N VAL D 102 35.33 16.24 -45.68
CA VAL D 102 35.50 15.04 -46.48
C VAL D 102 36.17 13.93 -45.67
N ALA D 103 35.94 12.68 -46.09
CA ALA D 103 36.58 11.54 -45.47
C ALA D 103 37.47 10.80 -46.49
N VAL D 104 38.71 10.53 -46.11
CA VAL D 104 39.64 9.83 -46.99
C VAL D 104 40.27 8.65 -46.27
N GLY D 105 40.59 7.60 -47.02
CA GLY D 105 41.16 6.40 -46.43
C GLY D 105 41.64 5.39 -47.47
N TYR D 106 41.94 4.18 -47.02
CA TYR D 106 42.43 3.14 -47.90
C TYR D 106 42.01 1.75 -47.41
N VAL D 107 42.07 0.77 -48.30
CA VAL D 107 41.89 -0.63 -47.92
C VAL D 107 43.03 -1.47 -48.48
N GLY D 108 43.69 -2.24 -47.61
CA GLY D 108 44.81 -3.07 -48.01
C GLY D 108 44.43 -4.21 -48.95
N CYS D 109 45.18 -4.34 -50.05
CA CYS D 109 44.89 -5.38 -51.04
C CYS D 109 46.02 -6.40 -51.18
N GLY D 110 46.83 -6.52 -50.14
CA GLY D 110 47.87 -7.54 -50.07
C GLY D 110 49.10 -7.28 -50.93
N SER D 111 49.88 -8.33 -51.16
CA SER D 111 51.14 -8.22 -51.90
C SER D 111 51.05 -8.96 -53.23
N VAL D 112 50.00 -9.76 -53.39
CA VAL D 112 49.76 -10.45 -54.64
C VAL D 112 49.02 -9.56 -55.61
N ALA D 113 49.44 -9.60 -56.87
CA ALA D 113 48.84 -8.81 -57.93
C ALA D 113 47.44 -9.34 -58.23
N ASP D 114 47.39 -10.35 -59.09
CA ASP D 114 46.15 -11.02 -59.45
C ASP D 114 45.30 -11.43 -58.23
N LEU D 115 44.49 -10.50 -57.72
CA LEU D 115 43.59 -10.78 -56.59
C LEU D 115 42.54 -11.85 -56.90
N SER D 116 42.26 -12.70 -55.92
CA SER D 116 41.23 -13.72 -56.05
C SER D 116 39.86 -13.11 -55.80
N GLU D 117 38.86 -13.94 -55.54
CA GLU D 117 37.51 -13.43 -55.32
C GLU D 117 37.29 -13.32 -53.82
N ALA D 118 37.79 -14.32 -53.09
CA ALA D 118 37.78 -14.28 -51.64
C ALA D 118 38.62 -13.12 -51.15
N ASP D 119 39.72 -12.85 -51.86
CA ASP D 119 40.56 -11.71 -51.55
C ASP D 119 39.77 -10.43 -51.79
N MET D 120 39.10 -10.36 -52.93
CA MET D 120 38.30 -9.21 -53.29
C MET D 120 37.14 -9.05 -52.33
N LYS D 121 36.54 -10.18 -51.95
CA LYS D 121 35.45 -10.18 -50.99
C LYS D 121 35.88 -9.60 -49.64
N ARG D 122 37.07 -9.95 -49.18
CA ARG D 122 37.58 -9.41 -47.92
C ARG D 122 37.77 -7.89 -47.99
N VAL D 123 38.22 -7.41 -49.15
CA VAL D 123 38.40 -5.97 -49.36
C VAL D 123 37.06 -5.26 -49.28
N VAL D 124 36.07 -5.82 -49.97
CA VAL D 124 34.73 -5.24 -49.98
C VAL D 124 34.16 -5.20 -48.57
N LEU D 125 34.31 -6.29 -47.82
CA LEU D 125 33.86 -6.34 -46.44
C LEU D 125 34.50 -5.22 -45.62
N SER D 126 35.79 -5.02 -45.82
CA SER D 126 36.51 -3.94 -45.14
C SER D 126 35.94 -2.58 -45.52
N LEU D 127 35.59 -2.44 -46.80
CA LEU D 127 35.01 -1.21 -47.31
C LEU D 127 33.60 -0.99 -46.78
N VAL D 128 32.83 -2.06 -46.71
CA VAL D 128 31.44 -1.99 -46.26
C VAL D 128 31.35 -1.59 -44.79
N THR D 129 32.35 -1.97 -44.00
CA THR D 129 32.38 -1.61 -42.59
C THR D 129 32.43 -0.10 -42.41
N MET D 130 33.15 0.57 -43.31
CA MET D 130 33.24 2.03 -43.27
C MET D 130 31.92 2.68 -43.69
N LEU D 131 31.15 1.97 -44.51
CA LEU D 131 29.86 2.49 -44.96
C LEU D 131 28.77 2.34 -43.92
N HIS D 132 28.84 1.27 -43.13
CA HIS D 132 27.84 1.02 -42.10
C HIS D 132 28.05 1.96 -40.92
N ASP D 133 29.12 2.74 -41.02
CA ASP D 133 29.50 3.71 -40.00
C ASP D 133 29.59 5.11 -40.62
N ASN D 134 28.91 5.29 -41.74
CA ASN D 134 28.95 6.56 -42.47
C ASN D 134 27.57 7.09 -42.81
N LYS D 135 27.33 8.33 -42.40
CA LYS D 135 26.07 9.02 -42.64
C LYS D 135 26.05 9.86 -43.91
N LEU D 136 27.19 9.99 -44.60
CA LEU D 136 27.27 10.91 -45.73
C LEU D 136 26.72 10.38 -47.06
N SER D 137 27.12 11.02 -48.14
CA SER D 137 26.43 10.88 -49.43
C SER D 137 27.18 10.22 -50.61
N LYS D 138 28.51 10.27 -50.60
CA LYS D 138 29.25 9.72 -51.73
C LYS D 138 30.46 8.89 -51.34
N LEU D 139 30.59 7.75 -52.00
CA LEU D 139 31.77 6.90 -51.86
C LEU D 139 32.53 6.85 -53.18
N THR D 140 33.82 7.13 -53.13
CA THR D 140 34.67 7.07 -54.30
C THR D 140 35.78 6.05 -54.09
N VAL D 141 35.85 5.06 -54.98
CA VAL D 141 36.84 4.00 -54.86
C VAL D 141 37.89 4.14 -55.94
N VAL D 142 39.15 4.21 -55.53
CA VAL D 142 40.25 4.35 -56.46
C VAL D 142 41.01 3.03 -56.59
N PHE D 143 41.02 2.48 -57.80
CA PHE D 143 41.62 1.19 -58.05
C PHE D 143 43.09 1.32 -58.45
N GLU D 144 43.98 1.20 -57.48
CA GLU D 144 45.41 1.17 -57.75
C GLU D 144 45.88 -0.28 -57.77
N ILE D 145 44.94 -1.15 -58.09
CA ILE D 145 45.19 -2.57 -58.27
C ILE D 145 44.65 -3.04 -59.62
N ASN D 146 45.05 -4.21 -60.06
CA ASN D 146 44.61 -4.74 -61.34
C ASN D 146 43.41 -5.67 -61.24
N VAL D 147 42.33 -5.33 -61.96
CA VAL D 147 41.17 -6.21 -62.03
C VAL D 147 40.66 -6.26 -63.46
N ASP D 148 40.34 -7.47 -63.93
CA ASP D 148 39.72 -7.63 -65.25
C ASP D 148 38.28 -7.20 -65.13
N LYS D 149 37.57 -7.14 -66.26
CA LYS D 149 36.19 -6.68 -66.26
C LYS D 149 35.31 -7.54 -65.34
N ASN D 150 35.57 -8.84 -65.31
CA ASN D 150 34.81 -9.74 -64.45
C ASN D 150 34.99 -9.47 -62.97
N LEU D 151 36.23 -9.23 -62.56
CA LEU D 151 36.52 -9.01 -61.14
C LEU D 151 35.97 -7.67 -60.67
N PHE D 152 36.01 -6.67 -61.55
CA PHE D 152 35.44 -5.37 -61.24
C PHE D 152 33.93 -5.48 -61.03
N ARG D 153 33.27 -6.19 -61.94
CA ARG D 153 31.83 -6.41 -61.84
C ARG D 153 31.52 -7.17 -60.56
N PHE D 154 32.39 -8.12 -60.23
CA PHE D 154 32.24 -8.90 -59.00
C PHE D 154 32.37 -8.00 -57.77
N PHE D 155 33.24 -7.01 -57.87
CA PHE D 155 33.44 -6.02 -56.81
C PHE D 155 32.13 -5.27 -56.53
N LEU D 156 31.49 -4.78 -57.59
CA LEU D 156 30.25 -4.04 -57.46
C LEU D 156 29.12 -4.94 -56.96
N GLU D 157 29.03 -6.13 -57.56
CA GLU D 157 28.06 -7.13 -57.12
C GLU D 157 28.18 -7.39 -55.63
N THR D 158 29.40 -7.67 -55.19
CA THR D 158 29.68 -8.00 -53.80
C THR D 158 29.49 -6.81 -52.88
N LEU D 159 29.92 -5.63 -53.34
CA LEU D 159 29.75 -4.40 -52.58
C LEU D 159 28.27 -4.12 -52.33
N PHE D 160 27.48 -4.17 -53.39
CA PHE D 160 26.05 -3.94 -53.29
C PHE D 160 25.42 -4.96 -52.35
N TYR D 161 25.82 -6.22 -52.51
CA TYR D 161 25.24 -7.32 -51.75
C TYR D 161 25.56 -7.24 -50.26
N GLU D 162 26.80 -6.88 -49.94
CA GLU D 162 27.23 -6.79 -48.54
C GLU D 162 26.78 -5.49 -47.86
N TYR D 163 26.69 -4.42 -48.66
CA TYR D 163 26.25 -3.12 -48.16
C TYR D 163 24.80 -3.14 -47.69
N MET D 164 23.95 -3.82 -48.47
CA MET D 164 22.52 -3.88 -48.19
C MET D 164 22.22 -4.64 -46.91
N THR D 165 21.32 -4.10 -46.10
CA THR D 165 20.92 -4.75 -44.84
C THR D 165 19.45 -5.13 -44.85
N ASP D 166 19.16 -6.35 -44.43
CA ASP D 166 17.80 -6.88 -44.44
C ASP D 166 17.10 -6.59 -43.11
N GLU D 167 16.08 -5.73 -43.15
CA GLU D 167 15.38 -5.32 -41.95
C GLU D 167 13.90 -5.67 -41.96
N ARG D 168 13.54 -6.67 -42.76
CA ARG D 168 12.15 -7.10 -42.88
C ARG D 168 11.58 -7.62 -41.57
N PHE D 169 12.42 -8.23 -40.75
CA PHE D 169 11.94 -8.88 -39.54
C PHE D 169 12.41 -8.13 -38.30
N LYS D 170 13.01 -6.97 -38.50
CA LYS D 170 13.41 -6.08 -37.40
C LYS D 170 12.39 -5.00 -37.01
N SER D 171 12.31 -4.77 -35.71
CA SER D 171 11.60 -3.64 -35.09
C SER D 171 10.27 -4.05 -34.48
N THR D 172 10.18 -3.85 -33.17
CA THR D 172 11.30 -3.28 -32.43
C THR D 172 11.31 -3.70 -30.95
N ASN D 177 20.12 3.88 -37.99
CA ASN D 177 21.24 4.70 -37.54
C ASN D 177 22.11 5.17 -38.69
N MET D 178 21.63 4.94 -39.91
CA MET D 178 22.35 5.35 -41.12
C MET D 178 21.42 5.59 -42.29
N GLU D 179 21.96 6.24 -43.32
CA GLU D 179 21.27 6.37 -44.60
C GLU D 179 22.27 6.03 -45.70
N TYR D 180 21.79 5.28 -46.68
CA TYR D 180 22.65 4.82 -47.77
C TYR D 180 23.14 5.98 -48.64
N ILE D 181 24.33 5.81 -49.20
CA ILE D 181 24.88 6.81 -50.12
C ILE D 181 24.02 6.92 -51.37
N LYS D 182 24.16 8.04 -52.08
CA LYS D 182 23.38 8.27 -53.29
C LYS D 182 24.25 8.25 -54.53
N HIS D 183 25.55 8.33 -54.33
CA HIS D 183 26.50 8.34 -55.45
C HIS D 183 27.69 7.42 -55.20
N LEU D 184 28.10 6.71 -56.24
CA LEU D 184 29.29 5.86 -56.19
C LEU D 184 30.28 6.23 -57.28
N GLY D 185 31.43 6.76 -56.87
CA GLY D 185 32.46 7.12 -57.82
C GLY D 185 33.54 6.06 -57.89
N VAL D 186 33.91 5.68 -59.12
CA VAL D 186 34.94 4.67 -59.33
C VAL D 186 36.04 5.18 -60.25
N TYR D 187 37.27 5.18 -59.75
CA TYR D 187 38.43 5.55 -60.56
C TYR D 187 39.20 4.28 -60.90
N ILE D 188 39.25 3.95 -62.19
CA ILE D 188 39.93 2.75 -62.64
C ILE D 188 40.52 2.98 -64.01
N ASN D 189 41.54 2.21 -64.37
CA ASN D 189 42.16 2.37 -65.68
C ASN D 189 41.29 1.76 -66.77
N ASN D 190 41.21 2.45 -67.91
CA ASN D 190 40.36 2.00 -69.02
C ASN D 190 38.91 1.95 -68.56
N ALA D 191 38.47 3.04 -67.93
CA ALA D 191 37.15 3.11 -67.32
C ALA D 191 36.03 2.82 -68.30
N ASP D 192 36.25 3.17 -69.57
CA ASP D 192 35.22 3.06 -70.58
C ASP D 192 34.85 1.61 -70.93
N THR D 193 35.74 0.68 -70.64
CA THR D 193 35.47 -0.74 -70.87
C THR D 193 34.73 -1.35 -69.68
N TYR D 194 34.90 -0.74 -68.52
CA TYR D 194 34.30 -1.23 -67.28
C TYR D 194 32.90 -0.68 -67.05
N LYS D 195 32.54 0.36 -67.78
CA LYS D 195 31.24 1.01 -67.63
C LYS D 195 30.10 0.07 -67.97
N GLU D 196 30.31 -0.82 -68.92
CA GLU D 196 29.26 -1.75 -69.35
C GLU D 196 28.92 -2.73 -68.23
N GLU D 197 29.87 -2.90 -67.31
CA GLU D 197 29.72 -3.87 -66.24
C GLU D 197 28.95 -3.30 -65.04
N VAL D 198 28.78 -1.99 -65.03
CA VAL D 198 28.15 -1.32 -63.90
C VAL D 198 26.70 -1.72 -63.74
N GLU D 199 25.92 -1.59 -64.82
CA GLU D 199 24.50 -1.87 -64.74
C GLU D 199 24.23 -3.37 -64.78
N LYS D 200 25.17 -4.14 -65.34
CA LYS D 200 25.09 -5.59 -65.30
C LYS D 200 25.24 -6.09 -63.86
N ALA D 201 26.15 -5.47 -63.12
CA ALA D 201 26.40 -5.82 -61.73
C ALA D 201 25.18 -5.55 -60.86
N ARG D 202 24.53 -4.42 -61.11
CA ARG D 202 23.35 -4.04 -60.35
C ARG D 202 22.23 -5.06 -60.55
N VAL D 203 22.14 -5.61 -61.76
CA VAL D 203 21.16 -6.65 -62.06
C VAL D 203 21.51 -7.94 -61.33
N TYR D 204 22.76 -8.37 -61.48
CA TYR D 204 23.25 -9.55 -60.79
C TYR D 204 23.12 -9.40 -59.28
N TYR D 205 23.30 -8.18 -58.79
CA TYR D 205 23.15 -7.90 -57.37
C TYR D 205 21.79 -8.33 -56.82
N PHE D 206 20.72 -7.84 -57.44
CA PHE D 206 19.39 -8.07 -56.91
C PHE D 206 18.98 -9.54 -57.05
N GLY D 207 19.38 -10.16 -58.14
CA GLY D 207 19.14 -11.58 -58.32
C GLY D 207 19.69 -12.36 -57.15
N THR D 208 20.91 -12.02 -56.73
CA THR D 208 21.52 -12.64 -55.56
C THR D 208 20.80 -12.23 -54.28
N TYR D 209 20.58 -10.93 -54.11
CA TYR D 209 19.95 -10.41 -52.90
C TYR D 209 18.49 -10.87 -52.78
N TYR D 210 17.81 -11.00 -53.91
CA TYR D 210 16.44 -11.51 -53.92
C TYR D 210 16.43 -12.94 -53.37
N ALA D 211 17.32 -13.76 -53.90
CA ALA D 211 17.44 -15.14 -53.45
C ALA D 211 17.81 -15.17 -51.97
N SER D 212 18.63 -14.22 -51.55
CA SER D 212 19.03 -14.11 -50.15
C SER D 212 17.81 -13.85 -49.27
N GLN D 213 16.94 -12.97 -49.73
CA GLN D 213 15.72 -12.65 -48.98
C GLN D 213 14.84 -13.88 -48.82
N LEU D 214 14.75 -14.67 -49.88
CA LEU D 214 13.95 -15.89 -49.84
C LEU D 214 14.55 -16.90 -48.87
N ILE D 215 15.87 -17.07 -48.96
CA ILE D 215 16.58 -18.02 -48.11
C ILE D 215 16.57 -17.55 -46.66
N ALA D 216 16.85 -16.27 -46.45
CA ALA D 216 16.92 -15.69 -45.11
C ALA D 216 15.58 -15.73 -44.39
N ALA D 217 14.50 -15.63 -45.15
CA ALA D 217 13.15 -15.66 -44.58
C ALA D 217 12.91 -16.96 -43.82
N PRO D 218 12.42 -16.86 -42.58
CA PRO D 218 12.17 -18.06 -41.77
C PRO D 218 11.13 -18.97 -42.44
N SER D 219 11.03 -20.21 -41.98
CA SER D 219 10.20 -21.20 -42.65
C SER D 219 8.71 -20.99 -42.39
N ASN D 220 8.39 -20.23 -41.34
CA ASN D 220 7.00 -19.89 -41.06
C ASN D 220 6.53 -18.79 -42.01
N TYR D 221 7.48 -17.98 -42.47
CA TYR D 221 7.20 -16.96 -43.48
C TYR D 221 7.26 -17.59 -44.86
N CYS D 222 8.37 -18.27 -45.15
CA CYS D 222 8.57 -18.90 -46.44
C CYS D 222 8.18 -20.37 -46.42
N ASN D 223 6.97 -20.66 -46.89
CA ASN D 223 6.49 -22.03 -47.02
C ASN D 223 6.21 -22.35 -48.48
N PRO D 224 5.88 -23.62 -48.78
CA PRO D 224 5.60 -24.07 -50.15
C PRO D 224 4.56 -23.21 -50.86
N VAL D 225 3.57 -22.72 -50.12
CA VAL D 225 2.52 -21.89 -50.71
C VAL D 225 3.00 -20.46 -50.93
N SER D 226 3.53 -19.85 -49.87
CA SER D 226 3.98 -18.46 -49.92
C SER D 226 5.16 -18.27 -50.86
N LEU D 227 6.01 -19.29 -50.96
CA LEU D 227 7.17 -19.23 -51.84
C LEU D 227 6.72 -19.33 -53.29
N SER D 228 5.76 -20.22 -53.55
CA SER D 228 5.21 -20.38 -54.88
C SER D 228 4.47 -19.10 -55.30
N ASN D 229 3.80 -18.47 -54.35
CA ASN D 229 3.14 -17.19 -54.59
C ASN D 229 4.15 -16.11 -54.98
N ALA D 230 5.29 -16.13 -54.32
CA ALA D 230 6.35 -15.15 -54.57
C ALA D 230 6.91 -15.33 -55.98
N ALA D 231 6.97 -16.57 -56.45
CA ALA D 231 7.47 -16.85 -57.79
C ALA D 231 6.49 -16.27 -58.81
N VAL D 232 5.20 -16.42 -58.52
CA VAL D 232 4.16 -15.83 -59.36
C VAL D 232 4.29 -14.31 -59.38
N GLU D 233 4.50 -13.74 -58.20
CA GLU D 233 4.69 -12.30 -58.08
C GLU D 233 5.90 -11.84 -58.87
N LEU D 234 6.95 -12.65 -58.85
CA LEU D 234 8.18 -12.34 -59.59
C LEU D 234 7.99 -12.48 -61.09
N ALA D 235 7.32 -13.55 -61.51
CA ALA D 235 7.08 -13.80 -62.93
C ALA D 235 6.19 -12.72 -63.55
N GLN D 236 5.21 -12.26 -62.78
CA GLN D 236 4.29 -11.23 -63.24
C GLN D 236 5.00 -9.90 -63.46
N LYS D 237 5.92 -9.56 -62.54
CA LYS D 237 6.67 -8.33 -62.62
C LYS D 237 7.66 -8.34 -63.78
N LEU D 238 8.09 -9.52 -64.19
CA LEU D 238 9.06 -9.68 -65.27
C LEU D 238 8.38 -9.93 -66.62
N ASN D 239 7.28 -10.69 -66.57
CA ASN D 239 6.47 -11.06 -67.73
C ASN D 239 6.88 -12.45 -68.21
N LEU D 240 7.07 -13.36 -67.25
CA LEU D 240 7.46 -14.72 -67.55
C LEU D 240 6.23 -15.61 -67.53
N GLU D 241 6.18 -16.57 -68.45
CA GLU D 241 5.13 -17.56 -68.39
C GLU D 241 5.32 -18.32 -67.09
N TYR D 242 4.25 -18.44 -66.31
CA TYR D 242 4.34 -19.13 -65.04
C TYR D 242 3.17 -20.10 -64.88
N LYS D 243 3.44 -21.17 -64.15
CA LYS D 243 2.43 -22.17 -63.88
C LYS D 243 2.79 -22.91 -62.60
N ILE D 244 1.87 -22.90 -61.65
CA ILE D 244 2.10 -23.55 -60.37
C ILE D 244 1.25 -24.81 -60.28
N LEU D 245 1.90 -25.97 -60.30
CA LEU D 245 1.19 -27.24 -60.25
C LEU D 245 0.86 -27.59 -58.82
N GLY D 246 -0.40 -27.97 -58.59
CA GLY D 246 -0.87 -28.35 -57.27
C GLY D 246 -0.91 -29.85 -57.09
N VAL D 247 -1.41 -30.28 -55.92
CA VAL D 247 -1.39 -31.69 -55.55
C VAL D 247 -2.13 -32.57 -56.56
N LYS D 248 -3.28 -32.11 -57.03
CA LYS D 248 -4.08 -32.91 -57.94
C LYS D 248 -3.35 -33.17 -59.27
N GLU D 249 -2.68 -32.16 -59.78
CA GLU D 249 -1.96 -32.30 -61.04
C GLU D 249 -0.70 -33.14 -60.86
N LEU D 250 -0.08 -33.00 -59.69
CA LEU D 250 1.13 -33.74 -59.39
C LEU D 250 0.81 -35.21 -59.20
N GLU D 251 -0.37 -35.48 -58.66
CA GLU D 251 -0.84 -36.85 -58.51
C GLU D 251 -1.09 -37.47 -59.89
N GLU D 252 -1.60 -36.67 -60.81
CA GLU D 252 -1.92 -37.14 -62.15
C GLU D 252 -0.64 -37.32 -62.96
N LEU D 253 0.40 -36.58 -62.60
CA LEU D 253 1.70 -36.74 -63.24
C LEU D 253 2.47 -37.86 -62.55
N LYS D 254 1.88 -38.36 -61.46
CA LYS D 254 2.39 -39.54 -60.77
C LYS D 254 3.79 -39.32 -60.19
N MET D 255 4.02 -38.10 -59.71
CA MET D 255 5.29 -37.74 -59.07
C MET D 255 5.30 -38.28 -57.64
N GLY D 256 5.43 -39.59 -57.50
CA GLY D 256 5.28 -40.25 -56.21
C GLY D 256 6.38 -39.99 -55.19
N ALA D 257 7.61 -39.81 -55.67
CA ALA D 257 8.73 -39.51 -54.79
C ALA D 257 8.54 -38.12 -54.19
N TYR D 258 8.30 -37.16 -55.08
CA TYR D 258 8.09 -35.77 -54.70
C TYR D 258 6.93 -35.60 -53.71
N LEU D 259 5.80 -36.22 -54.00
CA LEU D 259 4.62 -36.08 -53.15
C LEU D 259 4.79 -36.71 -51.76
N SER D 260 5.53 -37.81 -51.70
CA SER D 260 5.72 -38.53 -50.44
C SER D 260 6.45 -37.67 -49.41
N VAL D 261 7.37 -36.83 -49.88
CA VAL D 261 8.13 -35.96 -49.01
C VAL D 261 7.27 -34.90 -48.31
N GLY D 262 6.34 -34.33 -49.06
CA GLY D 262 5.49 -33.27 -48.55
C GLY D 262 4.32 -33.73 -47.71
N LYS D 263 4.13 -35.05 -47.64
CA LYS D 263 2.99 -35.65 -46.95
C LYS D 263 2.79 -35.16 -45.52
N GLY D 264 3.90 -35.05 -44.78
CA GLY D 264 3.84 -34.69 -43.38
C GLY D 264 3.71 -33.20 -43.11
N SER D 265 3.58 -32.40 -44.18
CA SER D 265 3.52 -30.95 -44.05
C SER D 265 2.09 -30.46 -44.07
N MET D 266 1.83 -29.37 -43.34
CA MET D 266 0.51 -28.73 -43.36
C MET D 266 0.34 -27.89 -44.62
N TYR D 267 1.45 -27.62 -45.29
CA TYR D 267 1.44 -26.84 -46.52
C TYR D 267 1.47 -27.74 -47.74
N PRO D 268 0.50 -27.57 -48.64
CA PRO D 268 0.39 -28.37 -49.86
C PRO D 268 1.60 -28.21 -50.76
N ASN D 269 1.96 -29.26 -51.48
CA ASN D 269 3.06 -29.20 -52.42
C ASN D 269 2.78 -28.19 -53.53
N LYS D 270 3.82 -27.47 -53.93
CA LYS D 270 3.71 -26.50 -55.02
C LYS D 270 4.90 -26.63 -55.97
N PHE D 271 4.62 -27.04 -57.19
CA PHE D 271 5.66 -27.20 -58.21
C PHE D 271 5.79 -25.94 -59.06
N ILE D 272 6.92 -25.26 -58.93
CA ILE D 272 7.16 -24.02 -59.66
C ILE D 272 7.73 -24.24 -61.06
N HIS D 273 7.10 -23.63 -62.06
CA HIS D 273 7.53 -23.74 -63.44
C HIS D 273 7.45 -22.37 -64.12
N LEU D 274 8.56 -21.63 -64.05
CA LEU D 274 8.66 -20.34 -64.73
C LEU D 274 9.26 -20.54 -66.11
N THR D 275 8.97 -19.65 -67.04
CA THR D 275 9.51 -19.79 -68.40
C THR D 275 9.87 -18.45 -69.04
N TYR D 276 11.10 -18.39 -69.55
CA TYR D 276 11.54 -17.26 -70.36
C TYR D 276 11.74 -17.70 -71.80
N LYS D 277 11.00 -17.12 -72.73
CA LYS D 277 11.18 -17.49 -74.13
C LYS D 277 11.72 -16.28 -74.88
N SER D 278 12.84 -16.46 -75.59
CA SER D 278 13.41 -15.34 -76.32
C SER D 278 12.44 -14.89 -77.40
N LYS D 279 12.58 -13.66 -77.85
CA LYS D 279 11.61 -13.08 -78.77
C LYS D 279 11.94 -13.43 -80.21
N GLY D 280 12.45 -14.63 -80.42
CA GLY D 280 12.83 -15.05 -81.75
C GLY D 280 13.05 -16.55 -81.90
N ASP D 281 14.13 -16.91 -82.57
CA ASP D 281 14.43 -18.30 -82.88
C ASP D 281 15.23 -19.02 -81.81
N VAL D 282 14.54 -19.57 -80.83
CA VAL D 282 15.15 -20.40 -79.79
C VAL D 282 16.13 -21.41 -80.38
N LYS D 283 17.41 -21.31 -80.01
CA LYS D 283 18.41 -22.21 -80.57
C LYS D 283 18.93 -23.15 -79.49
N LYS D 284 18.88 -22.70 -78.25
CA LYS D 284 19.20 -23.54 -77.11
C LYS D 284 18.05 -23.51 -76.12
N LYS D 285 17.59 -24.67 -75.68
CA LYS D 285 16.54 -24.72 -74.68
C LYS D 285 17.08 -25.34 -73.40
N ILE D 286 16.95 -24.59 -72.30
CA ILE D 286 17.56 -24.94 -71.03
C ILE D 286 16.54 -25.06 -69.92
N ALA D 287 16.69 -26.11 -69.11
CA ALA D 287 15.85 -26.29 -67.93
C ALA D 287 16.69 -26.19 -66.66
N LEU D 288 16.38 -25.22 -65.82
CA LEU D 288 17.07 -25.05 -64.55
C LEU D 288 16.21 -25.56 -63.39
N VAL D 289 16.68 -26.63 -62.74
CA VAL D 289 15.95 -27.23 -61.62
C VAL D 289 16.61 -26.92 -60.29
N GLY D 290 15.82 -26.47 -59.33
CA GLY D 290 16.33 -26.12 -58.02
C GLY D 290 15.62 -26.85 -56.90
N LYS D 291 16.38 -27.28 -55.90
CA LYS D 291 15.82 -27.95 -54.72
C LYS D 291 15.02 -26.96 -53.88
N GLY D 292 13.79 -27.33 -53.55
CA GLY D 292 12.89 -26.42 -52.87
C GLY D 292 12.28 -26.97 -51.59
N ILE D 293 13.12 -27.31 -50.62
CA ILE D 293 12.63 -27.72 -49.32
C ILE D 293 12.58 -26.51 -48.40
N THR D 294 11.37 -26.02 -48.12
CA THR D 294 11.21 -24.78 -47.36
C THR D 294 11.69 -24.97 -45.94
N PHE D 295 11.58 -26.18 -45.44
CA PHE D 295 12.21 -26.55 -44.18
C PHE D 295 12.52 -28.05 -44.16
N ASP D 296 13.72 -28.38 -43.69
CA ASP D 296 14.12 -29.78 -43.62
C ASP D 296 14.34 -30.20 -42.18
N SER D 297 13.30 -30.75 -41.57
CA SER D 297 13.41 -31.31 -40.23
C SER D 297 14.10 -32.66 -40.32
N GLY D 298 14.02 -33.26 -41.51
CA GLY D 298 14.58 -34.57 -41.77
C GLY D 298 13.51 -35.65 -41.78
N GLY D 299 12.31 -35.28 -41.33
CA GLY D 299 11.24 -36.26 -41.20
C GLY D 299 11.49 -37.19 -40.04
N TYR D 300 11.00 -38.43 -40.16
CA TYR D 300 11.17 -39.41 -39.10
C TYR D 300 12.64 -39.78 -38.88
N ASN D 301 13.46 -39.62 -39.92
CA ASN D 301 14.91 -39.62 -39.73
C ASN D 301 15.32 -38.24 -39.25
N LEU D 302 14.80 -37.85 -38.09
CA LEU D 302 14.92 -36.49 -37.58
C LEU D 302 16.37 -36.04 -37.42
N LYS D 303 16.62 -34.77 -37.74
CA LYS D 303 17.94 -34.17 -37.56
C LYS D 303 18.21 -33.88 -36.09
N ALA D 304 18.54 -34.92 -35.33
CA ALA D 304 18.76 -34.77 -33.89
C ALA D 304 20.21 -34.94 -33.50
N ALA D 305 21.01 -35.49 -34.41
CA ALA D 305 22.44 -35.70 -34.15
C ALA D 305 23.18 -34.37 -34.12
N PRO D 306 24.24 -34.28 -33.31
CA PRO D 306 25.04 -33.06 -33.18
C PRO D 306 25.60 -32.61 -34.53
N GLY D 307 25.42 -31.32 -34.84
CA GLY D 307 25.92 -30.78 -36.09
C GLY D 307 24.94 -30.90 -37.23
N SER D 308 23.77 -31.46 -36.95
CA SER D 308 22.74 -31.61 -37.98
C SER D 308 22.19 -30.24 -38.35
N MET D 309 22.36 -29.29 -37.43
CA MET D 309 22.03 -27.89 -37.67
C MET D 309 20.61 -27.68 -38.16
N ILE D 310 19.65 -28.17 -37.40
CA ILE D 310 18.25 -28.10 -37.80
C ILE D 310 17.72 -26.66 -37.82
N ASP D 311 18.33 -25.80 -37.02
CA ASP D 311 17.91 -24.40 -36.98
C ASP D 311 18.28 -23.69 -38.28
N LEU D 312 19.21 -24.28 -39.03
CA LEU D 312 19.65 -23.73 -40.30
C LEU D 312 18.78 -24.14 -41.48
N MET D 313 17.98 -25.19 -41.30
CA MET D 313 17.36 -25.88 -42.42
C MET D 313 16.22 -25.13 -43.12
N LYS D 314 16.12 -23.83 -42.86
CA LYS D 314 15.26 -22.98 -43.66
C LYS D 314 15.94 -22.69 -45.00
N PHE D 315 17.25 -22.87 -45.02
CA PHE D 315 18.07 -22.58 -46.19
C PHE D 315 17.94 -23.67 -47.26
N ASP D 316 17.20 -24.71 -46.95
CA ASP D 316 17.13 -25.88 -47.82
C ASP D 316 16.32 -25.60 -49.09
N MET D 317 15.89 -24.35 -49.26
CA MET D 317 15.22 -23.94 -50.48
C MET D 317 16.12 -22.99 -51.28
N SER D 318 17.41 -23.01 -50.97
CA SER D 318 18.39 -22.13 -51.61
C SER D 318 18.54 -22.43 -53.09
N GLY D 319 18.41 -23.69 -53.47
CA GLY D 319 18.49 -24.09 -54.86
C GLY D 319 17.39 -23.41 -55.66
N CYS D 320 16.18 -23.44 -55.09
CA CYS D 320 15.03 -22.76 -55.68
C CYS D 320 15.30 -21.27 -55.75
N ALA D 321 15.90 -20.73 -54.68
CA ALA D 321 16.19 -19.31 -54.59
C ALA D 321 17.18 -18.90 -55.69
N ALA D 322 18.11 -19.80 -56.00
CA ALA D 322 19.08 -19.56 -57.07
C ALA D 322 18.37 -19.52 -58.42
N VAL D 323 17.43 -20.43 -58.61
CA VAL D 323 16.68 -20.51 -59.86
C VAL D 323 15.81 -19.28 -60.03
N LEU D 324 15.16 -18.85 -58.95
CA LEU D 324 14.33 -17.65 -58.99
C LEU D 324 15.18 -16.41 -59.20
N GLY D 325 16.33 -16.37 -58.53
CA GLY D 325 17.26 -15.27 -58.70
C GLY D 325 17.75 -15.18 -60.14
N CYS D 326 18.04 -16.33 -60.73
CA CYS D 326 18.45 -16.39 -62.13
C CYS D 326 17.30 -15.93 -63.03
N ALA D 327 16.09 -16.37 -62.68
CA ALA D 327 14.90 -15.98 -63.43
C ALA D 327 14.77 -14.47 -63.45
N TYR D 328 15.16 -13.82 -62.36
CA TYR D 328 15.12 -12.37 -62.30
C TYR D 328 16.12 -11.77 -63.28
N CYS D 329 17.36 -12.24 -63.22
CA CYS D 329 18.42 -11.73 -64.08
C CYS D 329 18.12 -11.97 -65.55
N VAL D 330 17.67 -13.18 -65.87
CA VAL D 330 17.34 -13.54 -67.25
C VAL D 330 16.16 -12.73 -67.77
N GLY D 331 15.13 -12.60 -66.95
CA GLY D 331 13.94 -11.83 -67.31
C GLY D 331 14.29 -10.36 -67.48
N THR D 332 15.31 -9.91 -66.75
CA THR D 332 15.74 -8.52 -66.80
C THR D 332 16.71 -8.27 -67.96
N LEU D 333 17.68 -9.16 -68.12
CA LEU D 333 18.69 -8.99 -69.16
C LEU D 333 18.14 -9.37 -70.53
N LYS D 334 17.18 -10.28 -70.55
CA LYS D 334 16.49 -10.68 -71.77
C LYS D 334 17.45 -11.13 -72.86
N PRO D 335 18.11 -12.28 -72.65
CA PRO D 335 19.03 -12.86 -73.64
C PRO D 335 18.29 -13.36 -74.87
N GLU D 336 19.02 -13.52 -75.97
CA GLU D 336 18.42 -13.95 -77.23
C GLU D 336 18.70 -15.40 -77.56
N ASN D 337 17.85 -15.97 -78.42
CA ASN D 337 18.07 -17.30 -78.96
C ASN D 337 18.02 -18.40 -77.91
N VAL D 338 17.28 -18.17 -76.83
CA VAL D 338 17.22 -19.17 -75.76
C VAL D 338 15.85 -19.26 -75.11
N GLU D 339 15.46 -20.48 -74.75
CA GLU D 339 14.24 -20.73 -73.99
C GLU D 339 14.60 -21.42 -72.68
N ILE D 340 14.28 -20.78 -71.57
CA ILE D 340 14.69 -21.26 -70.26
C ILE D 340 13.51 -21.61 -69.35
N HIS D 341 13.54 -22.82 -68.81
CA HIS D 341 12.54 -23.27 -67.85
C HIS D 341 13.11 -23.28 -66.44
N PHE D 342 12.48 -22.53 -65.54
CA PHE D 342 12.92 -22.44 -64.15
C PHE D 342 12.05 -23.32 -63.27
N LEU D 343 12.62 -24.44 -62.81
CA LEU D 343 11.86 -25.46 -62.10
C LEU D 343 12.23 -25.60 -60.62
N SER D 344 11.25 -25.91 -59.80
CA SER D 344 11.48 -26.24 -58.40
C SER D 344 10.30 -27.00 -57.81
N ALA D 345 10.57 -28.21 -57.32
CA ALA D 345 9.55 -28.99 -56.63
C ALA D 345 9.55 -28.59 -55.17
N VAL D 346 8.65 -27.68 -54.80
CA VAL D 346 8.65 -27.11 -53.47
C VAL D 346 7.74 -27.87 -52.52
N CYS D 347 8.29 -28.18 -51.34
CA CYS D 347 7.53 -28.85 -50.29
C CYS D 347 8.26 -28.69 -48.97
N GLU D 348 7.71 -29.28 -47.92
CA GLU D 348 8.30 -29.20 -46.59
C GLU D 348 8.44 -30.59 -46.00
N ASN D 349 9.63 -30.89 -45.50
CA ASN D 349 9.88 -32.18 -44.88
C ASN D 349 9.64 -32.11 -43.38
N MET D 350 8.53 -32.68 -42.93
CA MET D 350 8.12 -32.54 -41.54
C MET D 350 7.79 -33.87 -40.88
N VAL D 351 7.62 -33.82 -39.56
CA VAL D 351 7.28 -35.00 -38.77
C VAL D 351 5.79 -34.99 -38.44
N SER D 352 5.11 -36.06 -38.80
CA SER D 352 3.66 -36.13 -38.64
C SER D 352 3.16 -37.56 -38.74
N LYS D 353 1.88 -37.76 -38.45
CA LYS D 353 1.25 -39.05 -38.65
C LYS D 353 1.18 -39.32 -40.15
N ASN D 354 1.20 -38.23 -40.91
CA ASN D 354 1.06 -38.29 -42.36
C ASN D 354 2.41 -38.38 -43.07
N SER D 355 3.50 -38.19 -42.33
CA SER D 355 4.83 -38.22 -42.91
C SER D 355 5.14 -39.60 -43.50
N TYR D 356 6.01 -39.62 -44.51
CA TYR D 356 6.44 -40.89 -45.08
C TYR D 356 7.53 -41.51 -44.22
N ARG D 357 7.60 -42.84 -44.21
CA ARG D 357 8.46 -43.56 -43.29
C ARG D 357 9.70 -44.14 -43.96
N PRO D 358 10.77 -44.35 -43.18
CA PRO D 358 11.94 -45.09 -43.64
C PRO D 358 11.56 -46.50 -44.04
N GLY D 359 11.96 -46.94 -45.22
CA GLY D 359 11.63 -48.27 -45.69
C GLY D 359 10.48 -48.21 -46.68
N ASP D 360 9.76 -47.10 -46.69
CA ASP D 360 8.68 -46.90 -47.64
C ASP D 360 9.22 -47.02 -49.06
N ILE D 361 8.50 -47.75 -49.91
CA ILE D 361 8.86 -47.79 -51.32
C ILE D 361 7.89 -46.92 -52.09
N ILE D 362 8.45 -45.94 -52.79
CA ILE D 362 7.65 -44.98 -53.53
C ILE D 362 7.97 -45.06 -55.01
N THR D 363 7.07 -44.58 -55.84
CA THR D 363 7.24 -44.68 -57.30
C THR D 363 7.30 -43.32 -57.98
N ALA D 364 8.43 -43.04 -58.62
CA ALA D 364 8.62 -41.78 -59.32
C ALA D 364 7.80 -41.74 -60.61
N SER D 365 7.76 -40.58 -61.25
CA SER D 365 6.92 -40.38 -62.42
C SER D 365 7.47 -41.09 -63.66
N ASN D 366 8.65 -41.70 -63.56
CA ASN D 366 9.20 -42.45 -64.67
C ASN D 366 9.03 -43.95 -64.47
N GLY D 367 8.26 -44.33 -63.46
CA GLY D 367 7.93 -45.71 -63.22
C GLY D 367 8.87 -46.45 -62.29
N LYS D 368 10.04 -45.85 -62.03
CA LYS D 368 11.04 -46.49 -61.18
C LYS D 368 10.63 -46.46 -59.70
N THR D 369 10.75 -47.61 -59.06
CA THR D 369 10.43 -47.72 -57.64
C THR D 369 11.66 -47.42 -56.78
N ILE D 370 11.45 -46.70 -55.69
CA ILE D 370 12.54 -46.26 -54.83
C ILE D 370 12.33 -46.72 -53.39
N GLU D 371 13.27 -47.47 -52.84
CA GLU D 371 13.21 -47.85 -51.44
C GLU D 371 13.86 -46.76 -50.58
N VAL D 372 13.05 -46.13 -49.74
CA VAL D 372 13.53 -45.05 -48.89
C VAL D 372 14.29 -45.61 -47.68
N GLY D 373 15.57 -45.27 -47.60
CA GLY D 373 16.41 -45.73 -46.50
C GLY D 373 16.55 -44.69 -45.41
N ASN D 374 16.31 -43.43 -45.79
CA ASN D 374 16.44 -42.31 -44.86
C ASN D 374 15.60 -41.13 -45.33
N THR D 375 14.65 -40.72 -44.49
CA THR D 375 13.73 -39.65 -44.83
C THR D 375 14.40 -38.29 -44.85
N ASP D 376 15.65 -38.23 -44.38
CA ASP D 376 16.38 -36.97 -44.38
C ASP D 376 17.07 -36.77 -45.72
N ALA D 377 17.03 -37.79 -46.56
CA ALA D 377 17.52 -37.67 -47.93
C ALA D 377 16.36 -37.37 -48.87
N GLU D 378 15.60 -36.34 -48.56
CA GLU D 378 14.35 -36.07 -49.26
C GLU D 378 14.61 -35.25 -50.53
N GLY D 379 15.70 -34.49 -50.52
CA GLY D 379 16.04 -33.62 -51.65
C GLY D 379 16.16 -34.36 -52.97
N ARG D 380 16.79 -35.53 -52.96
CA ARG D 380 17.00 -36.30 -54.17
C ARG D 380 15.68 -36.91 -54.64
N LEU D 381 14.77 -37.10 -53.69
CA LEU D 381 13.44 -37.62 -54.00
C LEU D 381 12.62 -36.58 -54.76
N THR D 382 12.70 -35.33 -54.31
CA THR D 382 11.98 -34.24 -54.96
C THR D 382 12.61 -33.90 -56.30
N LEU D 383 13.94 -33.89 -56.34
CA LEU D 383 14.67 -33.60 -57.56
C LEU D 383 14.49 -34.69 -58.61
N ALA D 384 14.27 -35.91 -58.14
CA ALA D 384 14.05 -37.05 -59.03
C ALA D 384 12.88 -36.77 -59.97
N ASP D 385 11.74 -36.39 -59.37
CA ASP D 385 10.55 -36.06 -60.15
C ASP D 385 10.75 -34.77 -60.94
N ALA D 386 11.51 -33.84 -60.37
CA ALA D 386 11.79 -32.57 -61.03
C ALA D 386 12.60 -32.78 -62.30
N LEU D 387 13.53 -33.73 -62.26
CA LEU D 387 14.37 -34.02 -63.41
C LEU D 387 13.57 -34.73 -64.49
N VAL D 388 12.62 -35.55 -64.06
CA VAL D 388 11.72 -36.24 -64.99
C VAL D 388 10.85 -35.23 -65.73
N TYR D 389 10.33 -34.27 -64.96
CA TYR D 389 9.56 -33.16 -65.52
C TYR D 389 10.37 -32.38 -66.56
N ALA D 390 11.63 -32.14 -66.24
CA ALA D 390 12.51 -31.35 -67.10
C ALA D 390 12.82 -32.02 -68.43
N GLU D 391 13.17 -33.30 -68.39
CA GLU D 391 13.57 -33.98 -69.62
C GLU D 391 12.38 -34.15 -70.56
N LYS D 392 11.19 -34.24 -70.00
CA LYS D 392 9.98 -34.31 -70.81
C LYS D 392 9.77 -33.01 -71.56
N LEU D 393 10.36 -31.93 -71.05
CA LEU D 393 10.25 -30.64 -71.69
C LEU D 393 11.02 -30.60 -73.01
N GLY D 394 11.91 -31.57 -73.19
CA GLY D 394 12.70 -31.67 -74.41
C GLY D 394 13.75 -30.58 -74.52
N VAL D 395 14.66 -30.54 -73.56
CA VAL D 395 15.68 -29.50 -73.52
C VAL D 395 17.05 -30.05 -73.87
N ASP D 396 17.98 -29.16 -74.17
CA ASP D 396 19.36 -29.56 -74.48
C ASP D 396 20.17 -29.75 -73.21
N TYR D 397 19.95 -28.88 -72.23
CA TYR D 397 20.70 -28.93 -70.97
C TYR D 397 19.75 -28.94 -69.78
N ILE D 398 19.93 -29.91 -68.89
CA ILE D 398 19.24 -29.91 -67.61
C ILE D 398 20.26 -29.72 -66.49
N VAL D 399 20.13 -28.63 -65.75
CA VAL D 399 21.05 -28.34 -64.65
C VAL D 399 20.32 -28.16 -63.34
N ASP D 400 20.53 -29.08 -62.42
CA ASP D 400 19.94 -28.97 -61.10
C ASP D 400 20.96 -28.36 -60.14
N ILE D 401 20.45 -27.62 -59.16
CA ILE D 401 21.29 -26.99 -58.15
C ILE D 401 20.58 -27.13 -56.82
N ALA D 402 21.28 -27.67 -55.81
CA ALA D 402 20.62 -28.04 -54.57
C ALA D 402 21.57 -28.19 -53.41
N THR D 403 21.12 -27.75 -52.23
CA THR D 403 21.82 -28.04 -50.99
C THR D 403 21.56 -29.50 -50.63
N LEU D 404 22.23 -30.39 -51.35
CA LEU D 404 21.87 -31.80 -51.34
C LEU D 404 22.59 -32.62 -50.27
N THR D 405 23.90 -32.46 -50.16
CA THR D 405 24.68 -33.31 -49.27
C THR D 405 25.59 -32.55 -48.31
N GLY D 406 25.52 -32.93 -47.04
CA GLY D 406 26.37 -32.33 -46.02
C GLY D 406 27.81 -32.76 -46.19
N ALA D 407 28.00 -33.86 -46.93
CA ALA D 407 29.33 -34.38 -47.20
C ALA D 407 30.18 -33.37 -47.98
N MET D 408 29.51 -32.44 -48.65
CA MET D 408 30.21 -31.39 -49.40
C MET D 408 31.05 -30.52 -48.47
N LEU D 409 30.61 -30.41 -47.22
CA LEU D 409 31.33 -29.64 -46.21
C LEU D 409 32.68 -30.25 -45.86
N TYR D 410 32.80 -31.56 -46.02
CA TYR D 410 34.06 -32.23 -45.77
C TYR D 410 34.87 -32.34 -47.06
N SER D 411 34.18 -32.24 -48.19
CA SER D 411 34.82 -32.30 -49.50
C SER D 411 35.43 -30.95 -49.89
N LEU D 412 34.60 -30.02 -50.32
CA LEU D 412 35.09 -28.74 -50.81
C LEU D 412 34.92 -27.64 -49.77
N GLY D 413 34.08 -27.90 -48.78
CA GLY D 413 33.90 -26.96 -47.70
C GLY D 413 32.80 -25.93 -47.96
N THR D 414 33.06 -24.70 -47.53
CA THR D 414 32.06 -23.65 -47.58
C THR D 414 32.30 -22.66 -48.72
N SER D 415 33.44 -22.81 -49.40
CA SER D 415 33.83 -21.86 -50.44
C SER D 415 33.55 -22.37 -51.86
N TYR D 416 33.87 -23.64 -52.12
CA TYR D 416 33.65 -24.23 -53.43
C TYR D 416 32.46 -25.19 -53.47
N ALA D 417 31.63 -25.03 -54.49
CA ALA D 417 30.53 -25.96 -54.71
C ALA D 417 30.99 -27.08 -55.64
N GLY D 418 30.32 -28.22 -55.57
CA GLY D 418 30.69 -29.37 -56.39
C GLY D 418 29.76 -29.55 -57.57
N VAL D 419 30.34 -29.87 -58.73
CA VAL D 419 29.54 -30.12 -59.93
C VAL D 419 29.74 -31.55 -60.45
N PHE D 420 28.63 -32.22 -60.69
CA PHE D 420 28.61 -33.55 -61.28
C PHE D 420 27.88 -33.50 -62.62
N GLY D 421 28.00 -34.56 -63.41
CA GLY D 421 27.29 -34.60 -64.68
C GLY D 421 27.50 -35.88 -65.47
N ASN D 422 26.76 -36.02 -66.56
CA ASN D 422 26.89 -37.17 -67.45
C ASN D 422 27.47 -36.73 -68.79
N ASN D 423 27.79 -35.45 -68.88
CA ASN D 423 28.31 -34.85 -70.09
C ASN D 423 29.45 -33.89 -69.80
N GLU D 424 30.59 -34.11 -70.45
CA GLU D 424 31.80 -33.36 -70.14
C GLU D 424 31.78 -31.95 -70.72
N GLU D 425 31.05 -31.75 -71.81
CA GLU D 425 30.96 -30.44 -72.43
C GLU D 425 30.07 -29.50 -71.62
N LEU D 426 28.98 -30.05 -71.07
CA LEU D 426 28.08 -29.27 -70.24
C LEU D 426 28.77 -28.85 -68.94
N ILE D 427 29.54 -29.76 -68.37
CA ILE D 427 30.29 -29.47 -67.15
C ILE D 427 31.31 -28.37 -67.41
N ASN D 428 31.97 -28.46 -68.56
CA ASN D 428 32.96 -27.46 -68.93
C ASN D 428 32.32 -26.09 -69.10
N LYS D 429 31.05 -26.10 -69.51
CA LYS D 429 30.32 -24.83 -69.63
C LYS D 429 30.02 -24.27 -68.25
N ILE D 430 29.68 -25.15 -67.31
CA ILE D 430 29.46 -24.75 -65.93
C ILE D 430 30.74 -24.21 -65.28
N LEU D 431 31.85 -24.90 -65.51
CA LEU D 431 33.13 -24.51 -64.94
C LEU D 431 33.59 -23.18 -65.52
N GLN D 432 33.37 -23.00 -66.82
CA GLN D 432 33.70 -21.75 -67.48
C GLN D 432 32.83 -20.64 -66.90
N SER D 433 31.59 -20.99 -66.59
CA SER D 433 30.65 -20.05 -65.99
C SER D 433 31.04 -19.70 -64.57
N SER D 434 31.62 -20.67 -63.86
CA SER D 434 32.12 -20.43 -62.51
C SER D 434 33.22 -19.37 -62.51
N LYS D 435 34.06 -19.39 -63.55
CA LYS D 435 35.18 -18.43 -63.66
C LYS D 435 34.73 -17.00 -63.89
N THR D 436 33.71 -16.81 -64.72
CA THR D 436 33.29 -15.45 -65.09
C THR D 436 32.32 -14.87 -64.07
N SER D 437 31.51 -15.72 -63.45
CA SER D 437 30.61 -15.29 -62.40
C SER D 437 31.33 -15.13 -61.05
N ASN D 438 32.50 -15.77 -60.95
CA ASN D 438 33.28 -15.77 -59.71
C ASN D 438 32.55 -16.45 -58.55
N GLU D 439 31.67 -17.39 -58.90
CA GLU D 439 31.08 -18.27 -57.91
C GLU D 439 31.73 -19.62 -58.10
N PRO D 440 32.69 -19.94 -57.23
CA PRO D 440 33.64 -21.06 -57.39
C PRO D 440 32.98 -22.44 -57.35
N VAL D 441 33.34 -23.27 -58.33
CA VAL D 441 32.84 -24.63 -58.44
C VAL D 441 33.95 -25.58 -58.84
N TRP D 442 33.97 -26.76 -58.24
CA TRP D 442 34.97 -27.77 -58.58
C TRP D 442 34.30 -29.02 -59.12
N TRP D 443 34.89 -29.60 -60.16
CA TRP D 443 34.33 -30.78 -60.80
C TRP D 443 34.60 -32.04 -59.97
N LEU D 444 33.53 -32.76 -59.63
CA LEU D 444 33.66 -34.02 -58.93
C LEU D 444 33.11 -35.15 -59.79
N PRO D 445 33.62 -36.38 -59.58
CA PRO D 445 33.35 -37.53 -60.43
C PRO D 445 32.12 -38.31 -60.02
N ILE D 446 31.38 -38.82 -61.02
CA ILE D 446 30.35 -39.81 -60.76
C ILE D 446 30.97 -41.19 -60.98
N ILE D 447 31.32 -41.85 -59.89
CA ILE D 447 32.04 -43.12 -59.95
C ILE D 447 31.07 -44.28 -60.09
N ASN D 448 31.05 -44.86 -61.29
CA ASN D 448 30.06 -45.88 -61.62
C ASN D 448 30.25 -47.16 -60.80
N GLU D 449 31.42 -47.31 -60.21
CA GLU D 449 31.71 -48.48 -59.39
C GLU D 449 30.84 -48.50 -58.14
N TYR D 450 30.38 -47.32 -57.72
CA TYR D 450 29.55 -47.21 -56.53
C TYR D 450 28.08 -47.55 -56.84
N ARG D 451 27.72 -47.51 -58.12
CA ARG D 451 26.34 -47.67 -58.55
C ARG D 451 25.67 -48.94 -58.02
N ALA D 452 26.46 -49.99 -57.83
CA ALA D 452 25.92 -51.28 -57.39
C ALA D 452 25.34 -51.19 -55.98
N THR D 453 25.74 -50.17 -55.24
CA THR D 453 25.28 -50.00 -53.86
C THR D 453 23.86 -49.44 -53.83
N LEU D 454 23.37 -48.99 -54.98
CA LEU D 454 22.01 -48.48 -55.08
C LEU D 454 21.05 -49.58 -55.55
N ASN D 455 21.57 -50.79 -55.72
CA ASN D 455 20.74 -51.91 -56.14
C ASN D 455 19.94 -52.49 -54.97
N SER D 456 18.67 -52.12 -54.90
CA SER D 456 17.79 -52.56 -53.82
C SER D 456 17.34 -54.01 -54.00
N LYS D 457 17.09 -54.69 -52.89
CA LYS D 457 16.61 -56.07 -52.90
C LYS D 457 15.18 -56.15 -53.39
N TYR D 458 14.41 -55.10 -53.15
CA TYR D 458 12.98 -55.12 -53.45
C TYR D 458 12.57 -54.08 -54.49
N ALA D 459 13.06 -52.85 -54.34
CA ALA D 459 12.74 -51.79 -55.29
C ALA D 459 13.67 -51.82 -56.51
N ASP D 460 13.40 -50.93 -57.47
CA ASP D 460 14.23 -50.81 -58.65
C ASP D 460 15.60 -50.26 -58.27
N ILE D 461 15.59 -49.26 -57.39
CA ILE D 461 16.80 -48.57 -56.98
C ILE D 461 16.71 -48.07 -55.55
N ASN D 462 17.86 -48.05 -54.85
CA ASN D 462 17.94 -47.48 -53.52
C ASN D 462 18.05 -45.96 -53.56
N GLN D 463 17.51 -45.32 -52.52
CA GLN D 463 17.62 -43.87 -52.37
C GLN D 463 19.02 -43.52 -51.90
N ILE D 464 19.49 -44.26 -50.90
CA ILE D 464 20.81 -44.06 -50.33
C ILE D 464 21.62 -45.34 -50.30
N SER D 465 22.91 -45.22 -50.01
CA SER D 465 23.77 -46.38 -49.84
C SER D 465 23.85 -46.73 -48.36
N SER D 466 23.92 -48.03 -48.06
CA SER D 466 24.07 -48.47 -46.68
C SER D 466 25.52 -48.34 -46.24
N SER D 467 26.44 -48.64 -47.15
CA SER D 467 27.85 -48.71 -46.85
C SER D 467 28.63 -47.47 -47.27
N VAL D 468 28.68 -47.22 -48.57
CA VAL D 468 29.52 -46.15 -49.12
C VAL D 468 29.18 -44.80 -48.50
N LYS D 469 30.20 -44.15 -47.94
CA LYS D 469 30.00 -42.92 -47.20
C LYS D 469 30.26 -41.68 -48.05
N ALA D 470 30.66 -41.90 -49.30
CA ALA D 470 30.78 -40.80 -50.25
C ALA D 470 29.38 -40.41 -50.72
N SER D 471 28.59 -39.85 -49.81
CA SER D 471 27.17 -39.60 -50.05
C SER D 471 26.96 -38.61 -51.19
N SER D 472 27.95 -37.75 -51.39
CA SER D 472 27.87 -36.74 -52.45
C SER D 472 27.88 -37.37 -53.84
N ILE D 473 28.67 -38.43 -54.01
CA ILE D 473 28.76 -39.13 -55.28
C ILE D 473 27.57 -40.07 -55.48
N VAL D 474 27.18 -40.76 -54.41
CA VAL D 474 26.06 -41.70 -54.46
C VAL D 474 24.75 -41.00 -54.82
N ALA D 475 24.53 -39.82 -54.25
CA ALA D 475 23.34 -39.04 -54.54
C ALA D 475 23.29 -38.68 -56.02
N SER D 476 24.44 -38.31 -56.57
CA SER D 476 24.55 -37.99 -57.98
C SER D 476 24.27 -39.22 -58.84
N LEU D 477 24.72 -40.38 -58.36
CA LEU D 477 24.44 -41.64 -59.04
C LEU D 477 22.94 -41.90 -59.04
N PHE D 478 22.28 -41.53 -57.94
CA PHE D 478 20.83 -41.67 -57.85
C PHE D 478 20.13 -40.75 -58.85
N LEU D 479 20.54 -39.49 -58.87
CA LEU D 479 19.94 -38.50 -59.76
C LEU D 479 20.14 -38.89 -61.23
N LYS D 480 21.30 -39.44 -61.54
CA LYS D 480 21.62 -39.82 -62.90
C LYS D 480 20.62 -40.85 -63.44
N GLU D 481 20.00 -41.58 -62.52
CA GLU D 481 19.02 -42.61 -62.90
C GLU D 481 17.73 -42.00 -63.43
N PHE D 482 17.54 -40.70 -63.21
CA PHE D 482 16.31 -40.02 -63.64
C PHE D 482 16.53 -39.06 -64.81
N VAL D 483 17.67 -39.19 -65.48
CA VAL D 483 17.92 -38.49 -66.74
C VAL D 483 18.45 -39.51 -67.74
N GLN D 484 17.67 -39.79 -68.78
CA GLN D 484 17.98 -40.90 -69.68
C GLN D 484 18.85 -40.57 -70.87
N ASN D 485 18.50 -39.50 -71.59
CA ASN D 485 19.24 -39.15 -72.79
C ASN D 485 19.30 -37.63 -73.04
N THR D 486 19.66 -36.90 -71.99
CA THR D 486 19.80 -35.45 -72.05
C THR D 486 21.01 -35.00 -71.26
N ALA D 487 21.71 -33.98 -71.76
CA ALA D 487 22.84 -33.42 -71.03
C ALA D 487 22.40 -32.88 -69.68
N TRP D 488 23.00 -33.38 -68.62
CA TRP D 488 22.58 -33.03 -67.26
C TRP D 488 23.77 -32.75 -66.35
N ALA D 489 23.69 -31.67 -65.60
CA ALA D 489 24.73 -31.31 -64.64
C ALA D 489 24.13 -31.12 -63.26
N HIS D 490 24.91 -31.44 -62.23
CA HIS D 490 24.41 -31.37 -60.85
C HIS D 490 25.36 -30.55 -59.97
N ILE D 491 24.87 -29.44 -59.46
CA ILE D 491 25.68 -28.55 -58.62
C ILE D 491 25.26 -28.65 -57.15
N ASP D 492 26.12 -29.24 -56.34
CA ASP D 492 25.85 -29.42 -54.91
C ASP D 492 26.36 -28.24 -54.09
N ILE D 493 25.44 -27.43 -53.56
CA ILE D 493 25.81 -26.20 -52.86
C ILE D 493 25.48 -26.23 -51.37
N ALA D 494 25.45 -27.43 -50.79
CA ALA D 494 25.12 -27.57 -49.37
C ALA D 494 26.12 -26.85 -48.47
N GLY D 495 27.38 -26.89 -48.86
CA GLY D 495 28.44 -26.29 -48.07
C GLY D 495 28.59 -24.79 -48.26
N VAL D 496 28.29 -24.32 -49.47
CA VAL D 496 28.56 -22.93 -49.83
C VAL D 496 27.35 -22.01 -49.69
N SER D 497 26.17 -22.58 -49.52
CA SER D 497 24.93 -21.78 -49.56
C SER D 497 24.82 -20.76 -48.43
N TRP D 498 25.22 -21.15 -47.23
CA TRP D 498 25.07 -20.28 -46.07
C TRP D 498 26.40 -19.68 -45.60
N ASN D 499 26.42 -18.37 -45.39
CA ASN D 499 27.58 -17.68 -44.84
C ASN D 499 27.56 -17.77 -43.32
N PHE D 500 28.27 -18.77 -42.80
CA PHE D 500 28.21 -19.09 -41.38
C PHE D 500 28.80 -18.00 -40.48
N LYS D 501 29.84 -17.32 -40.97
CA LYS D 501 30.48 -16.28 -40.17
C LYS D 501 29.60 -15.04 -40.10
N ALA D 502 29.00 -14.68 -41.23
CA ALA D 502 28.15 -13.49 -41.30
C ALA D 502 26.72 -13.81 -40.89
N ARG D 503 26.43 -15.09 -40.66
CA ARG D 503 25.11 -15.53 -40.25
C ARG D 503 24.01 -15.14 -41.23
N LYS D 504 24.30 -15.30 -42.52
CA LYS D 504 23.34 -14.99 -43.57
C LYS D 504 23.64 -15.81 -44.82
N PRO D 505 22.69 -15.85 -45.77
CA PRO D 505 22.85 -16.58 -47.03
C PRO D 505 23.81 -15.88 -47.98
N LYS D 506 24.37 -16.63 -48.92
CA LYS D 506 25.26 -16.06 -49.93
C LYS D 506 24.50 -15.71 -51.19
N GLY D 507 23.34 -16.34 -51.38
CA GLY D 507 22.60 -16.22 -52.62
C GLY D 507 23.40 -16.89 -53.73
N PHE D 508 24.05 -18.00 -53.39
CA PHE D 508 24.94 -18.69 -54.31
C PHE D 508 24.20 -19.35 -55.46
N GLY D 509 24.77 -19.24 -56.65
CA GLY D 509 24.21 -19.91 -57.81
C GLY D 509 23.59 -18.96 -58.83
N VAL D 510 23.08 -17.84 -58.34
CA VAL D 510 22.37 -16.90 -59.19
C VAL D 510 23.23 -16.43 -60.35
N ARG D 511 24.41 -15.91 -60.03
CA ARG D 511 25.32 -15.42 -61.06
C ARG D 511 25.92 -16.57 -61.86
N LEU D 512 26.16 -17.70 -61.20
CA LEU D 512 26.69 -18.88 -61.87
C LEU D 512 25.75 -19.37 -62.97
N LEU D 513 24.48 -19.52 -62.62
CA LEU D 513 23.48 -20.01 -63.57
C LEU D 513 23.20 -19.01 -64.69
N THR D 514 23.17 -17.72 -64.33
CA THR D 514 22.86 -16.67 -65.30
C THR D 514 23.97 -16.53 -66.34
N GLU D 515 25.21 -16.59 -65.90
CA GLU D 515 26.35 -16.56 -66.81
C GLU D 515 26.31 -17.78 -67.72
N PHE D 516 25.81 -18.89 -67.20
CA PHE D 516 25.69 -20.11 -67.98
C PHE D 516 24.73 -19.97 -69.16
N VAL D 517 23.59 -19.32 -68.93
CA VAL D 517 22.61 -19.14 -69.99
C VAL D 517 23.03 -18.04 -70.96
N LEU D 518 23.56 -16.96 -70.41
CA LEU D 518 23.96 -15.79 -71.19
C LEU D 518 25.20 -16.06 -72.04
N ASN D 519 26.20 -16.69 -71.45
CA ASN D 519 27.49 -16.91 -72.13
C ASN D 519 27.39 -18.07 -73.11
N ASP D 520 26.37 -18.90 -72.94
CA ASP D 520 26.09 -19.97 -73.87
C ASP D 520 25.34 -19.45 -75.09
N SER E 3 -12.07 -51.00 -42.93
CA SER E 3 -11.75 -51.84 -44.08
C SER E 3 -11.06 -51.03 -45.18
N GLU E 4 -11.49 -49.79 -45.36
CA GLU E 4 -10.91 -48.92 -46.39
C GLU E 4 -9.66 -48.22 -45.85
N VAL E 5 -8.55 -48.36 -46.57
CA VAL E 5 -7.29 -47.77 -46.15
C VAL E 5 -7.19 -46.29 -46.48
N PRO E 6 -7.00 -45.46 -45.45
CA PRO E 6 -6.87 -44.00 -45.61
C PRO E 6 -5.65 -43.62 -46.41
N GLN E 7 -5.75 -42.52 -47.16
CA GLN E 7 -4.65 -42.05 -47.99
C GLN E 7 -4.36 -40.58 -47.69
N VAL E 8 -3.09 -40.19 -47.83
CA VAL E 8 -2.71 -38.79 -47.74
C VAL E 8 -2.76 -38.19 -49.14
N VAL E 9 -2.18 -38.91 -50.08
CA VAL E 9 -2.30 -38.59 -51.50
C VAL E 9 -2.84 -39.80 -52.24
N SER E 10 -3.33 -39.60 -53.46
CA SER E 10 -3.95 -40.68 -54.23
C SER E 10 -2.93 -41.74 -54.65
N LEU E 11 -1.64 -41.42 -54.55
CA LEU E 11 -0.60 -42.34 -54.97
C LEU E 11 -0.23 -43.34 -53.88
N ASP E 12 -0.77 -43.13 -52.69
CA ASP E 12 -0.57 -44.04 -51.56
C ASP E 12 -1.27 -45.37 -51.77
N PRO E 13 -0.52 -46.48 -51.62
CA PRO E 13 -1.08 -47.82 -51.84
C PRO E 13 -2.20 -48.15 -50.87
N THR E 14 -3.17 -48.95 -51.32
CA THR E 14 -4.34 -49.26 -50.51
C THR E 14 -4.45 -50.74 -50.18
N SER E 15 -3.45 -51.52 -50.57
CA SER E 15 -3.42 -52.94 -50.26
C SER E 15 -2.01 -53.50 -50.29
N ILE E 16 -1.77 -54.55 -49.51
CA ILE E 16 -0.50 -55.26 -49.56
C ILE E 16 -0.51 -56.27 -50.71
N PRO E 17 0.37 -56.08 -51.69
CA PRO E 17 0.49 -57.05 -52.78
C PRO E 17 0.92 -58.41 -52.24
N ILE E 18 0.19 -59.47 -52.63
CA ILE E 18 0.49 -60.81 -52.14
C ILE E 18 0.59 -61.81 -53.29
N GLU E 19 1.71 -62.51 -53.33
CA GLU E 19 1.95 -63.54 -54.33
C GLU E 19 1.56 -64.91 -53.76
N TYR E 20 0.46 -65.48 -54.24
CA TYR E 20 0.01 -66.78 -53.73
C TYR E 20 0.56 -67.94 -54.55
N ASN E 21 0.46 -67.87 -55.86
CA ASN E 21 1.00 -68.91 -56.73
C ASN E 21 2.43 -68.61 -57.17
N THR E 22 3.40 -69.08 -56.38
CA THR E 22 4.81 -68.91 -56.70
C THR E 22 5.30 -70.03 -57.63
N PRO E 23 6.40 -69.76 -58.36
CA PRO E 23 7.04 -70.72 -59.26
C PRO E 23 7.43 -72.03 -58.57
N ILE E 24 7.58 -71.98 -57.25
CA ILE E 24 7.93 -73.16 -56.47
C ILE E 24 6.82 -74.20 -56.54
N HIS E 25 5.57 -73.73 -56.58
CA HIS E 25 4.42 -74.63 -56.61
C HIS E 25 4.32 -75.42 -57.92
N ASP E 26 5.04 -74.97 -58.94
CA ASP E 26 5.01 -75.65 -60.23
C ASP E 26 6.08 -76.74 -60.33
N ILE E 27 6.93 -76.83 -59.31
CA ILE E 27 8.00 -77.82 -59.31
C ILE E 27 7.51 -79.22 -58.95
N LYS E 28 7.66 -80.16 -59.88
CA LYS E 28 7.30 -81.54 -59.62
C LYS E 28 8.47 -82.25 -58.95
N VAL E 29 8.26 -82.73 -57.73
CA VAL E 29 9.33 -83.35 -56.96
C VAL E 29 9.23 -84.87 -56.96
N GLN E 30 10.30 -85.53 -57.38
CA GLN E 30 10.35 -86.99 -57.36
C GLN E 30 11.53 -87.46 -56.54
N VAL E 31 11.27 -88.37 -55.60
CA VAL E 31 12.32 -88.89 -54.74
C VAL E 31 12.64 -90.32 -55.11
N TYR E 32 13.91 -90.57 -55.42
CA TYR E 32 14.35 -91.90 -55.78
C TYR E 32 15.34 -92.41 -54.75
N ASP E 33 15.46 -93.73 -54.66
CA ASP E 33 16.41 -94.36 -53.77
C ASP E 33 17.77 -94.58 -54.45
N ILE E 34 18.83 -94.23 -53.72
CA ILE E 34 20.17 -94.32 -54.27
C ILE E 34 20.51 -95.78 -54.54
N LYS E 35 19.82 -96.67 -53.83
CA LYS E 35 19.99 -98.09 -54.03
C LYS E 35 19.48 -98.48 -55.41
N GLY E 36 20.37 -98.48 -56.40
CA GLY E 36 19.99 -98.81 -57.76
C GLY E 36 20.64 -97.92 -58.80
N GLY E 37 21.47 -96.99 -58.36
CA GLY E 37 22.19 -96.13 -59.28
C GLY E 37 21.45 -94.84 -59.58
N CYS E 38 22.23 -93.81 -59.96
CA CYS E 38 21.69 -92.51 -60.29
C CYS E 38 21.68 -92.28 -61.81
N ASN E 39 20.65 -91.62 -62.31
CA ASN E 39 20.59 -91.26 -63.72
C ASN E 39 20.96 -89.80 -63.99
N VAL E 40 22.02 -89.59 -64.75
CA VAL E 40 22.49 -88.25 -65.09
C VAL E 40 22.06 -87.88 -66.52
N GLU E 41 20.76 -87.82 -66.74
CA GLU E 41 20.19 -87.49 -68.04
C GLU E 41 20.06 -85.97 -68.22
N GLU E 42 18.87 -85.41 -68.02
CA GLU E 42 18.70 -83.97 -68.23
C GLU E 42 19.12 -83.10 -67.03
N GLY E 43 19.27 -81.81 -67.27
CA GLY E 43 19.46 -80.80 -66.23
C GLY E 43 20.75 -80.83 -65.42
N LEU E 44 20.66 -80.32 -64.19
CA LEU E 44 21.80 -80.25 -63.27
C LEU E 44 21.68 -81.25 -62.13
N THR E 45 22.76 -81.99 -61.90
CA THR E 45 22.81 -82.97 -60.81
C THR E 45 23.90 -82.60 -59.80
N ILE E 46 23.49 -82.38 -58.56
CA ILE E 46 24.44 -81.97 -57.53
C ILE E 46 24.56 -83.06 -56.47
N PHE E 47 25.79 -83.45 -56.17
CA PHE E 47 26.04 -84.45 -55.14
C PHE E 47 26.38 -83.77 -53.82
N LEU E 48 25.65 -84.11 -52.77
CA LEU E 48 25.96 -83.62 -51.44
C LEU E 48 26.96 -84.54 -50.77
N VAL E 49 28.21 -84.08 -50.68
CA VAL E 49 29.32 -84.90 -50.22
C VAL E 49 30.06 -84.28 -49.05
N ASN E 50 30.48 -85.13 -48.12
CA ASN E 50 31.31 -84.71 -47.00
C ASN E 50 32.56 -85.58 -46.92
N ASN E 51 33.45 -85.25 -46.00
CA ASN E 51 34.63 -86.07 -45.78
C ASN E 51 34.99 -86.06 -44.30
N PRO E 52 34.40 -86.99 -43.54
CA PRO E 52 34.60 -87.15 -42.09
C PRO E 52 36.08 -87.29 -41.71
N LYS E 54 40.07 -85.54 -43.85
CA LYS E 54 39.00 -85.16 -42.93
C LYS E 54 38.54 -83.74 -43.18
N GLU E 55 39.09 -82.79 -42.42
CA GLU E 55 38.68 -81.40 -42.61
C GLU E 55 39.05 -81.05 -44.04
N ASN E 56 38.45 -79.99 -44.57
CA ASN E 56 38.51 -79.64 -46.00
C ASN E 56 39.18 -80.66 -46.93
N GLY E 57 38.86 -81.94 -46.74
CA GLY E 57 39.43 -83.03 -47.53
C GLY E 57 38.85 -83.14 -48.93
N PRO E 58 39.34 -84.12 -49.71
CA PRO E 58 38.94 -84.31 -51.12
C PRO E 58 37.51 -84.83 -51.29
N VAL E 59 36.96 -84.66 -52.49
CA VAL E 59 35.62 -85.13 -52.80
C VAL E 59 35.64 -86.55 -53.37
N LYS E 60 34.85 -87.43 -52.78
CA LYS E 60 34.73 -88.78 -53.28
C LYS E 60 33.25 -89.15 -53.51
N ILE E 61 32.91 -89.42 -54.76
CA ILE E 61 31.54 -89.77 -55.12
C ILE E 61 31.30 -91.26 -54.93
N SER E 62 30.47 -91.58 -53.94
CA SER E 62 30.19 -92.97 -53.59
C SER E 62 29.19 -93.58 -54.55
N SER E 63 28.21 -92.80 -54.96
CA SER E 63 27.08 -93.28 -55.77
C SER E 63 27.47 -93.85 -57.12
N LYS E 64 26.78 -94.93 -57.50
CA LYS E 64 26.95 -95.53 -58.83
C LYS E 64 26.14 -94.71 -59.84
N VAL E 65 26.79 -94.33 -60.94
CA VAL E 65 26.10 -93.56 -61.96
C VAL E 65 25.85 -94.35 -63.22
N ASN E 66 24.60 -94.37 -63.67
CA ASN E 66 24.24 -95.15 -64.86
C ASN E 66 24.57 -94.35 -66.11
N ASP E 67 25.84 -93.98 -66.23
CA ASP E 67 26.34 -93.22 -67.37
C ASP E 67 27.86 -93.31 -67.45
N LYS E 68 28.36 -93.79 -68.59
CA LYS E 68 29.78 -94.02 -68.75
C LYS E 68 30.58 -92.73 -68.77
N GLN E 69 30.03 -91.67 -69.38
CA GLN E 69 30.74 -90.40 -69.51
C GLN E 69 30.81 -89.61 -68.20
N VAL E 70 29.72 -89.63 -67.43
CA VAL E 70 29.68 -88.91 -66.15
C VAL E 70 30.45 -89.68 -65.07
N SER E 71 30.42 -91.00 -65.15
CA SER E 71 31.16 -91.83 -64.21
C SER E 71 32.65 -91.57 -64.38
N GLU E 72 33.06 -91.32 -65.62
CA GLU E 72 34.43 -90.98 -65.92
C GLU E 72 34.76 -89.66 -65.23
N PHE E 73 33.81 -88.73 -65.27
CA PHE E 73 33.95 -87.45 -64.60
C PHE E 73 33.99 -87.56 -63.08
N LEU E 74 33.11 -88.41 -62.54
CA LEU E 74 32.96 -88.52 -61.09
C LEU E 74 33.96 -89.49 -60.51
N LYS E 75 35.00 -89.82 -61.29
CA LYS E 75 36.02 -90.74 -60.82
C LYS E 75 36.72 -90.13 -59.60
N ASP E 76 37.54 -90.93 -58.92
CA ASP E 76 38.19 -90.45 -57.72
C ASP E 76 39.35 -89.54 -58.12
N GLU E 77 40.02 -89.93 -59.19
CA GLU E 77 41.18 -89.18 -59.68
C GLU E 77 40.78 -87.78 -60.14
N ASN E 78 39.53 -87.64 -60.57
CA ASN E 78 39.04 -86.34 -61.05
C ASN E 78 38.39 -85.48 -59.97
N MET E 79 37.76 -86.12 -58.98
CA MET E 79 37.03 -85.39 -57.95
C MET E 79 37.96 -85.01 -56.82
N GLU E 80 39.15 -85.60 -56.84
CA GLU E 80 40.14 -85.37 -55.80
C GLU E 80 40.62 -83.92 -55.78
N LYS E 81 40.55 -83.24 -56.92
CA LYS E 81 40.99 -81.85 -57.00
C LYS E 81 40.05 -80.88 -56.28
N PHE E 82 38.86 -81.36 -55.94
CA PHE E 82 37.88 -80.52 -55.24
C PHE E 82 37.79 -80.93 -53.78
N ASN E 83 37.50 -79.96 -52.90
CA ASN E 83 37.40 -80.25 -51.47
C ASN E 83 35.99 -80.05 -50.92
N VAL E 84 35.75 -80.56 -49.71
CA VAL E 84 34.42 -80.57 -49.14
C VAL E 84 34.17 -79.49 -48.08
N LYS E 85 34.89 -78.37 -48.16
CA LYS E 85 34.66 -77.26 -47.23
C LYS E 85 33.19 -76.86 -47.29
N LEU E 86 32.56 -76.73 -46.13
CA LEU E 86 31.12 -76.47 -46.05
C LEU E 86 30.72 -75.24 -46.87
N GLY E 87 29.99 -75.48 -47.95
CA GLY E 87 29.51 -74.42 -48.81
C GLY E 87 30.24 -74.34 -50.14
N THR E 88 31.42 -74.95 -50.21
CA THR E 88 32.21 -74.93 -51.44
C THR E 88 31.51 -75.73 -52.54
N SER E 89 31.49 -75.20 -53.75
CA SER E 89 30.84 -75.89 -54.85
C SER E 89 31.51 -75.71 -56.20
N LYS E 90 31.35 -76.71 -57.06
CA LYS E 90 31.80 -76.65 -58.45
C LYS E 90 30.82 -77.43 -59.31
N HIS E 91 30.44 -76.87 -60.46
CA HIS E 91 29.63 -77.61 -61.42
C HIS E 91 30.24 -77.52 -62.82
N PHE E 92 30.20 -78.65 -63.53
CA PHE E 92 30.73 -78.74 -64.89
C PHE E 92 29.66 -79.14 -65.89
N TYR E 93 29.87 -78.76 -67.14
CA TYR E 93 28.97 -79.10 -68.23
C TYR E 93 29.66 -80.10 -69.14
N MET E 94 28.92 -81.13 -69.54
CA MET E 94 29.47 -82.20 -70.35
C MET E 94 28.37 -82.94 -71.08
N PHE E 95 28.75 -83.78 -72.04
CA PHE E 95 27.80 -84.64 -72.73
C PHE E 95 27.80 -86.03 -72.12
N ASN E 96 26.61 -86.59 -71.94
CA ASN E 96 26.48 -87.95 -71.43
C ASN E 96 26.52 -88.97 -72.56
N ASP E 97 26.20 -90.22 -72.25
CA ASP E 97 26.23 -91.30 -73.22
C ASP E 97 25.33 -91.03 -74.41
N ASN E 98 24.27 -90.27 -74.16
CA ASN E 98 23.28 -89.93 -75.19
C ASN E 98 23.72 -88.75 -76.04
N LYS E 99 24.75 -88.05 -75.56
CA LYS E 99 25.29 -86.87 -76.22
C LYS E 99 24.36 -85.70 -75.93
N ASN E 100 23.91 -85.64 -74.69
CA ASN E 100 23.08 -84.55 -74.21
C ASN E 100 23.86 -83.69 -73.21
N SER E 101 23.67 -82.38 -73.28
CA SER E 101 24.38 -81.48 -72.38
C SER E 101 23.86 -81.61 -70.96
N VAL E 102 24.67 -82.23 -70.10
CA VAL E 102 24.31 -82.38 -68.70
C VAL E 102 25.23 -81.51 -67.85
N ALA E 103 24.74 -81.10 -66.68
CA ALA E 103 25.56 -80.32 -65.77
C ALA E 103 25.75 -81.10 -64.49
N VAL E 104 27.00 -81.26 -64.07
CA VAL E 104 27.28 -82.04 -62.87
C VAL E 104 28.16 -81.25 -61.93
N GLY E 105 27.97 -81.48 -60.63
CA GLY E 105 28.73 -80.78 -59.62
C GLY E 105 28.49 -81.34 -58.24
N TYR E 106 28.96 -80.62 -57.24
CA TYR E 106 28.83 -81.04 -55.85
C TYR E 106 28.75 -79.83 -54.94
N VAL E 107 28.27 -80.02 -53.72
CA VAL E 107 28.35 -79.00 -52.70
C VAL E 107 28.95 -79.61 -51.44
N GLY E 108 30.00 -78.98 -50.93
CA GLY E 108 30.69 -79.47 -49.75
C GLY E 108 29.83 -79.36 -48.51
N CYS E 109 29.76 -80.44 -47.74
CA CYS E 109 28.95 -80.47 -46.53
C CYS E 109 29.84 -80.62 -45.31
N GLY E 110 31.09 -80.20 -45.45
CA GLY E 110 32.03 -80.19 -44.34
C GLY E 110 32.54 -81.57 -43.97
N SER E 111 33.09 -81.68 -42.77
CA SER E 111 33.69 -82.92 -42.33
C SER E 111 32.90 -83.55 -41.20
N VAL E 112 31.95 -82.80 -40.65
CA VAL E 112 31.08 -83.31 -39.60
C VAL E 112 29.88 -84.04 -40.21
N ALA E 113 29.53 -85.16 -39.60
CA ALA E 113 28.40 -85.99 -40.05
C ALA E 113 27.11 -85.24 -39.80
N ASP E 114 26.49 -85.51 -38.66
CA ASP E 114 25.28 -84.81 -38.21
C ASP E 114 25.28 -83.31 -38.49
N LEU E 115 24.91 -82.92 -39.70
CA LEU E 115 24.83 -81.51 -40.07
C LEU E 115 23.81 -80.74 -39.24
N SER E 116 24.14 -79.51 -38.88
CA SER E 116 23.23 -78.66 -38.12
C SER E 116 22.22 -77.99 -39.07
N GLU E 117 21.61 -76.92 -38.58
CA GLU E 117 20.61 -76.19 -39.33
C GLU E 117 21.25 -75.00 -40.03
N ALA E 118 22.19 -74.35 -39.36
CA ALA E 118 22.99 -73.32 -39.99
C ALA E 118 23.83 -73.93 -41.11
N ASP E 119 24.28 -75.16 -40.87
CA ASP E 119 25.07 -75.91 -41.86
C ASP E 119 24.26 -76.20 -43.12
N MET E 120 23.04 -76.68 -42.95
CA MET E 120 22.18 -77.01 -44.08
C MET E 120 21.83 -75.77 -44.91
N LYS E 121 21.59 -74.65 -44.23
CA LYS E 121 21.33 -73.39 -44.91
C LYS E 121 22.49 -72.98 -45.82
N ARG E 122 23.71 -73.13 -45.32
CA ARG E 122 24.89 -72.81 -46.12
C ARG E 122 24.96 -73.72 -47.35
N VAL E 123 24.58 -74.97 -47.17
CA VAL E 123 24.52 -75.91 -48.28
C VAL E 123 23.48 -75.46 -49.29
N VAL E 124 22.29 -75.13 -48.80
CA VAL E 124 21.19 -74.70 -49.65
C VAL E 124 21.51 -73.43 -50.44
N LEU E 125 22.06 -72.42 -49.76
CA LEU E 125 22.46 -71.19 -50.44
C LEU E 125 23.44 -71.47 -51.56
N SER E 126 24.41 -72.34 -51.27
CA SER E 126 25.39 -72.75 -52.27
C SER E 126 24.71 -73.41 -53.46
N LEU E 127 23.68 -74.20 -53.16
CA LEU E 127 22.90 -74.87 -54.19
C LEU E 127 22.07 -73.87 -54.99
N VAL E 128 21.49 -72.91 -54.28
CA VAL E 128 20.64 -71.88 -54.89
C VAL E 128 21.41 -70.93 -55.81
N THR E 129 22.67 -70.66 -55.47
CA THR E 129 23.50 -69.79 -56.30
C THR E 129 23.68 -70.36 -57.69
N MET E 130 23.79 -71.68 -57.77
CA MET E 130 23.94 -72.36 -59.06
C MET E 130 22.64 -72.32 -59.85
N LEU E 131 21.52 -72.22 -59.16
CA LEU E 131 20.23 -72.16 -59.84
C LEU E 131 19.96 -70.77 -60.40
N HIS E 132 20.43 -69.75 -59.69
CA HIS E 132 20.21 -68.38 -60.10
C HIS E 132 21.11 -68.00 -61.26
N ASP E 133 22.23 -68.70 -61.40
CA ASP E 133 23.19 -68.41 -62.47
C ASP E 133 23.09 -69.44 -63.59
N ASN E 134 22.02 -70.23 -63.58
CA ASN E 134 21.84 -71.27 -64.59
C ASN E 134 20.40 -71.36 -65.10
N LYS E 135 20.26 -71.40 -66.42
CA LYS E 135 18.94 -71.49 -67.05
C LYS E 135 18.50 -72.94 -67.12
N LEU E 136 18.47 -73.61 -65.97
CA LEU E 136 18.19 -75.04 -65.93
C LEU E 136 16.71 -75.37 -65.96
N SER E 137 16.41 -76.64 -66.19
CA SER E 137 15.04 -77.11 -66.31
C SER E 137 14.73 -78.12 -65.22
N LYS E 138 15.76 -78.84 -64.79
CA LYS E 138 15.63 -79.85 -63.76
C LYS E 138 16.86 -79.83 -62.84
N LEU E 139 16.62 -79.92 -61.55
CA LEU E 139 17.71 -80.05 -60.58
C LEU E 139 17.65 -81.41 -59.91
N THR E 140 18.77 -82.10 -59.87
CA THR E 140 18.85 -83.40 -59.21
C THR E 140 19.85 -83.36 -58.07
N VAL E 141 19.37 -83.63 -56.87
CA VAL E 141 20.24 -83.62 -55.70
C VAL E 141 20.41 -85.03 -55.15
N VAL E 142 21.66 -85.46 -55.04
CA VAL E 142 21.97 -86.79 -54.52
C VAL E 142 22.55 -86.68 -53.12
N PHE E 143 21.88 -87.30 -52.15
CA PHE E 143 22.29 -87.20 -50.75
C PHE E 143 23.28 -88.29 -50.33
N GLU E 144 24.56 -87.96 -50.40
CA GLU E 144 25.61 -88.85 -49.88
C GLU E 144 26.02 -88.40 -48.49
N ILE E 145 25.08 -87.77 -47.80
CA ILE E 145 25.25 -87.35 -46.41
C ILE E 145 24.08 -87.88 -45.58
N ASN E 146 24.22 -87.89 -44.26
CA ASN E 146 23.18 -88.39 -43.39
C ASN E 146 22.23 -87.30 -42.89
N VAL E 147 20.93 -87.46 -43.17
CA VAL E 147 19.92 -86.50 -42.72
C VAL E 147 18.64 -87.17 -42.21
N ASP E 148 18.09 -86.66 -41.11
CA ASP E 148 16.82 -87.17 -40.61
C ASP E 148 15.68 -86.66 -41.50
N LYS E 149 14.48 -87.16 -41.24
CA LYS E 149 13.31 -86.74 -42.01
C LYS E 149 13.07 -85.25 -41.83
N ASN E 150 13.30 -84.75 -40.62
CA ASN E 150 13.12 -83.33 -40.32
C ASN E 150 14.09 -82.44 -41.08
N LEU E 151 15.36 -82.84 -41.13
CA LEU E 151 16.39 -82.08 -41.81
C LEU E 151 16.18 -82.16 -43.32
N PHE E 152 15.70 -83.30 -43.78
CA PHE E 152 15.38 -83.46 -45.20
C PHE E 152 14.28 -82.50 -45.61
N ARG E 153 13.23 -82.44 -44.79
CA ARG E 153 12.13 -81.51 -45.05
C ARG E 153 12.65 -80.09 -44.97
N PHE E 154 13.55 -79.86 -44.02
CA PHE E 154 14.17 -78.54 -43.83
C PHE E 154 14.97 -78.15 -45.05
N PHE E 155 15.60 -79.12 -45.70
CA PHE E 155 16.35 -78.87 -46.93
C PHE E 155 15.47 -78.27 -48.02
N LEU E 156 14.31 -78.88 -48.24
CA LEU E 156 13.38 -78.41 -49.28
C LEU E 156 12.81 -77.06 -48.92
N GLU E 157 12.39 -76.90 -47.67
CA GLU E 157 11.91 -75.62 -47.18
C GLU E 157 12.92 -74.51 -47.47
N THR E 158 14.18 -74.78 -47.12
CA THR E 158 15.25 -73.80 -47.31
C THR E 158 15.58 -73.63 -48.78
N LEU E 159 15.56 -74.72 -49.53
CA LEU E 159 15.79 -74.65 -50.97
C LEU E 159 14.74 -73.79 -51.64
N PHE E 160 13.47 -74.09 -51.36
CA PHE E 160 12.35 -73.36 -51.94
C PHE E 160 12.35 -71.88 -51.56
N TYR E 161 12.56 -71.60 -50.28
CA TYR E 161 12.46 -70.22 -49.77
C TYR E 161 13.54 -69.30 -50.31
N GLU E 162 14.77 -69.77 -50.37
CA GLU E 162 15.88 -68.95 -50.85
C GLU E 162 15.88 -68.87 -52.37
N TYR E 163 15.40 -69.94 -53.00
CA TYR E 163 15.26 -69.98 -54.45
C TYR E 163 14.27 -68.92 -54.91
N MET E 164 13.17 -68.80 -54.18
CA MET E 164 12.11 -67.88 -54.52
C MET E 164 12.53 -66.42 -54.39
N THR E 165 12.17 -65.60 -55.37
CA THR E 165 12.50 -64.19 -55.36
C THR E 165 11.26 -63.29 -55.35
N ASP E 166 11.25 -62.31 -54.45
CA ASP E 166 10.12 -61.40 -54.30
C ASP E 166 10.29 -60.17 -55.19
N GLU E 167 9.45 -60.06 -56.21
CA GLU E 167 9.54 -58.96 -57.17
C GLU E 167 8.27 -58.13 -57.20
N ARG E 168 7.50 -58.16 -56.10
CA ARG E 168 6.24 -57.44 -56.02
C ARG E 168 6.43 -55.94 -56.19
N PHE E 169 7.59 -55.44 -55.77
CA PHE E 169 7.83 -54.00 -55.75
C PHE E 169 8.85 -53.57 -56.81
N LYS E 170 9.15 -54.46 -57.75
CA LYS E 170 9.98 -54.08 -58.89
C LYS E 170 9.09 -53.58 -60.01
N SER E 171 9.41 -52.43 -60.58
CA SER E 171 8.71 -51.97 -61.78
C SER E 171 9.58 -52.10 -63.02
N THR E 172 10.81 -51.59 -62.93
CA THR E 172 11.76 -51.65 -64.02
C THR E 172 12.91 -52.61 -63.69
N GLU E 179 14.25 -68.11 -65.30
CA GLU E 179 13.20 -69.11 -65.38
C GLU E 179 13.43 -70.23 -64.37
N TYR E 180 12.48 -70.40 -63.45
CA TYR E 180 12.57 -71.43 -62.42
C TYR E 180 12.50 -72.82 -63.03
N ILE E 181 13.17 -73.78 -62.40
CA ILE E 181 13.12 -75.17 -62.84
C ILE E 181 11.72 -75.72 -62.67
N LYS E 182 11.42 -76.80 -63.39
CA LYS E 182 10.10 -77.42 -63.35
C LYS E 182 10.14 -78.80 -62.71
N HIS E 183 11.35 -79.34 -62.55
CA HIS E 183 11.50 -80.68 -61.99
C HIS E 183 12.62 -80.71 -60.95
N LEU E 184 12.37 -81.41 -59.85
CA LEU E 184 13.36 -81.58 -58.80
C LEU E 184 13.56 -83.07 -58.51
N GLY E 185 14.76 -83.56 -58.82
CA GLY E 185 15.09 -84.94 -58.55
C GLY E 185 15.91 -85.09 -57.28
N VAL E 186 15.52 -86.05 -56.44
CA VAL E 186 16.23 -86.28 -55.19
C VAL E 186 16.65 -87.74 -55.05
N TYR E 187 17.96 -87.96 -54.92
CA TYR E 187 18.48 -89.30 -54.68
C TYR E 187 18.95 -89.40 -53.23
N ILE E 188 18.29 -90.26 -52.48
CA ILE E 188 18.60 -90.45 -51.07
C ILE E 188 18.33 -91.90 -50.66
N ASN E 189 19.01 -92.35 -49.61
CA ASN E 189 18.79 -93.70 -49.11
C ASN E 189 17.51 -93.75 -48.29
N ASN E 190 16.78 -94.86 -48.41
CA ASN E 190 15.51 -95.00 -47.72
C ASN E 190 14.52 -93.96 -48.25
N ALA E 191 14.41 -93.87 -49.56
CA ALA E 191 13.61 -92.83 -50.20
C ALA E 191 12.13 -92.85 -49.78
N ASP E 192 11.58 -94.02 -49.50
CA ASP E 192 10.15 -94.12 -49.22
C ASP E 192 9.72 -93.45 -47.93
N THR E 193 10.65 -93.24 -47.00
CA THR E 193 10.33 -92.57 -45.75
C THR E 193 10.41 -91.05 -45.86
N TYR E 194 11.18 -90.57 -46.84
CA TYR E 194 11.38 -89.13 -47.00
C TYR E 194 10.33 -88.50 -47.90
N LYS E 195 9.61 -89.35 -48.64
CA LYS E 195 8.64 -88.88 -49.62
C LYS E 195 7.48 -88.06 -49.03
N GLU E 196 7.04 -88.44 -47.84
CA GLU E 196 5.92 -87.76 -47.18
C GLU E 196 6.24 -86.32 -46.75
N GLU E 197 7.53 -86.02 -46.60
CA GLU E 197 7.95 -84.72 -46.10
C GLU E 197 7.97 -83.68 -47.22
N VAL E 198 7.88 -84.16 -48.46
CA VAL E 198 8.00 -83.29 -49.62
C VAL E 198 6.85 -82.27 -49.70
N GLU E 199 5.62 -82.76 -49.60
CA GLU E 199 4.46 -81.88 -49.74
C GLU E 199 4.23 -81.09 -48.46
N LYS E 200 4.71 -81.62 -47.34
CA LYS E 200 4.69 -80.89 -46.07
C LYS E 200 5.61 -79.68 -46.13
N ALA E 201 6.76 -79.87 -46.77
CA ALA E 201 7.73 -78.79 -46.93
C ALA E 201 7.19 -77.66 -47.79
N ARG E 202 6.51 -78.02 -48.87
CA ARG E 202 5.94 -77.02 -49.78
C ARG E 202 4.93 -76.15 -49.05
N VAL E 203 4.17 -76.76 -48.14
CA VAL E 203 3.22 -76.01 -47.32
C VAL E 203 3.98 -75.13 -46.33
N TYR E 204 4.91 -75.73 -45.59
CA TYR E 204 5.75 -74.98 -44.66
C TYR E 204 6.52 -73.89 -45.40
N TYR E 205 6.93 -74.20 -46.62
CA TYR E 205 7.63 -73.25 -47.47
C TYR E 205 6.85 -71.96 -47.66
N PHE E 206 5.62 -72.07 -48.14
CA PHE E 206 4.83 -70.88 -48.47
C PHE E 206 4.38 -70.13 -47.23
N GLY E 207 4.04 -70.86 -46.17
CA GLY E 207 3.70 -70.25 -44.89
C GLY E 207 4.82 -69.29 -44.49
N THR E 208 6.05 -69.75 -44.70
CA THR E 208 7.24 -68.95 -44.44
C THR E 208 7.32 -67.79 -45.44
N TYR E 209 7.17 -68.10 -46.72
CA TYR E 209 7.26 -67.07 -47.76
C TYR E 209 6.13 -66.05 -47.67
N TYR E 210 4.96 -66.51 -47.25
CA TYR E 210 3.83 -65.60 -47.04
C TYR E 210 4.12 -64.58 -45.95
N ALA E 211 4.56 -65.08 -44.80
CA ALA E 211 4.91 -64.23 -43.67
C ALA E 211 6.04 -63.27 -44.06
N SER E 212 6.95 -63.77 -44.88
CA SER E 212 8.08 -62.98 -45.37
C SER E 212 7.59 -61.78 -46.17
N GLN E 213 6.59 -62.01 -47.01
CA GLN E 213 6.02 -60.96 -47.85
C GLN E 213 5.45 -59.82 -47.00
N LEU E 214 4.79 -60.16 -45.90
CA LEU E 214 4.25 -59.15 -45.01
C LEU E 214 5.35 -58.34 -44.35
N ILE E 215 6.40 -59.02 -43.90
CA ILE E 215 7.51 -58.35 -43.24
C ILE E 215 8.26 -57.49 -44.24
N ALA E 216 8.52 -58.05 -45.41
CA ALA E 216 9.25 -57.35 -46.46
C ALA E 216 8.47 -56.14 -46.97
N ALA E 217 7.15 -56.24 -46.95
CA ALA E 217 6.29 -55.15 -47.41
C ALA E 217 6.52 -53.87 -46.60
N PRO E 218 6.76 -52.75 -47.29
CA PRO E 218 7.01 -51.44 -46.67
C PRO E 218 5.80 -50.95 -45.87
N SER E 219 6.02 -49.93 -45.04
CA SER E 219 4.99 -49.47 -44.10
C SER E 219 3.91 -48.64 -44.80
N ASN E 220 4.20 -48.13 -45.99
CA ASN E 220 3.19 -47.41 -46.75
C ASN E 220 2.23 -48.38 -47.40
N TYR E 221 2.71 -49.58 -47.69
CA TYR E 221 1.88 -50.66 -48.20
C TYR E 221 1.24 -51.42 -47.05
N CYS E 222 2.06 -51.87 -46.11
CA CYS E 222 1.58 -52.63 -44.98
C CYS E 222 1.35 -51.76 -43.74
N ASN E 223 0.10 -51.34 -43.55
CA ASN E 223 -0.31 -50.60 -42.37
C ASN E 223 -1.40 -51.37 -41.63
N PRO E 224 -1.82 -50.87 -40.45
CA PRO E 224 -2.82 -51.58 -39.63
C PRO E 224 -4.10 -51.95 -40.39
N VAL E 225 -4.52 -51.09 -41.32
CA VAL E 225 -5.75 -51.37 -42.07
C VAL E 225 -5.49 -52.40 -43.18
N SER E 226 -4.48 -52.14 -44.00
CA SER E 226 -4.18 -53.02 -45.13
C SER E 226 -3.73 -54.40 -44.66
N LEU E 227 -3.09 -54.45 -43.50
CA LEU E 227 -2.62 -55.70 -42.93
C LEU E 227 -3.78 -56.55 -42.42
N SER E 228 -4.72 -55.91 -41.73
CA SER E 228 -5.90 -56.61 -41.23
C SER E 228 -6.75 -57.11 -42.40
N ASN E 229 -6.83 -56.31 -43.45
CA ASN E 229 -7.53 -56.71 -44.67
C ASN E 229 -6.89 -57.96 -45.29
N ALA E 230 -5.56 -57.99 -45.27
CA ALA E 230 -4.81 -59.11 -45.81
C ALA E 230 -5.09 -60.38 -45.00
N ALA E 231 -5.27 -60.20 -43.69
CA ALA E 231 -5.55 -61.32 -42.80
C ALA E 231 -6.92 -61.92 -43.08
N VAL E 232 -7.89 -61.06 -43.33
CA VAL E 232 -9.24 -61.49 -43.69
C VAL E 232 -9.23 -62.29 -44.99
N GLU E 233 -8.47 -61.79 -45.97
CA GLU E 233 -8.36 -62.46 -47.27
C GLU E 233 -7.79 -63.87 -47.13
N LEU E 234 -6.83 -64.02 -46.23
CA LEU E 234 -6.22 -65.33 -45.99
C LEU E 234 -7.22 -66.27 -45.30
N ALA E 235 -7.92 -65.75 -44.31
CA ALA E 235 -8.91 -66.53 -43.56
C ALA E 235 -10.04 -67.02 -44.46
N GLN E 236 -10.43 -66.17 -45.40
CA GLN E 236 -11.48 -66.52 -46.34
C GLN E 236 -11.04 -67.66 -47.25
N LYS E 237 -9.78 -67.60 -47.68
CA LYS E 237 -9.22 -68.61 -48.56
C LYS E 237 -9.02 -69.95 -47.85
N LEU E 238 -8.79 -69.88 -46.54
CA LEU E 238 -8.57 -71.10 -45.75
C LEU E 238 -9.82 -71.57 -45.01
N ASN E 239 -10.91 -70.82 -45.14
CA ASN E 239 -12.17 -71.13 -44.48
C ASN E 239 -12.03 -71.00 -42.97
N LEU E 240 -11.34 -69.95 -42.55
CA LEU E 240 -11.11 -69.70 -41.13
C LEU E 240 -12.04 -68.62 -40.58
N GLU E 241 -12.51 -68.79 -39.35
CA GLU E 241 -13.27 -67.73 -38.69
C GLU E 241 -12.40 -66.50 -38.50
N TYR E 242 -12.93 -65.35 -38.89
CA TYR E 242 -12.20 -64.10 -38.75
C TYR E 242 -13.09 -63.01 -38.13
N LYS E 243 -12.45 -62.10 -37.41
CA LYS E 243 -13.11 -60.97 -36.78
C LYS E 243 -12.10 -59.84 -36.61
N ILE E 244 -12.40 -58.68 -37.15
CA ILE E 244 -11.50 -57.54 -36.99
C ILE E 244 -12.12 -56.49 -36.07
N LEU E 245 -11.53 -56.30 -34.90
CA LEU E 245 -12.03 -55.32 -33.94
C LEU E 245 -11.54 -53.92 -34.30
N GLY E 246 -12.47 -52.97 -34.31
CA GLY E 246 -12.14 -51.59 -34.60
C GLY E 246 -12.02 -50.75 -33.33
N VAL E 247 -11.77 -49.45 -33.51
CA VAL E 247 -11.53 -48.54 -32.40
C VAL E 247 -12.68 -48.50 -31.39
N LYS E 248 -13.91 -48.46 -31.90
CA LYS E 248 -15.08 -48.37 -31.03
C LYS E 248 -15.22 -49.61 -30.15
N GLU E 249 -14.96 -50.77 -30.73
CA GLU E 249 -15.07 -52.04 -30.01
C GLU E 249 -13.92 -52.21 -29.02
N LEU E 250 -12.77 -51.69 -29.37
CA LEU E 250 -11.59 -51.76 -28.50
C LEU E 250 -11.79 -50.85 -27.30
N GLU E 251 -12.50 -49.75 -27.50
CA GLU E 251 -12.85 -48.85 -26.42
C GLU E 251 -13.78 -49.53 -25.42
N GLU E 252 -14.68 -50.38 -25.92
CA GLU E 252 -15.62 -51.08 -25.05
C GLU E 252 -14.89 -52.19 -24.29
N LEU E 253 -13.81 -52.68 -24.88
CA LEU E 253 -12.98 -53.69 -24.21
C LEU E 253 -11.95 -53.01 -23.33
N LYS E 254 -11.90 -51.68 -23.40
CA LYS E 254 -11.06 -50.87 -22.52
C LYS E 254 -9.57 -51.15 -22.70
N MET E 255 -9.15 -51.40 -23.95
CA MET E 255 -7.74 -51.65 -24.24
C MET E 255 -6.94 -50.35 -24.30
N GLY E 256 -6.71 -49.75 -23.14
CA GLY E 256 -6.08 -48.45 -23.07
C GLY E 256 -4.60 -48.45 -23.43
N ALA E 257 -3.92 -49.54 -23.12
CA ALA E 257 -2.50 -49.67 -23.46
C ALA E 257 -2.33 -49.74 -24.97
N TYR E 258 -3.06 -50.66 -25.58
CA TYR E 258 -3.06 -50.87 -27.03
C TYR E 258 -3.48 -49.61 -27.79
N LEU E 259 -4.56 -48.98 -27.35
CA LEU E 259 -5.10 -47.81 -28.03
C LEU E 259 -4.20 -46.58 -27.94
N SER E 260 -3.53 -46.43 -26.80
CA SER E 260 -2.66 -45.27 -26.59
C SER E 260 -1.51 -45.21 -27.58
N VAL E 261 -0.99 -46.38 -27.94
CA VAL E 261 0.13 -46.47 -28.87
C VAL E 261 -0.29 -46.00 -30.27
N GLY E 262 -1.50 -46.39 -30.66
CA GLY E 262 -2.00 -46.06 -32.00
C GLY E 262 -2.55 -44.66 -32.12
N LYS E 263 -2.59 -43.93 -31.01
CA LYS E 263 -3.17 -42.59 -30.96
C LYS E 263 -2.59 -41.64 -32.01
N GLY E 264 -1.28 -41.69 -32.19
CA GLY E 264 -0.58 -40.77 -33.07
C GLY E 264 -0.62 -41.17 -34.54
N SER E 265 -1.35 -42.22 -34.86
CA SER E 265 -1.38 -42.74 -36.22
C SER E 265 -2.55 -42.24 -37.06
N MET E 266 -2.32 -42.14 -38.36
CA MET E 266 -3.37 -41.81 -39.31
C MET E 266 -4.19 -43.05 -39.59
N TYR E 267 -3.63 -44.20 -39.21
CA TYR E 267 -4.30 -45.49 -39.37
C TYR E 267 -4.93 -45.97 -38.08
N PRO E 268 -6.25 -46.23 -38.11
CA PRO E 268 -6.99 -46.73 -36.95
C PRO E 268 -6.48 -48.09 -36.51
N ASN E 269 -6.53 -48.37 -35.21
CA ASN E 269 -6.11 -49.67 -34.70
C ASN E 269 -6.96 -50.82 -35.24
N LYS E 270 -6.31 -51.95 -35.50
CA LYS E 270 -7.00 -53.14 -35.99
C LYS E 270 -6.53 -54.39 -35.26
N PHE E 271 -7.43 -55.00 -34.49
CA PHE E 271 -7.11 -56.22 -33.78
C PHE E 271 -7.55 -57.43 -34.60
N ILE E 272 -6.57 -58.21 -35.05
CA ILE E 272 -6.86 -59.37 -35.88
C ILE E 272 -7.17 -60.59 -35.02
N HIS E 273 -8.28 -61.25 -35.32
CA HIS E 273 -8.69 -62.44 -34.57
C HIS E 273 -9.22 -63.53 -35.50
N LEU E 274 -8.31 -64.39 -35.96
CA LEU E 274 -8.68 -65.56 -36.74
C LEU E 274 -8.84 -66.77 -35.81
N THR E 275 -9.61 -67.75 -36.26
CA THR E 275 -9.84 -68.95 -35.45
C THR E 275 -9.90 -70.21 -36.30
N TYR E 276 -9.14 -71.22 -35.89
CA TYR E 276 -9.21 -72.54 -36.51
C TYR E 276 -9.85 -73.54 -35.57
N LYS E 277 -11.00 -74.09 -35.97
CA LYS E 277 -11.70 -75.07 -35.16
C LYS E 277 -11.78 -76.42 -35.87
N SER E 278 -11.05 -77.41 -35.39
CA SER E 278 -11.08 -78.71 -36.06
C SER E 278 -12.50 -79.30 -36.04
N LYS E 279 -12.76 -80.20 -36.98
CA LYS E 279 -14.10 -80.72 -37.22
C LYS E 279 -14.43 -81.91 -36.32
N GLY E 280 -14.00 -81.85 -35.06
CA GLY E 280 -14.21 -82.95 -34.16
C GLY E 280 -14.06 -82.66 -32.68
N ASP E 281 -13.30 -83.52 -32.01
CA ASP E 281 -13.13 -83.48 -30.56
C ASP E 281 -12.02 -82.55 -30.08
N VAL E 282 -12.22 -81.25 -30.21
CA VAL E 282 -11.29 -80.24 -29.71
C VAL E 282 -10.79 -80.59 -28.29
N LYS E 283 -9.49 -80.82 -28.17
CA LYS E 283 -8.90 -81.25 -26.90
C LYS E 283 -7.96 -80.20 -26.31
N LYS E 284 -7.38 -79.40 -27.20
CA LYS E 284 -6.49 -78.31 -26.81
C LYS E 284 -6.93 -76.98 -27.37
N LYS E 285 -6.91 -75.95 -26.53
CA LYS E 285 -7.24 -74.63 -27.00
C LYS E 285 -5.96 -73.80 -26.98
N ILE E 286 -5.58 -73.28 -28.14
CA ILE E 286 -4.31 -72.57 -28.25
C ILE E 286 -4.51 -71.17 -28.82
N ALA E 287 -3.87 -70.20 -28.19
CA ALA E 287 -3.90 -68.83 -28.67
C ALA E 287 -2.51 -68.37 -29.07
N LEU E 288 -2.34 -68.02 -30.34
CA LEU E 288 -1.06 -67.49 -30.80
C LEU E 288 -1.16 -65.98 -30.95
N VAL E 289 -0.42 -65.26 -30.11
CA VAL E 289 -0.45 -63.81 -30.12
C VAL E 289 0.82 -63.27 -30.77
N GLY E 290 0.66 -62.35 -31.71
CA GLY E 290 1.81 -61.78 -32.39
C GLY E 290 1.84 -60.26 -32.30
N LYS E 291 3.02 -59.70 -32.07
CA LYS E 291 3.17 -58.26 -32.05
C LYS E 291 3.01 -57.72 -33.46
N GLY E 292 2.12 -56.74 -33.63
CA GLY E 292 1.79 -56.23 -34.95
C GLY E 292 1.95 -54.73 -35.08
N ILE E 293 3.17 -54.26 -34.89
CA ILE E 293 3.48 -52.86 -35.09
C ILE E 293 3.98 -52.67 -36.53
N THR E 294 3.14 -52.08 -37.37
CA THR E 294 3.44 -51.98 -38.80
C THR E 294 4.64 -51.08 -39.08
N PHE E 295 4.84 -50.07 -38.24
CA PHE E 295 6.07 -49.30 -38.25
C PHE E 295 6.31 -48.72 -36.87
N ASP E 296 7.55 -48.80 -36.41
CA ASP E 296 7.88 -48.28 -35.10
C ASP E 296 8.89 -47.13 -35.22
N SER E 297 8.36 -45.91 -35.21
CA SER E 297 9.19 -44.72 -35.22
C SER E 297 9.85 -44.55 -33.85
N GLY E 298 9.25 -45.17 -32.84
CA GLY E 298 9.72 -45.05 -31.48
C GLY E 298 8.82 -44.10 -30.71
N GLY E 299 7.96 -43.40 -31.45
CA GLY E 299 7.09 -42.40 -30.85
C GLY E 299 7.92 -41.21 -30.45
N TYR E 300 7.52 -40.51 -29.41
CA TYR E 300 8.28 -39.35 -28.94
C TYR E 300 9.66 -39.77 -28.42
N ASN E 301 9.77 -41.01 -27.96
CA ASN E 301 11.08 -41.61 -27.74
C ASN E 301 11.63 -42.13 -29.07
N LEU E 302 11.81 -41.20 -30.00
CA LEU E 302 12.14 -41.50 -31.39
C LEU E 302 13.44 -42.29 -31.52
N LYS E 303 13.47 -43.22 -32.45
CA LYS E 303 14.69 -43.97 -32.75
C LYS E 303 15.69 -43.12 -33.51
N ALA E 304 16.37 -42.24 -32.79
CA ALA E 304 17.32 -41.32 -33.39
C ALA E 304 18.77 -41.65 -33.00
N ALA E 305 18.95 -42.48 -31.99
CA ALA E 305 20.29 -42.88 -31.55
C ALA E 305 20.94 -43.78 -32.58
N PRO E 306 22.27 -43.70 -32.71
CA PRO E 306 23.01 -44.53 -33.65
C PRO E 306 22.78 -46.02 -33.37
N GLY E 307 22.44 -46.78 -34.40
CA GLY E 307 22.21 -48.20 -34.26
C GLY E 307 20.77 -48.53 -33.93
N SER E 308 19.92 -47.50 -33.87
CA SER E 308 18.51 -47.69 -33.58
C SER E 308 17.80 -48.35 -34.77
N MET E 309 18.38 -48.21 -35.95
CA MET E 309 17.90 -48.88 -37.15
C MET E 309 16.43 -48.63 -37.45
N ILE E 310 16.05 -47.37 -37.58
CA ILE E 310 14.65 -46.99 -37.79
C ILE E 310 14.15 -47.47 -39.16
N ASP E 311 15.06 -47.62 -40.11
CA ASP E 311 14.70 -48.06 -41.46
C ASP E 311 14.24 -49.51 -41.50
N LEU E 312 14.62 -50.28 -40.49
CA LEU E 312 14.26 -51.69 -40.42
C LEU E 312 12.88 -51.89 -39.82
N MET E 313 12.36 -50.85 -39.17
CA MET E 313 11.21 -50.99 -38.28
C MET E 313 9.88 -51.30 -38.98
N LYS E 314 9.94 -51.69 -40.24
CA LYS E 314 8.76 -52.26 -40.89
C LYS E 314 8.59 -53.71 -40.46
N PHE E 315 9.69 -54.31 -40.00
CA PHE E 315 9.71 -55.72 -39.61
C PHE E 315 9.07 -55.92 -38.25
N ASP E 316 8.67 -54.82 -37.61
CA ASP E 316 8.18 -54.88 -36.23
C ASP E 316 6.79 -55.52 -36.15
N MET E 317 6.31 -56.01 -37.28
CA MET E 317 5.07 -56.78 -37.33
C MET E 317 5.37 -58.25 -37.65
N SER E 318 6.62 -58.64 -37.42
CA SER E 318 7.08 -59.98 -37.74
C SER E 318 6.36 -61.05 -36.91
N GLY E 319 6.06 -60.70 -35.67
CA GLY E 319 5.31 -61.60 -34.81
C GLY E 319 3.96 -61.88 -35.40
N CYS E 320 3.32 -60.81 -35.87
CA CYS E 320 2.03 -60.93 -36.54
C CYS E 320 2.14 -61.77 -37.81
N ALA E 321 3.19 -61.54 -38.58
CA ALA E 321 3.40 -62.26 -39.83
C ALA E 321 3.64 -63.75 -39.61
N ALA E 322 4.33 -64.09 -38.53
CA ALA E 322 4.60 -65.48 -38.20
C ALA E 322 3.30 -66.20 -37.85
N VAL E 323 2.43 -65.50 -37.11
CA VAL E 323 1.14 -66.05 -36.71
C VAL E 323 0.24 -66.28 -37.92
N LEU E 324 0.22 -65.31 -38.83
CA LEU E 324 -0.57 -65.42 -40.04
C LEU E 324 -0.03 -66.53 -40.94
N GLY E 325 1.29 -66.62 -41.04
CA GLY E 325 1.94 -67.68 -41.79
C GLY E 325 1.62 -69.04 -41.19
N CYS E 326 1.61 -69.11 -39.86
CA CYS E 326 1.23 -70.33 -39.17
C CYS E 326 -0.22 -70.66 -39.47
N ALA E 327 -1.06 -69.64 -39.49
CA ALA E 327 -2.47 -69.81 -39.81
C ALA E 327 -2.67 -70.48 -41.15
N TYR E 328 -1.79 -70.17 -42.11
CA TYR E 328 -1.85 -70.80 -43.42
C TYR E 328 -1.52 -72.28 -43.29
N CYS E 329 -0.40 -72.58 -42.64
CA CYS E 329 0.05 -73.96 -42.51
C CYS E 329 -0.99 -74.80 -41.79
N VAL E 330 -1.54 -74.27 -40.71
CA VAL E 330 -2.57 -74.96 -39.95
C VAL E 330 -3.85 -75.11 -40.78
N GLY E 331 -4.25 -74.03 -41.43
CA GLY E 331 -5.45 -74.03 -42.27
C GLY E 331 -5.34 -74.98 -43.45
N THR E 332 -4.13 -75.20 -43.92
CA THR E 332 -3.90 -76.09 -45.06
C THR E 332 -3.79 -77.55 -44.61
N LEU E 333 -3.00 -77.79 -43.58
CA LEU E 333 -2.79 -79.16 -43.11
C LEU E 333 -3.97 -79.65 -42.27
N LYS E 334 -4.67 -78.71 -41.64
CA LYS E 334 -5.88 -79.01 -40.89
C LYS E 334 -5.70 -80.10 -39.83
N PRO E 335 -4.96 -79.79 -38.75
CA PRO E 335 -4.80 -80.77 -37.68
C PRO E 335 -6.12 -81.00 -36.92
N GLU E 336 -6.25 -82.12 -36.23
CA GLU E 336 -7.50 -82.44 -35.54
C GLU E 336 -7.43 -82.26 -34.04
N ASN E 337 -8.61 -82.13 -33.43
CA ASN E 337 -8.74 -82.10 -31.97
C ASN E 337 -8.07 -80.87 -31.36
N VAL E 338 -8.03 -79.78 -32.12
CA VAL E 338 -7.40 -78.56 -31.66
C VAL E 338 -8.16 -77.32 -32.13
N GLU E 339 -8.22 -76.32 -31.25
CA GLU E 339 -8.78 -75.02 -31.62
C GLU E 339 -7.74 -73.92 -31.42
N ILE E 340 -7.38 -73.24 -32.50
CA ILE E 340 -6.32 -72.26 -32.46
C ILE E 340 -6.83 -70.85 -32.79
N HIS E 341 -6.53 -69.91 -31.91
CA HIS E 341 -6.87 -68.51 -32.13
C HIS E 341 -5.63 -67.73 -32.52
N PHE E 342 -5.69 -67.10 -33.69
CA PHE E 342 -4.56 -66.31 -34.17
C PHE E 342 -4.83 -64.84 -33.93
N LEU E 343 -4.14 -64.28 -32.94
CA LEU E 343 -4.39 -62.92 -32.49
C LEU E 343 -3.21 -62.00 -32.76
N SER E 344 -3.52 -60.73 -33.04
CA SER E 344 -2.49 -59.71 -33.18
C SER E 344 -3.10 -58.33 -33.01
N ALA E 345 -2.59 -57.57 -32.04
CA ALA E 345 -3.01 -56.19 -31.86
C ALA E 345 -2.20 -55.28 -32.77
N VAL E 346 -2.78 -54.96 -33.93
CA VAL E 346 -2.06 -54.22 -34.95
C VAL E 346 -2.27 -52.70 -34.84
N CYS E 347 -1.16 -51.97 -34.90
CA CYS E 347 -1.21 -50.51 -34.86
C CYS E 347 0.12 -49.90 -35.34
N GLU E 348 0.20 -48.59 -35.30
CA GLU E 348 1.40 -47.87 -35.72
C GLU E 348 1.85 -46.89 -34.66
N ASN E 349 3.14 -46.94 -34.31
CA ASN E 349 3.71 -46.03 -33.33
C ASN E 349 4.35 -44.82 -34.02
N MET E 350 3.69 -43.68 -33.94
CA MET E 350 4.12 -42.51 -34.71
C MET E 350 4.24 -41.25 -33.85
N VAL E 351 4.84 -40.22 -34.41
CA VAL E 351 4.99 -38.94 -33.72
C VAL E 351 3.96 -37.93 -34.24
N SER E 352 3.18 -37.37 -33.31
CA SER E 352 2.06 -36.51 -33.66
C SER E 352 1.63 -35.68 -32.47
N LYS E 353 0.72 -34.73 -32.71
CA LYS E 353 0.12 -33.99 -31.62
C LYS E 353 -0.79 -34.95 -30.83
N ASN E 354 -1.23 -36.00 -31.52
CA ASN E 354 -2.14 -36.97 -30.93
C ASN E 354 -1.43 -38.14 -30.26
N SER E 355 -0.13 -38.26 -30.49
CA SER E 355 0.66 -39.35 -29.93
C SER E 355 0.64 -39.33 -28.41
N TYR E 356 0.82 -40.49 -27.79
CA TYR E 356 0.94 -40.54 -26.34
C TYR E 356 2.36 -40.16 -25.93
N ARG E 357 2.48 -39.56 -24.75
CA ARG E 357 3.73 -38.97 -24.30
C ARG E 357 4.46 -39.81 -23.26
N PRO E 358 5.77 -39.62 -23.15
CA PRO E 358 6.52 -40.21 -22.04
C PRO E 358 5.97 -39.69 -20.72
N GLY E 359 5.67 -40.59 -19.79
CA GLY E 359 5.11 -40.18 -18.52
C GLY E 359 3.62 -40.42 -18.43
N ASP E 360 2.98 -40.60 -19.59
CA ASP E 360 1.55 -40.88 -19.63
C ASP E 360 1.21 -42.14 -18.83
N ILE E 361 0.14 -42.06 -18.05
CA ILE E 361 -0.36 -43.23 -17.34
C ILE E 361 -1.63 -43.74 -18.03
N ILE E 362 -1.59 -44.99 -18.47
CA ILE E 362 -2.70 -45.57 -19.22
C ILE E 362 -3.29 -46.77 -18.51
N THR E 363 -4.52 -47.14 -18.90
CA THR E 363 -5.21 -48.24 -18.25
C THR E 363 -5.49 -49.38 -19.22
N ALA E 364 -4.93 -50.54 -18.93
CA ALA E 364 -5.09 -51.72 -19.77
C ALA E 364 -6.50 -52.30 -19.60
N SER E 365 -6.83 -53.29 -20.43
CA SER E 365 -8.17 -53.84 -20.43
C SER E 365 -8.43 -54.70 -19.19
N ASN E 366 -7.39 -54.91 -18.38
CA ASN E 366 -7.55 -55.67 -17.14
C ASN E 366 -7.57 -54.75 -15.92
N GLY E 367 -7.63 -53.45 -16.15
CA GLY E 367 -7.77 -52.49 -15.09
C GLY E 367 -6.48 -51.90 -14.51
N LYS E 368 -5.34 -52.54 -14.81
CA LYS E 368 -4.07 -52.08 -14.27
C LYS E 368 -3.58 -50.81 -14.96
N THR E 369 -3.19 -49.81 -14.16
CA THR E 369 -2.65 -48.58 -14.71
C THR E 369 -1.16 -48.71 -14.91
N ILE E 370 -0.68 -48.20 -16.03
CA ILE E 370 0.71 -48.35 -16.42
C ILE E 370 1.37 -47.00 -16.65
N GLU E 371 2.46 -46.74 -15.94
CA GLU E 371 3.20 -45.51 -16.19
C GLU E 371 4.16 -45.74 -17.35
N VAL E 372 3.94 -45.00 -18.43
CA VAL E 372 4.78 -45.12 -19.62
C VAL E 372 6.09 -44.40 -19.39
N GLY E 373 7.19 -45.16 -19.42
CA GLY E 373 8.51 -44.59 -19.24
C GLY E 373 9.20 -44.34 -20.57
N ASN E 374 8.75 -45.02 -21.60
CA ASN E 374 9.35 -44.91 -22.92
C ASN E 374 8.39 -45.31 -24.03
N THR E 375 8.11 -44.38 -24.94
CA THR E 375 7.15 -44.61 -26.01
C THR E 375 7.68 -45.58 -27.06
N ASP E 376 8.97 -45.89 -26.98
CA ASP E 376 9.58 -46.83 -27.90
C ASP E 376 9.42 -48.25 -27.38
N ALA E 377 8.92 -48.36 -26.15
CA ALA E 377 8.58 -49.66 -25.57
C ALA E 377 7.10 -49.94 -25.78
N GLU E 378 6.65 -49.86 -27.02
CA GLU E 378 5.23 -49.93 -27.34
C GLU E 378 4.77 -51.37 -27.47
N GLY E 379 5.70 -52.27 -27.82
CA GLY E 379 5.36 -53.66 -28.06
C GLY E 379 4.71 -54.34 -26.87
N ARG E 380 5.22 -54.06 -25.68
CA ARG E 380 4.67 -54.67 -24.48
C ARG E 380 3.32 -54.07 -24.09
N LEU E 381 3.09 -52.83 -24.53
CA LEU E 381 1.82 -52.16 -24.27
C LEU E 381 0.67 -52.78 -25.06
N THR E 382 0.91 -53.04 -26.34
CA THR E 382 -0.10 -53.64 -27.20
C THR E 382 -0.32 -55.11 -26.84
N LEU E 383 0.77 -55.81 -26.56
CA LEU E 383 0.72 -57.22 -26.19
C LEU E 383 0.02 -57.44 -24.85
N ALA E 384 0.11 -56.45 -23.97
CA ALA E 384 -0.55 -56.52 -22.67
C ALA E 384 -2.06 -56.72 -22.82
N ASP E 385 -2.70 -55.87 -23.61
CA ASP E 385 -4.12 -55.96 -23.84
C ASP E 385 -4.49 -57.20 -24.66
N ALA E 386 -3.60 -57.57 -25.59
CA ALA E 386 -3.82 -58.75 -26.41
C ALA E 386 -3.80 -60.02 -25.57
N LEU E 387 -2.91 -60.06 -24.58
CA LEU E 387 -2.79 -61.22 -23.71
C LEU E 387 -3.99 -61.31 -22.77
N VAL E 388 -4.48 -60.14 -22.36
CA VAL E 388 -5.69 -60.08 -21.54
C VAL E 388 -6.87 -60.61 -22.35
N TYR E 389 -6.95 -60.14 -23.60
CA TYR E 389 -7.92 -60.62 -24.56
C TYR E 389 -7.79 -62.12 -24.77
N ALA E 390 -6.55 -62.59 -24.86
CA ALA E 390 -6.27 -64.00 -25.13
C ALA E 390 -6.74 -64.92 -24.01
N GLU E 391 -6.42 -64.57 -22.76
CA GLU E 391 -6.76 -65.43 -21.64
C GLU E 391 -8.27 -65.50 -21.41
N LYS E 392 -8.98 -64.44 -21.79
CA LYS E 392 -10.44 -64.43 -21.69
C LYS E 392 -11.08 -65.44 -22.63
N LEU E 393 -10.35 -65.84 -23.65
CA LEU E 393 -10.84 -66.83 -24.61
C LEU E 393 -10.92 -68.20 -23.91
N GLY E 394 -10.23 -68.29 -22.77
CA GLY E 394 -10.22 -69.48 -21.94
C GLY E 394 -9.45 -70.63 -22.56
N VAL E 395 -8.18 -70.39 -22.82
CA VAL E 395 -7.33 -71.34 -23.54
C VAL E 395 -6.36 -72.07 -22.63
N ASP E 396 -5.78 -73.14 -23.15
CA ASP E 396 -4.80 -73.92 -22.42
C ASP E 396 -3.41 -73.31 -22.53
N TYR E 397 -3.06 -72.85 -23.73
CA TYR E 397 -1.74 -72.29 -23.99
C TYR E 397 -1.83 -70.93 -24.69
N ILE E 398 -1.14 -69.94 -24.14
CA ILE E 398 -0.96 -68.67 -24.85
C ILE E 398 0.50 -68.48 -25.22
N VAL E 399 0.77 -68.37 -26.52
CA VAL E 399 2.13 -68.16 -26.99
C VAL E 399 2.23 -66.91 -27.85
N ASP E 400 2.94 -65.92 -27.34
CA ASP E 400 3.17 -64.69 -28.09
C ASP E 400 4.52 -64.74 -28.79
N ILE E 401 4.61 -64.07 -29.93
CA ILE E 401 5.84 -64.01 -30.69
C ILE E 401 5.98 -62.57 -31.18
N ALA E 402 7.13 -61.96 -30.90
CA ALA E 402 7.26 -60.52 -31.11
C ALA E 402 8.70 -60.03 -31.21
N THR E 403 8.92 -59.06 -32.08
CA THR E 403 10.17 -58.30 -32.12
C THR E 403 10.19 -57.33 -30.94
N LEU E 404 10.41 -57.85 -29.74
CA LEU E 404 10.15 -57.09 -28.52
C LEU E 404 11.36 -56.29 -28.03
N THR E 405 12.52 -56.93 -27.95
CA THR E 405 13.70 -56.27 -27.36
C THR E 405 14.93 -56.36 -28.26
N GLY E 406 15.58 -55.22 -28.47
CA GLY E 406 16.80 -55.17 -29.27
C GLY E 406 17.96 -55.81 -28.56
N ALA E 407 17.85 -55.93 -27.24
CA ALA E 407 18.90 -56.54 -26.41
C ALA E 407 19.15 -57.98 -26.81
N MET E 408 18.20 -58.59 -27.51
CA MET E 408 18.33 -59.97 -27.96
C MET E 408 19.53 -60.14 -28.88
N LEU E 409 19.91 -59.08 -29.58
CA LEU E 409 21.07 -59.13 -30.44
C LEU E 409 22.32 -59.32 -29.61
N TYR E 410 22.26 -58.89 -28.35
CA TYR E 410 23.36 -59.02 -27.42
C TYR E 410 23.23 -60.30 -26.58
N SER E 411 22.02 -60.83 -26.51
CA SER E 411 21.77 -62.05 -25.77
C SER E 411 22.14 -63.28 -26.59
N LEU E 412 21.28 -63.64 -27.54
CA LEU E 412 21.45 -64.84 -28.34
C LEU E 412 21.98 -64.52 -29.74
N GLY E 413 21.85 -63.26 -30.13
CA GLY E 413 22.32 -62.81 -31.43
C GLY E 413 21.25 -62.94 -32.50
N THR E 414 21.67 -63.34 -33.70
CA THR E 414 20.79 -63.32 -34.86
C THR E 414 20.23 -64.68 -35.28
N SER E 415 20.73 -65.76 -34.68
CA SER E 415 20.35 -67.10 -35.10
C SER E 415 19.31 -67.76 -34.20
N TYR E 416 19.50 -67.62 -32.89
CA TYR E 416 18.61 -68.25 -31.93
C TYR E 416 17.63 -67.24 -31.34
N ALA E 417 16.37 -67.61 -31.26
CA ALA E 417 15.37 -66.77 -30.62
C ALA E 417 15.28 -67.11 -29.14
N GLY E 418 14.79 -66.17 -28.34
CA GLY E 418 14.65 -66.40 -26.91
C GLY E 418 13.21 -66.70 -26.54
N VAL E 419 13.02 -67.68 -25.67
CA VAL E 419 11.69 -68.01 -25.19
C VAL E 419 11.58 -67.85 -23.69
N PHE E 420 10.57 -67.12 -23.26
CA PHE E 420 10.28 -66.95 -21.84
C PHE E 420 8.91 -67.56 -21.55
N GLY E 421 8.59 -67.76 -20.27
CA GLY E 421 7.29 -68.33 -19.93
C GLY E 421 7.05 -68.52 -18.44
N ASN E 422 5.82 -68.91 -18.11
CA ASN E 422 5.46 -69.19 -16.72
C ASN E 422 5.21 -70.67 -16.51
N ASN E 423 5.39 -71.45 -17.56
CA ASN E 423 5.14 -72.89 -17.51
C ASN E 423 6.25 -73.65 -18.22
N GLU E 424 6.89 -74.56 -17.50
CA GLU E 424 8.07 -75.23 -18.01
C GLU E 424 7.72 -76.32 -19.03
N GLU E 425 6.51 -76.85 -18.94
CA GLU E 425 6.09 -77.87 -19.89
C GLU E 425 5.80 -77.23 -21.24
N LEU E 426 5.20 -76.03 -21.21
CA LEU E 426 4.94 -75.29 -22.43
C LEU E 426 6.25 -74.83 -23.07
N ILE E 427 7.20 -74.43 -22.22
CA ILE E 427 8.51 -74.01 -22.70
C ILE E 427 9.20 -75.20 -23.37
N ASN E 428 9.07 -76.37 -22.76
CA ASN E 428 9.64 -77.59 -23.32
C ASN E 428 8.96 -77.97 -24.63
N LYS E 429 7.69 -77.63 -24.76
CA LYS E 429 6.95 -77.90 -26.00
C LYS E 429 7.42 -77.00 -27.13
N ILE E 430 7.70 -75.74 -26.81
CA ILE E 430 8.27 -74.82 -27.80
C ILE E 430 9.64 -75.30 -28.25
N LEU E 431 10.44 -75.75 -27.30
CA LEU E 431 11.79 -76.22 -27.57
C LEU E 431 11.82 -77.46 -28.44
N GLN E 432 10.89 -78.40 -28.18
CA GLN E 432 10.80 -79.61 -28.98
C GLN E 432 10.41 -79.27 -30.42
N SER E 433 9.54 -78.28 -30.56
CA SER E 433 9.09 -77.83 -31.87
C SER E 433 10.23 -77.11 -32.59
N SER E 434 11.07 -76.43 -31.82
CA SER E 434 12.25 -75.77 -32.36
C SER E 434 13.18 -76.78 -33.02
N LYS E 435 13.31 -77.96 -32.40
CA LYS E 435 14.17 -79.01 -32.91
C LYS E 435 13.69 -79.63 -34.22
N THR E 436 12.38 -79.85 -34.32
CA THR E 436 11.82 -80.53 -35.49
C THR E 436 11.54 -79.54 -36.62
N SER E 437 11.22 -78.30 -36.27
CA SER E 437 11.02 -77.25 -37.27
C SER E 437 12.36 -76.69 -37.76
N ASN E 438 13.41 -76.93 -36.97
CA ASN E 438 14.75 -76.41 -37.26
C ASN E 438 14.81 -74.89 -37.26
N GLU E 439 13.94 -74.28 -36.47
CA GLU E 439 14.03 -72.85 -36.20
C GLU E 439 14.52 -72.71 -34.76
N PRO E 440 15.82 -72.41 -34.59
CA PRO E 440 16.50 -72.50 -33.30
C PRO E 440 15.99 -71.51 -32.26
N VAL E 441 15.73 -72.02 -31.06
CA VAL E 441 15.26 -71.22 -29.95
C VAL E 441 15.94 -71.65 -28.67
N TRP E 442 16.32 -70.68 -27.85
CA TRP E 442 16.97 -70.97 -26.57
C TRP E 442 16.13 -70.45 -25.41
N TRP E 443 16.05 -71.25 -24.36
CA TRP E 443 15.27 -70.89 -23.19
C TRP E 443 16.01 -69.89 -22.32
N LEU E 444 15.38 -68.74 -22.06
CA LEU E 444 15.93 -67.73 -21.17
C LEU E 444 15.02 -67.56 -19.96
N PRO E 445 15.59 -67.14 -18.84
CA PRO E 445 14.88 -67.10 -17.55
C PRO E 445 14.11 -65.82 -17.31
N ILE E 446 12.95 -65.95 -16.67
CA ILE E 446 12.24 -64.79 -16.14
C ILE E 446 12.65 -64.63 -14.68
N ILE E 447 13.54 -63.68 -14.43
CA ILE E 447 14.13 -63.50 -13.11
C ILE E 447 13.25 -62.61 -12.24
N ASN E 448 12.61 -63.22 -11.25
CA ASN E 448 11.62 -62.53 -10.42
C ASN E 448 12.21 -61.41 -9.58
N GLU E 449 13.52 -61.42 -9.40
CA GLU E 449 14.20 -60.38 -8.62
C GLU E 449 14.12 -59.03 -9.30
N TYR E 450 13.94 -59.03 -10.62
CA TYR E 450 13.88 -57.81 -11.41
C TYR E 450 12.52 -57.15 -11.35
N ARG E 451 11.52 -57.90 -10.91
CA ARG E 451 10.13 -57.45 -10.89
C ARG E 451 9.95 -56.11 -10.16
N ALA E 452 10.81 -55.88 -9.16
CA ALA E 452 10.72 -54.67 -8.34
C ALA E 452 11.04 -53.39 -9.10
N THR E 453 11.75 -53.50 -10.22
CA THR E 453 12.13 -52.31 -10.97
C THR E 453 10.95 -51.77 -11.79
N LEU E 454 9.88 -52.56 -11.84
CA LEU E 454 8.67 -52.15 -12.54
C LEU E 454 7.68 -51.53 -11.56
N ASN E 455 8.12 -51.34 -10.32
CA ASN E 455 7.28 -50.76 -9.29
C ASN E 455 7.13 -49.25 -9.45
N SER E 456 5.99 -48.83 -10.00
CA SER E 456 5.76 -47.42 -10.24
C SER E 456 5.39 -46.68 -8.95
N LYS E 457 5.80 -45.41 -8.88
CA LYS E 457 5.48 -44.57 -7.73
C LYS E 457 4.01 -44.15 -7.74
N TYR E 458 3.44 -44.03 -8.93
CA TYR E 458 2.09 -43.51 -9.09
C TYR E 458 1.14 -44.50 -9.73
N ALA E 459 1.60 -45.19 -10.78
CA ALA E 459 0.77 -46.19 -11.45
C ALA E 459 0.85 -47.53 -10.72
N ASP E 460 0.07 -48.49 -11.19
CA ASP E 460 0.08 -49.84 -10.63
C ASP E 460 1.40 -50.52 -10.93
N ILE E 461 1.88 -50.31 -12.16
CA ILE E 461 3.10 -50.94 -12.63
C ILE E 461 3.81 -50.03 -13.62
N ASN E 462 5.14 -50.11 -13.62
CA ASN E 462 5.94 -49.37 -14.60
C ASN E 462 5.95 -50.09 -15.93
N GLN E 463 6.05 -49.34 -17.02
CA GLN E 463 6.15 -49.95 -18.34
C GLN E 463 7.55 -50.52 -18.57
N ILE E 464 8.55 -49.73 -18.22
CA ILE E 464 9.94 -50.14 -18.41
C ILE E 464 10.73 -50.01 -17.11
N SER E 465 11.93 -50.57 -17.09
CA SER E 465 12.81 -50.42 -15.94
C SER E 465 13.80 -49.29 -16.16
N SER E 466 14.05 -48.53 -15.10
CA SER E 466 15.05 -47.49 -15.12
C SER E 466 16.44 -48.10 -14.90
N SER E 467 16.49 -49.09 -14.02
CA SER E 467 17.77 -49.64 -13.58
C SER E 467 18.19 -50.90 -14.33
N VAL E 468 17.43 -51.99 -14.16
CA VAL E 468 17.82 -53.25 -14.77
C VAL E 468 17.85 -53.10 -16.30
N LYS E 469 19.00 -53.40 -16.90
CA LYS E 469 19.19 -53.27 -18.35
C LYS E 469 18.96 -54.58 -19.07
N ALA E 470 18.65 -55.64 -18.32
CA ALA E 470 18.24 -56.89 -18.95
C ALA E 470 16.81 -56.72 -19.45
N SER E 471 16.66 -55.86 -20.46
CA SER E 471 15.36 -55.42 -20.94
C SER E 471 14.50 -56.56 -21.48
N SER E 472 15.14 -57.59 -22.02
CA SER E 472 14.42 -58.74 -22.54
C SER E 472 13.73 -59.50 -21.40
N ILE E 473 14.40 -59.57 -20.26
CA ILE E 473 13.85 -60.25 -19.10
C ILE E 473 12.81 -59.37 -18.40
N VAL E 474 13.11 -58.08 -18.29
CA VAL E 474 12.19 -57.13 -17.68
C VAL E 474 10.90 -57.05 -18.49
N ALA E 475 11.04 -57.07 -19.80
CA ALA E 475 9.88 -57.05 -20.71
C ALA E 475 8.99 -58.25 -20.47
N SER E 476 9.60 -59.42 -20.26
CA SER E 476 8.85 -60.63 -19.97
C SER E 476 8.14 -60.53 -18.63
N LEU E 477 8.78 -59.89 -17.65
CA LEU E 477 8.17 -59.69 -16.34
C LEU E 477 6.94 -58.79 -16.45
N PHE E 478 7.00 -57.80 -17.32
CA PHE E 478 5.87 -56.91 -17.55
C PHE E 478 4.71 -57.68 -18.17
N LEU E 479 5.00 -58.46 -19.21
CA LEU E 479 3.99 -59.26 -19.89
C LEU E 479 3.37 -60.30 -18.96
N LYS E 480 4.21 -60.87 -18.09
CA LYS E 480 3.81 -61.91 -17.16
C LYS E 480 2.67 -61.41 -16.27
N GLU E 481 2.60 -60.09 -16.11
CA GLU E 481 1.57 -59.47 -15.28
C GLU E 481 0.19 -59.52 -15.89
N PHE E 482 0.11 -59.84 -17.18
CA PHE E 482 -1.17 -59.85 -17.88
C PHE E 482 -1.66 -61.25 -18.24
N VAL E 483 -1.08 -62.25 -17.58
CA VAL E 483 -1.57 -63.62 -17.66
C VAL E 483 -1.70 -64.18 -16.24
N GLN E 484 -2.93 -64.46 -15.82
CA GLN E 484 -3.20 -64.78 -14.41
C GLN E 484 -3.12 -66.28 -14.10
N ASN E 485 -3.78 -67.11 -14.90
CA ASN E 485 -3.77 -68.56 -14.63
C ASN E 485 -3.76 -69.41 -15.89
N THR E 486 -2.89 -69.05 -16.83
CA THR E 486 -2.80 -69.79 -18.08
C THR E 486 -1.36 -69.99 -18.49
N ALA E 487 -1.08 -71.18 -19.01
CA ALA E 487 0.24 -71.50 -19.52
C ALA E 487 0.58 -70.55 -20.64
N TRP E 488 1.69 -69.83 -20.49
CA TRP E 488 2.04 -68.76 -21.42
C TRP E 488 3.52 -68.79 -21.77
N ALA E 489 3.80 -68.64 -23.06
CA ALA E 489 5.17 -68.58 -23.54
C ALA E 489 5.41 -67.32 -24.37
N HIS E 490 6.62 -66.79 -24.29
CA HIS E 490 6.97 -65.56 -24.99
C HIS E 490 8.24 -65.75 -25.79
N ILE E 491 8.14 -65.64 -27.11
CA ILE E 491 9.29 -65.81 -27.98
C ILE E 491 9.73 -64.47 -28.58
N ASP E 492 10.89 -63.98 -28.15
CA ASP E 492 11.41 -62.69 -28.63
C ASP E 492 12.23 -62.90 -29.90
N ILE E 493 11.70 -62.43 -31.02
CA ILE E 493 12.32 -62.67 -32.32
C ILE E 493 12.87 -61.37 -32.90
N ALA E 494 13.21 -60.44 -32.02
CA ALA E 494 13.76 -59.17 -32.43
C ALA E 494 15.11 -59.36 -33.12
N GLY E 495 15.89 -60.32 -32.63
CA GLY E 495 17.21 -60.57 -33.18
C GLY E 495 17.23 -61.45 -34.42
N VAL E 496 16.31 -62.40 -34.50
CA VAL E 496 16.34 -63.41 -35.56
C VAL E 496 15.43 -63.12 -36.74
N SER E 497 14.53 -62.16 -36.59
CA SER E 497 13.48 -61.94 -37.59
C SER E 497 14.03 -61.49 -38.94
N TRP E 498 15.02 -60.62 -38.92
CA TRP E 498 15.56 -60.06 -40.15
C TRP E 498 16.92 -60.65 -40.52
N ASN E 499 17.03 -61.08 -41.77
CA ASN E 499 18.30 -61.58 -42.31
C ASN E 499 19.14 -60.42 -42.83
N PHE E 500 20.03 -59.91 -41.98
CA PHE E 500 20.78 -58.71 -42.29
C PHE E 500 21.75 -58.89 -43.46
N LYS E 501 22.33 -60.08 -43.60
CA LYS E 501 23.27 -60.33 -44.67
C LYS E 501 22.56 -60.42 -46.01
N ALA E 502 21.42 -61.10 -46.05
CA ALA E 502 20.66 -61.27 -47.28
C ALA E 502 19.70 -60.10 -47.52
N ARG E 503 19.63 -59.20 -46.54
CA ARG E 503 18.78 -58.01 -46.63
C ARG E 503 17.31 -58.36 -46.85
N LYS E 504 16.83 -59.37 -46.14
CA LYS E 504 15.44 -59.80 -46.28
C LYS E 504 14.96 -60.47 -45.00
N PRO E 505 13.63 -60.66 -44.88
CA PRO E 505 13.08 -61.31 -43.69
C PRO E 505 13.38 -62.80 -43.68
N LYS E 506 13.34 -63.42 -42.51
CA LYS E 506 13.53 -64.86 -42.42
C LYS E 506 12.18 -65.57 -42.41
N GLY E 507 11.14 -64.85 -42.02
CA GLY E 507 9.83 -65.45 -41.81
C GLY E 507 9.93 -66.39 -40.61
N PHE E 508 10.70 -65.97 -39.62
CA PHE E 508 10.99 -66.80 -38.45
C PHE E 508 9.76 -67.00 -37.57
N GLY E 509 9.56 -68.23 -37.11
CA GLY E 509 8.48 -68.52 -36.20
C GLY E 509 7.35 -69.34 -36.79
N VAL E 510 7.13 -69.21 -38.09
CA VAL E 510 6.01 -69.85 -38.76
C VAL E 510 6.03 -71.37 -38.60
N ARG E 511 7.14 -71.98 -38.97
CA ARG E 511 7.28 -73.44 -38.87
C ARG E 511 7.35 -73.87 -37.41
N LEU E 512 7.97 -73.05 -36.56
CA LEU E 512 8.05 -73.34 -35.14
C LEU E 512 6.64 -73.46 -34.56
N LEU E 513 5.79 -72.49 -34.86
CA LEU E 513 4.42 -72.46 -34.34
C LEU E 513 3.59 -73.59 -34.93
N THR E 514 3.81 -73.91 -36.20
CA THR E 514 3.06 -74.96 -36.86
C THR E 514 3.43 -76.34 -36.31
N GLU E 515 4.72 -76.56 -36.07
CA GLU E 515 5.15 -77.81 -35.46
C GLU E 515 4.62 -77.93 -34.03
N PHE E 516 4.51 -76.80 -33.35
CA PHE E 516 3.98 -76.77 -31.99
C PHE E 516 2.52 -77.19 -31.97
N VAL E 517 1.75 -76.71 -32.94
CA VAL E 517 0.33 -77.03 -33.03
C VAL E 517 0.08 -78.43 -33.58
N LEU E 518 0.85 -78.82 -34.59
CA LEU E 518 0.67 -80.12 -35.24
C LEU E 518 1.09 -81.28 -34.34
N ASN E 519 2.25 -81.17 -33.72
CA ASN E 519 2.78 -82.26 -32.91
C ASN E 519 2.15 -82.33 -31.53
N SER F 3 -13.10 -25.19 -22.03
CA SER F 3 -13.42 -25.94 -20.82
C SER F 3 -13.44 -27.44 -21.09
N GLU F 4 -13.89 -27.84 -22.28
CA GLU F 4 -13.98 -29.25 -22.63
C GLU F 4 -12.64 -29.77 -23.16
N VAL F 5 -12.12 -30.82 -22.53
CA VAL F 5 -10.85 -31.41 -22.93
C VAL F 5 -10.98 -32.34 -24.12
N PRO F 6 -10.28 -32.02 -25.22
CA PRO F 6 -10.29 -32.84 -26.44
C PRO F 6 -9.68 -34.22 -26.21
N GLN F 7 -10.19 -35.21 -26.94
CA GLN F 7 -9.73 -36.58 -26.83
C GLN F 7 -9.35 -37.15 -28.19
N VAL F 8 -8.37 -38.05 -28.20
CA VAL F 8 -8.03 -38.78 -29.42
C VAL F 8 -8.83 -40.08 -29.44
N VAL F 9 -8.85 -40.75 -28.30
CA VAL F 9 -9.69 -41.91 -28.08
C VAL F 9 -10.56 -41.63 -26.86
N SER F 10 -11.63 -42.41 -26.68
CA SER F 10 -12.56 -42.16 -25.59
C SER F 10 -11.98 -42.45 -24.21
N LEU F 11 -10.86 -43.16 -24.16
CA LEU F 11 -10.26 -43.54 -22.89
C LEU F 11 -9.34 -42.47 -22.31
N ASP F 12 -9.08 -41.42 -23.08
CA ASP F 12 -8.26 -40.31 -22.62
C ASP F 12 -8.98 -39.50 -21.54
N PRO F 13 -8.32 -39.30 -20.39
CA PRO F 13 -8.90 -38.58 -19.24
C PRO F 13 -9.24 -37.12 -19.58
N THR F 14 -10.28 -36.59 -18.96
CA THR F 14 -10.75 -35.24 -19.26
C THR F 14 -10.65 -34.28 -18.07
N SER F 15 -10.07 -34.76 -16.97
CA SER F 15 -9.86 -33.90 -15.81
C SER F 15 -8.72 -34.44 -14.94
N ILE F 16 -8.02 -33.53 -14.26
CA ILE F 16 -6.99 -33.93 -13.31
C ILE F 16 -7.64 -34.29 -11.98
N PRO F 17 -7.50 -35.56 -11.57
CA PRO F 17 -8.02 -35.94 -10.25
C PRO F 17 -7.30 -35.16 -9.16
N ILE F 18 -8.07 -34.53 -8.27
CA ILE F 18 -7.49 -33.72 -7.21
C ILE F 18 -8.06 -34.09 -5.85
N GLU F 19 -7.18 -34.41 -4.91
CA GLU F 19 -7.59 -34.72 -3.56
C GLU F 19 -7.46 -33.45 -2.71
N TYR F 20 -8.59 -32.88 -2.32
CA TYR F 20 -8.60 -31.66 -1.53
C TYR F 20 -8.58 -31.95 -0.03
N ASN F 21 -9.45 -32.86 0.40
CA ASN F 21 -9.50 -33.26 1.80
C ASN F 21 -8.60 -34.46 2.05
N THR F 22 -7.35 -34.20 2.40
CA THR F 22 -6.39 -35.26 2.66
C THR F 22 -6.52 -35.75 4.11
N PRO F 23 -6.07 -36.99 4.37
CA PRO F 23 -6.07 -37.56 5.72
C PRO F 23 -5.29 -36.68 6.69
N ILE F 24 -4.39 -35.85 6.16
CA ILE F 24 -3.62 -34.92 6.98
C ILE F 24 -4.52 -33.89 7.64
N HIS F 25 -5.55 -33.46 6.90
CA HIS F 25 -6.47 -32.44 7.39
C HIS F 25 -7.32 -32.95 8.55
N ASP F 26 -7.38 -34.27 8.71
CA ASP F 26 -8.18 -34.87 9.78
C ASP F 26 -7.36 -35.05 11.06
N ILE F 27 -6.06 -34.78 10.98
CA ILE F 27 -5.17 -34.95 12.13
C ILE F 27 -5.25 -33.78 13.11
N LYS F 28 -5.64 -34.08 14.33
CA LYS F 28 -5.70 -33.07 15.39
C LYS F 28 -4.35 -32.88 16.07
N VAL F 29 -3.79 -31.68 15.93
CA VAL F 29 -2.48 -31.38 16.50
C VAL F 29 -2.61 -30.48 17.74
N GLN F 30 -2.11 -30.96 18.86
CA GLN F 30 -2.11 -30.19 20.11
C GLN F 30 -0.69 -30.08 20.65
N VAL F 31 -0.27 -28.87 21.00
CA VAL F 31 1.09 -28.65 21.48
C VAL F 31 1.19 -28.40 22.99
N TYR F 32 2.01 -29.19 23.67
CA TYR F 32 2.23 -29.02 25.11
C TYR F 32 3.68 -28.63 25.42
N ASP F 33 3.88 -28.02 26.58
CA ASP F 33 5.21 -27.62 27.04
C ASP F 33 5.93 -28.74 27.76
N ILE F 34 7.20 -28.94 27.40
CA ILE F 34 8.00 -30.06 27.90
C ILE F 34 8.29 -29.94 29.41
N LYS F 35 8.21 -28.72 29.92
CA LYS F 35 8.47 -28.44 31.33
C LYS F 35 7.44 -29.07 32.26
N GLY F 36 6.39 -29.65 31.70
CA GLY F 36 5.34 -30.25 32.50
C GLY F 36 5.38 -31.76 32.43
N GLY F 37 6.36 -32.28 31.70
CA GLY F 37 6.54 -33.71 31.57
C GLY F 37 5.76 -34.26 30.40
N CYS F 38 6.22 -35.39 29.86
CA CYS F 38 5.53 -36.00 28.73
C CYS F 38 4.71 -37.20 29.19
N ASN F 39 3.51 -37.33 28.63
CA ASN F 39 2.65 -38.48 28.92
C ASN F 39 2.65 -39.49 27.77
N VAL F 40 3.03 -40.72 28.09
CA VAL F 40 3.13 -41.80 27.11
C VAL F 40 1.92 -42.73 27.11
N GLU F 41 0.79 -42.21 26.64
CA GLU F 41 -0.45 -42.98 26.60
C GLU F 41 -0.44 -43.89 25.37
N GLU F 42 -1.29 -43.59 24.39
CA GLU F 42 -1.41 -44.41 23.20
C GLU F 42 -0.37 -44.11 22.11
N GLY F 43 -0.28 -45.00 21.14
CA GLY F 43 0.51 -44.77 19.94
C GLY F 43 2.02 -44.69 20.10
N LEU F 44 2.64 -43.94 19.19
CA LEU F 44 4.09 -43.80 19.13
C LEU F 44 4.56 -42.41 19.59
N THR F 45 5.55 -42.40 20.48
CA THR F 45 6.15 -41.17 20.99
C THR F 45 7.63 -41.11 20.63
N ILE F 46 8.01 -40.07 19.89
CA ILE F 46 9.37 -40.00 19.38
C ILE F 46 10.16 -38.84 19.96
N PHE F 47 11.35 -39.14 20.47
CA PHE F 47 12.22 -38.09 20.99
C PHE F 47 13.25 -37.69 19.94
N LEU F 48 13.28 -36.39 19.62
CA LEU F 48 14.30 -35.84 18.73
C LEU F 48 15.50 -35.39 19.55
N VAL F 49 16.59 -36.14 19.48
CA VAL F 49 17.72 -35.90 20.36
C VAL F 49 19.03 -35.64 19.59
N ASN F 50 19.84 -34.73 20.12
CA ASN F 50 21.15 -34.46 19.55
C ASN F 50 22.24 -34.60 20.61
N ASN F 51 23.50 -34.53 20.18
CA ASN F 51 24.62 -34.61 21.10
C ASN F 51 25.80 -33.75 20.64
N PRO F 52 25.83 -32.48 21.06
CA PRO F 52 26.92 -31.55 20.71
C PRO F 52 28.30 -32.08 21.09
N GLU F 55 30.03 -36.04 18.19
CA GLU F 55 29.87 -36.56 16.84
C GLU F 55 28.72 -37.56 16.78
N ASN F 56 29.07 -38.82 16.57
CA ASN F 56 28.09 -39.89 16.44
C ASN F 56 27.84 -40.53 17.80
N GLY F 57 27.73 -39.68 18.82
CA GLY F 57 27.60 -40.14 20.19
C GLY F 57 26.27 -40.73 20.58
N PRO F 58 26.16 -41.17 21.84
CA PRO F 58 25.00 -41.87 22.42
C PRO F 58 23.77 -40.98 22.61
N VAL F 59 22.62 -41.63 22.77
CA VAL F 59 21.36 -40.94 22.98
C VAL F 59 21.04 -40.74 24.45
N LYS F 60 20.73 -39.50 24.84
CA LYS F 60 20.33 -39.19 26.19
C LYS F 60 19.00 -38.43 26.19
N ILE F 61 17.98 -39.04 26.81
CA ILE F 61 16.66 -38.44 26.86
C ILE F 61 16.54 -37.49 28.05
N SER F 62 16.45 -36.20 27.77
CA SER F 62 16.43 -35.18 28.82
C SER F 62 15.07 -35.02 29.49
N SER F 63 14.01 -35.04 28.68
CA SER F 63 12.66 -34.80 29.18
C SER F 63 12.21 -35.86 30.17
N LYS F 64 11.50 -35.45 31.20
CA LYS F 64 10.90 -36.37 32.16
C LYS F 64 9.59 -36.95 31.60
N VAL F 65 9.45 -38.28 31.65
CA VAL F 65 8.24 -38.93 31.16
C VAL F 65 7.43 -39.47 32.34
N ASN F 66 6.15 -39.13 32.36
CA ASN F 66 5.27 -39.49 33.48
C ASN F 66 4.75 -40.93 33.41
N ASP F 67 5.67 -41.89 33.38
CA ASP F 67 5.33 -43.31 33.37
C ASP F 67 6.57 -44.08 33.79
N LYS F 68 6.45 -44.87 34.85
CA LYS F 68 7.63 -45.51 35.44
C LYS F 68 8.30 -46.53 34.51
N GLN F 69 7.50 -47.32 33.81
CA GLN F 69 8.04 -48.35 32.92
C GLN F 69 8.56 -47.75 31.62
N VAL F 70 7.91 -46.70 31.14
CA VAL F 70 8.38 -46.05 29.92
C VAL F 70 9.65 -45.27 30.26
N SER F 71 9.70 -44.72 31.48
CA SER F 71 10.87 -44.01 31.98
C SER F 71 12.07 -44.93 32.18
N GLU F 72 11.81 -46.16 32.63
CA GLU F 72 12.87 -47.15 32.84
C GLU F 72 13.57 -47.51 31.54
N PHE F 73 12.80 -47.62 30.47
CA PHE F 73 13.36 -47.91 29.15
C PHE F 73 14.26 -46.80 28.65
N LEU F 74 13.84 -45.56 28.87
CA LEU F 74 14.54 -44.40 28.33
C LEU F 74 15.68 -43.95 29.22
N LYS F 75 16.13 -44.82 30.13
CA LYS F 75 17.24 -44.43 31.01
C LYS F 75 18.50 -44.22 30.18
N ASP F 76 19.61 -43.95 30.85
CA ASP F 76 20.85 -43.63 30.14
C ASP F 76 21.60 -44.88 29.68
N GLU F 77 21.63 -45.89 30.55
CA GLU F 77 22.35 -47.12 30.29
C GLU F 77 21.79 -47.89 29.10
N ASN F 78 20.49 -47.73 28.84
CA ASN F 78 19.83 -48.42 27.75
C ASN F 78 19.88 -47.65 26.44
N MET F 79 19.89 -46.32 26.54
CA MET F 79 19.85 -45.47 25.36
C MET F 79 21.26 -45.22 24.82
N GLU F 80 22.25 -45.54 25.65
CA GLU F 80 23.65 -45.34 25.29
C GLU F 80 24.02 -46.26 24.14
N LYS F 81 23.29 -47.37 24.02
CA LYS F 81 23.57 -48.37 22.99
C LYS F 81 23.20 -47.87 21.60
N PHE F 82 22.42 -46.79 21.55
CA PHE F 82 22.06 -46.16 20.28
C PHE F 82 22.75 -44.80 20.13
N ASN F 83 23.04 -44.41 18.89
CA ASN F 83 23.71 -43.13 18.64
C ASN F 83 22.79 -42.15 17.91
N VAL F 84 23.19 -40.88 17.90
CA VAL F 84 22.34 -39.83 17.34
C VAL F 84 22.75 -39.39 15.96
N LYS F 85 23.40 -40.28 15.20
CA LYS F 85 23.78 -39.98 13.82
C LYS F 85 22.54 -39.52 13.05
N LEU F 86 22.68 -38.42 12.31
CA LEU F 86 21.53 -37.81 11.63
C LEU F 86 20.76 -38.81 10.77
N GLY F 87 19.54 -39.11 11.20
CA GLY F 87 18.67 -40.02 10.48
C GLY F 87 18.53 -41.38 11.14
N THR F 88 19.45 -41.71 12.03
CA THR F 88 19.39 -42.99 12.72
C THR F 88 18.20 -43.03 13.65
N SER F 89 17.48 -44.14 13.64
CA SER F 89 16.33 -44.29 14.52
C SER F 89 16.14 -45.73 14.98
N LYS F 90 15.58 -45.88 16.17
CA LYS F 90 15.18 -47.19 16.67
C LYS F 90 13.93 -46.97 17.50
N HIS F 91 12.93 -47.83 17.30
CA HIS F 91 11.71 -47.78 18.10
C HIS F 91 11.33 -49.14 18.70
N PHE F 92 10.83 -49.10 19.93
CA PHE F 92 10.46 -50.32 20.67
C PHE F 92 9.00 -50.33 21.10
N TYR F 93 8.47 -51.53 21.27
CA TYR F 93 7.09 -51.72 21.73
C TYR F 93 7.10 -52.30 23.14
N MET F 94 6.26 -51.74 24.00
CA MET F 94 6.23 -52.11 25.40
C MET F 94 4.91 -51.75 26.04
N PHE F 95 4.70 -52.28 27.25
CA PHE F 95 3.55 -51.90 28.04
C PHE F 95 3.96 -50.87 29.07
N ASN F 96 3.10 -49.87 29.19
CA ASN F 96 3.17 -48.77 30.13
C ASN F 96 2.45 -49.05 31.45
N ASP F 97 2.29 -48.01 32.27
CA ASP F 97 1.69 -48.13 33.59
C ASP F 97 0.24 -48.65 33.56
N ASN F 98 -0.51 -48.29 32.51
CA ASN F 98 -1.91 -48.74 32.39
C ASN F 98 -1.98 -50.12 31.78
N LYS F 99 -0.83 -50.52 31.24
CA LYS F 99 -0.65 -51.83 30.61
C LYS F 99 -1.25 -51.84 29.21
N ASN F 100 -1.04 -50.76 28.46
CA ASN F 100 -1.45 -50.73 27.06
C ASN F 100 -0.23 -50.70 26.14
N SER F 101 -0.35 -51.32 24.97
CA SER F 101 0.78 -51.38 24.05
C SER F 101 1.15 -50.01 23.49
N VAL F 102 2.26 -49.46 23.97
CA VAL F 102 2.78 -48.18 23.49
C VAL F 102 4.08 -48.39 22.73
N ALA F 103 4.37 -47.46 21.83
CA ALA F 103 5.60 -47.49 21.05
C ALA F 103 6.47 -46.29 21.37
N VAL F 104 7.74 -46.53 21.66
CA VAL F 104 8.66 -45.45 22.01
C VAL F 104 9.92 -45.56 21.15
N GLY F 105 10.54 -44.42 20.86
CA GLY F 105 11.74 -44.39 20.05
C GLY F 105 12.41 -43.02 19.98
N TYR F 106 13.36 -42.88 19.07
CA TYR F 106 14.09 -41.63 18.90
C TYR F 106 14.49 -41.45 17.44
N VAL F 107 14.82 -40.21 17.08
CA VAL F 107 15.42 -39.94 15.78
C VAL F 107 16.69 -39.11 15.97
N GLY F 108 17.80 -39.58 15.43
CA GLY F 108 19.07 -38.90 15.58
C GLY F 108 19.12 -37.57 14.89
N CYS F 109 19.55 -36.53 15.61
CA CYS F 109 19.61 -35.19 15.06
C CYS F 109 21.04 -34.65 14.99
N GLY F 110 22.00 -35.57 14.95
CA GLY F 110 23.40 -35.19 14.75
C GLY F 110 24.07 -34.54 15.94
N SER F 111 25.20 -33.90 15.67
CA SER F 111 26.03 -33.28 16.68
C SER F 111 25.95 -31.76 16.53
N VAL F 112 25.31 -31.34 15.43
CA VAL F 112 25.12 -29.93 15.15
C VAL F 112 23.89 -29.37 15.86
N ALA F 113 24.06 -28.17 16.42
CA ALA F 113 22.99 -27.47 17.12
C ALA F 113 21.94 -27.02 16.12
N ASP F 114 22.04 -25.76 15.72
CA ASP F 114 21.18 -25.15 14.70
C ASP F 114 20.99 -26.02 13.46
N LEU F 115 19.99 -26.91 13.49
CA LEU F 115 19.72 -27.79 12.35
C LEU F 115 19.38 -27.03 11.07
N SER F 116 19.90 -27.52 9.95
CA SER F 116 19.66 -26.94 8.64
C SER F 116 18.32 -27.39 8.06
N GLU F 117 18.22 -27.31 6.74
CA GLU F 117 17.00 -27.67 6.04
C GLU F 117 17.00 -29.11 5.57
N ALA F 118 18.12 -29.52 4.99
CA ALA F 118 18.33 -30.90 4.60
C ALA F 118 18.36 -31.80 5.83
N ASP F 119 18.94 -31.28 6.91
CA ASP F 119 19.01 -32.01 8.17
C ASP F 119 17.64 -32.27 8.76
N MET F 120 16.81 -31.22 8.81
CA MET F 120 15.44 -31.36 9.33
C MET F 120 14.63 -32.27 8.42
N LYS F 121 14.83 -32.11 7.11
CA LYS F 121 14.17 -32.94 6.11
C LYS F 121 14.54 -34.41 6.30
N ARG F 122 15.82 -34.67 6.55
CA ARG F 122 16.30 -36.03 6.80
C ARG F 122 15.69 -36.62 8.06
N VAL F 123 15.49 -35.78 9.07
CA VAL F 123 14.86 -36.21 10.31
C VAL F 123 13.43 -36.67 10.08
N VAL F 124 12.66 -35.86 9.35
CA VAL F 124 11.27 -36.16 9.07
C VAL F 124 11.09 -37.47 8.31
N LEU F 125 11.90 -37.66 7.26
CA LEU F 125 11.85 -38.88 6.46
C LEU F 125 12.02 -40.13 7.31
N SER F 126 13.00 -40.09 8.21
CA SER F 126 13.24 -41.20 9.13
C SER F 126 12.00 -41.42 10.01
N LEU F 127 11.38 -40.33 10.42
CA LEU F 127 10.18 -40.37 11.23
C LEU F 127 8.99 -40.90 10.42
N VAL F 128 8.89 -40.44 9.17
CA VAL F 128 7.81 -40.87 8.29
C VAL F 128 7.94 -42.35 7.96
N THR F 129 9.16 -42.84 7.93
CA THR F 129 9.43 -44.24 7.65
C THR F 129 8.76 -45.11 8.71
N MET F 130 8.78 -44.62 9.95
CA MET F 130 8.17 -45.31 11.08
C MET F 130 6.66 -45.26 11.02
N LEU F 131 6.13 -44.21 10.42
CA LEU F 131 4.68 -44.04 10.32
C LEU F 131 4.10 -44.91 9.21
N HIS F 132 4.89 -45.11 8.17
CA HIS F 132 4.47 -45.87 7.01
C HIS F 132 4.43 -47.38 7.29
N ASP F 133 5.27 -47.84 8.21
CA ASP F 133 5.31 -49.27 8.54
C ASP F 133 4.61 -49.56 9.85
N ASN F 134 3.81 -48.60 10.32
CA ASN F 134 3.12 -48.75 11.60
C ASN F 134 1.65 -48.29 11.58
N LYS F 135 0.78 -49.14 12.10
CA LYS F 135 -0.65 -48.89 12.17
C LYS F 135 -0.98 -48.08 13.41
N LEU F 136 -0.38 -46.89 13.51
CA LEU F 136 -0.49 -46.07 14.70
C LEU F 136 -1.79 -45.29 14.80
N SER F 137 -2.04 -44.73 15.98
CA SER F 137 -3.26 -43.97 16.25
C SER F 137 -2.94 -42.54 16.61
N LYS F 138 -1.79 -42.37 17.26
CA LYS F 138 -1.31 -41.05 17.67
C LYS F 138 0.22 -41.01 17.58
N LEU F 139 0.76 -39.92 17.04
CA LEU F 139 2.20 -39.74 17.09
C LEU F 139 2.53 -38.54 17.97
N THR F 140 3.46 -38.74 18.90
CA THR F 140 3.87 -37.68 19.81
C THR F 140 5.35 -37.38 19.62
N VAL F 141 5.67 -36.13 19.31
CA VAL F 141 7.04 -35.73 19.07
C VAL F 141 7.57 -34.85 20.21
N VAL F 142 8.67 -35.28 20.81
CA VAL F 142 9.29 -34.54 21.90
C VAL F 142 10.59 -33.89 21.43
N PHE F 143 10.64 -32.57 21.50
CA PHE F 143 11.77 -31.79 20.99
C PHE F 143 12.85 -31.58 22.05
N GLU F 144 13.87 -32.42 22.04
CA GLU F 144 15.03 -32.21 22.90
C GLU F 144 16.12 -31.51 22.10
N ILE F 145 15.69 -30.77 21.08
CA ILE F 145 16.58 -29.95 20.27
C ILE F 145 16.02 -28.54 20.18
N ASN F 146 16.86 -27.60 19.75
CA ASN F 146 16.46 -26.19 19.62
C ASN F 146 15.99 -25.86 18.21
N VAL F 147 14.76 -25.34 18.10
CA VAL F 147 14.22 -24.94 16.79
C VAL F 147 13.50 -23.60 16.85
N ASP F 148 13.70 -22.79 15.82
CA ASP F 148 13.04 -21.49 15.70
C ASP F 148 11.56 -21.70 15.36
N LYS F 149 10.76 -20.64 15.46
CA LYS F 149 9.32 -20.72 15.18
C LYS F 149 9.05 -21.11 13.73
N ASN F 150 9.84 -20.54 12.83
CA ASN F 150 9.73 -20.82 11.40
C ASN F 150 10.10 -22.27 11.08
N LEU F 151 11.16 -22.76 11.71
CA LEU F 151 11.65 -24.11 11.48
C LEU F 151 10.68 -25.17 12.01
N PHE F 152 9.98 -24.83 13.09
CA PHE F 152 9.00 -25.76 13.67
C PHE F 152 7.87 -26.08 12.70
N ARG F 153 7.29 -25.05 12.09
CA ARG F 153 6.24 -25.26 11.10
C ARG F 153 6.80 -26.04 9.93
N PHE F 154 8.06 -25.76 9.59
CA PHE F 154 8.73 -26.47 8.51
C PHE F 154 8.80 -27.96 8.83
N PHE F 155 9.00 -28.26 10.10
CA PHE F 155 8.97 -29.65 10.56
C PHE F 155 7.60 -30.27 10.30
N LEU F 156 6.56 -29.54 10.68
CA LEU F 156 5.19 -30.02 10.50
C LEU F 156 4.81 -30.07 9.03
N GLU F 157 5.12 -29.01 8.29
CA GLU F 157 4.88 -28.95 6.86
C GLU F 157 5.48 -30.14 6.13
N THR F 158 6.76 -30.41 6.39
CA THR F 158 7.47 -31.48 5.72
C THR F 158 6.93 -32.84 6.15
N LEU F 159 6.60 -32.97 7.43
CA LEU F 159 6.02 -34.20 7.96
C LEU F 159 4.72 -34.52 7.25
N PHE F 160 3.82 -33.54 7.16
CA PHE F 160 2.55 -33.73 6.49
C PHE F 160 2.75 -34.10 5.03
N TYR F 161 3.66 -33.39 4.36
CA TYR F 161 3.89 -33.61 2.94
C TYR F 161 4.50 -34.99 2.65
N GLU F 162 5.46 -35.39 3.48
CA GLU F 162 6.13 -36.68 3.27
C GLU F 162 5.27 -37.84 3.77
N TYR F 163 4.48 -37.58 4.81
CA TYR F 163 3.58 -38.58 5.37
C TYR F 163 2.52 -38.94 4.33
N MET F 164 2.04 -37.92 3.63
CA MET F 164 0.98 -38.09 2.64
C MET F 164 1.43 -38.89 1.42
N THR F 165 0.58 -39.82 0.98
CA THR F 165 0.87 -40.61 -0.21
C THR F 165 -0.17 -40.38 -1.30
N ASP F 166 0.30 -40.16 -2.53
CA ASP F 166 -0.59 -39.91 -3.66
C ASP F 166 -0.94 -41.20 -4.39
N GLU F 167 -2.21 -41.61 -4.30
CA GLU F 167 -2.64 -42.85 -4.92
C GLU F 167 -3.75 -42.63 -5.96
N ARG F 168 -3.81 -41.43 -6.53
CA ARG F 168 -4.84 -41.10 -7.51
C ARG F 168 -4.80 -41.99 -8.75
N PHE F 169 -3.60 -42.43 -9.11
CA PHE F 169 -3.42 -43.18 -10.35
C PHE F 169 -3.13 -44.64 -10.05
N LYS F 170 -3.34 -45.00 -8.79
CA LYS F 170 -3.28 -46.39 -8.34
C LYS F 170 -4.65 -47.03 -8.46
N SER F 171 -4.69 -48.24 -8.99
CA SER F 171 -5.92 -49.01 -9.01
C SER F 171 -5.90 -50.02 -7.86
N THR F 172 -4.76 -50.68 -7.68
CA THR F 172 -4.71 -51.94 -6.95
C THR F 172 -5.04 -51.76 -5.48
N GLU F 179 -5.52 -46.04 8.28
CA GLU F 179 -4.08 -46.08 8.05
C GLU F 179 -3.38 -44.90 8.73
N TYR F 180 -3.73 -43.70 8.30
CA TYR F 180 -3.13 -42.49 8.85
C TYR F 180 -3.55 -42.24 10.29
N ILE F 181 -2.65 -41.64 11.07
CA ILE F 181 -2.95 -41.27 12.45
C ILE F 181 -4.01 -40.19 12.50
N LYS F 182 -4.66 -40.06 13.65
CA LYS F 182 -5.71 -39.06 13.81
C LYS F 182 -5.29 -37.98 14.81
N HIS F 183 -4.23 -38.24 15.56
CA HIS F 183 -3.75 -37.31 16.58
C HIS F 183 -2.23 -37.14 16.52
N LEU F 184 -1.78 -35.90 16.65
CA LEU F 184 -0.35 -35.60 16.68
C LEU F 184 0.00 -34.78 17.91
N GLY F 185 0.80 -35.37 18.81
CA GLY F 185 1.24 -34.68 20.00
C GLY F 185 2.64 -34.12 19.87
N VAL F 186 2.82 -32.87 20.26
CA VAL F 186 4.13 -32.23 20.19
C VAL F 186 4.52 -31.67 21.55
N TYR F 187 5.65 -32.15 22.08
CA TYR F 187 6.16 -31.62 23.33
C TYR F 187 7.38 -30.74 23.13
N ILE F 188 7.20 -29.45 23.42
CA ILE F 188 8.28 -28.48 23.33
C ILE F 188 8.02 -27.40 24.36
N ASN F 189 9.09 -26.80 24.88
CA ASN F 189 8.94 -25.70 25.83
C ASN F 189 8.66 -24.37 25.15
N ASN F 190 7.89 -23.53 25.83
CA ASN F 190 7.41 -22.27 25.29
C ASN F 190 6.43 -22.58 24.16
N ALA F 191 5.56 -23.54 24.43
CA ALA F 191 4.61 -24.06 23.46
C ALA F 191 3.67 -22.99 22.90
N ASP F 192 3.37 -21.99 23.72
CA ASP F 192 2.38 -20.98 23.36
C ASP F 192 2.85 -20.11 22.20
N THR F 193 4.16 -20.10 21.97
CA THR F 193 4.73 -19.35 20.87
C THR F 193 4.69 -20.18 19.57
N TYR F 194 4.66 -21.49 19.72
CA TYR F 194 4.67 -22.40 18.58
C TYR F 194 3.25 -22.73 18.11
N LYS F 195 2.26 -22.44 18.96
CA LYS F 195 0.88 -22.77 18.66
C LYS F 195 0.36 -22.09 17.41
N GLU F 196 0.82 -20.87 17.16
CA GLU F 196 0.36 -20.09 16.01
C GLU F 196 0.83 -20.69 14.68
N GLU F 197 1.89 -21.50 14.74
CA GLU F 197 2.50 -22.06 13.54
C GLU F 197 1.83 -23.34 13.05
N VAL F 198 0.97 -23.93 13.88
CA VAL F 198 0.39 -25.25 13.58
C VAL F 198 -0.51 -25.27 12.36
N GLU F 199 -1.52 -24.39 12.32
CA GLU F 199 -2.47 -24.38 11.22
C GLU F 199 -1.89 -23.70 9.98
N LYS F 200 -0.90 -22.84 10.21
CA LYS F 200 -0.17 -22.22 9.12
C LYS F 200 0.59 -23.29 8.33
N ALA F 201 1.16 -24.24 9.06
CA ALA F 201 1.89 -25.35 8.43
C ALA F 201 0.94 -26.26 7.64
N ARG F 202 -0.23 -26.53 8.21
CA ARG F 202 -1.21 -27.38 7.55
C ARG F 202 -1.66 -26.73 6.24
N VAL F 203 -1.74 -25.40 6.25
CA VAL F 203 -2.07 -24.65 5.05
C VAL F 203 -0.91 -24.70 4.07
N TYR F 204 0.29 -24.39 4.57
CA TYR F 204 1.50 -24.48 3.76
C TYR F 204 1.70 -25.89 3.22
N TYR F 205 1.33 -26.87 4.03
CA TYR F 205 1.39 -28.27 3.59
C TYR F 205 0.60 -28.49 2.32
N PHE F 206 -0.69 -28.12 2.36
CA PHE F 206 -1.59 -28.42 1.25
C PHE F 206 -1.30 -27.60 0.01
N GLY F 207 -0.93 -26.34 0.21
CA GLY F 207 -0.51 -25.49 -0.90
C GLY F 207 0.58 -26.19 -1.67
N THR F 208 1.53 -26.75 -0.93
CA THR F 208 2.63 -27.54 -1.50
C THR F 208 2.15 -28.85 -2.10
N TYR F 209 1.35 -29.60 -1.34
CA TYR F 209 0.86 -30.90 -1.80
C TYR F 209 -0.04 -30.77 -3.01
N TYR F 210 -0.80 -29.69 -3.07
CA TYR F 210 -1.65 -29.41 -4.23
C TYR F 210 -0.78 -29.23 -5.48
N ALA F 211 0.25 -28.42 -5.38
CA ALA F 211 1.18 -28.21 -6.48
C ALA F 211 1.84 -29.54 -6.86
N SER F 212 2.12 -30.35 -5.86
CA SER F 212 2.70 -31.67 -6.06
C SER F 212 1.75 -32.53 -6.90
N GLN F 213 0.47 -32.48 -6.56
CA GLN F 213 -0.56 -33.24 -7.26
C GLN F 213 -0.64 -32.84 -8.73
N LEU F 214 -0.53 -31.55 -9.00
CA LEU F 214 -0.59 -31.05 -10.37
C LEU F 214 0.64 -31.47 -11.17
N ILE F 215 1.81 -31.36 -10.56
CA ILE F 215 3.06 -31.70 -11.23
C ILE F 215 3.18 -33.19 -11.46
N ALA F 216 2.85 -33.98 -10.45
CA ALA F 216 2.93 -35.44 -10.52
C ALA F 216 1.98 -36.00 -11.55
N ALA F 217 0.84 -35.31 -11.74
CA ALA F 217 -0.15 -35.74 -12.72
C ALA F 217 0.46 -35.81 -14.11
N PRO F 218 0.27 -36.94 -14.81
CA PRO F 218 0.81 -37.16 -16.15
C PRO F 218 0.26 -36.17 -17.17
N SER F 219 0.89 -36.08 -18.34
CA SER F 219 0.54 -35.07 -19.32
C SER F 219 -0.76 -35.38 -20.07
N ASN F 220 -1.17 -36.64 -20.05
CA ASN F 220 -2.45 -37.01 -20.65
C ASN F 220 -3.58 -36.62 -19.71
N TYR F 221 -3.28 -36.60 -18.42
CA TYR F 221 -4.23 -36.14 -17.42
C TYR F 221 -4.16 -34.62 -17.28
N CYS F 222 -2.95 -34.11 -17.06
CA CYS F 222 -2.75 -32.68 -16.89
C CYS F 222 -2.34 -32.01 -18.19
N ASN F 223 -3.32 -31.43 -18.87
CA ASN F 223 -3.07 -30.65 -20.07
C ASN F 223 -3.53 -29.21 -19.86
N PRO F 224 -3.24 -28.32 -20.83
CA PRO F 224 -3.60 -26.90 -20.70
C PRO F 224 -5.06 -26.67 -20.36
N VAL F 225 -5.95 -27.51 -20.87
CA VAL F 225 -7.38 -27.36 -20.62
C VAL F 225 -7.73 -27.86 -19.23
N SER F 226 -7.33 -29.09 -18.91
CA SER F 226 -7.66 -29.69 -17.63
C SER F 226 -7.00 -28.92 -16.48
N LEU F 227 -5.82 -28.37 -16.75
CA LEU F 227 -5.09 -27.60 -15.75
C LEU F 227 -5.79 -26.26 -15.54
N SER F 228 -6.24 -25.65 -16.64
CA SER F 228 -6.96 -24.40 -16.58
C SER F 228 -8.31 -24.56 -15.88
N ASN F 229 -8.97 -25.67 -16.13
CA ASN F 229 -10.23 -25.99 -15.45
C ASN F 229 -10.01 -26.12 -13.94
N ALA F 230 -8.90 -26.72 -13.57
CA ALA F 230 -8.55 -26.92 -12.16
C ALA F 230 -8.31 -25.58 -11.46
N ALA F 231 -7.74 -24.63 -12.20
CA ALA F 231 -7.46 -23.31 -11.63
C ALA F 231 -8.75 -22.55 -11.34
N VAL F 232 -9.71 -22.66 -12.26
CA VAL F 232 -11.02 -22.05 -12.05
C VAL F 232 -11.71 -22.67 -10.85
N GLU F 233 -11.68 -24.00 -10.79
CA GLU F 233 -12.27 -24.74 -9.69
C GLU F 233 -11.59 -24.36 -8.37
N LEU F 234 -10.28 -24.15 -8.43
CA LEU F 234 -9.53 -23.73 -7.25
C LEU F 234 -9.94 -22.32 -6.83
N ALA F 235 -10.05 -21.44 -7.82
CA ALA F 235 -10.45 -20.05 -7.58
C ALA F 235 -11.85 -19.97 -7.00
N GLN F 236 -12.73 -20.86 -7.44
CA GLN F 236 -14.12 -20.88 -6.98
C GLN F 236 -14.22 -21.24 -5.50
N LYS F 237 -13.43 -22.23 -5.08
CA LYS F 237 -13.41 -22.65 -3.68
C LYS F 237 -12.75 -21.63 -2.75
N LEU F 238 -11.86 -20.81 -3.31
CA LEU F 238 -11.14 -19.83 -2.50
C LEU F 238 -11.82 -18.48 -2.49
N ASN F 239 -12.43 -18.12 -3.63
CA ASN F 239 -13.15 -16.86 -3.84
C ASN F 239 -12.23 -15.86 -4.50
N LEU F 240 -11.49 -16.34 -5.49
CA LEU F 240 -10.57 -15.50 -6.22
C LEU F 240 -11.22 -15.08 -7.52
N GLU F 241 -11.02 -13.83 -7.93
CA GLU F 241 -11.46 -13.41 -9.25
C GLU F 241 -10.66 -14.21 -10.25
N TYR F 242 -11.34 -14.83 -11.21
CA TYR F 242 -10.64 -15.65 -12.18
C TYR F 242 -11.09 -15.36 -13.59
N LYS F 243 -10.16 -15.50 -14.53
CA LYS F 243 -10.44 -15.32 -15.95
C LYS F 243 -9.41 -16.09 -16.76
N ILE F 244 -9.90 -16.98 -17.63
CA ILE F 244 -9.03 -17.78 -18.48
C ILE F 244 -9.14 -17.36 -19.94
N LEU F 245 -8.05 -16.83 -20.48
CA LEU F 245 -8.03 -16.37 -21.86
C LEU F 245 -7.80 -17.53 -22.82
N GLY F 246 -8.63 -17.58 -23.86
CA GLY F 246 -8.52 -18.61 -24.89
C GLY F 246 -7.78 -18.09 -26.10
N VAL F 247 -7.70 -18.91 -27.13
CA VAL F 247 -6.91 -18.59 -28.33
C VAL F 247 -7.35 -17.28 -28.97
N LYS F 248 -8.65 -17.04 -29.02
CA LYS F 248 -9.16 -15.85 -29.69
C LYS F 248 -8.69 -14.57 -29.02
N GLU F 249 -8.73 -14.53 -27.69
CA GLU F 249 -8.29 -13.34 -26.97
C GLU F 249 -6.76 -13.25 -26.95
N LEU F 250 -6.09 -14.41 -26.99
CA LEU F 250 -4.63 -14.40 -27.01
C LEU F 250 -4.17 -13.89 -28.37
N GLU F 251 -4.92 -14.23 -29.42
CA GLU F 251 -4.65 -13.70 -30.75
C GLU F 251 -4.92 -12.20 -30.75
N GLU F 252 -5.91 -11.81 -29.97
CA GLU F 252 -6.33 -10.42 -29.86
C GLU F 252 -5.31 -9.61 -29.08
N LEU F 253 -4.59 -10.29 -28.20
CA LEU F 253 -3.53 -9.65 -27.44
C LEU F 253 -2.18 -9.72 -28.16
N LYS F 254 -2.14 -10.48 -29.25
CA LYS F 254 -0.94 -10.59 -30.08
C LYS F 254 0.24 -11.25 -29.35
N MET F 255 -0.07 -12.20 -28.48
CA MET F 255 0.95 -12.94 -27.74
C MET F 255 1.54 -14.03 -28.62
N GLY F 256 2.36 -13.63 -29.59
CA GLY F 256 2.85 -14.54 -30.62
C GLY F 256 3.88 -15.57 -30.20
N ALA F 257 4.72 -15.23 -29.22
CA ALA F 257 5.71 -16.17 -28.72
C ALA F 257 5.00 -17.33 -28.05
N TYR F 258 4.11 -16.99 -27.12
CA TYR F 258 3.30 -17.95 -26.39
C TYR F 258 2.48 -18.83 -27.33
N LEU F 259 1.82 -18.21 -28.31
CA LEU F 259 0.97 -18.94 -29.24
C LEU F 259 1.76 -19.88 -30.17
N SER F 260 2.96 -19.48 -30.53
CA SER F 260 3.80 -20.28 -31.43
C SER F 260 4.15 -21.64 -30.83
N VAL F 261 4.37 -21.66 -29.52
CA VAL F 261 4.75 -22.89 -28.83
C VAL F 261 3.65 -23.94 -28.85
N GLY F 262 2.41 -23.51 -28.64
CA GLY F 262 1.29 -24.42 -28.56
C GLY F 262 0.71 -24.87 -29.90
N LYS F 263 1.23 -24.31 -30.98
CA LYS F 263 0.70 -24.57 -32.32
C LYS F 263 0.59 -26.05 -32.66
N GLY F 264 1.62 -26.82 -32.29
CA GLY F 264 1.69 -28.23 -32.64
C GLY F 264 0.90 -29.13 -31.70
N SER F 265 0.20 -28.53 -30.74
CA SER F 265 -0.52 -29.31 -29.74
C SER F 265 -1.99 -29.50 -30.09
N MET F 266 -2.55 -30.63 -29.66
CA MET F 266 -3.97 -30.91 -29.85
C MET F 266 -4.76 -30.13 -28.82
N TYR F 267 -4.07 -29.63 -27.81
CA TYR F 267 -4.69 -28.84 -26.76
C TYR F 267 -4.47 -27.35 -26.97
N PRO F 268 -5.57 -26.59 -27.02
CA PRO F 268 -5.53 -25.13 -27.21
C PRO F 268 -4.82 -24.42 -26.06
N ASN F 269 -4.13 -23.32 -26.36
CA ASN F 269 -3.49 -22.55 -25.31
C ASN F 269 -4.51 -21.96 -24.34
N LYS F 270 -4.16 -21.96 -23.05
CA LYS F 270 -5.03 -21.41 -22.03
C LYS F 270 -4.25 -20.56 -21.03
N PHE F 271 -4.54 -19.26 -21.00
CA PHE F 271 -3.86 -18.34 -20.10
C PHE F 271 -4.62 -18.19 -18.78
N ILE F 272 -4.02 -18.69 -17.70
CA ILE F 272 -4.64 -18.65 -16.38
C ILE F 272 -4.37 -17.32 -15.68
N HIS F 273 -5.43 -16.70 -15.16
CA HIS F 273 -5.28 -15.43 -14.44
C HIS F 273 -6.17 -15.40 -13.20
N LEU F 274 -5.62 -15.85 -12.08
CA LEU F 274 -6.31 -15.76 -10.80
C LEU F 274 -5.92 -14.46 -10.11
N THR F 275 -6.78 -13.99 -9.21
CA THR F 275 -6.56 -12.72 -8.53
C THR F 275 -6.99 -12.74 -7.08
N TYR F 276 -6.14 -12.23 -6.20
CA TYR F 276 -6.50 -12.02 -4.81
C TYR F 276 -6.71 -10.52 -4.73
N LYS F 277 -7.94 -10.12 -4.40
CA LYS F 277 -8.32 -8.71 -4.48
C LYS F 277 -7.67 -7.72 -3.51
N SER F 278 -7.98 -7.80 -2.22
CA SER F 278 -7.42 -6.79 -1.30
C SER F 278 -7.38 -7.11 0.18
N LYS F 279 -8.52 -6.95 0.85
CA LYS F 279 -8.65 -6.99 2.31
C LYS F 279 -8.40 -5.58 2.82
N GLY F 280 -8.91 -4.61 2.06
CA GLY F 280 -8.77 -3.20 2.38
C GLY F 280 -7.53 -2.56 1.79
N ASP F 281 -6.84 -1.79 2.61
CA ASP F 281 -5.65 -0.99 2.27
C ASP F 281 -5.22 -0.96 0.80
N VAL F 282 -4.58 -2.03 0.35
CA VAL F 282 -4.11 -2.17 -1.02
C VAL F 282 -2.87 -1.30 -1.22
N LYS F 283 -1.74 -1.77 -0.68
CA LYS F 283 -0.50 -0.99 -0.71
C LYS F 283 0.57 -1.65 -1.58
N LYS F 284 0.48 -2.96 -1.75
CA LYS F 284 1.37 -3.66 -2.66
C LYS F 284 0.58 -4.47 -3.67
N LYS F 285 0.93 -4.33 -4.95
CA LYS F 285 0.31 -5.10 -6.01
C LYS F 285 1.35 -6.05 -6.58
N ILE F 286 1.06 -7.33 -6.55
CA ILE F 286 2.05 -8.34 -6.93
C ILE F 286 1.54 -9.26 -8.03
N ALA F 287 2.39 -9.52 -9.01
CA ALA F 287 2.07 -10.47 -10.07
C ALA F 287 2.99 -11.67 -10.00
N LEU F 288 2.42 -12.85 -9.77
CA LEU F 288 3.21 -14.08 -9.75
C LEU F 288 3.01 -14.85 -11.03
N VAL F 289 4.07 -14.93 -11.84
CA VAL F 289 4.00 -15.61 -13.13
C VAL F 289 4.71 -16.96 -13.05
N GLY F 290 4.06 -18.01 -13.53
CA GLY F 290 4.64 -19.33 -13.49
C GLY F 290 4.68 -20.00 -14.84
N LYS F 291 5.79 -20.67 -15.14
CA LYS F 291 5.91 -21.41 -16.38
C LYS F 291 4.98 -22.62 -16.35
N GLY F 292 4.14 -22.74 -17.38
CA GLY F 292 3.13 -23.77 -17.41
C GLY F 292 3.11 -24.60 -18.67
N ILE F 293 4.21 -25.30 -18.94
CA ILE F 293 4.26 -26.23 -20.06
C ILE F 293 3.87 -27.61 -19.55
N THR F 294 2.67 -28.05 -19.92
CA THR F 294 2.10 -29.27 -19.38
C THR F 294 2.89 -30.50 -19.78
N PHE F 295 3.51 -30.44 -20.96
CA PHE F 295 4.51 -31.42 -21.37
C PHE F 295 5.48 -30.78 -22.35
N ASP F 296 6.76 -31.06 -22.16
CA ASP F 296 7.77 -30.51 -23.03
C ASP F 296 8.49 -31.62 -23.79
N SER F 297 8.01 -31.89 -24.99
CA SER F 297 8.66 -32.86 -25.87
C SER F 297 9.93 -32.25 -26.43
N GLY F 298 9.97 -30.93 -26.47
CA GLY F 298 11.10 -30.20 -27.02
C GLY F 298 10.85 -29.65 -28.41
N GLY F 299 9.76 -30.09 -29.03
CA GLY F 299 9.45 -29.71 -30.40
C GLY F 299 10.40 -30.37 -31.37
N TYR F 300 10.67 -29.71 -32.49
CA TYR F 300 11.59 -30.28 -33.49
C TYR F 300 13.02 -30.38 -32.97
N ASN F 301 13.37 -29.55 -32.00
CA ASN F 301 14.59 -29.78 -31.23
C ASN F 301 14.28 -30.84 -30.18
N LEU F 302 13.94 -32.02 -30.68
CA LEU F 302 13.41 -33.10 -29.87
C LEU F 302 14.37 -33.51 -28.76
N LYS F 303 13.81 -33.83 -27.60
CA LYS F 303 14.61 -34.33 -26.49
C LYS F 303 14.99 -35.78 -26.77
N ALA F 304 15.95 -35.97 -27.67
CA ALA F 304 16.37 -37.30 -28.07
C ALA F 304 17.78 -37.58 -27.56
N ALA F 305 18.48 -36.53 -27.17
CA ALA F 305 19.83 -36.64 -26.64
C ALA F 305 19.81 -37.27 -25.25
N PRO F 306 20.88 -38.01 -24.91
CA PRO F 306 21.01 -38.65 -23.59
C PRO F 306 20.97 -37.63 -22.46
N GLY F 307 20.14 -37.89 -21.45
CA GLY F 307 20.04 -37.01 -20.30
C GLY F 307 19.02 -35.90 -20.44
N SER F 308 18.33 -35.86 -21.58
CA SER F 308 17.30 -34.84 -21.79
C SER F 308 16.10 -35.16 -20.91
N MET F 309 15.98 -36.43 -20.52
CA MET F 309 14.96 -36.87 -19.58
C MET F 309 13.57 -36.45 -20.01
N ILE F 310 13.20 -36.85 -21.23
CA ILE F 310 11.93 -36.45 -21.81
C ILE F 310 10.74 -37.04 -21.05
N ASP F 311 10.97 -38.16 -20.37
CA ASP F 311 9.91 -38.82 -19.61
C ASP F 311 9.50 -38.00 -18.39
N LEU F 312 10.39 -37.12 -17.94
CA LEU F 312 10.15 -36.29 -16.77
C LEU F 312 9.37 -35.02 -17.11
N MET F 313 9.31 -34.69 -18.40
CA MET F 313 8.89 -33.36 -18.83
C MET F 313 7.41 -33.05 -18.62
N LYS F 314 6.74 -33.86 -17.81
CA LYS F 314 5.41 -33.49 -17.34
C LYS F 314 5.58 -32.46 -16.23
N PHE F 315 6.77 -32.43 -15.65
CA PHE F 315 7.07 -31.55 -14.52
C PHE F 315 7.28 -30.11 -14.95
N ASP F 316 7.24 -29.86 -16.26
CA ASP F 316 7.56 -28.55 -16.79
C ASP F 316 6.48 -27.50 -16.52
N MET F 317 5.46 -27.87 -15.77
CA MET F 317 4.44 -26.92 -15.36
C MET F 317 4.55 -26.61 -13.87
N SER F 318 5.73 -26.87 -13.31
CA SER F 318 5.97 -26.68 -11.88
C SER F 318 5.83 -25.21 -11.50
N GLY F 319 6.20 -24.34 -12.42
CA GLY F 319 6.07 -22.90 -12.21
C GLY F 319 4.61 -22.56 -12.01
N CYS F 320 3.75 -23.10 -12.87
CA CYS F 320 2.30 -22.92 -12.75
C CYS F 320 1.77 -23.51 -11.44
N ALA F 321 2.24 -24.71 -11.11
CA ALA F 321 1.78 -25.40 -9.90
C ALA F 321 2.16 -24.64 -8.63
N ALA F 322 3.33 -24.02 -8.64
CA ALA F 322 3.80 -23.25 -7.51
C ALA F 322 2.93 -22.01 -7.29
N VAL F 323 2.56 -21.36 -8.38
CA VAL F 323 1.72 -20.17 -8.30
C VAL F 323 0.33 -20.52 -7.79
N LEU F 324 -0.22 -21.63 -8.27
CA LEU F 324 -1.54 -22.08 -7.84
C LEU F 324 -1.54 -22.51 -6.37
N GLY F 325 -0.49 -23.22 -5.97
CA GLY F 325 -0.33 -23.64 -4.59
C GLY F 325 -0.25 -22.41 -3.70
N CYS F 326 0.47 -21.40 -4.18
CA CYS F 326 0.58 -20.13 -3.48
C CYS F 326 -0.81 -19.49 -3.39
N ALA F 327 -1.56 -19.57 -4.49
CA ALA F 327 -2.89 -19.01 -4.55
C ALA F 327 -3.78 -19.60 -3.45
N TYR F 328 -3.59 -20.88 -3.14
CA TYR F 328 -4.35 -21.51 -2.07
C TYR F 328 -4.01 -20.92 -0.71
N CYS F 329 -2.72 -20.84 -0.40
CA CYS F 329 -2.28 -20.32 0.89
C CYS F 329 -2.74 -18.88 1.12
N VAL F 330 -2.59 -18.05 0.11
CA VAL F 330 -3.02 -16.65 0.21
C VAL F 330 -4.53 -16.55 0.38
N GLY F 331 -5.25 -17.31 -0.44
CA GLY F 331 -6.70 -17.32 -0.38
C GLY F 331 -7.22 -17.84 0.95
N THR F 332 -6.45 -18.73 1.57
CA THR F 332 -6.85 -19.32 2.84
C THR F 332 -6.47 -18.45 4.04
N LEU F 333 -5.23 -17.97 4.05
CA LEU F 333 -4.73 -17.18 5.17
C LEU F 333 -5.26 -15.75 5.13
N LYS F 334 -5.61 -15.28 3.94
CA LYS F 334 -6.25 -13.97 3.75
C LYS F 334 -5.42 -12.82 4.32
N PRO F 335 -4.28 -12.53 3.70
CA PRO F 335 -3.41 -11.42 4.09
C PRO F 335 -3.97 -10.04 3.77
N GLU F 336 -3.47 -9.03 4.47
CA GLU F 336 -3.90 -7.65 4.27
C GLU F 336 -2.82 -6.85 3.53
N ASN F 337 -3.22 -5.72 2.98
CA ASN F 337 -2.32 -4.77 2.34
C ASN F 337 -1.68 -5.34 1.08
N VAL F 338 -2.36 -6.25 0.41
CA VAL F 338 -1.80 -6.86 -0.79
C VAL F 338 -2.83 -7.19 -1.86
N GLU F 339 -2.45 -6.98 -3.11
CA GLU F 339 -3.24 -7.42 -4.25
C GLU F 339 -2.36 -8.34 -5.09
N ILE F 340 -2.77 -9.60 -5.24
CA ILE F 340 -1.94 -10.58 -5.92
C ILE F 340 -2.58 -11.14 -7.20
N HIS F 341 -1.83 -11.09 -8.28
CA HIS F 341 -2.27 -11.68 -9.55
C HIS F 341 -1.52 -12.97 -9.82
N PHE F 342 -2.26 -14.06 -9.98
CA PHE F 342 -1.67 -15.36 -10.27
C PHE F 342 -1.78 -15.69 -11.75
N LEU F 343 -0.67 -15.61 -12.46
CA LEU F 343 -0.66 -15.76 -13.91
C LEU F 343 0.11 -16.99 -14.35
N SER F 344 -0.36 -17.60 -15.45
CA SER F 344 0.36 -18.71 -16.07
C SER F 344 -0.08 -18.91 -17.52
N ALA F 345 0.88 -18.83 -18.44
CA ALA F 345 0.62 -19.11 -19.84
C ALA F 345 0.72 -20.61 -20.11
N VAL F 346 -0.42 -21.29 -20.11
CA VAL F 346 -0.43 -22.74 -20.20
C VAL F 346 -0.53 -23.21 -21.65
N CYS F 347 0.36 -24.13 -22.01
CA CYS F 347 0.36 -24.71 -23.35
C CYS F 347 1.17 -25.99 -23.40
N GLU F 348 1.26 -26.60 -24.58
CA GLU F 348 1.99 -27.85 -24.76
C GLU F 348 2.99 -27.78 -25.92
N ASN F 349 4.22 -28.19 -25.66
CA ASN F 349 5.25 -28.21 -26.70
C ASN F 349 5.34 -29.59 -27.36
N MET F 350 4.82 -29.69 -28.58
CA MET F 350 4.71 -30.98 -29.24
C MET F 350 5.27 -30.96 -30.67
N VAL F 351 5.44 -32.14 -31.26
CA VAL F 351 5.92 -32.26 -32.63
C VAL F 351 4.76 -32.57 -33.58
N SER F 352 4.60 -31.73 -34.60
CA SER F 352 3.49 -31.84 -35.52
C SER F 352 3.75 -31.05 -36.80
N LYS F 353 2.86 -31.19 -37.77
CA LYS F 353 2.92 -30.38 -38.97
C LYS F 353 2.61 -28.92 -38.62
N ASN F 354 1.88 -28.74 -37.54
CA ASN F 354 1.47 -27.41 -37.10
C ASN F 354 2.49 -26.78 -36.15
N SER F 355 3.45 -27.58 -35.71
CA SER F 355 4.47 -27.11 -34.77
C SER F 355 5.31 -25.99 -35.38
N TYR F 356 5.86 -25.13 -34.53
CA TYR F 356 6.76 -24.09 -35.02
C TYR F 356 8.17 -24.67 -35.18
N ARG F 357 8.92 -24.12 -36.13
CA ARG F 357 10.21 -24.69 -36.50
C ARG F 357 11.37 -23.88 -35.97
N PRO F 358 12.54 -24.53 -35.82
CA PRO F 358 13.78 -23.81 -35.50
C PRO F 358 14.10 -22.81 -36.61
N GLY F 359 14.38 -21.57 -36.24
CA GLY F 359 14.66 -20.54 -37.22
C GLY F 359 13.46 -19.64 -37.48
N ASP F 360 12.28 -20.10 -37.07
CA ASP F 360 11.05 -19.33 -37.20
C ASP F 360 11.16 -17.99 -36.47
N ILE F 361 10.70 -16.92 -37.10
CA ILE F 361 10.64 -15.63 -36.43
C ILE F 361 9.21 -15.31 -36.01
N ILE F 362 9.01 -15.11 -34.71
CA ILE F 362 7.70 -14.87 -34.15
C ILE F 362 7.65 -13.49 -33.49
N THR F 363 6.45 -12.97 -33.27
CA THR F 363 6.30 -11.63 -32.72
C THR F 363 5.59 -11.64 -31.37
N ALA F 364 6.28 -11.16 -30.34
CA ALA F 364 5.72 -11.11 -28.99
C ALA F 364 4.66 -10.02 -28.88
N SER F 365 3.95 -10.02 -27.76
CA SER F 365 2.82 -9.11 -27.58
C SER F 365 3.23 -7.65 -27.37
N ASN F 366 4.53 -7.41 -27.22
CA ASN F 366 5.04 -6.05 -27.08
C ASN F 366 5.70 -5.55 -28.36
N GLY F 367 5.54 -6.30 -29.44
CA GLY F 367 6.04 -5.89 -30.73
C GLY F 367 7.43 -6.40 -31.09
N LYS F 368 8.16 -6.90 -30.10
CA LYS F 368 9.51 -7.39 -30.35
C LYS F 368 9.46 -8.72 -31.10
N THR F 369 10.22 -8.83 -32.18
CA THR F 369 10.29 -10.05 -32.96
C THR F 369 11.38 -10.97 -32.44
N ILE F 370 11.09 -12.27 -32.40
CA ILE F 370 12.01 -13.24 -31.82
C ILE F 370 12.36 -14.35 -32.81
N GLU F 371 13.66 -14.52 -33.07
CA GLU F 371 14.12 -15.62 -33.90
C GLU F 371 14.34 -16.87 -33.04
N VAL F 372 13.59 -17.91 -33.34
CA VAL F 372 13.70 -19.16 -32.61
C VAL F 372 14.93 -19.94 -33.02
N GLY F 373 15.84 -20.15 -32.07
CA GLY F 373 17.07 -20.88 -32.33
C GLY F 373 16.95 -22.33 -31.89
N ASN F 374 16.01 -22.59 -30.98
CA ASN F 374 15.82 -23.93 -30.45
C ASN F 374 14.40 -24.08 -29.90
N THR F 375 13.63 -25.01 -30.45
CA THR F 375 12.24 -25.17 -30.08
C THR F 375 12.08 -25.75 -28.67
N ASP F 376 13.19 -26.22 -28.11
CA ASP F 376 13.19 -26.76 -26.76
C ASP F 376 13.40 -25.63 -25.75
N ALA F 377 13.67 -24.43 -26.24
CA ALA F 377 13.74 -23.26 -25.37
C ALA F 377 12.39 -22.53 -25.39
N GLU F 378 11.34 -23.29 -25.11
CA GLU F 378 9.97 -22.79 -25.25
C GLU F 378 9.49 -22.03 -24.02
N GLY F 379 10.04 -22.38 -22.86
CA GLY F 379 9.61 -21.79 -21.61
C GLY F 379 9.72 -20.27 -21.57
N ARG F 380 10.82 -19.76 -22.11
CA ARG F 380 11.07 -18.32 -22.10
C ARG F 380 10.17 -17.58 -23.08
N LEU F 381 9.70 -18.29 -24.11
CA LEU F 381 8.79 -17.69 -25.07
C LEU F 381 7.44 -17.42 -24.44
N THR F 382 6.95 -18.39 -23.68
CA THR F 382 5.67 -18.24 -23.00
C THR F 382 5.78 -17.24 -21.86
N LEU F 383 6.91 -17.27 -21.15
CA LEU F 383 7.15 -16.35 -20.05
C LEU F 383 7.32 -14.92 -20.56
N ALA F 384 7.81 -14.78 -21.79
CA ALA F 384 7.98 -13.48 -22.43
C ALA F 384 6.66 -12.73 -22.51
N ASP F 385 5.65 -13.36 -23.11
CA ASP F 385 4.33 -12.76 -23.24
C ASP F 385 3.63 -12.64 -21.88
N ALA F 386 3.89 -13.60 -21.00
CA ALA F 386 3.29 -13.59 -19.68
C ALA F 386 3.76 -12.37 -18.89
N LEU F 387 5.03 -12.00 -19.06
CA LEU F 387 5.58 -10.85 -18.35
C LEU F 387 5.04 -9.53 -18.91
N VAL F 388 4.79 -9.49 -20.22
CA VAL F 388 4.18 -8.30 -20.82
C VAL F 388 2.75 -8.12 -20.30
N TYR F 389 2.00 -9.23 -20.26
CA TYR F 389 0.67 -9.22 -19.68
C TYR F 389 0.69 -8.76 -18.23
N ALA F 390 1.69 -9.22 -17.48
CA ALA F 390 1.79 -8.93 -16.06
C ALA F 390 2.02 -7.44 -15.79
N GLU F 391 2.94 -6.84 -16.52
CA GLU F 391 3.32 -5.45 -16.28
C GLU F 391 2.20 -4.47 -16.65
N LYS F 392 1.34 -4.87 -17.59
CA LYS F 392 0.21 -4.04 -17.98
C LYS F 392 -0.78 -3.92 -16.82
N LEU F 393 -0.71 -4.87 -15.89
CA LEU F 393 -1.59 -4.86 -14.73
C LEU F 393 -1.21 -3.72 -13.78
N GLY F 394 -0.02 -3.17 -13.99
CA GLY F 394 0.46 -2.05 -13.19
C GLY F 394 0.78 -2.47 -11.77
N VAL F 395 1.71 -3.41 -11.63
CA VAL F 395 2.06 -3.95 -10.32
C VAL F 395 3.42 -3.45 -9.87
N ASP F 396 3.70 -3.60 -8.57
CA ASP F 396 4.96 -3.18 -8.00
C ASP F 396 6.04 -4.25 -8.18
N TYR F 397 5.65 -5.50 -7.99
CA TYR F 397 6.59 -6.62 -8.09
C TYR F 397 6.08 -7.70 -9.03
N ILE F 398 6.94 -8.10 -9.96
CA ILE F 398 6.69 -9.27 -10.79
C ILE F 398 7.71 -10.36 -10.46
N VAL F 399 7.22 -11.49 -9.99
CA VAL F 399 8.09 -12.61 -9.67
C VAL F 399 7.65 -13.82 -10.47
N ASP F 400 8.46 -14.22 -11.45
CA ASP F 400 8.16 -15.41 -12.23
C ASP F 400 8.96 -16.58 -11.66
N ILE F 401 8.40 -17.78 -11.79
CA ILE F 401 9.05 -18.98 -11.31
C ILE F 401 8.85 -20.07 -12.35
N ALA F 402 9.93 -20.73 -12.76
CA ALA F 402 9.84 -21.62 -13.90
C ALA F 402 10.95 -22.66 -13.96
N THR F 403 10.57 -23.86 -14.38
CA THR F 403 11.53 -24.90 -14.74
C THR F 403 12.13 -24.53 -16.09
N LEU F 404 13.00 -23.52 -16.07
CA LEU F 404 13.42 -22.85 -17.29
C LEU F 404 14.66 -23.47 -17.94
N THR F 405 15.71 -23.69 -17.16
CA THR F 405 16.98 -24.15 -17.72
C THR F 405 17.53 -25.38 -17.03
N GLY F 406 17.95 -26.36 -17.82
CA GLY F 406 18.55 -27.58 -17.30
C GLY F 406 19.92 -27.29 -16.71
N ALA F 407 20.49 -26.16 -17.11
CA ALA F 407 21.80 -25.75 -16.62
C ALA F 407 21.82 -25.56 -15.10
N MET F 408 20.64 -25.37 -14.52
CA MET F 408 20.52 -25.20 -13.07
C MET F 408 21.03 -26.41 -12.31
N LEU F 409 20.97 -27.57 -12.94
CA LEU F 409 21.49 -28.80 -12.34
C LEU F 409 23.00 -28.77 -12.18
N TYR F 410 23.65 -27.99 -13.05
CA TYR F 410 25.10 -27.85 -13.00
C TYR F 410 25.53 -26.64 -12.17
N SER F 411 24.61 -25.70 -11.97
CA SER F 411 24.88 -24.51 -11.17
C SER F 411 24.73 -24.79 -9.68
N LEU F 412 23.49 -24.82 -9.22
CA LEU F 412 23.20 -24.96 -7.80
C LEU F 412 22.78 -26.38 -7.45
N GLY F 413 22.41 -27.15 -8.47
CA GLY F 413 22.03 -28.53 -8.28
C GLY F 413 20.55 -28.72 -8.01
N THR F 414 20.24 -29.65 -7.10
CA THR F 414 18.87 -30.07 -6.87
C THR F 414 18.28 -29.49 -5.58
N SER F 415 19.12 -28.83 -4.78
CA SER F 415 18.68 -28.35 -3.48
C SER F 415 18.36 -26.86 -3.50
N TYR F 416 19.21 -26.08 -4.15
CA TYR F 416 19.01 -24.64 -4.19
C TYR F 416 18.50 -24.18 -5.55
N ALA F 417 17.47 -23.35 -5.53
CA ALA F 417 16.96 -22.74 -6.75
C ALA F 417 17.67 -21.41 -6.98
N GLY F 418 17.71 -20.95 -8.23
CA GLY F 418 18.35 -19.71 -8.55
C GLY F 418 17.35 -18.59 -8.78
N VAL F 419 17.65 -17.42 -8.23
CA VAL F 419 16.80 -16.25 -8.44
C VAL F 419 17.59 -15.14 -9.13
N PHE F 420 17.02 -14.61 -10.20
CA PHE F 420 17.61 -13.51 -10.94
C PHE F 420 16.69 -12.31 -10.81
N GLY F 421 17.15 -11.12 -11.19
CA GLY F 421 16.31 -9.94 -11.12
C GLY F 421 16.94 -8.64 -11.61
N ASN F 422 16.11 -7.61 -11.70
CA ASN F 422 16.56 -6.28 -12.11
C ASN F 422 16.47 -5.28 -10.98
N ASN F 423 16.05 -5.77 -9.80
CA ASN F 423 15.85 -4.92 -8.64
C ASN F 423 16.37 -5.58 -7.36
N GLU F 424 17.29 -4.92 -6.66
CA GLU F 424 17.96 -5.52 -5.52
C GLU F 424 17.05 -5.56 -4.29
N GLU F 425 16.06 -4.67 -4.24
CA GLU F 425 15.12 -4.66 -3.13
C GLU F 425 14.20 -5.86 -3.22
N LEU F 426 13.78 -6.17 -4.43
CA LEU F 426 12.93 -7.33 -4.67
C LEU F 426 13.70 -8.64 -4.45
N ILE F 427 14.96 -8.64 -4.88
CA ILE F 427 15.81 -9.82 -4.71
C ILE F 427 16.04 -10.14 -3.24
N ASN F 428 16.30 -9.11 -2.45
CA ASN F 428 16.54 -9.28 -1.02
C ASN F 428 15.31 -9.76 -0.25
N LYS F 429 14.13 -9.36 -0.70
CA LYS F 429 12.89 -9.79 -0.07
C LYS F 429 12.63 -11.27 -0.34
N ILE F 430 12.96 -11.71 -1.54
CA ILE F 430 12.86 -13.12 -1.90
C ILE F 430 13.78 -13.97 -1.02
N LEU F 431 14.99 -13.47 -0.80
CA LEU F 431 15.97 -14.18 0.00
C LEU F 431 15.52 -14.30 1.45
N GLN F 432 14.93 -13.23 1.96
CA GLN F 432 14.41 -13.24 3.32
C GLN F 432 13.28 -14.26 3.43
N SER F 433 12.48 -14.38 2.37
CA SER F 433 11.41 -15.38 2.34
C SER F 433 11.99 -16.79 2.24
N SER F 434 13.09 -16.91 1.52
CA SER F 434 13.78 -18.20 1.43
C SER F 434 14.26 -18.65 2.80
N LYS F 435 14.71 -17.69 3.60
CA LYS F 435 15.22 -17.99 4.94
C LYS F 435 14.10 -18.47 5.86
N THR F 436 12.94 -17.83 5.78
CA THR F 436 11.83 -18.16 6.67
C THR F 436 10.97 -19.31 6.15
N SER F 437 10.87 -19.42 4.82
CA SER F 437 10.11 -20.50 4.21
C SER F 437 10.89 -21.80 4.20
N ASN F 438 12.21 -21.69 4.36
CA ASN F 438 13.11 -22.83 4.33
C ASN F 438 13.10 -23.56 2.99
N GLU F 439 12.78 -22.82 1.93
CA GLU F 439 12.98 -23.31 0.57
C GLU F 439 14.15 -22.53 0.00
N PRO F 440 15.32 -23.16 -0.03
CA PRO F 440 16.60 -22.48 -0.28
C PRO F 440 16.67 -21.89 -1.68
N VAL F 441 17.12 -20.63 -1.74
CA VAL F 441 17.27 -19.93 -3.00
C VAL F 441 18.58 -19.16 -2.94
N TRP F 442 19.33 -19.20 -4.05
CA TRP F 442 20.59 -18.49 -4.11
C TRP F 442 20.54 -17.44 -5.21
N TRP F 443 21.09 -16.26 -4.92
CA TRP F 443 21.07 -15.15 -5.85
C TRP F 443 22.12 -15.34 -6.94
N LEU F 444 21.67 -15.31 -8.18
CA LEU F 444 22.59 -15.39 -9.32
C LEU F 444 22.50 -14.11 -10.15
N PRO F 445 23.60 -13.77 -10.83
CA PRO F 445 23.73 -12.49 -11.50
C PRO F 445 23.20 -12.46 -12.92
N ILE F 446 22.61 -11.34 -13.32
CA ILE F 446 22.32 -11.09 -14.72
C ILE F 446 23.47 -10.30 -15.32
N ILE F 447 24.35 -10.99 -16.03
CA ILE F 447 25.56 -10.38 -16.57
C ILE F 447 25.29 -9.76 -17.94
N ASN F 448 25.23 -8.43 -17.99
CA ASN F 448 24.84 -7.72 -19.20
C ASN F 448 25.83 -7.88 -20.35
N GLU F 449 27.04 -8.34 -20.05
CA GLU F 449 28.05 -8.55 -21.06
C GLU F 449 27.62 -9.64 -22.04
N TYR F 450 26.74 -10.53 -21.57
CA TYR F 450 26.24 -11.65 -22.37
C TYR F 450 25.10 -11.24 -23.31
N ARG F 451 24.49 -10.09 -23.04
CA ARG F 451 23.31 -9.63 -23.78
C ARG F 451 23.52 -9.59 -25.29
N ALA F 452 24.76 -9.32 -25.70
CA ALA F 452 25.09 -9.18 -27.12
C ALA F 452 24.94 -10.48 -27.90
N THR F 453 24.93 -11.61 -27.19
CA THR F 453 24.82 -12.90 -27.85
C THR F 453 23.37 -13.16 -28.26
N LEU F 454 22.47 -12.31 -27.80
CA LEU F 454 21.05 -12.41 -28.16
C LEU F 454 20.73 -11.51 -29.35
N ASN F 455 21.75 -10.92 -29.95
CA ASN F 455 21.56 -10.03 -31.11
C ASN F 455 21.28 -10.81 -32.39
N SER F 456 20.02 -10.84 -32.79
CA SER F 456 19.63 -11.56 -34.00
C SER F 456 20.03 -10.78 -35.25
N LYS F 457 20.36 -11.50 -36.30
CA LYS F 457 20.72 -10.88 -37.57
C LYS F 457 19.48 -10.33 -38.24
N TYR F 458 18.35 -10.98 -37.99
CA TYR F 458 17.10 -10.65 -38.66
C TYR F 458 16.00 -10.19 -37.70
N ALA F 459 15.84 -10.90 -36.59
CA ALA F 459 14.85 -10.48 -35.60
C ALA F 459 15.42 -9.44 -34.65
N ASP F 460 14.57 -8.89 -33.78
CA ASP F 460 15.00 -7.89 -32.79
C ASP F 460 15.94 -8.53 -31.80
N ILE F 461 15.61 -9.75 -31.40
CA ILE F 461 16.38 -10.44 -30.38
C ILE F 461 16.37 -11.94 -30.64
N ASN F 462 17.47 -12.59 -30.28
CA ASN F 462 17.56 -14.04 -30.38
C ASN F 462 16.85 -14.70 -29.21
N GLN F 463 16.31 -15.89 -29.45
CA GLN F 463 15.68 -16.66 -28.38
C GLN F 463 16.77 -17.26 -27.49
N ILE F 464 17.79 -17.84 -28.13
CA ILE F 464 18.89 -18.46 -27.41
C ILE F 464 20.24 -17.94 -27.91
N SER F 465 21.30 -18.26 -27.16
CA SER F 465 22.66 -17.96 -27.58
C SER F 465 23.26 -19.17 -28.28
N SER F 466 24.06 -18.93 -29.30
CA SER F 466 24.73 -20.01 -30.03
C SER F 466 25.96 -20.56 -29.31
N SER F 467 26.75 -19.66 -28.71
CA SER F 467 28.03 -20.04 -28.14
C SER F 467 28.02 -20.24 -26.62
N VAL F 468 27.74 -19.15 -25.90
CA VAL F 468 27.84 -19.16 -24.43
C VAL F 468 26.95 -20.23 -23.79
N LYS F 469 27.56 -21.06 -22.96
CA LYS F 469 26.87 -22.18 -22.35
C LYS F 469 26.32 -21.86 -20.97
N ALA F 470 26.52 -20.62 -20.53
CA ALA F 470 25.89 -20.14 -19.31
C ALA F 470 24.41 -19.93 -19.55
N SER F 471 23.71 -21.05 -19.75
CA SER F 471 22.32 -21.04 -20.20
C SER F 471 21.34 -20.38 -19.24
N SER F 472 21.63 -20.46 -17.94
CA SER F 472 20.75 -19.87 -16.94
C SER F 472 20.75 -18.35 -16.98
N ILE F 473 21.92 -17.77 -17.25
CA ILE F 473 22.05 -16.32 -17.30
C ILE F 473 21.52 -15.72 -18.60
N VAL F 474 21.78 -16.39 -19.72
CA VAL F 474 21.32 -15.90 -21.02
C VAL F 474 19.79 -15.81 -21.06
N ALA F 475 19.13 -16.81 -20.50
CA ALA F 475 17.67 -16.85 -20.44
C ALA F 475 17.11 -15.68 -19.64
N SER F 476 17.77 -15.36 -18.54
CA SER F 476 17.35 -14.23 -17.70
C SER F 476 17.51 -12.93 -18.46
N LEU F 477 18.56 -12.84 -19.27
CA LEU F 477 18.79 -11.67 -20.10
C LEU F 477 17.67 -11.53 -21.12
N PHE F 478 17.19 -12.67 -21.61
CA PHE F 478 16.09 -12.69 -22.56
C PHE F 478 14.78 -12.23 -21.91
N LEU F 479 14.48 -12.77 -20.73
CA LEU F 479 13.26 -12.41 -20.02
C LEU F 479 13.22 -10.93 -19.65
N LYS F 480 14.37 -10.39 -19.25
CA LYS F 480 14.46 -9.00 -18.82
C LYS F 480 14.01 -8.01 -19.89
N GLU F 481 14.10 -8.42 -21.16
CA GLU F 481 13.73 -7.55 -22.27
C GLU F 481 12.23 -7.32 -22.31
N PHE F 482 11.49 -8.13 -21.55
CA PHE F 482 10.04 -8.07 -21.55
C PHE F 482 9.51 -7.47 -20.24
N VAL F 483 10.40 -6.80 -19.52
CA VAL F 483 10.02 -5.98 -18.37
C VAL F 483 10.68 -4.60 -18.52
N GLN F 484 9.86 -3.57 -18.71
CA GLN F 484 10.40 -2.26 -19.07
C GLN F 484 10.70 -1.39 -17.86
N ASN F 485 9.75 -1.26 -16.95
CA ASN F 485 9.92 -0.39 -15.79
C ASN F 485 9.23 -0.88 -14.52
N THR F 486 9.41 -2.15 -14.20
CA THR F 486 8.83 -2.74 -13.00
C THR F 486 9.81 -3.68 -12.32
N ALA F 487 9.82 -3.68 -10.99
CA ALA F 487 10.66 -4.60 -10.23
C ALA F 487 10.29 -6.04 -10.55
N TRP F 488 11.27 -6.80 -11.02
CA TRP F 488 11.04 -8.16 -11.50
C TRP F 488 12.12 -9.14 -11.04
N ALA F 489 11.69 -10.29 -10.54
CA ALA F 489 12.62 -11.35 -10.12
C ALA F 489 12.26 -12.65 -10.82
N HIS F 490 13.28 -13.48 -11.07
CA HIS F 490 13.09 -14.73 -11.80
C HIS F 490 13.70 -15.92 -11.04
N ILE F 491 12.85 -16.87 -10.65
CA ILE F 491 13.30 -18.03 -9.89
C ILE F 491 13.33 -19.28 -10.76
N ASP F 492 14.53 -19.77 -11.05
CA ASP F 492 14.69 -20.95 -11.90
C ASP F 492 14.69 -22.22 -11.04
N ILE F 493 13.63 -23.01 -11.16
CA ILE F 493 13.44 -24.18 -10.31
C ILE F 493 13.54 -25.49 -11.09
N ALA F 494 14.27 -25.47 -12.20
CA ALA F 494 14.45 -26.65 -13.04
C ALA F 494 15.17 -27.75 -12.27
N GLY F 495 16.14 -27.36 -11.45
CA GLY F 495 16.95 -28.31 -10.71
C GLY F 495 16.28 -28.83 -9.45
N VAL F 496 15.45 -28.00 -8.83
CA VAL F 496 14.88 -28.31 -7.52
C VAL F 496 13.46 -28.89 -7.60
N SER F 497 12.84 -28.80 -8.77
CA SER F 497 11.43 -29.13 -8.90
C SER F 497 11.11 -30.60 -8.61
N TRP F 498 11.95 -31.50 -9.13
CA TRP F 498 11.69 -32.93 -8.99
C TRP F 498 12.62 -33.62 -8.00
N ASN F 499 12.06 -34.39 -7.08
CA ASN F 499 12.86 -35.21 -6.17
C ASN F 499 13.18 -36.54 -6.83
N PHE F 500 14.36 -36.61 -7.44
CA PHE F 500 14.75 -37.77 -8.25
C PHE F 500 14.93 -39.04 -7.43
N LYS F 501 15.40 -38.88 -6.19
CA LYS F 501 15.63 -40.04 -5.32
C LYS F 501 14.30 -40.64 -4.85
N ALA F 502 13.37 -39.77 -4.47
CA ALA F 502 12.07 -40.21 -3.97
C ALA F 502 11.10 -40.42 -5.12
N ARG F 503 11.54 -40.07 -6.33
CA ARG F 503 10.74 -40.23 -7.54
C ARG F 503 9.41 -39.47 -7.48
N LYS F 504 9.44 -38.26 -6.95
CA LYS F 504 8.22 -37.43 -6.89
C LYS F 504 8.58 -35.95 -6.85
N PRO F 505 7.56 -35.08 -7.04
CA PRO F 505 7.76 -33.63 -7.01
C PRO F 505 8.00 -33.12 -5.59
N LYS F 506 8.63 -31.95 -5.48
CA LYS F 506 8.86 -31.33 -4.18
C LYS F 506 7.75 -30.33 -3.85
N GLY F 507 7.06 -29.86 -4.88
CA GLY F 507 6.09 -28.80 -4.72
C GLY F 507 6.82 -27.53 -4.34
N PHE F 508 7.99 -27.35 -4.95
CA PHE F 508 8.87 -26.24 -4.60
C PHE F 508 8.32 -24.89 -5.05
N GLY F 509 8.44 -23.90 -4.18
CA GLY F 509 8.05 -22.54 -4.51
C GLY F 509 6.82 -22.02 -3.80
N VAL F 510 5.89 -22.92 -3.47
CA VAL F 510 4.62 -22.54 -2.88
C VAL F 510 4.81 -21.77 -1.57
N ARG F 511 5.58 -22.36 -0.65
CA ARG F 511 5.83 -21.74 0.64
C ARG F 511 6.71 -20.49 0.50
N LEU F 512 7.66 -20.55 -0.43
CA LEU F 512 8.53 -19.42 -0.73
C LEU F 512 7.75 -18.21 -1.20
N LEU F 513 6.86 -18.43 -2.17
CA LEU F 513 6.06 -17.35 -2.74
C LEU F 513 5.06 -16.83 -1.72
N THR F 514 4.53 -17.74 -0.90
CA THR F 514 3.53 -17.38 0.11
C THR F 514 4.15 -16.52 1.20
N GLU F 515 5.35 -16.90 1.64
CA GLU F 515 6.07 -16.09 2.62
C GLU F 515 6.44 -14.73 2.05
N PHE F 516 6.72 -14.67 0.75
CA PHE F 516 7.06 -13.41 0.09
C PHE F 516 5.91 -12.42 0.11
N VAL F 517 4.70 -12.91 -0.15
CA VAL F 517 3.53 -12.03 -0.18
C VAL F 517 3.14 -11.66 1.25
N LEU F 518 3.24 -12.64 2.15
CA LEU F 518 2.84 -12.45 3.54
C LEU F 518 3.76 -11.50 4.30
N ASN F 519 5.07 -11.68 4.15
CA ASN F 519 6.03 -10.92 4.93
C ASN F 519 6.24 -9.53 4.34
N ASP F 520 5.88 -9.36 3.08
CA ASP F 520 5.91 -8.05 2.44
C ASP F 520 4.62 -7.30 2.78
N SER G 3 11.47 52.95 45.68
CA SER G 3 10.81 51.67 45.80
C SER G 3 10.74 51.19 44.36
N GLU G 4 11.20 49.97 44.12
CA GLU G 4 11.44 49.53 42.75
C GLU G 4 10.15 49.02 42.10
N VAL G 5 9.81 49.60 40.95
CA VAL G 5 8.60 49.21 40.22
C VAL G 5 8.87 47.97 39.37
N PRO G 6 8.14 46.87 39.64
CA PRO G 6 8.32 45.65 38.85
C PRO G 6 7.90 45.82 37.39
N GLN G 7 8.59 45.12 36.50
CA GLN G 7 8.29 45.19 35.07
C GLN G 7 8.11 43.79 34.49
N VAL G 8 7.26 43.67 33.48
CA VAL G 8 7.12 42.42 32.74
C VAL G 8 8.08 42.46 31.57
N VAL G 9 8.10 43.60 30.89
CA VAL G 9 9.08 43.88 29.85
C VAL G 9 9.81 45.18 30.19
N SER G 10 10.93 45.41 29.55
CA SER G 10 11.76 46.58 29.83
C SER G 10 11.03 47.85 29.42
N LEU G 11 9.96 47.68 28.64
CA LEU G 11 9.20 48.81 28.11
C LEU G 11 8.13 49.30 29.08
N ASP G 12 7.90 48.57 30.17
CA ASP G 12 6.95 49.00 31.18
C ASP G 12 7.44 50.23 31.93
N PRO G 13 6.61 51.27 32.00
CA PRO G 13 6.95 52.53 32.65
C PRO G 13 7.21 52.35 34.14
N THR G 14 8.10 53.16 34.69
CA THR G 14 8.51 53.00 36.08
C THR G 14 8.16 54.20 36.95
N SER G 15 7.47 55.18 36.39
CA SER G 15 7.05 56.34 37.17
C SER G 15 5.83 57.04 36.58
N ILE G 16 5.06 57.67 37.44
CA ILE G 16 3.94 58.49 37.00
C ILE G 16 4.48 59.87 36.62
N PRO G 17 4.35 60.24 35.34
CA PRO G 17 4.77 61.59 34.95
C PRO G 17 3.90 62.63 35.65
N ILE G 18 4.54 63.59 36.31
CA ILE G 18 3.82 64.63 37.03
C ILE G 18 4.37 66.01 36.68
N GLU G 19 3.48 66.90 36.26
CA GLU G 19 3.86 68.26 35.98
C GLU G 19 3.58 69.15 37.19
N TYR G 20 4.63 69.60 37.86
CA TYR G 20 4.48 70.45 39.05
C TYR G 20 4.39 71.91 38.65
N ASN G 21 5.31 72.32 37.76
CA ASN G 21 5.28 73.69 37.26
C ASN G 21 4.45 73.84 36.00
N THR G 22 3.16 74.13 36.19
CA THR G 22 2.25 74.33 35.07
C THR G 22 2.31 75.78 34.61
N PRO G 23 1.91 76.02 33.36
CA PRO G 23 1.83 77.38 32.80
C PRO G 23 0.92 78.28 33.65
N ILE G 24 0.04 77.66 34.43
CA ILE G 24 -0.84 78.41 35.33
C ILE G 24 -0.05 79.15 36.39
N HIS G 25 1.00 78.50 36.91
CA HIS G 25 1.82 79.09 37.96
C HIS G 25 2.65 80.26 37.43
N ASP G 26 2.76 80.34 36.11
CA ASP G 26 3.53 81.41 35.48
C ASP G 26 2.69 82.66 35.21
N ILE G 27 1.38 82.55 35.45
CA ILE G 27 0.47 83.67 35.22
C ILE G 27 0.50 84.68 36.36
N LYS G 28 0.84 85.93 36.03
CA LYS G 28 0.83 87.00 37.00
C LYS G 28 -0.57 87.57 37.14
N VAL G 29 -1.13 87.49 38.34
CA VAL G 29 -2.50 87.90 38.59
C VAL G 29 -2.57 89.29 39.21
N GLN G 30 -3.35 90.16 38.58
CA GLN G 30 -3.52 91.53 39.06
C GLN G 30 -4.99 91.80 39.38
N VAL G 31 -5.25 92.28 40.59
CA VAL G 31 -6.61 92.61 41.00
C VAL G 31 -6.79 94.13 41.17
N TYR G 32 -7.74 94.69 40.45
CA TYR G 32 -8.02 96.13 40.55
C TYR G 32 -9.42 96.40 41.07
N ASP G 33 -9.62 97.59 41.64
CA ASP G 33 -10.94 98.03 42.04
C ASP G 33 -11.58 98.74 40.85
N ILE G 34 -12.82 98.38 40.53
CA ILE G 34 -13.51 98.90 39.36
C ILE G 34 -13.82 100.39 39.50
N LYS G 35 -13.89 100.87 40.73
CA LYS G 35 -14.21 102.28 40.98
C LYS G 35 -13.13 103.20 40.43
N GLY G 36 -11.97 102.63 40.11
CA GLY G 36 -10.86 103.39 39.58
C GLY G 36 -10.84 103.39 38.07
N GLY G 37 -11.82 102.73 37.47
CA GLY G 37 -11.92 102.68 36.02
C GLY G 37 -11.22 101.47 35.44
N CYS G 38 -11.64 101.04 34.26
CA CYS G 38 -11.04 99.89 33.61
C CYS G 38 -10.10 100.30 32.48
N ASN G 39 -8.96 99.64 32.36
CA ASN G 39 -8.03 99.89 31.27
C ASN G 39 -8.11 98.77 30.21
N VAL G 40 -8.51 99.14 29.00
CA VAL G 40 -8.66 98.16 27.91
C VAL G 40 -7.51 98.20 26.91
N GLU G 41 -6.31 97.86 27.37
CA GLU G 41 -5.13 97.87 26.51
C GLU G 41 -4.90 96.57 25.75
N GLU G 42 -3.86 95.84 26.17
CA GLU G 42 -3.43 94.62 25.49
C GLU G 42 -4.24 93.37 25.84
N GLY G 43 -4.04 92.32 25.05
CA GLY G 43 -4.64 91.02 25.29
C GLY G 43 -6.15 91.05 25.10
N LEU G 44 -6.86 90.16 25.79
CA LEU G 44 -8.31 90.09 25.66
C LEU G 44 -8.96 90.59 26.96
N THR G 45 -9.96 91.46 26.81
CA THR G 45 -10.68 91.99 27.98
C THR G 45 -12.14 91.57 27.96
N ILE G 46 -12.56 90.81 28.97
CA ILE G 46 -13.91 90.28 29.04
C ILE G 46 -14.72 90.84 30.22
N PHE G 47 -15.93 91.31 29.92
CA PHE G 47 -16.84 91.79 30.95
C PHE G 47 -17.85 90.70 31.31
N LEU G 48 -17.94 90.38 32.60
CA LEU G 48 -18.96 89.45 33.06
C LEU G 48 -20.23 90.22 33.40
N VAL G 49 -21.24 90.10 32.55
CA VAL G 49 -22.45 90.92 32.68
C VAL G 49 -23.74 90.11 32.78
N ASN G 50 -24.66 90.59 33.62
CA ASN G 50 -25.98 90.01 33.75
C ASN G 50 -27.06 91.07 33.60
N ASN G 51 -28.32 90.63 33.63
CA ASN G 51 -29.45 91.54 33.58
C ASN G 51 -30.58 90.97 34.43
N PRO G 52 -30.60 91.35 35.73
CA PRO G 52 -31.59 90.86 36.70
C PRO G 52 -33.03 91.06 36.23
N GLY G 53 -33.84 90.02 36.37
CA GLY G 53 -35.24 90.06 35.99
C GLY G 53 -35.51 89.68 34.55
N LYS G 54 -35.03 90.50 33.61
CA LYS G 54 -35.24 90.26 32.19
C LYS G 54 -34.42 89.09 31.64
N GLU G 55 -35.08 87.96 31.44
CA GLU G 55 -34.43 86.77 30.90
C GLU G 55 -33.94 87.04 29.48
N ASN G 56 -32.74 86.56 29.16
CA ASN G 56 -32.12 86.83 27.87
C ASN G 56 -32.18 88.31 27.52
N GLY G 57 -31.96 89.16 28.52
CA GLY G 57 -32.06 90.59 28.32
C GLY G 57 -30.87 91.18 27.60
N PRO G 58 -30.90 92.50 27.38
CA PRO G 58 -29.86 93.22 26.65
C PRO G 58 -28.57 93.34 27.47
N VAL G 59 -27.46 93.64 26.81
CA VAL G 59 -26.20 93.80 27.51
C VAL G 59 -25.97 95.26 27.90
N LYS G 60 -25.71 95.49 29.18
CA LYS G 60 -25.37 96.82 29.66
C LYS G 60 -24.09 96.78 30.49
N ILE G 61 -23.06 97.45 29.98
CA ILE G 61 -21.77 97.51 30.66
C ILE G 61 -21.73 98.68 31.64
N SER G 62 -21.72 98.37 32.93
CA SER G 62 -21.78 99.38 33.99
C SER G 62 -20.43 100.05 34.28
N SER G 63 -19.36 99.27 34.24
CA SER G 63 -18.04 99.74 34.63
C SER G 63 -17.56 100.92 33.77
N LYS G 64 -16.87 101.86 34.39
CA LYS G 64 -16.27 102.97 33.66
C LYS G 64 -15.00 102.53 32.96
N VAL G 65 -14.89 102.86 31.68
CA VAL G 65 -13.70 102.51 30.91
C VAL G 65 -12.85 103.74 30.64
N ASN G 66 -11.59 103.67 31.00
CA ASN G 66 -10.67 104.79 30.84
C ASN G 66 -10.14 104.87 29.42
N ASP G 67 -11.05 104.97 28.47
CA ASP G 67 -10.71 105.06 27.05
C ASP G 67 -11.91 105.62 26.29
N LYS G 68 -11.71 106.73 25.58
CA LYS G 68 -12.81 107.41 24.92
C LYS G 68 -13.43 106.55 23.81
N GLN G 69 -12.58 105.85 23.07
CA GLN G 69 -13.04 105.01 21.96
C GLN G 69 -13.66 103.70 22.40
N VAL G 70 -13.16 103.09 23.47
CA VAL G 70 -13.72 101.83 23.93
C VAL G 70 -15.08 102.06 24.59
N SER G 71 -15.24 103.18 25.28
CA SER G 71 -16.52 103.52 25.89
C SER G 71 -17.59 103.76 24.83
N GLU G 72 -17.19 104.39 23.74
CA GLU G 72 -18.08 104.65 22.61
C GLU G 72 -18.55 103.35 21.97
N PHE G 73 -17.62 102.40 21.84
CA PHE G 73 -17.93 101.09 21.30
C PHE G 73 -18.88 100.35 22.25
N LEU G 74 -18.59 100.47 23.54
CA LEU G 74 -19.33 99.74 24.58
C LEU G 74 -20.59 100.44 25.07
N LYS G 75 -21.12 101.40 24.32
CA LYS G 75 -22.33 102.09 24.77
C LYS G 75 -23.50 101.12 24.85
N ASP G 76 -24.67 101.59 25.23
CA ASP G 76 -25.81 100.68 25.40
C ASP G 76 -26.46 100.38 24.06
N GLU G 77 -26.52 101.41 23.22
CA GLU G 77 -27.09 101.27 21.90
C GLU G 77 -26.26 100.32 21.05
N ASN G 78 -24.99 100.18 21.41
CA ASN G 78 -24.12 99.26 20.69
C ASN G 78 -24.23 97.89 21.33
N MET G 79 -24.50 97.87 22.62
CA MET G 79 -24.59 96.62 23.37
C MET G 79 -26.01 96.06 23.35
N GLU G 80 -26.97 96.86 22.88
CA GLU G 80 -28.38 96.47 22.90
C GLU G 80 -28.65 95.25 22.01
N LYS G 81 -27.82 95.08 21.00
CA LYS G 81 -27.98 93.98 20.04
C LYS G 81 -27.58 92.62 20.61
N PHE G 82 -26.87 92.62 21.73
CA PHE G 82 -26.42 91.38 22.36
C PHE G 82 -27.21 91.06 23.63
N ASN G 83 -27.35 89.78 23.94
CA ASN G 83 -28.06 89.36 25.14
C ASN G 83 -27.11 88.72 26.16
N VAL G 84 -27.58 88.61 27.40
CA VAL G 84 -26.74 88.13 28.49
C VAL G 84 -27.05 86.69 28.85
N LYS G 85 -27.53 85.92 27.89
CA LYS G 85 -27.84 84.51 28.11
C LYS G 85 -26.64 83.76 28.69
N LEU G 86 -26.88 83.01 29.77
CA LEU G 86 -25.82 82.34 30.50
C LEU G 86 -24.96 81.45 29.61
N GLY G 87 -23.69 81.81 29.47
CA GLY G 87 -22.75 81.05 28.65
C GLY G 87 -22.44 81.77 27.36
N THR G 88 -23.26 82.76 27.03
CA THR G 88 -23.07 83.56 25.83
C THR G 88 -21.80 84.39 25.91
N SER G 89 -21.06 84.44 24.81
CA SER G 89 -19.81 85.18 24.74
C SER G 89 -19.68 85.85 23.38
N LYS G 90 -19.00 86.98 23.34
CA LYS G 90 -18.80 87.70 22.09
C LYS G 90 -17.41 88.36 22.04
N HIS G 91 -16.79 88.40 20.85
CA HIS G 91 -15.50 89.06 20.71
C HIS G 91 -15.67 90.40 20.02
N PHE G 92 -14.94 91.40 20.48
CA PHE G 92 -15.01 92.74 19.89
C PHE G 92 -13.64 93.17 19.39
N TYR G 93 -13.60 93.86 18.27
CA TYR G 93 -12.34 94.42 17.79
C TYR G 93 -12.47 95.93 17.63
N MET G 94 -11.50 96.68 18.14
CA MET G 94 -11.56 98.14 18.04
C MET G 94 -10.20 98.79 18.29
N PHE G 95 -10.10 100.07 17.96
CA PHE G 95 -8.92 100.87 18.26
C PHE G 95 -9.18 101.77 19.47
N ASN G 96 -8.20 101.87 20.36
CA ASN G 96 -8.34 102.71 21.55
C ASN G 96 -7.95 104.16 21.31
N ASP G 97 -7.80 104.92 22.40
CA ASP G 97 -7.49 106.35 22.34
C ASP G 97 -6.21 106.65 21.56
N ASN G 98 -5.28 105.72 21.58
CA ASN G 98 -4.02 105.91 20.86
C ASN G 98 -4.21 105.51 19.40
N LYS G 99 -4.06 104.22 19.13
CA LYS G 99 -4.20 103.67 17.78
C LYS G 99 -3.71 102.23 17.81
N ASN G 100 -4.09 101.51 18.86
CA ASN G 100 -3.73 100.11 18.99
C ASN G 100 -4.92 99.17 18.88
N SER G 101 -4.72 98.05 18.21
CA SER G 101 -5.76 97.04 18.05
C SER G 101 -6.01 96.31 19.36
N VAL G 102 -7.15 96.60 19.98
CA VAL G 102 -7.49 95.92 21.24
C VAL G 102 -8.65 94.95 21.07
N ALA G 103 -8.68 93.93 21.93
CA ALA G 103 -9.76 92.94 21.91
C ALA G 103 -10.58 93.00 23.19
N VAL G 104 -11.89 93.10 23.01
CA VAL G 104 -12.83 93.19 24.12
C VAL G 104 -13.98 92.22 23.90
N GLY G 105 -14.62 91.82 24.99
CA GLY G 105 -15.77 90.92 24.90
C GLY G 105 -16.52 90.79 26.20
N TYR G 106 -17.47 89.87 26.23
CA TYR G 106 -18.28 89.65 27.41
C TYR G 106 -18.74 88.21 27.48
N VAL G 107 -19.15 87.79 28.67
CA VAL G 107 -19.77 86.49 28.84
C VAL G 107 -21.09 86.65 29.58
N GLY G 108 -22.16 86.10 29.01
CA GLY G 108 -23.47 86.21 29.62
C GLY G 108 -23.50 85.43 30.92
N CYS G 109 -23.99 86.09 31.97
CA CYS G 109 -24.05 85.47 33.29
C CYS G 109 -25.50 85.30 33.75
N GLY G 110 -26.40 85.23 32.79
CA GLY G 110 -27.81 84.96 33.06
C GLY G 110 -28.59 86.13 33.62
N SER G 111 -29.76 85.83 34.17
CA SER G 111 -30.65 86.86 34.68
C SER G 111 -30.79 86.79 36.20
N VAL G 112 -30.31 85.70 36.78
CA VAL G 112 -30.33 85.54 38.23
C VAL G 112 -29.10 86.16 38.86
N ALA G 113 -29.31 86.83 39.99
CA ALA G 113 -28.24 87.48 40.74
C ALA G 113 -27.33 86.41 41.33
N ASP G 114 -27.57 86.04 42.58
CA ASP G 114 -26.82 84.98 43.26
C ASP G 114 -26.58 83.75 42.38
N LEU G 115 -25.50 83.83 41.60
CA LEU G 115 -25.10 82.78 40.69
C LEU G 115 -24.68 81.49 41.41
N SER G 116 -25.02 80.33 40.85
CA SER G 116 -24.64 79.06 41.47
C SER G 116 -23.19 78.73 41.08
N GLU G 117 -22.76 77.50 41.31
CA GLU G 117 -21.38 77.14 40.99
C GLU G 117 -21.32 76.41 39.66
N ALA G 118 -22.30 75.55 39.40
CA ALA G 118 -22.41 74.87 38.12
C ALA G 118 -22.61 75.88 37.00
N ASP G 119 -23.38 76.93 37.29
CA ASP G 119 -23.57 78.02 36.34
C ASP G 119 -22.24 78.73 36.13
N MET G 120 -21.53 78.97 37.24
CA MET G 120 -20.24 79.64 37.20
C MET G 120 -19.26 78.82 36.37
N LYS G 121 -19.34 77.50 36.50
CA LYS G 121 -18.53 76.62 35.67
C LYS G 121 -18.84 76.87 34.21
N ARG G 122 -20.12 77.06 33.90
CA ARG G 122 -20.54 77.37 32.54
C ARG G 122 -19.99 78.70 32.07
N VAL G 123 -19.94 79.67 32.98
CA VAL G 123 -19.39 80.98 32.66
C VAL G 123 -17.91 80.84 32.36
N VAL G 124 -17.20 80.15 33.25
CA VAL G 124 -15.77 79.94 33.11
C VAL G 124 -15.44 79.17 31.84
N LEU G 125 -16.17 78.08 31.60
CA LEU G 125 -15.98 77.29 30.40
C LEU G 125 -16.12 78.13 29.14
N SER G 126 -17.15 78.99 29.13
CA SER G 126 -17.36 79.91 28.03
C SER G 126 -16.18 80.86 27.86
N LEU G 127 -15.63 81.29 28.99
CA LEU G 127 -14.47 82.18 29.00
C LEU G 127 -13.22 81.46 28.52
N VAL G 128 -13.08 80.20 28.91
CA VAL G 128 -11.92 79.40 28.53
C VAL G 128 -11.89 79.15 27.02
N THR G 129 -13.08 79.05 26.43
CA THR G 129 -13.22 78.85 24.99
C THR G 129 -12.62 80.02 24.24
N MET G 130 -12.77 81.21 24.82
CA MET G 130 -12.22 82.42 24.23
C MET G 130 -10.71 82.41 24.32
N LEU G 131 -10.20 81.70 25.32
CA LEU G 131 -8.75 81.56 25.53
C LEU G 131 -8.14 80.52 24.60
N HIS G 132 -8.88 79.48 24.29
CA HIS G 132 -8.40 78.39 23.45
C HIS G 132 -8.36 78.77 21.98
N ASP G 133 -7.46 78.14 21.22
CA ASP G 133 -7.30 78.40 19.80
C ASP G 133 -6.98 79.86 19.51
N ASN G 134 -6.57 80.59 20.55
CA ASN G 134 -6.22 82.00 20.43
C ASN G 134 -4.93 82.23 21.20
N LYS G 135 -3.97 82.86 20.54
CA LYS G 135 -2.63 83.08 21.09
C LYS G 135 -2.45 84.36 21.91
N LEU G 136 -3.22 84.48 23.00
CA LEU G 136 -3.19 85.70 23.81
C LEU G 136 -2.01 85.74 24.78
N SER G 137 -1.77 86.91 25.35
CA SER G 137 -0.66 87.13 26.29
C SER G 137 -1.17 87.58 27.65
N LYS G 138 -2.32 88.26 27.62
CA LYS G 138 -2.93 88.77 28.84
C LYS G 138 -4.45 88.62 28.79
N LEU G 139 -5.05 88.16 29.89
CA LEU G 139 -6.49 88.12 29.99
C LEU G 139 -6.96 89.05 31.10
N THR G 140 -7.93 89.91 30.77
CA THR G 140 -8.48 90.82 31.76
C THR G 140 -9.98 90.57 31.91
N VAL G 141 -10.39 90.23 33.13
CA VAL G 141 -11.79 89.92 33.41
C VAL G 141 -12.44 90.98 34.29
N VAL G 142 -13.56 91.52 33.82
CA VAL G 142 -14.28 92.55 34.57
C VAL G 142 -15.57 91.98 35.17
N PHE G 143 -15.67 92.03 36.49
CA PHE G 143 -16.81 91.46 37.19
C PHE G 143 -17.92 92.49 37.37
N GLU G 144 -18.88 92.48 36.46
CA GLU G 144 -20.06 93.33 36.59
C GLU G 144 -21.19 92.51 37.19
N ILE G 145 -20.81 91.50 37.96
CA ILE G 145 -21.75 90.68 38.70
C ILE G 145 -21.36 90.61 40.17
N ASN G 146 -22.29 90.18 41.02
CA ASN G 146 -22.04 90.07 42.45
C ASN G 146 -21.59 88.66 42.83
N VAL G 147 -20.42 88.54 43.42
CA VAL G 147 -19.92 87.25 43.90
C VAL G 147 -19.25 87.39 45.27
N ASP G 148 -19.54 86.45 46.16
CA ASP G 148 -18.88 86.43 47.46
C ASP G 148 -17.44 85.96 47.29
N LYS G 149 -16.65 86.07 48.37
CA LYS G 149 -15.23 85.75 48.31
C LYS G 149 -14.97 84.30 47.90
N ASN G 150 -15.78 83.37 48.40
CA ASN G 150 -15.63 81.96 48.04
C ASN G 150 -15.92 81.67 46.58
N LEU G 151 -16.96 82.31 46.04
CA LEU G 151 -17.34 82.10 44.64
C LEU G 151 -16.30 82.73 43.72
N PHE G 152 -15.72 83.84 44.17
CA PHE G 152 -14.67 84.52 43.42
C PHE G 152 -13.46 83.60 43.28
N ARG G 153 -13.06 82.99 44.39
CA ARG G 153 -11.95 82.03 44.37
C ARG G 153 -12.29 80.82 43.51
N PHE G 154 -13.54 80.37 43.59
CA PHE G 154 -14.01 79.24 42.79
C PHE G 154 -13.92 79.56 41.30
N PHE G 155 -14.18 80.81 40.97
CA PHE G 155 -14.04 81.27 39.59
C PHE G 155 -12.62 81.07 39.09
N LEU G 156 -11.65 81.52 39.89
CA LEU G 156 -10.24 81.41 39.54
C LEU G 156 -9.79 79.96 39.56
N GLU G 157 -10.19 79.23 40.59
CA GLU G 157 -9.89 77.80 40.72
C GLU G 157 -10.27 77.06 39.44
N THR G 158 -11.51 77.29 39.01
CA THR G 158 -12.07 76.62 37.85
C THR G 158 -11.44 77.12 36.56
N LEU G 159 -11.18 78.43 36.50
CA LEU G 159 -10.53 79.02 35.34
C LEU G 159 -9.16 78.40 35.09
N PHE G 160 -8.34 78.35 36.14
CA PHE G 160 -7.01 77.76 36.06
C PHE G 160 -7.08 76.30 35.66
N TYR G 161 -8.01 75.58 36.28
CA TYR G 161 -8.13 74.14 36.08
C TYR G 161 -8.58 73.77 34.67
N GLU G 162 -9.54 74.51 34.12
CA GLU G 162 -10.06 74.20 32.80
C GLU G 162 -9.13 74.70 31.69
N TYR G 163 -8.45 75.81 31.97
CA TYR G 163 -7.50 76.40 31.03
C TYR G 163 -6.34 75.43 30.79
N MET G 164 -5.89 74.78 31.87
CA MET G 164 -4.75 73.87 31.82
C MET G 164 -5.06 72.62 31.01
N THR G 165 -4.11 72.22 30.15
CA THR G 165 -4.25 71.01 29.36
C THR G 165 -3.13 70.02 29.69
N ASP G 166 -3.51 68.75 29.91
CA ASP G 166 -2.56 67.71 30.28
C ASP G 166 -2.02 66.96 29.07
N GLU G 167 -0.72 67.11 28.80
CA GLU G 167 -0.09 66.49 27.63
C GLU G 167 1.02 65.51 27.98
N ARG G 168 0.97 64.95 29.18
CA ARG G 168 2.00 64.03 29.65
C ARG G 168 2.16 62.78 28.78
N PHE G 169 1.08 62.34 28.16
CA PHE G 169 1.10 61.08 27.43
C PHE G 169 1.02 61.28 25.91
N LYS G 170 1.20 62.51 25.47
CA LYS G 170 1.32 62.81 24.05
C LYS G 170 2.79 62.74 23.63
N SER G 171 3.10 62.00 22.58
CA SER G 171 4.44 62.03 21.99
C SER G 171 4.43 62.79 20.66
N THR G 172 3.44 62.47 19.82
CA THR G 172 3.49 62.78 18.40
C THR G 172 2.47 63.87 18.09
N ASP G 173 1.34 63.80 18.76
CA ASP G 173 0.28 64.78 18.60
C ASP G 173 0.00 65.52 19.91
N GLU G 179 0.23 77.96 24.07
CA GLU G 179 0.54 79.38 24.20
C GLU G 179 -0.32 80.03 25.29
N TYR G 180 -0.07 79.65 26.53
CA TYR G 180 -0.80 80.18 27.68
C TYR G 180 -0.54 81.66 27.91
N ILE G 181 -1.51 82.37 28.44
CA ILE G 181 -1.33 83.78 28.77
C ILE G 181 -0.27 83.91 29.86
N LYS G 182 0.30 85.10 29.98
CA LYS G 182 1.34 85.34 30.97
C LYS G 182 0.86 86.27 32.07
N HIS G 183 -0.25 86.95 31.82
CA HIS G 183 -0.79 87.91 32.77
C HIS G 183 -2.31 87.78 32.90
N LEU G 184 -2.81 87.88 34.13
CA LEU G 184 -4.24 87.86 34.38
C LEU G 184 -4.70 89.07 35.17
N GLY G 185 -5.48 89.92 34.53
CA GLY G 185 -6.03 91.11 35.16
C GLY G 185 -7.46 90.92 35.61
N VAL G 186 -7.76 91.33 36.83
CA VAL G 186 -9.11 91.21 37.36
C VAL G 186 -9.66 92.53 37.88
N TYR G 187 -10.79 92.96 37.32
CA TYR G 187 -11.48 94.16 37.79
C TYR G 187 -12.75 93.77 38.55
N ILE G 188 -12.77 94.08 39.84
CA ILE G 188 -13.91 93.75 40.69
C ILE G 188 -14.08 94.80 41.78
N ASN G 189 -15.30 94.92 42.29
CA ASN G 189 -15.59 95.89 43.35
C ASN G 189 -15.09 95.41 44.71
N ASN G 190 -14.56 96.33 45.51
CA ASN G 190 -14.01 95.99 46.82
C ASN G 190 -12.83 95.03 46.71
N ALA G 191 -11.87 95.38 45.86
CA ALA G 191 -10.75 94.49 45.53
C ALA G 191 -9.95 94.00 46.74
N ASP G 192 -9.85 94.82 47.78
CA ASP G 192 -9.02 94.48 48.93
C ASP G 192 -9.60 93.31 49.74
N THR G 193 -10.88 93.02 49.57
CA THR G 193 -11.50 91.89 50.25
C THR G 193 -11.21 90.61 49.47
N TYR G 194 -10.94 90.80 48.18
CA TYR G 194 -10.67 89.71 47.25
C TYR G 194 -9.18 89.39 47.18
N LYS G 195 -8.35 90.23 47.81
CA LYS G 195 -6.91 90.09 47.72
C LYS G 195 -6.39 88.74 48.19
N GLU G 196 -6.95 88.25 49.29
CA GLU G 196 -6.52 86.99 49.90
C GLU G 196 -6.85 85.76 49.08
N GLU G 197 -7.84 85.88 48.21
CA GLU G 197 -8.36 84.70 47.49
C GLU G 197 -7.55 84.36 46.25
N VAL G 198 -6.69 85.27 45.81
CA VAL G 198 -5.97 85.07 44.55
C VAL G 198 -5.01 83.88 44.61
N GLU G 199 -4.13 83.87 45.61
CA GLU G 199 -3.14 82.81 45.72
C GLU G 199 -3.73 81.54 46.32
N LYS G 200 -4.83 81.70 47.07
CA LYS G 200 -5.56 80.55 47.58
C LYS G 200 -6.17 79.74 46.45
N ALA G 201 -6.67 80.44 45.44
CA ALA G 201 -7.24 79.79 44.27
C ALA G 201 -6.15 79.03 43.52
N ARG G 202 -4.98 79.65 43.41
CA ARG G 202 -3.83 79.03 42.73
C ARG G 202 -3.40 77.75 43.45
N VAL G 203 -3.50 77.78 44.78
CA VAL G 203 -3.18 76.62 45.59
C VAL G 203 -4.22 75.53 45.40
N TYR G 204 -5.49 75.91 45.54
CA TYR G 204 -6.59 74.98 45.34
C TYR G 204 -6.57 74.41 43.92
N TYR G 205 -6.18 75.23 42.95
CA TYR G 205 -6.06 74.78 41.56
C TYR G 205 -5.14 73.58 41.42
N PHE G 206 -3.90 73.71 41.86
CA PHE G 206 -2.93 72.65 41.64
C PHE G 206 -3.23 71.43 42.50
N GLY G 207 -3.72 71.68 43.71
CA GLY G 207 -4.15 70.60 44.58
C GLY G 207 -5.14 69.75 43.83
N THR G 208 -6.07 70.41 43.17
CA THR G 208 -7.04 69.72 42.32
C THR G 208 -6.38 69.11 41.08
N TYR G 209 -5.58 69.92 40.38
CA TYR G 209 -4.95 69.45 39.15
C TYR G 209 -3.94 68.33 39.41
N TYR G 210 -3.29 68.39 40.56
CA TYR G 210 -2.37 67.33 40.96
C TYR G 210 -3.12 66.01 41.09
N ALA G 211 -4.23 66.05 41.82
CA ALA G 211 -5.08 64.88 41.98
C ALA G 211 -5.59 64.40 40.63
N SER G 212 -5.89 65.34 39.75
CA SER G 212 -6.38 65.03 38.41
C SER G 212 -5.35 64.23 37.60
N GLN G 213 -4.10 64.64 37.68
CA GLN G 213 -3.02 63.97 36.94
C GLN G 213 -2.87 62.51 37.37
N LEU G 214 -3.00 62.26 38.66
CA LEU G 214 -2.89 60.91 39.21
C LEU G 214 -4.04 60.02 38.74
N ILE G 215 -5.25 60.56 38.77
CA ILE G 215 -6.44 59.81 38.38
C ILE G 215 -6.41 59.50 36.89
N ALA G 216 -6.09 60.51 36.10
CA ALA G 216 -6.04 60.37 34.64
C ALA G 216 -4.92 59.43 34.18
N ALA G 217 -3.83 59.39 34.93
CA ALA G 217 -2.69 58.52 34.61
C ALA G 217 -3.10 57.05 34.60
N PRO G 218 -2.74 56.33 33.52
CA PRO G 218 -3.07 54.91 33.33
C PRO G 218 -2.47 53.99 34.39
N SER G 219 -2.98 52.77 34.46
CA SER G 219 -2.60 51.83 35.52
C SER G 219 -1.22 51.20 35.33
N ASN G 220 -0.72 51.23 34.10
CA ASN G 220 0.62 50.73 33.84
C ASN G 220 1.66 51.75 34.28
N TYR G 221 1.29 53.01 34.25
CA TYR G 221 2.13 54.10 34.75
C TYR G 221 1.89 54.26 36.24
N CYS G 222 0.62 54.46 36.61
CA CYS G 222 0.25 54.66 38.00
C CYS G 222 -0.22 53.36 38.65
N ASN G 223 0.70 52.70 39.34
CA ASN G 223 0.40 51.50 40.11
C ASN G 223 0.75 51.75 41.57
N PRO G 224 0.44 50.79 42.45
CA PRO G 224 0.67 50.96 43.89
C PRO G 224 2.10 51.39 44.24
N VAL G 225 3.09 50.93 43.49
CA VAL G 225 4.47 51.31 43.79
C VAL G 225 4.76 52.71 43.27
N SER G 226 4.46 52.95 42.00
CA SER G 226 4.76 54.24 41.38
C SER G 226 3.94 55.37 42.01
N LEU G 227 2.73 55.03 42.48
CA LEU G 227 1.86 56.01 43.12
C LEU G 227 2.37 56.38 44.52
N SER G 228 2.77 55.38 45.29
CA SER G 228 3.31 55.61 46.63
C SER G 228 4.62 56.37 46.54
N ASN G 229 5.41 56.07 45.51
CA ASN G 229 6.65 56.80 45.26
C ASN G 229 6.33 58.27 45.01
N ALA G 230 5.25 58.50 44.28
CA ALA G 230 4.80 59.85 43.97
C ALA G 230 4.37 60.57 45.24
N ALA G 231 3.80 59.81 46.18
CA ALA G 231 3.36 60.36 47.45
C ALA G 231 4.57 60.81 48.27
N VAL G 232 5.63 60.00 48.23
CA VAL G 232 6.87 60.34 48.90
C VAL G 232 7.49 61.61 48.31
N GLU G 233 7.50 61.69 46.98
CA GLU G 233 8.06 62.83 46.28
C GLU G 233 7.32 64.12 46.64
N LEU G 234 6.00 64.02 46.79
CA LEU G 234 5.21 65.18 47.19
C LEU G 234 5.51 65.57 48.64
N ALA G 235 5.60 64.57 49.50
CA ALA G 235 5.88 64.79 50.91
C ALA G 235 7.23 65.44 51.10
N GLN G 236 8.18 65.05 50.26
CA GLN G 236 9.53 65.59 50.30
C GLN G 236 9.54 67.07 49.92
N LYS G 237 8.78 67.42 48.89
CA LYS G 237 8.68 68.79 48.40
C LYS G 237 7.94 69.73 49.34
N LEU G 238 7.04 69.17 50.15
CA LEU G 238 6.23 69.98 51.05
C LEU G 238 6.84 70.06 52.43
N ASN G 239 7.46 68.96 52.85
CA ASN G 239 8.12 68.81 54.16
C ASN G 239 7.13 68.14 55.11
N LEU G 240 6.45 67.14 54.59
CA LEU G 240 5.48 66.38 55.36
C LEU G 240 6.11 65.08 55.84
N GLU G 241 5.78 64.70 57.07
CA GLU G 241 6.20 63.42 57.61
C GLU G 241 5.54 62.32 56.76
N TYR G 242 6.32 61.37 56.27
CA TYR G 242 5.73 60.31 55.46
C TYR G 242 6.25 58.93 55.87
N LYS G 243 5.43 57.91 55.66
CA LYS G 243 5.85 56.54 55.93
C LYS G 243 5.01 55.60 55.06
N ILE G 244 5.70 54.77 54.27
CA ILE G 244 5.02 53.83 53.39
C ILE G 244 5.21 52.40 53.88
N LEU G 245 4.12 51.77 54.31
CA LEU G 245 4.16 50.41 54.81
C LEU G 245 4.12 49.40 53.68
N GLY G 246 5.01 48.41 53.73
CA GLY G 246 5.08 47.38 52.72
C GLY G 246 4.39 46.10 53.17
N VAL G 247 4.46 45.08 52.32
CA VAL G 247 3.76 43.82 52.57
C VAL G 247 4.18 43.19 53.90
N LYS G 248 5.48 43.22 54.17
CA LYS G 248 6.02 42.61 55.39
C LYS G 248 5.46 43.32 56.62
N GLU G 249 5.41 44.65 56.57
CA GLU G 249 4.92 45.44 57.68
C GLU G 249 3.40 45.34 57.80
N LEU G 250 2.71 45.15 56.68
CA LEU G 250 1.26 45.01 56.69
C LEU G 250 0.80 43.67 57.29
N GLU G 251 1.60 42.62 57.09
CA GLU G 251 1.30 41.32 57.64
C GLU G 251 1.32 41.31 59.17
N GLU G 252 2.23 42.08 59.74
CA GLU G 252 2.34 42.15 61.20
C GLU G 252 1.23 42.98 61.82
N LEU G 253 0.67 43.90 61.05
CA LEU G 253 -0.45 44.70 61.48
C LEU G 253 -1.72 43.91 61.23
N LYS G 254 -1.55 42.76 60.58
CA LYS G 254 -2.62 41.79 60.36
C LYS G 254 -3.76 42.35 59.52
N MET G 255 -3.43 43.18 58.54
CA MET G 255 -4.44 43.74 57.64
C MET G 255 -4.83 42.74 56.57
N GLY G 256 -5.60 41.73 56.96
CA GLY G 256 -5.93 40.63 56.07
C GLY G 256 -6.89 41.02 54.95
N ALA G 257 -7.78 41.96 55.22
CA ALA G 257 -8.72 42.43 54.22
C ALA G 257 -8.00 43.16 53.09
N TYR G 258 -7.19 44.15 53.47
CA TYR G 258 -6.40 44.93 52.52
C TYR G 258 -5.46 44.04 51.71
N LEU G 259 -4.77 43.14 52.39
CA LEU G 259 -3.81 42.25 51.73
C LEU G 259 -4.48 41.26 50.79
N SER G 260 -5.68 40.81 51.16
CA SER G 260 -6.40 39.82 50.35
C SER G 260 -6.75 40.37 48.97
N VAL G 261 -7.07 41.66 48.91
CA VAL G 261 -7.43 42.29 47.65
C VAL G 261 -6.25 42.39 46.69
N GLY G 262 -5.07 42.72 47.23
CA GLY G 262 -3.88 42.91 46.43
C GLY G 262 -3.12 41.65 46.05
N LYS G 263 -3.56 40.50 46.56
CA LYS G 263 -2.87 39.23 46.36
C LYS G 263 -2.58 38.86 44.90
N GLY G 264 -3.56 39.09 44.03
CA GLY G 264 -3.45 38.67 42.64
C GLY G 264 -2.65 39.61 41.75
N SER G 265 -2.07 40.64 42.34
CA SER G 265 -1.35 41.65 41.57
C SER G 265 0.15 41.38 41.55
N MET G 266 0.81 41.79 40.46
CA MET G 266 2.25 41.70 40.37
C MET G 266 2.88 42.84 41.16
N TYR G 267 2.07 43.83 41.50
CA TYR G 267 2.53 44.97 42.29
C TYR G 267 2.15 44.82 43.76
N PRO G 268 3.16 44.84 44.64
CA PRO G 268 2.99 44.72 46.10
C PRO G 268 2.19 45.85 46.71
N ASN G 269 1.46 45.56 47.79
CA ASN G 269 0.69 46.56 48.50
C ASN G 269 1.55 47.67 49.08
N LYS G 270 1.04 48.91 49.03
CA LYS G 270 1.74 50.05 49.59
C LYS G 270 0.78 50.94 50.38
N PHE G 271 0.97 51.03 51.70
CA PHE G 271 0.12 51.87 52.53
C PHE G 271 0.72 53.25 52.76
N ILE G 272 0.08 54.27 52.19
CA ILE G 272 0.57 55.64 52.31
C ILE G 272 0.08 56.33 53.58
N HIS G 273 1.02 56.94 54.30
CA HIS G 273 0.72 57.66 55.53
C HIS G 273 1.47 58.98 55.55
N LEU G 274 0.82 60.03 55.06
CA LEU G 274 1.39 61.36 55.10
C LEU G 274 0.94 62.05 56.37
N THR G 275 1.74 63.01 56.85
CA THR G 275 1.38 63.71 58.09
C THR G 275 1.75 65.19 58.06
N TYR G 276 0.78 66.03 58.41
CA TYR G 276 1.03 67.45 58.63
C TYR G 276 0.88 67.75 60.11
N LYS G 277 1.96 68.21 60.73
CA LYS G 277 1.98 68.54 62.15
C LYS G 277 2.21 70.03 62.30
N SER G 278 1.16 70.79 62.60
CA SER G 278 1.32 72.24 62.69
C SER G 278 2.36 72.60 63.74
N LYS G 279 2.92 73.80 63.60
CA LYS G 279 4.09 74.22 64.37
C LYS G 279 3.75 74.82 65.73
N GLY G 280 2.77 74.24 66.42
CA GLY G 280 2.36 74.77 67.70
C GLY G 280 1.53 73.85 68.56
N ASP G 281 0.44 74.41 69.08
CA ASP G 281 -0.45 73.73 70.02
C ASP G 281 -1.57 72.93 69.34
N VAL G 282 -1.22 71.79 68.76
CA VAL G 282 -2.21 70.89 68.14
C VAL G 282 -3.48 70.77 68.98
N LYS G 283 -4.59 71.24 68.42
CA LYS G 283 -5.86 71.24 69.16
C LYS G 283 -6.89 70.31 68.53
N LYS G 284 -6.76 70.09 67.23
CA LYS G 284 -7.62 69.14 66.53
C LYS G 284 -6.77 68.14 65.74
N LYS G 285 -7.12 66.87 65.85
CA LYS G 285 -6.39 65.82 65.15
C LYS G 285 -7.28 65.22 64.06
N ILE G 286 -6.81 65.24 62.81
CA ILE G 286 -7.66 64.79 61.71
C ILE G 286 -7.01 63.72 60.84
N ALA G 287 -7.78 62.69 60.51
CA ALA G 287 -7.33 61.63 59.61
C ALA G 287 -8.16 61.59 58.33
N LEU G 288 -7.50 61.83 57.19
CA LEU G 288 -8.16 61.75 55.89
C LEU G 288 -7.78 60.46 55.17
N VAL G 289 -8.75 59.58 54.97
CA VAL G 289 -8.50 58.30 54.32
C VAL G 289 -9.06 58.27 52.89
N GLY G 290 -8.24 57.83 51.95
CA GLY G 290 -8.66 57.75 50.55
C GLY G 290 -8.49 56.36 49.99
N LYS G 291 -9.48 55.93 49.20
CA LYS G 291 -9.43 54.63 48.53
C LYS G 291 -8.36 54.62 47.44
N GLY G 292 -7.51 53.61 47.46
CA GLY G 292 -6.37 53.57 46.55
C GLY G 292 -6.24 52.31 45.72
N ILE G 293 -7.24 52.03 44.89
CA ILE G 293 -7.16 50.91 43.96
C ILE G 293 -6.64 51.44 42.61
N THR G 294 -5.40 51.13 42.29
CA THR G 294 -4.75 51.68 41.10
C THR G 294 -5.44 51.20 39.83
N PHE G 295 -5.97 49.98 39.90
CA PHE G 295 -6.86 49.49 38.84
C PHE G 295 -7.80 48.45 39.43
N ASP G 296 -9.08 48.56 39.05
CA ASP G 296 -10.08 47.65 39.56
C ASP G 296 -10.68 46.83 38.42
N SER G 297 -10.10 45.65 38.20
CA SER G 297 -10.63 44.72 37.21
C SER G 297 -11.88 44.04 37.75
N GLY G 298 -12.00 44.01 39.07
CA GLY G 298 -13.11 43.34 39.73
C GLY G 298 -12.67 42.02 40.30
N GLY G 299 -11.48 41.57 39.91
CA GLY G 299 -10.98 40.28 40.35
C GLY G 299 -11.73 39.16 39.66
N TYR G 300 -11.90 38.04 40.37
CA TYR G 300 -12.63 36.90 39.81
C TYR G 300 -14.09 37.25 39.58
N ASN G 301 -14.60 38.23 40.32
CA ASN G 301 -15.87 38.87 39.98
C ASN G 301 -15.61 39.91 38.90
N LEU G 302 -15.12 39.43 37.76
CA LEU G 302 -14.62 40.30 36.70
C LEU G 302 -15.68 41.27 36.18
N LYS G 303 -15.24 42.49 35.88
CA LYS G 303 -16.11 43.49 35.28
C LYS G 303 -16.34 43.16 33.81
N ALA G 304 -17.22 42.19 33.56
CA ALA G 304 -17.52 41.75 32.21
C ALA G 304 -18.92 42.15 31.79
N ALA G 305 -19.75 42.52 32.77
CA ALA G 305 -21.12 42.93 32.49
C ALA G 305 -21.16 44.29 31.79
N PRO G 306 -22.15 44.48 30.91
CA PRO G 306 -22.34 45.73 30.18
C PRO G 306 -22.53 46.94 31.09
N GLY G 307 -21.77 47.99 30.86
CA GLY G 307 -21.90 49.22 31.64
C GLY G 307 -21.04 49.20 32.88
N SER G 308 -20.29 48.11 33.07
CA SER G 308 -19.41 47.98 34.21
C SER G 308 -18.22 48.92 34.07
N MET G 309 -17.96 49.34 32.84
CA MET G 309 -16.94 50.36 32.54
C MET G 309 -15.54 50.03 33.07
N ILE G 310 -15.01 48.88 32.66
CA ILE G 310 -13.72 48.42 33.16
C ILE G 310 -12.57 49.33 32.69
N ASP G 311 -12.77 49.98 31.55
CA ASP G 311 -11.76 50.87 30.99
C ASP G 311 -11.61 52.16 31.82
N LEU G 312 -12.62 52.47 32.61
CA LEU G 312 -12.59 53.66 33.47
C LEU G 312 -11.87 53.43 34.79
N MET G 313 -11.73 52.16 35.17
CA MET G 313 -11.37 51.81 36.54
C MET G 313 -9.95 52.13 36.98
N LYS G 314 -9.25 52.96 36.22
CA LYS G 314 -7.99 53.52 36.69
C LYS G 314 -8.31 54.64 37.68
N PHE G 315 -9.53 55.16 37.59
CA PHE G 315 -9.98 56.27 38.43
C PHE G 315 -10.28 55.81 39.84
N ASP G 316 -10.19 54.50 40.06
CA ASP G 316 -10.59 53.92 41.34
C ASP G 316 -9.63 54.27 42.46
N MET G 317 -8.63 55.09 42.13
CA MET G 317 -7.71 55.61 43.14
C MET G 317 -7.96 57.11 43.32
N SER G 318 -9.14 57.56 42.92
CA SER G 318 -9.50 58.98 42.96
C SER G 318 -9.58 59.51 44.39
N GLY G 319 -10.03 58.67 45.32
CA GLY G 319 -10.08 59.04 46.72
C GLY G 319 -8.70 59.36 47.23
N CYS G 320 -7.75 58.49 46.87
CA CYS G 320 -6.35 58.67 47.22
C CYS G 320 -5.77 59.94 46.62
N ALA G 321 -6.09 60.18 45.35
CA ALA G 321 -5.59 61.36 44.65
C ALA G 321 -6.12 62.63 45.30
N ALA G 322 -7.35 62.58 45.78
CA ALA G 322 -7.97 63.72 46.44
C ALA G 322 -7.27 64.04 47.76
N VAL G 323 -6.92 62.99 48.51
CA VAL G 323 -6.24 63.16 49.79
C VAL G 323 -4.86 63.76 49.58
N LEU G 324 -4.14 63.30 48.57
CA LEU G 324 -2.82 63.82 48.27
C LEU G 324 -2.92 65.28 47.82
N GLY G 325 -3.94 65.58 47.03
CA GLY G 325 -4.19 66.95 46.61
C GLY G 325 -4.48 67.83 47.80
N CYS G 326 -5.24 67.31 48.75
CA CYS G 326 -5.49 68.01 50.00
C CYS G 326 -4.17 68.16 50.73
N ALA G 327 -3.37 67.10 50.69
CA ALA G 327 -2.06 67.08 51.31
C ALA G 327 -1.20 68.21 50.74
N TYR G 328 -1.37 68.50 49.46
CA TYR G 328 -0.65 69.60 48.84
C TYR G 328 -1.09 70.94 49.42
N CYS G 329 -2.39 71.18 49.44
CA CYS G 329 -2.95 72.44 49.92
C CYS G 329 -2.61 72.67 51.39
N VAL G 330 -2.76 71.63 52.19
CA VAL G 330 -2.46 71.72 53.62
C VAL G 330 -0.97 71.96 53.82
N GLY G 331 -0.15 71.20 53.11
CA GLY G 331 1.30 71.34 53.19
C GLY G 331 1.79 72.69 52.70
N THR G 332 1.07 73.27 51.75
CA THR G 332 1.46 74.55 51.17
C THR G 332 0.93 75.73 51.99
N LEU G 333 -0.35 75.65 52.35
CA LEU G 333 -1.00 76.75 53.07
C LEU G 333 -0.60 76.77 54.55
N LYS G 334 -0.24 75.60 55.07
CA LYS G 334 0.30 75.48 56.42
C LYS G 334 -0.62 76.06 57.50
N PRO G 335 -1.76 75.40 57.76
CA PRO G 335 -2.67 75.82 58.83
C PRO G 335 -2.08 75.56 60.22
N GLU G 336 -2.56 76.26 61.24
CA GLU G 336 -2.01 76.11 62.58
C GLU G 336 -2.92 75.32 63.52
N ASN G 337 -2.33 74.77 64.57
CA ASN G 337 -3.08 74.12 65.63
C ASN G 337 -3.86 72.90 65.14
N VAL G 338 -3.31 72.23 64.13
CA VAL G 338 -3.97 71.09 63.53
C VAL G 338 -2.95 70.02 63.15
N GLU G 339 -3.33 68.76 63.33
CA GLU G 339 -2.52 67.63 62.87
C GLU G 339 -3.32 66.78 61.89
N ILE G 340 -2.83 66.68 60.65
CA ILE G 340 -3.60 65.99 59.62
C ILE G 340 -2.84 64.76 59.12
N HIS G 341 -3.52 63.62 59.15
CA HIS G 341 -2.95 62.38 58.65
C HIS G 341 -3.56 61.99 57.30
N PHE G 342 -2.71 61.86 56.28
CA PHE G 342 -3.17 61.47 54.95
C PHE G 342 -2.88 59.99 54.69
N LEU G 343 -3.93 59.18 54.72
CA LEU G 343 -3.77 57.72 54.63
C LEU G 343 -4.38 57.16 53.35
N SER G 344 -3.76 56.10 52.83
CA SER G 344 -4.32 55.38 51.70
C SER G 344 -3.75 53.97 51.57
N ALA G 345 -4.63 52.98 51.62
CA ALA G 345 -4.23 51.60 51.40
C ALA G 345 -4.24 51.29 49.91
N VAL G 346 -3.06 51.38 49.28
CA VAL G 346 -2.96 51.26 47.83
C VAL G 346 -2.68 49.82 47.40
N CYS G 347 -3.42 49.36 46.40
CA CYS G 347 -3.22 48.04 45.84
C CYS G 347 -3.89 47.92 44.47
N GLU G 348 -3.78 46.74 43.86
CA GLU G 348 -4.37 46.52 42.55
C GLU G 348 -5.21 45.25 42.58
N ASN G 349 -6.45 45.35 42.11
CA ASN G 349 -7.34 44.19 42.08
C ASN G 349 -7.28 43.51 40.71
N MET G 350 -6.64 42.35 40.68
CA MET G 350 -6.36 41.67 39.43
C MET G 350 -6.82 40.21 39.47
N VAL G 351 -6.82 39.57 38.30
CA VAL G 351 -7.18 38.16 38.20
C VAL G 351 -5.92 37.33 38.06
N SER G 352 -5.76 36.34 38.94
CA SER G 352 -4.54 35.55 38.99
C SER G 352 -4.74 34.24 39.75
N LYS G 353 -3.72 33.39 39.72
CA LYS G 353 -3.74 32.17 40.51
C LYS G 353 -3.65 32.52 42.00
N ASN G 354 -3.06 33.68 42.27
CA ASN G 354 -2.84 34.16 43.64
C ASN G 354 -3.99 35.00 44.17
N SER G 355 -4.93 35.35 43.30
CA SER G 355 -6.06 36.19 43.68
C SER G 355 -6.92 35.54 44.76
N TYR G 356 -7.58 36.37 45.54
CA TYR G 356 -8.54 35.87 46.51
C TYR G 356 -9.86 35.57 45.81
N ARG G 357 -10.58 34.58 46.32
CA ARG G 357 -11.77 34.08 45.64
C ARG G 357 -13.06 34.51 46.33
N PRO G 358 -14.15 34.57 45.56
CA PRO G 358 -15.48 34.75 46.15
C PRO G 358 -15.77 33.61 47.11
N GLY G 359 -16.20 33.93 48.33
CA GLY G 359 -16.46 32.90 49.33
C GLY G 359 -15.33 32.81 50.33
N ASP G 360 -14.18 33.36 49.98
CA ASP G 360 -13.04 33.40 50.89
C ASP G 360 -13.42 34.17 52.16
N ILE G 361 -13.00 33.64 53.30
CA ILE G 361 -13.16 34.36 54.56
C ILE G 361 -11.81 34.93 54.99
N ILE G 362 -11.76 36.24 55.17
CA ILE G 362 -10.52 36.92 55.51
C ILE G 362 -10.65 37.60 56.87
N THR G 363 -9.51 37.92 57.47
CA THR G 363 -9.51 38.51 58.80
C THR G 363 -8.90 39.91 58.79
N ALA G 364 -9.70 40.90 59.14
CA ALA G 364 -9.24 42.28 59.17
C ALA G 364 -8.32 42.51 60.37
N SER G 365 -7.69 43.68 60.40
CA SER G 365 -6.70 43.98 61.42
C SER G 365 -7.33 44.23 62.79
N ASN G 366 -8.66 44.27 62.84
CA ASN G 366 -9.36 44.46 64.10
C ASN G 366 -9.97 43.16 64.62
N GLY G 367 -9.63 42.06 63.97
CA GLY G 367 -10.03 40.74 64.42
C GLY G 367 -11.34 40.24 63.82
N LYS G 368 -12.11 41.14 63.20
CA LYS G 368 -13.38 40.74 62.59
C LYS G 368 -13.17 39.97 61.30
N THR G 369 -13.83 38.83 61.19
CA THR G 369 -13.75 38.01 59.98
C THR G 369 -14.81 38.44 58.96
N ILE G 370 -14.41 38.45 57.70
CA ILE G 370 -15.27 38.93 56.63
C ILE G 370 -15.44 37.87 55.54
N GLU G 371 -16.69 37.53 55.24
CA GLU G 371 -16.98 36.61 54.14
C GLU G 371 -17.05 37.39 52.83
N VAL G 372 -16.13 37.07 51.91
CA VAL G 372 -16.11 37.75 50.62
C VAL G 372 -17.21 37.21 49.71
N GLY G 373 -18.16 38.07 49.36
CA GLY G 373 -19.24 37.68 48.48
C GLY G 373 -19.00 38.13 47.05
N ASN G 374 -18.16 39.15 46.90
CA ASN G 374 -17.86 39.71 45.59
C ASN G 374 -16.51 40.42 45.63
N THR G 375 -15.57 39.96 44.83
CA THR G 375 -14.21 40.51 44.84
C THR G 375 -14.19 41.90 44.23
N ASP G 376 -15.29 42.30 43.61
CA ASP G 376 -15.39 43.60 42.98
C ASP G 376 -15.80 44.66 44.00
N ALA G 377 -16.17 44.19 45.20
CA ALA G 377 -16.44 45.09 46.30
C ALA G 377 -15.19 45.18 47.18
N GLU G 378 -14.05 45.50 46.55
CA GLU G 378 -12.76 45.44 47.23
C GLU G 378 -12.47 46.72 47.99
N GLY G 379 -13.06 47.81 47.54
CA GLY G 379 -12.81 49.11 48.15
C GLY G 379 -13.10 49.17 49.64
N ARG G 380 -14.20 48.55 50.06
CA ARG G 380 -14.59 48.58 51.46
C ARG G 380 -13.70 47.67 52.32
N LEU G 381 -13.10 46.66 51.68
CA LEU G 381 -12.19 45.77 52.38
C LEU G 381 -10.91 46.48 52.75
N THR G 382 -10.36 47.25 51.80
CA THR G 382 -9.13 47.99 52.01
C THR G 382 -9.37 49.15 52.98
N LEU G 383 -10.50 49.82 52.81
CA LEU G 383 -10.85 50.96 53.67
C LEU G 383 -11.07 50.50 55.11
N ALA G 384 -11.51 49.26 55.26
CA ALA G 384 -11.73 48.67 56.59
C ALA G 384 -10.46 48.72 57.43
N ASP G 385 -9.37 48.20 56.89
CA ASP G 385 -8.08 48.19 57.59
C ASP G 385 -7.51 49.60 57.75
N ALA G 386 -7.75 50.43 56.74
CA ALA G 386 -7.26 51.81 56.77
C ALA G 386 -7.93 52.61 57.88
N LEU G 387 -9.21 52.34 58.11
CA LEU G 387 -9.97 53.04 59.14
C LEU G 387 -9.56 52.60 60.54
N VAL G 388 -9.22 51.32 60.69
CA VAL G 388 -8.73 50.80 61.96
C VAL G 388 -7.39 51.44 62.28
N TYR G 389 -6.52 51.51 61.27
CA TYR G 389 -5.25 52.21 61.37
C TYR G 389 -5.48 53.65 61.77
N ALA G 390 -6.50 54.26 61.16
CA ALA G 390 -6.81 55.66 61.40
C ALA G 390 -7.24 55.87 62.84
N GLU G 391 -8.10 54.98 63.32
CA GLU G 391 -8.64 55.10 64.67
C GLU G 391 -7.52 54.87 65.70
N LYS G 392 -6.54 54.07 65.33
CA LYS G 392 -5.38 53.83 66.18
C LYS G 392 -4.55 55.10 66.35
N LEU G 393 -4.69 56.01 65.40
CA LEU G 393 -3.93 57.26 65.42
C LEU G 393 -4.39 58.21 66.53
N GLY G 394 -5.58 57.97 67.06
CA GLY G 394 -6.11 58.80 68.12
C GLY G 394 -6.46 60.20 67.61
N VAL G 395 -7.39 60.26 66.66
CA VAL G 395 -7.77 61.52 66.04
C VAL G 395 -9.14 61.96 66.50
N ASP G 396 -9.47 63.22 66.25
CA ASP G 396 -10.78 63.76 66.59
C ASP G 396 -11.78 63.41 65.47
N TYR G 397 -11.32 63.53 64.24
CA TYR G 397 -12.15 63.29 63.06
C TYR G 397 -11.51 62.33 62.07
N ILE G 398 -12.28 61.33 61.65
CA ILE G 398 -11.88 60.47 60.54
C ILE G 398 -12.81 60.70 59.35
N VAL G 399 -12.23 61.14 58.23
CA VAL G 399 -13.01 61.37 57.03
C VAL G 399 -12.42 60.58 55.87
N ASP G 400 -13.13 59.55 55.42
CA ASP G 400 -12.68 58.79 54.26
C ASP G 400 -13.42 59.26 53.01
N ILE G 401 -12.76 59.16 51.87
CA ILE G 401 -13.35 59.55 50.60
C ILE G 401 -12.97 58.54 49.54
N ALA G 402 -13.94 58.00 48.83
CA ALA G 402 -13.68 56.89 47.94
C ALA G 402 -14.73 56.71 46.86
N THR G 403 -14.28 56.37 45.67
CA THR G 403 -15.16 55.94 44.60
C THR G 403 -15.62 54.54 44.92
N LEU G 404 -16.54 54.43 45.88
CA LEU G 404 -16.86 53.16 46.50
C LEU G 404 -17.95 52.41 45.77
N THR G 405 -19.04 53.10 45.46
CA THR G 405 -20.22 52.44 44.90
C THR G 405 -20.73 53.08 43.62
N GLY G 406 -21.01 52.25 42.62
CA GLY G 406 -21.55 52.71 41.36
C GLY G 406 -22.98 53.20 41.51
N ALA G 407 -23.63 52.78 42.58
CA ALA G 407 -24.99 53.19 42.87
C ALA G 407 -25.11 54.69 43.03
N MET G 408 -23.98 55.35 43.30
CA MET G 408 -23.96 56.81 43.43
C MET G 408 -24.41 57.47 42.15
N LEU G 409 -24.17 56.80 41.03
CA LEU G 409 -24.63 57.28 39.74
C LEU G 409 -26.15 57.24 39.70
N TYR G 410 -26.72 56.34 40.50
CA TYR G 410 -28.17 56.19 40.59
C TYR G 410 -28.77 57.03 41.73
N SER G 411 -27.95 57.35 42.72
CA SER G 411 -28.40 58.15 43.86
C SER G 411 -28.38 59.65 43.56
N LEU G 412 -27.21 60.26 43.60
CA LEU G 412 -27.09 61.71 43.44
C LEU G 412 -26.58 62.07 42.04
N GLY G 413 -26.04 61.08 41.34
CA GLY G 413 -25.56 61.29 39.98
C GLY G 413 -24.11 61.72 39.85
N THR G 414 -23.84 62.60 38.90
CA THR G 414 -22.48 62.98 38.56
C THR G 414 -22.07 64.35 39.11
N SER G 415 -23.02 65.08 39.66
CA SER G 415 -22.77 66.45 40.09
C SER G 415 -22.56 66.55 41.60
N TYR G 416 -23.39 65.83 42.36
CA TYR G 416 -23.34 65.87 43.82
C TYR G 416 -22.72 64.59 44.39
N ALA G 417 -21.81 64.76 45.35
CA ALA G 417 -21.27 63.61 46.07
C ALA G 417 -22.11 63.32 47.31
N GLY G 418 -22.07 62.07 47.78
CA GLY G 418 -22.83 61.66 48.94
C GLY G 418 -21.98 61.53 50.18
N VAL G 419 -22.49 62.01 51.31
CA VAL G 419 -21.78 61.88 52.57
C VAL G 419 -22.55 61.07 53.62
N PHE G 420 -21.88 60.09 54.20
CA PHE G 420 -22.44 59.28 55.27
C PHE G 420 -21.60 59.50 56.54
N GLY G 421 -22.11 59.05 57.68
CA GLY G 421 -21.36 59.21 58.91
C GLY G 421 -22.03 58.67 60.17
N ASN G 422 -21.29 58.69 61.28
CA ASN G 422 -21.81 58.27 62.57
C ASN G 422 -21.93 59.43 63.55
N ASN G 423 -21.56 60.63 63.08
CA ASN G 423 -21.59 61.83 63.93
C ASN G 423 -22.13 63.02 63.14
N GLU G 424 -23.17 63.65 63.67
CA GLU G 424 -23.88 64.69 62.92
C GLU G 424 -23.18 66.04 62.88
N GLU G 425 -22.36 66.37 63.87
CA GLU G 425 -21.65 67.66 63.85
C GLU G 425 -20.55 67.62 62.80
N LEU G 426 -19.91 66.47 62.67
CA LEU G 426 -18.88 66.27 61.65
C LEU G 426 -19.52 66.34 60.27
N ILE G 427 -20.72 65.78 60.15
CA ILE G 427 -21.46 65.81 58.89
C ILE G 427 -21.81 67.24 58.51
N ASN G 428 -22.24 68.03 59.49
CA ASN G 428 -22.58 69.42 59.24
C ASN G 428 -21.34 70.22 58.83
N LYS G 429 -20.19 69.83 59.36
CA LYS G 429 -18.94 70.50 59.00
C LYS G 429 -18.51 70.15 57.57
N ILE G 430 -18.70 68.91 57.18
CA ILE G 430 -18.43 68.49 55.79
C ILE G 430 -19.36 69.25 54.86
N LEU G 431 -20.63 69.34 55.26
CA LEU G 431 -21.63 70.06 54.50
C LEU G 431 -21.26 71.54 54.51
N GLN G 432 -20.76 71.98 55.65
CA GLN G 432 -20.30 73.35 55.85
C GLN G 432 -19.13 73.66 54.92
N SER G 433 -18.24 72.70 54.74
CA SER G 433 -17.12 72.82 53.82
C SER G 433 -17.56 72.72 52.36
N SER G 434 -18.58 71.90 52.12
CA SER G 434 -19.14 71.74 50.78
C SER G 434 -19.67 73.08 50.25
N LYS G 435 -20.25 73.86 51.15
CA LYS G 435 -20.81 75.16 50.79
C LYS G 435 -19.72 76.16 50.39
N THR G 436 -18.61 76.16 51.12
CA THR G 436 -17.55 77.14 50.89
C THR G 436 -16.54 76.71 49.83
N SER G 437 -16.31 75.40 49.70
CA SER G 437 -15.41 74.89 48.67
C SER G 437 -16.09 74.85 47.31
N ASN G 438 -17.43 74.91 47.33
CA ASN G 438 -18.23 74.83 46.12
C ASN G 438 -18.09 73.48 45.40
N GLU G 439 -17.78 72.45 46.17
CA GLU G 439 -17.83 71.08 45.68
C GLU G 439 -19.02 70.41 46.34
N PRO G 440 -20.11 70.24 45.59
CA PRO G 440 -21.42 69.85 46.12
C PRO G 440 -21.44 68.44 46.73
N VAL G 441 -22.00 68.36 47.93
CA VAL G 441 -22.14 67.09 48.63
C VAL G 441 -23.51 67.05 49.29
N TRP G 442 -24.18 65.90 49.23
CA TRP G 442 -25.48 65.76 49.85
C TRP G 442 -25.43 64.69 50.93
N TRP G 443 -26.09 64.95 52.05
CA TRP G 443 -26.08 64.03 53.18
C TRP G 443 -27.03 62.87 52.91
N LEU G 444 -26.51 61.66 53.00
CA LEU G 444 -27.33 60.47 52.86
C LEU G 444 -27.31 59.66 54.14
N PRO G 445 -28.39 58.91 54.41
CA PRO G 445 -28.54 58.24 55.70
C PRO G 445 -27.90 56.85 55.72
N ILE G 446 -27.34 56.48 56.86
CA ILE G 446 -26.94 55.10 57.09
C ILE G 446 -28.09 54.40 57.78
N ILE G 447 -28.83 53.60 57.01
CA ILE G 447 -30.06 52.99 57.50
C ILE G 447 -29.77 51.69 58.23
N ASN G 448 -29.91 51.72 59.55
CA ASN G 448 -29.52 50.59 60.39
C ASN G 448 -30.36 49.34 60.17
N GLU G 449 -31.51 49.50 59.53
CA GLU G 449 -32.38 48.35 59.28
C GLU G 449 -31.71 47.38 58.29
N TYR G 450 -30.79 47.90 57.49
CA TYR G 450 -30.11 47.08 56.47
C TYR G 450 -28.98 46.25 57.07
N ARG G 451 -28.52 46.63 58.26
CA ARG G 451 -27.36 46.01 58.89
C ARG G 451 -27.47 44.49 59.02
N ALA G 452 -28.69 44.01 59.22
CA ALA G 452 -28.92 42.58 59.44
C ALA G 452 -28.59 41.74 58.20
N THR G 453 -28.57 42.38 57.04
CA THR G 453 -28.28 41.69 55.80
C THR G 453 -26.78 41.43 55.65
N LEU G 454 -26.01 42.02 56.55
CA LEU G 454 -24.57 41.84 56.56
C LEU G 454 -24.17 40.72 57.53
N ASN G 455 -25.17 40.06 58.11
CA ASN G 455 -24.92 38.97 59.06
C ASN G 455 -24.53 37.67 58.37
N SER G 456 -23.23 37.36 58.40
CA SER G 456 -22.72 36.15 57.77
C SER G 456 -23.05 34.92 58.60
N LYS G 457 -23.26 33.79 57.92
CA LYS G 457 -23.54 32.53 58.59
C LYS G 457 -22.29 31.97 59.24
N TYR G 458 -21.13 32.28 58.66
CA TYR G 458 -19.87 31.70 59.11
C TYR G 458 -18.87 32.74 59.62
N ALA G 459 -18.71 33.83 58.87
CA ALA G 459 -17.81 34.90 59.29
C ALA G 459 -18.51 35.84 60.27
N ASP G 460 -17.76 36.81 60.78
CA ASP G 460 -18.33 37.80 61.69
C ASP G 460 -19.31 38.71 60.96
N ILE G 461 -18.92 39.12 59.74
CA ILE G 461 -19.71 40.06 58.96
C ILE G 461 -19.58 39.80 57.47
N ASN G 462 -20.65 40.05 56.73
CA ASN G 462 -20.59 39.96 55.27
C ASN G 462 -19.96 41.19 54.65
N GLN G 463 -19.29 40.98 53.52
CA GLN G 463 -18.69 42.07 52.76
C GLN G 463 -19.78 42.85 52.03
N ILE G 464 -20.71 42.12 51.43
CA ILE G 464 -21.82 42.73 50.70
C ILE G 464 -23.15 42.21 51.23
N SER G 465 -24.23 42.83 50.78
CA SER G 465 -25.57 42.39 51.15
C SER G 465 -26.11 41.41 50.11
N SER G 466 -26.86 40.43 50.57
CA SER G 466 -27.49 39.47 49.67
C SER G 466 -28.73 40.07 49.03
N SER G 467 -29.50 40.81 49.82
CA SER G 467 -30.80 41.33 49.39
C SER G 467 -30.75 42.82 49.01
N VAL G 468 -30.42 43.66 49.99
CA VAL G 468 -30.51 45.11 49.84
C VAL G 468 -29.70 45.66 48.67
N LYS G 469 -30.39 46.44 47.84
CA LYS G 469 -29.82 46.98 46.61
C LYS G 469 -29.26 48.39 46.84
N ALA G 470 -29.43 48.89 48.06
CA ALA G 470 -28.83 50.15 48.49
C ALA G 470 -27.34 49.98 48.77
N SER G 471 -26.55 49.74 47.73
CA SER G 471 -25.14 49.38 47.91
C SER G 471 -24.34 50.49 48.58
N SER G 472 -24.73 51.73 48.36
CA SER G 472 -24.05 52.86 48.99
C SER G 472 -24.32 52.89 50.49
N ILE G 473 -25.55 52.56 50.87
CA ILE G 473 -25.92 52.54 52.29
C ILE G 473 -25.38 51.28 52.96
N VAL G 474 -25.46 50.16 52.25
CA VAL G 474 -24.95 48.90 52.77
C VAL G 474 -23.46 48.97 53.02
N ALA G 475 -22.73 49.58 52.07
CA ALA G 475 -21.30 49.76 52.18
C ALA G 475 -20.94 50.64 53.38
N SER G 476 -21.72 51.69 53.59
CA SER G 476 -21.48 52.61 54.71
C SER G 476 -21.69 51.92 56.05
N LEU G 477 -22.69 51.04 56.11
CA LEU G 477 -22.95 50.25 57.31
C LEU G 477 -21.77 49.34 57.61
N PHE G 478 -21.17 48.82 56.55
CA PHE G 478 -19.99 47.95 56.65
C PHE G 478 -18.77 48.69 57.20
N LEU G 479 -18.48 49.86 56.61
CA LEU G 479 -17.34 50.65 57.04
C LEU G 479 -17.48 51.11 58.49
N LYS G 480 -18.71 51.42 58.88
CA LYS G 480 -18.97 51.88 60.24
C LYS G 480 -18.56 50.82 61.27
N GLU G 481 -18.53 49.57 60.84
CA GLU G 481 -18.16 48.46 61.70
C GLU G 481 -16.68 48.47 62.06
N PHE G 482 -15.90 49.27 61.33
CA PHE G 482 -14.46 49.33 61.57
C PHE G 482 -14.07 50.66 62.20
N VAL G 483 -15.08 51.36 62.72
CA VAL G 483 -14.85 52.54 63.55
C VAL G 483 -15.69 52.43 64.81
N GLN G 484 -15.03 52.28 65.95
CA GLN G 484 -15.72 51.96 67.20
C GLN G 484 -16.12 53.17 68.03
N ASN G 485 -15.21 54.12 68.22
CA ASN G 485 -15.48 55.26 69.08
C ASN G 485 -14.85 56.56 68.60
N THR G 486 -15.03 56.87 67.32
CA THR G 486 -14.51 58.10 66.73
C THR G 486 -15.47 58.73 65.74
N ALA G 487 -15.55 60.06 65.74
CA ALA G 487 -16.37 60.77 64.76
C ALA G 487 -15.85 60.47 63.36
N TRP G 488 -16.72 59.94 62.50
CA TRP G 488 -16.33 59.47 61.18
C TRP G 488 -17.32 59.86 60.09
N ALA G 489 -16.80 60.35 58.97
CA ALA G 489 -17.62 60.70 57.83
C ALA G 489 -17.15 59.98 56.57
N HIS G 490 -18.09 59.65 55.69
CA HIS G 490 -17.78 58.89 54.48
C HIS G 490 -18.31 59.57 53.23
N ILE G 491 -17.41 59.97 52.34
CA ILE G 491 -17.78 60.64 51.11
C ILE G 491 -17.61 59.75 49.88
N ASP G 492 -18.71 59.33 49.28
CA ASP G 492 -18.68 58.45 48.12
C ASP G 492 -18.62 59.25 46.81
N ILE G 493 -17.47 59.19 46.15
CA ILE G 493 -17.24 59.99 44.95
C ILE G 493 -17.11 59.12 43.70
N ALA G 494 -17.73 57.95 43.73
CA ALA G 494 -17.67 57.04 42.58
C ALA G 494 -18.35 57.66 41.36
N GLY G 495 -19.44 58.37 41.59
CA GLY G 495 -20.20 58.97 40.51
C GLY G 495 -19.69 60.30 40.00
N VAL G 496 -19.12 61.11 40.89
CA VAL G 496 -18.76 62.48 40.56
C VAL G 496 -17.30 62.66 40.17
N SER G 497 -16.49 61.63 40.43
CA SER G 497 -15.04 61.75 40.27
C SER G 497 -14.62 62.01 38.83
N TRP G 498 -15.28 61.34 37.89
CA TRP G 498 -14.91 61.43 36.48
C TRP G 498 -15.89 62.28 35.68
N ASN G 499 -15.35 63.23 34.93
CA ASN G 499 -16.15 64.06 34.03
C ASN G 499 -16.32 63.37 32.67
N PHE G 500 -17.44 62.67 32.51
CA PHE G 500 -17.67 61.85 31.33
C PHE G 500 -17.78 62.68 30.05
N LYS G 501 -18.33 63.88 30.16
CA LYS G 501 -18.50 64.73 28.98
C LYS G 501 -17.16 65.25 28.49
N ALA G 502 -16.31 65.69 29.42
CA ALA G 502 -15.01 66.24 29.07
C ALA G 502 -13.94 65.16 28.96
N ARG G 503 -14.32 63.92 29.30
CA ARG G 503 -13.41 62.77 29.23
C ARG G 503 -12.16 62.98 30.08
N LYS G 504 -12.33 63.52 31.28
CA LYS G 504 -11.19 63.76 32.17
C LYS G 504 -11.63 63.77 33.64
N PRO G 505 -10.66 63.71 34.57
CA PRO G 505 -10.98 63.72 36.00
C PRO G 505 -11.42 65.09 36.48
N LYS G 506 -12.16 65.14 37.58
CA LYS G 506 -12.58 66.40 38.18
C LYS G 506 -11.65 66.84 39.29
N GLY G 507 -10.94 65.88 39.88
CA GLY G 507 -10.14 66.14 41.06
C GLY G 507 -11.04 66.47 42.23
N PHE G 508 -12.19 65.79 42.29
CA PHE G 508 -13.20 66.10 43.30
C PHE G 508 -12.73 65.70 44.69
N GLY G 509 -13.00 66.57 45.67
CA GLY G 509 -12.69 66.27 47.06
C GLY G 509 -11.55 67.06 47.64
N VAL G 510 -10.59 67.45 46.79
CA VAL G 510 -9.39 68.15 47.25
C VAL G 510 -9.75 69.45 47.96
N ARG G 511 -10.52 70.29 47.29
CA ARG G 511 -10.93 71.58 47.82
C ARG G 511 -11.92 71.41 48.97
N LEU G 512 -12.77 70.40 48.86
CA LEU G 512 -13.74 70.07 49.91
C LEU G 512 -13.05 69.71 51.22
N LEU G 513 -12.06 68.82 51.13
CA LEU G 513 -11.34 68.35 52.31
C LEU G 513 -10.47 69.44 52.93
N THR G 514 -9.87 70.27 52.09
CA THR G 514 -8.99 71.33 52.57
C THR G 514 -9.74 72.42 53.30
N GLU G 515 -10.90 72.82 52.76
CA GLU G 515 -11.75 73.80 53.44
C GLU G 515 -12.22 73.27 54.78
N PHE G 516 -12.43 71.96 54.84
CA PHE G 516 -12.80 71.31 56.08
C PHE G 516 -11.70 71.42 57.14
N VAL G 517 -10.46 71.24 56.69
CA VAL G 517 -9.31 71.27 57.59
C VAL G 517 -8.98 72.69 58.04
N LEU G 518 -9.06 73.65 57.11
CA LEU G 518 -8.71 75.03 57.40
C LEU G 518 -9.72 75.72 58.32
N ASN G 519 -11.01 75.51 58.04
CA ASN G 519 -12.05 76.20 58.80
C ASN G 519 -12.27 75.54 60.15
N ASP G 520 -11.77 74.32 60.28
CA ASP G 520 -11.75 73.61 61.56
C ASP G 520 -10.56 74.08 62.38
N SER H 3 2.43 18.40 50.70
CA SER H 3 2.04 18.48 52.10
C SER H 3 2.08 19.93 52.61
N GLU H 4 3.04 20.70 52.10
CA GLU H 4 3.18 22.09 52.51
C GLU H 4 2.27 22.98 51.66
N VAL H 5 1.43 23.76 52.32
CA VAL H 5 0.48 24.62 51.61
C VAL H 5 1.14 25.93 51.18
N PRO H 6 1.17 26.17 49.86
CA PRO H 6 1.77 27.42 49.36
C PRO H 6 0.98 28.65 49.81
N GLN H 7 1.69 29.75 50.04
CA GLN H 7 1.07 30.99 50.48
C GLN H 7 1.50 32.14 49.59
N VAL H 8 0.62 33.12 49.41
CA VAL H 8 1.00 34.36 48.73
C VAL H 8 1.45 35.37 49.79
N VAL H 9 0.67 35.47 50.87
CA VAL H 9 1.03 36.24 52.04
C VAL H 9 0.98 35.37 53.29
N SER H 10 1.59 35.83 54.37
CA SER H 10 1.67 35.05 55.60
C SER H 10 0.31 34.89 56.28
N LEU H 11 -0.67 35.70 55.89
CA LEU H 11 -2.00 35.66 56.50
C LEU H 11 -2.88 34.61 55.83
N ASP H 12 -2.39 34.05 54.73
CA ASP H 12 -3.11 32.97 54.06
C ASP H 12 -3.06 31.71 54.93
N PRO H 13 -4.23 31.13 55.22
CA PRO H 13 -4.31 29.92 56.06
C PRO H 13 -3.64 28.71 55.42
N THR H 14 -3.07 27.83 56.24
CA THR H 14 -2.32 26.68 55.74
C THR H 14 -2.95 25.35 56.15
N SER H 15 -4.11 25.40 56.79
CA SER H 15 -4.84 24.19 57.15
C SER H 15 -6.32 24.48 57.31
N ILE H 16 -7.15 23.47 57.06
CA ILE H 16 -8.59 23.59 57.28
C ILE H 16 -8.92 23.31 58.73
N PRO H 17 -9.47 24.31 59.44
CA PRO H 17 -9.89 24.05 60.82
C PRO H 17 -10.99 23.00 60.84
N ILE H 18 -10.82 21.97 61.65
CA ILE H 18 -11.80 20.89 61.73
C ILE H 18 -12.14 20.61 63.18
N GLU H 19 -13.43 20.68 63.51
CA GLU H 19 -13.89 20.36 64.84
C GLU H 19 -14.35 18.91 64.87
N TYR H 20 -13.57 18.08 65.56
CA TYR H 20 -13.86 16.65 65.63
C TYR H 20 -14.81 16.36 66.78
N ASN H 21 -14.50 16.94 67.93
CA ASN H 21 -15.38 16.82 69.10
C ASN H 21 -16.38 17.96 69.15
N THR H 22 -17.55 17.73 68.57
CA THR H 22 -18.62 18.72 68.62
C THR H 22 -19.34 18.52 69.94
N PRO H 23 -20.04 19.57 70.40
CA PRO H 23 -20.82 19.49 71.64
C PRO H 23 -21.84 18.35 71.61
N ILE H 24 -22.18 17.90 70.40
CA ILE H 24 -23.11 16.80 70.23
C ILE H 24 -22.58 15.49 70.80
N HIS H 25 -21.29 15.23 70.63
CA HIS H 25 -20.70 14.00 71.12
C HIS H 25 -20.67 13.95 72.65
N ASP H 26 -20.84 15.11 73.27
CA ASP H 26 -20.81 15.20 74.72
C ASP H 26 -22.20 14.95 75.29
N ILE H 27 -23.17 14.82 74.39
CA ILE H 27 -24.55 14.56 74.78
C ILE H 27 -24.74 13.09 75.13
N LYS H 28 -25.14 12.80 76.36
CA LYS H 28 -25.39 11.42 76.76
C LYS H 28 -26.80 10.99 76.37
N VAL H 29 -26.89 10.01 75.47
CA VAL H 29 -28.19 9.58 74.96
C VAL H 29 -28.65 8.26 75.57
N GLN H 30 -29.82 8.28 76.19
CA GLN H 30 -30.39 7.06 76.72
C GLN H 30 -31.83 6.86 76.26
N VAL H 31 -32.14 5.67 75.76
CA VAL H 31 -33.45 5.36 75.24
C VAL H 31 -34.22 4.42 76.17
N TYR H 32 -35.41 4.86 76.57
CA TYR H 32 -36.25 4.07 77.46
C TYR H 32 -37.53 3.64 76.76
N ASP H 33 -38.12 2.54 77.20
CA ASP H 33 -39.41 2.16 76.65
C ASP H 33 -40.45 2.85 77.50
N ILE H 34 -41.38 3.54 76.83
CA ILE H 34 -42.35 4.35 77.55
C ILE H 34 -43.36 3.52 78.30
N LYS H 35 -43.53 2.26 77.87
CA LYS H 35 -44.47 1.35 78.53
C LYS H 35 -44.01 0.99 79.94
N GLY H 36 -43.29 1.93 80.55
CA GLY H 36 -42.75 1.83 81.89
C GLY H 36 -42.95 3.18 82.54
N GLY H 37 -43.56 4.10 81.79
CA GLY H 37 -43.88 5.43 82.27
C GLY H 37 -42.82 6.48 81.99
N CYS H 38 -43.24 7.74 81.90
CA CYS H 38 -42.31 8.83 81.65
C CYS H 38 -42.02 9.66 82.90
N ASN H 39 -40.73 9.98 83.08
CA ASN H 39 -40.26 10.88 84.13
C ASN H 39 -39.83 12.22 83.54
N VAL H 40 -40.40 13.31 84.05
CA VAL H 40 -40.09 14.63 83.50
C VAL H 40 -38.98 15.31 84.31
N GLU H 41 -39.14 15.38 85.62
CA GLU H 41 -38.19 16.03 86.51
C GLU H 41 -37.65 17.35 85.95
N GLU H 42 -36.35 17.38 85.65
CA GLU H 42 -35.69 18.58 85.15
C GLU H 42 -35.76 18.76 83.62
N GLY H 43 -35.36 19.96 83.19
CA GLY H 43 -35.16 20.28 81.79
C GLY H 43 -36.41 20.32 80.93
N LEU H 44 -36.24 20.04 79.64
CA LEU H 44 -37.36 20.11 78.70
C LEU H 44 -37.81 18.73 78.25
N THR H 45 -39.11 18.51 78.33
CA THR H 45 -39.71 17.27 77.85
C THR H 45 -40.68 17.58 76.72
N ILE H 46 -40.38 17.06 75.53
CA ILE H 46 -41.20 17.35 74.36
C ILE H 46 -41.86 16.09 73.84
N PHE H 47 -43.18 16.17 73.65
CA PHE H 47 -43.92 15.04 73.11
C PHE H 47 -44.10 15.19 71.61
N LEU H 48 -43.68 14.19 70.86
CA LEU H 48 -43.93 14.18 69.43
C LEU H 48 -45.28 13.53 69.22
N VAL H 49 -46.28 14.35 68.90
CA VAL H 49 -47.65 13.87 68.85
C VAL H 49 -48.29 14.11 67.49
N ASN H 50 -49.08 13.14 67.06
CA ASN H 50 -49.85 13.25 65.83
C ASN H 50 -51.31 12.98 66.09
N ASN H 51 -52.14 13.17 65.06
CA ASN H 51 -53.55 12.85 65.18
C ASN H 51 -54.10 12.37 63.84
N PRO H 52 -54.04 11.05 63.60
CA PRO H 52 -54.52 10.46 62.35
C PRO H 52 -55.96 10.87 62.02
N GLY H 53 -56.18 11.23 60.77
CA GLY H 53 -57.50 11.63 60.29
C GLY H 53 -57.79 13.13 60.36
N LYS H 54 -57.88 13.68 61.56
CA LYS H 54 -58.18 15.10 61.68
C LYS H 54 -56.99 15.92 61.20
N GLU H 55 -57.24 16.96 60.42
CA GLU H 55 -56.16 17.77 59.87
C GLU H 55 -55.37 18.47 60.97
N ASN H 56 -55.95 19.52 61.52
CA ASN H 56 -55.33 20.33 62.56
C ASN H 56 -56.02 20.06 63.89
N GLY H 57 -56.27 18.78 64.16
CA GLY H 57 -57.01 18.37 65.33
C GLY H 57 -56.26 18.55 66.63
N PRO H 58 -56.90 18.20 67.74
CA PRO H 58 -56.37 18.43 69.10
C PRO H 58 -55.17 17.57 69.47
N VAL H 59 -54.44 18.02 70.49
CA VAL H 59 -53.27 17.29 70.99
C VAL H 59 -53.68 16.36 72.12
N LYS H 60 -53.34 15.08 72.00
CA LYS H 60 -53.61 14.12 73.06
C LYS H 60 -52.36 13.31 73.43
N ILE H 61 -51.91 13.45 74.67
CA ILE H 61 -50.75 12.69 75.13
C ILE H 61 -51.24 11.34 75.63
N SER H 62 -50.94 10.30 74.86
CA SER H 62 -51.41 8.95 75.14
C SER H 62 -50.56 8.30 76.23
N SER H 63 -49.27 8.60 76.18
CA SER H 63 -48.27 7.98 77.03
C SER H 63 -48.53 8.22 78.51
N LYS H 64 -48.23 7.22 79.34
CA LYS H 64 -48.35 7.36 80.78
C LYS H 64 -47.19 8.14 81.36
N VAL H 65 -47.52 9.16 82.16
CA VAL H 65 -46.51 10.00 82.79
C VAL H 65 -46.44 9.73 84.29
N ASN H 66 -45.23 9.45 84.78
CA ASN H 66 -45.03 9.08 86.18
C ASN H 66 -44.96 10.30 87.10
N ASP H 67 -46.01 11.11 87.07
CA ASP H 67 -46.11 12.29 87.93
C ASP H 67 -47.56 12.75 88.00
N LYS H 68 -48.10 12.83 89.21
CA LYS H 68 -49.51 13.13 89.40
C LYS H 68 -49.85 14.56 88.96
N GLN H 69 -48.94 15.49 89.23
CA GLN H 69 -49.18 16.89 88.92
C GLN H 69 -49.03 17.16 87.42
N VAL H 70 -48.08 16.47 86.79
CA VAL H 70 -47.83 16.63 85.36
C VAL H 70 -48.90 15.91 84.54
N SER H 71 -49.38 14.77 85.04
CA SER H 71 -50.42 14.01 84.35
C SER H 71 -51.74 14.78 84.27
N GLU H 72 -52.07 15.47 85.36
CA GLU H 72 -53.28 16.30 85.40
C GLU H 72 -53.17 17.46 84.43
N PHE H 73 -51.98 18.04 84.35
CA PHE H 73 -51.71 19.15 83.46
C PHE H 73 -51.85 18.67 82.01
N LEU H 74 -51.32 17.47 81.74
CA LEU H 74 -51.28 16.93 80.39
C LEU H 74 -52.55 16.17 80.03
N LYS H 75 -53.61 16.37 80.79
CA LYS H 75 -54.87 15.66 80.51
C LYS H 75 -55.46 16.05 79.16
N ASP H 76 -56.66 15.58 78.88
CA ASP H 76 -57.28 15.81 77.59
C ASP H 76 -57.95 17.18 77.50
N GLU H 77 -58.62 17.56 78.58
CA GLU H 77 -59.35 18.82 78.64
C GLU H 77 -58.44 20.03 78.51
N ASN H 78 -57.18 19.86 78.92
CA ASN H 78 -56.22 20.95 78.87
C ASN H 78 -55.49 21.04 77.54
N MET H 79 -55.31 19.89 76.90
CA MET H 79 -54.53 19.81 75.66
C MET H 79 -55.36 20.08 74.40
N GLU H 80 -56.68 20.10 74.54
CA GLU H 80 -57.57 20.25 73.39
C GLU H 80 -57.41 21.59 72.66
N LYS H 81 -56.95 22.60 73.38
CA LYS H 81 -56.78 23.94 72.81
C LYS H 81 -55.61 23.99 71.83
N PHE H 82 -54.78 22.95 71.84
CA PHE H 82 -53.60 22.89 70.98
C PHE H 82 -53.79 21.90 69.83
N ASN H 83 -53.16 22.20 68.70
CA ASN H 83 -53.29 21.35 67.51
C ASN H 83 -51.98 20.66 67.14
N VAL H 84 -52.09 19.63 66.31
CA VAL H 84 -50.92 18.83 65.92
C VAL H 84 -50.45 19.16 64.51
N LYS H 85 -50.73 20.39 64.06
CA LYS H 85 -50.29 20.83 62.75
C LYS H 85 -48.78 20.65 62.60
N LEU H 86 -48.37 20.06 61.49
CA LEU H 86 -46.97 19.71 61.25
C LEU H 86 -46.06 20.91 61.43
N GLY H 87 -45.21 20.87 62.45
CA GLY H 87 -44.29 21.96 62.73
C GLY H 87 -44.68 22.76 63.97
N THR H 88 -45.92 22.58 64.42
CA THR H 88 -46.41 23.27 65.60
C THR H 88 -45.68 22.86 66.87
N SER H 89 -45.40 23.84 67.72
CA SER H 89 -44.73 23.60 69.00
C SER H 89 -45.30 24.50 70.08
N LYS H 90 -45.25 24.03 71.32
CA LYS H 90 -45.71 24.79 72.48
C LYS H 90 -44.88 24.50 73.72
N HIS H 91 -44.73 25.48 74.59
CA HIS H 91 -44.00 25.29 75.84
C HIS H 91 -44.93 25.47 77.03
N PHE H 92 -44.79 24.60 78.03
CA PHE H 92 -45.65 24.63 79.21
C PHE H 92 -44.85 24.78 80.49
N TYR H 93 -45.41 25.47 81.48
CA TYR H 93 -44.77 25.62 82.79
C TYR H 93 -45.63 25.05 83.91
N MET H 94 -45.03 24.27 84.80
CA MET H 94 -45.79 23.68 85.90
C MET H 94 -44.89 23.18 87.03
N PHE H 95 -45.49 22.92 88.18
CA PHE H 95 -44.78 22.26 89.27
C PHE H 95 -45.17 20.79 89.32
N ASN H 96 -44.17 19.93 89.49
CA ASN H 96 -44.42 18.50 89.62
C ASN H 96 -44.60 18.08 91.08
N ASP H 97 -44.59 16.78 91.33
CA ASP H 97 -44.82 16.25 92.68
C ASP H 97 -43.83 16.77 93.71
N ASN H 98 -42.61 17.06 93.27
CA ASN H 98 -41.58 17.57 94.18
C ASN H 98 -41.74 19.06 94.40
N LYS H 99 -42.53 19.69 93.55
CA LYS H 99 -42.75 21.14 93.57
C LYS H 99 -41.54 21.81 92.93
N ASN H 100 -41.11 21.23 91.83
CA ASN H 100 -40.01 21.74 91.02
C ASN H 100 -40.49 22.28 89.69
N SER H 101 -39.86 23.36 89.24
CA SER H 101 -40.21 23.98 87.98
C SER H 101 -39.78 23.08 86.82
N VAL H 102 -40.75 22.47 86.15
CA VAL H 102 -40.47 21.62 85.01
C VAL H 102 -40.93 22.29 83.72
N ALA H 103 -40.30 21.91 82.62
CA ALA H 103 -40.70 22.44 81.33
C ALA H 103 -41.27 21.34 80.44
N VAL H 104 -42.46 21.57 79.92
CA VAL H 104 -43.15 20.60 79.09
C VAL H 104 -43.67 21.24 77.82
N GLY H 105 -43.76 20.45 76.76
CA GLY H 105 -44.28 20.95 75.50
C GLY H 105 -44.51 19.83 74.50
N TYR H 106 -44.83 20.21 73.27
CA TYR H 106 -45.09 19.22 72.23
C TYR H 106 -44.74 19.76 70.85
N VAL H 107 -44.58 18.84 69.89
CA VAL H 107 -44.39 19.20 68.50
C VAL H 107 -45.37 18.43 67.63
N GLY H 108 -46.11 19.16 66.79
CA GLY H 108 -47.09 18.55 65.91
C GLY H 108 -46.47 17.71 64.82
N CYS H 109 -46.96 16.49 64.64
CA CYS H 109 -46.42 15.58 63.64
C CYS H 109 -47.45 15.28 62.56
N GLY H 110 -48.40 16.20 62.40
CA GLY H 110 -49.38 16.10 61.34
C GLY H 110 -50.42 15.04 61.63
N SER H 111 -51.17 14.68 60.60
CA SER H 111 -52.27 13.73 60.77
C SER H 111 -52.15 12.44 59.97
N VAL H 112 -51.26 12.40 58.99
CA VAL H 112 -51.09 11.18 58.23
C VAL H 112 -50.07 10.30 58.94
N ALA H 113 -50.37 9.00 59.01
CA ALA H 113 -49.47 8.07 59.67
C ALA H 113 -48.22 7.92 58.81
N ASP H 114 -47.12 7.52 59.43
CA ASP H 114 -45.87 7.33 58.72
C ASP H 114 -45.40 8.68 58.16
N LEU H 115 -44.75 9.47 59.01
CA LEU H 115 -44.22 10.77 58.60
C LEU H 115 -43.08 10.57 57.60
N SER H 116 -43.01 11.44 56.61
CA SER H 116 -41.90 11.38 55.66
C SER H 116 -40.72 12.07 56.32
N GLU H 117 -39.72 12.47 55.54
CA GLU H 117 -38.53 13.09 56.12
C GLU H 117 -38.60 14.61 56.07
N ALA H 118 -39.16 15.17 54.99
CA ALA H 118 -39.39 16.60 54.93
C ALA H 118 -40.32 16.95 56.07
N ASP H 119 -41.25 16.04 56.34
CA ASP H 119 -42.13 16.16 57.51
C ASP H 119 -41.28 16.03 58.76
N MET H 120 -40.43 15.00 58.79
CA MET H 120 -39.55 14.73 59.93
C MET H 120 -38.51 15.82 60.15
N LYS H 121 -37.92 16.29 59.05
CA LYS H 121 -36.96 17.40 59.11
C LYS H 121 -37.66 18.64 59.66
N ARG H 122 -38.86 18.89 59.18
CA ARG H 122 -39.64 20.01 59.66
C ARG H 122 -40.00 19.82 61.15
N VAL H 123 -40.21 18.58 61.55
CA VAL H 123 -40.45 18.28 62.96
C VAL H 123 -39.20 18.60 63.77
N VAL H 124 -38.06 18.11 63.29
CA VAL H 124 -36.78 18.33 63.96
C VAL H 124 -36.40 19.81 64.03
N LEU H 125 -36.57 20.49 62.90
CA LEU H 125 -36.27 21.92 62.81
C LEU H 125 -37.03 22.71 63.87
N SER H 126 -38.31 22.38 64.01
CA SER H 126 -39.17 23.00 65.02
C SER H 126 -38.64 22.76 66.42
N LEU H 127 -38.11 21.57 66.64
CA LEU H 127 -37.57 21.18 67.94
C LEU H 127 -36.30 21.96 68.28
N VAL H 128 -35.44 22.15 67.28
CA VAL H 128 -34.17 22.85 67.50
C VAL H 128 -34.40 24.31 67.85
N THR H 129 -35.47 24.89 67.32
CA THR H 129 -35.84 26.27 67.61
C THR H 129 -36.14 26.42 69.10
N MET H 130 -36.74 25.37 69.67
CA MET H 130 -37.04 25.35 71.08
C MET H 130 -35.74 25.24 71.86
N LEU H 131 -34.75 24.61 71.22
CA LEU H 131 -33.41 24.42 71.79
C LEU H 131 -32.50 25.65 71.69
N HIS H 132 -32.65 26.43 70.62
CA HIS H 132 -31.77 27.57 70.37
C HIS H 132 -31.96 28.79 71.27
N ASP H 133 -33.19 29.05 71.68
CA ASP H 133 -33.44 30.21 72.52
C ASP H 133 -33.55 29.85 74.00
N ASN H 134 -33.10 28.65 74.36
CA ASN H 134 -33.20 28.19 75.74
C ASN H 134 -31.91 27.51 76.23
N LYS H 135 -31.48 27.93 77.41
CA LYS H 135 -30.25 27.42 78.03
C LYS H 135 -30.48 26.12 78.81
N LEU H 136 -30.98 25.10 78.12
CA LEU H 136 -31.34 23.85 78.79
C LEU H 136 -30.13 22.96 79.06
N SER H 137 -30.35 21.96 79.91
CA SER H 137 -29.29 21.03 80.33
C SER H 137 -29.69 19.62 79.90
N LYS H 138 -30.99 19.41 79.79
CA LYS H 138 -31.57 18.14 79.40
C LYS H 138 -32.74 18.31 78.45
N LEU H 139 -32.74 17.52 77.38
CA LEU H 139 -33.89 17.46 76.47
C LEU H 139 -34.47 16.06 76.53
N THR H 140 -35.78 15.97 76.72
CA THR H 140 -36.45 14.68 76.76
C THR H 140 -37.47 14.61 75.63
N VAL H 141 -37.30 13.64 74.75
CA VAL H 141 -38.20 13.49 73.61
C VAL H 141 -39.04 12.22 73.71
N VAL H 142 -40.36 12.38 73.65
CA VAL H 142 -41.29 11.27 73.73
C VAL H 142 -41.94 10.99 72.37
N PHE H 143 -41.75 9.78 71.85
CA PHE H 143 -42.29 9.42 70.55
C PHE H 143 -43.69 8.83 70.64
N GLU H 144 -44.70 9.68 70.45
CA GLU H 144 -46.08 9.23 70.39
C GLU H 144 -46.49 9.06 68.93
N ILE H 145 -45.50 8.80 68.09
CA ILE H 145 -45.73 8.46 66.70
C ILE H 145 -44.96 7.19 66.39
N ASN H 146 -45.32 6.52 65.28
CA ASN H 146 -44.63 5.31 64.89
C ASN H 146 -43.55 5.64 63.87
N VAL H 147 -42.33 5.22 64.15
CA VAL H 147 -41.21 5.50 63.26
C VAL H 147 -40.37 4.26 62.98
N ASP H 148 -39.94 4.13 61.73
CA ASP H 148 -39.06 3.04 61.35
C ASP H 148 -37.70 3.31 61.97
N LYS H 149 -36.86 2.27 62.01
CA LYS H 149 -35.52 2.38 62.59
C LYS H 149 -34.70 3.36 61.78
N ASN H 150 -34.87 3.29 60.47
CA ASN H 150 -34.16 4.17 59.57
C ASN H 150 -34.62 5.60 59.82
N LEU H 151 -35.94 5.76 60.01
CA LEU H 151 -36.51 7.07 60.25
C LEU H 151 -36.12 7.60 61.63
N PHE H 152 -36.03 6.71 62.61
CA PHE H 152 -35.59 7.10 63.94
C PHE H 152 -34.14 7.57 63.90
N ARG H 153 -33.30 6.78 63.25
CA ARG H 153 -31.89 7.13 63.10
C ARG H 153 -31.77 8.44 62.33
N PHE H 154 -32.63 8.61 61.33
CA PHE H 154 -32.67 9.85 60.57
C PHE H 154 -33.06 11.03 61.46
N PHE H 155 -33.95 10.77 62.40
CA PHE H 155 -34.35 11.79 63.37
C PHE H 155 -33.16 12.30 64.16
N LEU H 156 -32.36 11.36 64.68
CA LEU H 156 -31.20 11.71 65.48
C LEU H 156 -30.15 12.37 64.60
N GLU H 157 -29.92 11.81 63.42
CA GLU H 157 -29.01 12.39 62.45
C GLU H 157 -29.34 13.85 62.18
N THR H 158 -30.61 14.09 61.87
CA THR H 158 -31.09 15.42 61.53
C THR H 158 -31.13 16.35 62.75
N LEU H 159 -31.52 15.80 63.89
CA LEU H 159 -31.53 16.58 65.13
C LEU H 159 -30.13 17.08 65.46
N PHE H 160 -29.16 16.19 65.45
CA PHE H 160 -27.78 16.53 65.75
C PHE H 160 -27.22 17.55 64.77
N TYR H 161 -27.46 17.32 63.48
CA TYR H 161 -26.90 18.16 62.43
C TYR H 161 -27.44 19.58 62.49
N GLU H 162 -28.74 19.71 62.76
CA GLU H 162 -29.37 21.02 62.82
C GLU H 162 -29.06 21.70 64.14
N TYR H 163 -28.91 20.92 65.20
CA TYR H 163 -28.60 21.44 66.52
C TYR H 163 -27.21 22.09 66.51
N MET H 164 -26.26 21.40 65.88
CA MET H 164 -24.87 21.84 65.86
C MET H 164 -24.65 23.12 65.06
N THR H 165 -23.86 24.03 65.62
CA THR H 165 -23.55 25.30 64.95
C THR H 165 -22.06 25.42 64.64
N ASP H 166 -21.74 25.84 63.42
CA ASP H 166 -20.35 25.98 62.99
C ASP H 166 -19.86 27.39 63.26
N GLU H 167 -18.93 27.51 64.21
CA GLU H 167 -18.40 28.82 64.60
C GLU H 167 -16.90 28.89 64.38
N ARG H 168 -16.40 28.06 63.47
CA ARG H 168 -14.97 28.01 63.17
C ARG H 168 -14.42 29.33 62.65
N PHE H 169 -15.25 30.09 61.93
CA PHE H 169 -14.79 31.32 61.31
C PHE H 169 -15.37 32.58 61.95
N LYS H 170 -16.02 32.42 63.10
CA LYS H 170 -16.47 33.57 63.89
C LYS H 170 -15.43 33.96 64.93
N SER H 171 -15.09 35.24 65.00
CA SER H 171 -14.29 35.72 66.12
C SER H 171 -15.14 36.57 67.07
N THR H 172 -15.90 37.51 66.51
CA THR H 172 -16.41 38.64 67.27
C THR H 172 -17.93 38.54 67.43
N TYR H 180 -25.40 24.34 74.68
CA TYR H 180 -25.84 23.00 74.30
C TYR H 180 -26.22 22.14 75.50
N ILE H 181 -27.18 21.24 75.27
CA ILE H 181 -27.59 20.26 76.27
C ILE H 181 -26.49 19.26 76.57
N LYS H 182 -26.59 18.60 77.73
CA LYS H 182 -25.61 17.59 78.12
C LYS H 182 -26.26 16.21 78.15
N HIS H 183 -27.59 16.20 78.13
CA HIS H 183 -28.36 14.96 78.19
C HIS H 183 -29.51 14.97 77.18
N LEU H 184 -29.71 13.83 76.53
CA LEU H 184 -30.84 13.66 75.60
C LEU H 184 -31.65 12.45 76.03
N GLY H 185 -32.88 12.68 76.48
CA GLY H 185 -33.74 11.60 76.87
C GLY H 185 -34.74 11.25 75.78
N VAL H 186 -34.85 9.96 75.49
CA VAL H 186 -35.77 9.49 74.47
C VAL H 186 -36.71 8.40 75.00
N TYR H 187 -38.00 8.65 74.95
CA TYR H 187 -39.01 7.67 75.33
C TYR H 187 -39.68 7.15 74.07
N ILE H 188 -39.51 5.86 73.78
CA ILE H 188 -40.07 5.29 72.57
C ILE H 188 -40.49 3.83 72.73
N ASN H 189 -41.42 3.41 71.88
CA ASN H 189 -41.85 2.03 71.85
C ASN H 189 -40.80 1.20 71.15
N ASN H 190 -40.58 0.00 71.66
CA ASN H 190 -39.56 -0.89 71.11
C ASN H 190 -38.21 -0.22 71.29
N ALA H 191 -37.96 0.27 72.51
CA ALA H 191 -36.75 1.03 72.82
C ALA H 191 -35.48 0.22 72.59
N ASP H 192 -35.57 -1.08 72.86
CA ASP H 192 -34.38 -1.93 72.83
C ASP H 192 -33.82 -2.21 71.42
N THR H 193 -34.64 -2.09 70.38
CA THR H 193 -34.15 -2.28 69.01
C THR H 193 -33.64 -0.97 68.41
N TYR H 194 -34.11 0.14 68.95
CA TYR H 194 -33.73 1.44 68.42
C TYR H 194 -32.42 1.89 69.04
N LYS H 195 -32.02 1.25 70.13
CA LYS H 195 -30.78 1.60 70.81
C LYS H 195 -29.59 1.41 69.87
N GLU H 196 -29.67 0.41 68.99
CA GLU H 196 -28.58 0.12 68.07
C GLU H 196 -28.39 1.26 67.08
N GLU H 197 -29.45 2.04 66.87
CA GLU H 197 -29.41 3.13 65.90
C GLU H 197 -28.85 4.41 66.52
N VAL H 198 -28.73 4.43 67.85
CA VAL H 198 -28.32 5.63 68.56
C VAL H 198 -26.90 6.04 68.20
N GLU H 199 -25.95 5.12 68.34
CA GLU H 199 -24.55 5.42 68.08
C GLU H 199 -24.25 5.40 66.59
N LYS H 200 -25.05 4.66 65.83
CA LYS H 200 -24.92 4.66 64.37
C LYS H 200 -25.28 6.04 63.82
N ALA H 201 -26.31 6.65 64.41
CA ALA H 201 -26.74 7.99 64.02
C ALA H 201 -25.65 9.01 64.32
N ARG H 202 -25.03 8.86 65.48
CA ARG H 202 -23.96 9.75 65.90
C ARG H 202 -22.79 9.67 64.92
N VAL H 203 -22.54 8.48 64.40
CA VAL H 203 -21.50 8.28 63.40
C VAL H 203 -21.87 8.94 62.09
N TYR H 204 -23.08 8.65 61.62
CA TYR H 204 -23.61 9.25 60.40
C TYR H 204 -23.65 10.76 60.52
N TYR H 205 -23.98 11.25 61.71
CA TYR H 205 -24.01 12.68 61.98
C TYR H 205 -22.67 13.33 61.65
N PHE H 206 -21.59 12.80 62.23
CA PHE H 206 -20.30 13.44 62.06
C PHE H 206 -19.76 13.26 60.63
N GLY H 207 -20.01 12.09 60.04
CA GLY H 207 -19.64 11.85 58.66
C GLY H 207 -20.23 12.94 57.78
N THR H 208 -21.50 13.26 58.04
CA THR H 208 -22.19 14.33 57.34
C THR H 208 -21.63 15.69 57.72
N TYR H 209 -21.50 15.93 59.03
CA TYR H 209 -21.01 17.22 59.53
C TYR H 209 -19.56 17.45 59.14
N TYR H 210 -18.77 16.38 59.08
CA TYR H 210 -17.40 16.49 58.62
C TYR H 210 -17.33 16.97 57.18
N ALA H 211 -18.08 16.31 56.32
CA ALA H 211 -18.17 16.71 54.92
C ALA H 211 -18.72 18.12 54.82
N SER H 212 -19.69 18.41 55.69
CA SER H 212 -20.32 19.73 55.74
C SER H 212 -19.29 20.81 56.09
N GLN H 213 -18.44 20.51 57.07
CA GLN H 213 -17.39 21.44 57.49
C GLN H 213 -16.42 21.76 56.36
N LEU H 214 -16.07 20.74 55.58
CA LEU H 214 -15.13 20.91 54.47
C LEU H 214 -15.72 21.82 53.41
N ILE H 215 -17.00 21.63 53.12
CA ILE H 215 -17.68 22.42 52.11
C ILE H 215 -17.83 23.87 52.56
N ALA H 216 -18.23 24.06 53.82
CA ALA H 216 -18.43 25.41 54.36
C ALA H 216 -17.12 26.20 54.42
N ALA H 217 -16.01 25.50 54.65
CA ALA H 217 -14.72 26.16 54.68
C ALA H 217 -14.42 26.83 53.34
N PRO H 218 -14.06 28.12 53.37
CA PRO H 218 -13.76 28.88 52.16
C PRO H 218 -12.59 28.32 51.37
N SER H 219 -12.43 28.77 50.13
CA SER H 219 -11.45 28.19 49.22
C SER H 219 -10.02 28.61 49.57
N ASN H 220 -9.88 29.67 50.36
CA ASN H 220 -8.56 30.06 50.82
C ASN H 220 -8.10 29.15 51.96
N TYR H 221 -9.08 28.59 52.68
CA TYR H 221 -8.80 27.60 53.70
C TYR H 221 -8.71 26.19 53.13
N CYS H 222 -9.72 25.79 52.38
CA CYS H 222 -9.74 24.46 51.78
C CYS H 222 -9.23 24.49 50.34
N ASN H 223 -7.96 24.15 50.17
CA ASN H 223 -7.36 24.03 48.85
C ASN H 223 -6.86 22.62 48.61
N PRO H 224 -6.39 22.32 47.38
CA PRO H 224 -5.92 20.98 47.02
C PRO H 224 -4.88 20.41 47.98
N VAL H 225 -4.02 21.26 48.51
CA VAL H 225 -2.99 20.80 49.44
C VAL H 225 -3.56 20.57 50.83
N SER H 226 -4.26 21.57 51.36
CA SER H 226 -4.81 21.50 52.70
C SER H 226 -5.89 20.43 52.81
N LEU H 227 -6.61 20.20 51.73
CA LEU H 227 -7.67 19.20 51.71
C LEU H 227 -7.07 17.81 51.73
N SER H 228 -6.02 17.61 50.93
CA SER H 228 -5.32 16.33 50.92
C SER H 228 -4.64 16.07 52.25
N ASN H 229 -4.10 17.11 52.88
CA ASN H 229 -3.54 16.99 54.22
C ASN H 229 -4.59 16.58 55.22
N ALA H 230 -5.77 17.17 55.11
CA ALA H 230 -6.88 16.87 56.00
C ALA H 230 -7.35 15.44 55.82
N ALA H 231 -7.29 14.97 54.57
CA ALA H 231 -7.67 13.60 54.23
C ALA H 231 -6.70 12.61 54.85
N VAL H 232 -5.41 12.95 54.80
CA VAL H 232 -4.38 12.13 55.41
C VAL H 232 -4.60 12.03 56.92
N GLU H 233 -4.90 13.16 57.55
CA GLU H 233 -5.16 13.21 58.99
C GLU H 233 -6.35 12.35 59.36
N LEU H 234 -7.36 12.35 58.49
CA LEU H 234 -8.57 11.56 58.71
C LEU H 234 -8.22 10.08 58.61
N ALA H 235 -7.41 9.74 57.61
CA ALA H 235 -6.98 8.36 57.42
C ALA H 235 -6.11 7.91 58.60
N GLN H 236 -5.27 8.81 59.09
CA GLN H 236 -4.41 8.52 60.23
C GLN H 236 -5.19 8.36 61.53
N LYS H 237 -6.20 9.20 61.74
CA LYS H 237 -7.01 9.12 62.95
C LYS H 237 -7.85 7.85 62.86
N LEU H 238 -8.07 7.40 61.62
CA LEU H 238 -8.75 6.14 61.38
C LEU H 238 -7.63 5.13 61.24
N ASN H 239 -7.92 3.97 60.67
CA ASN H 239 -6.87 2.97 60.49
C ASN H 239 -6.82 2.53 59.04
N LEU H 240 -6.90 3.51 58.14
CA LEU H 240 -6.92 3.27 56.70
C LEU H 240 -5.58 3.48 56.00
N GLU H 241 -5.29 2.60 55.04
CA GLU H 241 -4.15 2.79 54.15
C GLU H 241 -4.37 4.04 53.30
N TYR H 242 -3.39 4.93 53.24
CA TYR H 242 -3.55 6.13 52.44
C TYR H 242 -2.31 6.42 51.59
N LYS H 243 -2.52 7.06 50.46
CA LYS H 243 -1.42 7.52 49.60
C LYS H 243 -1.92 8.69 48.76
N ILE H 244 -1.19 9.80 48.83
CA ILE H 244 -1.54 11.02 48.11
C ILE H 244 -0.60 11.23 46.94
N LEU H 245 -1.13 11.14 45.73
CA LEU H 245 -0.32 11.30 44.53
C LEU H 245 -0.08 12.78 44.23
N GLY H 246 1.18 13.13 43.97
CA GLY H 246 1.54 14.50 43.64
C GLY H 246 1.69 14.63 42.14
N VAL H 247 2.08 15.82 41.68
CA VAL H 247 2.14 16.12 40.26
C VAL H 247 3.06 15.15 39.52
N LYS H 248 4.20 14.84 40.11
CA LYS H 248 5.18 13.97 39.47
C LYS H 248 4.64 12.55 39.26
N GLU H 249 3.92 12.03 40.25
CA GLU H 249 3.39 10.67 40.13
C GLU H 249 2.26 10.66 39.12
N LEU H 250 1.52 11.76 39.06
CA LEU H 250 0.41 11.89 38.15
C LEU H 250 0.86 12.04 36.70
N GLU H 251 2.00 12.70 36.50
CA GLU H 251 2.59 12.83 35.16
C GLU H 251 3.05 11.47 34.64
N GLU H 252 3.55 10.63 35.53
CA GLU H 252 4.05 9.32 35.15
C GLU H 252 2.88 8.39 34.85
N LEU H 253 1.73 8.69 35.47
CA LEU H 253 0.49 7.95 35.20
C LEU H 253 -0.24 8.57 34.02
N LYS H 254 0.29 9.69 33.52
CA LYS H 254 -0.19 10.31 32.29
C LYS H 254 -1.63 10.84 32.38
N MET H 255 -2.00 11.35 33.55
CA MET H 255 -3.32 11.93 33.74
C MET H 255 -3.42 13.36 33.19
N GLY H 256 -3.47 13.47 31.86
CA GLY H 256 -3.41 14.75 31.20
C GLY H 256 -4.63 15.63 31.38
N ALA H 257 -5.79 15.01 31.51
CA ALA H 257 -7.03 15.75 31.74
C ALA H 257 -7.02 16.40 33.12
N TYR H 258 -6.76 15.59 34.14
CA TYR H 258 -6.71 16.05 35.53
C TYR H 258 -5.69 17.16 35.74
N LEU H 259 -4.48 16.95 35.20
CA LEU H 259 -3.40 17.92 35.39
C LEU H 259 -3.70 19.24 34.67
N SER H 260 -4.38 19.15 33.53
CA SER H 260 -4.68 20.34 32.74
C SER H 260 -5.58 21.33 33.48
N VAL H 261 -6.52 20.81 34.27
CA VAL H 261 -7.44 21.66 35.02
C VAL H 261 -6.71 22.44 36.13
N GLY H 262 -5.80 21.77 36.82
CA GLY H 262 -5.10 22.37 37.93
C GLY H 262 -3.95 23.28 37.52
N LYS H 263 -3.66 23.31 36.23
CA LYS H 263 -2.52 24.05 35.69
C LYS H 263 -2.50 25.52 36.11
N GLY H 264 -3.66 26.16 36.08
CA GLY H 264 -3.75 27.59 36.37
C GLY H 264 -3.78 27.91 37.86
N SER H 265 -3.65 26.88 38.70
CA SER H 265 -3.76 27.06 40.14
C SER H 265 -2.37 27.18 40.80
N MET H 266 -2.30 27.92 41.89
CA MET H 266 -1.07 28.05 42.66
C MET H 266 -0.86 26.81 43.53
N TYR H 267 -1.93 26.03 43.67
CA TYR H 267 -1.86 24.81 44.47
C TYR H 267 -1.69 23.60 43.56
N PRO H 268 -0.61 22.84 43.78
CA PRO H 268 -0.35 21.64 42.99
C PRO H 268 -1.44 20.58 43.18
N ASN H 269 -1.69 19.79 42.15
CA ASN H 269 -2.69 18.72 42.22
C ASN H 269 -2.37 17.68 43.28
N LYS H 270 -3.41 17.20 43.96
CA LYS H 270 -3.25 16.17 44.97
C LYS H 270 -4.33 15.11 44.79
N PHE H 271 -3.92 13.90 44.42
CA PHE H 271 -4.87 12.81 44.22
C PHE H 271 -5.02 12.00 45.50
N ILE H 272 -6.21 12.07 46.09
CA ILE H 272 -6.47 11.39 47.35
C ILE H 272 -6.87 9.94 47.13
N HIS H 273 -6.20 9.03 47.83
CA HIS H 273 -6.49 7.60 47.73
C HIS H 273 -6.45 6.91 49.08
N LEU H 274 -7.60 6.85 49.75
CA LEU H 274 -7.74 6.11 50.99
C LEU H 274 -8.24 4.69 50.70
N THR H 275 -7.97 3.76 51.61
CA THR H 275 -8.41 2.37 51.43
C THR H 275 -8.85 1.72 52.73
N TYR H 276 -10.03 1.10 52.70
CA TYR H 276 -10.53 0.29 53.81
C TYR H 276 -10.57 -1.18 53.43
N LYS H 277 -9.82 -2.01 54.16
CA LYS H 277 -9.81 -3.44 53.90
C LYS H 277 -10.31 -4.24 55.11
N SER H 278 -11.51 -4.79 55.01
CA SER H 278 -12.06 -5.58 56.12
C SER H 278 -11.13 -6.75 56.41
N LYS H 279 -11.26 -7.34 57.60
CA LYS H 279 -10.26 -8.29 58.06
C LYS H 279 -10.46 -9.71 57.55
N GLY H 280 -11.68 -10.08 57.16
CA GLY H 280 -11.90 -11.43 56.69
C GLY H 280 -11.64 -11.56 55.20
N ASP H 281 -12.51 -12.29 54.51
CA ASP H 281 -12.35 -12.54 53.08
C ASP H 281 -13.09 -11.53 52.20
N VAL H 282 -12.36 -10.53 51.72
CA VAL H 282 -12.91 -9.54 50.79
C VAL H 282 -13.71 -10.15 49.64
N LYS H 283 -15.01 -9.85 49.58
CA LYS H 283 -15.85 -10.43 48.54
C LYS H 283 -16.36 -9.35 47.58
N LYS H 284 -16.42 -8.12 48.05
CA LYS H 284 -16.76 -7.00 47.18
C LYS H 284 -15.68 -5.93 47.25
N LYS H 285 -15.21 -5.47 46.10
CA LYS H 285 -14.25 -4.37 46.07
C LYS H 285 -14.89 -3.16 45.40
N ILE H 286 -14.91 -2.04 46.12
CA ILE H 286 -15.60 -0.85 45.66
C ILE H 286 -14.71 0.37 45.60
N ALA H 287 -14.83 1.15 44.53
CA ALA H 287 -14.10 2.39 44.38
C ALA H 287 -15.06 3.57 44.40
N LEU H 288 -14.91 4.44 45.39
CA LEU H 288 -15.73 5.63 45.52
C LEU H 288 -14.97 6.87 45.06
N VAL H 289 -15.42 7.47 43.96
CA VAL H 289 -14.79 8.65 43.40
C VAL H 289 -15.61 9.90 43.69
N GLY H 290 -14.94 10.94 44.16
CA GLY H 290 -15.61 12.19 44.46
C GLY H 290 -14.98 13.35 43.72
N LYS H 291 -15.80 14.26 43.22
CA LYS H 291 -15.29 15.44 42.54
C LYS H 291 -14.60 16.36 43.53
N GLY H 292 -13.37 16.75 43.23
CA GLY H 292 -12.58 17.52 44.17
C GLY H 292 -12.04 18.82 43.60
N ILE H 293 -12.95 19.70 43.18
CA ILE H 293 -12.56 21.03 42.76
C ILE H 293 -12.73 22.00 43.93
N THR H 294 -11.62 22.43 44.53
CA THR H 294 -11.68 23.24 45.75
C THR H 294 -12.29 24.61 45.49
N PHE H 295 -12.11 25.12 44.28
CA PHE H 295 -12.83 26.30 43.82
C PHE H 295 -12.97 26.28 42.31
N ASP H 296 -14.16 26.62 41.83
CA ASP H 296 -14.43 26.63 40.40
C ASP H 296 -14.76 28.02 39.90
N SER H 297 -13.73 28.72 39.42
CA SER H 297 -13.93 30.02 38.79
C SER H 297 -14.49 29.81 37.38
N GLY H 298 -14.26 28.62 36.83
CA GLY H 298 -14.67 28.31 35.48
C GLY H 298 -13.52 28.32 34.50
N GLY H 299 -12.37 28.81 34.94
CA GLY H 299 -11.22 28.96 34.07
C GLY H 299 -11.45 30.11 33.10
N TYR H 300 -10.89 30.02 31.90
CA TYR H 300 -11.07 31.08 30.91
C TYR H 300 -12.52 31.20 30.49
N ASN H 301 -13.28 30.12 30.65
CA ASN H 301 -14.73 30.23 30.59
C ASN H 301 -15.26 30.72 31.93
N LEU H 302 -14.83 31.93 32.32
CA LEU H 302 -15.10 32.45 33.65
C LEU H 302 -16.58 32.54 33.97
N LYS H 303 -16.94 32.23 35.21
CA LYS H 303 -18.31 32.37 35.68
C LYS H 303 -18.65 33.83 35.93
N ALA H 304 -18.91 34.56 34.86
CA ALA H 304 -19.23 35.98 34.94
C ALA H 304 -20.69 36.23 34.60
N ALA H 305 -21.33 35.23 34.00
CA ALA H 305 -22.73 35.35 33.64
C ALA H 305 -23.61 35.36 34.88
N PRO H 306 -24.73 36.10 34.81
CA PRO H 306 -25.69 36.19 35.91
C PRO H 306 -26.24 34.82 36.30
N GLY H 307 -26.23 34.52 37.60
CA GLY H 307 -26.76 33.26 38.07
C GLY H 307 -25.70 32.17 38.10
N SER H 308 -24.48 32.53 37.73
CA SER H 308 -23.38 31.57 37.73
C SER H 308 -23.00 31.21 39.16
N MET H 309 -23.32 32.11 40.09
CA MET H 309 -23.10 31.88 41.52
C MET H 309 -21.66 31.45 41.80
N ILE H 310 -20.72 32.26 41.34
CA ILE H 310 -19.30 31.94 41.47
C ILE H 310 -18.89 31.98 42.93
N ASP H 311 -19.59 32.78 43.72
CA ASP H 311 -19.29 32.95 45.14
C ASP H 311 -19.62 31.68 45.93
N LEU H 312 -20.46 30.83 45.36
CA LEU H 312 -20.83 29.57 46.00
C LEU H 312 -19.82 28.47 45.72
N MET H 313 -18.99 28.68 44.71
CA MET H 313 -18.19 27.61 44.11
C MET H 313 -17.09 27.03 45.00
N LYS H 314 -17.15 27.31 46.30
CA LYS H 314 -16.30 26.61 47.25
C LYS H 314 -16.89 25.22 47.49
N PHE H 315 -18.18 25.08 47.18
CA PHE H 315 -18.91 23.83 47.39
C PHE H 315 -18.57 22.78 46.33
N ASP H 316 -17.74 23.15 45.36
CA ASP H 316 -17.43 22.28 44.23
C ASP H 316 -16.53 21.10 44.62
N MET H 317 -16.21 20.99 45.90
CA MET H 317 -15.45 19.83 46.38
C MET H 317 -16.34 18.95 47.25
N SER H 318 -17.65 19.11 47.09
CA SER H 318 -18.63 18.39 47.88
C SER H 318 -18.58 16.89 47.62
N GLY H 319 -18.27 16.52 46.38
CA GLY H 319 -18.12 15.12 46.02
C GLY H 319 -17.02 14.46 46.82
N CYS H 320 -15.88 15.13 46.89
CA CYS H 320 -14.75 14.66 47.68
C CYS H 320 -15.11 14.60 49.16
N ALA H 321 -15.80 15.62 49.63
CA ALA H 321 -16.20 15.71 51.04
C ALA H 321 -17.13 14.57 51.41
N ALA H 322 -17.99 14.18 50.48
CA ALA H 322 -18.91 13.07 50.70
C ALA H 322 -18.13 11.77 50.84
N VAL H 323 -17.10 11.61 50.00
CA VAL H 323 -16.28 10.40 50.04
C VAL H 323 -15.50 10.29 51.35
N LEU H 324 -14.91 11.41 51.78
CA LEU H 324 -14.17 11.44 53.04
C LEU H 324 -15.10 11.22 54.23
N GLY H 325 -16.27 11.85 54.17
CA GLY H 325 -17.28 11.66 55.19
C GLY H 325 -17.68 10.21 55.26
N CYS H 326 -17.79 9.59 54.09
CA CYS H 326 -18.09 8.16 54.00
C CYS H 326 -16.99 7.32 54.62
N ALA H 327 -15.74 7.69 54.35
CA ALA H 327 -14.59 6.97 54.90
C ALA H 327 -14.61 6.92 56.42
N TYR H 328 -15.07 8.01 57.04
CA TYR H 328 -15.17 8.07 58.49
C TYR H 328 -16.18 7.05 59.02
N CYS H 329 -17.37 7.07 58.45
CA CYS H 329 -18.43 6.16 58.88
C CYS H 329 -18.00 4.71 58.66
N VAL H 330 -17.44 4.44 57.49
CA VAL H 330 -16.94 3.11 57.15
C VAL H 330 -15.75 2.74 58.03
N GLY H 331 -14.83 3.67 58.20
CA GLY H 331 -13.65 3.43 59.02
C GLY H 331 -14.02 3.22 60.47
N THR H 332 -15.12 3.83 60.89
CA THR H 332 -15.61 3.71 62.26
C THR H 332 -16.49 2.48 62.45
N LEU H 333 -17.42 2.26 61.52
CA LEU H 333 -18.36 1.15 61.65
C LEU H 333 -17.70 -0.18 61.30
N LYS H 334 -16.66 -0.12 60.46
CA LYS H 334 -15.85 -1.27 60.12
C LYS H 334 -16.68 -2.45 59.61
N PRO H 335 -17.25 -2.32 58.41
CA PRO H 335 -18.01 -3.41 57.78
C PRO H 335 -17.10 -4.55 57.35
N GLU H 336 -17.68 -5.74 57.16
CA GLU H 336 -16.91 -6.93 56.83
C GLU H 336 -17.05 -7.34 55.36
N ASN H 337 -16.08 -8.13 54.88
CA ASN H 337 -16.14 -8.73 53.55
C ASN H 337 -16.12 -7.72 52.42
N VAL H 338 -15.49 -6.57 52.64
CA VAL H 338 -15.46 -5.52 51.63
C VAL H 338 -14.14 -4.76 51.58
N GLU H 339 -13.73 -4.38 50.37
CA GLU H 339 -12.58 -3.50 50.20
C GLU H 339 -13.01 -2.23 49.48
N ILE H 340 -12.84 -1.09 50.14
CA ILE H 340 -13.31 0.19 49.60
C ILE H 340 -12.18 1.17 49.36
N HIS H 341 -12.12 1.71 48.14
CA HIS H 341 -11.14 2.73 47.79
C HIS H 341 -11.81 4.10 47.72
N PHE H 342 -11.30 5.05 48.51
CA PHE H 342 -11.83 6.41 48.53
C PHE H 342 -10.96 7.33 47.70
N LEU H 343 -11.48 7.72 46.53
CA LEU H 343 -10.69 8.47 45.56
C LEU H 343 -11.20 9.90 45.35
N SER H 344 -10.27 10.80 45.10
CA SER H 344 -10.62 12.18 44.73
C SER H 344 -9.45 12.86 44.03
N ALA H 345 -9.69 13.33 42.81
CA ALA H 345 -8.70 14.11 42.07
C ALA H 345 -8.85 15.58 42.44
N VAL H 346 -8.02 16.04 43.36
CA VAL H 346 -8.18 17.39 43.92
C VAL H 346 -7.38 18.42 43.16
N CYS H 347 -8.03 19.54 42.83
CA CYS H 347 -7.37 20.66 42.17
C CYS H 347 -8.21 21.92 42.27
N GLU H 348 -7.71 23.01 41.69
CA GLU H 348 -8.42 24.28 41.68
C GLU H 348 -8.49 24.83 40.26
N ASN H 349 -9.69 25.23 39.84
CA ASN H 349 -9.88 25.78 38.50
C ASN H 349 -9.78 27.29 38.55
N MET H 350 -8.67 27.83 38.04
CA MET H 350 -8.37 29.25 38.20
C MET H 350 -8.01 29.94 36.90
N VAL H 351 -7.94 31.27 36.95
CA VAL H 351 -7.54 32.05 35.79
C VAL H 351 -6.08 32.47 35.93
N SER H 352 -5.29 32.12 34.93
CA SER H 352 -3.85 32.35 34.96
C SER H 352 -3.26 32.23 33.57
N LYS H 353 -2.00 32.61 33.43
CA LYS H 353 -1.26 32.41 32.19
C LYS H 353 -0.97 30.92 31.96
N ASN H 354 -0.96 30.16 33.06
CA ASN H 354 -0.64 28.74 33.00
C ASN H 354 -1.88 27.87 32.80
N SER H 355 -3.05 28.51 32.83
CA SER H 355 -4.32 27.82 32.69
C SER H 355 -4.42 27.11 31.35
N TYR H 356 -5.22 26.04 31.30
CA TYR H 356 -5.48 25.38 30.03
C TYR H 356 -6.56 26.18 29.32
N ARG H 357 -6.53 26.17 27.99
CA ARG H 357 -7.41 27.05 27.21
C ARG H 357 -8.55 26.28 26.56
N PRO H 358 -9.65 26.99 26.25
CA PRO H 358 -10.71 26.42 25.43
C PRO H 358 -10.19 26.04 24.06
N GLY H 359 -10.49 24.82 23.61
CA GLY H 359 -10.02 24.35 22.31
C GLY H 359 -8.83 23.43 22.44
N ASP H 360 -8.19 23.48 23.61
CA ASP H 360 -7.04 22.61 23.90
C ASP H 360 -7.38 21.14 23.76
N ILE H 361 -6.48 20.39 23.16
CA ILE H 361 -6.62 18.93 23.13
C ILE H 361 -5.67 18.31 24.14
N ILE H 362 -6.23 17.56 25.07
CA ILE H 362 -5.46 16.94 26.14
C ILE H 362 -5.58 15.43 26.04
N THR H 363 -4.66 14.71 26.66
CA THR H 363 -4.67 13.26 26.58
C THR H 363 -4.86 12.62 27.95
N ALA H 364 -5.94 11.88 28.10
CA ALA H 364 -6.27 11.22 29.36
C ALA H 364 -5.38 10.01 29.60
N SER H 365 -5.47 9.45 30.80
CA SER H 365 -4.60 8.35 31.20
C SER H 365 -4.95 7.03 30.50
N ASN H 366 -6.05 7.03 29.76
CA ASN H 366 -6.45 5.83 29.01
C ASN H 366 -6.13 5.95 27.52
N GLY H 367 -5.39 7.00 27.17
CA GLY H 367 -4.94 7.18 25.80
C GLY H 367 -5.87 8.04 24.94
N LYS H 368 -7.09 8.25 25.41
CA LYS H 368 -8.06 9.02 24.64
C LYS H 368 -7.73 10.51 24.69
N THR H 369 -7.73 11.16 23.53
CA THR H 369 -7.50 12.59 23.44
C THR H 369 -8.83 13.33 23.54
N ILE H 370 -8.83 14.44 24.29
CA ILE H 370 -10.06 15.17 24.57
C ILE H 370 -9.95 16.63 24.15
N GLU H 371 -10.87 17.07 23.31
CA GLU H 371 -10.95 18.47 22.93
C GLU H 371 -11.80 19.25 23.93
N VAL H 372 -11.18 20.19 24.64
CA VAL H 372 -11.88 20.99 25.62
C VAL H 372 -12.67 22.10 24.92
N GLY H 373 -13.99 22.09 25.08
CA GLY H 373 -14.84 23.09 24.49
C GLY H 373 -15.18 24.18 25.50
N ASN H 374 -15.03 23.86 26.76
CA ASN H 374 -15.36 24.78 27.85
C ASN H 374 -14.57 24.43 29.11
N THR H 375 -13.76 25.37 29.58
CA THR H 375 -12.91 25.12 30.74
C THR H 375 -13.72 25.10 32.04
N ASP H 376 -14.99 25.50 31.96
CA ASP H 376 -15.85 25.51 33.14
C ASP H 376 -16.50 24.14 33.31
N ALA H 377 -16.31 23.27 32.33
CA ALA H 377 -16.74 21.89 32.44
C ALA H 377 -15.58 21.04 32.92
N GLU H 378 -14.99 21.44 34.04
CA GLU H 378 -13.74 20.82 34.49
C GLU H 378 -13.96 19.56 35.31
N GLY H 379 -15.11 19.45 35.95
CA GLY H 379 -15.41 18.31 36.80
C GLY H 379 -15.29 16.97 36.08
N ARG H 380 -15.78 16.92 34.85
CA ARG H 380 -15.76 15.69 34.06
C ARG H 380 -14.37 15.33 33.57
N LEU H 381 -13.51 16.33 33.42
CA LEU H 381 -12.14 16.07 33.00
C LEU H 381 -11.34 15.40 34.11
N THR H 382 -11.49 15.89 35.34
CA THR H 382 -10.79 15.31 36.48
C THR H 382 -11.38 13.95 36.84
N LEU H 383 -12.70 13.84 36.77
CA LEU H 383 -13.38 12.58 37.08
C LEU H 383 -13.02 11.52 36.04
N ALA H 384 -12.74 11.96 34.82
CA ALA H 384 -12.35 11.06 33.75
C ALA H 384 -11.10 10.27 34.13
N ASP H 385 -10.05 10.98 34.52
CA ASP H 385 -8.80 10.35 34.93
C ASP H 385 -8.95 9.56 36.23
N ALA H 386 -9.79 10.05 37.12
CA ALA H 386 -10.04 9.39 38.40
C ALA H 386 -10.68 8.03 38.18
N LEU H 387 -11.55 7.95 37.17
CA LEU H 387 -12.25 6.72 36.85
C LEU H 387 -11.34 5.68 36.21
N VAL H 388 -10.36 6.12 35.42
CA VAL H 388 -9.39 5.22 34.82
C VAL H 388 -8.53 4.59 35.92
N TYR H 389 -8.11 5.43 36.87
CA TYR H 389 -7.38 4.97 38.04
C TYR H 389 -8.19 3.94 38.80
N ALA H 390 -9.49 4.20 38.91
CA ALA H 390 -10.39 3.35 39.67
C ALA H 390 -10.51 1.96 39.04
N GLU H 391 -10.68 1.92 37.72
CA GLU H 391 -10.89 0.65 37.04
C GLU H 391 -9.63 -0.22 37.05
N LYS H 392 -8.46 0.42 37.07
CA LYS H 392 -7.20 -0.31 37.16
C LYS H 392 -7.05 -1.02 38.50
N LEU H 393 -7.78 -0.54 39.50
CA LEU H 393 -7.75 -1.15 40.82
C LEU H 393 -8.39 -2.53 40.78
N GLY H 394 -9.14 -2.79 39.70
CA GLY H 394 -9.79 -4.06 39.52
C GLY H 394 -10.93 -4.24 40.50
N VAL H 395 -11.91 -3.35 40.43
CA VAL H 395 -13.02 -3.36 41.37
C VAL H 395 -14.33 -3.84 40.74
N ASP H 396 -15.29 -4.18 41.60
CA ASP H 396 -16.61 -4.62 41.17
C ASP H 396 -17.53 -3.42 40.92
N TYR H 397 -17.42 -2.40 41.77
CA TYR H 397 -18.28 -1.23 41.68
C TYR H 397 -17.47 0.07 41.64
N ILE H 398 -17.75 0.93 40.65
CA ILE H 398 -17.22 2.29 40.65
C ILE H 398 -18.37 3.28 40.80
N VAL H 399 -18.36 4.05 41.88
CA VAL H 399 -19.39 5.05 42.10
C VAL H 399 -18.81 6.44 42.33
N ASP H 400 -19.02 7.34 41.38
CA ASP H 400 -18.57 8.72 41.54
C ASP H 400 -19.72 9.63 41.98
N ILE H 401 -19.39 10.68 42.71
CA ILE H 401 -20.39 11.65 43.17
C ILE H 401 -19.81 13.05 43.01
N ALA H 402 -20.54 13.94 42.35
CA ALA H 402 -19.98 15.22 41.97
C ALA H 402 -21.02 16.32 41.70
N THR H 403 -20.68 17.54 42.11
CA THR H 403 -21.44 18.71 41.71
C THR H 403 -21.10 19.00 40.26
N LEU H 404 -21.64 18.20 39.35
CA LEU H 404 -21.14 18.18 37.98
C LEU H 404 -21.86 19.18 37.08
N THR H 405 -23.20 19.19 37.13
CA THR H 405 -23.96 20.06 36.24
C THR H 405 -24.98 20.90 36.98
N GLY H 406 -25.00 22.20 36.67
CA GLY H 406 -25.96 23.12 37.28
C GLY H 406 -27.37 22.86 36.80
N ALA H 407 -27.48 22.14 35.69
CA ALA H 407 -28.77 21.79 35.10
C ALA H 407 -29.60 20.96 36.06
N MET H 408 -28.96 20.38 37.07
CA MET H 408 -29.65 19.57 38.06
C MET H 408 -30.72 20.38 38.81
N LEU H 409 -30.49 21.69 38.92
CA LEU H 409 -31.47 22.57 39.56
C LEU H 409 -32.75 22.67 38.75
N TYR H 410 -32.63 22.45 37.45
CA TYR H 410 -33.79 22.49 36.55
C TYR H 410 -34.40 21.11 36.37
N SER H 411 -33.61 20.07 36.63
CA SER H 411 -34.08 18.69 36.51
C SER H 411 -34.88 18.27 37.74
N LEU H 412 -34.15 17.94 38.81
CA LEU H 412 -34.76 17.42 40.03
C LEU H 412 -34.84 18.50 41.09
N GLY H 413 -34.10 19.58 40.89
CA GLY H 413 -34.12 20.71 41.81
C GLY H 413 -33.10 20.57 42.93
N THR H 414 -33.49 21.00 44.13
CA THR H 414 -32.56 21.09 45.25
C THR H 414 -32.74 19.97 46.28
N SER H 415 -33.78 19.17 46.13
CA SER H 415 -34.10 18.15 47.13
C SER H 415 -33.64 16.76 46.68
N TYR H 416 -33.84 16.45 45.42
CA TYR H 416 -33.47 15.13 44.88
C TYR H 416 -32.20 15.18 44.04
N ALA H 417 -31.30 14.24 44.29
CA ALA H 417 -30.09 14.09 43.49
C ALA H 417 -30.32 13.13 42.33
N GLY H 418 -29.51 13.26 41.29
CA GLY H 418 -29.63 12.40 40.12
C GLY H 418 -28.56 11.34 40.06
N VAL H 419 -28.95 10.11 39.71
CA VAL H 419 -28.00 9.02 39.57
C VAL H 419 -27.98 8.43 38.16
N PHE H 420 -26.78 8.33 37.59
CA PHE H 420 -26.61 7.71 36.28
C PHE H 420 -25.71 6.48 36.43
N GLY H 421 -25.66 5.64 35.40
CA GLY H 421 -24.83 4.44 35.45
C GLY H 421 -24.86 3.59 34.19
N ASN H 422 -24.00 2.57 34.15
CA ASN H 422 -23.97 1.65 33.02
C ASN H 422 -24.45 0.25 33.40
N ASN H 423 -24.88 0.11 34.65
CA ASN H 423 -25.34 -1.17 35.17
C ASN H 423 -26.59 -0.98 36.03
N GLU H 424 -27.66 -1.70 35.70
CA GLU H 424 -28.95 -1.46 36.34
C GLU H 424 -28.98 -1.99 37.77
N GLU H 425 -28.16 -3.00 38.07
CA GLU H 425 -28.12 -3.55 39.42
C GLU H 425 -27.40 -2.60 40.37
N LEU H 426 -26.36 -1.95 39.87
CA LEU H 426 -25.61 -0.98 40.67
C LEU H 426 -26.49 0.23 40.98
N ILE H 427 -27.28 0.65 40.00
CA ILE H 427 -28.20 1.76 40.17
C ILE H 427 -29.27 1.41 41.21
N ASN H 428 -29.76 0.17 41.14
CA ASN H 428 -30.78 -0.29 42.08
C ASN H 428 -30.27 -0.31 43.52
N LYS H 429 -28.99 -0.57 43.68
CA LYS H 429 -28.35 -0.56 45.00
C LYS H 429 -28.23 0.88 45.52
N ILE H 430 -27.92 1.80 44.62
CA ILE H 430 -27.87 3.23 44.96
C ILE H 430 -29.25 3.72 45.40
N LEU H 431 -30.28 3.32 44.67
CA LEU H 431 -31.64 3.72 44.99
C LEU H 431 -32.04 3.13 46.34
N GLN H 432 -31.59 1.89 46.58
CA GLN H 432 -31.81 1.23 47.86
C GLN H 432 -31.11 1.98 48.99
N SER H 433 -29.93 2.51 48.69
CA SER H 433 -29.19 3.29 49.67
C SER H 433 -29.87 4.62 49.94
N SER H 434 -30.48 5.20 48.91
CA SER H 434 -31.22 6.44 49.05
C SER H 434 -32.38 6.28 50.02
N LYS H 435 -33.04 5.13 49.95
CA LYS H 435 -34.18 4.85 50.82
C LYS H 435 -33.75 4.67 52.27
N THR H 436 -32.66 3.95 52.50
CA THR H 436 -32.21 3.63 53.85
C THR H 436 -31.31 4.72 54.45
N SER H 437 -30.54 5.40 53.60
CA SER H 437 -29.69 6.49 54.05
C SER H 437 -30.56 7.72 54.27
N ASN H 438 -31.75 7.69 53.68
CA ASN H 438 -32.71 8.78 53.76
C ASN H 438 -32.22 10.04 53.06
N GLU H 439 -31.33 9.86 52.10
CA GLU H 439 -30.93 10.93 51.19
C GLU H 439 -31.45 10.68 49.78
N PRO H 440 -32.49 11.43 49.38
CA PRO H 440 -33.26 11.17 48.16
C PRO H 440 -32.47 11.31 46.87
N VAL H 441 -32.60 10.31 46.01
CA VAL H 441 -31.93 10.28 44.70
C VAL H 441 -32.89 9.75 43.64
N TRP H 442 -32.86 10.34 42.45
CA TRP H 442 -33.73 9.88 41.37
C TRP H 442 -32.91 9.39 40.19
N TRP H 443 -33.34 8.28 39.60
CA TRP H 443 -32.63 7.68 38.48
C TRP H 443 -32.92 8.42 37.17
N LEU H 444 -31.87 8.88 36.52
CA LEU H 444 -32.00 9.53 35.22
C LEU H 444 -31.25 8.73 34.15
N PRO H 445 -31.70 8.83 32.89
CA PRO H 445 -31.21 7.98 31.82
C PRO H 445 -29.98 8.53 31.11
N ILE H 446 -29.07 7.65 30.72
CA ILE H 446 -27.98 8.04 29.83
C ILE H 446 -28.39 7.77 28.39
N ILE H 447 -28.77 8.83 27.70
CA ILE H 447 -29.33 8.72 26.36
C ILE H 447 -28.21 8.70 25.32
N ASN H 448 -27.99 7.51 24.75
CA ASN H 448 -26.86 7.31 23.84
C ASN H 448 -26.99 8.08 22.53
N GLU H 449 -28.19 8.57 22.24
CA GLU H 449 -28.42 9.34 21.02
C GLU H 449 -27.65 10.67 21.07
N TYR H 450 -27.33 11.14 22.27
CA TYR H 450 -26.60 12.39 22.42
C TYR H 450 -25.11 12.18 22.23
N ARG H 451 -24.68 10.92 22.31
CA ARG H 451 -23.25 10.58 22.24
C ARG H 451 -22.57 11.11 20.99
N ALA H 452 -23.31 11.20 19.89
CA ALA H 452 -22.72 11.62 18.62
C ALA H 452 -22.26 13.07 18.67
N THR H 453 -22.81 13.83 19.61
CA THR H 453 -22.45 15.24 19.74
C THR H 453 -21.10 15.41 20.43
N LEU H 454 -20.58 14.31 20.97
CA LEU H 454 -19.27 14.34 21.61
C LEU H 454 -18.19 13.91 20.62
N ASN H 455 -18.60 13.69 19.37
CA ASN H 455 -17.67 13.29 18.33
C ASN H 455 -16.83 14.46 17.82
N SER H 456 -15.60 14.55 18.30
CA SER H 456 -14.70 15.64 17.91
C SER H 456 -14.12 15.46 16.52
N LYS H 457 -13.87 16.56 15.83
CA LYS H 457 -13.28 16.53 14.50
C LYS H 457 -11.79 16.19 14.54
N TYR H 458 -11.12 16.57 15.63
CA TYR H 458 -9.68 16.42 15.72
C TYR H 458 -9.25 15.50 16.87
N ALA H 459 -9.86 15.67 18.03
CA ALA H 459 -9.55 14.81 19.17
C ALA H 459 -10.37 13.52 19.07
N ASP H 460 -10.14 12.59 19.99
CA ASP H 460 -10.91 11.36 20.02
C ASP H 460 -12.35 11.67 20.41
N ILE H 461 -12.51 12.54 21.40
CA ILE H 461 -13.82 12.85 21.94
C ILE H 461 -13.93 14.30 22.42
N ASN H 462 -15.12 14.88 22.27
CA ASN H 462 -15.39 16.20 22.81
C ASN H 462 -15.69 16.13 24.30
N GLN H 463 -15.32 17.17 25.02
CA GLN H 463 -15.62 17.28 26.44
C GLN H 463 -17.08 17.65 26.65
N ILE H 464 -17.57 18.59 25.85
CA ILE H 464 -18.94 19.06 25.96
C ILE H 464 -19.70 18.91 24.64
N SER H 465 -21.02 19.08 24.70
CA SER H 465 -21.84 19.05 23.51
C SER H 465 -22.08 20.46 22.96
N SER H 466 -22.15 20.57 21.64
CA SER H 466 -22.45 21.85 21.00
C SER H 466 -23.95 22.16 21.05
N SER H 467 -24.76 21.14 20.82
CA SER H 467 -26.20 21.32 20.69
C SER H 467 -26.99 20.96 21.95
N VAL H 468 -26.91 19.70 22.36
CA VAL H 468 -27.74 19.17 23.44
C VAL H 468 -27.59 19.94 24.75
N LYS H 469 -28.72 20.40 25.30
CA LYS H 469 -28.70 21.20 26.52
C LYS H 469 -28.98 20.36 27.76
N ALA H 470 -29.22 19.06 27.56
CA ALA H 470 -29.31 18.13 28.67
C ALA H 470 -27.89 17.83 29.16
N SER H 471 -27.26 18.83 29.76
CA SER H 471 -25.83 18.76 30.09
C SER H 471 -25.48 17.66 31.07
N SER H 472 -26.42 17.31 31.95
CA SER H 472 -26.16 16.27 32.94
C SER H 472 -26.02 14.92 32.26
N ILE H 473 -26.77 14.71 31.19
CA ILE H 473 -26.72 13.46 30.44
C ILE H 473 -25.47 13.39 29.56
N VAL H 474 -25.12 14.50 28.91
CA VAL H 474 -23.93 14.54 28.07
C VAL H 474 -22.69 14.31 28.92
N ALA H 475 -22.65 14.91 30.11
CA ALA H 475 -21.54 14.72 31.03
C ALA H 475 -21.43 13.26 31.42
N SER H 476 -22.57 12.63 31.67
CA SER H 476 -22.63 11.21 31.99
C SER H 476 -22.18 10.38 30.79
N LEU H 477 -22.54 10.85 29.60
CA LEU H 477 -22.12 10.19 28.36
C LEU H 477 -20.60 10.24 28.21
N PHE H 478 -20.02 11.37 28.62
CA PHE H 478 -18.57 11.54 28.58
C PHE H 478 -17.87 10.62 29.57
N LEU H 479 -18.37 10.59 30.80
CA LEU H 479 -17.79 9.76 31.85
C LEU H 479 -17.82 8.27 31.51
N LYS H 480 -18.91 7.83 30.88
CA LYS H 480 -19.08 6.41 30.53
C LYS H 480 -17.97 5.91 29.61
N GLU H 481 -17.37 6.83 28.85
CA GLU H 481 -16.31 6.48 27.91
C GLU H 481 -15.02 6.11 28.62
N PHE H 482 -14.93 6.43 29.90
CA PHE H 482 -13.71 6.19 30.65
C PHE H 482 -13.87 5.05 31.66
N VAL H 483 -14.91 4.25 31.47
CA VAL H 483 -15.07 3.00 32.19
C VAL H 483 -15.40 1.89 31.18
N GLN H 484 -14.47 0.97 31.00
CA GLN H 484 -14.57 -0.01 29.93
C GLN H 484 -15.25 -1.31 30.36
N ASN H 485 -14.88 -1.84 31.52
CA ASN H 485 -15.42 -3.13 31.95
C ASN H 485 -15.68 -3.20 33.45
N THR H 486 -16.32 -2.16 33.99
CA THR H 486 -16.70 -2.15 35.39
C THR H 486 -18.08 -1.51 35.57
N ALA H 487 -18.86 -2.05 36.49
CA ALA H 487 -20.15 -1.45 36.84
C ALA H 487 -19.91 -0.06 37.42
N TRP H 488 -20.52 0.95 36.82
CA TRP H 488 -20.25 2.33 37.23
C TRP H 488 -21.53 3.15 37.33
N ALA H 489 -21.65 3.90 38.42
CA ALA H 489 -22.79 4.78 38.65
C ALA H 489 -22.32 6.20 38.90
N HIS H 490 -23.15 7.18 38.50
CA HIS H 490 -22.78 8.58 38.60
C HIS H 490 -23.86 9.36 39.35
N ILE H 491 -23.49 9.93 40.48
CA ILE H 491 -24.42 10.69 41.30
C ILE H 491 -24.16 12.20 41.20
N ASP H 492 -25.07 12.90 40.54
CA ASP H 492 -24.94 14.34 40.34
C ASP H 492 -25.62 15.13 41.46
N ILE H 493 -24.81 15.76 42.31
CA ILE H 493 -25.33 16.44 43.50
C ILE H 493 -25.16 17.96 43.47
N ALA H 494 -25.11 18.53 42.28
CA ALA H 494 -24.93 19.98 42.14
C ALA H 494 -26.09 20.77 42.75
N GLY H 495 -27.30 20.25 42.60
CA GLY H 495 -28.49 20.94 43.08
C GLY H 495 -28.79 20.77 44.55
N VAL H 496 -28.44 19.60 45.11
CA VAL H 496 -28.83 19.26 46.46
C VAL H 496 -27.73 19.52 47.49
N SER H 497 -26.51 19.80 47.01
CA SER H 497 -25.36 19.90 47.90
C SER H 497 -25.47 21.06 48.88
N TRP H 498 -25.95 22.20 48.40
CA TRP H 498 -26.02 23.41 49.22
C TRP H 498 -27.45 23.74 49.63
N ASN H 499 -27.65 23.99 50.92
CA ASN H 499 -28.94 24.45 51.42
C ASN H 499 -29.04 25.97 51.31
N PHE H 500 -29.67 26.44 50.25
CA PHE H 500 -29.70 27.87 49.96
C PHE H 500 -30.47 28.66 51.01
N LYS H 501 -31.50 28.05 51.58
CA LYS H 501 -32.31 28.72 52.59
C LYS H 501 -31.56 28.89 53.92
N ALA H 502 -30.88 27.84 54.35
CA ALA H 502 -30.16 27.85 55.63
C ALA H 502 -28.77 28.44 55.50
N ARG H 503 -28.36 28.74 54.27
CA ARG H 503 -27.05 29.31 53.98
C ARG H 503 -25.90 28.42 54.48
N LYS H 504 -26.03 27.11 54.26
CA LYS H 504 -24.99 26.16 54.64
C LYS H 504 -25.09 24.89 53.80
N PRO H 505 -24.04 24.06 53.84
CA PRO H 505 -24.01 22.78 53.11
C PRO H 505 -24.93 21.75 53.74
N LYS H 506 -25.33 20.75 52.96
CA LYS H 506 -26.16 19.66 53.48
C LYS H 506 -25.33 18.45 53.89
N GLY H 507 -24.12 18.35 53.34
CA GLY H 507 -23.29 17.18 53.53
C GLY H 507 -23.90 15.98 52.83
N PHE H 508 -24.50 16.22 51.67
CA PHE H 508 -25.23 15.21 50.92
C PHE H 508 -24.28 14.16 50.35
N GLY H 509 -24.67 12.89 50.44
CA GLY H 509 -23.90 11.81 49.87
C GLY H 509 -23.25 10.94 50.93
N VAL H 510 -22.94 11.54 52.07
CA VAL H 510 -22.24 10.84 53.15
C VAL H 510 -23.02 9.62 53.63
N ARG H 511 -24.28 9.84 54.02
CA ARG H 511 -25.11 8.76 54.52
C ARG H 511 -25.51 7.79 53.41
N LEU H 512 -25.73 8.33 52.21
CA LEU H 512 -26.07 7.52 51.05
C LEU H 512 -24.98 6.50 50.70
N LEU H 513 -23.73 6.97 50.61
CA LEU H 513 -22.61 6.11 50.22
C LEU H 513 -22.28 5.05 51.27
N THR H 514 -22.38 5.41 52.54
CA THR H 514 -22.07 4.47 53.62
C THR H 514 -23.12 3.35 53.67
N GLU H 515 -24.39 3.72 53.49
CA GLU H 515 -25.46 2.74 53.40
C GLU H 515 -25.24 1.84 52.19
N PHE H 516 -24.66 2.41 51.15
CA PHE H 516 -24.37 1.65 49.94
C PHE H 516 -23.39 0.50 50.19
N VAL H 517 -22.34 0.78 50.95
CA VAL H 517 -21.32 -0.23 51.24
C VAL H 517 -21.80 -1.20 52.33
N LEU H 518 -22.49 -0.67 53.35
CA LEU H 518 -22.91 -1.46 54.49
C LEU H 518 -24.02 -2.49 54.28
N ASN H 519 -25.12 -2.11 53.63
CA ASN H 519 -26.28 -2.98 53.57
C ASN H 519 -26.23 -4.11 52.53
N ASP H 520 -25.41 -3.95 51.51
CA ASP H 520 -25.22 -5.04 50.55
C ASP H 520 -24.13 -6.01 51.01
N SER I 3 13.77 29.01 21.85
CA SER I 3 13.58 27.83 21.01
C SER I 3 12.92 26.70 21.79
N GLU I 4 13.21 26.65 23.09
CA GLU I 4 12.64 25.61 23.96
C GLU I 4 11.27 26.03 24.49
N VAL I 5 10.28 25.16 24.29
CA VAL I 5 8.90 25.45 24.71
C VAL I 5 8.66 25.19 26.20
N PRO I 6 8.25 26.24 26.92
CA PRO I 6 7.97 26.17 28.36
C PRO I 6 6.81 25.23 28.68
N GLN I 7 6.86 24.61 29.84
CA GLN I 7 5.84 23.64 30.24
C GLN I 7 5.24 23.95 31.61
N VAL I 8 3.96 23.61 31.79
CA VAL I 8 3.33 23.66 33.09
C VAL I 8 3.44 22.28 33.74
N VAL I 9 3.09 21.26 32.96
CA VAL I 9 3.29 19.86 33.35
C VAL I 9 4.09 19.15 32.28
N SER I 10 4.64 17.98 32.61
CA SER I 10 5.47 17.24 31.67
C SER I 10 4.66 16.72 30.49
N LEU I 11 3.33 16.72 30.63
CA LEU I 11 2.47 16.20 29.59
C LEU I 11 2.14 17.28 28.55
N ASP I 12 2.54 18.51 28.83
CA ASP I 12 2.33 19.61 27.90
C ASP I 12 3.20 19.44 26.67
N PRO I 13 2.57 19.45 25.48
CA PRO I 13 3.30 19.27 24.22
C PRO I 13 4.31 20.39 23.99
N THR I 14 5.42 20.06 23.34
CA THR I 14 6.50 21.02 23.13
C THR I 14 6.73 21.31 21.65
N SER I 15 5.89 20.72 20.80
CA SER I 15 5.97 20.98 19.37
C SER I 15 4.63 20.71 18.69
N ILE I 16 4.39 21.40 17.59
CA ILE I 16 3.21 21.16 16.76
C ILE I 16 3.48 19.99 15.81
N PRO I 17 2.71 18.90 15.95
CA PRO I 17 2.84 17.80 14.99
C PRO I 17 2.46 18.27 13.58
N ILE I 18 3.32 17.99 12.60
CA ILE I 18 3.10 18.44 11.23
C ILE I 18 3.23 17.32 10.22
N GLU I 19 2.22 17.17 9.38
CA GLU I 19 2.28 16.14 8.35
C GLU I 19 2.82 16.72 7.04
N TYR I 20 4.05 16.37 6.68
CA TYR I 20 4.66 16.89 5.44
C TYR I 20 4.40 15.97 4.25
N ASN I 21 4.66 14.67 4.42
CA ASN I 21 4.36 13.70 3.38
C ASN I 21 2.96 13.14 3.57
N THR I 22 1.99 13.81 2.96
CA THR I 22 0.60 13.39 3.05
C THR I 22 0.31 12.33 2.00
N PRO I 23 -0.73 11.51 2.23
CA PRO I 23 -1.17 10.49 1.27
C PRO I 23 -1.46 11.09 -0.11
N ILE I 24 -1.72 12.38 -0.16
CA ILE I 24 -1.95 13.08 -1.42
C ILE I 24 -0.68 13.08 -2.29
N HIS I 25 0.48 13.23 -1.65
CA HIS I 25 1.74 13.33 -2.39
C HIS I 25 2.15 12.02 -3.08
N ASP I 26 1.59 10.90 -2.65
CA ASP I 26 1.92 9.62 -3.26
C ASP I 26 0.99 9.29 -4.43
N ILE I 27 -0.01 10.14 -4.64
CA ILE I 27 -0.95 9.92 -5.74
C ILE I 27 -0.30 10.34 -7.05
N LYS I 28 -0.14 9.38 -7.96
CA LYS I 28 0.41 9.69 -9.27
C LYS I 28 -0.70 10.18 -10.18
N VAL I 29 -0.60 11.42 -10.61
CA VAL I 29 -1.66 12.03 -11.41
C VAL I 29 -1.26 12.09 -12.89
N GLN I 30 -2.11 11.52 -13.74
CA GLN I 30 -1.87 11.54 -15.17
C GLN I 30 -3.05 12.19 -15.90
N VAL I 31 -2.74 13.14 -16.77
CA VAL I 31 -3.75 13.85 -17.53
C VAL I 31 -3.73 13.42 -18.99
N TYR I 32 -4.88 12.96 -19.47
CA TYR I 32 -5.00 12.55 -20.86
C TYR I 32 -5.97 13.49 -21.58
N ASP I 33 -5.84 13.58 -22.90
CA ASP I 33 -6.76 14.40 -23.67
C ASP I 33 -7.98 13.56 -24.03
N ILE I 34 -9.17 14.12 -23.82
CA ILE I 34 -10.40 13.36 -24.00
C ILE I 34 -10.65 13.00 -25.46
N LYS I 35 -10.09 13.78 -26.39
CA LYS I 35 -10.24 13.47 -27.81
C LYS I 35 -9.46 12.22 -28.22
N GLY I 36 -9.26 11.30 -27.28
CA GLY I 36 -8.51 10.09 -27.57
C GLY I 36 -9.15 8.86 -26.93
N GLY I 37 -10.29 9.09 -26.27
CA GLY I 37 -11.05 8.03 -25.66
C GLY I 37 -10.66 7.80 -24.21
N CYS I 38 -11.60 7.27 -23.43
CA CYS I 38 -11.37 6.99 -22.02
C CYS I 38 -11.17 5.49 -21.81
N ASN I 39 -10.23 5.14 -20.94
CA ASN I 39 -10.02 3.74 -20.58
C ASN I 39 -10.58 3.45 -19.18
N VAL I 40 -11.52 2.53 -19.11
CA VAL I 40 -12.17 2.16 -17.85
C VAL I 40 -11.58 0.89 -17.26
N GLU I 41 -10.36 1.01 -16.76
CA GLU I 41 -9.59 -0.09 -16.19
C GLU I 41 -9.99 -0.37 -14.74
N GLU I 42 -9.08 -0.05 -13.82
CA GLU I 42 -9.29 -0.27 -12.39
C GLU I 42 -10.06 0.88 -11.72
N GLY I 43 -10.51 0.65 -10.49
CA GLY I 43 -11.05 1.71 -9.66
C GLY I 43 -12.35 2.37 -10.07
N LEU I 44 -12.49 3.64 -9.70
CA LEU I 44 -13.69 4.43 -9.97
C LEU I 44 -13.48 5.47 -11.07
N THR I 45 -14.42 5.53 -12.02
CA THR I 45 -14.37 6.52 -13.09
C THR I 45 -15.59 7.44 -13.02
N ILE I 46 -15.33 8.73 -12.81
CA ILE I 46 -16.41 9.70 -12.65
C ILE I 46 -16.46 10.73 -13.78
N PHE I 47 -17.63 10.89 -14.37
CA PHE I 47 -17.84 11.88 -15.41
C PHE I 47 -18.49 13.14 -14.85
N LEU I 48 -17.87 14.29 -15.09
CA LEU I 48 -18.46 15.56 -14.70
C LEU I 48 -19.37 16.06 -15.80
N VAL I 49 -20.68 15.98 -15.56
CA VAL I 49 -21.65 16.26 -16.61
C VAL I 49 -22.61 17.37 -16.24
N ASN I 50 -22.93 18.21 -17.23
CA ASN I 50 -23.90 19.28 -17.06
C ASN I 50 -24.98 19.25 -18.14
N ASN I 51 -25.96 20.11 -17.99
CA ASN I 51 -27.00 20.27 -19.00
C ASN I 51 -27.47 21.72 -19.05
N PRO I 52 -26.78 22.55 -19.85
CA PRO I 52 -27.08 23.97 -20.01
C PRO I 52 -28.52 24.20 -20.45
N GLY I 53 -29.21 25.13 -19.80
CA GLY I 53 -30.58 25.45 -20.13
C GLY I 53 -31.60 24.62 -19.38
N LYS I 54 -31.60 23.31 -19.64
CA LYS I 54 -32.55 22.41 -18.99
C LYS I 54 -32.25 22.21 -17.52
N GLU I 55 -32.99 22.91 -16.65
CA GLU I 55 -32.81 22.79 -15.21
C GLU I 55 -33.15 21.39 -14.74
N ASN I 56 -32.29 20.82 -13.89
CA ASN I 56 -32.44 19.44 -13.45
C ASN I 56 -32.57 18.48 -14.62
N GLY I 57 -31.80 18.74 -15.68
CA GLY I 57 -31.91 17.95 -16.89
C GLY I 57 -31.27 16.57 -16.81
N PRO I 58 -31.41 15.78 -17.88
CA PRO I 58 -30.92 14.40 -17.97
C PRO I 58 -29.41 14.31 -18.13
N VAL I 59 -28.85 13.14 -17.84
CA VAL I 59 -27.42 12.91 -18.02
C VAL I 59 -27.13 12.30 -19.38
N LYS I 60 -26.23 12.92 -20.13
CA LYS I 60 -25.80 12.39 -21.42
C LYS I 60 -24.27 12.34 -21.47
N ILE I 61 -23.73 11.14 -21.68
CA ILE I 61 -22.28 10.97 -21.72
C ILE I 61 -21.72 11.33 -23.09
N SER I 62 -20.98 12.45 -23.11
CA SER I 62 -20.42 13.00 -24.34
C SER I 62 -19.14 12.29 -24.76
N SER I 63 -18.32 11.95 -23.77
CA SER I 63 -16.99 11.38 -24.02
C SER I 63 -17.06 10.04 -24.75
N LYS I 64 -16.09 9.82 -25.64
CA LYS I 64 -15.96 8.53 -26.29
C LYS I 64 -15.27 7.57 -25.32
N VAL I 65 -15.86 6.40 -25.13
CA VAL I 65 -15.29 5.43 -24.20
C VAL I 65 -14.70 4.22 -24.93
N ASN I 66 -13.44 3.91 -24.61
CA ASN I 66 -12.74 2.82 -25.27
C ASN I 66 -13.11 1.48 -24.65
N ASP I 67 -14.39 1.17 -24.63
CA ASP I 67 -14.87 -0.10 -24.07
C ASP I 67 -16.29 -0.40 -24.54
N LYS I 68 -16.47 -1.56 -25.15
CA LYS I 68 -17.76 -1.90 -25.74
C LYS I 68 -18.83 -2.04 -24.66
N GLN I 69 -18.45 -2.64 -23.53
CA GLN I 69 -19.38 -2.87 -22.42
C GLN I 69 -19.68 -1.62 -21.60
N VAL I 70 -18.67 -0.77 -21.42
CA VAL I 70 -18.88 0.45 -20.66
C VAL I 70 -19.66 1.47 -21.50
N SER I 71 -19.40 1.48 -22.80
CA SER I 71 -20.11 2.36 -23.72
C SER I 71 -21.59 1.97 -23.78
N GLU I 72 -21.84 0.67 -23.76
CA GLU I 72 -23.20 0.13 -23.77
C GLU I 72 -23.97 0.49 -22.51
N PHE I 73 -23.29 0.41 -21.37
CA PHE I 73 -23.89 0.74 -20.09
C PHE I 73 -24.24 2.22 -20.01
N LEU I 74 -23.33 3.06 -20.51
CA LEU I 74 -23.46 4.52 -20.41
C LEU I 74 -24.26 5.20 -21.51
N LYS I 75 -25.07 4.46 -22.26
CA LYS I 75 -25.83 5.11 -23.33
C LYS I 75 -26.79 6.15 -22.78
N ASP I 76 -27.60 6.73 -23.64
CA ASP I 76 -28.50 7.80 -23.21
C ASP I 76 -29.74 7.21 -22.57
N GLU I 77 -30.22 6.09 -23.13
CA GLU I 77 -31.41 5.42 -22.63
C GLU I 77 -31.16 4.97 -21.20
N ASN I 78 -29.89 4.73 -20.88
CA ASN I 78 -29.50 4.28 -19.55
C ASN I 78 -29.20 5.43 -18.59
N MET I 79 -28.69 6.54 -19.13
CA MET I 79 -28.28 7.68 -18.30
C MET I 79 -29.37 8.71 -18.04
N GLU I 80 -30.47 8.62 -18.80
CA GLU I 80 -31.53 9.62 -18.70
C GLU I 80 -32.26 9.62 -17.35
N LYS I 81 -32.29 8.48 -16.67
CA LYS I 81 -33.01 8.40 -15.41
C LYS I 81 -32.29 9.22 -14.33
N PHE I 82 -31.06 9.62 -14.62
CA PHE I 82 -30.29 10.44 -13.71
C PHE I 82 -30.21 11.88 -14.20
N ASN I 83 -30.19 12.83 -13.28
CA ASN I 83 -30.15 14.24 -13.63
C ASN I 83 -28.86 14.93 -13.19
N VAL I 84 -28.63 16.13 -13.71
CA VAL I 84 -27.38 16.84 -13.48
C VAL I 84 -27.50 17.94 -12.43
N LYS I 85 -28.44 17.77 -11.51
CA LYS I 85 -28.60 18.72 -10.40
C LYS I 85 -27.29 18.91 -9.65
N LEU I 86 -26.91 20.17 -9.42
CA LEU I 86 -25.62 20.51 -8.83
C LEU I 86 -25.38 19.77 -7.51
N GLY I 87 -24.41 18.86 -7.51
CA GLY I 87 -24.08 18.10 -6.32
C GLY I 87 -24.53 16.66 -6.37
N THR I 88 -25.44 16.36 -7.30
CA THR I 88 -25.96 15.00 -7.47
C THR I 88 -24.86 14.05 -7.95
N SER I 89 -24.87 12.83 -7.41
CA SER I 89 -23.88 11.82 -7.75
C SER I 89 -24.51 10.43 -7.84
N LYS I 90 -23.91 9.56 -8.64
CA LYS I 90 -24.36 8.18 -8.81
C LYS I 90 -23.18 7.22 -9.00
N HIS I 91 -23.36 5.97 -8.54
CA HIS I 91 -22.35 4.95 -8.72
C HIS I 91 -22.88 3.85 -9.64
N PHE I 92 -22.02 3.39 -10.55
CA PHE I 92 -22.42 2.37 -11.50
C PHE I 92 -21.48 1.16 -11.35
N TYR I 93 -22.03 -0.04 -11.48
CA TYR I 93 -21.20 -1.24 -11.43
C TYR I 93 -21.36 -2.06 -12.71
N MET I 94 -20.25 -2.51 -13.29
CA MET I 94 -20.32 -3.26 -14.54
C MET I 94 -19.02 -4.02 -14.83
N PHE I 95 -19.11 -4.97 -15.75
CA PHE I 95 -17.92 -5.67 -16.24
C PHE I 95 -17.53 -5.11 -17.60
N ASN I 96 -16.24 -4.89 -17.78
CA ASN I 96 -15.70 -4.42 -19.06
C ASN I 96 -15.32 -5.53 -20.02
N ASP I 97 -14.67 -5.17 -21.14
CA ASP I 97 -14.33 -6.11 -22.20
C ASP I 97 -13.41 -7.27 -21.78
N ASN I 98 -12.52 -7.01 -20.84
CA ASN I 98 -11.60 -8.03 -20.36
C ASN I 98 -12.24 -8.87 -19.27
N LYS I 99 -13.41 -8.42 -18.83
CA LYS I 99 -14.21 -9.06 -17.78
C LYS I 99 -13.72 -8.74 -16.38
N ASN I 100 -13.42 -7.47 -16.14
CA ASN I 100 -13.06 -6.99 -14.82
C ASN I 100 -14.15 -6.08 -14.23
N SER I 101 -14.39 -6.20 -12.93
CA SER I 101 -15.42 -5.38 -12.28
C SER I 101 -14.97 -3.93 -12.18
N VAL I 102 -15.58 -3.05 -12.96
CA VAL I 102 -15.23 -1.63 -12.90
C VAL I 102 -16.35 -0.81 -12.27
N ALA I 103 -15.97 0.33 -11.68
CA ALA I 103 -16.93 1.23 -11.07
C ALA I 103 -16.95 2.55 -11.84
N VAL I 104 -18.16 2.98 -12.21
CA VAL I 104 -18.36 4.19 -12.99
C VAL I 104 -19.42 5.08 -12.36
N GLY I 105 -19.35 6.38 -12.62
CA GLY I 105 -20.33 7.30 -12.09
C GLY I 105 -20.24 8.70 -12.67
N TYR I 106 -21.00 9.61 -12.08
CA TYR I 106 -21.03 11.00 -12.53
C TYR I 106 -21.33 11.93 -11.36
N VAL I 107 -21.01 13.21 -11.53
CA VAL I 107 -21.39 14.23 -10.56
C VAL I 107 -22.09 15.39 -11.26
N GLY I 108 -23.27 15.76 -10.74
CA GLY I 108 -24.06 16.82 -11.32
C GLY I 108 -23.42 18.19 -11.18
N CYS I 109 -23.35 18.92 -12.29
CA CYS I 109 -22.73 20.24 -12.30
C CYS I 109 -23.70 21.37 -12.65
N GLY I 110 -24.99 21.14 -12.41
CA GLY I 110 -26.00 22.17 -12.58
C GLY I 110 -26.39 22.47 -14.02
N SER I 111 -27.01 23.63 -14.23
CA SER I 111 -27.51 23.99 -15.56
C SER I 111 -26.78 25.18 -16.19
N VAL I 112 -26.02 25.92 -15.37
CA VAL I 112 -25.22 27.02 -15.87
C VAL I 112 -23.85 26.57 -16.35
N ALA I 113 -23.38 27.14 -17.45
CA ALA I 113 -22.09 26.77 -18.01
C ALA I 113 -21.01 27.23 -17.05
N ASP I 114 -20.36 28.35 -17.35
CA ASP I 114 -19.39 28.99 -16.46
C ASP I 114 -19.64 28.68 -14.98
N LEU I 115 -19.17 27.52 -14.51
CA LEU I 115 -19.36 27.14 -13.11
C LEU I 115 -18.67 28.13 -12.18
N SER I 116 -19.31 28.44 -11.06
CA SER I 116 -18.76 29.36 -10.07
C SER I 116 -17.75 28.67 -9.15
N GLU I 117 -17.53 29.28 -7.99
CA GLU I 117 -16.58 28.78 -7.01
C GLU I 117 -17.21 27.90 -5.95
N ALA I 118 -18.35 28.36 -5.44
CA ALA I 118 -19.16 27.57 -4.52
C ALA I 118 -19.67 26.31 -5.21
N ASP I 119 -19.97 26.46 -6.50
CA ASP I 119 -20.43 25.35 -7.32
C ASP I 119 -19.36 24.26 -7.44
N MET I 120 -18.13 24.66 -7.75
CA MET I 120 -17.04 23.71 -7.89
C MET I 120 -16.73 23.01 -6.57
N LYS I 121 -16.79 23.78 -5.49
CA LYS I 121 -16.61 23.23 -4.15
C LYS I 121 -17.66 22.16 -3.85
N ARG I 122 -18.91 22.44 -4.22
CA ARG I 122 -20.01 21.50 -4.02
C ARG I 122 -19.84 20.24 -4.88
N VAL I 123 -19.34 20.41 -6.10
CA VAL I 123 -19.08 19.30 -6.99
C VAL I 123 -17.99 18.39 -6.43
N VAL I 124 -16.88 19.01 -6.03
CA VAL I 124 -15.75 18.28 -5.47
C VAL I 124 -16.15 17.51 -4.22
N LEU I 125 -16.89 18.18 -3.34
CA LEU I 125 -17.38 17.55 -2.11
C LEU I 125 -18.19 16.30 -2.42
N SER I 126 -19.06 16.39 -3.42
CA SER I 126 -19.86 15.25 -3.86
C SER I 126 -18.95 14.13 -4.36
N LEU I 127 -17.87 14.51 -5.02
CA LEU I 127 -16.90 13.56 -5.52
C LEU I 127 -16.19 12.90 -4.34
N VAL I 128 -15.91 13.70 -3.32
CA VAL I 128 -15.22 13.22 -2.12
C VAL I 128 -16.07 12.21 -1.36
N THR I 129 -17.38 12.36 -1.43
CA THR I 129 -18.30 11.43 -0.77
C THR I 129 -18.14 10.03 -1.37
N MET I 130 -17.90 9.99 -2.67
CA MET I 130 -17.71 8.74 -3.38
C MET I 130 -16.37 8.11 -3.03
N LEU I 131 -15.39 8.94 -2.66
CA LEU I 131 -14.07 8.45 -2.27
C LEU I 131 -14.08 7.91 -0.85
N HIS I 132 -14.90 8.52 0.02
CA HIS I 132 -14.99 8.10 1.41
C HIS I 132 -15.78 6.81 1.52
N ASP I 133 -15.55 6.06 2.60
CA ASP I 133 -16.24 4.80 2.84
C ASP I 133 -16.05 3.78 1.72
N ASN I 134 -15.04 3.99 0.88
CA ASN I 134 -14.78 3.08 -0.22
C ASN I 134 -13.29 2.77 -0.34
N LYS I 135 -12.97 1.48 -0.44
CA LYS I 135 -11.59 1.03 -0.52
C LYS I 135 -11.06 0.98 -1.95
N LEU I 136 -11.13 2.10 -2.67
CA LEU I 136 -10.72 2.13 -4.07
C LEU I 136 -9.21 2.30 -4.18
N SER I 137 -8.68 2.08 -5.39
CA SER I 137 -7.24 2.15 -5.62
C SER I 137 -6.88 3.24 -6.63
N LYS I 138 -7.79 3.54 -7.54
CA LYS I 138 -7.57 4.57 -8.55
C LYS I 138 -8.84 5.36 -8.81
N LEU I 139 -8.73 6.69 -8.87
CA LEU I 139 -9.85 7.54 -9.24
C LEU I 139 -9.59 8.27 -10.55
N THR I 140 -10.56 8.18 -11.45
CA THR I 140 -10.46 8.86 -12.75
C THR I 140 -11.60 9.86 -12.94
N VAL I 141 -11.24 11.11 -13.17
CA VAL I 141 -12.25 12.16 -13.37
C VAL I 141 -12.26 12.63 -14.81
N VAL I 142 -13.43 12.55 -15.44
CA VAL I 142 -13.59 12.95 -16.83
C VAL I 142 -14.36 14.27 -16.92
N PHE I 143 -13.71 15.27 -17.51
CA PHE I 143 -14.29 16.61 -17.59
C PHE I 143 -15.14 16.80 -18.84
N GLU I 144 -16.43 16.59 -18.72
CA GLU I 144 -17.37 16.88 -19.80
C GLU I 144 -18.00 18.25 -19.59
N ILE I 145 -17.28 19.11 -18.88
CA ILE I 145 -17.70 20.49 -18.67
C ILE I 145 -16.57 21.43 -19.07
N ASN I 146 -16.91 22.71 -19.28
CA ASN I 146 -15.90 23.69 -19.64
C ASN I 146 -15.37 24.42 -18.42
N VAL I 147 -14.07 24.32 -18.19
CA VAL I 147 -13.40 25.02 -17.09
C VAL I 147 -12.06 25.58 -17.54
N ASP I 148 -11.75 26.81 -17.12
CA ASP I 148 -10.44 27.40 -17.41
C ASP I 148 -9.36 26.73 -16.57
N LYS I 149 -8.09 27.01 -16.86
CA LYS I 149 -6.98 26.36 -16.16
C LYS I 149 -6.98 26.62 -14.66
N ASN I 150 -7.35 27.84 -14.26
CA ASN I 150 -7.39 28.20 -12.85
C ASN I 150 -8.42 27.40 -12.09
N LEU I 151 -9.60 27.22 -12.70
CA LEU I 151 -10.68 26.47 -12.06
C LEU I 151 -10.31 25.00 -12.01
N PHE I 152 -9.61 24.52 -13.03
CA PHE I 152 -9.14 23.14 -13.04
C PHE I 152 -8.18 22.89 -11.89
N ARG I 153 -7.22 23.79 -11.72
CA ARG I 153 -6.27 23.71 -10.62
C ARG I 153 -7.01 23.78 -9.29
N PHE I 154 -8.03 24.63 -9.26
CA PHE I 154 -8.87 24.78 -8.08
C PHE I 154 -9.60 23.48 -7.76
N PHE I 155 -9.99 22.77 -8.81
CA PHE I 155 -10.63 21.47 -8.67
C PHE I 155 -9.71 20.50 -7.92
N LEU I 156 -8.45 20.45 -8.36
CA LEU I 156 -7.46 19.57 -7.74
C LEU I 156 -7.09 20.03 -6.33
N GLU I 157 -6.84 21.33 -6.17
CA GLU I 157 -6.55 21.91 -4.87
C GLU I 157 -7.61 21.53 -3.85
N THR I 158 -8.85 21.74 -4.22
CA THR I 158 -9.98 21.47 -3.35
C THR I 158 -10.16 19.97 -3.15
N LEU I 159 -9.94 19.21 -4.21
CA LEU I 159 -10.02 17.75 -4.13
C LEU I 159 -9.02 17.22 -3.11
N PHE I 160 -7.77 17.64 -3.23
CA PHE I 160 -6.72 17.21 -2.32
C PHE I 160 -7.02 17.61 -0.87
N TYR I 161 -7.45 18.85 -0.68
CA TYR I 161 -7.69 19.38 0.66
C TYR I 161 -8.84 18.69 1.38
N GLU I 162 -9.93 18.44 0.66
CA GLU I 162 -11.11 17.83 1.25
C GLU I 162 -10.94 16.31 1.40
N TYR I 163 -10.21 15.71 0.47
CA TYR I 163 -9.93 14.29 0.53
C TYR I 163 -9.09 13.97 1.76
N MET I 164 -8.11 14.83 2.02
CA MET I 164 -7.18 14.65 3.12
C MET I 164 -7.85 14.80 4.48
N THR I 165 -7.53 13.88 5.40
CA THR I 165 -8.09 13.91 6.75
C THR I 165 -7.00 14.08 7.83
N ASP I 166 -7.25 14.98 8.78
CA ASP I 166 -6.28 15.25 9.84
C ASP I 166 -6.51 14.34 11.05
N GLU I 167 -5.57 13.43 11.28
CA GLU I 167 -5.68 12.49 12.38
C GLU I 167 -4.51 12.62 13.35
N ARG I 168 -3.88 13.79 13.36
CA ARG I 168 -2.72 14.05 14.21
C ARG I 168 -3.06 13.96 15.70
N PHE I 169 -4.29 14.30 16.05
CA PHE I 169 -4.68 14.36 17.46
C PHE I 169 -5.63 13.24 17.83
N LYS I 170 -5.77 12.26 16.94
CA LYS I 170 -6.52 11.04 17.25
C LYS I 170 -5.57 10.01 17.84
N SER I 171 -5.93 9.42 18.97
CA SER I 171 -5.16 8.28 19.46
C SER I 171 -5.95 6.98 19.27
N THR I 172 -7.19 6.97 19.74
CA THR I 172 -7.94 5.72 19.91
C THR I 172 -9.08 5.70 18.92
N ASP I 173 -9.27 6.82 18.23
CA ASP I 173 -10.33 6.95 17.24
C ASP I 173 -9.77 7.25 15.85
N LYS I 174 -8.64 6.63 15.51
CA LYS I 174 -8.08 6.79 14.17
C LYS I 174 -8.56 5.66 13.29
N ASN I 175 -8.30 5.76 11.99
CA ASN I 175 -8.73 4.74 11.04
C ASN I 175 -8.20 5.00 9.64
N MET I 178 -9.39 4.73 6.75
CA MET I 178 -8.47 5.44 5.87
C MET I 178 -7.87 4.50 4.82
N GLU I 179 -7.99 4.89 3.56
CA GLU I 179 -7.56 4.07 2.43
C GLU I 179 -7.48 4.93 1.18
N TYR I 180 -6.52 5.85 1.16
CA TYR I 180 -6.38 6.79 0.04
C TYR I 180 -6.01 6.10 -1.26
N ILE I 181 -6.49 6.66 -2.37
CA ILE I 181 -6.15 6.17 -3.69
C ILE I 181 -4.67 6.40 -3.98
N LYS I 182 -4.13 5.66 -4.94
CA LYS I 182 -2.72 5.77 -5.30
C LYS I 182 -2.56 6.35 -6.69
N HIS I 183 -3.66 6.39 -7.45
CA HIS I 183 -3.62 6.89 -8.82
C HIS I 183 -4.79 7.82 -9.13
N LEU I 184 -4.49 8.91 -9.85
CA LEU I 184 -5.51 9.85 -10.31
C LEU I 184 -5.45 10.06 -11.81
N GLY I 185 -6.49 9.63 -12.51
CA GLY I 185 -6.57 9.85 -13.95
C GLY I 185 -7.46 11.02 -14.26
N VAL I 186 -7.00 11.91 -15.13
CA VAL I 186 -7.77 13.08 -15.52
C VAL I 186 -7.95 13.17 -17.03
N TYR I 187 -9.20 13.14 -17.47
CA TYR I 187 -9.53 13.31 -18.89
C TYR I 187 -10.16 14.66 -19.15
N ILE I 188 -9.49 15.48 -19.95
CA ILE I 188 -9.99 16.82 -20.27
C ILE I 188 -9.60 17.22 -21.68
N ASN I 189 -10.37 18.13 -22.27
CA ASN I 189 -10.07 18.60 -23.62
C ASN I 189 -8.91 19.59 -23.57
N ASN I 190 -8.04 19.51 -24.57
CA ASN I 190 -6.83 20.33 -24.59
C ASN I 190 -5.97 20.00 -23.36
N ALA I 191 -5.80 18.70 -23.13
CA ALA I 191 -5.11 18.20 -21.93
C ALA I 191 -3.69 18.75 -21.81
N ASP I 192 -3.06 19.02 -22.94
CA ASP I 192 -1.66 19.43 -22.95
C ASP I 192 -1.52 20.81 -22.32
N THR I 193 -2.61 21.56 -22.27
CA THR I 193 -2.61 22.88 -21.65
C THR I 193 -2.86 22.81 -20.14
N TYR I 194 -3.52 21.75 -19.69
CA TYR I 194 -3.87 21.59 -18.28
C TYR I 194 -2.81 20.85 -17.45
N LYS I 195 -1.87 20.19 -18.13
CA LYS I 195 -0.86 19.38 -17.45
C LYS I 195 -0.01 20.22 -16.49
N GLU I 196 0.25 21.46 -16.87
CA GLU I 196 1.09 22.35 -16.07
C GLU I 196 0.45 22.72 -14.73
N GLU I 197 -0.87 22.62 -14.63
CA GLU I 197 -1.58 23.07 -13.43
C GLU I 197 -1.60 22.00 -12.34
N VAL I 198 -1.24 20.78 -12.70
CA VAL I 198 -1.34 19.64 -11.79
C VAL I 198 -0.41 19.74 -10.58
N GLU I 199 0.87 19.94 -10.83
CA GLU I 199 1.85 19.96 -9.75
C GLU I 199 1.81 21.29 -8.99
N LYS I 200 1.32 22.33 -9.67
CA LYS I 200 1.09 23.61 -9.02
C LYS I 200 -0.02 23.46 -7.98
N ALA I 201 -1.03 22.68 -8.34
CA ALA I 201 -2.14 22.41 -7.43
C ALA I 201 -1.64 21.62 -6.24
N ARG I 202 -0.76 20.65 -6.49
CA ARG I 202 -0.19 19.85 -5.42
C ARG I 202 0.62 20.74 -4.47
N VAL I 203 1.27 21.75 -5.03
CA VAL I 203 2.00 22.72 -4.22
C VAL I 203 1.03 23.61 -3.45
N TYR I 204 0.07 24.20 -4.16
CA TYR I 204 -0.96 25.02 -3.54
C TYR I 204 -1.76 24.25 -2.49
N TYR I 205 -2.00 22.97 -2.78
CA TYR I 205 -2.72 22.10 -1.86
C TYR I 205 -2.06 22.08 -0.48
N PHE I 206 -0.77 21.77 -0.46
CA PHE I 206 -0.06 21.58 0.79
C PHE I 206 0.13 22.91 1.52
N GLY I 207 0.37 23.98 0.77
CA GLY I 207 0.45 25.31 1.35
C GLY I 207 -0.79 25.62 2.16
N THR I 208 -1.94 25.29 1.58
CA THR I 208 -3.22 25.45 2.27
C THR I 208 -3.35 24.49 3.43
N TYR I 209 -3.05 23.21 3.17
CA TYR I 209 -3.18 22.19 4.20
C TYR I 209 -2.18 22.43 5.34
N TYR I 210 -1.01 22.97 4.99
CA TYR I 210 -0.02 23.32 6.00
C TYR I 210 -0.58 24.38 6.93
N ALA I 211 -1.10 25.46 6.34
CA ALA I 211 -1.70 26.54 7.11
C ALA I 211 -2.89 26.01 7.92
N SER I 212 -3.62 25.08 7.32
CA SER I 212 -4.77 24.46 7.97
C SER I 212 -4.33 23.71 9.23
N GLN I 213 -3.22 22.98 9.12
CA GLN I 213 -2.69 22.19 10.23
C GLN I 213 -2.32 23.07 11.42
N LEU I 214 -1.73 24.23 11.15
CA LEU I 214 -1.36 25.15 12.21
C LEU I 214 -2.58 25.70 12.92
N ILE I 215 -3.59 26.07 12.13
CA ILE I 215 -4.81 26.65 12.67
C ILE I 215 -5.61 25.62 13.48
N ALA I 216 -5.75 24.42 12.94
CA ALA I 216 -6.52 23.37 13.61
C ALA I 216 -5.86 22.94 14.93
N ALA I 217 -4.54 22.98 14.98
CA ALA I 217 -3.80 22.60 16.19
C ALA I 217 -4.20 23.50 17.35
N PRO I 218 -4.57 22.89 18.48
CA PRO I 218 -5.01 23.62 19.68
C PRO I 218 -3.91 24.54 20.23
N SER I 219 -4.28 25.44 21.13
CA SER I 219 -3.36 26.46 21.61
C SER I 219 -2.33 25.91 22.59
N ASN I 220 -2.59 24.73 23.15
CA ASN I 220 -1.61 24.09 24.01
C ASN I 220 -0.51 23.44 23.17
N TYR I 221 -0.86 23.05 21.94
CA TYR I 221 0.12 22.54 20.99
C TYR I 221 0.80 23.67 20.23
N CYS I 222 -0.01 24.53 19.62
CA CYS I 222 0.49 25.64 18.83
C CYS I 222 0.54 26.93 19.64
N ASN I 223 1.72 27.24 20.17
CA ASN I 223 1.96 28.49 20.89
C ASN I 223 3.02 29.33 20.20
N PRO I 224 3.26 30.55 20.70
CA PRO I 224 4.21 31.49 20.08
C PRO I 224 5.59 30.86 19.87
N VAL I 225 6.02 29.99 20.77
CA VAL I 225 7.33 29.35 20.66
C VAL I 225 7.33 28.22 19.64
N SER I 226 6.41 27.27 19.80
CA SER I 226 6.35 26.11 18.93
C SER I 226 6.03 26.49 17.50
N LEU I 227 5.24 27.55 17.33
CA LEU I 227 4.86 28.02 16.01
C LEU I 227 6.06 28.66 15.32
N SER I 228 6.81 29.45 16.07
CA SER I 228 8.02 30.07 15.54
C SER I 228 9.07 29.02 15.19
N ASN I 229 9.15 27.97 16.03
CA ASN I 229 10.05 26.85 15.76
C ASN I 229 9.68 26.12 14.48
N ALA I 230 8.39 25.93 14.25
CA ALA I 230 7.89 25.24 13.06
C ALA I 230 8.18 26.04 11.79
N ALA I 231 8.11 27.36 11.91
CA ALA I 231 8.37 28.23 10.78
C ALA I 231 9.84 28.15 10.38
N VAL I 232 10.71 28.08 11.37
CA VAL I 232 12.14 27.92 11.13
C VAL I 232 12.44 26.62 10.39
N GLU I 233 11.84 25.53 10.87
CA GLU I 233 12.02 24.21 10.25
C GLU I 233 11.53 24.23 8.81
N LEU I 234 10.46 24.98 8.55
CA LEU I 234 9.94 25.11 7.20
C LEU I 234 10.90 25.85 6.29
N ALA I 235 11.43 26.96 6.80
CA ALA I 235 12.40 27.76 6.05
C ALA I 235 13.66 26.96 5.78
N GLN I 236 14.04 26.14 6.75
CA GLN I 236 15.22 25.31 6.63
C GLN I 236 15.00 24.31 5.50
N LYS I 237 13.79 23.77 5.43
CA LYS I 237 13.45 22.83 4.36
C LYS I 237 13.34 23.54 3.00
N LEU I 238 12.98 24.81 3.02
CA LEU I 238 12.83 25.57 1.77
C LEU I 238 14.05 26.43 1.43
N ASN I 239 15.09 26.34 2.26
CA ASN I 239 16.30 27.11 2.05
C ASN I 239 16.01 28.60 2.02
N LEU I 240 15.15 29.04 2.93
CA LEU I 240 14.80 30.45 3.04
C LEU I 240 15.56 31.10 4.18
N GLU I 241 15.99 32.35 3.99
CA GLU I 241 16.57 33.10 5.08
C GLU I 241 15.53 33.29 6.17
N TYR I 242 15.88 32.94 7.41
CA TYR I 242 14.94 33.09 8.51
C TYR I 242 15.61 33.74 9.71
N LYS I 243 14.81 34.45 10.50
CA LYS I 243 15.29 35.07 11.72
C LYS I 243 14.12 35.25 12.68
N ILE I 244 14.27 34.75 13.90
CA ILE I 244 13.23 34.86 14.91
C ILE I 244 13.63 35.87 15.96
N LEU I 245 12.87 36.96 16.04
CA LEU I 245 13.16 38.03 16.98
C LEU I 245 12.67 37.65 18.37
N GLY I 246 13.51 37.82 19.37
CA GLY I 246 13.12 37.52 20.74
C GLY I 246 12.73 38.75 21.53
N VAL I 247 12.36 38.54 22.79
CA VAL I 247 11.83 39.61 23.62
C VAL I 247 12.79 40.78 23.84
N LYS I 248 14.05 40.48 24.11
CA LYS I 248 15.02 41.52 24.40
C LYS I 248 15.25 42.37 23.16
N GLU I 249 15.28 41.73 22.00
CA GLU I 249 15.51 42.42 20.74
C GLU I 249 14.29 43.23 20.33
N LEU I 250 13.10 42.75 20.69
CA LEU I 250 11.87 43.47 20.41
C LEU I 250 11.78 44.69 21.31
N GLU I 251 12.33 44.56 22.52
CA GLU I 251 12.37 45.66 23.46
C GLU I 251 13.24 46.80 22.92
N GLU I 252 14.32 46.43 22.24
CA GLU I 252 15.24 47.41 21.67
C GLU I 252 14.63 48.06 20.45
N LEU I 253 13.70 47.36 19.80
CA LEU I 253 13.01 47.92 18.66
C LEU I 253 11.83 48.76 19.17
N LYS I 254 11.62 48.71 20.47
CA LYS I 254 10.61 49.53 21.14
C LYS I 254 9.20 49.22 20.66
N MET I 255 8.95 47.95 20.36
CA MET I 255 7.63 47.50 19.95
C MET I 255 6.71 47.34 21.16
N GLY I 256 6.29 48.46 21.72
CA GLY I 256 5.55 48.44 22.96
C GLY I 256 4.14 47.88 22.85
N ALA I 257 3.51 48.09 21.70
CA ALA I 257 2.16 47.58 21.47
C ALA I 257 2.15 46.05 21.43
N TYR I 258 2.99 45.48 20.57
CA TYR I 258 3.09 44.03 20.42
C TYR I 258 3.48 43.35 21.73
N LEU I 259 4.48 43.87 22.41
CA LEU I 259 4.94 43.28 23.66
C LEU I 259 3.89 43.39 24.75
N SER I 260 3.14 44.49 24.73
CA SER I 260 2.12 44.74 25.74
C SER I 260 1.04 43.65 25.73
N VAL I 261 0.73 43.18 24.52
CA VAL I 261 -0.28 42.13 24.35
C VAL I 261 0.19 40.83 24.97
N GLY I 262 1.48 40.51 24.79
CA GLY I 262 2.06 39.28 25.26
C GLY I 262 2.45 39.24 26.74
N LYS I 263 2.32 40.38 27.43
CA LYS I 263 2.76 40.47 28.82
C LYS I 263 2.18 39.40 29.73
N GLY I 264 0.89 39.12 29.56
CA GLY I 264 0.20 38.18 30.44
C GLY I 264 0.37 36.71 30.08
N SER I 265 1.20 36.41 29.10
CA SER I 265 1.37 35.04 28.63
C SER I 265 2.58 34.35 29.24
N MET I 266 2.50 33.04 29.40
CA MET I 266 3.64 32.26 29.87
C MET I 266 4.61 32.02 28.72
N TYR I 267 4.14 32.25 27.50
CA TYR I 267 4.96 32.07 26.32
C TYR I 267 5.50 33.41 25.84
N PRO I 268 6.83 33.53 25.76
CA PRO I 268 7.49 34.77 25.31
C PRO I 268 7.12 35.14 23.89
N ASN I 269 7.07 36.43 23.59
CA ASN I 269 6.78 36.87 22.23
C ASN I 269 7.83 36.37 21.25
N LYS I 270 7.38 35.99 20.06
CA LYS I 270 8.28 35.54 19.01
C LYS I 270 7.86 36.19 17.70
N PHE I 271 8.71 37.06 17.19
CA PHE I 271 8.43 37.75 15.94
C PHE I 271 9.05 36.97 14.77
N ILE I 272 8.20 36.43 13.92
CA ILE I 272 8.65 35.60 12.81
C ILE I 272 9.04 36.43 11.60
N HIS I 273 10.23 36.18 11.06
CA HIS I 273 10.69 36.91 9.89
C HIS I 273 11.40 35.99 8.88
N LEU I 274 10.63 35.43 7.96
CA LEU I 274 11.19 34.66 6.85
C LEU I 274 11.40 35.55 5.62
N THR I 275 12.29 35.14 4.73
CA THR I 275 12.58 35.94 3.53
C THR I 275 12.84 35.08 2.30
N TYR I 276 12.17 35.41 1.20
CA TYR I 276 12.42 34.77 -0.09
C TYR I 276 13.11 35.75 -1.04
N LYS I 277 14.30 35.39 -1.47
CA LYS I 277 15.10 36.22 -2.38
C LYS I 277 15.32 35.55 -3.73
N SER I 278 14.56 35.91 -4.75
CA SER I 278 14.75 35.27 -6.04
C SER I 278 16.17 35.51 -6.54
N LYS I 279 16.64 34.62 -7.41
CA LYS I 279 18.04 34.64 -7.84
C LYS I 279 18.22 35.52 -9.06
N GLY I 280 18.45 36.81 -8.83
CA GLY I 280 18.62 37.73 -9.94
C GLY I 280 18.17 39.16 -9.73
N ASP I 281 17.42 39.67 -10.69
CA ASP I 281 17.00 41.07 -10.72
C ASP I 281 15.68 41.34 -10.00
N VAL I 282 15.70 41.25 -8.67
CA VAL I 282 14.55 41.59 -7.84
C VAL I 282 13.88 42.89 -8.31
N LYS I 283 12.64 42.81 -8.76
CA LYS I 283 11.95 43.98 -9.31
C LYS I 283 10.79 44.44 -8.43
N LYS I 284 10.22 43.52 -7.66
CA LYS I 284 9.20 43.86 -6.69
C LYS I 284 9.59 43.32 -5.32
N LYS I 285 9.49 44.16 -4.30
CA LYS I 285 9.77 43.71 -2.96
C LYS I 285 8.47 43.74 -2.16
N ILE I 286 8.10 42.59 -1.61
CA ILE I 286 6.81 42.44 -0.96
C ILE I 286 6.94 41.96 0.47
N ALA I 287 6.18 42.58 1.37
CA ALA I 287 6.12 42.17 2.75
C ALA I 287 4.72 41.67 3.09
N LEU I 288 4.62 40.40 3.46
CA LEU I 288 3.35 39.81 3.88
C LEU I 288 3.30 39.71 5.40
N VAL I 289 2.39 40.47 6.01
CA VAL I 289 2.26 40.49 7.46
C VAL I 289 1.01 39.72 7.88
N GLY I 290 1.17 38.83 8.85
CA GLY I 290 0.06 38.03 9.33
C GLY I 290 -0.15 38.16 10.83
N LYS I 291 -1.41 38.22 11.24
CA LYS I 291 -1.75 38.27 12.66
C LYS I 291 -1.45 36.92 13.30
N GLY I 292 -0.70 36.95 14.40
CA GLY I 292 -0.24 35.72 15.03
C GLY I 292 -0.58 35.62 16.51
N ILE I 293 -1.87 35.63 16.82
CA ILE I 293 -2.32 35.39 18.18
C ILE I 293 -2.66 33.91 18.37
N THR I 294 -1.81 33.21 19.11
CA THR I 294 -1.96 31.76 19.24
C THR I 294 -3.25 31.41 19.98
N PHE I 295 -3.64 32.29 20.90
CA PHE I 295 -4.97 32.20 21.51
C PHE I 295 -5.43 33.56 22.02
N ASP I 296 -6.71 33.86 21.78
CA ASP I 296 -7.28 35.14 22.20
C ASP I 296 -8.36 34.97 23.26
N SER I 297 -7.96 35.08 24.52
CA SER I 297 -8.91 35.05 25.62
C SER I 297 -9.65 36.39 25.69
N GLY I 298 -9.01 37.42 25.15
CA GLY I 298 -9.56 38.76 25.19
C GLY I 298 -8.91 39.62 26.24
N GLY I 299 -8.12 38.98 27.11
CA GLY I 299 -7.50 39.69 28.22
C GLY I 299 -8.53 40.02 29.28
N TYR I 300 -8.32 41.13 29.98
CA TYR I 300 -9.25 41.54 31.03
C TYR I 300 -10.61 41.91 30.45
N ASN I 301 -10.63 42.30 29.18
CA ASN I 301 -11.88 42.37 28.43
C ASN I 301 -12.22 40.97 27.95
N LEU I 302 -12.43 40.08 28.92
CA LEU I 302 -12.56 38.64 28.66
C LEU I 302 -13.70 38.33 27.72
N LYS I 303 -13.49 37.34 26.86
CA LYS I 303 -14.55 36.86 25.98
C LYS I 303 -15.53 36.03 26.77
N ALA I 304 -16.38 36.70 27.55
CA ALA I 304 -17.35 36.02 28.40
C ALA I 304 -18.77 36.26 27.89
N ALA I 305 -18.92 37.26 27.03
CA ALA I 305 -20.22 37.59 26.46
C ALA I 305 -20.67 36.52 25.48
N PRO I 306 -21.99 36.29 25.39
CA PRO I 306 -22.57 35.31 24.46
C PRO I 306 -22.22 35.57 23.01
N GLY I 307 -21.77 34.52 22.31
CA GLY I 307 -21.42 34.63 20.91
C GLY I 307 -19.99 35.02 20.64
N SER I 308 -19.21 35.19 21.70
CA SER I 308 -17.81 35.56 21.56
C SER I 308 -16.98 34.39 21.03
N MET I 309 -17.49 33.18 21.20
CA MET I 309 -16.85 31.97 20.67
C MET I 309 -15.39 31.84 21.10
N ILE I 310 -15.15 31.84 22.41
CA ILE I 310 -13.80 31.79 22.95
C ILE I 310 -13.12 30.46 22.64
N ASP I 311 -13.92 29.41 22.47
CA ASP I 311 -13.39 28.08 22.19
C ASP I 311 -12.79 28.02 20.79
N LEU I 312 -13.17 28.97 19.93
CA LEU I 312 -12.64 29.05 18.57
C LEU I 312 -11.32 29.81 18.49
N MET I 313 -11.00 30.58 19.53
CA MET I 313 -9.97 31.61 19.43
C MET I 313 -8.55 31.08 19.28
N LYS I 314 -8.42 29.81 18.92
CA LYS I 314 -7.13 29.28 18.47
C LYS I 314 -6.89 29.75 17.04
N PHE I 315 -7.98 30.13 16.37
CA PHE I 315 -7.95 30.53 14.97
C PHE I 315 -7.34 31.93 14.76
N ASP I 316 -7.00 32.60 15.86
CA ASP I 316 -6.48 33.96 15.79
C ASP I 316 -5.03 33.97 15.25
N MET I 317 -4.55 32.81 14.82
CA MET I 317 -3.24 32.71 14.20
C MET I 317 -3.39 32.42 12.71
N SER I 318 -4.59 32.66 12.19
CA SER I 318 -4.89 32.36 10.79
C SER I 318 -4.10 33.24 9.83
N GLY I 319 -3.87 34.49 10.23
CA GLY I 319 -3.08 35.40 9.43
C GLY I 319 -1.67 34.89 9.23
N CYS I 320 -1.06 34.46 10.33
CA CYS I 320 0.27 33.86 10.29
C CYS I 320 0.34 32.60 9.45
N ALA I 321 -0.67 31.75 9.61
CA ALA I 321 -0.71 30.48 8.88
C ALA I 321 -0.80 30.69 7.38
N ALA I 322 -1.51 31.73 6.97
CA ALA I 322 -1.64 32.06 5.54
C ALA I 322 -0.29 32.49 4.97
N VAL I 323 0.43 33.32 5.73
CA VAL I 323 1.74 33.80 5.29
C VAL I 323 2.72 32.64 5.23
N LEU I 324 2.67 31.76 6.23
CA LEU I 324 3.53 30.58 6.24
C LEU I 324 3.16 29.62 5.12
N GLY I 325 1.85 29.44 4.90
CA GLY I 325 1.38 28.62 3.81
C GLY I 325 1.83 29.22 2.49
N CYS I 326 1.76 30.54 2.41
CA CYS I 326 2.24 31.27 1.24
C CYS I 326 3.74 31.09 1.07
N ALA I 327 4.45 31.15 2.20
CA ALA I 327 5.90 30.98 2.20
C ALA I 327 6.30 29.64 1.62
N TYR I 328 5.51 28.60 1.88
CA TYR I 328 5.81 27.28 1.33
C TYR I 328 5.66 27.29 -0.18
N CYS I 329 4.53 27.80 -0.66
CA CYS I 329 4.25 27.83 -2.09
C CYS I 329 5.31 28.63 -2.82
N VAL I 330 5.67 29.78 -2.26
CA VAL I 330 6.69 30.63 -2.85
C VAL I 330 8.06 29.95 -2.80
N GLY I 331 8.40 29.37 -1.66
CA GLY I 331 9.66 28.67 -1.50
C GLY I 331 9.84 27.46 -2.39
N THR I 332 8.73 26.80 -2.70
CA THR I 332 8.76 25.60 -3.55
C THR I 332 8.72 25.96 -5.04
N LEU I 333 7.84 26.89 -5.40
CA LEU I 333 7.68 27.26 -6.80
C LEU I 333 8.84 28.13 -7.29
N LYS I 334 9.46 28.85 -6.37
CA LYS I 334 10.63 29.67 -6.68
C LYS I 334 10.34 30.65 -7.81
N PRO I 335 9.49 31.65 -7.53
CA PRO I 335 9.19 32.68 -8.54
C PRO I 335 10.40 33.55 -8.79
N GLU I 336 10.41 34.25 -9.93
CA GLU I 336 11.57 35.04 -10.31
C GLU I 336 11.34 36.53 -10.08
N ASN I 337 12.44 37.27 -9.93
CA ASN I 337 12.40 38.72 -9.83
C ASN I 337 11.60 39.24 -8.63
N VAL I 338 11.63 38.50 -7.53
CA VAL I 338 10.86 38.91 -6.35
C VAL I 338 11.58 38.64 -5.04
N GLU I 339 11.41 39.57 -4.10
CA GLU I 339 11.88 39.41 -2.74
C GLU I 339 10.69 39.52 -1.81
N ILE I 340 10.40 38.44 -1.08
CA ILE I 340 9.22 38.41 -0.24
C ILE I 340 9.62 38.23 1.22
N HIS I 341 9.12 39.13 2.07
CA HIS I 341 9.36 39.02 3.50
C HIS I 341 8.08 38.55 4.19
N PHE I 342 8.17 37.42 4.88
CA PHE I 342 7.03 36.87 5.59
C PHE I 342 7.12 37.23 7.07
N LEU I 343 6.27 38.16 7.50
CA LEU I 343 6.35 38.70 8.84
C LEU I 343 5.14 38.30 9.67
N SER I 344 5.36 38.09 10.96
CA SER I 344 4.26 37.85 11.90
C SER I 344 4.71 38.11 13.32
N ALA I 345 4.03 39.03 13.99
CA ALA I 345 4.28 39.27 15.40
C ALA I 345 3.45 38.31 16.22
N VAL I 346 4.06 37.19 16.62
CA VAL I 346 3.32 36.13 17.28
C VAL I 346 3.34 36.29 18.79
N CYS I 347 2.17 36.19 19.40
CA CYS I 347 2.05 36.26 20.86
C CYS I 347 0.70 35.70 21.30
N GLU I 348 0.45 35.75 22.60
CA GLU I 348 -0.79 35.20 23.16
C GLU I 348 -1.46 36.22 24.07
N ASN I 349 -2.76 36.44 23.87
CA ASN I 349 -3.52 37.37 24.70
C ASN I 349 -4.19 36.62 25.85
N MET I 350 -3.64 36.80 27.06
CA MET I 350 -4.08 36.01 28.20
C MET I 350 -4.41 36.87 29.42
N VAL I 351 -5.05 36.26 30.42
CA VAL I 351 -5.36 36.95 31.67
C VAL I 351 -4.37 36.53 32.75
N SER I 352 -3.72 37.52 33.36
CA SER I 352 -2.66 37.27 34.32
C SER I 352 -2.37 38.50 35.16
N LYS I 353 -1.53 38.34 36.18
CA LYS I 353 -1.08 39.48 36.96
C LYS I 353 -0.18 40.35 36.09
N ASN I 354 0.41 39.73 35.07
CA ASN I 354 1.34 40.41 34.18
C ASN I 354 0.69 41.05 32.96
N SER I 355 -0.58 40.74 32.73
CA SER I 355 -1.31 41.23 31.55
C SER I 355 -1.45 42.75 31.54
N TYR I 356 -1.59 43.33 30.34
CA TYR I 356 -1.85 44.76 30.23
C TYR I 356 -3.33 45.02 30.45
N ARG I 357 -3.65 46.19 30.99
CA ARG I 357 -5.01 46.49 31.41
C ARG I 357 -5.68 47.46 30.45
N PRO I 358 -7.03 47.41 30.39
CA PRO I 358 -7.80 48.44 29.69
C PRO I 358 -7.53 49.81 30.32
N GLY I 359 -7.23 50.81 29.49
CA GLY I 359 -6.92 52.13 29.98
C GLY I 359 -5.43 52.40 29.96
N ASP I 360 -4.65 51.33 29.86
CA ASP I 360 -3.20 51.44 29.74
C ASP I 360 -2.81 52.24 28.51
N ILE I 361 -1.85 53.14 28.66
CA ILE I 361 -1.31 53.85 27.51
C ILE I 361 0.06 53.26 27.18
N ILE I 362 0.19 52.75 25.97
CA ILE I 362 1.42 52.09 25.53
C ILE I 362 2.04 52.80 24.34
N THR I 363 3.32 52.54 24.09
CA THR I 363 4.03 53.23 23.02
C THR I 363 4.51 52.28 21.92
N ALA I 364 4.03 52.50 20.71
CA ALA I 364 4.39 51.66 19.57
C ALA I 364 5.80 51.93 19.10
N SER I 365 6.28 51.10 18.18
CA SER I 365 7.68 51.16 17.72
C SER I 365 7.93 52.37 16.82
N ASN I 366 6.87 53.10 16.48
CA ASN I 366 7.02 54.30 15.66
C ASN I 366 6.89 55.58 16.48
N GLY I 367 6.87 55.42 17.81
CA GLY I 367 6.84 56.56 18.71
C GLY I 367 5.44 57.00 19.12
N LYS I 368 4.44 56.51 18.41
CA LYS I 368 3.05 56.87 18.67
C LYS I 368 2.51 56.20 19.93
N THR I 369 1.89 56.98 20.81
CA THR I 369 1.29 56.45 22.04
C THR I 369 -0.17 56.03 21.83
N ILE I 370 -0.54 54.90 22.43
CA ILE I 370 -1.88 54.33 22.23
C ILE I 370 -2.62 54.08 23.54
N GLU I 371 -3.81 54.67 23.66
CA GLU I 371 -4.67 54.40 24.81
C GLU I 371 -5.54 53.16 24.55
N VAL I 372 -5.34 52.12 25.36
CA VAL I 372 -6.09 50.89 25.23
C VAL I 372 -7.51 50.99 25.80
N GLY I 373 -8.50 50.82 24.94
CA GLY I 373 -9.89 50.87 25.37
C GLY I 373 -10.47 49.49 25.59
N ASN I 374 -9.85 48.49 24.95
CA ASN I 374 -10.31 47.11 25.05
C ASN I 374 -9.18 46.14 24.76
N THR I 375 -8.87 45.30 25.73
CA THR I 375 -7.74 44.39 25.61
C THR I 375 -8.02 43.27 24.61
N ASP I 376 -9.27 43.16 24.17
CA ASP I 376 -9.63 42.13 23.20
C ASP I 376 -9.39 42.60 21.77
N ALA I 377 -9.08 43.88 21.60
CA ALA I 377 -8.68 44.40 20.30
C ALA I 377 -7.16 44.45 20.19
N GLU I 378 -6.53 43.31 20.46
CA GLU I 378 -5.08 43.24 20.58
C GLU I 378 -4.35 43.05 19.25
N GLY I 379 -5.03 42.43 18.30
CA GLY I 379 -4.43 42.12 17.01
C GLY I 379 -3.88 43.34 16.30
N ARG I 380 -4.62 44.44 16.36
CA ARG I 380 -4.23 45.67 15.70
C ARG I 380 -3.04 46.28 16.43
N LEU I 381 -2.93 45.96 17.71
CA LEU I 381 -1.79 46.40 18.51
C LEU I 381 -0.54 45.65 18.05
N THR I 382 -0.68 44.34 17.83
CA THR I 382 0.44 43.52 17.37
C THR I 382 0.77 43.85 15.91
N LEU I 383 -0.26 44.04 15.11
CA LEU I 383 -0.07 44.41 13.71
C LEU I 383 0.53 45.81 13.60
N ALA I 384 0.22 46.65 14.58
CA ALA I 384 0.74 48.01 14.64
C ALA I 384 2.26 48.02 14.59
N ASP I 385 2.87 47.28 15.51
CA ASP I 385 4.32 47.18 15.57
C ASP I 385 4.84 46.40 14.36
N ALA I 386 4.05 45.43 13.92
CA ALA I 386 4.41 44.60 12.77
C ALA I 386 4.47 45.38 11.47
N LEU I 387 3.56 46.33 11.29
CA LEU I 387 3.54 47.13 10.07
C LEU I 387 4.68 48.15 10.03
N VAL I 388 5.04 48.69 11.19
CA VAL I 388 6.17 49.60 11.29
C VAL I 388 7.46 48.86 10.97
N TYR I 389 7.59 47.66 11.51
CA TYR I 389 8.72 46.79 11.22
C TYR I 389 8.84 46.53 9.74
N ALA I 390 7.69 46.28 9.10
CA ALA I 390 7.65 45.96 7.67
C ALA I 390 8.08 47.14 6.82
N GLU I 391 7.58 48.33 7.17
CA GLU I 391 7.83 49.52 6.39
C GLU I 391 9.31 49.92 6.46
N LYS I 392 9.96 49.59 7.57
CA LYS I 392 11.39 49.86 7.73
C LYS I 392 12.21 49.02 6.76
N LEU I 393 11.64 47.91 6.31
CA LEU I 393 12.35 47.02 5.38
C LEU I 393 12.50 47.64 4.00
N GLY I 394 11.72 48.69 3.74
CA GLY I 394 11.81 49.38 2.47
C GLY I 394 11.25 48.56 1.32
N VAL I 395 9.97 48.22 1.43
CA VAL I 395 9.31 47.39 0.42
C VAL I 395 8.32 48.21 -0.40
N ASP I 396 7.88 47.66 -1.52
CA ASP I 396 6.91 48.33 -2.38
C ASP I 396 5.49 48.11 -1.86
N TYR I 397 5.22 46.90 -1.40
CA TYR I 397 3.89 46.52 -0.93
C TYR I 397 3.92 45.91 0.46
N ILE I 398 3.07 46.40 1.35
CA ILE I 398 2.82 45.73 2.61
C ILE I 398 1.40 45.20 2.58
N VAL I 399 1.26 43.88 2.68
CA VAL I 399 -0.05 43.25 2.64
C VAL I 399 -0.29 42.50 3.94
N ASP I 400 -1.22 43.00 4.73
CA ASP I 400 -1.59 42.38 5.99
C ASP I 400 -2.83 41.51 5.84
N ILE I 401 -2.84 40.41 6.59
CA ILE I 401 -3.98 39.48 6.60
C ILE I 401 -4.19 38.97 8.02
N ALA I 402 -5.40 39.09 8.55
CA ALA I 402 -5.62 38.81 9.97
C ALA I 402 -7.09 38.54 10.32
N THR I 403 -7.29 37.61 11.23
CA THR I 403 -8.60 37.40 11.84
C THR I 403 -8.87 38.54 12.80
N LEU I 404 -9.17 39.71 12.26
CA LEU I 404 -9.12 40.95 13.04
C LEU I 404 -10.43 41.32 13.73
N THR I 405 -11.53 41.33 13.00
CA THR I 405 -12.80 41.79 13.54
C THR I 405 -13.94 40.82 13.30
N GLY I 406 -14.71 40.54 14.35
CA GLY I 406 -15.86 39.67 14.28
C GLY I 406 -16.99 40.31 13.47
N ALA I 407 -16.92 41.62 13.32
CA ALA I 407 -17.92 42.36 12.56
C ALA I 407 -18.00 41.90 11.10
N MET I 408 -16.94 41.22 10.64
CA MET I 408 -16.93 40.70 9.28
C MET I 408 -18.06 39.71 9.05
N LEU I 409 -18.49 39.05 10.12
CA LEU I 409 -19.61 38.11 10.03
C LEU I 409 -20.89 38.87 9.74
N TYR I 410 -20.92 40.14 10.12
CA TYR I 410 -22.08 40.99 9.86
C TYR I 410 -21.87 41.76 8.57
N SER I 411 -20.61 41.89 8.16
CA SER I 411 -20.26 42.57 6.93
C SER I 411 -20.42 41.66 5.71
N LEU I 412 -19.44 40.80 5.50
CA LEU I 412 -19.40 39.95 4.32
C LEU I 412 -19.80 38.50 4.62
N GLY I 413 -19.76 38.13 5.89
CA GLY I 413 -20.14 36.79 6.31
C GLY I 413 -18.98 35.81 6.31
N THR I 414 -19.25 34.57 5.92
CA THR I 414 -18.27 33.48 6.04
C THR I 414 -17.62 33.08 4.71
N SER I 415 -18.14 33.61 3.61
CA SER I 415 -17.67 33.20 2.29
C SER I 415 -16.71 34.22 1.68
N TYR I 416 -17.03 35.49 1.83
CA TYR I 416 -16.20 36.56 1.28
C TYR I 416 -15.38 37.25 2.36
N ALA I 417 -14.09 37.44 2.08
CA ALA I 417 -13.23 38.21 2.98
C ALA I 417 -13.22 39.68 2.57
N GLY I 418 -12.91 40.54 3.52
CA GLY I 418 -12.87 41.97 3.25
C GLY I 418 -11.45 42.49 3.13
N VAL I 419 -11.22 43.35 2.14
CA VAL I 419 -9.92 43.98 1.98
C VAL I 419 -9.99 45.50 2.09
N PHE I 420 -9.12 46.05 2.92
CA PHE I 420 -9.00 47.50 3.05
C PHE I 420 -7.62 47.91 2.57
N GLY I 421 -7.41 49.21 2.35
CA GLY I 421 -6.12 49.69 1.90
C GLY I 421 -6.03 51.18 1.67
N ASN I 422 -4.82 51.65 1.40
CA ASN I 422 -4.58 53.06 1.10
C ASN I 422 -4.17 53.28 -0.34
N ASN I 423 -4.11 52.19 -1.11
CA ASN I 423 -3.69 52.23 -2.50
C ASN I 423 -4.56 51.36 -3.39
N GLU I 424 -5.14 51.96 -4.43
CA GLU I 424 -6.13 51.25 -5.24
C GLU I 424 -5.52 50.24 -6.21
N GLU I 425 -4.28 50.45 -6.62
CA GLU I 425 -3.64 49.53 -7.54
C GLU I 425 -3.27 48.25 -6.80
N LEU I 426 -2.85 48.40 -5.54
CA LEU I 426 -2.53 47.24 -4.71
C LEU I 426 -3.79 46.46 -4.38
N ILE I 427 -4.88 47.17 -4.11
CA ILE I 427 -6.15 46.53 -3.81
C ILE I 427 -6.66 45.77 -5.03
N ASN I 428 -6.53 46.39 -6.20
CA ASN I 428 -6.96 45.76 -7.45
C ASN I 428 -6.14 44.52 -7.80
N LYS I 429 -4.88 44.50 -7.40
CA LYS I 429 -4.05 43.33 -7.63
C LYS I 429 -4.47 42.19 -6.71
N ILE I 430 -4.84 42.53 -5.48
CA ILE I 430 -5.38 41.55 -4.54
C ILE I 430 -6.67 40.95 -5.07
N LEU I 431 -7.53 41.81 -5.60
CA LEU I 431 -8.82 41.36 -6.13
C LEU I 431 -8.63 40.48 -7.36
N GLN I 432 -7.67 40.84 -8.21
CA GLN I 432 -7.37 40.06 -9.41
C GLN I 432 -6.82 38.69 -8.98
N SER I 433 -6.02 38.69 -7.90
CA SER I 433 -5.50 37.45 -7.34
C SER I 433 -6.63 36.66 -6.68
N SER I 434 -7.59 37.38 -6.12
CA SER I 434 -8.78 36.78 -5.53
C SER I 434 -9.54 35.97 -6.57
N LYS I 435 -9.60 36.51 -7.78
CA LYS I 435 -10.32 35.87 -8.88
C LYS I 435 -9.65 34.58 -9.34
N THR I 436 -8.32 34.59 -9.42
CA THR I 436 -7.59 33.44 -9.97
C THR I 436 -7.32 32.38 -8.92
N SER I 437 -7.17 32.80 -7.66
CA SER I 437 -6.99 31.86 -6.56
C SER I 437 -8.31 31.23 -6.17
N ASN I 438 -9.40 31.88 -6.58
CA ASN I 438 -10.76 31.44 -6.24
C ASN I 438 -11.01 31.51 -4.73
N GLU I 439 -10.30 32.42 -4.07
CA GLU I 439 -10.58 32.75 -2.69
C GLU I 439 -11.18 34.16 -2.68
N PRO I 440 -12.51 34.23 -2.52
CA PRO I 440 -13.31 35.45 -2.73
C PRO I 440 -12.99 36.57 -1.74
N VAL I 441 -12.82 37.77 -2.28
CA VAL I 441 -12.52 38.95 -1.46
C VAL I 441 -13.31 40.15 -1.98
N TRP I 442 -13.86 40.93 -1.06
CA TRP I 442 -14.60 42.12 -1.45
C TRP I 442 -13.96 43.38 -0.89
N TRP I 443 -13.92 44.43 -1.71
CA TRP I 443 -13.30 45.67 -1.31
C TRP I 443 -14.21 46.46 -0.36
N LEU I 444 -13.69 46.81 0.80
CA LEU I 444 -14.42 47.63 1.75
C LEU I 444 -13.71 48.96 1.98
N PRO I 445 -14.48 50.01 2.33
CA PRO I 445 -13.94 51.37 2.42
C PRO I 445 -13.35 51.73 3.77
N ILE I 446 -12.28 52.50 3.76
CA ILE I 446 -11.78 53.13 4.98
C ILE I 446 -12.35 54.55 5.05
N ILE I 447 -13.36 54.74 5.90
CA ILE I 447 -14.06 56.02 5.96
C ILE I 447 -13.35 56.96 6.92
N ASN I 448 -12.69 57.97 6.36
CA ASN I 448 -11.85 58.88 7.13
C ASN I 448 -12.65 59.71 8.12
N GLU I 449 -13.96 59.75 7.93
CA GLU I 449 -14.85 60.51 8.81
C GLU I 449 -14.88 59.94 10.23
N TYR I 450 -14.58 58.65 10.36
CA TYR I 450 -14.60 57.99 11.65
C TYR I 450 -13.32 58.25 12.44
N ARG I 451 -12.29 58.70 11.74
CA ARG I 451 -10.96 58.87 12.33
C ARG I 451 -10.97 59.72 13.61
N ALA I 452 -11.88 60.68 13.68
CA ALA I 452 -11.94 61.58 14.83
C ALA I 452 -12.34 60.86 16.11
N THR I 453 -12.98 59.70 15.97
CA THR I 453 -13.41 58.96 17.14
C THR I 453 -12.26 58.17 17.78
N LEU I 454 -11.14 58.10 17.08
CA LEU I 454 -9.95 57.43 17.61
C LEU I 454 -9.03 58.46 18.25
N ASN I 455 -9.50 59.70 18.32
CA ASN I 455 -8.73 60.78 18.92
C ASN I 455 -8.78 60.71 20.45
N SER I 456 -7.70 60.22 21.04
CA SER I 456 -7.63 60.07 22.49
C SER I 456 -7.42 61.41 23.19
N LYS I 457 -7.96 61.51 24.39
CA LYS I 457 -7.82 62.72 25.19
C LYS I 457 -6.40 62.83 25.75
N TYR I 458 -5.75 61.69 25.96
CA TYR I 458 -4.45 61.69 26.61
C TYR I 458 -3.35 61.11 25.73
N ALA I 459 -3.65 60.01 25.07
CA ALA I 459 -2.68 59.41 24.17
C ALA I 459 -2.74 60.11 22.82
N ASP I 460 -1.84 59.73 21.92
CA ASP I 460 -1.84 60.28 20.57
C ASP I 460 -3.07 59.79 19.82
N ILE I 461 -3.38 58.52 20.02
CA ILE I 461 -4.48 57.86 19.31
C ILE I 461 -5.15 56.81 20.19
N ASN I 462 -6.46 56.66 20.01
CA ASN I 462 -7.20 55.62 20.71
C ASN I 462 -7.07 54.26 20.00
N GLN I 463 -7.12 53.19 20.78
CA GLN I 463 -7.09 51.83 20.25
C GLN I 463 -8.42 51.47 19.61
N ILE I 464 -9.50 51.81 20.29
CA ILE I 464 -10.85 51.52 19.82
C ILE I 464 -11.66 52.79 19.76
N SER I 465 -12.85 52.69 19.17
CA SER I 465 -13.78 53.81 19.10
C SER I 465 -14.82 53.86 20.22
N SER I 466 -15.17 55.10 20.56
CA SER I 466 -16.22 55.38 21.52
C SER I 466 -17.58 55.21 20.85
N SER I 467 -17.72 55.68 19.62
CA SER I 467 -19.03 55.69 18.96
C SER I 467 -19.22 54.59 17.91
N VAL I 468 -18.42 54.65 16.85
CA VAL I 468 -18.60 53.79 15.69
C VAL I 468 -18.58 52.29 15.99
N LYS I 469 -19.63 51.62 15.51
CA LYS I 469 -19.79 50.19 15.70
C LYS I 469 -19.28 49.45 14.47
N ALA I 470 -18.86 50.23 13.47
CA ALA I 470 -18.19 49.71 12.29
C ALA I 470 -16.74 49.34 12.61
N SER I 471 -16.59 48.29 13.42
CA SER I 471 -15.29 47.91 13.98
C SER I 471 -14.26 47.52 12.91
N SER I 472 -14.73 46.98 11.79
CA SER I 472 -13.82 46.58 10.71
C SER I 472 -13.16 47.80 10.06
N ILE I 473 -13.92 48.88 9.95
CA ILE I 473 -13.41 50.10 9.33
C ILE I 473 -12.48 50.83 10.28
N VAL I 474 -12.85 50.85 11.56
CA VAL I 474 -12.08 51.51 12.60
C VAL I 474 -10.71 50.87 12.78
N ALA I 475 -10.66 49.55 12.74
CA ALA I 475 -9.41 48.82 12.86
C ALA I 475 -8.48 49.23 11.73
N SER I 476 -9.04 49.34 10.52
CA SER I 476 -8.27 49.77 9.36
C SER I 476 -7.80 51.21 9.48
N LEU I 477 -8.63 52.08 10.05
CA LEU I 477 -8.24 53.46 10.28
C LEU I 477 -7.08 53.52 11.25
N PHE I 478 -7.12 52.61 12.23
CA PHE I 478 -6.06 52.47 13.22
C PHE I 478 -4.77 51.99 12.57
N LEU I 479 -4.88 50.94 11.77
CA LEU I 479 -3.72 50.35 11.09
C LEU I 479 -3.08 51.36 10.14
N LYS I 480 -3.92 52.18 9.50
CA LYS I 480 -3.45 53.18 8.56
C LYS I 480 -2.45 54.15 9.17
N GLU I 481 -2.56 54.35 10.48
CA GLU I 481 -1.72 55.29 11.20
C GLU I 481 -0.28 54.80 11.32
N PHE I 482 -0.09 53.53 11.02
CA PHE I 482 1.21 52.86 11.17
C PHE I 482 1.85 52.54 9.83
N VAL I 483 1.34 53.15 8.77
CA VAL I 483 1.96 53.11 7.45
C VAL I 483 2.02 54.51 6.90
N GLN I 484 3.22 55.06 6.72
CA GLN I 484 3.37 56.47 6.38
C GLN I 484 3.40 56.75 4.88
N ASN I 485 4.24 56.01 4.15
CA ASN I 485 4.37 56.26 2.73
C ASN I 485 4.64 55.00 1.92
N THR I 486 3.84 53.96 2.16
CA THR I 486 3.94 52.71 1.41
C THR I 486 2.56 52.16 1.08
N ALA I 487 2.43 51.58 -0.10
CA ALA I 487 1.18 50.94 -0.50
C ALA I 487 0.86 49.78 0.44
N TRP I 488 -0.32 49.83 1.06
CA TRP I 488 -0.68 48.85 2.07
C TRP I 488 -2.12 48.37 1.92
N ALA I 489 -2.30 47.05 2.01
CA ALA I 489 -3.63 46.47 1.95
C ALA I 489 -3.87 45.58 3.17
N HIS I 490 -5.12 45.53 3.63
CA HIS I 490 -5.47 44.79 4.83
C HIS I 490 -6.63 43.85 4.55
N ILE I 491 -6.37 42.55 4.68
CA ILE I 491 -7.38 41.54 4.41
C ILE I 491 -7.90 40.96 5.71
N ASP I 492 -9.15 41.29 6.03
CA ASP I 492 -9.77 40.84 7.27
C ASP I 492 -10.46 39.50 7.04
N ILE I 493 -9.89 38.44 7.60
CA ILE I 493 -10.36 37.08 7.34
C ILE I 493 -10.96 36.42 8.58
N ALA I 494 -11.48 37.24 9.49
CA ALA I 494 -12.06 36.71 10.71
C ALA I 494 -13.28 35.85 10.39
N GLY I 495 -14.04 36.25 9.38
CA GLY I 495 -15.25 35.55 9.00
C GLY I 495 -15.04 34.32 8.12
N VAL I 496 -14.03 34.35 7.27
CA VAL I 496 -13.87 33.30 6.26
C VAL I 496 -12.88 32.21 6.65
N SER I 497 -12.08 32.46 7.68
CA SER I 497 -10.99 31.54 8.01
C SER I 497 -11.46 30.17 8.46
N TRP I 498 -12.53 30.14 9.26
CA TRP I 498 -12.99 28.89 9.83
C TRP I 498 -14.26 28.40 9.13
N ASN I 499 -14.24 27.14 8.73
CA ASN I 499 -15.41 26.51 8.14
C ASN I 499 -16.28 25.96 9.27
N PHE I 500 -17.26 26.74 9.69
CA PHE I 500 -18.09 26.41 10.84
C PHE I 500 -18.94 25.16 10.62
N LYS I 501 -19.38 24.97 9.37
CA LYS I 501 -20.21 23.82 9.05
C LYS I 501 -19.39 22.54 9.09
N ALA I 502 -18.17 22.60 8.54
CA ALA I 502 -17.28 21.45 8.49
C ALA I 502 -16.44 21.32 9.76
N ARG I 503 -16.53 22.32 10.64
CA ARG I 503 -15.79 22.32 11.90
C ARG I 503 -14.28 22.23 11.70
N LYS I 504 -13.76 22.96 10.72
CA LYS I 504 -12.33 22.97 10.45
C LYS I 504 -11.92 24.25 9.75
N PRO I 505 -10.61 24.53 9.70
CA PRO I 505 -10.08 25.72 9.02
C PRO I 505 -10.14 25.60 7.51
N LYS I 506 -10.12 26.73 6.82
CA LYS I 506 -10.09 26.74 5.36
C LYS I 506 -8.66 26.87 4.84
N GLY I 507 -7.76 27.37 5.68
CA GLY I 507 -6.42 27.69 5.23
C GLY I 507 -6.53 28.85 4.25
N PHE I 508 -7.44 29.76 4.56
CA PHE I 508 -7.76 30.87 3.68
C PHE I 508 -6.61 31.87 3.58
N GLY I 509 -6.33 32.33 2.37
CA GLY I 509 -5.31 33.35 2.17
C GLY I 509 -4.06 32.84 1.48
N VAL I 510 -3.75 31.57 1.65
CA VAL I 510 -2.53 30.98 1.11
C VAL I 510 -2.44 31.13 -0.40
N ARG I 511 -3.46 30.64 -1.10
CA ARG I 511 -3.50 30.72 -2.56
C ARG I 511 -3.70 32.13 -3.06
N LEU I 512 -4.48 32.92 -2.33
CA LEU I 512 -4.70 34.32 -2.68
C LEU I 512 -3.37 35.06 -2.71
N LEU I 513 -2.58 34.88 -1.66
CA LEU I 513 -1.29 35.56 -1.55
C LEU I 513 -0.25 35.05 -2.55
N THR I 514 -0.22 33.74 -2.79
CA THR I 514 0.76 33.17 -3.72
C THR I 514 0.47 33.61 -5.15
N GLU I 515 -0.81 33.62 -5.51
CA GLU I 515 -1.21 34.13 -6.81
C GLU I 515 -0.83 35.61 -6.88
N PHE I 516 -0.90 36.28 -5.73
CA PHE I 516 -0.54 37.68 -5.64
C PHE I 516 0.95 37.91 -5.90
N VAL I 517 1.80 37.05 -5.33
CA VAL I 517 3.24 37.19 -5.48
C VAL I 517 3.71 36.69 -6.85
N LEU I 518 3.15 35.58 -7.31
CA LEU I 518 3.55 34.97 -8.57
C LEU I 518 3.12 35.81 -9.78
N ASN I 519 1.87 36.25 -9.78
CA ASN I 519 1.30 36.93 -10.94
C ASN I 519 1.68 38.41 -11.05
N ASP I 520 2.11 38.98 -9.93
CA ASP I 520 2.62 40.35 -9.95
C ASP I 520 4.08 40.40 -10.35
N SER J 3 -57.94 60.82 3.39
CA SER J 3 -58.67 59.98 4.32
C SER J 3 -58.57 60.55 5.74
N GLU J 4 -59.53 60.18 6.58
CA GLU J 4 -59.61 60.68 7.95
C GLU J 4 -58.74 59.86 8.89
N VAL J 5 -57.88 60.53 9.64
CA VAL J 5 -56.98 59.87 10.59
C VAL J 5 -57.72 59.52 11.87
N PRO J 6 -57.78 58.21 12.18
CA PRO J 6 -58.46 57.71 13.39
C PRO J 6 -57.82 58.22 14.67
N GLN J 7 -58.64 58.41 15.71
CA GLN J 7 -58.17 58.91 16.99
C GLN J 7 -58.60 58.01 18.14
N VAL J 8 -57.77 57.93 19.17
CA VAL J 8 -58.15 57.26 20.41
C VAL J 8 -58.77 58.28 21.34
N VAL J 9 -58.12 59.44 21.43
CA VAL J 9 -58.66 60.60 22.15
C VAL J 9 -58.72 61.80 21.20
N SER J 10 -59.49 62.82 21.58
CA SER J 10 -59.67 64.00 20.73
C SER J 10 -58.39 64.82 20.64
N LEU J 11 -57.44 64.54 21.51
CA LEU J 11 -56.17 65.28 21.57
C LEU J 11 -55.15 64.72 20.59
N ASP J 12 -55.48 63.60 19.96
CA ASP J 12 -54.62 62.98 18.96
C ASP J 12 -54.55 63.84 17.70
N PRO J 13 -53.33 64.17 17.25
CA PRO J 13 -53.16 64.99 16.05
C PRO J 13 -53.71 64.27 14.82
N THR J 14 -54.24 65.01 13.85
CA THR J 14 -54.88 64.41 12.69
C THR J 14 -54.14 64.73 11.40
N SER J 15 -53.01 65.40 11.50
CA SER J 15 -52.20 65.71 10.33
C SER J 15 -50.74 65.94 10.70
N ILE J 16 -49.84 65.65 9.76
CA ILE J 16 -48.43 65.94 9.95
C ILE J 16 -48.19 67.41 9.59
N PRO J 17 -47.77 68.21 10.58
CA PRO J 17 -47.45 69.60 10.27
C PRO J 17 -46.26 69.68 9.32
N ILE J 18 -46.42 70.43 8.24
CA ILE J 18 -45.35 70.57 7.25
C ILE J 18 -45.12 72.03 6.95
N GLU J 19 -43.88 72.48 7.12
CA GLU J 19 -43.51 73.85 6.82
C GLU J 19 -42.94 73.91 5.41
N TYR J 20 -43.70 74.50 4.49
CA TYR J 20 -43.29 74.58 3.10
C TYR J 20 -42.46 75.84 2.82
N ASN J 21 -42.98 76.99 3.28
CA ASN J 21 -42.28 78.25 3.10
C ASN J 21 -41.35 78.55 4.28
N THR J 22 -40.12 78.07 4.19
CA THR J 22 -39.13 78.32 5.24
C THR J 22 -38.41 79.64 5.01
N PRO J 23 -37.84 80.22 6.09
CA PRO J 23 -37.07 81.46 6.03
C PRO J 23 -35.89 81.36 5.05
N ILE J 24 -35.46 80.14 4.76
CA ILE J 24 -34.39 79.91 3.80
C ILE J 24 -34.81 80.39 2.43
N HIS J 25 -36.09 80.20 2.12
CA HIS J 25 -36.65 80.58 0.83
C HIS J 25 -36.66 82.10 0.67
N ASP J 26 -36.52 82.81 1.78
CA ASP J 26 -36.49 84.28 1.76
C ASP J 26 -35.06 84.82 1.60
N ILE J 27 -34.07 83.93 1.68
CA ILE J 27 -32.67 84.35 1.57
C ILE J 27 -32.27 84.57 0.11
N LYS J 28 -31.90 85.80 -0.21
CA LYS J 28 -31.44 86.12 -1.56
C LYS J 28 -29.94 85.85 -1.67
N VAL J 29 -29.56 84.95 -2.57
CA VAL J 29 -28.16 84.55 -2.70
C VAL J 29 -27.47 85.22 -3.89
N GLN J 30 -26.35 85.89 -3.60
CA GLN J 30 -25.55 86.54 -4.63
C GLN J 30 -24.11 86.03 -4.60
N VAL J 31 -23.61 85.62 -5.76
CA VAL J 31 -22.26 85.08 -5.89
C VAL J 31 -21.32 86.02 -6.64
N TYR J 32 -20.19 86.35 -6.01
CA TYR J 32 -19.20 87.24 -6.62
C TYR J 32 -17.91 86.49 -6.89
N ASP J 33 -17.11 86.99 -7.84
CA ASP J 33 -15.82 86.38 -8.13
C ASP J 33 -14.73 86.94 -7.22
N ILE J 34 -13.95 86.05 -6.64
CA ILE J 34 -12.95 86.44 -5.65
C ILE J 34 -11.79 87.25 -6.23
N LYS J 35 -11.53 87.08 -7.51
CA LYS J 35 -10.47 87.85 -8.17
C LYS J 35 -10.83 89.34 -8.32
N GLY J 36 -11.69 89.86 -7.45
CA GLY J 36 -12.12 91.24 -7.57
C GLY J 36 -12.23 91.99 -6.25
N GLY J 37 -11.90 91.30 -5.16
CA GLY J 37 -11.94 91.91 -3.85
C GLY J 37 -13.26 91.69 -3.14
N CYS J 38 -13.20 91.71 -1.81
CA CYS J 38 -14.38 91.51 -0.97
C CYS J 38 -14.87 92.83 -0.35
N ASN J 39 -16.18 93.01 -0.31
CA ASN J 39 -16.77 94.16 0.37
C ASN J 39 -17.39 93.78 1.71
N VAL J 40 -16.87 94.37 2.78
CA VAL J 40 -17.37 94.12 4.12
C VAL J 40 -18.28 95.26 4.58
N GLU J 41 -19.41 95.44 3.91
CA GLU J 41 -20.32 96.53 4.26
C GLU J 41 -21.20 96.06 5.43
N GLU J 42 -22.35 95.48 5.11
CA GLU J 42 -23.31 95.00 6.09
C GLU J 42 -23.01 93.57 6.57
N GLY J 43 -23.64 93.18 7.67
CA GLY J 43 -23.65 91.80 8.12
C GLY J 43 -22.36 91.14 8.60
N LEU J 44 -22.34 89.81 8.46
CA LEU J 44 -21.24 88.96 8.89
C LEU J 44 -20.46 88.42 7.70
N THR J 45 -19.13 88.52 7.77
CA THR J 45 -18.28 87.99 6.71
C THR J 45 -17.36 86.89 7.24
N ILE J 46 -17.51 85.69 6.69
CA ILE J 46 -16.71 84.55 7.15
C ILE J 46 -15.78 84.08 6.05
N PHE J 47 -14.51 83.95 6.37
CA PHE J 47 -13.51 83.46 5.43
C PHE J 47 -13.23 81.98 5.64
N LEU J 48 -13.37 81.19 4.59
CA LEU J 48 -12.99 79.78 4.63
C LEU J 48 -11.52 79.63 4.25
N VAL J 49 -10.68 79.36 5.25
CA VAL J 49 -9.24 79.37 5.05
C VAL J 49 -8.59 78.04 5.43
N ASN J 50 -7.57 77.64 4.66
CA ASN J 50 -6.80 76.45 4.97
C ASN J 50 -5.31 76.73 5.01
N ASN J 51 -4.52 75.73 5.37
CA ASN J 51 -3.07 75.84 5.34
C ASN J 51 -2.46 74.50 4.95
N PRO J 52 -2.30 74.27 3.64
CA PRO J 52 -1.76 73.04 3.05
C PRO J 52 -0.38 72.66 3.57
N GLY J 53 -0.21 71.39 3.92
CA GLY J 53 1.06 70.88 4.41
C GLY J 53 1.22 71.07 5.90
N LYS J 54 1.29 72.33 6.32
CA LYS J 54 1.44 72.66 7.73
C LYS J 54 0.14 72.38 8.46
N GLU J 55 0.13 71.33 9.29
CA GLU J 55 -1.07 70.97 10.04
C GLU J 55 -1.41 72.11 10.98
N ASN J 56 -2.57 72.03 11.63
CA ASN J 56 -3.15 73.11 12.47
C ASN J 56 -2.40 74.44 12.44
N GLY J 57 -1.96 74.84 11.24
CA GLY J 57 -1.16 76.03 11.05
C GLY J 57 -1.93 77.33 11.16
N PRO J 58 -1.23 78.46 11.00
CA PRO J 58 -1.87 79.77 11.16
C PRO J 58 -2.80 80.11 10.00
N VAL J 59 -3.70 81.06 10.25
CA VAL J 59 -4.65 81.52 9.26
C VAL J 59 -4.10 82.71 8.49
N LYS J 60 -4.12 82.63 7.17
CA LYS J 60 -3.69 83.76 6.35
C LYS J 60 -4.78 84.10 5.34
N ILE J 61 -5.34 85.31 5.47
CA ILE J 61 -6.39 85.76 4.58
C ILE J 61 -5.77 86.43 3.35
N SER J 62 -5.89 85.77 2.21
CA SER J 62 -5.27 86.26 0.98
C SER J 62 -6.07 87.37 0.32
N SER J 63 -7.40 87.25 0.32
CA SER J 63 -8.25 88.19 -0.41
C SER J 63 -8.12 89.62 0.08
N LYS J 64 -8.10 90.56 -0.86
CA LYS J 64 -8.12 91.98 -0.53
C LYS J 64 -9.56 92.44 -0.28
N VAL J 65 -9.77 93.10 0.85
CA VAL J 65 -11.09 93.63 1.19
C VAL J 65 -11.10 95.15 1.14
N ASN J 66 -12.11 95.71 0.47
CA ASN J 66 -12.18 97.15 0.25
C ASN J 66 -12.66 97.92 1.48
N ASP J 67 -11.92 97.79 2.58
CA ASP J 67 -12.22 98.51 3.82
C ASP J 67 -10.98 98.54 4.70
N LYS J 68 -10.56 99.75 5.05
CA LYS J 68 -9.32 99.98 5.77
C LYS J 68 -9.37 99.38 7.18
N GLN J 69 -10.53 99.45 7.81
CA GLN J 69 -10.68 98.99 9.18
C GLN J 69 -10.69 97.46 9.25
N VAL J 70 -11.31 96.83 8.27
CA VAL J 70 -11.34 95.38 8.20
C VAL J 70 -10.02 94.80 7.69
N SER J 71 -9.38 95.51 6.77
CA SER J 71 -8.08 95.10 6.23
C SER J 71 -7.02 95.12 7.33
N GLU J 72 -7.09 96.10 8.21
CA GLU J 72 -6.18 96.16 9.35
C GLU J 72 -6.42 94.96 10.24
N PHE J 73 -7.69 94.59 10.39
CA PHE J 73 -8.07 93.43 11.16
C PHE J 73 -7.54 92.14 10.55
N LEU J 74 -7.67 92.03 9.22
CA LEU J 74 -7.34 90.80 8.54
C LEU J 74 -5.88 90.66 8.13
N LYS J 75 -4.99 91.48 8.67
CA LYS J 75 -3.59 91.36 8.30
C LYS J 75 -3.03 90.01 8.77
N ASP J 76 -1.73 89.81 8.58
CA ASP J 76 -1.14 88.52 8.92
C ASP J 76 -0.84 88.41 10.41
N GLU J 77 -0.40 89.52 11.00
CA GLU J 77 -0.02 89.55 12.40
C GLU J 77 -1.19 89.24 13.32
N ASN J 78 -2.41 89.55 12.88
CA ASN J 78 -3.59 89.29 13.70
C ASN J 78 -4.21 87.93 13.49
N MET J 79 -4.12 87.39 12.28
CA MET J 79 -4.81 86.14 11.95
C MET J 79 -3.98 84.90 12.29
N GLU J 80 -2.68 85.09 12.50
CA GLU J 80 -1.81 83.95 12.77
C GLU J 80 -2.17 83.36 14.13
N LYS J 81 -2.73 84.21 14.99
CA LYS J 81 -3.07 83.82 16.35
C LYS J 81 -4.22 82.81 16.33
N PHE J 82 -4.88 82.71 15.19
CA PHE J 82 -5.94 81.74 14.99
C PHE J 82 -5.39 80.66 14.08
N ASN J 83 -5.85 79.43 14.26
CA ASN J 83 -5.36 78.33 13.44
C ASN J 83 -6.44 77.77 12.53
N VAL J 84 -6.02 76.98 11.54
CA VAL J 84 -6.93 76.49 10.52
C VAL J 84 -7.35 75.05 10.79
N LYS J 85 -7.32 74.66 12.06
CA LYS J 85 -7.79 73.33 12.46
C LYS J 85 -9.21 73.15 11.94
N LEU J 86 -9.45 72.03 11.28
CA LEU J 86 -10.74 71.79 10.63
C LEU J 86 -11.92 71.96 11.58
N GLY J 87 -12.69 73.02 11.35
CA GLY J 87 -13.87 73.30 12.14
C GLY J 87 -13.69 74.46 13.12
N THR J 88 -12.43 74.81 13.39
CA THR J 88 -12.14 75.92 14.31
C THR J 88 -12.58 77.25 13.74
N SER J 89 -13.19 78.09 14.58
CA SER J 89 -13.69 79.38 14.12
C SER J 89 -13.58 80.50 15.14
N LYS J 90 -13.47 81.73 14.65
CA LYS J 90 -13.49 82.92 15.48
C LYS J 90 -14.19 84.05 14.71
N HIS J 91 -15.09 84.78 15.36
CA HIS J 91 -15.65 85.98 14.73
C HIS J 91 -15.62 87.17 15.70
N PHE J 92 -15.31 88.35 15.17
CA PHE J 92 -15.22 89.57 15.96
C PHE J 92 -16.18 90.64 15.47
N TYR J 93 -16.53 91.57 16.37
CA TYR J 93 -17.39 92.69 16.03
C TYR J 93 -16.60 94.00 16.04
N MET J 94 -16.83 94.82 15.02
CA MET J 94 -16.08 96.05 14.83
C MET J 94 -16.82 97.03 13.94
N PHE J 95 -16.33 98.26 13.89
CA PHE J 95 -16.88 99.28 13.00
C PHE J 95 -16.02 99.36 11.74
N ASN J 96 -16.67 99.48 10.59
CA ASN J 96 -15.96 99.62 9.32
C ASN J 96 -15.68 101.09 9.02
N ASP J 97 -15.23 101.37 7.80
CA ASP J 97 -14.87 102.72 7.39
C ASP J 97 -16.06 103.68 7.50
N ASN J 98 -17.25 103.14 7.27
CA ASN J 98 -18.49 103.91 7.31
C ASN J 98 -19.10 104.03 8.71
N LYS J 99 -18.61 103.22 9.63
CA LYS J 99 -19.09 103.19 11.03
C LYS J 99 -20.41 102.44 11.18
N ASN J 100 -20.49 101.28 10.52
CA ASN J 100 -21.60 100.36 10.68
C ASN J 100 -21.12 99.09 11.40
N SER J 101 -21.96 98.53 12.25
CA SER J 101 -21.57 97.34 13.01
C SER J 101 -21.46 96.10 12.13
N VAL J 102 -20.22 95.68 11.87
CA VAL J 102 -19.97 94.49 11.09
C VAL J 102 -19.32 93.39 11.93
N ALA J 103 -19.52 92.14 11.52
CA ALA J 103 -18.90 91.01 12.18
C ALA J 103 -17.97 90.27 11.21
N VAL J 104 -16.74 90.01 11.62
CA VAL J 104 -15.79 89.33 10.75
C VAL J 104 -15.15 88.14 11.45
N GLY J 105 -14.83 87.11 10.67
CA GLY J 105 -14.25 85.90 11.20
C GLY J 105 -13.80 84.93 10.12
N TYR J 106 -13.50 83.70 10.53
CA TYR J 106 -13.04 82.66 9.62
C TYR J 106 -13.49 81.30 10.11
N VAL J 107 -13.46 80.31 9.22
CA VAL J 107 -13.66 78.93 9.61
C VAL J 107 -12.52 78.07 9.04
N GLY J 108 -11.88 77.30 9.91
CA GLY J 108 -10.76 76.47 9.51
C GLY J 108 -11.16 75.33 8.57
N CYS J 109 -10.43 75.20 7.46
CA CYS J 109 -10.72 74.17 6.48
C CYS J 109 -9.59 73.16 6.38
N GLY J 110 -8.82 73.05 7.46
CA GLY J 110 -7.79 72.03 7.56
C GLY J 110 -6.53 72.31 6.76
N SER J 111 -5.73 71.27 6.54
CA SER J 111 -4.46 71.41 5.84
C SER J 111 -4.51 70.68 4.50
N VAL J 112 -5.55 69.87 4.32
CA VAL J 112 -5.73 69.16 3.05
C VAL J 112 -6.48 70.05 2.07
N ALA J 113 -6.00 70.09 0.82
CA ALA J 113 -6.62 70.91 -0.21
C ALA J 113 -7.94 70.33 -0.69
N ASP J 114 -7.99 69.02 -0.80
CA ASP J 114 -9.20 68.31 -1.24
C ASP J 114 -10.18 68.02 -0.11
N LEU J 115 -11.04 68.99 0.20
CA LEU J 115 -12.03 68.81 1.26
C LEU J 115 -13.01 67.68 0.92
N SER J 116 -13.33 66.88 1.93
CA SER J 116 -14.30 65.80 1.79
C SER J 116 -15.71 66.36 1.94
N GLU J 117 -16.66 65.48 2.22
CA GLU J 117 -18.05 65.89 2.38
C GLU J 117 -18.25 66.09 3.87
N ALA J 118 -17.62 65.22 4.66
CA ALA J 118 -17.57 65.37 6.11
C ALA J 118 -16.81 66.63 6.47
N ASP J 119 -15.79 66.99 5.71
CA ASP J 119 -15.06 68.23 5.96
C ASP J 119 -15.97 69.42 5.82
N MET J 120 -16.68 69.47 4.71
CA MET J 120 -17.56 70.58 4.41
C MET J 120 -18.71 70.65 5.40
N LYS J 121 -19.26 69.49 5.75
CA LYS J 121 -20.31 69.41 6.76
C LYS J 121 -19.78 69.95 8.10
N ARG J 122 -18.54 69.58 8.43
CA ARG J 122 -17.88 70.08 9.64
C ARG J 122 -17.67 71.58 9.55
N VAL J 123 -17.34 72.06 8.35
CA VAL J 123 -17.18 73.48 8.12
C VAL J 123 -18.50 74.22 8.31
N VAL J 124 -19.55 73.70 7.69
CA VAL J 124 -20.87 74.33 7.76
C VAL J 124 -21.41 74.41 9.19
N LEU J 125 -21.33 73.32 9.94
CA LEU J 125 -21.79 73.31 11.32
C LEU J 125 -21.06 74.39 12.11
N SER J 126 -19.75 74.50 11.87
CA SER J 126 -18.95 75.54 12.50
C SER J 126 -19.51 76.89 12.08
N LEU J 127 -19.90 77.00 10.82
CA LEU J 127 -20.47 78.21 10.27
C LEU J 127 -21.88 78.46 10.82
N VAL J 128 -22.66 77.39 10.94
CA VAL J 128 -24.03 77.47 11.42
C VAL J 128 -24.10 77.86 12.89
N THR J 129 -23.08 77.48 13.66
CA THR J 129 -23.02 77.83 15.06
C THR J 129 -22.96 79.34 15.26
N MET J 130 -22.23 80.02 14.38
CA MET J 130 -22.13 81.49 14.43
C MET J 130 -23.41 82.18 13.99
N LEU J 131 -24.18 81.51 13.14
CA LEU J 131 -25.42 82.09 12.63
C LEU J 131 -26.49 82.02 13.69
N HIS J 132 -26.41 80.99 14.53
CA HIS J 132 -27.38 80.75 15.58
C HIS J 132 -27.18 81.70 16.78
N ASP J 133 -25.95 82.16 16.97
CA ASP J 133 -25.64 83.05 18.10
C ASP J 133 -25.48 84.51 17.68
N ASN J 134 -25.92 84.84 16.47
CA ASN J 134 -25.80 86.20 15.96
C ASN J 134 -27.08 86.66 15.28
N LYS J 135 -27.57 87.84 15.68
CA LYS J 135 -28.77 88.42 15.11
C LYS J 135 -28.40 89.22 13.86
N LEU J 136 -27.69 88.57 12.94
CA LEU J 136 -27.17 89.23 11.76
C LEU J 136 -28.24 89.35 10.67
N SER J 137 -27.93 90.12 9.63
CA SER J 137 -28.88 90.38 8.56
C SER J 137 -28.36 89.84 7.23
N LYS J 138 -27.04 89.78 7.08
CA LYS J 138 -26.45 89.26 5.86
C LYS J 138 -25.21 88.42 6.18
N LEU J 139 -25.08 87.27 5.51
CA LEU J 139 -23.89 86.46 5.63
C LEU J 139 -23.12 86.41 4.33
N THR J 140 -21.81 86.67 4.41
CA THR J 140 -20.93 86.62 3.25
C THR J 140 -19.84 85.59 3.48
N VAL J 141 -19.74 84.62 2.59
CA VAL J 141 -18.73 83.56 2.72
C VAL J 141 -17.67 83.71 1.65
N VAL J 142 -16.42 83.81 2.07
CA VAL J 142 -15.30 83.95 1.13
C VAL J 142 -14.52 82.65 1.03
N PHE J 143 -14.48 82.08 -0.16
CA PHE J 143 -13.83 80.79 -0.38
C PHE J 143 -12.37 80.93 -0.77
N GLU J 144 -11.48 80.83 0.20
CA GLU J 144 -10.05 80.81 -0.08
C GLU J 144 -9.55 79.37 -0.11
N ILE J 145 -10.46 78.47 -0.45
CA ILE J 145 -10.14 77.06 -0.68
C ILE J 145 -10.69 76.67 -2.04
N ASN J 146 -10.21 75.56 -2.58
CA ASN J 146 -10.68 75.11 -3.89
C ASN J 146 -11.80 74.07 -3.76
N VAL J 147 -12.96 74.35 -4.35
CA VAL J 147 -14.07 73.40 -4.34
C VAL J 147 -14.75 73.32 -5.70
N ASP J 148 -15.11 72.10 -6.11
CA ASP J 148 -15.82 71.88 -7.37
C ASP J 148 -17.28 72.35 -7.29
N LYS J 149 -17.96 72.38 -8.43
CA LYS J 149 -19.34 72.85 -8.49
C LYS J 149 -20.26 72.00 -7.62
N ASN J 150 -20.04 70.69 -7.63
CA ASN J 150 -20.85 69.77 -6.84
C ASN J 150 -20.68 69.98 -5.34
N LEU J 151 -19.43 70.18 -4.92
CA LEU J 151 -19.12 70.34 -3.51
C LEU J 151 -19.62 71.70 -3.02
N PHE J 152 -19.53 72.72 -3.87
CA PHE J 152 -20.06 74.04 -3.53
C PHE J 152 -21.56 73.97 -3.32
N ARG J 153 -22.24 73.29 -4.23
CA ARG J 153 -23.69 73.12 -4.12
C ARG J 153 -24.01 72.35 -2.84
N PHE J 154 -23.16 71.38 -2.51
CA PHE J 154 -23.32 70.63 -1.28
C PHE J 154 -23.17 71.55 -0.07
N PHE J 155 -22.28 72.53 -0.20
CA PHE J 155 -22.10 73.54 0.84
C PHE J 155 -23.38 74.33 1.10
N LEU J 156 -24.01 74.81 0.03
CA LEU J 156 -25.25 75.57 0.15
C LEU J 156 -26.38 74.67 0.65
N GLU J 157 -26.49 73.49 0.07
CA GLU J 157 -27.47 72.51 0.50
C GLU J 157 -27.37 72.26 2.00
N THR J 158 -26.16 71.99 2.46
CA THR J 158 -25.92 71.68 3.86
C THR J 158 -26.12 72.91 4.75
N LEU J 159 -25.68 74.06 4.28
CA LEU J 159 -25.85 75.31 5.01
C LEU J 159 -27.32 75.64 5.26
N PHE J 160 -28.13 75.57 4.21
CA PHE J 160 -29.56 75.85 4.34
C PHE J 160 -30.22 74.89 5.31
N TYR J 161 -29.89 73.60 5.17
CA TYR J 161 -30.51 72.56 5.98
C TYR J 161 -30.14 72.65 7.45
N GLU J 162 -28.88 72.93 7.74
CA GLU J 162 -28.42 73.02 9.12
C GLU J 162 -28.81 74.35 9.75
N TYR J 163 -28.88 75.39 8.93
CA TYR J 163 -29.29 76.70 9.39
C TYR J 163 -30.73 76.68 9.88
N MET J 164 -31.59 76.00 9.12
CA MET J 164 -33.02 75.93 9.43
C MET J 164 -33.30 75.15 10.72
N THR J 165 -34.22 75.67 11.52
CA THR J 165 -34.60 75.01 12.77
C THR J 165 -36.05 74.56 12.75
N ASP J 166 -36.30 73.32 13.17
CA ASP J 166 -37.64 72.75 13.15
C ASP J 166 -38.34 73.03 14.47
N GLU J 167 -39.35 73.89 14.44
CA GLU J 167 -40.06 74.28 15.65
C GLU J 167 -41.54 73.94 15.57
N ARG J 168 -41.89 72.96 14.74
CA ARG J 168 -43.28 72.57 14.55
C ARG J 168 -43.92 72.05 15.83
N PHE J 169 -43.10 71.43 16.68
CA PHE J 169 -43.62 70.77 17.88
C PHE J 169 -43.23 71.52 19.14
N LYS J 170 -42.72 72.74 18.96
CA LYS J 170 -42.48 73.66 20.07
C LYS J 170 -43.70 74.53 20.33
N SER J 171 -44.09 74.63 21.60
CA SER J 171 -45.13 75.57 21.98
C SER J 171 -44.53 76.78 22.68
N GLU J 179 -32.94 85.84 14.57
CA GLU J 179 -33.68 85.95 13.33
C GLU J 179 -32.82 85.54 12.14
N TYR J 180 -33.45 84.89 11.15
CA TYR J 180 -32.75 84.42 9.97
C TYR J 180 -32.22 85.55 9.10
N ILE J 181 -31.09 85.31 8.44
CA ILE J 181 -30.53 86.27 7.50
C ILE J 181 -31.44 86.42 6.28
N LYS J 182 -31.29 87.54 5.58
CA LYS J 182 -32.10 87.79 4.38
C LYS J 182 -31.23 87.79 3.14
N HIS J 183 -29.91 87.86 3.34
CA HIS J 183 -28.97 87.90 2.23
C HIS J 183 -27.78 86.97 2.48
N LEU J 184 -27.38 86.26 1.43
CA LEU J 184 -26.22 85.38 1.49
C LEU J 184 -25.20 85.74 0.41
N GLY J 185 -24.03 86.22 0.83
CA GLY J 185 -22.97 86.56 -0.10
C GLY J 185 -21.90 85.51 -0.22
N VAL J 186 -21.53 85.18 -1.46
CA VAL J 186 -20.50 84.19 -1.70
C VAL J 186 -19.39 84.73 -2.60
N TYR J 187 -18.16 84.73 -2.08
CA TYR J 187 -17.00 85.11 -2.88
C TYR J 187 -16.19 83.86 -3.21
N ILE J 188 -16.14 83.54 -4.49
CA ILE J 188 -15.45 82.33 -4.95
C ILE J 188 -14.86 82.53 -6.34
N ASN J 189 -13.85 81.72 -6.67
CA ASN J 189 -13.23 81.82 -7.98
C ASN J 189 -14.12 81.21 -9.05
N ASN J 190 -14.16 81.86 -10.22
CA ASN J 190 -14.98 81.41 -11.33
C ASN J 190 -16.46 81.41 -10.93
N ALA J 191 -16.91 82.53 -10.38
CA ALA J 191 -18.26 82.64 -9.81
C ALA J 191 -19.39 82.33 -10.79
N ASP J 192 -19.20 82.62 -12.07
CA ASP J 192 -20.28 82.46 -13.05
C ASP J 192 -20.66 81.01 -13.31
N THR J 193 -19.76 80.08 -13.00
CA THR J 193 -20.06 78.66 -13.17
C THR J 193 -20.77 78.11 -11.94
N TYR J 194 -20.58 78.77 -10.81
CA TYR J 194 -21.18 78.33 -9.55
C TYR J 194 -22.56 78.93 -9.34
N LYS J 195 -22.87 79.98 -10.10
CA LYS J 195 -24.16 80.65 -10.00
C LYS J 195 -25.28 79.68 -10.36
N GLU J 196 -24.97 78.79 -11.30
CA GLU J 196 -25.92 77.80 -11.79
C GLU J 196 -26.32 76.81 -10.69
N GLU J 197 -25.47 76.69 -9.68
CA GLU J 197 -25.67 75.72 -8.61
C GLU J 197 -26.57 76.23 -7.46
N VAL J 198 -26.82 77.53 -7.41
CA VAL J 198 -27.52 78.13 -6.27
C VAL J 198 -28.96 77.66 -6.06
N GLU J 199 -29.80 77.78 -7.10
CA GLU J 199 -31.20 77.38 -6.97
C GLU J 199 -31.39 75.88 -7.03
N LYS J 200 -30.45 75.17 -7.63
CA LYS J 200 -30.47 73.72 -7.57
C LYS J 200 -30.29 73.32 -6.11
N ALA J 201 -29.41 74.04 -5.44
CA ALA J 201 -29.14 73.82 -4.02
C ALA J 201 -30.33 74.14 -3.14
N ARG J 202 -31.01 75.25 -3.42
CA ARG J 202 -32.18 75.64 -2.64
C ARG J 202 -33.30 74.61 -2.79
N VAL J 203 -33.42 74.04 -3.99
CA VAL J 203 -34.40 72.99 -4.24
C VAL J 203 -34.03 71.70 -3.53
N TYR J 204 -32.79 71.26 -3.71
CA TYR J 204 -32.30 70.07 -3.03
C TYR J 204 -32.41 70.23 -1.52
N TYR J 205 -32.20 71.44 -1.04
CA TYR J 205 -32.34 71.75 0.38
C TYR J 205 -33.71 71.36 0.93
N PHE J 206 -34.77 71.87 0.31
CA PHE J 206 -36.11 71.64 0.86
C PHE J 206 -36.53 70.20 0.64
N GLY J 207 -36.14 69.63 -0.49
CA GLY J 207 -36.39 68.22 -0.76
C GLY J 207 -35.85 67.38 0.39
N THR J 208 -34.64 67.72 0.84
CA THR J 208 -34.03 67.08 1.99
C THR J 208 -34.77 67.44 3.28
N TYR J 209 -35.00 68.74 3.47
CA TYR J 209 -35.65 69.23 4.67
C TYR J 209 -37.11 68.75 4.76
N TYR J 210 -37.76 68.61 3.61
CA TYR J 210 -39.11 68.10 3.59
C TYR J 210 -39.13 66.67 4.14
N ALA J 211 -38.22 65.84 3.63
CA ALA J 211 -38.08 64.47 4.10
C ALA J 211 -37.74 64.43 5.59
N SER J 212 -36.90 65.37 6.02
CA SER J 212 -36.52 65.46 7.43
C SER J 212 -37.74 65.73 8.31
N GLN J 213 -38.60 66.64 7.86
CA GLN J 213 -39.81 66.98 8.60
C GLN J 213 -40.71 65.77 8.77
N LEU J 214 -40.81 64.96 7.72
CA LEU J 214 -41.63 63.75 7.77
C LEU J 214 -41.04 62.75 8.75
N ILE J 215 -39.73 62.58 8.68
CA ILE J 215 -39.02 61.65 9.54
C ILE J 215 -38.99 62.14 10.99
N ALA J 216 -38.70 63.42 11.17
CA ALA J 216 -38.62 64.01 12.50
C ALA J 216 -39.98 63.97 13.20
N ALA J 217 -41.05 64.05 12.41
CA ALA J 217 -42.40 64.01 12.93
C ALA J 217 -42.65 62.70 13.67
N PRO J 218 -43.16 62.80 14.91
CA PRO J 218 -43.47 61.65 15.78
C PRO J 218 -44.53 60.73 15.18
N SER J 219 -44.68 59.54 15.72
CA SER J 219 -45.54 58.52 15.13
C SER J 219 -47.03 58.74 15.36
N ASN J 220 -47.37 59.55 16.36
CA ASN J 220 -48.77 59.89 16.60
C ASN J 220 -49.23 60.97 15.63
N TYR J 221 -48.28 61.79 15.18
CA TYR J 221 -48.54 62.81 14.17
C TYR J 221 -48.44 62.21 12.77
N CYS J 222 -47.32 61.56 12.51
CA CYS J 222 -47.05 60.96 11.20
C CYS J 222 -47.41 59.47 11.19
N ASN J 223 -48.61 59.17 10.70
CA ASN J 223 -49.06 57.79 10.53
C ASN J 223 -49.37 57.49 9.07
N PRO J 224 -49.67 56.22 8.75
CA PRO J 224 -49.95 55.79 7.37
C PRO J 224 -51.02 56.63 6.70
N VAL J 225 -52.01 57.07 7.47
CA VAL J 225 -53.08 57.89 6.91
C VAL J 225 -52.60 59.33 6.74
N SER J 226 -52.05 59.90 7.81
CA SER J 226 -51.59 61.28 7.79
C SER J 226 -50.41 61.46 6.83
N LEU J 227 -49.60 60.42 6.69
CA LEU J 227 -48.44 60.47 5.81
C LEU J 227 -48.87 60.46 4.35
N SER J 228 -49.83 59.61 4.04
CA SER J 228 -50.37 59.52 2.68
C SER J 228 -51.06 60.82 2.30
N ASN J 229 -51.70 61.45 3.28
CA ASN J 229 -52.33 62.75 3.08
C ASN J 229 -51.29 63.80 2.69
N ALA J 230 -50.13 63.74 3.34
CA ALA J 230 -49.05 64.67 3.06
C ALA J 230 -48.50 64.45 1.65
N ALA J 231 -48.46 63.19 1.23
CA ALA J 231 -47.98 62.85 -0.11
C ALA J 231 -48.93 63.35 -1.18
N VAL J 232 -50.23 63.22 -0.91
CA VAL J 232 -51.26 63.72 -1.82
C VAL J 232 -51.17 65.23 -1.96
N GLU J 233 -51.03 65.92 -0.84
CA GLU J 233 -50.90 67.37 -0.82
C GLU J 233 -49.66 67.81 -1.59
N LEU J 234 -48.59 67.03 -1.46
CA LEU J 234 -47.35 67.30 -2.16
C LEU J 234 -47.54 67.11 -3.66
N ALA J 235 -48.22 66.03 -4.03
CA ALA J 235 -48.52 65.74 -5.42
C ALA J 235 -49.40 66.84 -5.99
N GLN J 236 -50.32 67.32 -5.16
CA GLN J 236 -51.25 68.38 -5.55
C GLN J 236 -50.50 69.69 -5.80
N LYS J 237 -49.55 69.99 -4.92
CA LYS J 237 -48.76 71.21 -5.04
C LYS J 237 -47.78 71.15 -6.19
N LEU J 238 -47.35 69.95 -6.55
CA LEU J 238 -46.37 69.76 -7.63
C LEU J 238 -47.03 69.38 -8.96
N ASN J 239 -48.34 69.17 -8.93
CA ASN J 239 -49.08 68.79 -10.13
C ASN J 239 -48.68 67.39 -10.61
N LEU J 240 -48.55 66.47 -9.66
CA LEU J 240 -48.18 65.09 -9.96
C LEU J 240 -49.39 64.17 -9.95
N GLU J 241 -49.41 63.20 -10.86
CA GLU J 241 -50.44 62.17 -10.82
C GLU J 241 -50.27 61.40 -9.52
N TYR J 242 -51.35 61.25 -8.76
CA TYR J 242 -51.27 60.55 -7.49
C TYR J 242 -52.41 59.56 -7.32
N LYS J 243 -52.13 58.51 -6.56
CA LYS J 243 -53.10 57.48 -6.25
C LYS J 243 -52.74 56.77 -4.95
N ILE J 244 -53.66 56.78 -4.00
CA ILE J 244 -53.45 56.15 -2.71
C ILE J 244 -54.28 54.87 -2.60
N LEU J 245 -53.60 53.74 -2.56
CA LEU J 245 -54.28 52.46 -2.50
C LEU J 245 -54.66 52.14 -1.05
N GLY J 246 -55.91 51.73 -0.85
CA GLY J 246 -56.38 51.38 0.48
C GLY J 246 -56.40 49.88 0.71
N VAL J 247 -56.87 49.47 1.90
CA VAL J 247 -56.83 48.07 2.29
C VAL J 247 -57.56 47.14 1.33
N LYS J 248 -58.76 47.54 0.93
CA LYS J 248 -59.58 46.73 0.04
C LYS J 248 -58.90 46.59 -1.32
N GLU J 249 -58.27 47.67 -1.75
CA GLU J 249 -57.61 47.70 -3.05
C GLU J 249 -56.35 46.84 -3.03
N LEU J 250 -55.69 46.81 -1.88
CA LEU J 250 -54.48 46.02 -1.68
C LEU J 250 -54.79 44.53 -1.60
N GLU J 251 -55.94 44.21 -1.03
CA GLU J 251 -56.41 42.83 -0.92
C GLU J 251 -56.66 42.25 -2.30
N GLU J 252 -57.15 43.08 -3.22
CA GLU J 252 -57.45 42.64 -4.57
C GLU J 252 -56.18 42.40 -5.37
N LEU J 253 -55.12 43.10 -5.01
CA LEU J 253 -53.82 42.90 -5.64
C LEU J 253 -53.08 41.78 -4.95
N LYS J 254 -53.68 41.28 -3.86
CA LYS J 254 -53.17 40.13 -3.14
C LYS J 254 -51.77 40.36 -2.57
N MET J 255 -51.55 41.59 -2.11
CA MET J 255 -50.29 41.94 -1.46
C MET J 255 -50.30 41.43 -0.03
N GLY J 256 -50.17 40.12 0.13
CA GLY J 256 -50.33 39.48 1.43
C GLY J 256 -49.22 39.74 2.42
N ALA J 257 -48.00 39.91 1.93
CA ALA J 257 -46.87 40.20 2.81
C ALA J 257 -47.05 41.59 3.42
N TYR J 258 -47.30 42.57 2.57
CA TYR J 258 -47.50 43.95 2.98
C TYR J 258 -48.64 44.12 3.98
N LEU J 259 -49.78 43.50 3.69
CA LEU J 259 -50.96 43.62 4.55
C LEU J 259 -50.77 42.97 5.91
N SER J 260 -50.01 41.88 5.95
CA SER J 260 -49.79 41.13 7.19
C SER J 260 -49.07 41.98 8.24
N VAL J 261 -48.16 42.84 7.80
CA VAL J 261 -47.40 43.70 8.70
C VAL J 261 -48.29 44.74 9.37
N GLY J 262 -49.21 45.32 8.60
CA GLY J 262 -50.06 46.38 9.09
C GLY J 262 -51.27 45.92 9.90
N LYS J 263 -51.46 44.60 9.98
CA LYS J 263 -52.61 44.03 10.64
C LYS J 263 -52.81 44.53 12.07
N GLY J 264 -51.73 44.65 12.82
CA GLY J 264 -51.80 45.02 14.22
C GLY J 264 -51.95 46.50 14.51
N SER J 265 -52.08 47.31 13.47
CA SER J 265 -52.17 48.77 13.64
C SER J 265 -53.60 49.28 13.61
N MET J 266 -53.84 50.36 14.35
CA MET J 266 -55.14 51.04 14.34
C MET J 266 -55.26 51.87 13.08
N TYR J 267 -54.13 52.09 12.41
CA TYR J 267 -54.08 52.85 11.18
C TYR J 267 -54.06 51.91 9.97
N PRO J 268 -55.02 52.06 9.06
CA PRO J 268 -55.11 51.23 7.86
C PRO J 268 -53.89 51.38 6.96
N ASN J 269 -53.51 50.31 6.26
CA ASN J 269 -52.40 50.38 5.32
C ASN J 269 -52.69 51.37 4.20
N LYS J 270 -51.67 52.11 3.78
CA LYS J 270 -51.81 53.06 2.69
C LYS J 270 -50.64 52.96 1.73
N PHE J 271 -50.92 52.53 0.50
CA PHE J 271 -49.87 52.42 -0.50
C PHE J 271 -49.83 53.70 -1.32
N ILE J 272 -48.76 54.47 -1.16
CA ILE J 272 -48.60 55.73 -1.86
C ILE J 272 -48.01 55.49 -3.24
N HIS J 273 -48.64 56.06 -4.26
CA HIS J 273 -48.17 55.90 -5.63
C HIS J 273 -48.24 57.23 -6.37
N LEU J 274 -47.13 57.97 -6.29
CA LEU J 274 -46.99 59.22 -7.02
C LEU J 274 -46.36 58.94 -8.39
N THR J 275 -46.60 59.82 -9.36
CA THR J 275 -46.05 59.62 -10.70
C THR J 275 -45.62 60.92 -11.37
N TYR J 276 -44.41 60.91 -11.92
CA TYR J 276 -43.93 62.02 -12.72
C TYR J 276 -43.88 61.60 -14.19
N LYS J 277 -44.65 62.30 -15.02
CA LYS J 277 -44.71 62.01 -16.45
C LYS J 277 -44.13 63.16 -17.26
N SER J 278 -42.90 63.04 -17.72
CA SER J 278 -42.28 64.15 -18.46
C SER J 278 -43.11 64.48 -19.70
N LYS J 279 -42.95 65.72 -20.18
CA LYS J 279 -43.82 66.27 -21.22
C LYS J 279 -43.40 65.94 -22.65
N GLY J 280 -42.92 64.73 -22.88
CA GLY J 280 -42.49 64.37 -24.22
C GLY J 280 -42.31 62.89 -24.47
N ASP J 281 -41.18 62.55 -25.09
CA ASP J 281 -40.85 61.20 -25.50
C ASP J 281 -40.15 60.39 -24.41
N VAL J 282 -40.91 59.99 -23.39
CA VAL J 282 -40.39 59.17 -22.31
C VAL J 282 -39.46 58.07 -22.80
N LYS J 283 -38.19 58.15 -22.41
CA LYS J 283 -37.19 57.21 -22.89
C LYS J 283 -36.63 56.33 -21.76
N LYS J 284 -36.71 56.83 -20.54
CA LYS J 284 -36.34 56.04 -19.37
C LYS J 284 -37.48 56.02 -18.36
N LYS J 285 -37.83 54.83 -17.89
CA LYS J 285 -38.86 54.70 -16.86
C LYS J 285 -38.26 54.20 -15.56
N ILE J 286 -38.44 54.98 -14.49
CA ILE J 286 -37.84 54.63 -13.20
C ILE J 286 -38.88 54.58 -12.10
N ALA J 287 -38.79 53.54 -11.27
CA ALA J 287 -39.65 53.40 -10.11
C ALA J 287 -38.83 53.49 -8.84
N LEU J 288 -39.14 54.49 -8.00
CA LEU J 288 -38.45 54.66 -6.73
C LEU J 288 -39.32 54.15 -5.59
N VAL J 289 -38.85 53.09 -4.94
CA VAL J 289 -39.58 52.48 -3.84
C VAL J 289 -38.93 52.80 -2.51
N GLY J 290 -39.74 53.26 -1.55
CA GLY J 290 -39.24 53.60 -0.24
C GLY J 290 -39.96 52.85 0.87
N LYS J 291 -39.19 52.39 1.86
CA LYS J 291 -39.76 51.70 3.00
C LYS J 291 -40.56 52.68 3.86
N GLY J 292 -41.80 52.32 4.17
CA GLY J 292 -42.70 53.23 4.85
C GLY J 292 -43.32 52.71 6.13
N ILE J 293 -42.48 52.40 7.11
CA ILE J 293 -42.96 52.01 8.43
C ILE J 293 -43.03 53.24 9.33
N THR J 294 -44.24 53.70 9.62
CA THR J 294 -44.43 54.94 10.37
C THR J 294 -43.95 54.76 11.81
N PHE J 295 -44.07 53.53 12.31
CA PHE J 295 -43.44 53.14 13.56
C PHE J 295 -43.16 51.66 13.56
N ASP J 296 -41.96 51.29 14.00
CA ASP J 296 -41.56 49.89 14.03
C ASP J 296 -41.29 49.45 15.47
N SER J 297 -42.31 48.90 16.12
CA SER J 297 -42.13 48.33 17.46
C SER J 297 -41.40 47.00 17.37
N GLY J 298 -41.47 46.39 16.19
CA GLY J 298 -40.88 45.08 15.99
C GLY J 298 -41.94 43.99 16.01
N GLY J 299 -43.14 44.36 16.43
CA GLY J 299 -44.22 43.41 16.58
C GLY J 299 -44.00 42.50 17.77
N TYR J 300 -44.49 41.27 17.66
CA TYR J 300 -44.33 40.31 18.75
C TYR J 300 -42.85 39.96 18.96
N ASN J 301 -42.06 40.14 17.91
CA ASN J 301 -40.60 40.16 18.07
C ASN J 301 -40.22 41.55 18.55
N LEU J 302 -40.73 41.93 19.72
CA LEU J 302 -40.64 43.30 20.23
C LEU J 302 -39.20 43.77 20.37
N LYS J 303 -38.97 45.04 20.05
CA LYS J 303 -37.67 45.66 20.23
C LYS J 303 -37.45 45.94 21.71
N ALA J 304 -37.14 44.90 22.46
CA ALA J 304 -36.96 45.01 23.91
C ALA J 304 -35.49 44.83 24.30
N ALA J 305 -34.69 44.31 23.38
CA ALA J 305 -33.27 44.11 23.65
C ALA J 305 -32.56 45.45 23.75
N PRO J 306 -31.51 45.51 24.59
CA PRO J 306 -30.73 46.74 24.76
C PRO J 306 -30.14 47.25 23.46
N GLY J 307 -30.32 48.53 23.17
CA GLY J 307 -29.76 49.13 21.97
C GLY J 307 -30.66 49.04 20.75
N SER J 308 -31.84 48.46 20.93
CA SER J 308 -32.79 48.32 19.82
C SER J 308 -33.33 49.69 19.45
N MET J 309 -33.22 50.63 20.40
CA MET J 309 -33.59 52.02 20.14
C MET J 309 -35.03 52.16 19.66
N ILE J 310 -35.97 51.63 20.44
CA ILE J 310 -37.37 51.63 20.06
C ILE J 310 -37.94 53.05 20.01
N ASP J 311 -37.35 53.95 20.80
CA ASP J 311 -37.80 55.34 20.84
C ASP J 311 -37.46 56.07 19.54
N LEU J 312 -36.50 55.53 18.79
CA LEU J 312 -36.07 56.12 17.53
C LEU J 312 -36.93 55.69 16.33
N MET J 313 -37.70 54.62 16.50
CA MET J 313 -38.32 53.93 15.37
C MET J 313 -39.44 54.67 14.63
N LYS J 314 -39.53 55.98 14.83
CA LYS J 314 -40.38 56.79 13.98
C LYS J 314 -39.68 57.02 12.63
N PHE J 315 -38.36 56.84 12.63
CA PHE J 315 -37.53 57.08 11.46
C PHE J 315 -37.60 55.97 10.41
N ASP J 316 -38.34 54.89 10.71
CA ASP J 316 -38.36 53.72 9.83
C ASP J 316 -39.11 53.97 8.52
N MET J 317 -39.56 55.20 8.32
CA MET J 317 -40.18 55.60 7.07
C MET J 317 -39.25 56.53 6.29
N SER J 318 -37.97 56.49 6.62
CA SER J 318 -36.97 57.36 6.02
C SER J 318 -36.83 57.10 4.53
N GLY J 319 -36.97 55.84 4.14
CA GLY J 319 -36.93 55.46 2.74
C GLY J 319 -38.05 56.16 2.00
N CYS J 320 -39.24 56.11 2.58
CA CYS J 320 -40.41 56.78 2.03
C CYS J 320 -40.20 58.29 1.94
N ALA J 321 -39.61 58.86 2.99
CA ALA J 321 -39.37 60.30 3.04
C ALA J 321 -38.41 60.74 1.94
N ALA J 322 -37.44 59.89 1.63
CA ALA J 322 -36.48 60.18 0.56
C ALA J 322 -37.17 60.19 -0.79
N VAL J 323 -38.08 59.25 -0.99
CA VAL J 323 -38.82 59.17 -2.24
C VAL J 323 -39.72 60.38 -2.41
N LEU J 324 -40.39 60.77 -1.32
CA LEU J 324 -41.24 61.95 -1.34
C LEU J 324 -40.39 63.19 -1.52
N GLY J 325 -39.25 63.23 -0.82
CA GLY J 325 -38.30 64.32 -0.97
C GLY J 325 -37.77 64.40 -2.38
N CYS J 326 -37.51 63.24 -2.96
CA CYS J 326 -37.06 63.15 -4.35
C CYS J 326 -38.16 63.67 -5.29
N ALA J 327 -39.39 63.26 -5.01
CA ALA J 327 -40.53 63.69 -5.80
C ALA J 327 -40.66 65.21 -5.83
N TYR J 328 -40.34 65.85 -4.72
CA TYR J 328 -40.38 67.31 -4.67
C TYR J 328 -39.33 67.92 -5.60
N CYS J 329 -38.09 67.47 -5.43
CA CYS J 329 -36.98 68.00 -6.22
C CYS J 329 -37.21 67.72 -7.71
N VAL J 330 -37.61 66.50 -8.02
CA VAL J 330 -37.88 66.10 -9.40
C VAL J 330 -39.10 66.84 -9.97
N GLY J 331 -40.16 66.91 -9.17
CA GLY J 331 -41.38 67.60 -9.57
C GLY J 331 -41.16 69.08 -9.79
N THR J 332 -40.21 69.65 -9.06
CA THR J 332 -39.90 71.07 -9.16
C THR J 332 -38.95 71.37 -10.30
N LEU J 333 -37.89 70.58 -10.43
CA LEU J 333 -36.88 70.81 -11.47
C LEU J 333 -37.38 70.38 -12.84
N LYS J 334 -38.30 69.42 -12.85
CA LYS J 334 -38.98 68.99 -14.07
C LYS J 334 -38.04 68.54 -15.19
N PRO J 335 -37.37 67.38 -15.00
CA PRO J 335 -36.49 66.79 -16.02
C PRO J 335 -37.25 66.26 -17.24
N GLU J 336 -36.56 66.08 -18.36
CA GLU J 336 -37.20 65.66 -19.59
C GLU J 336 -36.94 64.20 -19.97
N ASN J 337 -37.83 63.65 -20.78
CA ASN J 337 -37.65 62.32 -21.37
C ASN J 337 -37.57 61.19 -20.33
N VAL J 338 -38.26 61.37 -19.21
CA VAL J 338 -38.22 60.37 -18.14
C VAL J 338 -39.57 60.19 -17.48
N GLU J 339 -39.88 58.94 -17.11
CA GLU J 339 -41.09 58.64 -16.37
C GLU J 339 -40.76 58.00 -15.02
N ILE J 340 -41.13 58.67 -13.94
CA ILE J 340 -40.76 58.24 -12.60
C ILE J 340 -41.98 57.92 -11.73
N HIS J 341 -41.98 56.72 -11.15
CA HIS J 341 -43.01 56.31 -10.20
C HIS J 341 -42.46 56.32 -8.78
N PHE J 342 -43.12 57.06 -7.89
CA PHE J 342 -42.71 57.13 -6.50
C PHE J 342 -43.58 56.20 -5.68
N LEU J 343 -43.02 55.07 -5.26
CA LEU J 343 -43.81 54.04 -4.59
C LEU J 343 -43.43 53.88 -3.12
N SER J 344 -44.41 53.61 -2.28
CA SER J 344 -44.15 53.29 -0.87
C SER J 344 -45.35 52.62 -0.21
N ALA J 345 -45.12 51.41 0.32
CA ALA J 345 -46.14 50.72 1.09
C ALA J 345 -46.09 51.14 2.56
N VAL J 346 -46.93 52.09 2.94
CA VAL J 346 -46.87 52.67 4.28
C VAL J 346 -47.80 51.97 5.26
N CYS J 347 -47.27 51.66 6.44
CA CYS J 347 -48.05 51.02 7.49
C CYS J 347 -47.36 51.17 8.84
N GLU J 348 -47.96 50.57 9.87
CA GLU J 348 -47.41 50.63 11.21
C GLU J 348 -47.27 49.22 11.75
N ASN J 349 -46.08 48.88 12.24
CA ASN J 349 -45.82 47.56 12.80
C ASN J 349 -46.01 47.58 14.30
N MET J 350 -47.12 47.01 14.76
CA MET J 350 -47.49 47.10 16.17
C MET J 350 -47.82 45.74 16.76
N VAL J 351 -47.94 45.73 18.08
CA VAL J 351 -48.30 44.51 18.82
C VAL J 351 -49.77 44.59 19.20
N SER J 352 -50.52 43.56 18.84
CA SER J 352 -51.97 43.57 19.03
C SER J 352 -52.54 42.17 18.97
N LYS J 353 -53.83 42.05 19.28
CA LYS J 353 -54.55 40.80 19.12
C LYS J 353 -54.66 40.49 17.63
N ASN J 354 -54.62 41.54 16.83
CA ASN J 354 -54.76 41.43 15.39
C ASN J 354 -53.42 41.29 14.67
N SER J 355 -52.34 41.50 15.41
CA SER J 355 -51.00 41.44 14.83
C SER J 355 -50.67 40.07 14.27
N TYR J 356 -49.79 40.02 13.28
CA TYR J 356 -49.33 38.76 12.73
C TYR J 356 -48.22 38.21 13.62
N ARG J 357 -48.11 36.88 13.66
CA ARG J 357 -47.21 36.22 14.60
C ARG J 357 -45.94 35.67 13.94
N PRO J 358 -44.87 35.52 14.74
CA PRO J 358 -43.68 34.80 14.29
C PRO J 358 -44.03 33.38 13.91
N GLY J 359 -43.60 32.93 12.73
CA GLY J 359 -43.92 31.59 12.28
C GLY J 359 -45.05 31.58 11.26
N ASP J 360 -45.79 32.68 11.20
CA ASP J 360 -46.86 32.82 10.21
C ASP J 360 -46.32 32.67 8.80
N ILE J 361 -47.05 31.93 7.97
CA ILE J 361 -46.72 31.83 6.55
C ILE J 361 -47.67 32.70 5.76
N ILE J 362 -47.12 33.65 5.01
CA ILE J 362 -47.91 34.61 4.26
C ILE J 362 -47.64 34.48 2.76
N THR J 363 -48.55 35.00 1.95
CA THR J 363 -48.45 34.88 0.50
C THR J 363 -48.32 36.24 -0.19
N ALA J 364 -47.20 36.46 -0.87
CA ALA J 364 -46.96 37.72 -1.56
C ALA J 364 -47.80 37.81 -2.84
N SER J 365 -47.81 38.97 -3.46
CA SER J 365 -48.65 39.22 -4.62
C SER J 365 -48.14 38.53 -5.88
N ASN J 366 -46.96 37.92 -5.80
CA ASN J 366 -46.40 37.21 -6.94
C ASN J 366 -46.51 35.70 -6.79
N GLY J 367 -47.29 35.26 -5.79
CA GLY J 367 -47.57 33.85 -5.61
C GLY J 367 -46.60 33.16 -4.67
N LYS J 368 -45.49 33.80 -4.37
CA LYS J 368 -44.48 33.20 -3.49
C LYS J 368 -44.96 33.22 -2.04
N THR J 369 -44.88 32.06 -1.39
CA THR J 369 -45.25 31.94 0.02
C THR J 369 -44.05 32.22 0.93
N ILE J 370 -44.28 32.95 2.01
CA ILE J 370 -43.20 33.37 2.89
C ILE J 370 -43.41 32.98 4.34
N GLU J 371 -42.45 32.25 4.90
CA GLU J 371 -42.47 31.91 6.31
C GLU J 371 -41.80 33.01 7.13
N VAL J 372 -42.57 33.65 8.00
CA VAL J 372 -42.05 34.73 8.84
C VAL J 372 -41.21 34.16 9.99
N GLY J 373 -39.94 34.51 10.02
CA GLY J 373 -39.04 34.04 11.06
C GLY J 373 -38.89 35.09 12.15
N ASN J 374 -39.20 36.33 11.82
CA ASN J 374 -39.08 37.43 12.75
C ASN J 374 -39.98 38.60 12.36
N THR J 375 -40.89 38.98 13.25
CA THR J 375 -41.85 40.03 12.94
C THR J 375 -41.19 41.41 12.92
N ASP J 376 -39.94 41.46 13.38
CA ASP J 376 -39.19 42.73 13.37
C ASP J 376 -38.49 42.94 12.03
N ALA J 377 -38.49 41.90 11.20
CA ALA J 377 -37.97 42.02 9.84
C ALA J 377 -39.09 42.28 8.85
N GLU J 378 -39.89 43.30 9.13
CA GLU J 378 -41.10 43.57 8.37
C GLU J 378 -40.83 44.39 7.11
N GLY J 379 -39.75 45.17 7.13
CA GLY J 379 -39.42 46.05 6.03
C GLY J 379 -39.29 45.35 4.70
N ARG J 380 -38.67 44.17 4.70
CA ARG J 380 -38.48 43.42 3.46
C ARG J 380 -39.81 42.82 3.02
N LEU J 381 -40.71 42.63 3.97
CA LEU J 381 -42.03 42.10 3.67
C LEU J 381 -42.87 43.13 2.91
N THR J 382 -42.80 44.38 3.35
CA THR J 382 -43.55 45.45 2.67
C THR J 382 -42.92 45.75 1.31
N LEU J 383 -41.60 45.78 1.28
CA LEU J 383 -40.87 46.04 0.04
C LEU J 383 -41.04 44.89 -0.95
N ALA J 384 -41.25 43.69 -0.43
CA ALA J 384 -41.48 42.52 -1.27
C ALA J 384 -42.66 42.77 -2.20
N ASP J 385 -43.78 43.16 -1.60
CA ASP J 385 -44.97 43.49 -2.37
C ASP J 385 -44.76 44.77 -3.16
N ALA J 386 -43.97 45.68 -2.59
CA ALA J 386 -43.69 46.96 -3.24
C ALA J 386 -42.88 46.76 -4.51
N LEU J 387 -41.95 45.81 -4.50
CA LEU J 387 -41.13 45.54 -5.67
C LEU J 387 -41.92 44.83 -6.77
N VAL J 388 -42.87 43.99 -6.38
CA VAL J 388 -43.74 43.32 -7.33
C VAL J 388 -44.61 44.33 -8.07
N TYR J 389 -45.17 45.27 -7.31
CA TYR J 389 -45.96 46.36 -7.87
C TYR J 389 -45.14 47.17 -8.88
N ALA J 390 -43.88 47.43 -8.54
CA ALA J 390 -43.00 48.25 -9.37
C ALA J 390 -42.67 47.58 -10.70
N GLU J 391 -42.32 46.30 -10.67
CA GLU J 391 -41.91 45.61 -11.89
C GLU J 391 -43.07 45.45 -12.87
N LYS J 392 -44.29 45.36 -12.33
CA LYS J 392 -45.48 45.28 -13.18
C LYS J 392 -45.70 46.59 -13.93
N LEU J 393 -45.15 47.68 -13.42
CA LEU J 393 -45.29 48.99 -14.06
C LEU J 393 -44.52 49.03 -15.37
N GLY J 394 -43.62 48.06 -15.54
CA GLY J 394 -42.83 47.96 -16.76
C GLY J 394 -41.80 49.05 -16.86
N VAL J 395 -40.89 49.10 -15.89
CA VAL J 395 -39.87 50.14 -15.82
C VAL J 395 -38.51 49.55 -16.16
N ASP J 396 -37.56 50.42 -16.47
CA ASP J 396 -36.21 49.99 -16.81
C ASP J 396 -35.38 49.77 -15.55
N TYR J 397 -35.57 50.64 -14.56
CA TYR J 397 -34.81 50.58 -13.32
C TYR J 397 -35.72 50.59 -12.11
N ILE J 398 -35.50 49.64 -11.19
CA ILE J 398 -36.15 49.66 -9.90
C ILE J 398 -35.11 49.91 -8.81
N VAL J 399 -35.25 51.03 -8.11
CA VAL J 399 -34.33 51.36 -7.03
C VAL J 399 -35.11 51.60 -5.74
N ASP J 400 -34.96 50.68 -4.78
CA ASP J 400 -35.61 50.85 -3.50
C ASP J 400 -34.62 51.40 -2.48
N ILE J 401 -35.14 52.13 -1.51
CA ILE J 401 -34.34 52.71 -0.45
C ILE J 401 -35.07 52.53 0.87
N ALA J 402 -34.38 51.97 1.85
CA ALA J 402 -35.05 51.55 3.08
C ALA J 402 -34.10 51.39 4.25
N THR J 403 -34.56 51.77 5.44
CA THR J 403 -33.86 51.46 6.68
C THR J 403 -34.09 49.99 6.99
N LEU J 404 -33.38 49.12 6.26
CA LEU J 404 -33.69 47.70 6.23
C LEU J 404 -32.99 46.87 7.31
N THR J 405 -31.69 47.05 7.46
CA THR J 405 -30.93 46.20 8.38
C THR J 405 -30.08 46.97 9.37
N GLY J 406 -30.17 46.60 10.64
CA GLY J 406 -29.37 47.24 11.68
C GLY J 406 -27.91 46.87 11.56
N ALA J 407 -27.61 45.79 10.86
CA ALA J 407 -26.23 45.34 10.65
C ALA J 407 -25.40 46.37 9.90
N MET J 408 -26.07 47.30 9.24
CA MET J 408 -25.39 48.35 8.48
C MET J 408 -24.48 49.17 9.38
N LEU J 409 -24.84 49.27 10.66
CA LEU J 409 -24.02 49.98 11.63
C LEU J 409 -22.71 49.23 11.85
N TYR J 410 -22.74 47.93 11.61
CA TYR J 410 -21.54 47.09 11.74
C TYR J 410 -20.79 46.96 10.42
N SER J 411 -21.47 47.20 9.32
CA SER J 411 -20.86 47.14 7.99
C SER J 411 -20.13 48.45 7.66
N LEU J 412 -20.91 49.47 7.25
CA LEU J 412 -20.33 50.74 6.82
C LEU J 412 -20.48 51.85 7.87
N GLY J 413 -21.35 51.62 8.84
CA GLY J 413 -21.54 52.58 9.91
C GLY J 413 -22.61 53.63 9.65
N THR J 414 -22.35 54.86 10.09
CA THR J 414 -23.35 55.93 10.07
C THR J 414 -23.15 56.93 8.93
N SER J 415 -22.05 56.82 8.21
CA SER J 415 -21.72 57.80 7.18
C SER J 415 -22.04 57.29 5.78
N TYR J 416 -21.72 56.03 5.52
CA TYR J 416 -21.93 55.44 4.21
C TYR J 416 -23.11 54.47 4.20
N ALA J 417 -23.97 54.61 3.21
CA ALA J 417 -25.07 53.68 3.01
C ALA J 417 -24.63 52.56 2.08
N GLY J 418 -25.29 51.42 2.16
CA GLY J 418 -24.95 50.29 1.33
C GLY J 418 -25.89 50.11 0.17
N VAL J 419 -25.33 49.83 -1.01
CA VAL J 419 -26.15 49.57 -2.19
C VAL J 419 -25.88 48.16 -2.70
N PHE J 420 -26.97 47.41 -2.91
CA PHE J 420 -26.90 46.06 -3.45
C PHE J 420 -27.62 46.06 -4.79
N GLY J 421 -27.47 44.99 -5.57
CA GLY J 421 -28.17 44.93 -6.84
C GLY J 421 -28.00 43.68 -7.68
N ASN J 422 -28.78 43.60 -8.74
CA ASN J 422 -28.73 42.48 -9.68
C ASN J 422 -28.19 42.92 -11.04
N ASN J 423 -27.83 44.19 -11.12
CA ASN J 423 -27.38 44.78 -12.37
C ASN J 423 -26.16 45.68 -12.16
N GLU J 424 -25.09 45.41 -12.89
CA GLU J 424 -23.83 46.10 -12.66
C GLU J 424 -23.84 47.53 -13.19
N GLU J 425 -24.63 47.77 -14.23
CA GLU J 425 -24.71 49.12 -14.80
C GLU J 425 -25.53 50.06 -13.93
N LEU J 426 -26.62 49.54 -13.35
CA LEU J 426 -27.47 50.33 -12.47
C LEU J 426 -26.74 50.69 -11.18
N ILE J 427 -25.97 49.74 -10.66
CA ILE J 427 -25.18 49.98 -9.45
C ILE J 427 -24.12 51.05 -9.70
N ASN J 428 -23.48 51.00 -10.85
CA ASN J 428 -22.46 51.98 -11.21
C ASN J 428 -23.05 53.39 -11.35
N LYS J 429 -24.31 53.45 -11.78
CA LYS J 429 -25.01 54.72 -11.90
C LYS J 429 -25.34 55.27 -10.51
N ILE J 430 -25.71 54.38 -9.59
CA ILE J 430 -25.97 54.76 -8.21
C ILE J 430 -24.73 55.35 -7.55
N LEU J 431 -23.58 54.73 -7.80
CA LEU J 431 -22.33 55.18 -7.23
C LEU J 431 -21.93 56.55 -7.77
N GLN J 432 -22.15 56.76 -9.07
CA GLN J 432 -21.87 58.05 -9.68
C GLN J 432 -22.79 59.14 -9.14
N SER J 433 -24.04 58.78 -8.85
CA SER J 433 -24.96 59.74 -8.26
C SER J 433 -24.52 60.03 -6.84
N SER J 434 -23.96 59.01 -6.19
CA SER J 434 -23.37 59.16 -4.88
C SER J 434 -22.22 60.16 -4.96
N LYS J 435 -21.50 60.10 -6.08
CA LYS J 435 -20.33 60.94 -6.31
C LYS J 435 -20.68 62.43 -6.42
N THR J 436 -21.75 62.72 -7.17
CA THR J 436 -22.12 64.10 -7.46
C THR J 436 -23.04 64.71 -6.41
N SER J 437 -23.88 63.88 -5.79
CA SER J 437 -24.77 64.34 -4.74
C SER J 437 -24.04 64.49 -3.41
N ASN J 438 -22.87 63.83 -3.30
CA ASN J 438 -22.09 63.83 -2.08
C ASN J 438 -22.81 63.18 -0.91
N GLU J 439 -23.70 62.25 -1.22
CA GLU J 439 -24.28 61.39 -0.20
C GLU J 439 -23.65 60.02 -0.40
N PRO J 440 -22.66 59.68 0.45
CA PRO J 440 -21.75 58.54 0.27
C PRO J 440 -22.43 57.18 0.33
N VAL J 441 -22.09 56.35 -0.65
CA VAL J 441 -22.61 54.98 -0.75
C VAL J 441 -21.52 54.01 -1.18
N TRP J 442 -21.51 52.83 -0.57
CA TRP J 442 -20.55 51.81 -0.95
C TRP J 442 -21.27 50.58 -1.50
N TRP J 443 -20.71 49.99 -2.55
CA TRP J 443 -21.32 48.83 -3.17
C TRP J 443 -21.02 47.58 -2.34
N LEU J 444 -22.07 46.86 -1.95
CA LEU J 444 -21.90 45.62 -1.23
C LEU J 444 -22.47 44.47 -2.06
N PRO J 445 -21.92 43.26 -1.87
CA PRO J 445 -22.24 42.11 -2.72
C PRO J 445 -23.46 41.31 -2.28
N ILE J 446 -24.21 40.82 -3.25
CA ILE J 446 -25.25 39.84 -2.99
C ILE J 446 -24.64 38.47 -3.19
N ILE J 447 -24.29 37.81 -2.10
CA ILE J 447 -23.55 36.55 -2.18
C ILE J 447 -24.51 35.38 -2.34
N ASN J 448 -24.53 34.82 -3.54
CA ASN J 448 -25.51 33.80 -3.91
C ASN J 448 -25.37 32.51 -3.11
N GLU J 449 -24.21 32.32 -2.49
CA GLU J 449 -23.96 31.13 -1.69
C GLU J 449 -24.81 31.11 -0.42
N TYR J 450 -25.24 32.29 0.01
CA TYR J 450 -26.06 32.41 1.22
C TYR J 450 -27.52 32.09 0.95
N ARG J 451 -27.89 32.09 -0.33
CA ARG J 451 -29.28 31.91 -0.75
C ARG J 451 -29.91 30.65 -0.18
N ALA J 452 -29.09 29.62 0.04
CA ALA J 452 -29.57 28.33 0.52
C ALA J 452 -30.14 28.39 1.93
N THR J 453 -29.77 29.43 2.67
CA THR J 453 -30.23 29.57 4.05
C THR J 453 -31.67 30.11 4.10
N LEU J 454 -32.17 30.55 2.95
CA LEU J 454 -33.54 31.05 2.87
C LEU J 454 -34.51 29.97 2.39
N ASN J 455 -34.01 28.74 2.24
CA ASN J 455 -34.86 27.65 1.80
C ASN J 455 -35.74 27.15 2.94
N SER J 456 -37.00 27.56 2.92
CA SER J 456 -37.94 27.19 3.98
C SER J 456 -38.36 25.73 3.84
N LYS J 457 -38.61 25.08 4.97
CA LYS J 457 -39.06 23.70 4.96
C LYS J 457 -40.50 23.58 4.48
N TYR J 458 -41.30 24.60 4.76
CA TYR J 458 -42.72 24.55 4.46
C TYR J 458 -43.17 25.62 3.48
N ALA J 459 -42.69 26.85 3.68
CA ALA J 459 -43.03 27.93 2.77
C ALA J 459 -42.12 27.90 1.54
N ASP J 460 -42.38 28.78 0.58
CA ASP J 460 -41.55 28.86 -0.61
C ASP J 460 -40.16 29.41 -0.28
N ILE J 461 -40.14 30.42 0.57
CA ILE J 461 -38.89 31.11 0.90
C ILE J 461 -38.92 31.62 2.33
N ASN J 462 -37.76 31.63 2.99
CA ASN J 462 -37.65 32.20 4.32
C ASN J 462 -37.56 33.71 4.27
N GLN J 463 -38.11 34.37 5.29
CA GLN J 463 -38.00 35.82 5.41
C GLN J 463 -36.61 36.19 5.89
N ILE J 464 -36.13 35.45 6.89
CA ILE J 464 -34.83 35.70 7.49
C ILE J 464 -33.97 34.44 7.49
N SER J 465 -32.69 34.61 7.79
CA SER J 465 -31.78 33.47 7.93
C SER J 465 -31.70 33.04 9.39
N SER J 466 -31.60 31.73 9.61
CA SER J 466 -31.46 31.21 10.97
C SER J 466 -30.02 31.34 11.48
N SER J 467 -29.07 31.04 10.61
CA SER J 467 -27.66 30.98 10.99
C SER J 467 -26.87 32.22 10.60
N VAL J 468 -26.80 32.48 9.29
CA VAL J 468 -25.94 33.53 8.75
C VAL J 468 -26.25 34.88 9.36
N LYS J 469 -25.22 35.54 9.88
CA LYS J 469 -25.39 36.79 10.60
C LYS J 469 -25.17 38.01 9.71
N ALA J 470 -24.83 37.78 8.44
CA ALA J 470 -24.77 38.85 7.45
C ALA J 470 -26.18 39.26 7.02
N SER J 471 -26.94 39.85 7.94
CA SER J 471 -28.36 40.09 7.74
C SER J 471 -28.65 41.03 6.57
N SER J 472 -27.74 41.95 6.31
CA SER J 472 -27.91 42.91 5.22
C SER J 472 -27.85 42.22 3.85
N ILE J 473 -27.00 41.20 3.74
CA ILE J 473 -26.86 40.48 2.49
C ILE J 473 -28.02 39.52 2.27
N VAL J 474 -28.44 38.85 3.33
CA VAL J 474 -29.57 37.92 3.26
C VAL J 474 -30.84 38.67 2.86
N ALA J 475 -31.01 39.87 3.41
CA ALA J 475 -32.15 40.71 3.10
C ALA J 475 -32.19 41.05 1.61
N SER J 476 -31.01 41.33 1.06
CA SER J 476 -30.91 41.62 -0.37
C SER J 476 -31.28 40.41 -1.20
N LEU J 477 -30.90 39.23 -0.72
CA LEU J 477 -31.25 37.98 -1.40
C LEU J 477 -32.75 37.75 -1.39
N PHE J 478 -33.40 38.12 -0.29
CA PHE J 478 -34.84 38.01 -0.17
C PHE J 478 -35.56 38.92 -1.16
N LEU J 479 -35.13 40.18 -1.20
CA LEU J 479 -35.71 41.16 -2.11
C LEU J 479 -35.52 40.72 -3.55
N LYS J 480 -34.36 40.13 -3.82
CA LYS J 480 -33.98 39.68 -5.15
C LYS J 480 -34.96 38.65 -5.72
N GLU J 481 -35.61 37.92 -4.84
CA GLU J 481 -36.55 36.88 -5.26
C GLU J 481 -37.84 37.49 -5.81
N PHE J 482 -38.02 38.79 -5.56
CA PHE J 482 -39.25 39.47 -5.97
C PHE J 482 -39.01 40.42 -7.14
N VAL J 483 -37.87 40.25 -7.80
CA VAL J 483 -37.60 40.94 -9.06
C VAL J 483 -37.08 39.93 -10.08
N GLN J 484 -37.85 39.69 -11.14
CA GLN J 484 -37.54 38.60 -12.06
C GLN J 484 -36.67 39.01 -13.25
N ASN J 485 -37.02 40.10 -13.92
CA ASN J 485 -36.29 40.48 -15.12
C ASN J 485 -36.17 41.99 -15.29
N THR J 486 -35.77 42.68 -14.23
CA THR J 486 -35.58 44.11 -14.27
C THR J 486 -34.32 44.50 -13.51
N ALA J 487 -33.58 45.47 -14.04
CA ALA J 487 -32.41 46.00 -13.34
C ALA J 487 -32.88 46.61 -12.02
N TRP J 488 -32.31 46.13 -10.92
CA TRP J 488 -32.78 46.53 -9.60
C TRP J 488 -31.65 46.82 -8.63
N ALA J 489 -31.78 47.93 -7.92
CA ALA J 489 -30.80 48.32 -6.92
C ALA J 489 -31.49 48.55 -5.58
N HIS J 490 -30.77 48.24 -4.49
CA HIS J 490 -31.31 48.33 -3.15
C HIS J 490 -30.40 49.15 -2.25
N ILE J 491 -30.92 50.26 -1.73
CA ILE J 491 -30.12 51.14 -0.88
C ILE J 491 -30.52 51.04 0.59
N ASP J 492 -29.64 50.46 1.40
CA ASP J 492 -29.89 50.30 2.83
C ASP J 492 -29.35 51.50 3.62
N ILE J 493 -30.25 52.32 4.14
CA ILE J 493 -29.87 53.54 4.84
C ILE J 493 -30.23 53.51 6.32
N ALA J 494 -30.31 52.31 6.88
CA ALA J 494 -30.67 52.14 8.29
C ALA J 494 -29.64 52.81 9.21
N GLY J 495 -28.37 52.72 8.83
CA GLY J 495 -27.30 53.26 9.64
C GLY J 495 -27.09 54.76 9.45
N VAL J 496 -27.35 55.25 8.25
CA VAL J 496 -27.01 56.63 7.88
C VAL J 496 -28.18 57.60 8.02
N SER J 497 -29.39 57.08 8.18
CA SER J 497 -30.59 57.91 8.14
C SER J 497 -30.66 58.93 9.27
N TRP J 498 -30.25 58.53 10.46
CA TRP J 498 -30.38 59.39 11.64
C TRP J 498 -29.05 60.00 12.08
N ASN J 499 -29.05 61.30 12.31
CA ASN J 499 -27.89 61.99 12.86
C ASN J 499 -27.93 61.87 14.37
N PHE J 500 -27.25 60.85 14.90
CA PHE J 500 -27.36 60.53 16.32
C PHE J 500 -26.76 61.62 17.20
N LYS J 501 -25.70 62.28 16.73
CA LYS J 501 -25.07 63.32 17.51
C LYS J 501 -25.95 64.57 17.54
N ALA J 502 -26.53 64.90 16.39
CA ALA J 502 -27.37 66.10 16.26
C ALA J 502 -28.81 65.83 16.67
N ARG J 503 -29.14 64.58 16.96
CA ARG J 503 -30.48 64.20 17.39
C ARG J 503 -31.56 64.58 16.38
N LYS J 504 -31.27 64.37 15.10
CA LYS J 504 -32.21 64.70 14.03
C LYS J 504 -31.95 63.87 12.77
N PRO J 505 -32.91 63.87 11.83
CA PRO J 505 -32.75 63.13 10.58
C PRO J 505 -31.73 63.79 9.66
N LYS J 506 -31.16 63.00 8.74
CA LYS J 506 -30.23 63.54 7.75
C LYS J 506 -30.96 63.88 6.46
N GLY J 507 -32.11 63.27 6.26
CA GLY J 507 -32.81 63.38 4.99
C GLY J 507 -32.01 62.67 3.92
N PHE J 508 -31.39 61.56 4.29
CA PHE J 508 -30.51 60.83 3.40
C PHE J 508 -31.28 60.19 2.26
N GLY J 509 -30.74 60.29 1.05
CA GLY J 509 -31.32 59.64 -0.11
C GLY J 509 -31.96 60.60 -1.09
N VAL J 510 -32.45 61.73 -0.59
CA VAL J 510 -33.16 62.69 -1.42
C VAL J 510 -32.30 63.20 -2.57
N ARG J 511 -31.13 63.73 -2.23
CA ARG J 511 -30.22 64.26 -3.24
C ARG J 511 -29.58 63.14 -4.05
N LEU J 512 -29.32 62.01 -3.42
CA LEU J 512 -28.78 60.84 -4.10
C LEU J 512 -29.74 60.38 -5.19
N LEU J 513 -31.01 60.23 -4.84
CA LEU J 513 -32.04 59.77 -5.77
C LEU J 513 -32.32 60.77 -6.88
N THR J 514 -32.30 62.06 -6.53
CA THR J 514 -32.60 63.11 -7.50
C THR J 514 -31.51 63.20 -8.55
N GLU J 515 -30.27 63.09 -8.11
CA GLU J 515 -29.12 63.09 -9.02
C GLU J 515 -29.15 61.87 -9.94
N PHE J 516 -29.66 60.76 -9.42
CA PHE J 516 -29.77 59.53 -10.20
C PHE J 516 -30.73 59.73 -11.37
N VAL J 517 -31.83 60.44 -11.12
CA VAL J 517 -32.84 60.68 -12.15
C VAL J 517 -32.40 61.72 -13.18
N LEU J 518 -31.80 62.81 -12.71
CA LEU J 518 -31.39 63.90 -13.58
C LEU J 518 -30.21 63.57 -14.48
N ASN J 519 -29.17 62.97 -13.91
CA ASN J 519 -27.94 62.72 -14.65
C ASN J 519 -28.06 61.49 -15.55
N ASP J 520 -29.06 60.65 -15.27
CA ASP J 520 -29.36 59.52 -16.12
C ASP J 520 -30.20 59.96 -17.33
N SER K 3 -67.17 28.60 14.89
CA SER K 3 -67.36 28.03 13.57
C SER K 3 -66.67 28.85 12.50
N GLU K 4 -67.07 30.12 12.38
CA GLU K 4 -66.48 31.00 11.38
C GLU K 4 -65.21 31.64 11.93
N VAL K 5 -64.11 31.48 11.20
CA VAL K 5 -62.83 32.03 11.64
C VAL K 5 -62.73 33.51 11.31
N PRO K 6 -62.57 34.34 12.34
CA PRO K 6 -62.45 35.79 12.16
C PRO K 6 -61.19 36.16 11.38
N GLN K 7 -61.27 37.25 10.62
CA GLN K 7 -60.14 37.70 9.80
C GLN K 7 -59.82 39.16 10.10
N VAL K 8 -58.55 39.52 9.98
CA VAL K 8 -58.15 40.92 10.09
C VAL K 8 -58.16 41.55 8.70
N VAL K 9 -57.59 40.83 7.75
CA VAL K 9 -57.67 41.20 6.33
C VAL K 9 -58.28 40.04 5.57
N SER K 10 -58.76 40.30 4.35
CA SER K 10 -59.45 39.28 3.58
C SER K 10 -58.50 38.17 3.13
N LEU K 11 -57.21 38.42 3.24
CA LEU K 11 -56.19 37.47 2.82
C LEU K 11 -55.86 36.44 3.91
N ASP K 12 -56.40 36.66 5.11
CA ASP K 12 -56.20 35.72 6.22
C ASP K 12 -56.91 34.39 5.97
N PRO K 13 -56.16 33.28 6.09
CA PRO K 13 -56.69 31.93 5.87
C PRO K 13 -57.77 31.56 6.88
N THR K 14 -58.74 30.75 6.45
CA THR K 14 -59.87 30.39 7.30
C THR K 14 -59.94 28.89 7.60
N SER K 15 -58.95 28.13 7.16
CA SER K 15 -58.91 26.71 7.46
C SER K 15 -57.50 26.15 7.39
N ILE K 16 -57.24 25.11 8.17
CA ILE K 16 -55.96 24.40 8.09
C ILE K 16 -56.01 23.38 6.97
N PRO K 17 -55.15 23.57 5.96
CA PRO K 17 -55.05 22.60 4.86
C PRO K 17 -54.59 21.23 5.37
N ILE K 18 -55.30 20.18 4.98
CA ILE K 18 -54.99 18.83 5.44
C ILE K 18 -54.90 17.84 4.29
N GLU K 19 -53.78 17.13 4.21
CA GLU K 19 -53.60 16.08 3.22
C GLU K 19 -53.95 14.74 3.85
N TYR K 20 -55.08 14.17 3.45
CA TYR K 20 -55.52 12.88 3.99
C TYR K 20 -55.01 11.70 3.17
N ASN K 21 -55.16 11.79 1.86
CA ASN K 21 -54.66 10.73 0.98
C ASN K 21 -53.22 10.98 0.53
N THR K 22 -52.27 10.48 1.32
CA THR K 22 -50.86 10.64 1.02
C THR K 22 -50.38 9.52 0.08
N PRO K 23 -49.29 9.80 -0.65
CA PRO K 23 -48.65 8.83 -1.55
C PRO K 23 -48.21 7.55 -0.82
N ILE K 24 -48.06 7.64 0.49
CA ILE K 24 -47.70 6.49 1.31
C ILE K 24 -48.79 5.43 1.26
N HIS K 25 -50.04 5.86 1.24
CA HIS K 25 -51.17 4.95 1.23
C HIS K 25 -51.27 4.18 -0.09
N ASP K 26 -50.57 4.68 -1.11
CA ASP K 26 -50.56 4.04 -2.41
C ASP K 26 -49.45 3.01 -2.55
N ILE K 27 -48.59 2.93 -1.54
CA ILE K 27 -47.46 1.99 -1.57
C ILE K 27 -47.90 0.58 -1.21
N LYS K 28 -47.73 -0.36 -2.14
CA LYS K 28 -48.08 -1.75 -1.88
C LYS K 28 -46.92 -2.47 -1.19
N VAL K 29 -47.17 -2.94 0.02
CA VAL K 29 -46.14 -3.58 0.82
C VAL K 29 -46.28 -5.10 0.86
N GLN K 30 -45.21 -5.78 0.48
CA GLN K 30 -45.16 -7.24 0.50
C GLN K 30 -44.00 -7.70 1.39
N VAL K 31 -44.28 -8.61 2.32
CA VAL K 31 -43.23 -9.14 3.18
C VAL K 31 -42.96 -10.59 2.80
N TYR K 32 -41.71 -10.89 2.49
CA TYR K 32 -41.31 -12.23 2.09
C TYR K 32 -40.37 -12.85 3.10
N ASP K 33 -40.30 -14.18 3.12
CA ASP K 33 -39.39 -14.88 4.00
C ASP K 33 -38.01 -14.98 3.36
N ILE K 34 -36.98 -14.63 4.13
CA ILE K 34 -35.62 -14.57 3.62
C ILE K 34 -35.15 -15.96 3.26
N LYS K 35 -35.76 -16.96 3.89
CA LYS K 35 -35.47 -18.36 3.62
C LYS K 35 -35.95 -18.72 2.22
N GLY K 36 -35.02 -18.85 1.27
CA GLY K 36 -35.38 -19.17 -0.10
C GLY K 36 -34.77 -18.24 -1.12
N GLY K 37 -33.97 -17.29 -0.65
CA GLY K 37 -33.26 -16.39 -1.53
C GLY K 37 -34.03 -15.12 -1.84
N CYS K 38 -33.31 -14.06 -2.17
CA CYS K 38 -33.91 -12.78 -2.50
C CYS K 38 -33.88 -12.57 -4.02
N ASN K 39 -34.96 -12.02 -4.57
CA ASN K 39 -34.99 -11.69 -5.98
C ASN K 39 -34.78 -10.20 -6.24
N VAL K 40 -33.73 -9.88 -7.00
CA VAL K 40 -33.37 -8.50 -7.32
C VAL K 40 -33.81 -8.08 -8.74
N GLU K 41 -35.13 -7.97 -8.93
CA GLU K 41 -35.69 -7.56 -10.22
C GLU K 41 -35.64 -6.04 -10.36
N GLU K 42 -36.77 -5.38 -10.23
CA GLU K 42 -36.84 -3.92 -10.42
C GLU K 42 -36.41 -3.10 -9.20
N GLY K 43 -36.20 -1.81 -9.43
CA GLY K 43 -35.97 -0.85 -8.36
C GLY K 43 -34.69 -0.94 -7.55
N LEU K 44 -34.76 -0.51 -6.29
CA LEU K 44 -33.62 -0.48 -5.39
C LEU K 44 -33.72 -1.58 -4.34
N THR K 45 -32.63 -2.32 -4.15
CA THR K 45 -32.59 -3.37 -3.14
C THR K 45 -31.55 -3.03 -2.08
N ILE K 46 -32.01 -2.87 -0.83
CA ILE K 46 -31.13 -2.48 0.26
C ILE K 46 -31.01 -3.56 1.33
N PHE K 47 -29.77 -3.89 1.66
CA PHE K 47 -29.50 -4.84 2.74
C PHE K 47 -29.16 -4.11 4.03
N LEU K 48 -29.89 -4.42 5.10
CA LEU K 48 -29.56 -3.90 6.42
C LEU K 48 -28.56 -4.80 7.10
N VAL K 49 -27.32 -4.32 7.22
CA VAL K 49 -26.23 -5.14 7.67
C VAL K 49 -25.55 -4.58 8.92
N ASN K 50 -25.16 -5.49 9.80
CA ASN K 50 -24.41 -5.13 11.00
C ASN K 50 -23.15 -5.97 11.05
N ASN K 51 -22.27 -5.72 12.02
CA ASN K 51 -21.08 -6.54 12.17
C ASN K 51 -20.67 -6.69 13.63
N PRO K 52 -21.23 -7.71 14.30
CA PRO K 52 -20.94 -8.04 15.71
C PRO K 52 -19.45 -8.24 15.97
N LYS K 54 -15.43 -5.99 13.98
CA LYS K 54 -16.33 -5.54 15.04
C LYS K 54 -16.83 -4.13 14.77
N GLU K 55 -16.34 -3.17 15.56
CA GLU K 55 -16.74 -1.78 15.42
C GLU K 55 -16.34 -1.20 14.07
N ASN K 56 -17.31 -0.66 13.37
CA ASN K 56 -17.13 -0.14 12.01
C ASN K 56 -16.49 -1.17 11.08
N GLY K 57 -16.92 -2.43 11.22
CA GLY K 57 -16.38 -3.52 10.43
C GLY K 57 -16.89 -3.55 9.00
N PRO K 58 -16.39 -4.51 8.21
CA PRO K 58 -16.72 -4.65 6.78
C PRO K 58 -18.14 -5.15 6.57
N VAL K 59 -18.64 -5.00 5.34
CA VAL K 59 -19.98 -5.45 5.00
C VAL K 59 -19.98 -6.88 4.49
N LYS K 60 -20.81 -7.72 5.09
CA LYS K 60 -20.98 -9.09 4.63
C LYS K 60 -22.43 -9.40 4.38
N ILE K 61 -22.77 -9.67 3.12
CA ILE K 61 -24.14 -10.00 2.76
C ILE K 61 -24.36 -11.49 2.93
N SER K 62 -25.15 -11.85 3.93
CA SER K 62 -25.39 -13.25 4.25
C SER K 62 -26.41 -13.84 3.29
N SER K 63 -27.42 -13.04 2.96
CA SER K 63 -28.56 -13.50 2.17
C SER K 63 -28.18 -13.99 0.78
N LYS K 64 -28.84 -15.07 0.35
CA LYS K 64 -28.70 -15.59 -1.00
C LYS K 64 -29.56 -14.81 -1.99
N VAL K 65 -28.96 -14.35 -3.07
CA VAL K 65 -29.72 -13.63 -4.10
C VAL K 65 -29.81 -14.48 -5.35
N ASN K 66 -31.03 -14.65 -5.85
CA ASN K 66 -31.26 -15.51 -7.01
C ASN K 66 -30.92 -14.77 -8.30
N ASP K 67 -29.67 -14.33 -8.40
CA ASP K 67 -29.20 -13.62 -9.58
C ASP K 67 -27.68 -13.66 -9.63
N LYS K 68 -27.15 -14.18 -10.74
CA LYS K 68 -25.72 -14.41 -10.89
C LYS K 68 -24.90 -13.12 -10.89
N GLN K 69 -25.43 -12.08 -11.52
CA GLN K 69 -24.72 -10.81 -11.62
C GLN K 69 -24.73 -10.02 -10.31
N VAL K 70 -25.84 -10.06 -9.59
CA VAL K 70 -25.95 -9.35 -8.33
C VAL K 70 -25.20 -10.09 -7.23
N SER K 71 -25.22 -11.41 -7.30
CA SER K 71 -24.49 -12.24 -6.35
C SER K 71 -23.00 -11.98 -6.49
N GLU K 72 -22.55 -11.77 -7.72
CA GLU K 72 -21.16 -11.46 -7.99
C GLU K 72 -20.79 -10.14 -7.34
N PHE K 73 -21.72 -9.19 -7.37
CA PHE K 73 -21.54 -7.88 -6.75
C PHE K 73 -21.43 -7.99 -5.22
N LEU K 74 -22.29 -8.81 -4.64
CA LEU K 74 -22.40 -8.97 -3.19
C LEU K 74 -21.45 -10.04 -2.65
N LYS K 75 -20.42 -10.34 -3.44
CA LYS K 75 -19.48 -11.43 -3.18
C LYS K 75 -18.67 -11.42 -1.88
N ASP K 76 -18.60 -10.27 -1.20
CA ASP K 76 -17.82 -10.03 0.04
C ASP K 76 -16.45 -9.43 -0.24
N GLU K 77 -15.76 -9.93 -1.26
CA GLU K 77 -14.46 -9.36 -1.63
C GLU K 77 -14.69 -7.94 -2.14
N ASN K 78 -15.88 -7.73 -2.68
CA ASN K 78 -16.28 -6.41 -3.18
C ASN K 78 -16.96 -5.60 -2.09
N MET K 79 -17.61 -6.30 -1.15
CA MET K 79 -18.39 -5.64 -0.12
C MET K 79 -17.52 -5.26 1.08
N GLU K 80 -16.32 -5.83 1.14
CA GLU K 80 -15.43 -5.58 2.26
C GLU K 80 -14.94 -4.14 2.29
N LYS K 81 -14.94 -3.50 1.11
CA LYS K 81 -14.47 -2.13 1.00
C LYS K 81 -15.44 -1.15 1.66
N PHE K 82 -16.64 -1.63 1.99
CA PHE K 82 -17.63 -0.82 2.67
C PHE K 82 -17.72 -1.25 4.12
N ASN K 83 -18.03 -0.32 5.01
CA ASN K 83 -18.12 -0.64 6.44
C ASN K 83 -19.56 -0.50 6.94
N VAL K 84 -19.82 -1.03 8.13
CA VAL K 84 -21.18 -1.08 8.66
C VAL K 84 -21.43 0.01 9.69
N LYS K 85 -20.70 1.12 9.57
CA LYS K 85 -20.91 2.26 10.45
C LYS K 85 -22.38 2.66 10.45
N LEU K 86 -22.94 2.82 11.65
CA LEU K 86 -24.36 3.10 11.80
C LEU K 86 -24.78 4.32 10.99
N GLY K 87 -25.55 4.09 9.94
CA GLY K 87 -26.06 5.16 9.10
C GLY K 87 -25.33 5.26 7.77
N THR K 88 -24.15 4.65 7.69
CA THR K 88 -23.37 4.67 6.46
C THR K 88 -24.09 3.86 5.39
N SER K 89 -24.11 4.36 4.17
CA SER K 89 -24.78 3.65 3.08
C SER K 89 -24.07 3.83 1.73
N LYS K 90 -24.22 2.83 0.87
CA LYS K 90 -23.73 2.93 -0.49
C LYS K 90 -24.69 2.16 -1.40
N HIS K 91 -25.09 2.75 -2.52
CA HIS K 91 -25.89 2.02 -3.51
C HIS K 91 -25.31 2.18 -4.91
N PHE K 92 -25.35 1.09 -5.68
CA PHE K 92 -24.85 1.05 -7.05
C PHE K 92 -25.94 0.65 -8.03
N TYR K 93 -25.76 1.06 -9.28
CA TYR K 93 -26.68 0.70 -10.36
C TYR K 93 -25.98 -0.28 -11.30
N MET K 94 -26.69 -1.32 -11.68
CA MET K 94 -26.13 -2.38 -12.49
C MET K 94 -27.20 -3.16 -13.22
N PHE K 95 -26.80 -3.99 -14.18
CA PHE K 95 -27.73 -4.86 -14.87
C PHE K 95 -27.69 -6.26 -14.26
N ASN K 96 -28.86 -6.85 -14.11
CA ASN K 96 -28.97 -8.21 -13.59
C ASN K 96 -28.89 -9.22 -14.72
N ASP K 97 -29.18 -10.48 -14.42
CA ASP K 97 -29.10 -11.56 -15.41
C ASP K 97 -30.00 -11.28 -16.59
N ASN K 98 -31.09 -10.57 -16.32
CA ASN K 98 -32.10 -10.25 -17.33
C ASN K 98 -31.72 -9.03 -18.16
N LYS K 99 -30.72 -8.28 -17.68
CA LYS K 99 -30.25 -7.07 -18.33
C LYS K 99 -31.23 -5.95 -18.05
N ASN K 100 -31.67 -5.90 -16.79
CA ASN K 100 -32.53 -4.84 -16.31
C ASN K 100 -31.77 -3.96 -15.33
N SER K 101 -32.01 -2.66 -15.39
CA SER K 101 -31.31 -1.74 -14.50
C SER K 101 -31.80 -1.93 -13.08
N VAL K 102 -30.98 -2.56 -12.26
CA VAL K 102 -31.32 -2.75 -10.85
C VAL K 102 -30.38 -1.91 -10.00
N ALA K 103 -30.84 -1.51 -8.83
CA ALA K 103 -30.01 -0.77 -7.90
C ALA K 103 -29.83 -1.58 -6.62
N VAL K 104 -28.59 -1.74 -6.20
CA VAL K 104 -28.31 -2.51 -4.99
C VAL K 104 -27.42 -1.70 -4.06
N GLY K 105 -27.60 -1.92 -2.76
CA GLY K 105 -26.84 -1.20 -1.76
C GLY K 105 -27.07 -1.74 -0.38
N TYR K 106 -26.59 -0.99 0.61
CA TYR K 106 -26.72 -1.39 2.01
C TYR K 106 -26.80 -0.15 2.90
N VAL K 107 -27.28 -0.34 4.13
CA VAL K 107 -27.24 0.70 5.13
C VAL K 107 -26.58 0.14 6.39
N GLY K 108 -25.57 0.84 6.89
CA GLY K 108 -24.85 0.38 8.05
C GLY K 108 -25.73 0.39 9.29
N CYS K 109 -25.76 -0.73 10.00
CA CYS K 109 -26.59 -0.85 11.19
C CYS K 109 -25.74 -1.06 12.43
N GLY K 110 -24.49 -0.61 12.36
CA GLY K 110 -23.60 -0.62 13.51
C GLY K 110 -23.09 -2.01 13.85
N SER K 111 -22.58 -2.16 15.07
CA SER K 111 -22.00 -3.41 15.53
C SER K 111 -22.84 -4.02 16.63
N VAL K 112 -23.81 -3.25 17.13
CA VAL K 112 -24.70 -3.73 18.17
C VAL K 112 -25.91 -4.48 17.58
N ALA K 113 -26.24 -5.59 18.24
CA ALA K 113 -27.37 -6.44 17.85
C ALA K 113 -28.65 -5.67 18.12
N ASP K 114 -29.24 -5.92 19.28
CA ASP K 114 -30.43 -5.19 19.75
C ASP K 114 -30.39 -3.70 19.40
N LEU K 115 -30.82 -3.34 18.20
CA LEU K 115 -30.84 -1.94 17.77
C LEU K 115 -31.73 -1.09 18.66
N SER K 116 -31.28 0.13 18.93
CA SER K 116 -32.08 1.05 19.75
C SER K 116 -33.14 1.71 18.88
N GLU K 117 -33.70 2.81 19.36
CA GLU K 117 -34.76 3.49 18.65
C GLU K 117 -34.19 4.66 17.85
N ALA K 118 -33.24 5.36 18.45
CA ALA K 118 -32.50 6.40 17.75
C ALA K 118 -31.70 5.81 16.59
N ASP K 119 -31.20 4.59 16.80
CA ASP K 119 -30.46 3.87 15.78
C ASP K 119 -31.32 3.56 14.56
N MET K 120 -32.54 3.08 14.80
CA MET K 120 -33.45 2.75 13.73
C MET K 120 -33.79 4.03 12.96
N LYS K 121 -33.95 5.13 13.70
CA LYS K 121 -34.17 6.43 13.08
C LYS K 121 -33.00 6.83 12.19
N ARG K 122 -31.78 6.60 12.68
CA ARG K 122 -30.58 6.89 11.88
C ARG K 122 -30.50 5.99 10.66
N VAL K 123 -30.91 4.72 10.84
CA VAL K 123 -30.93 3.77 9.73
C VAL K 123 -31.92 4.17 8.66
N VAL K 124 -33.15 4.48 9.07
CA VAL K 124 -34.20 4.86 8.15
C VAL K 124 -33.86 6.14 7.38
N LEU K 125 -33.36 7.14 8.09
CA LEU K 125 -32.96 8.41 7.46
C LEU K 125 -31.94 8.18 6.34
N SER K 126 -30.96 7.32 6.60
CA SER K 126 -29.98 6.96 5.59
C SER K 126 -30.71 6.29 4.42
N LEU K 127 -31.71 5.49 4.77
CA LEU K 127 -32.53 4.79 3.78
C LEU K 127 -33.42 5.74 2.98
N VAL K 128 -34.03 6.70 3.67
CA VAL K 128 -34.92 7.67 3.03
C VAL K 128 -34.19 8.60 2.08
N THR K 129 -32.93 8.90 2.40
CA THR K 129 -32.12 9.77 1.57
C THR K 129 -31.92 9.18 0.17
N MET K 130 -31.79 7.86 0.10
CA MET K 130 -31.63 7.19 -1.18
C MET K 130 -32.94 7.20 -1.99
N LEU K 131 -34.07 7.26 -1.29
CA LEU K 131 -35.36 7.30 -1.96
C LEU K 131 -35.62 8.70 -2.51
N HIS K 132 -35.16 9.71 -1.78
CA HIS K 132 -35.35 11.09 -2.19
C HIS K 132 -34.42 11.46 -3.34
N ASP K 133 -33.28 10.78 -3.41
CA ASP K 133 -32.29 11.07 -4.45
C ASP K 133 -32.37 10.06 -5.60
N ASN K 134 -33.44 9.28 -5.62
CA ASN K 134 -33.61 8.27 -6.67
C ASN K 134 -35.04 8.19 -7.19
N LYS K 135 -35.17 8.17 -8.51
CA LYS K 135 -36.48 8.13 -9.16
C LYS K 135 -36.98 6.69 -9.30
N LEU K 136 -37.04 5.99 -8.17
CA LEU K 136 -37.37 4.57 -8.15
C LEU K 136 -38.87 4.31 -8.19
N SER K 137 -39.22 3.04 -8.41
CA SER K 137 -40.61 2.61 -8.51
C SER K 137 -40.88 1.59 -7.41
N LYS K 138 -39.82 0.88 -7.03
CA LYS K 138 -39.91 -0.13 -5.99
C LYS K 138 -38.69 -0.12 -5.09
N LEU K 139 -38.93 -0.20 -3.79
CA LEU K 139 -37.87 -0.35 -2.81
C LEU K 139 -37.97 -1.71 -2.13
N THR K 140 -36.85 -2.43 -2.09
CA THR K 140 -36.83 -3.71 -1.43
C THR K 140 -35.81 -3.65 -0.30
N VAL K 141 -36.27 -3.92 0.91
CA VAL K 141 -35.39 -3.87 2.08
C VAL K 141 -35.15 -5.28 2.60
N VAL K 142 -33.89 -5.66 2.72
CA VAL K 142 -33.52 -6.99 3.18
C VAL K 142 -33.00 -6.92 4.61
N PHE K 143 -33.68 -7.60 5.52
CA PHE K 143 -33.34 -7.55 6.94
C PHE K 143 -32.35 -8.62 7.38
N GLU K 144 -31.07 -8.27 7.40
CA GLU K 144 -30.04 -9.14 7.94
C GLU K 144 -29.68 -8.74 9.37
N ILE K 145 -30.63 -8.12 10.06
CA ILE K 145 -30.47 -7.79 11.47
C ILE K 145 -31.68 -8.28 12.26
N ASN K 146 -31.56 -8.33 13.57
CA ASN K 146 -32.67 -8.79 14.42
C ASN K 146 -33.54 -7.67 14.93
N VAL K 147 -34.83 -7.74 14.61
CA VAL K 147 -35.80 -6.78 15.12
C VAL K 147 -37.08 -7.50 15.53
N ASP K 148 -37.61 -7.12 16.68
CA ASP K 148 -38.89 -7.65 17.15
C ASP K 148 -40.03 -7.03 16.33
N LYS K 149 -41.24 -7.52 16.55
CA LYS K 149 -42.40 -7.07 15.78
C LYS K 149 -42.61 -5.57 15.94
N ASN K 150 -42.40 -5.06 17.16
CA ASN K 150 -42.56 -3.64 17.43
C ASN K 150 -41.56 -2.76 16.68
N LEU K 151 -40.31 -3.18 16.65
CA LEU K 151 -39.27 -2.40 15.98
C LEU K 151 -39.47 -2.45 14.47
N PHE K 152 -39.97 -3.59 13.97
CA PHE K 152 -40.26 -3.71 12.55
C PHE K 152 -41.34 -2.73 12.14
N ARG K 153 -42.43 -2.68 12.92
CA ARG K 153 -43.50 -1.73 12.64
C ARG K 153 -43.00 -0.31 12.79
N PHE K 154 -42.16 -0.08 13.79
CA PHE K 154 -41.58 1.24 14.01
C PHE K 154 -40.70 1.62 12.83
N PHE K 155 -40.03 0.63 12.25
CA PHE K 155 -39.23 0.85 11.05
C PHE K 155 -40.08 1.39 9.91
N LEU K 156 -41.23 0.76 9.67
CA LEU K 156 -42.12 1.18 8.59
C LEU K 156 -42.75 2.54 8.84
N GLU K 157 -43.26 2.74 10.06
CA GLU K 157 -43.84 4.02 10.46
C GLU K 157 -42.90 5.19 10.21
N THR K 158 -41.67 5.05 10.70
CA THR K 158 -40.68 6.10 10.58
C THR K 158 -40.26 6.23 9.12
N LEU K 159 -40.18 5.10 8.43
CA LEU K 159 -39.88 5.10 7.01
C LEU K 159 -40.93 5.90 6.26
N PHE K 160 -42.20 5.59 6.52
CA PHE K 160 -43.32 6.28 5.89
C PHE K 160 -43.32 7.76 6.25
N TYR K 161 -43.12 8.05 7.53
CA TYR K 161 -43.19 9.43 8.03
C TYR K 161 -42.07 10.29 7.48
N GLU K 162 -40.87 9.73 7.42
CA GLU K 162 -39.71 10.49 6.97
C GLU K 162 -39.71 10.60 5.44
N TYR K 163 -40.24 9.57 4.78
CA TYR K 163 -40.35 9.56 3.32
C TYR K 163 -41.32 10.64 2.84
N MET K 164 -42.45 10.74 3.53
CA MET K 164 -43.50 11.69 3.14
C MET K 164 -43.05 13.13 3.34
N THR K 165 -43.35 13.98 2.36
CA THR K 165 -42.98 15.39 2.44
C THR K 165 -44.20 16.30 2.45
N ASP K 166 -44.17 17.29 3.35
CA ASP K 166 -45.29 18.22 3.53
C ASP K 166 -45.13 19.46 2.65
N GLU K 167 -45.99 19.58 1.64
CA GLU K 167 -45.91 20.69 0.70
C GLU K 167 -47.19 21.53 0.65
N ARG K 168 -47.95 21.51 1.74
CA ARG K 168 -49.22 22.23 1.81
C ARG K 168 -49.05 23.73 1.61
N PHE K 169 -47.89 24.25 2.02
CA PHE K 169 -47.66 25.69 1.99
C PHE K 169 -46.65 26.07 0.91
N LYS K 170 -46.37 25.13 0.01
CA LYS K 170 -45.54 25.40 -1.16
C LYS K 170 -46.42 25.85 -2.32
N SER K 171 -46.01 26.91 -3.00
CA SER K 171 -46.69 27.33 -4.23
C SER K 171 -46.48 26.32 -5.35
N GLU K 179 -42.71 11.86 -6.93
CA GLU K 179 -42.69 10.52 -7.51
C GLU K 179 -42.36 9.45 -6.47
N TYR K 180 -43.27 9.26 -5.53
CA TYR K 180 -43.11 8.26 -4.47
C TYR K 180 -43.17 6.85 -5.08
N ILE K 181 -42.50 5.90 -4.44
CA ILE K 181 -42.54 4.51 -4.89
C ILE K 181 -43.95 3.94 -4.78
N LYS K 182 -44.20 2.86 -5.53
CA LYS K 182 -45.51 2.23 -5.53
C LYS K 182 -45.45 0.86 -4.88
N HIS K 183 -44.24 0.35 -4.69
CA HIS K 183 -44.06 -0.97 -4.13
C HIS K 183 -42.97 -1.00 -3.07
N LEU K 184 -43.23 -1.71 -1.97
CA LEU K 184 -42.23 -1.90 -0.93
C LEU K 184 -42.05 -3.38 -0.65
N GLY K 185 -40.87 -3.90 -0.98
CA GLY K 185 -40.54 -5.28 -0.73
C GLY K 185 -39.69 -5.46 0.51
N VAL K 186 -40.08 -6.40 1.36
CA VAL K 186 -39.33 -6.65 2.59
C VAL K 186 -38.93 -8.12 2.73
N TYR K 187 -37.63 -8.36 2.84
CA TYR K 187 -37.11 -9.70 3.10
C TYR K 187 -36.65 -9.81 4.54
N ILE K 188 -37.34 -10.66 5.30
CA ILE K 188 -37.06 -10.85 6.71
C ILE K 188 -37.32 -12.29 7.11
N ASN K 189 -36.68 -12.75 8.18
CA ASN K 189 -36.89 -14.11 8.65
C ASN K 189 -38.21 -14.21 9.37
N ASN K 190 -38.94 -15.31 9.15
CA ASN K 190 -40.24 -15.49 9.76
C ASN K 190 -41.22 -14.39 9.34
N ALA K 191 -41.31 -14.17 8.03
CA ALA K 191 -42.08 -13.06 7.48
C ALA K 191 -43.54 -13.06 7.92
N ASP K 192 -44.10 -14.25 8.18
CA ASP K 192 -45.52 -14.36 8.50
C ASP K 192 -45.88 -13.73 9.84
N THR K 193 -44.90 -13.56 10.72
CA THR K 193 -45.17 -12.92 12.01
C THR K 193 -45.14 -11.40 11.91
N TYR K 194 -44.43 -10.88 10.91
CA TYR K 194 -44.27 -9.44 10.73
C TYR K 194 -45.37 -8.82 9.86
N LYS K 195 -46.08 -9.68 9.12
CA LYS K 195 -47.10 -9.23 8.17
C LYS K 195 -48.23 -8.46 8.84
N GLU K 196 -48.56 -8.85 10.06
CA GLU K 196 -49.64 -8.21 10.82
C GLU K 196 -49.35 -6.77 11.17
N GLU K 197 -48.06 -6.42 11.24
CA GLU K 197 -47.64 -5.09 11.68
C GLU K 197 -47.63 -4.05 10.56
N VAL K 198 -47.73 -4.51 9.32
CA VAL K 198 -47.60 -3.64 8.17
C VAL K 198 -48.74 -2.62 8.10
N GLU K 199 -49.97 -3.09 8.19
CA GLU K 199 -51.13 -2.21 8.05
C GLU K 199 -51.37 -1.40 9.32
N LYS K 200 -50.90 -1.91 10.44
CA LYS K 200 -50.93 -1.17 11.70
C LYS K 200 -50.01 0.05 11.63
N ALA K 201 -48.85 -0.15 11.00
CA ALA K 201 -47.87 0.91 10.82
C ALA K 201 -48.40 2.04 9.94
N ARG K 202 -49.08 1.65 8.86
CA ARG K 202 -49.64 2.63 7.93
C ARG K 202 -50.67 3.50 8.63
N VAL K 203 -51.42 2.90 9.55
CA VAL K 203 -52.39 3.64 10.34
C VAL K 203 -51.67 4.55 11.33
N TYR K 204 -50.73 3.98 12.07
CA TYR K 204 -49.91 4.73 13.00
C TYR K 204 -49.16 5.85 12.30
N TYR K 205 -48.73 5.57 11.06
CA TYR K 205 -48.04 6.57 10.25
C TYR K 205 -48.84 7.85 10.09
N PHE K 206 -50.08 7.72 9.61
CA PHE K 206 -50.87 8.90 9.30
C PHE K 206 -51.32 9.65 10.54
N GLY K 207 -51.63 8.91 11.61
CA GLY K 207 -51.96 9.53 12.88
C GLY K 207 -50.84 10.46 13.27
N THR K 208 -49.60 9.99 13.08
CA THR K 208 -48.42 10.79 13.33
C THR K 208 -48.28 11.92 12.30
N TYR K 209 -48.43 11.59 11.02
CA TYR K 209 -48.30 12.58 9.95
C TYR K 209 -49.42 13.61 10.02
N TYR K 210 -50.61 13.18 10.41
CA TYR K 210 -51.72 14.09 10.62
C TYR K 210 -51.44 15.08 11.75
N ALA K 211 -51.00 14.55 12.89
CA ALA K 211 -50.64 15.39 14.03
C ALA K 211 -49.51 16.31 13.62
N SER K 212 -48.61 15.81 12.77
CA SER K 212 -47.50 16.58 12.26
C SER K 212 -48.01 17.78 11.46
N GLN K 213 -49.03 17.55 10.63
CA GLN K 213 -49.61 18.60 9.82
C GLN K 213 -50.17 19.75 10.64
N LEU K 214 -50.82 19.43 11.75
CA LEU K 214 -51.40 20.46 12.61
C LEU K 214 -50.32 21.31 13.30
N ILE K 215 -49.29 20.66 13.80
CA ILE K 215 -48.21 21.35 14.49
C ILE K 215 -47.41 22.21 13.51
N ALA K 216 -47.11 21.63 12.35
CA ALA K 216 -46.35 22.33 11.31
C ALA K 216 -47.09 23.53 10.77
N ALA K 217 -48.42 23.44 10.72
CA ALA K 217 -49.25 24.54 10.23
C ALA K 217 -49.04 25.80 11.08
N PRO K 218 -48.76 26.93 10.41
CA PRO K 218 -48.52 28.22 11.07
C PRO K 218 -49.75 28.71 11.86
N SER K 219 -49.55 29.70 12.72
CA SER K 219 -50.58 30.13 13.64
C SER K 219 -51.68 30.97 12.97
N ASN K 220 -51.39 31.51 11.80
CA ASN K 220 -52.41 32.25 11.05
C ASN K 220 -53.37 31.28 10.35
N TYR K 221 -52.86 30.09 10.03
CA TYR K 221 -53.70 29.04 9.48
C TYR K 221 -54.37 28.28 10.62
N CYS K 222 -53.55 27.82 11.56
CA CYS K 222 -54.05 27.06 12.70
C CYS K 222 -54.26 27.97 13.90
N ASN K 223 -55.51 28.38 14.10
CA ASN K 223 -55.90 29.18 15.25
C ASN K 223 -56.94 28.43 16.07
N PRO K 224 -57.33 28.98 17.23
CA PRO K 224 -58.30 28.32 18.11
C PRO K 224 -59.57 27.86 17.39
N VAL K 225 -60.03 28.65 16.42
CA VAL K 225 -61.24 28.32 15.68
C VAL K 225 -60.98 27.27 14.60
N SER K 226 -59.97 27.51 13.77
CA SER K 226 -59.69 26.62 12.65
C SER K 226 -59.26 25.23 13.11
N LEU K 227 -58.59 25.16 14.26
CA LEU K 227 -58.15 23.88 14.80
C LEU K 227 -59.33 23.07 15.32
N SER K 228 -60.26 23.74 16.02
CA SER K 228 -61.46 23.08 16.51
C SER K 228 -62.31 22.61 15.34
N ASN K 229 -62.34 23.41 14.27
CA ASN K 229 -63.02 23.02 13.05
C ASN K 229 -62.40 21.75 12.45
N ALA K 230 -61.08 21.68 12.47
CA ALA K 230 -60.37 20.53 11.94
C ALA K 230 -60.64 19.27 12.76
N ALA K 231 -60.75 19.43 14.07
CA ALA K 231 -61.02 18.31 14.97
C ALA K 231 -62.43 17.77 14.75
N VAL K 232 -63.39 18.67 14.57
CA VAL K 232 -64.76 18.28 14.27
C VAL K 232 -64.84 17.53 12.94
N GLU K 233 -64.14 18.05 11.94
CA GLU K 233 -64.11 17.42 10.63
C GLU K 233 -63.50 16.03 10.74
N LEU K 234 -62.50 15.91 11.60
CA LEU K 234 -61.84 14.63 11.85
C LEU K 234 -62.80 13.67 12.54
N ALA K 235 -63.53 14.18 13.52
CA ALA K 235 -64.52 13.38 14.25
C ALA K 235 -65.60 12.90 13.30
N GLN K 236 -65.98 13.74 12.35
CA GLN K 236 -67.00 13.39 11.39
C GLN K 236 -66.59 12.25 10.47
N LYS K 237 -65.33 12.28 10.01
CA LYS K 237 -64.84 11.23 9.13
C LYS K 237 -64.64 9.90 9.85
N LEU K 238 -64.34 9.96 11.15
CA LEU K 238 -64.12 8.75 11.94
C LEU K 238 -65.36 8.33 12.71
N ASN K 239 -66.47 9.02 12.47
CA ASN K 239 -67.73 8.73 13.17
C ASN K 239 -67.57 8.83 14.68
N LEU K 240 -66.87 9.86 15.14
CA LEU K 240 -66.67 10.10 16.56
C LEU K 240 -67.63 11.17 17.05
N GLU K 241 -68.20 10.96 18.23
CA GLU K 241 -68.99 12.01 18.86
C GLU K 241 -68.10 13.19 19.19
N TYR K 242 -68.55 14.38 18.81
CA TYR K 242 -67.77 15.59 19.04
C TYR K 242 -68.61 16.69 19.67
N LYS K 243 -67.95 17.56 20.42
CA LYS K 243 -68.62 18.67 21.07
C LYS K 243 -67.63 19.81 21.29
N ILE K 244 -67.94 20.97 20.75
CA ILE K 244 -67.08 22.14 20.90
C ILE K 244 -67.71 23.18 21.81
N LEU K 245 -67.11 23.38 22.98
CA LEU K 245 -67.62 24.36 23.93
C LEU K 245 -67.12 25.75 23.54
N GLY K 246 -68.04 26.71 23.49
CA GLY K 246 -67.67 28.08 23.16
C GLY K 246 -67.55 28.94 24.40
N VAL K 247 -67.27 30.23 24.20
CA VAL K 247 -67.03 31.15 25.32
C VAL K 247 -68.21 31.21 26.28
N LYS K 248 -69.43 31.24 25.73
CA LYS K 248 -70.64 31.34 26.55
C LYS K 248 -70.81 30.11 27.43
N GLU K 249 -70.54 28.94 26.87
CA GLU K 249 -70.70 27.68 27.59
C GLU K 249 -69.61 27.50 28.63
N LEU K 250 -68.42 28.02 28.33
CA LEU K 250 -67.30 27.95 29.25
C LEU K 250 -67.47 28.89 30.44
N GLU K 251 -68.11 30.03 30.20
CA GLU K 251 -68.40 31.00 31.25
C GLU K 251 -69.34 30.42 32.31
N GLU K 252 -70.31 29.62 31.86
CA GLU K 252 -71.27 29.02 32.76
C GLU K 252 -70.62 27.90 33.56
N LEU K 253 -69.56 27.32 33.00
CA LEU K 253 -68.80 26.29 33.69
C LEU K 253 -67.73 26.93 34.58
N LYS K 254 -67.61 28.24 34.48
CA LYS K 254 -66.71 29.02 35.33
C LYS K 254 -65.25 28.63 35.13
N MET K 255 -64.90 28.32 33.88
CA MET K 255 -63.52 27.99 33.55
C MET K 255 -62.71 29.27 33.41
N GLY K 256 -62.43 29.91 34.55
CA GLY K 256 -61.78 31.21 34.56
C GLY K 256 -60.32 31.20 34.16
N ALA K 257 -59.61 30.12 34.46
CA ALA K 257 -58.20 30.00 34.10
C ALA K 257 -58.02 29.93 32.58
N TYR K 258 -58.75 29.00 31.96
CA TYR K 258 -58.70 28.81 30.51
C TYR K 258 -59.08 30.09 29.78
N LEU K 259 -60.16 30.73 30.21
CA LEU K 259 -60.66 31.94 29.57
C LEU K 259 -59.71 33.12 29.73
N SER K 260 -59.03 33.20 30.87
CA SER K 260 -58.12 34.31 31.12
C SER K 260 -56.96 34.34 30.15
N VAL K 261 -56.48 33.16 29.75
CA VAL K 261 -55.37 33.06 28.82
C VAL K 261 -55.73 33.56 27.43
N GLY K 262 -56.93 33.21 26.97
CA GLY K 262 -57.38 33.56 25.64
C GLY K 262 -57.92 34.97 25.49
N LYS K 263 -58.01 35.70 26.60
CA LYS K 263 -58.59 37.04 26.61
C LYS K 263 -57.98 37.99 25.59
N GLY K 264 -56.66 37.93 25.44
CA GLY K 264 -55.96 38.85 24.57
C GLY K 264 -55.98 38.46 23.10
N SER K 265 -56.72 37.40 22.78
CA SER K 265 -56.77 36.88 21.42
C SER K 265 -57.98 37.37 20.64
N MET K 266 -57.80 37.50 19.33
CA MET K 266 -58.91 37.84 18.43
C MET K 266 -59.73 36.59 18.16
N TYR K 267 -59.18 35.44 18.53
CA TYR K 267 -59.87 34.16 18.35
C TYR K 267 -60.51 33.71 19.66
N PRO K 268 -61.84 33.50 19.63
CA PRO K 268 -62.58 33.04 20.80
C PRO K 268 -62.11 31.65 21.24
N ASN K 269 -62.16 31.38 22.54
CA ASN K 269 -61.77 30.07 23.06
C ASN K 269 -62.63 28.93 22.51
N LYS K 270 -62.00 27.80 22.22
CA LYS K 270 -62.70 26.61 21.73
C LYS K 270 -62.20 25.35 22.42
N PHE K 271 -63.09 24.72 23.19
CA PHE K 271 -62.76 23.50 23.92
C PHE K 271 -63.14 22.27 23.10
N ILE K 272 -62.14 21.51 22.67
CA ILE K 272 -62.39 20.32 21.86
C ILE K 272 -62.69 19.13 22.74
N HIS K 273 -63.80 18.44 22.45
CA HIS K 273 -64.18 17.26 23.19
C HIS K 273 -64.69 16.17 22.25
N LEU K 274 -63.77 15.35 21.77
CA LEU K 274 -64.13 14.18 20.97
C LEU K 274 -64.25 12.99 21.90
N THR K 275 -65.05 12.00 21.48
CA THR K 275 -65.24 10.81 22.30
C THR K 275 -65.35 9.57 21.44
N TYR K 276 -64.58 8.56 21.82
CA TYR K 276 -64.66 7.24 21.20
C TYR K 276 -65.30 6.25 22.16
N LYS K 277 -66.43 5.67 21.79
CA LYS K 277 -67.05 4.67 22.64
C LYS K 277 -67.02 3.30 21.98
N SER K 278 -66.56 2.30 22.72
CA SER K 278 -66.52 0.95 22.19
C SER K 278 -67.97 0.52 21.95
N LYS K 279 -68.17 -0.47 21.10
CA LYS K 279 -69.52 -0.84 20.69
C LYS K 279 -70.17 -1.81 21.66
N GLY K 280 -69.47 -2.14 22.74
CA GLY K 280 -69.97 -3.09 23.69
C GLY K 280 -69.92 -2.63 25.13
N ASP K 281 -69.42 -3.51 26.00
CA ASP K 281 -69.37 -3.26 27.44
C ASP K 281 -68.10 -2.53 27.86
N VAL K 282 -68.02 -1.25 27.50
CA VAL K 282 -66.90 -0.39 27.88
C VAL K 282 -66.48 -0.64 29.33
N LYS K 283 -65.22 -1.05 29.50
CA LYS K 283 -64.72 -1.46 30.80
C LYS K 283 -63.69 -0.47 31.36
N LYS K 284 -63.06 0.28 30.47
CA LYS K 284 -62.15 1.34 30.89
C LYS K 284 -62.56 2.67 30.26
N LYS K 285 -62.58 3.71 31.08
CA LYS K 285 -62.87 5.05 30.58
C LYS K 285 -61.62 5.91 30.68
N ILE K 286 -61.20 6.46 29.55
CA ILE K 286 -59.95 7.21 29.49
C ILE K 286 -60.16 8.60 28.93
N ALA K 287 -59.57 9.58 29.57
CA ALA K 287 -59.59 10.95 29.08
C ALA K 287 -58.18 11.40 28.72
N LEU K 288 -57.95 11.72 27.46
CA LEU K 288 -56.65 12.21 27.02
C LEU K 288 -56.71 13.71 26.81
N VAL K 289 -55.98 14.46 27.64
CA VAL K 289 -55.98 15.90 27.57
C VAL K 289 -54.69 16.41 26.95
N GLY K 290 -54.82 17.31 25.99
CA GLY K 290 -53.65 17.86 25.31
C GLY K 290 -53.63 19.37 25.39
N LYS K 291 -52.44 19.94 25.61
CA LYS K 291 -52.29 21.38 25.64
C LYS K 291 -52.49 21.97 24.25
N GLY K 292 -53.38 22.95 24.14
CA GLY K 292 -53.74 23.49 22.84
C GLY K 292 -53.63 25.00 22.67
N ILE K 293 -52.44 25.54 22.87
CA ILE K 293 -52.20 26.95 22.59
C ILE K 293 -51.61 27.09 21.18
N THR K 294 -52.41 27.62 20.25
CA THR K 294 -52.04 27.67 18.85
C THR K 294 -50.85 28.59 18.62
N PHE K 295 -50.70 29.61 19.46
CA PHE K 295 -49.49 30.40 19.50
C PHE K 295 -49.28 30.97 20.89
N ASP K 296 -48.05 30.89 21.38
CA ASP K 296 -47.71 31.39 22.70
C ASP K 296 -46.71 32.53 22.62
N SER K 297 -47.20 33.76 22.64
CA SER K 297 -46.34 34.93 22.66
C SER K 297 -45.72 35.11 24.04
N GLY K 298 -46.38 34.54 25.04
CA GLY K 298 -45.95 34.68 26.41
C GLY K 298 -46.80 35.70 27.12
N GLY K 299 -47.61 36.43 26.35
CA GLY K 299 -48.43 37.48 26.91
C GLY K 299 -47.55 38.66 27.29
N TYR K 300 -47.95 39.38 28.33
CA TYR K 300 -47.17 40.52 28.80
C TYR K 300 -45.80 40.06 29.32
N ASN K 301 -45.71 38.81 29.76
CA ASN K 301 -44.42 38.18 29.95
C ASN K 301 -43.91 37.66 28.61
N LEU K 302 -43.72 38.58 27.67
CA LEU K 302 -43.44 38.23 26.28
C LEU K 302 -42.16 37.42 26.15
N LYS K 303 -42.16 36.47 25.23
CA LYS K 303 -40.97 35.68 24.94
C LYS K 303 -39.99 36.54 24.13
N ALA K 304 -39.32 37.46 24.82
CA ALA K 304 -38.39 38.38 24.16
C ALA K 304 -36.94 38.10 24.54
N ALA K 305 -36.74 37.31 25.60
CA ALA K 305 -35.40 36.96 26.04
C ALA K 305 -34.74 36.04 25.03
N PRO K 306 -33.40 36.14 24.91
CA PRO K 306 -32.66 35.29 23.98
C PRO K 306 -32.88 33.81 24.25
N GLY K 307 -33.20 33.06 23.20
CA GLY K 307 -33.43 31.64 23.33
C GLY K 307 -34.89 31.26 23.60
N SER K 308 -35.77 32.25 23.63
CA SER K 308 -37.18 31.99 23.89
C SER K 308 -37.83 31.27 22.72
N MET K 309 -37.23 31.40 21.54
CA MET K 309 -37.69 30.70 20.34
C MET K 309 -39.17 30.96 20.11
N ILE K 310 -39.54 32.23 20.05
CA ILE K 310 -40.94 32.61 19.91
C ILE K 310 -41.47 32.19 18.54
N ASP K 311 -40.56 32.09 17.57
CA ASP K 311 -40.93 31.70 16.21
C ASP K 311 -41.34 30.23 16.15
N LEU K 312 -40.93 29.47 17.17
CA LEU K 312 -41.27 28.05 17.23
C LEU K 312 -42.64 27.81 17.86
N MET K 313 -43.16 28.81 18.56
CA MET K 313 -44.31 28.62 19.46
C MET K 313 -45.64 28.35 18.75
N LYS K 314 -45.59 28.01 17.46
CA LYS K 314 -46.77 27.48 16.80
C LYS K 314 -46.94 26.03 17.23
N PHE K 315 -45.84 25.45 17.72
CA PHE K 315 -45.81 24.05 18.12
C PHE K 315 -46.47 23.82 19.47
N ASP K 316 -46.88 24.90 20.13
CA ASP K 316 -47.39 24.81 21.50
C ASP K 316 -48.76 24.16 21.58
N MET K 317 -49.27 23.71 20.44
CA MET K 317 -50.52 22.95 20.42
C MET K 317 -50.22 21.51 20.06
N SER K 318 -48.96 21.11 20.27
CA SER K 318 -48.49 19.79 19.90
C SER K 318 -49.21 18.72 20.72
N GLY K 319 -49.52 19.04 21.97
CA GLY K 319 -50.25 18.13 22.83
C GLY K 319 -51.62 17.81 22.26
N CYS K 320 -52.33 18.84 21.81
CA CYS K 320 -53.63 18.66 21.19
C CYS K 320 -53.55 17.83 19.92
N ALA K 321 -52.52 18.10 19.12
CA ALA K 321 -52.31 17.38 17.86
C ALA K 321 -52.07 15.90 18.10
N ALA K 322 -51.36 15.58 19.18
CA ALA K 322 -51.08 14.21 19.56
C ALA K 322 -52.39 13.51 19.93
N VAL K 323 -53.24 14.24 20.64
CA VAL K 323 -54.54 13.71 21.06
C VAL K 323 -55.41 13.43 19.85
N LEU K 324 -55.44 14.36 18.90
CA LEU K 324 -56.21 14.19 17.68
C LEU K 324 -55.61 13.08 16.81
N GLY K 325 -54.28 13.06 16.74
CA GLY K 325 -53.59 12.01 16.02
C GLY K 325 -53.91 10.66 16.63
N CYS K 326 -53.97 10.64 17.96
CA CYS K 326 -54.36 9.45 18.69
C CYS K 326 -55.79 9.09 18.33
N ALA K 327 -56.64 10.11 18.25
CA ALA K 327 -58.04 9.94 17.87
C ALA K 327 -58.20 9.29 16.51
N TYR K 328 -57.29 9.61 15.58
CA TYR K 328 -57.35 9.00 14.25
C TYR K 328 -57.08 7.50 14.33
N CYS K 329 -55.98 7.14 14.99
CA CYS K 329 -55.58 5.75 15.11
C CYS K 329 -56.65 4.94 15.85
N VAL K 330 -57.15 5.51 16.93
CA VAL K 330 -58.19 4.86 17.72
C VAL K 330 -59.49 4.73 16.91
N GLY K 331 -59.87 5.80 16.23
CA GLY K 331 -61.06 5.80 15.41
C GLY K 331 -60.99 4.83 14.25
N THR K 332 -59.78 4.60 13.75
CA THR K 332 -59.56 3.71 12.63
C THR K 332 -59.43 2.25 13.07
N LEU K 333 -58.63 2.01 14.11
CA LEU K 333 -58.39 0.66 14.59
C LEU K 333 -59.55 0.12 15.42
N LYS K 334 -60.32 1.02 16.04
CA LYS K 334 -61.52 0.65 16.77
C LYS K 334 -61.27 -0.39 17.86
N PRO K 335 -60.59 0.01 18.95
CA PRO K 335 -60.39 -0.94 20.04
C PRO K 335 -61.70 -1.25 20.74
N GLU K 336 -61.77 -2.38 21.42
CA GLU K 336 -63.01 -2.79 22.07
C GLU K 336 -62.97 -2.59 23.58
N ASN K 337 -64.15 -2.49 24.18
CA ASN K 337 -64.28 -2.43 25.63
C ASN K 337 -63.61 -1.19 26.23
N VAL K 338 -63.60 -0.11 25.47
CA VAL K 338 -62.97 1.14 25.90
C VAL K 338 -63.75 2.36 25.46
N GLU K 339 -63.81 3.36 26.33
CA GLU K 339 -64.41 4.65 26.00
C GLU K 339 -63.38 5.75 26.20
N ILE K 340 -63.06 6.47 25.13
CA ILE K 340 -62.00 7.47 25.18
C ILE K 340 -62.48 8.89 24.90
N HIS K 341 -62.15 9.81 25.81
CA HIS K 341 -62.45 11.22 25.61
C HIS K 341 -61.19 11.99 25.24
N PHE K 342 -61.23 12.64 24.08
CA PHE K 342 -60.10 13.44 23.61
C PHE K 342 -60.37 14.91 23.88
N LEU K 343 -59.67 15.47 24.86
CA LEU K 343 -59.94 16.83 25.31
C LEU K 343 -58.79 17.79 24.99
N SER K 344 -59.14 19.03 24.70
CA SER K 344 -58.16 20.09 24.54
C SER K 344 -58.81 21.47 24.66
N ALA K 345 -58.36 22.25 25.63
CA ALA K 345 -58.82 23.62 25.76
C ALA K 345 -57.97 24.51 24.88
N VAL K 346 -58.48 24.81 23.69
CA VAL K 346 -57.69 25.52 22.68
C VAL K 346 -57.87 27.03 22.75
N CYS K 347 -56.76 27.75 22.73
CA CYS K 347 -56.78 29.21 22.74
C CYS K 347 -55.44 29.78 22.29
N GLU K 348 -55.33 31.10 22.30
CA GLU K 348 -54.10 31.78 21.91
C GLU K 348 -53.70 32.80 22.95
N ASN K 349 -52.44 32.75 23.39
CA ASN K 349 -51.93 33.68 24.37
C ASN K 349 -51.27 34.87 23.69
N MET K 350 -51.93 36.02 23.72
CA MET K 350 -51.49 37.18 22.96
C MET K 350 -51.39 38.45 23.79
N VAL K 351 -50.78 39.48 23.21
CA VAL K 351 -50.64 40.77 23.88
C VAL K 351 -51.68 41.75 23.35
N SER K 352 -52.47 42.32 24.26
CA SER K 352 -53.59 43.17 23.91
C SER K 352 -54.05 43.99 25.11
N LYS K 353 -54.97 44.92 24.89
CA LYS K 353 -55.60 45.63 25.99
C LYS K 353 -56.47 44.67 26.78
N ASN K 354 -56.89 43.60 26.13
CA ASN K 354 -57.79 42.63 26.73
C ASN K 354 -57.09 41.49 27.46
N SER K 355 -55.77 41.39 27.27
CA SER K 355 -55.00 40.30 27.87
C SER K 355 -55.03 40.35 29.39
N TYR K 356 -54.83 39.20 30.02
CA TYR K 356 -54.69 39.15 31.47
C TYR K 356 -53.27 39.54 31.85
N ARG K 357 -53.14 40.12 33.04
CA ARG K 357 -51.87 40.71 33.47
C ARG K 357 -51.18 39.84 34.51
N PRO K 358 -49.84 39.97 34.60
CA PRO K 358 -49.11 39.35 35.70
C PRO K 358 -49.61 39.91 37.03
N GLY K 359 -49.94 39.04 37.98
CA GLY K 359 -50.46 39.47 39.26
C GLY K 359 -51.95 39.31 39.37
N ASP K 360 -52.63 39.17 38.24
CA ASP K 360 -54.07 38.93 38.22
C ASP K 360 -54.43 37.66 38.97
N ILE K 361 -55.49 37.72 39.77
CA ILE K 361 -56.02 36.52 40.42
C ILE K 361 -57.28 36.06 39.71
N ILE K 362 -57.26 34.83 39.22
CA ILE K 362 -58.38 34.29 38.48
C ILE K 362 -58.95 33.08 39.21
N THR K 363 -60.19 32.71 38.88
CA THR K 363 -60.85 31.60 39.55
C THR K 363 -61.16 30.48 38.57
N ALA K 364 -60.56 29.32 38.83
CA ALA K 364 -60.75 28.15 37.97
C ALA K 364 -62.12 27.53 38.19
N SER K 365 -62.48 26.55 37.36
CA SER K 365 -63.81 25.96 37.38
C SER K 365 -64.05 25.06 38.59
N ASN K 366 -63.02 24.81 39.39
CA ASN K 366 -63.19 24.01 40.59
C ASN K 366 -63.20 24.88 41.86
N GLY K 367 -63.28 26.18 41.67
CA GLY K 367 -63.41 27.11 42.78
C GLY K 367 -62.09 27.66 43.30
N LYS K 368 -60.99 27.05 42.89
CA LYS K 368 -59.67 27.48 43.34
C LYS K 368 -59.24 28.77 42.65
N THR K 369 -58.81 29.75 43.45
CA THR K 369 -58.32 31.02 42.90
C THR K 369 -56.82 30.95 42.65
N ILE K 370 -56.38 31.49 41.53
CA ILE K 370 -54.99 31.38 41.10
C ILE K 370 -54.34 32.74 40.85
N GLU K 371 -53.23 33.01 41.54
CA GLU K 371 -52.44 34.21 41.29
C GLU K 371 -51.43 33.99 40.17
N VAL K 372 -51.59 34.75 39.09
CA VAL K 372 -50.68 34.64 37.94
C VAL K 372 -49.36 35.37 38.22
N GLY K 373 -48.26 34.62 38.20
CA GLY K 373 -46.95 35.21 38.42
C GLY K 373 -46.23 35.43 37.10
N ASN K 374 -46.66 34.71 36.07
CA ASN K 374 -46.06 34.79 34.75
C ASN K 374 -47.05 34.34 33.69
N THR K 375 -47.37 35.24 32.77
CA THR K 375 -48.38 34.96 31.75
C THR K 375 -47.84 33.98 30.71
N ASP K 376 -46.55 33.68 30.77
CA ASP K 376 -45.94 32.75 29.84
C ASP K 376 -46.13 31.32 30.33
N ALA K 377 -46.62 31.19 31.57
CA ALA K 377 -46.99 29.89 32.11
C ALA K 377 -48.48 29.67 31.92
N GLU K 378 -48.95 29.83 30.69
CA GLU K 378 -50.38 29.82 30.41
C GLU K 378 -50.90 28.40 30.21
N GLY K 379 -50.02 27.51 29.79
CA GLY K 379 -50.39 26.13 29.50
C GLY K 379 -51.02 25.43 30.68
N ARG K 380 -50.47 25.66 31.88
CA ARG K 380 -50.97 25.03 33.08
C ARG K 380 -52.32 25.59 33.53
N LEU K 381 -52.61 26.83 33.13
CA LEU K 381 -53.89 27.44 33.42
C LEU K 381 -54.99 26.80 32.60
N THR K 382 -54.71 26.57 31.32
CA THR K 382 -55.69 25.94 30.43
C THR K 382 -55.86 24.47 30.79
N LEU K 383 -54.76 23.81 31.12
CA LEU K 383 -54.80 22.41 31.53
C LEU K 383 -55.53 22.26 32.86
N ALA K 384 -55.45 23.31 33.68
CA ALA K 384 -56.11 23.32 34.97
C ALA K 384 -57.62 23.08 34.81
N ASP K 385 -58.24 23.88 33.97
CA ASP K 385 -59.67 23.77 33.70
C ASP K 385 -60.01 22.51 32.92
N ALA K 386 -59.11 22.11 32.03
CA ALA K 386 -59.30 20.92 31.22
C ALA K 386 -59.34 19.68 32.10
N LEU K 387 -58.50 19.66 33.13
CA LEU K 387 -58.43 18.53 34.04
C LEU K 387 -59.66 18.46 34.94
N VAL K 388 -60.19 19.62 35.31
CA VAL K 388 -61.42 19.67 36.09
C VAL K 388 -62.57 19.13 35.25
N TYR K 389 -62.63 19.56 34.00
CA TYR K 389 -63.60 19.04 33.04
C TYR K 389 -63.49 17.53 32.85
N ALA K 390 -62.25 17.05 32.78
CA ALA K 390 -61.99 15.65 32.53
C ALA K 390 -62.46 14.75 33.68
N GLU K 391 -62.14 15.13 34.90
CA GLU K 391 -62.48 14.32 36.07
C GLU K 391 -63.98 14.28 36.30
N LYS K 392 -64.68 15.33 35.88
CA LYS K 392 -66.13 15.38 35.99
C LYS K 392 -66.79 14.32 35.10
N LEU K 393 -66.07 13.91 34.05
CA LEU K 393 -66.58 12.91 33.13
C LEU K 393 -66.63 11.52 33.75
N GLY K 394 -65.92 11.35 34.86
CA GLY K 394 -65.91 10.08 35.56
C GLY K 394 -65.13 9.00 34.85
N VAL K 395 -63.82 9.24 34.65
CA VAL K 395 -62.97 8.30 33.93
C VAL K 395 -62.03 7.58 34.88
N ASP K 396 -61.43 6.49 34.42
CA ASP K 396 -60.49 5.72 35.21
C ASP K 396 -59.08 6.34 35.12
N TYR K 397 -58.72 6.77 33.92
CA TYR K 397 -57.40 7.34 33.68
C TYR K 397 -57.48 8.69 32.98
N ILE K 398 -56.78 9.68 33.53
CA ILE K 398 -56.59 10.96 32.87
C ILE K 398 -55.13 11.09 32.47
N VAL K 399 -54.88 11.21 31.17
CA VAL K 399 -53.52 11.37 30.68
C VAL K 399 -53.40 12.64 29.87
N ASP K 400 -52.70 13.63 30.41
CA ASP K 400 -52.47 14.86 29.68
C ASP K 400 -51.07 14.86 29.05
N ILE K 401 -50.95 15.54 27.92
CA ILE K 401 -49.68 15.65 27.22
C ILE K 401 -49.52 17.07 26.69
N ALA K 402 -48.39 17.70 26.99
CA ALA K 402 -48.24 19.12 26.72
C ALA K 402 -46.79 19.58 26.64
N THR K 403 -46.52 20.48 25.71
CA THR K 403 -45.25 21.20 25.65
C THR K 403 -45.23 22.26 26.75
N LEU K 404 -45.05 21.81 27.99
CA LEU K 404 -45.33 22.64 29.15
C LEU K 404 -44.14 23.48 29.63
N THR K 405 -42.97 22.84 29.77
CA THR K 405 -41.81 23.52 30.33
C THR K 405 -40.57 23.39 29.47
N GLY K 406 -39.88 24.52 29.26
CA GLY K 406 -38.66 24.55 28.48
C GLY K 406 -37.52 23.85 29.21
N ALA K 407 -37.69 23.69 30.51
CA ALA K 407 -36.69 23.02 31.36
C ALA K 407 -36.46 21.58 30.92
N MET K 408 -37.41 21.02 30.19
CA MET K 408 -37.29 19.65 29.70
C MET K 408 -36.06 19.49 28.82
N LEU K 409 -35.68 20.56 28.14
CA LEU K 409 -34.48 20.56 27.31
C LEU K 409 -33.22 20.40 28.17
N TYR K 410 -33.32 20.83 29.42
CA TYR K 410 -32.20 20.73 30.35
C TYR K 410 -32.28 19.43 31.14
N SER K 411 -33.48 18.87 31.22
CA SER K 411 -33.70 17.62 31.93
C SER K 411 -33.33 16.41 31.09
N LEU K 412 -34.20 16.04 30.17
CA LEU K 412 -34.02 14.84 29.36
C LEU K 412 -33.55 15.18 27.95
N GLY K 413 -33.68 16.43 27.55
CA GLY K 413 -33.24 16.87 26.24
C GLY K 413 -34.30 16.73 25.16
N THR K 414 -33.88 16.32 23.97
CA THR K 414 -34.76 16.32 22.81
C THR K 414 -35.27 14.92 22.43
N SER K 415 -34.75 13.90 23.09
CA SER K 415 -35.07 12.53 22.72
C SER K 415 -36.11 11.90 23.64
N TYR K 416 -35.97 12.11 24.94
CA TYR K 416 -36.91 11.51 25.89
C TYR K 416 -37.87 12.54 26.44
N ALA K 417 -39.15 12.18 26.46
CA ALA K 417 -40.16 13.02 27.08
C ALA K 417 -40.31 12.64 28.54
N GLY K 418 -40.82 13.56 29.35
CA GLY K 418 -40.98 13.29 30.76
C GLY K 418 -42.42 12.99 31.12
N VAL K 419 -42.61 11.97 31.96
CA VAL K 419 -43.94 11.63 32.43
C VAL K 419 -44.03 11.77 33.95
N PHE K 420 -45.04 12.51 34.39
CA PHE K 420 -45.32 12.68 35.81
C PHE K 420 -46.68 12.08 36.10
N GLY K 421 -47.02 11.92 37.37
CA GLY K 421 -48.32 11.38 37.72
C GLY K 421 -48.57 11.26 39.20
N ASN K 422 -49.80 10.91 39.56
CA ASN K 422 -50.16 10.73 40.97
C ASN K 422 -50.43 9.25 41.25
N ASN K 423 -50.26 8.43 40.22
CA ASN K 423 -50.51 7.00 40.32
C ASN K 423 -49.42 6.23 39.56
N GLU K 424 -48.73 5.33 40.25
CA GLU K 424 -47.56 4.68 39.66
C GLU K 424 -47.88 3.56 38.67
N GLU K 425 -49.02 2.90 38.84
CA GLU K 425 -49.36 1.82 37.94
C GLU K 425 -49.73 2.42 36.59
N LEU K 426 -50.38 3.58 36.62
CA LEU K 426 -50.70 4.29 35.39
C LEU K 426 -49.42 4.76 34.70
N ILE K 427 -48.47 5.23 35.51
CA ILE K 427 -47.19 5.67 34.99
C ILE K 427 -46.44 4.49 34.36
N ASN K 428 -46.49 3.35 35.03
CA ASN K 428 -45.84 2.15 34.52
C ASN K 428 -46.49 1.69 33.22
N LYS K 429 -47.78 1.95 33.07
CA LYS K 429 -48.49 1.63 31.84
C LYS K 429 -48.05 2.55 30.72
N ILE K 430 -47.82 3.82 31.05
CA ILE K 430 -47.30 4.78 30.08
C ILE K 430 -45.91 4.39 29.60
N LEU K 431 -45.07 3.96 30.53
CA LEU K 431 -43.70 3.56 30.21
C LEU K 431 -43.66 2.32 29.33
N GLN K 432 -44.55 1.37 29.60
CA GLN K 432 -44.63 0.15 28.80
C GLN K 432 -45.04 0.49 27.37
N SER K 433 -45.91 1.49 27.22
CA SER K 433 -46.34 1.94 25.92
C SER K 433 -45.19 2.60 25.19
N SER K 434 -44.31 3.26 25.95
CA SER K 434 -43.10 3.85 25.38
C SER K 434 -42.23 2.77 24.77
N LYS K 435 -42.19 1.61 25.42
CA LYS K 435 -41.39 0.48 24.94
C LYS K 435 -41.93 -0.07 23.63
N THR K 436 -43.25 -0.20 23.53
CA THR K 436 -43.87 -0.81 22.35
C THR K 436 -44.12 0.21 21.24
N SER K 437 -44.37 1.45 21.61
CA SER K 437 -44.57 2.52 20.63
C SER K 437 -43.24 3.00 20.07
N ASN K 438 -42.16 2.72 20.80
CA ASN K 438 -40.83 3.16 20.43
C ASN K 438 -40.70 4.68 20.41
N GLU K 439 -41.52 5.33 21.22
CA GLU K 439 -41.39 6.77 21.49
C GLU K 439 -40.91 6.93 22.93
N PRO K 440 -39.62 7.22 23.10
CA PRO K 440 -38.97 7.15 24.43
C PRO K 440 -39.53 8.15 25.43
N VAL K 441 -39.84 7.66 26.62
CA VAL K 441 -40.37 8.48 27.71
C VAL K 441 -39.72 8.07 29.02
N TRP K 442 -39.37 9.05 29.85
CA TRP K 442 -38.75 8.79 31.14
C TRP K 442 -39.59 9.29 32.30
N TRP K 443 -39.66 8.47 33.36
CA TRP K 443 -40.43 8.82 34.54
C TRP K 443 -39.68 9.82 35.41
N LEU K 444 -40.33 10.95 35.71
CA LEU K 444 -39.76 11.96 36.59
C LEU K 444 -40.65 12.13 37.82
N PRO K 445 -40.05 12.57 38.93
CA PRO K 445 -40.73 12.59 40.24
C PRO K 445 -41.52 13.87 40.50
N ILE K 446 -42.67 13.74 41.15
CA ILE K 446 -43.38 14.89 41.69
C ILE K 446 -42.97 15.08 43.15
N ILE K 447 -42.08 16.04 43.40
CA ILE K 447 -41.50 16.24 44.72
C ILE K 447 -42.36 17.17 45.58
N ASN K 448 -43.04 16.61 46.57
CA ASN K 448 -44.01 17.36 47.38
C ASN K 448 -43.38 18.44 48.25
N GLU K 449 -42.07 18.38 48.45
CA GLU K 449 -41.38 19.38 49.25
C GLU K 449 -41.43 20.75 48.57
N TYR K 450 -41.61 20.74 47.25
CA TYR K 450 -41.64 21.96 46.46
C TYR K 450 -43.02 22.63 46.53
N ARG K 451 -44.02 21.86 46.94
CA ARG K 451 -45.41 22.31 46.94
C ARG K 451 -45.62 23.62 47.70
N ALA K 452 -44.81 23.85 48.71
CA ALA K 452 -44.95 25.04 49.55
C ALA K 452 -44.68 26.34 48.80
N THR K 453 -43.97 26.25 47.67
CA THR K 453 -43.65 27.44 46.88
C THR K 453 -44.84 27.89 46.05
N LEU K 454 -45.88 27.06 46.02
CA LEU K 454 -47.10 27.39 45.30
C LEU K 454 -48.12 28.03 46.23
N ASN K 455 -47.70 28.28 47.47
CA ASN K 455 -48.57 28.90 48.46
C ASN K 455 -48.69 30.41 48.22
N SER K 456 -49.82 30.83 47.65
CA SER K 456 -50.03 32.24 47.36
C SER K 456 -50.36 32.99 48.65
N LYS K 457 -49.94 34.25 48.72
CA LYS K 457 -50.22 35.08 49.89
C LYS K 457 -51.67 35.53 49.95
N TYR K 458 -52.29 35.69 48.78
CA TYR K 458 -53.64 36.23 48.70
C TYR K 458 -54.61 35.23 48.09
N ALA K 459 -54.18 34.58 47.00
CA ALA K 459 -54.99 33.56 46.36
C ALA K 459 -54.81 32.21 47.05
N ASP K 460 -55.56 31.21 46.60
CA ASP K 460 -55.43 29.86 47.14
C ASP K 460 -54.09 29.23 46.79
N ILE K 461 -53.66 29.42 45.54
CA ILE K 461 -52.44 28.79 45.05
C ILE K 461 -51.74 29.67 44.03
N ASN K 462 -50.41 29.61 44.02
CA ASN K 462 -49.61 30.31 43.03
C ASN K 462 -49.60 29.56 41.70
N GLN K 463 -49.50 30.31 40.61
CA GLN K 463 -49.39 29.70 39.28
C GLN K 463 -48.00 29.12 39.09
N ILE K 464 -47.00 29.90 39.46
CA ILE K 464 -45.60 29.48 39.33
C ILE K 464 -44.88 29.65 40.65
N SER K 465 -43.67 29.10 40.72
CA SER K 465 -42.81 29.34 41.85
C SER K 465 -41.88 30.49 41.50
N SER K 466 -41.59 31.34 42.47
CA SER K 466 -40.66 32.44 42.26
C SER K 466 -39.22 31.95 42.31
N SER K 467 -38.94 31.03 43.23
CA SER K 467 -37.57 30.60 43.49
C SER K 467 -37.21 29.28 42.81
N VAL K 468 -37.87 28.19 43.18
CA VAL K 468 -37.48 26.87 42.70
C VAL K 468 -37.54 26.82 41.17
N LYS K 469 -36.43 26.42 40.57
CA LYS K 469 -36.31 26.41 39.12
C LYS K 469 -36.60 25.05 38.50
N ALA K 470 -36.94 24.08 39.34
CA ALA K 470 -37.42 22.80 38.84
C ALA K 470 -38.83 22.99 38.30
N SER K 471 -38.94 23.74 37.21
CA SER K 471 -40.22 24.19 36.68
C SER K 471 -41.11 23.04 36.22
N SER K 472 -40.50 21.95 35.75
CA SER K 472 -41.24 20.78 35.32
C SER K 472 -41.92 20.10 36.51
N ILE K 473 -41.22 20.10 37.65
CA ILE K 473 -41.75 19.48 38.85
C ILE K 473 -42.80 20.37 39.49
N VAL K 474 -42.54 21.67 39.52
CA VAL K 474 -43.48 22.65 40.08
C VAL K 474 -44.78 22.66 39.28
N ALA K 475 -44.66 22.60 37.96
CA ALA K 475 -45.83 22.60 37.09
C ALA K 475 -46.72 21.39 37.33
N SER K 476 -46.11 20.22 37.50
CA SER K 476 -46.86 18.99 37.79
C SER K 476 -47.54 19.09 39.15
N LEU K 477 -46.86 19.73 40.10
CA LEU K 477 -47.42 19.94 41.42
C LEU K 477 -48.66 20.82 41.32
N PHE K 478 -48.61 21.78 40.40
CA PHE K 478 -49.74 22.68 40.14
C PHE K 478 -50.92 21.94 39.53
N LEU K 479 -50.66 21.13 38.51
CA LEU K 479 -51.70 20.37 37.84
C LEU K 479 -52.38 19.36 38.75
N LYS K 480 -51.60 18.75 39.64
CA LYS K 480 -52.14 17.75 40.56
C LYS K 480 -53.27 18.32 41.42
N GLU K 481 -53.24 19.64 41.60
CA GLU K 481 -54.25 20.32 42.41
C GLU K 481 -55.62 20.32 41.74
N PHE K 482 -55.64 20.01 40.44
CA PHE K 482 -56.89 20.05 39.69
C PHE K 482 -57.36 18.64 39.32
N VAL K 483 -56.81 17.66 40.01
CA VAL K 483 -57.29 16.28 39.94
C VAL K 483 -57.45 15.74 41.36
N GLN K 484 -58.69 15.47 41.75
CA GLN K 484 -58.99 15.20 43.15
C GLN K 484 -58.90 13.70 43.51
N ASN K 485 -59.53 12.84 42.72
CA ASN K 485 -59.54 11.41 43.03
C ASN K 485 -59.50 10.49 41.82
N THR K 486 -58.62 10.81 40.89
CA THR K 486 -58.47 10.03 39.66
C THR K 486 -57.01 9.81 39.30
N ALA K 487 -56.71 8.61 38.80
CA ALA K 487 -55.38 8.28 38.33
C ALA K 487 -55.03 9.20 37.17
N TRP K 488 -53.96 9.96 37.34
CA TRP K 488 -53.58 10.99 36.37
C TRP K 488 -52.09 10.99 36.08
N ALA K 489 -51.76 11.05 34.80
CA ALA K 489 -50.37 11.14 34.37
C ALA K 489 -50.18 12.34 33.45
N HIS K 490 -48.98 12.92 33.51
CA HIS K 490 -48.68 14.12 32.74
C HIS K 490 -47.40 13.91 31.93
N ILE K 491 -47.53 13.96 30.60
CA ILE K 491 -46.39 13.74 29.73
C ILE K 491 -45.91 15.06 29.14
N ASP K 492 -44.73 15.50 29.57
CA ASP K 492 -44.16 16.77 29.12
C ASP K 492 -43.30 16.57 27.88
N ILE K 493 -43.79 17.06 26.74
CA ILE K 493 -43.11 16.84 25.46
C ILE K 493 -42.56 18.13 24.85
N ALA K 494 -42.25 19.11 25.69
CA ALA K 494 -41.74 20.39 25.21
C ALA K 494 -40.41 20.23 24.47
N GLY K 495 -39.56 19.34 24.97
CA GLY K 495 -38.26 19.12 24.39
C GLY K 495 -38.24 18.21 23.18
N VAL K 496 -39.16 17.26 23.14
CA VAL K 496 -39.15 16.21 22.14
C VAL K 496 -40.07 16.44 20.94
N SER K 497 -40.99 17.41 21.06
CA SER K 497 -42.03 17.60 20.06
C SER K 497 -41.49 18.05 18.70
N TRP K 498 -40.51 18.96 18.72
CA TRP K 498 -39.99 19.52 17.48
C TRP K 498 -38.60 18.97 17.13
N ASN K 499 -38.45 18.52 15.89
CA ASN K 499 -37.16 18.05 15.39
C ASN K 499 -36.34 19.23 14.87
N PHE K 500 -35.48 19.77 15.74
CA PHE K 500 -34.75 20.99 15.44
C PHE K 500 -33.75 20.79 14.29
N LYS K 501 -33.20 19.58 14.19
CA LYS K 501 -32.23 19.28 13.15
C LYS K 501 -32.92 19.21 11.79
N ALA K 502 -34.08 18.55 11.76
CA ALA K 502 -34.84 18.38 10.53
C ALA K 502 -35.81 19.55 10.29
N ARG K 503 -35.89 20.46 11.25
CA ARG K 503 -36.76 21.63 11.17
C ARG K 503 -38.23 21.27 10.97
N LYS K 504 -38.70 20.25 11.67
CA LYS K 504 -40.09 19.82 11.57
C LYS K 504 -40.52 19.10 12.83
N PRO K 505 -41.84 18.90 13.00
CA PRO K 505 -42.38 18.21 14.18
C PRO K 505 -42.09 16.70 14.13
N LYS K 506 -42.12 16.05 15.29
CA LYS K 506 -41.96 14.61 15.34
C LYS K 506 -43.32 13.93 15.33
N GLY K 507 -44.35 14.67 15.74
CA GLY K 507 -45.66 14.08 15.94
C GLY K 507 -45.61 13.15 17.14
N PHE K 508 -44.85 13.57 18.15
CA PHE K 508 -44.62 12.75 19.33
C PHE K 508 -45.88 12.61 20.18
N GLY K 509 -46.12 11.40 20.66
CA GLY K 509 -47.24 11.15 21.55
C GLY K 509 -48.37 10.38 20.91
N VAL K 510 -48.52 10.53 19.59
CA VAL K 510 -49.61 9.90 18.87
C VAL K 510 -49.60 8.39 19.02
N ARG K 511 -48.48 7.78 18.67
CA ARG K 511 -48.34 6.32 18.77
C ARG K 511 -48.25 5.87 20.23
N LEU K 512 -47.62 6.68 21.07
CA LEU K 512 -47.53 6.38 22.50
C LEU K 512 -48.93 6.24 23.10
N LEU K 513 -49.78 7.22 22.82
CA LEU K 513 -51.13 7.24 23.35
C LEU K 513 -51.97 6.11 22.76
N THR K 514 -51.73 5.80 21.49
CA THR K 514 -52.51 4.76 20.81
C THR K 514 -52.20 3.38 21.36
N GLU K 515 -50.91 3.10 21.58
CA GLU K 515 -50.50 1.82 22.17
C GLU K 515 -51.02 1.69 23.60
N PHE K 516 -51.09 2.82 24.31
CA PHE K 516 -51.62 2.86 25.66
C PHE K 516 -53.10 2.48 25.69
N VAL K 517 -53.84 2.95 24.69
CA VAL K 517 -55.27 2.70 24.62
C VAL K 517 -55.54 1.28 24.17
N LEU K 518 -54.74 0.77 23.24
CA LEU K 518 -54.93 -0.58 22.72
C LEU K 518 -54.60 -1.59 23.81
N ASN K 519 -53.50 -1.36 24.52
CA ASN K 519 -53.03 -2.30 25.54
C ASN K 519 -53.81 -2.13 26.84
N SER L 3 -69.70 54.17 38.02
CA SER L 3 -69.39 53.82 36.63
C SER L 3 -69.34 52.31 36.44
N GLU L 4 -69.70 51.85 35.25
CA GLU L 4 -69.71 50.43 34.93
C GLU L 4 -68.35 49.95 34.47
N VAL L 5 -67.84 48.91 35.12
CA VAL L 5 -66.52 48.36 34.78
C VAL L 5 -66.60 47.41 33.58
N PRO L 6 -65.86 47.74 32.51
CA PRO L 6 -65.85 46.92 31.30
C PRO L 6 -65.28 45.52 31.53
N GLN L 7 -65.78 44.54 30.81
CA GLN L 7 -65.34 43.16 30.96
C GLN L 7 -64.96 42.56 29.61
N VAL L 8 -63.97 41.67 29.62
CA VAL L 8 -63.62 40.90 28.44
C VAL L 8 -64.39 39.59 28.42
N VAL L 9 -64.43 38.94 29.58
CA VAL L 9 -65.26 37.77 29.80
C VAL L 9 -66.17 38.07 30.99
N SER L 10 -67.24 37.29 31.13
CA SER L 10 -68.21 37.54 32.19
C SER L 10 -67.64 37.26 33.58
N LEU L 11 -66.51 36.58 33.63
CA LEU L 11 -65.89 36.21 34.89
C LEU L 11 -64.98 37.30 35.47
N ASP L 12 -64.75 38.35 34.68
CA ASP L 12 -63.95 39.49 35.13
C ASP L 12 -64.63 40.28 36.23
N PRO L 13 -63.92 40.50 37.35
CA PRO L 13 -64.46 41.23 38.51
C PRO L 13 -64.80 42.68 38.17
N THR L 14 -65.83 43.22 38.81
CA THR L 14 -66.31 44.57 38.50
C THR L 14 -66.19 45.54 39.67
N SER L 15 -65.61 45.07 40.78
CA SER L 15 -65.38 45.93 41.93
C SER L 15 -64.26 45.40 42.80
N ILE L 16 -63.57 46.29 43.50
CA ILE L 16 -62.56 45.89 44.45
C ILE L 16 -63.18 45.53 45.79
N PRO L 17 -63.04 44.27 46.22
CA PRO L 17 -63.53 43.86 47.53
C PRO L 17 -62.82 44.62 48.65
N ILE L 18 -63.59 45.21 49.56
CA ILE L 18 -63.03 45.98 50.66
C ILE L 18 -63.63 45.60 52.01
N GLU L 19 -62.77 45.28 52.96
CA GLU L 19 -63.21 44.99 54.32
C GLU L 19 -63.11 46.26 55.16
N TYR L 20 -64.26 46.83 55.53
CA TYR L 20 -64.27 48.06 56.31
C TYR L 20 -64.27 47.75 57.82
N ASN L 21 -65.14 46.85 58.25
CA ASN L 21 -65.16 46.41 59.63
C ASN L 21 -64.23 45.21 59.79
N THR L 22 -62.97 45.50 60.11
CA THR L 22 -61.98 44.45 60.30
C THR L 22 -62.05 43.91 61.72
N PRO L 23 -61.53 42.69 61.94
CA PRO L 23 -61.47 42.06 63.25
C PRO L 23 -60.73 42.92 64.28
N ILE L 24 -59.87 43.81 63.80
CA ILE L 24 -59.13 44.73 64.66
C ILE L 24 -60.07 45.72 65.36
N HIS L 25 -61.10 46.15 64.65
CA HIS L 25 -62.03 47.15 65.18
C HIS L 25 -62.86 46.61 66.35
N ASP L 26 -62.87 45.29 66.50
CA ASP L 26 -63.62 44.64 67.59
C ASP L 26 -62.79 44.46 68.85
N ILE L 27 -61.50 44.76 68.78
CA ILE L 27 -60.62 44.61 69.93
C ILE L 27 -60.74 45.77 70.91
N LYS L 28 -61.12 45.44 72.15
CA LYS L 28 -61.24 46.43 73.22
C LYS L 28 -59.91 46.68 73.88
N VAL L 29 -59.43 47.93 73.80
CA VAL L 29 -58.13 48.28 74.33
C VAL L 29 -58.22 49.05 75.66
N GLN L 30 -57.55 48.53 76.68
CA GLN L 30 -57.49 49.17 77.99
C GLN L 30 -56.03 49.42 78.39
N VAL L 31 -55.74 50.64 78.84
CA VAL L 31 -54.39 51.00 79.25
C VAL L 31 -54.28 51.13 80.77
N TYR L 32 -53.35 50.37 81.35
CA TYR L 32 -53.15 50.41 82.80
C TYR L 32 -51.78 50.96 83.18
N ASP L 33 -51.68 51.49 84.40
CA ASP L 33 -50.42 51.99 84.93
C ASP L 33 -49.64 50.85 85.58
N ILE L 34 -48.37 50.72 85.23
CA ILE L 34 -47.55 49.60 85.68
C ILE L 34 -47.25 49.67 87.17
N LYS L 35 -47.33 50.87 87.74
CA LYS L 35 -47.06 51.07 89.16
C LYS L 35 -48.10 50.40 90.06
N GLY L 36 -49.26 50.08 89.49
CA GLY L 36 -50.32 49.47 90.26
C GLY L 36 -50.25 47.95 90.26
N GLY L 37 -49.24 47.41 89.60
CA GLY L 37 -49.05 45.97 89.54
C GLY L 37 -49.78 45.40 88.33
N CYS L 38 -49.33 44.24 87.86
CA CYS L 38 -49.97 43.62 86.70
C CYS L 38 -50.88 42.47 87.10
N ASN L 39 -52.06 42.40 86.49
CA ASN L 39 -52.99 41.30 86.71
C ASN L 39 -53.03 40.32 85.54
N VAL L 40 -52.68 39.05 85.81
CA VAL L 40 -52.65 38.01 84.80
C VAL L 40 -53.86 37.08 84.83
N GLU L 41 -55.00 37.59 84.38
CA GLU L 41 -56.25 36.83 84.34
C GLU L 41 -56.27 35.94 83.10
N GLU L 42 -57.10 36.31 82.13
CA GLU L 42 -57.27 35.52 80.90
C GLU L 42 -56.21 35.82 79.83
N GLY L 43 -56.18 34.96 78.81
CA GLY L 43 -55.38 35.17 77.61
C GLY L 43 -53.87 35.11 77.73
N LEU L 44 -53.19 35.84 76.84
CA LEU L 44 -51.73 35.85 76.76
C LEU L 44 -51.12 37.15 77.28
N THR L 45 -50.09 37.02 78.12
CA THR L 45 -49.39 38.18 78.64
C THR L 45 -47.93 38.21 78.19
N ILE L 46 -47.57 39.26 77.46
CA ILE L 46 -46.22 39.39 76.93
C ILE L 46 -45.50 40.60 77.54
N PHE L 47 -44.31 40.37 78.07
CA PHE L 47 -43.49 41.45 78.61
C PHE L 47 -42.44 41.91 77.60
N LEU L 48 -42.46 43.21 77.31
CA LEU L 48 -41.43 43.80 76.47
C LEU L 48 -40.26 44.27 77.33
N VAL L 49 -39.15 43.52 77.30
CA VAL L 49 -38.03 43.78 78.19
C VAL L 49 -36.74 43.97 77.40
N ASN L 50 -35.89 44.88 77.87
CA ASN L 50 -34.58 45.08 77.27
C ASN L 50 -33.48 44.98 78.31
N ASN L 51 -32.23 45.05 77.85
CA ASN L 51 -31.08 45.05 78.76
C ASN L 51 -29.95 45.93 78.24
N PRO L 52 -29.99 47.22 78.60
CA PRO L 52 -28.95 48.18 78.19
C PRO L 52 -27.56 47.70 78.66
N GLY L 53 -26.59 47.75 77.76
CA GLY L 53 -25.23 47.34 78.11
C GLY L 53 -25.00 45.85 77.92
N ASN L 56 -27.15 41.14 73.89
CA ASN L 56 -27.92 39.90 73.92
C ASN L 56 -28.00 39.30 75.33
N GLY L 57 -28.20 40.17 76.31
CA GLY L 57 -28.22 39.76 77.71
C GLY L 57 -29.49 39.04 78.14
N PRO L 58 -29.54 38.62 79.42
CA PRO L 58 -30.64 37.84 80.02
C PRO L 58 -31.90 38.66 80.22
N VAL L 59 -33.03 37.98 80.41
CA VAL L 59 -34.30 38.65 80.63
C VAL L 59 -34.58 38.89 82.12
N LYS L 60 -34.86 40.13 82.49
CA LYS L 60 -35.25 40.46 83.85
C LYS L 60 -36.54 41.27 83.88
N ILE L 61 -37.59 40.69 84.44
CA ILE L 61 -38.89 41.35 84.55
C ILE L 61 -39.01 42.15 85.84
N SER L 62 -39.02 43.48 85.71
CA SER L 62 -39.04 44.37 86.88
C SER L 62 -40.42 44.57 87.51
N SER L 63 -41.44 44.71 86.67
CA SER L 63 -42.79 45.04 87.15
C SER L 63 -43.35 43.96 88.07
N LYS L 64 -44.06 44.39 89.10
CA LYS L 64 -44.75 43.45 90.00
C LYS L 64 -46.06 42.98 89.40
N VAL L 65 -46.25 41.66 89.35
CA VAL L 65 -47.48 41.07 88.83
C VAL L 65 -48.25 40.43 89.98
N ASN L 66 -49.54 40.76 90.07
CA ASN L 66 -50.36 40.34 91.18
C ASN L 66 -50.83 38.88 91.05
N ASP L 67 -49.86 37.97 90.96
CA ASP L 67 -50.13 36.54 90.87
C ASP L 67 -48.88 35.76 91.24
N LYS L 68 -49.01 34.89 92.24
CA LYS L 68 -47.87 34.17 92.79
C LYS L 68 -47.28 33.19 91.76
N VAL L 70 -47.69 33.23 88.64
CA VAL L 70 -46.97 33.90 87.56
C VAL L 70 -45.66 34.50 88.06
N SER L 71 -45.65 34.96 89.31
CA SER L 71 -44.44 35.51 89.92
C SER L 71 -43.37 34.45 90.06
N GLU L 72 -43.78 33.22 90.40
CA GLU L 72 -42.85 32.11 90.52
C GLU L 72 -42.22 31.83 89.15
N PHE L 73 -43.04 31.92 88.12
CA PHE L 73 -42.58 31.75 86.74
C PHE L 73 -41.61 32.85 86.32
N LEU L 74 -41.95 34.08 86.68
CA LEU L 74 -41.20 35.25 86.23
C LEU L 74 -40.01 35.59 87.11
N LYS L 75 -39.58 34.65 87.93
CA LYS L 75 -38.43 34.89 88.81
C LYS L 75 -37.19 35.15 87.96
N ASP L 76 -36.15 35.68 88.56
CA ASP L 76 -34.96 36.05 87.80
C ASP L 76 -34.16 34.80 87.46
N GLU L 77 -34.12 33.86 88.38
CA GLU L 77 -33.40 32.60 88.18
C GLU L 77 -34.03 31.83 87.02
N ASN L 78 -35.32 32.05 86.79
CA ASN L 78 -36.05 31.37 85.73
C ASN L 78 -35.97 32.12 84.39
N MET L 79 -35.88 33.45 84.46
CA MET L 79 -35.86 34.27 83.26
C MET L 79 -34.45 34.42 82.72
N GLU L 80 -33.47 34.03 83.53
CA GLU L 80 -32.06 34.18 83.16
C GLU L 80 -31.67 33.30 81.98
N LYS L 81 -32.40 32.20 81.80
CA LYS L 81 -32.10 31.27 80.71
C LYS L 81 -32.49 31.86 79.36
N PHE L 82 -33.26 32.94 79.40
CA PHE L 82 -33.68 33.62 78.17
C PHE L 82 -32.97 34.96 78.00
N ASN L 83 -32.72 35.35 76.75
CA ASN L 83 -32.04 36.61 76.47
C ASN L 83 -32.96 37.60 75.74
N VAL L 84 -32.53 38.86 75.69
CA VAL L 84 -33.37 39.93 75.14
C VAL L 84 -32.99 40.30 73.70
N LYS L 85 -32.43 39.36 72.96
CA LYS L 85 -32.07 39.59 71.57
C LYS L 85 -33.28 40.13 70.80
N LEU L 86 -33.07 41.22 70.06
CA LEU L 86 -34.16 41.92 69.40
C LEU L 86 -34.96 40.99 68.51
N GLY L 87 -36.20 40.74 68.92
CA GLY L 87 -37.10 39.89 68.17
C GLY L 87 -37.26 38.54 68.84
N THR L 88 -36.35 38.21 69.75
CA THR L 88 -36.44 36.94 70.45
C THR L 88 -37.67 36.91 71.36
N SER L 89 -38.41 35.81 71.31
CA SER L 89 -39.58 35.66 72.15
C SER L 89 -39.80 34.21 72.55
N LYS L 90 -40.37 34.01 73.73
CA LYS L 90 -40.79 32.69 74.15
C LYS L 90 -42.02 32.84 75.03
N HIS L 91 -43.02 31.99 74.83
CA HIS L 91 -44.19 31.98 75.70
C HIS L 91 -44.47 30.59 76.26
N PHE L 92 -44.89 30.55 77.52
CA PHE L 92 -45.22 29.30 78.19
C PHE L 92 -46.68 29.34 78.66
N TYR L 93 -47.27 28.16 78.82
CA TYR L 93 -48.65 28.03 79.29
C TYR L 93 -48.64 27.46 80.70
N MET L 94 -49.47 28.03 81.56
CA MET L 94 -49.50 27.66 82.97
C MET L 94 -50.81 28.03 83.65
N PHE L 95 -51.02 27.49 84.84
CA PHE L 95 -52.18 27.82 85.65
C PHE L 95 -51.82 28.86 86.72
N ASN L 96 -52.71 29.82 86.91
CA ASN L 96 -52.50 30.87 87.92
C ASN L 96 -53.05 30.48 89.28
N ASP L 97 -53.09 31.45 90.19
CA ASP L 97 -53.55 31.22 91.56
C ASP L 97 -54.97 30.69 91.58
N ASN L 98 -55.75 31.11 90.59
CA ASN L 98 -57.14 30.70 90.46
C ASN L 98 -57.28 29.35 89.77
N LYS L 99 -56.18 28.89 89.16
CA LYS L 99 -56.15 27.63 88.43
C LYS L 99 -56.82 27.81 87.09
N ASN L 100 -56.50 28.94 86.45
CA ASN L 100 -56.99 29.25 85.11
C ASN L 100 -55.82 29.17 84.14
N SER L 101 -56.07 28.67 82.94
CA SER L 101 -55.01 28.54 81.95
C SER L 101 -54.58 29.92 81.46
N VAL L 102 -53.42 30.36 81.92
CA VAL L 102 -52.87 31.64 81.51
C VAL L 102 -51.61 31.44 80.68
N ALA L 103 -51.32 32.40 79.81
CA ALA L 103 -50.12 32.36 79.00
C ALA L 103 -49.19 33.52 79.31
N VAL L 104 -47.91 33.22 79.55
CA VAL L 104 -46.95 34.27 79.86
C VAL L 104 -45.72 34.14 78.96
N GLY L 105 -45.10 35.27 78.65
CA GLY L 105 -43.94 35.29 77.79
C GLY L 105 -43.29 36.66 77.73
N TYR L 106 -42.35 36.82 76.81
CA TYR L 106 -41.64 38.08 76.66
C TYR L 106 -41.23 38.30 75.21
N VAL L 107 -40.91 39.54 74.87
CA VAL L 107 -40.31 39.82 73.57
C VAL L 107 -39.04 40.63 73.78
N GLY L 108 -37.94 40.14 73.20
CA GLY L 108 -36.65 40.81 73.35
C GLY L 108 -36.62 42.15 72.65
N CYS L 109 -36.18 43.19 73.36
CA CYS L 109 -36.12 44.53 72.78
C CYS L 109 -34.69 45.03 72.68
N GLY L 110 -33.74 44.11 72.64
CA GLY L 110 -32.34 44.47 72.42
C GLY L 110 -31.70 45.12 73.63
N SER L 111 -30.58 45.79 73.39
CA SER L 111 -29.80 46.40 74.45
C SER L 111 -29.85 47.91 74.35
N VAL L 112 -30.41 48.41 73.24
CA VAL L 112 -30.54 49.84 73.04
C VAL L 112 -31.80 50.38 73.72
N ALA L 113 -31.64 51.54 74.35
CA ALA L 113 -32.73 52.21 75.05
C ALA L 113 -33.73 52.73 74.03
N ASP L 114 -33.62 54.01 73.70
CA ASP L 114 -34.44 54.64 72.68
C ASP L 114 -34.60 53.79 71.42
N LEU L 115 -35.56 52.88 71.42
CA LEU L 115 -35.81 51.99 70.28
C LEU L 115 -36.20 52.74 69.01
N SER L 116 -35.70 52.26 67.87
CA SER L 116 -36.06 52.83 66.59
C SER L 116 -37.41 52.25 66.17
N GLU L 117 -37.73 52.37 64.88
CA GLU L 117 -39.01 51.90 64.37
C GLU L 117 -38.90 50.53 63.73
N ALA L 118 -37.81 50.30 63.01
CA ALA L 118 -37.53 49.00 62.42
C ALA L 118 -37.39 47.97 63.52
N ASP L 119 -36.80 48.41 64.63
CA ASP L 119 -36.67 47.57 65.81
C ASP L 119 -38.05 47.24 66.38
N MET L 120 -38.90 48.26 66.50
CA MET L 120 -40.24 48.09 67.01
C MET L 120 -41.06 47.16 66.12
N LYS L 121 -40.90 47.31 64.82
CA LYS L 121 -41.54 46.41 63.86
C LYS L 121 -41.09 44.98 64.07
N ARG L 122 -39.79 44.79 64.30
CA ARG L 122 -39.26 43.46 64.57
C ARG L 122 -39.84 42.88 65.85
N VAL L 123 -40.05 43.73 66.85
CA VAL L 123 -40.67 43.32 68.09
C VAL L 123 -42.13 42.90 67.87
N VAL L 124 -42.87 43.75 67.16
CA VAL L 124 -44.27 43.51 66.88
C VAL L 124 -44.47 42.22 66.10
N LEU L 125 -43.63 42.01 65.09
CA LEU L 125 -43.70 40.81 64.27
C LEU L 125 -43.58 39.57 65.14
N SER L 126 -42.64 39.60 66.09
CA SER L 126 -42.47 38.52 67.04
C SER L 126 -43.75 38.34 67.86
N LEU L 127 -44.38 39.46 68.20
CA LEU L 127 -45.61 39.44 68.97
C LEU L 127 -46.75 38.89 68.11
N VAL L 128 -46.79 39.30 66.84
CA VAL L 128 -47.82 38.84 65.92
C VAL L 128 -47.65 37.36 65.59
N THR L 129 -46.40 36.90 65.58
CA THR L 129 -46.12 35.50 65.30
C THR L 129 -46.73 34.59 66.35
N MET L 130 -46.68 35.03 67.61
CA MET L 130 -47.28 34.29 68.72
C MET L 130 -48.79 34.37 68.70
N LEU L 131 -49.32 35.45 68.12
CA LEU L 131 -50.75 35.64 68.04
C LEU L 131 -51.33 34.77 66.93
N HIS L 132 -50.53 34.54 65.89
CA HIS L 132 -50.96 33.72 64.76
C HIS L 132 -50.94 32.24 65.13
N ASP L 133 -50.10 31.90 66.09
CA ASP L 133 -49.98 30.52 66.55
C ASP L 133 -50.80 30.31 67.82
N ASN L 134 -51.72 31.26 68.08
CA ASN L 134 -52.52 31.21 69.30
C ASN L 134 -54.00 31.51 69.10
N LYS L 135 -54.84 30.64 69.65
CA LYS L 135 -56.29 30.86 69.65
C LYS L 135 -56.64 31.63 70.92
N LEU L 136 -55.97 32.74 71.15
CA LEU L 136 -56.17 33.48 72.39
C LEU L 136 -57.37 34.40 72.26
N SER L 137 -57.82 34.94 73.39
CA SER L 137 -59.01 35.77 73.41
C SER L 137 -58.67 37.19 73.86
N LYS L 138 -57.61 37.29 74.66
CA LYS L 138 -57.17 38.59 75.15
C LYS L 138 -55.65 38.65 75.15
N LEU L 139 -55.11 39.77 74.67
CA LEU L 139 -53.66 40.00 74.72
C LEU L 139 -53.32 41.16 75.64
N THR L 140 -52.35 40.92 76.51
CA THR L 140 -51.88 41.95 77.43
C THR L 140 -50.41 42.25 77.20
N VAL L 141 -50.10 43.50 76.90
CA VAL L 141 -48.73 43.92 76.63
C VAL L 141 -48.20 44.82 77.74
N VAL L 142 -47.08 44.40 78.35
CA VAL L 142 -46.47 45.16 79.43
C VAL L 142 -45.18 45.86 78.98
N PHE L 143 -45.18 47.19 79.07
CA PHE L 143 -44.04 47.98 78.60
C PHE L 143 -43.01 48.23 79.70
N GLU L 144 -41.98 47.39 79.75
CA GLU L 144 -40.88 47.59 80.67
C GLU L 144 -39.71 48.26 79.96
N ILE L 145 -40.05 48.99 78.91
CA ILE L 145 -39.11 49.80 78.16
C ILE L 145 -39.68 51.20 78.01
N ASN L 146 -38.84 52.16 77.64
CA ASN L 146 -39.30 53.53 77.47
C ASN L 146 -39.68 53.83 76.01
N VAL L 147 -40.93 54.26 75.81
CA VAL L 147 -41.38 54.66 74.49
C VAL L 147 -42.21 55.94 74.59
N ASP L 148 -41.95 56.88 73.68
CA ASP L 148 -42.71 58.10 73.63
C ASP L 148 -44.10 57.85 73.06
N LYS L 149 -44.99 58.84 73.14
CA LYS L 149 -46.37 58.67 72.70
C LYS L 149 -46.51 58.31 71.22
N ASN L 150 -45.67 58.92 70.37
CA ASN L 150 -45.71 58.64 68.95
C ASN L 150 -45.34 57.19 68.64
N LEU L 151 -44.31 56.69 69.31
CA LEU L 151 -43.86 55.32 69.10
C LEU L 151 -44.88 54.33 69.67
N PHE L 152 -45.51 54.72 70.78
CA PHE L 152 -46.55 53.89 71.40
C PHE L 152 -47.72 53.72 70.45
N ARG L 153 -48.16 54.82 69.85
CA ARG L 153 -49.24 54.78 68.88
C ARG L 153 -48.83 53.94 67.69
N PHE L 154 -47.57 54.08 67.29
CA PHE L 154 -46.99 53.32 66.19
C PHE L 154 -46.97 51.83 66.51
N PHE L 155 -46.75 51.51 67.77
CA PHE L 155 -46.77 50.13 68.23
C PHE L 155 -48.12 49.49 67.96
N LEU L 156 -49.18 50.21 68.35
CA LEU L 156 -50.54 49.73 68.15
C LEU L 156 -50.87 49.66 66.67
N GLU L 157 -50.50 50.71 65.94
CA GLU L 157 -50.67 50.76 64.49
C GLU L 157 -50.05 49.54 63.83
N THR L 158 -48.79 49.27 64.19
CA THR L 158 -48.04 48.17 63.60
C THR L 158 -48.62 46.83 64.04
N LEU L 159 -49.01 46.74 65.31
CA LEU L 159 -49.64 45.54 65.83
C LEU L 159 -50.94 45.22 65.09
N PHE L 160 -51.81 46.23 64.98
CA PHE L 160 -53.08 46.05 64.29
C PHE L 160 -52.89 45.66 62.83
N TYR L 161 -51.98 46.35 62.16
CA TYR L 161 -51.76 46.14 60.73
C TYR L 161 -51.16 44.77 60.43
N GLU L 162 -50.23 44.34 61.26
CA GLU L 162 -49.56 43.06 61.06
C GLU L 162 -50.42 41.89 61.53
N TYR L 163 -51.22 42.13 62.57
CA TYR L 163 -52.14 41.12 63.09
C TYR L 163 -53.18 40.75 62.06
N MET L 164 -53.69 41.76 61.37
CA MET L 164 -54.74 41.57 60.38
C MET L 164 -54.24 40.79 59.17
N THR L 165 -55.05 39.84 58.71
CA THR L 165 -54.71 39.05 57.52
C THR L 165 -55.73 39.32 56.42
N ASP L 166 -55.24 39.56 55.20
CA ASP L 166 -56.13 39.85 54.08
C ASP L 166 -56.49 38.57 53.35
N GLU L 167 -57.75 38.16 53.44
CA GLU L 167 -58.20 36.92 52.83
C GLU L 167 -59.30 37.14 51.80
N ARG L 168 -59.34 38.34 51.23
CA ARG L 168 -60.36 38.72 50.27
C ARG L 168 -60.38 37.83 49.02
N PHE L 169 -59.21 37.32 48.65
CA PHE L 169 -59.07 36.58 47.41
C PHE L 169 -58.83 35.09 47.65
N LYS L 170 -59.07 34.66 48.88
CA LYS L 170 -59.05 33.23 49.22
C LYS L 170 -60.44 32.66 48.99
N SER L 171 -60.55 31.54 48.29
CA SER L 171 -61.83 30.85 48.17
C SER L 171 -61.90 29.60 49.05
N THR L 172 -60.86 28.78 49.00
CA THR L 172 -60.96 27.40 49.45
C THR L 172 -60.19 27.19 50.75
N GLU L 179 -61.08 34.03 65.47
CA GLU L 179 -59.65 33.76 65.60
C GLU L 179 -58.93 34.91 66.29
N TYR L 180 -59.27 36.14 65.90
CA TYR L 180 -58.66 37.34 66.47
C TYR L 180 -59.08 37.56 67.94
N ILE L 181 -58.18 38.16 68.70
CA ILE L 181 -58.47 38.52 70.09
C ILE L 181 -59.57 39.58 70.16
N LYS L 182 -60.21 39.69 71.32
CA LYS L 182 -61.28 40.66 71.50
C LYS L 182 -60.90 41.76 72.50
N HIS L 183 -59.83 41.54 73.26
CA HIS L 183 -59.38 42.50 74.26
C HIS L 183 -57.87 42.71 74.20
N LEU L 184 -57.44 43.96 74.33
CA LEU L 184 -56.02 44.27 74.39
C LEU L 184 -55.69 45.10 75.63
N GLY L 185 -54.89 44.51 76.52
CA GLY L 185 -54.47 45.19 77.73
C GLY L 185 -53.07 45.75 77.59
N VAL L 186 -52.90 47.00 78.00
CA VAL L 186 -51.60 47.65 77.90
C VAL L 186 -51.13 48.15 79.26
N TYR L 187 -49.96 47.66 79.69
CA TYR L 187 -49.36 48.11 80.93
C TYR L 187 -48.15 49.00 80.64
N ILE L 188 -48.27 50.27 80.99
CA ILE L 188 -47.21 51.24 80.75
C ILE L 188 -47.21 52.34 81.81
N ASN L 189 -46.06 53.00 81.99
CA ASN L 189 -45.95 54.08 82.95
C ASN L 189 -46.60 55.36 82.45
N ASN L 190 -47.26 56.09 83.34
CA ASN L 190 -47.95 57.32 82.97
C ASN L 190 -49.05 57.06 81.94
N ALA L 191 -49.87 56.06 82.21
CA ALA L 191 -50.87 55.57 81.26
C ALA L 191 -51.84 56.64 80.78
N ASP L 192 -52.13 57.63 81.62
CA ASP L 192 -53.15 58.63 81.28
C ASP L 192 -52.70 59.55 80.15
N THR L 193 -51.40 59.61 79.90
CA THR L 193 -50.89 60.42 78.79
C THR L 193 -50.93 59.64 77.48
N TYR L 194 -50.93 58.32 77.57
CA TYR L 194 -50.92 57.46 76.39
C TYR L 194 -52.31 57.09 75.88
N LYS L 195 -53.34 57.33 76.70
CA LYS L 195 -54.70 56.93 76.36
C LYS L 195 -55.23 57.59 75.09
N GLU L 196 -54.84 58.83 74.84
CA GLU L 196 -55.31 59.58 73.68
C GLU L 196 -54.80 58.97 72.37
N GLU L 197 -53.72 58.21 72.45
CA GLU L 197 -53.08 57.65 71.25
C GLU L 197 -53.74 56.34 70.82
N VAL L 198 -54.58 55.79 71.68
CA VAL L 198 -55.20 54.49 71.43
C VAL L 198 -56.13 54.52 70.23
N GLU L 199 -57.07 55.47 70.24
CA GLU L 199 -58.07 55.54 69.18
C GLU L 199 -57.52 56.18 67.90
N LYS L 200 -56.50 57.01 68.05
CA LYS L 200 -55.81 57.58 66.89
C LYS L 200 -55.09 56.49 66.09
N ALA L 201 -54.50 55.54 66.81
CA ALA L 201 -53.81 54.43 66.18
C ALA L 201 -54.77 53.54 65.42
N ARG L 202 -55.94 53.29 66.00
CA ARG L 202 -56.95 52.47 65.36
C ARG L 202 -57.39 53.12 64.05
N VAL L 203 -57.45 54.46 64.06
CA VAL L 203 -57.78 55.21 62.86
C VAL L 203 -56.64 55.12 61.85
N TYR L 204 -55.42 55.39 62.32
CA TYR L 204 -54.24 55.27 61.47
C TYR L 204 -54.08 53.85 60.92
N TYR L 205 -54.45 52.87 61.73
CA TYR L 205 -54.39 51.47 61.31
C TYR L 205 -55.16 51.23 60.01
N PHE L 206 -56.44 51.59 60.00
CA PHE L 206 -57.29 51.27 58.86
C PHE L 206 -56.93 52.12 57.64
N GLY L 207 -56.54 53.36 57.88
CA GLY L 207 -56.08 54.22 56.81
C GLY L 207 -54.95 53.56 56.04
N THR L 208 -54.01 52.99 56.79
CA THR L 208 -52.91 52.23 56.20
C THR L 208 -53.42 50.95 55.55
N TYR L 209 -54.22 50.20 56.31
CA TYR L 209 -54.76 48.92 55.83
C TYR L 209 -55.70 49.11 54.64
N TYR L 210 -56.43 50.22 54.62
CA TYR L 210 -57.28 50.52 53.48
C TYR L 210 -56.44 50.67 52.23
N ALA L 211 -55.39 51.48 52.33
CA ALA L 211 -54.46 51.68 51.22
C ALA L 211 -53.82 50.35 50.84
N SER L 212 -53.54 49.53 51.84
CA SER L 212 -52.95 48.21 51.63
C SER L 212 -53.88 47.32 50.80
N GLN L 213 -55.17 47.36 51.13
CA GLN L 213 -56.16 46.56 50.43
C GLN L 213 -56.23 46.89 48.94
N LEU L 214 -56.14 48.18 48.62
CA LEU L 214 -56.18 48.63 47.23
C LEU L 214 -54.96 48.14 46.47
N ILE L 215 -53.80 48.25 47.09
CA ILE L 215 -52.53 47.85 46.47
C ILE L 215 -52.45 46.33 46.32
N ALA L 216 -52.85 45.60 47.35
CA ALA L 216 -52.77 44.15 47.34
C ALA L 216 -53.67 43.55 46.27
N ALA L 217 -54.79 44.22 46.00
CA ALA L 217 -55.75 43.78 44.98
C ALA L 217 -55.12 43.69 43.60
N PRO L 218 -55.31 42.56 42.92
CA PRO L 218 -54.77 42.31 41.57
C PRO L 218 -55.33 43.31 40.56
N SER L 219 -54.73 43.36 39.37
CA SER L 219 -55.05 44.40 38.40
C SER L 219 -56.38 44.20 37.67
N ASN L 220 -56.89 42.97 37.69
CA ASN L 220 -58.21 42.70 37.11
C ASN L 220 -59.33 43.14 38.05
N TYR L 221 -59.04 43.16 39.35
CA TYR L 221 -59.97 43.66 40.34
C TYR L 221 -59.89 45.18 40.47
N CYS L 222 -58.68 45.68 40.68
CA CYS L 222 -58.47 47.12 40.81
C CYS L 222 -58.03 47.76 39.51
N ASN L 223 -58.99 48.37 38.81
CA ASN L 223 -58.70 49.12 37.60
C ASN L 223 -59.12 50.58 37.79
N PRO L 224 -58.81 51.45 36.82
CA PRO L 224 -59.12 52.88 36.92
C PRO L 224 -60.59 53.16 37.26
N VAL L 225 -61.49 52.34 36.74
CA VAL L 225 -62.92 52.54 37.01
C VAL L 225 -63.26 52.02 38.40
N SER L 226 -62.88 50.78 38.68
CA SER L 226 -63.19 50.15 39.95
C SER L 226 -62.53 50.89 41.12
N LEU L 227 -61.36 51.46 40.86
CA LEU L 227 -60.65 52.21 41.89
C LEU L 227 -61.32 53.54 42.21
N SER L 228 -61.75 54.25 41.17
CA SER L 228 -62.44 55.52 41.34
C SER L 228 -63.80 55.29 42.01
N ASN L 229 -64.45 54.18 41.68
CA ASN L 229 -65.71 53.81 42.34
C ASN L 229 -65.48 53.61 43.83
N ALA L 230 -64.34 53.00 44.17
CA ALA L 230 -63.99 52.76 45.56
C ALA L 230 -63.73 54.07 46.28
N ALA L 231 -63.16 55.03 45.56
CA ALA L 231 -62.88 56.35 46.13
C ALA L 231 -64.16 57.13 46.41
N VAL L 232 -65.12 57.02 45.50
CA VAL L 232 -66.42 57.65 45.68
C VAL L 232 -67.14 57.07 46.89
N GLU L 233 -67.14 55.75 47.01
CA GLU L 233 -67.77 55.07 48.12
C GLU L 233 -67.14 55.47 49.46
N LEU L 234 -65.82 55.66 49.45
CA LEU L 234 -65.11 56.09 50.65
C LEU L 234 -65.50 57.51 51.03
N ALA L 235 -65.59 58.38 50.02
CA ALA L 235 -65.98 59.76 50.24
C ALA L 235 -67.41 59.86 50.78
N GLN L 236 -68.27 58.97 50.29
CA GLN L 236 -69.67 58.95 50.71
C GLN L 236 -69.81 58.58 52.19
N LYS L 237 -69.02 57.61 52.64
CA LYS L 237 -69.08 57.19 54.04
C LYS L 237 -68.48 58.23 54.98
N LEU L 238 -67.54 59.02 54.48
CA LEU L 238 -66.91 60.06 55.29
C LEU L 238 -67.56 61.41 55.04
N ASN L 239 -68.52 61.43 54.13
CA ASN L 239 -69.24 62.65 53.77
C ASN L 239 -68.30 63.75 53.27
N LEU L 240 -67.34 63.35 52.43
CA LEU L 240 -66.40 64.27 51.83
C LEU L 240 -66.87 64.59 50.41
N GLU L 241 -66.71 65.83 49.96
CA GLU L 241 -67.02 66.15 48.58
C GLU L 241 -66.13 65.38 47.60
N TYR L 242 -66.77 64.77 46.62
CA TYR L 242 -66.09 63.96 45.61
C TYR L 242 -66.55 64.31 44.21
N LYS L 243 -65.64 64.15 43.24
CA LYS L 243 -65.97 64.35 41.83
C LYS L 243 -64.98 63.56 40.97
N ILE L 244 -65.50 62.72 40.09
CA ILE L 244 -64.65 61.91 39.24
C ILE L 244 -64.72 62.36 37.78
N LEU L 245 -63.61 62.91 37.28
CA LEU L 245 -63.55 63.36 35.89
C LEU L 245 -63.20 62.20 34.96
N GLY L 246 -63.98 62.07 33.89
CA GLY L 246 -63.78 61.05 32.88
C GLY L 246 -63.08 61.60 31.66
N VAL L 247 -62.95 60.77 30.63
CA VAL L 247 -62.22 61.11 29.41
C VAL L 247 -62.75 62.39 28.76
N LYS L 248 -64.07 62.55 28.75
CA LYS L 248 -64.70 63.70 28.11
C LYS L 248 -64.32 65.02 28.78
N GLU L 249 -64.28 65.04 30.12
CA GLU L 249 -63.95 66.26 30.85
C GLU L 249 -62.46 66.55 30.74
N LEU L 250 -61.67 65.48 30.64
CA LEU L 250 -60.23 65.60 30.54
C LEU L 250 -59.81 66.16 29.18
N GLU L 251 -60.58 65.82 28.14
CA GLU L 251 -60.33 66.36 26.81
C GLU L 251 -60.56 67.87 26.78
N GLU L 252 -61.58 68.32 27.50
CA GLU L 252 -61.91 69.74 27.56
C GLU L 252 -60.92 70.49 28.43
N LEU L 253 -60.33 69.77 29.38
CA LEU L 253 -59.29 70.32 30.24
C LEU L 253 -57.93 70.15 29.59
N LYS L 254 -57.90 69.44 28.47
CA LYS L 254 -56.70 69.28 27.65
C LYS L 254 -55.55 68.59 28.37
N MET L 255 -55.87 67.63 29.22
CA MET L 255 -54.84 66.86 29.92
C MET L 255 -54.26 65.80 29.00
N GLY L 256 -53.47 66.23 28.03
CA GLY L 256 -52.96 65.35 26.99
C GLY L 256 -51.91 64.35 27.45
N ALA L 257 -51.12 64.75 28.44
CA ALA L 257 -50.10 63.86 28.99
C ALA L 257 -50.76 62.69 29.70
N TYR L 258 -51.68 63.02 30.60
CA TYR L 258 -52.42 62.02 31.38
C TYR L 258 -53.17 61.05 30.48
N LEU L 259 -53.87 61.58 29.48
CA LEU L 259 -54.68 60.77 28.59
C LEU L 259 -53.85 59.85 27.70
N SER L 260 -52.65 60.30 27.33
CA SER L 260 -51.79 59.53 26.43
C SER L 260 -51.39 58.19 27.03
N VAL L 261 -51.18 58.15 28.34
CA VAL L 261 -50.79 56.92 29.03
C VAL L 261 -51.90 55.87 29.01
N GLY L 262 -53.14 56.32 29.21
CA GLY L 262 -54.27 55.42 29.30
C GLY L 262 -54.82 54.94 27.96
N LYS L 263 -54.28 55.47 26.87
CA LYS L 263 -54.78 55.16 25.54
C LYS L 263 -54.84 53.66 25.26
N GLY L 264 -53.82 52.94 25.69
CA GLY L 264 -53.72 51.51 25.41
C GLY L 264 -54.56 50.65 26.34
N SER L 265 -55.32 51.28 27.22
CA SER L 265 -56.10 50.53 28.20
C SER L 265 -57.55 50.36 27.77
N MET L 266 -58.15 49.24 28.16
CA MET L 266 -59.57 49.00 27.92
C MET L 266 -60.40 49.73 28.97
N TYR L 267 -59.73 50.17 30.03
CA TYR L 267 -60.39 50.91 31.11
C TYR L 267 -60.15 52.40 30.93
N PRO L 268 -61.24 53.18 30.87
CA PRO L 268 -61.15 54.64 30.71
C PRO L 268 -60.44 55.32 31.87
N ASN L 269 -59.75 56.42 31.59
CA ASN L 269 -59.10 57.19 32.64
C ASN L 269 -60.12 57.74 33.64
N LYS L 270 -59.75 57.73 34.92
CA LYS L 270 -60.61 58.26 35.97
C LYS L 270 -59.79 59.14 36.92
N PHE L 271 -60.08 60.43 36.93
CA PHE L 271 -59.37 61.36 37.81
C PHE L 271 -60.15 61.56 39.11
N ILE L 272 -59.57 61.09 40.21
CA ILE L 272 -60.23 61.18 41.51
C ILE L 272 -59.96 62.52 42.19
N HIS L 273 -61.02 63.18 42.65
CA HIS L 273 -60.90 64.45 43.34
C HIS L 273 -61.81 64.51 44.56
N LEU L 274 -61.28 64.09 45.71
CA LEU L 274 -61.97 64.21 46.98
C LEU L 274 -61.54 65.50 47.67
N THR L 275 -62.38 66.03 48.56
CA THR L 275 -62.06 67.27 49.25
C THR L 275 -62.52 67.28 50.70
N TYR L 276 -61.62 67.66 51.60
CA TYR L 276 -61.97 67.85 53.01
C TYR L 276 -61.97 69.33 53.38
N LYS L 277 -63.13 69.83 53.78
CA LYS L 277 -63.30 71.23 54.18
C LYS L 277 -63.71 71.32 55.65
N SER L 278 -62.76 71.57 56.55
CA SER L 278 -63.09 71.61 57.97
C SER L 278 -64.11 72.69 58.30
N LYS L 279 -64.84 72.49 59.39
CA LYS L 279 -65.98 73.33 59.75
C LYS L 279 -65.66 74.13 61.01
N GLY L 280 -64.95 75.23 60.81
CA GLY L 280 -64.49 76.07 61.90
C GLY L 280 -64.01 77.37 61.33
N ASP L 281 -62.77 77.72 61.67
CA ASP L 281 -62.16 78.96 61.24
C ASP L 281 -61.58 78.70 59.85
N VAL L 282 -60.73 77.67 59.78
CA VAL L 282 -60.14 77.14 58.53
C VAL L 282 -59.53 78.15 57.54
N LYS L 283 -58.22 78.04 57.34
CA LYS L 283 -57.50 78.96 56.46
C LYS L 283 -56.23 78.35 55.85
N LYS L 284 -56.15 77.03 55.82
CA LYS L 284 -55.02 76.37 55.15
C LYS L 284 -55.50 75.41 54.07
N LYS L 285 -54.91 75.51 52.88
CA LYS L 285 -55.27 74.65 51.76
C LYS L 285 -54.15 73.71 51.30
N ILE L 286 -54.44 72.41 51.29
CA ILE L 286 -53.45 71.40 50.93
C ILE L 286 -53.98 70.49 49.82
N ALA L 287 -53.14 70.21 48.84
CA ALA L 287 -53.49 69.26 47.78
C ALA L 287 -52.58 68.04 47.83
N LEU L 288 -53.16 66.87 48.05
CA LEU L 288 -52.41 65.64 48.08
C LEU L 288 -52.58 64.85 46.78
N VAL L 289 -51.49 64.72 46.03
CA VAL L 289 -51.51 64.04 44.73
C VAL L 289 -50.85 62.66 44.79
N GLY L 290 -51.54 61.66 44.23
CA GLY L 290 -51.01 60.30 44.20
C GLY L 290 -50.96 59.70 42.82
N LYS L 291 -49.89 58.98 42.52
CA LYS L 291 -49.77 58.26 41.25
C LYS L 291 -50.73 57.08 41.22
N GLY L 292 -51.52 56.99 40.15
CA GLY L 292 -52.56 55.98 40.07
C GLY L 292 -52.53 55.10 38.84
N ILE L 293 -51.45 54.37 38.65
CA ILE L 293 -51.37 53.39 37.57
C ILE L 293 -51.78 52.02 38.09
N THR L 294 -52.97 51.56 37.71
CA THR L 294 -53.54 50.34 38.25
C THR L 294 -52.70 49.12 37.84
N PHE L 295 -52.07 49.22 36.68
CA PHE L 295 -51.06 48.24 36.30
C PHE L 295 -50.07 48.86 35.32
N ASP L 296 -48.78 48.60 35.54
CA ASP L 296 -47.75 49.14 34.69
C ASP L 296 -46.99 48.03 33.96
N SER L 297 -47.42 47.72 32.75
CA SER L 297 -46.73 46.77 31.91
C SER L 297 -45.47 47.42 31.35
N GLY L 298 -45.50 48.75 31.32
CA GLY L 298 -44.40 49.53 30.77
C GLY L 298 -44.73 50.05 29.39
N GLY L 299 -45.81 49.54 28.81
CA GLY L 299 -46.20 49.90 27.45
C GLY L 299 -45.26 49.28 26.44
N TYR L 300 -45.07 49.95 25.31
CA TYR L 300 -44.17 49.43 24.28
C TYR L 300 -42.73 49.39 24.76
N ASN L 301 -42.40 50.23 25.74
CA ASN L 301 -41.17 50.04 26.49
C ASN L 301 -41.43 48.96 27.54
N LEU L 302 -41.76 47.78 27.04
CA LEU L 302 -42.23 46.67 27.86
C LEU L 302 -41.23 46.26 28.94
N LYS L 303 -41.75 45.90 30.11
CA LYS L 303 -40.94 45.37 31.18
C LYS L 303 -40.54 43.94 30.88
N ALA L 304 -39.56 43.77 29.99
CA ALA L 304 -39.12 42.45 29.58
C ALA L 304 -37.73 42.17 30.10
N ALA L 305 -37.04 43.22 30.52
CA ALA L 305 -35.69 43.09 31.06
C ALA L 305 -35.72 42.41 32.42
N PRO L 306 -34.66 41.64 32.73
CA PRO L 306 -34.53 40.95 34.01
C PRO L 306 -34.58 41.90 35.20
N GLY L 307 -35.42 41.62 36.19
CA GLY L 307 -35.50 42.46 37.36
C GLY L 307 -36.50 43.59 37.23
N SER L 308 -37.20 43.63 36.09
CA SER L 308 -38.19 44.67 35.87
C SER L 308 -39.40 44.44 36.78
N MET L 309 -39.55 43.20 37.23
CA MET L 309 -40.59 42.83 38.19
C MET L 309 -41.98 43.27 37.74
N ILE L 310 -42.37 42.83 36.55
CA ILE L 310 -43.64 43.24 35.97
C ILE L 310 -44.83 42.68 36.76
N ASP L 311 -44.62 41.55 37.43
CA ASP L 311 -45.68 40.93 38.22
C ASP L 311 -46.01 41.78 39.44
N LEU L 312 -45.10 42.67 39.80
CA LEU L 312 -45.30 43.57 40.94
C LEU L 312 -46.11 44.82 40.60
N MET L 313 -46.21 45.13 39.31
CA MET L 313 -46.67 46.46 38.89
C MET L 313 -48.14 46.75 39.14
N LYS L 314 -48.79 45.94 39.97
CA LYS L 314 -50.13 46.30 40.45
C LYS L 314 -49.99 47.34 41.56
N PHE L 315 -48.81 47.40 42.15
CA PHE L 315 -48.54 48.31 43.27
C PHE L 315 -48.35 49.74 42.79
N ASP L 316 -48.37 49.92 41.48
CA ASP L 316 -48.06 51.22 40.88
C ASP L 316 -49.16 52.27 41.10
N MET L 317 -50.17 51.90 41.88
CA MET L 317 -51.19 52.86 42.28
C MET L 317 -51.08 53.16 43.77
N SER L 318 -49.90 52.88 44.33
CA SER L 318 -49.66 53.05 45.76
C SER L 318 -49.73 54.50 46.21
N GLY L 319 -49.29 55.41 45.35
CA GLY L 319 -49.36 56.83 45.65
C GLY L 319 -50.81 57.23 45.84
N CYS L 320 -51.65 56.77 44.93
CA CYS L 320 -53.09 57.00 45.00
C CYS L 320 -53.68 56.37 46.26
N ALA L 321 -53.26 55.15 46.56
CA ALA L 321 -53.76 54.43 47.73
C ALA L 321 -53.41 55.14 49.03
N ALA L 322 -52.22 55.74 49.07
CA ALA L 322 -51.78 56.48 50.26
C ALA L 322 -52.66 57.71 50.47
N VAL L 323 -52.97 58.39 49.38
CA VAL L 323 -53.83 59.57 49.43
C VAL L 323 -55.24 59.22 49.87
N LEU L 324 -55.76 58.11 49.34
CA LEU L 324 -57.10 57.65 49.70
C LEU L 324 -57.15 57.21 51.16
N GLY L 325 -56.10 56.53 51.60
CA GLY L 325 -55.99 56.12 52.99
C GLY L 325 -55.95 57.33 53.90
N CYS L 326 -55.25 58.37 53.45
CA CYS L 326 -55.19 59.63 54.18
C CYS L 326 -56.57 60.24 54.28
N ALA L 327 -57.33 60.17 53.19
CA ALA L 327 -58.68 60.71 53.16
C ALA L 327 -59.52 60.09 54.27
N TYR L 328 -59.28 58.82 54.57
CA TYR L 328 -59.97 58.17 55.67
C TYR L 328 -59.57 58.74 57.02
N CYS L 329 -58.27 58.78 57.29
CA CYS L 329 -57.76 59.25 58.57
C CYS L 329 -58.16 60.69 58.84
N VAL L 330 -57.98 61.54 57.83
CA VAL L 330 -58.37 62.95 57.94
C VAL L 330 -59.87 63.05 58.10
N GLY L 331 -60.59 62.28 57.29
CA GLY L 331 -62.05 62.26 57.35
C GLY L 331 -62.60 61.75 58.66
N THR L 332 -61.85 60.85 59.31
CA THR L 332 -62.30 60.28 60.58
C THR L 332 -61.92 61.15 61.77
N LEU L 333 -60.68 61.62 61.80
CA LEU L 333 -60.17 62.41 62.92
C LEU L 333 -60.70 63.85 62.90
N LYS L 334 -61.04 64.34 61.71
CA LYS L 334 -61.65 65.66 61.58
C LYS L 334 -60.78 66.77 62.16
N PRO L 335 -59.65 67.05 61.50
CA PRO L 335 -58.71 68.13 61.90
C PRO L 335 -59.30 69.52 61.71
N GLU L 336 -58.71 70.51 62.38
CA GLU L 336 -59.23 71.88 62.33
C GLU L 336 -58.39 72.79 61.43
N ASN L 337 -59.02 73.86 60.95
CA ASN L 337 -58.32 74.92 60.23
C ASN L 337 -57.64 74.43 58.95
N VAL L 338 -58.22 73.44 58.29
CA VAL L 338 -57.58 72.89 57.09
C VAL L 338 -58.56 72.51 55.99
N GLU L 339 -58.13 72.75 54.74
CA GLU L 339 -58.86 72.32 53.55
C GLU L 339 -57.96 71.42 52.72
N ILE L 340 -58.37 70.16 52.55
CA ILE L 340 -57.52 69.18 51.87
C ILE L 340 -58.13 68.60 50.60
N HIS L 341 -57.36 68.66 49.52
CA HIS L 341 -57.75 68.06 48.25
C HIS L 341 -56.98 66.77 47.99
N PHE L 342 -57.70 65.67 47.80
CA PHE L 342 -57.09 64.38 47.52
C PHE L 342 -57.17 64.07 46.03
N LEU L 343 -56.04 64.18 45.34
CA LEU L 343 -56.03 64.07 43.88
C LEU L 343 -55.30 62.83 43.39
N SER L 344 -55.78 62.26 42.29
CA SER L 344 -55.07 61.15 41.64
C SER L 344 -55.53 60.95 40.20
N ALA L 345 -54.61 61.04 39.26
CA ALA L 345 -54.89 60.74 37.86
C ALA L 345 -54.73 59.26 37.59
N VAL L 346 -55.85 58.53 37.63
CA VAL L 346 -55.81 57.07 37.54
C VAL L 346 -55.98 56.57 36.11
N CYS L 347 -55.12 55.63 35.72
CA CYS L 347 -55.18 55.01 34.40
C CYS L 347 -54.36 53.72 34.40
N GLU L 348 -54.29 53.07 33.24
CA GLU L 348 -53.52 51.84 33.12
C GLU L 348 -52.59 51.92 31.91
N ASN L 349 -51.32 51.61 32.13
CA ASN L 349 -50.32 51.62 31.05
C ASN L 349 -50.16 50.25 30.42
N MET L 350 -50.69 50.10 29.20
CA MET L 350 -50.79 48.79 28.56
C MET L 350 -50.22 48.78 27.14
N VAL L 351 -50.09 47.59 26.58
CA VAL L 351 -49.62 47.41 25.21
C VAL L 351 -50.80 47.14 24.29
N SER L 352 -50.92 47.94 23.23
CA SER L 352 -52.05 47.86 22.33
C SER L 352 -51.76 48.58 21.03
N LYS L 353 -52.65 48.41 20.05
CA LYS L 353 -52.56 49.17 18.80
C LYS L 353 -52.90 50.63 19.07
N ASN L 354 -53.65 50.86 20.14
CA ASN L 354 -54.10 52.20 20.52
C ASN L 354 -53.13 52.87 21.48
N SER L 355 -52.15 52.12 21.95
CA SER L 355 -51.17 52.62 22.90
C SER L 355 -50.36 53.77 22.31
N TYR L 356 -49.84 54.64 23.17
CA TYR L 356 -48.96 55.70 22.70
C TYR L 356 -47.54 55.14 22.50
N ARG L 357 -46.82 55.72 21.55
CA ARG L 357 -45.54 55.18 21.12
C ARG L 357 -44.34 55.96 21.63
N PRO L 358 -43.18 55.29 21.70
CA PRO L 358 -41.92 56.00 21.96
C PRO L 358 -41.64 56.99 20.83
N GLY L 359 -41.33 58.23 21.18
CA GLY L 359 -41.08 59.24 20.17
C GLY L 359 -42.28 60.14 19.99
N ASP L 360 -43.43 59.69 20.46
CA ASP L 360 -44.65 60.48 20.41
C ASP L 360 -44.48 61.79 21.15
N ILE L 361 -44.96 62.88 20.55
CA ILE L 361 -44.98 64.17 21.22
C ILE L 361 -46.40 64.46 21.67
N ILE L 362 -46.57 64.67 22.96
CA ILE L 362 -47.88 64.90 23.54
C ILE L 362 -47.93 66.29 24.16
N THR L 363 -49.14 66.81 24.39
CA THR L 363 -49.29 68.15 24.94
C THR L 363 -49.99 68.12 26.28
N ALA L 364 -49.29 68.60 27.31
CA ALA L 364 -49.83 68.62 28.66
C ALA L 364 -50.90 69.70 28.81
N SER L 365 -51.60 69.68 29.94
CA SER L 365 -52.73 70.58 30.17
C SER L 365 -52.28 72.01 30.44
N ASN L 366 -50.97 72.22 30.56
CA ASN L 366 -50.45 73.57 30.78
C ASN L 366 -49.84 74.11 29.49
N GLY L 367 -50.08 73.41 28.40
CA GLY L 367 -49.65 73.87 27.09
C GLY L 367 -48.28 73.33 26.69
N LYS L 368 -47.56 72.78 27.65
CA LYS L 368 -46.22 72.26 27.40
C LYS L 368 -46.26 70.95 26.62
N THR L 369 -45.48 70.89 25.55
CA THR L 369 -45.38 69.69 24.74
C THR L 369 -44.26 68.80 25.27
N ILE L 370 -44.50 67.50 25.30
CA ILE L 370 -43.56 66.55 25.88
C ILE L 370 -43.20 65.44 24.90
N GLU L 371 -41.91 65.28 24.63
CA GLU L 371 -41.44 64.17 23.79
C GLU L 371 -41.22 62.93 24.65
N VAL L 372 -42.01 61.88 24.37
CA VAL L 372 -41.89 60.63 25.12
C VAL L 372 -40.69 59.84 24.64
N GLY L 373 -39.73 59.61 25.54
CA GLY L 373 -38.55 58.85 25.23
C GLY L 373 -38.67 57.41 25.68
N ASN L 374 -39.56 57.19 26.64
CA ASN L 374 -39.78 55.87 27.22
C ASN L 374 -41.17 55.80 27.84
N THR L 375 -42.01 54.91 27.33
CA THR L 375 -43.40 54.82 27.77
C THR L 375 -43.53 54.22 29.16
N ASP L 376 -42.43 53.71 29.70
CA ASP L 376 -42.44 53.09 31.03
C ASP L 376 -42.24 54.15 32.12
N ALA L 377 -41.92 55.37 31.70
CA ALA L 377 -41.84 56.49 32.63
C ALA L 377 -43.15 57.28 32.60
N GLU L 378 -44.27 56.59 32.81
CA GLU L 378 -45.58 57.18 32.61
C GLU L 378 -46.08 57.95 33.81
N GLY L 379 -45.58 57.59 34.99
CA GLY L 379 -46.02 58.21 36.23
C GLY L 379 -45.88 59.72 36.20
N ARG L 380 -44.78 60.19 35.65
CA ARG L 380 -44.51 61.63 35.58
C ARG L 380 -45.40 62.34 34.56
N LEU L 381 -45.86 61.62 33.55
CA LEU L 381 -46.77 62.18 32.56
C LEU L 381 -48.15 62.43 33.16
N THR L 382 -48.65 61.45 33.90
CA THR L 382 -49.95 61.56 34.54
C THR L 382 -49.91 62.55 35.69
N LEU L 383 -48.83 62.53 36.45
CA LEU L 383 -48.65 63.45 37.57
C LEU L 383 -48.52 64.89 37.09
N ALA L 384 -47.98 65.06 35.89
CA ALA L 384 -47.84 66.39 35.29
C ALA L 384 -49.18 67.10 35.18
N ASP L 385 -50.15 66.43 34.58
CA ASP L 385 -51.49 66.99 34.43
C ASP L 385 -52.19 67.13 35.78
N ALA L 386 -51.92 66.18 36.67
CA ALA L 386 -52.49 66.21 38.00
C ALA L 386 -51.96 67.41 38.78
N LEU L 387 -50.68 67.72 38.58
CA LEU L 387 -50.04 68.84 39.27
C LEU L 387 -50.52 70.18 38.73
N VAL L 388 -50.80 70.24 37.43
CA VAL L 388 -51.36 71.45 36.83
C VAL L 388 -52.75 71.67 37.42
N TYR L 389 -53.52 70.61 37.50
CA TYR L 389 -54.83 70.61 38.13
C TYR L 389 -54.74 71.05 39.59
N ALA L 390 -53.72 70.58 40.29
CA ALA L 390 -53.55 70.85 41.71
C ALA L 390 -53.33 72.33 41.99
N GLU L 391 -52.43 72.97 41.23
CA GLU L 391 -52.10 74.37 41.45
C GLU L 391 -53.24 75.32 41.09
N LYS L 392 -54.07 74.92 40.13
CA LYS L 392 -55.22 75.71 39.72
C LYS L 392 -56.26 75.81 40.84
N LEU L 393 -56.23 74.84 41.75
CA LEU L 393 -57.16 74.80 42.87
C LEU L 393 -56.86 75.90 43.88
N GLY L 394 -55.68 76.52 43.74
CA GLY L 394 -55.28 77.60 44.62
C GLY L 394 -54.92 77.15 46.02
N VAL L 395 -53.92 76.28 46.12
CA VAL L 395 -53.51 75.73 47.41
C VAL L 395 -52.20 76.33 47.87
N ASP L 396 -51.91 76.16 49.16
CA ASP L 396 -50.67 76.64 49.74
C ASP L 396 -49.56 75.60 49.55
N TYR L 397 -49.93 74.33 49.69
CA TYR L 397 -48.99 73.22 49.58
C TYR L 397 -49.46 72.17 48.59
N ILE L 398 -48.58 71.78 47.68
CA ILE L 398 -48.82 70.63 46.82
C ILE L 398 -47.84 69.51 47.17
N VAL L 399 -48.36 68.38 47.64
CA VAL L 399 -47.50 67.25 47.96
C VAL L 399 -47.96 65.99 47.23
N ASP L 400 -47.15 65.56 46.27
CA ASP L 400 -47.45 64.33 45.54
C ASP L 400 -46.65 63.16 46.09
N ILE L 401 -47.22 61.96 45.96
CA ILE L 401 -46.58 60.74 46.42
C ILE L 401 -46.80 59.65 45.38
N ALA L 402 -45.71 59.01 44.96
CA ALA L 402 -45.78 58.09 43.82
C ALA L 402 -44.62 57.10 43.76
N THR L 403 -44.93 55.87 43.37
CA THR L 403 -43.91 54.88 43.04
C THR L 403 -43.30 55.22 41.68
N LEU L 404 -42.47 56.26 41.66
CA LEU L 404 -42.05 56.90 40.42
C LEU L 404 -40.80 56.32 39.77
N THR L 405 -39.74 56.11 40.56
CA THR L 405 -38.47 55.69 39.99
C THR L 405 -37.89 54.44 40.65
N GLY L 406 -37.47 53.49 39.81
CA GLY L 406 -36.86 52.26 40.29
C GLY L 406 -35.48 52.49 40.88
N ALA L 407 -34.87 53.61 40.52
CA ALA L 407 -33.56 53.97 41.05
C ALA L 407 -33.59 54.14 42.57
N MET L 408 -34.78 54.34 43.12
CA MET L 408 -34.94 54.51 44.56
C MET L 408 -34.45 53.28 45.31
N LEU L 409 -34.52 52.13 44.66
CA LEU L 409 -34.02 50.89 45.25
C LEU L 409 -32.51 50.93 45.41
N TYR L 410 -31.84 51.73 44.58
CA TYR L 410 -30.40 51.87 44.64
C TYR L 410 -29.96 53.05 45.51
N SER L 411 -30.87 54.00 45.72
CA SER L 411 -30.59 55.17 46.55
C SER L 411 -30.78 54.86 48.05
N LEU L 412 -32.03 54.81 48.49
CA LEU L 412 -32.33 54.63 49.90
C LEU L 412 -32.77 53.21 50.21
N GLY L 413 -33.14 52.46 49.18
CA GLY L 413 -33.54 51.08 49.36
C GLY L 413 -35.01 50.89 49.65
N THR L 414 -35.31 49.96 50.55
CA THR L 414 -36.67 49.53 50.82
C THR L 414 -37.27 50.12 52.10
N SER L 415 -36.46 50.80 52.90
CA SER L 415 -36.92 51.29 54.20
C SER L 415 -37.24 52.79 54.22
N TYR L 416 -36.39 53.59 53.59
CA TYR L 416 -36.58 55.04 53.57
C TYR L 416 -37.12 55.55 52.24
N ALA L 417 -38.11 56.42 52.31
CA ALA L 417 -38.61 57.09 51.11
C ALA L 417 -37.87 58.40 50.91
N GLY L 418 -37.83 58.85 49.66
CA GLY L 418 -37.14 60.09 49.33
C GLY L 418 -38.11 61.23 49.08
N VAL L 419 -37.78 62.41 49.58
CA VAL L 419 -38.62 63.59 49.34
C VAL L 419 -37.87 64.67 48.58
N PHE L 420 -38.50 65.16 47.51
CA PHE L 420 -37.95 66.27 46.73
C PHE L 420 -38.93 67.43 46.86
N GLY L 421 -38.51 68.62 46.45
CA GLY L 421 -39.40 69.78 46.54
C GLY L 421 -38.81 71.08 46.04
N ASN L 422 -39.66 72.11 45.98
CA ASN L 422 -39.25 73.44 45.58
C ASN L 422 -39.34 74.44 46.72
N ASN L 423 -39.71 73.95 47.89
CA ASN L 423 -39.91 74.80 49.06
C ASN L 423 -39.30 74.19 50.31
N GLU L 424 -38.43 74.93 50.97
CA GLU L 424 -37.63 74.40 52.06
C GLU L 424 -38.41 74.22 53.38
N GLU L 425 -39.44 75.03 53.59
CA GLU L 425 -40.23 74.90 54.81
C GLU L 425 -41.18 73.70 54.72
N LEU L 426 -41.71 73.46 53.51
CA LEU L 426 -42.60 72.33 53.29
C LEU L 426 -41.88 71.00 53.45
N ILE L 427 -40.63 70.95 52.98
CA ILE L 427 -39.83 69.73 53.12
C ILE L 427 -39.58 69.41 54.59
N ASN L 428 -39.30 70.44 55.39
CA ASN L 428 -39.07 70.26 56.81
C ASN L 428 -40.32 69.77 57.53
N LYS L 429 -41.49 70.17 57.04
CA LYS L 429 -42.75 69.71 57.61
C LYS L 429 -42.98 68.25 57.26
N ILE L 430 -42.60 67.86 56.04
CA ILE L 430 -42.65 66.47 55.63
C ILE L 430 -41.73 65.64 56.51
N LEU L 431 -40.52 66.16 56.73
CA LEU L 431 -39.54 65.47 57.56
C LEU L 431 -40.01 65.41 59.01
N GLN L 432 -40.62 66.50 59.46
CA GLN L 432 -41.18 66.57 60.80
C GLN L 432 -42.33 65.58 60.95
N SER L 433 -43.11 65.43 59.89
CA SER L 433 -44.22 64.48 59.87
C SER L 433 -43.70 63.06 59.84
N SER L 434 -42.57 62.87 59.17
CA SER L 434 -41.90 61.57 59.13
C SER L 434 -41.52 61.12 60.54
N LYS L 435 -41.10 62.09 61.36
CA LYS L 435 -40.68 61.82 62.72
C LYS L 435 -41.83 61.37 63.63
N THR L 436 -42.97 62.03 63.50
CA THR L 436 -44.10 61.74 64.40
C THR L 436 -44.96 60.59 63.91
N SER L 437 -45.06 60.43 62.59
CA SER L 437 -45.81 59.32 62.01
C SER L 437 -44.98 58.05 62.04
N ASN L 438 -43.67 58.19 62.18
CA ASN L 438 -42.75 57.07 62.16
C ASN L 438 -42.75 56.37 60.81
N GLU L 439 -43.06 57.14 59.77
CA GLU L 439 -42.87 56.67 58.40
C GLU L 439 -41.68 57.44 57.86
N PRO L 440 -40.51 56.77 57.81
CA PRO L 440 -39.21 57.40 57.58
C PRO L 440 -39.10 58.03 56.21
N VAL L 441 -38.60 59.26 56.17
CA VAL L 441 -38.42 59.96 54.91
C VAL L 441 -37.08 60.70 54.94
N TRP L 442 -36.36 60.63 53.82
CA TRP L 442 -35.08 61.32 53.73
C TRP L 442 -35.13 62.35 52.61
N TRP L 443 -34.55 63.52 52.87
CA TRP L 443 -34.56 64.62 51.92
C TRP L 443 -33.49 64.45 50.85
N LEU L 444 -33.91 64.48 49.59
CA LEU L 444 -32.97 64.43 48.48
C LEU L 444 -33.07 65.70 47.64
N PRO L 445 -31.96 66.07 46.98
CA PRO L 445 -31.87 67.34 46.26
C PRO L 445 -32.37 67.26 44.82
N ILE L 446 -33.00 68.34 44.36
CA ILE L 446 -33.33 68.49 42.94
C ILE L 446 -32.19 69.27 42.29
N ILE L 447 -31.33 68.57 41.58
CA ILE L 447 -30.11 69.16 41.03
C ILE L 447 -30.35 69.85 39.70
N ASN L 448 -30.34 71.17 39.71
CA ASN L 448 -30.68 71.98 38.54
C ASN L 448 -29.70 71.84 37.38
N GLU L 449 -28.50 71.31 37.65
CA GLU L 449 -27.52 71.12 36.60
C GLU L 449 -27.96 70.05 35.61
N TYR L 450 -28.83 69.15 36.07
CA TYR L 450 -29.31 68.06 35.23
C TYR L 450 -30.43 68.49 34.30
N ARG L 451 -31.05 69.64 34.60
CA ARG L 451 -32.22 70.11 33.86
C ARG L 451 -32.00 70.19 32.36
N ALA L 452 -30.76 70.46 31.95
CA ALA L 452 -30.44 70.63 30.55
C ALA L 452 -30.62 69.33 29.75
N THR L 453 -30.64 68.21 30.45
CA THR L 453 -30.76 66.92 29.78
C THR L 453 -32.20 66.63 29.35
N LEU L 454 -33.12 67.46 29.83
CA LEU L 454 -34.53 67.33 29.48
C LEU L 454 -34.91 68.26 28.31
N ASN L 455 -33.91 68.93 27.75
CA ASN L 455 -34.16 69.85 26.64
C ASN L 455 -34.39 69.07 25.34
N SER L 456 -35.65 68.96 24.95
CA SER L 456 -36.01 68.20 23.76
C SER L 456 -35.63 68.97 22.50
N LYS L 457 -35.28 68.23 21.46
CA LYS L 457 -34.91 68.82 20.18
C LYS L 457 -36.15 69.36 19.46
N TYR L 458 -37.29 68.73 19.69
CA TYR L 458 -38.51 69.07 18.98
C TYR L 458 -39.63 69.57 19.89
N ALA L 459 -39.84 68.89 21.01
CA ALA L 459 -40.83 69.30 21.99
C ALA L 459 -40.26 70.37 22.92
N ASP L 460 -41.09 70.89 23.81
CA ASP L 460 -40.62 71.86 24.80
C ASP L 460 -39.69 71.20 25.80
N ILE L 461 -40.04 69.99 26.23
CA ILE L 461 -39.29 69.31 27.26
C ILE L 461 -39.30 67.79 27.06
N ASN L 462 -38.21 67.13 27.40
CA ASN L 462 -38.14 65.68 27.36
C ASN L 462 -38.78 65.05 28.59
N GLN L 463 -39.34 63.87 28.39
CA GLN L 463 -39.91 63.09 29.48
C GLN L 463 -38.81 62.45 30.33
N ILE L 464 -37.82 61.89 29.66
CA ILE L 464 -36.71 61.24 30.34
C ILE L 464 -35.37 61.79 29.89
N SER L 465 -34.31 61.43 30.62
CA SER L 465 -32.96 61.78 30.22
C SER L 465 -32.34 60.62 29.45
N SER L 466 -31.54 60.93 28.44
CA SER L 466 -30.85 59.90 27.69
C SER L 466 -29.61 59.42 28.44
N SER L 467 -28.91 60.36 29.06
CA SER L 467 -27.63 60.07 29.70
C SER L 467 -27.75 59.90 31.21
N VAL L 468 -28.15 60.96 31.90
CA VAL L 468 -28.15 60.97 33.36
C VAL L 468 -29.02 59.85 33.93
N LYS L 469 -28.41 59.02 34.78
CA LYS L 469 -29.11 57.87 35.32
C LYS L 469 -29.66 58.15 36.72
N ALA L 470 -29.43 59.36 37.23
CA ALA L 470 -30.07 59.76 38.46
C ALA L 470 -31.55 60.04 38.15
N SER L 471 -32.26 58.97 37.79
CA SER L 471 -33.62 59.09 37.27
C SER L 471 -34.60 59.65 38.28
N SER L 472 -34.34 59.41 39.55
CA SER L 472 -35.21 59.93 40.61
C SER L 472 -35.12 61.44 40.67
N ILE L 473 -33.91 61.97 40.44
CA ILE L 473 -33.70 63.41 40.46
C ILE L 473 -34.21 64.05 39.17
N VAL L 474 -33.95 63.39 38.06
CA VAL L 474 -34.40 63.88 36.75
C VAL L 474 -35.93 63.91 36.68
N ALA L 475 -36.56 62.89 37.21
CA ALA L 475 -38.02 62.82 37.25
C ALA L 475 -38.58 63.98 38.04
N SER L 476 -37.91 64.30 39.15
CA SER L 476 -38.30 65.43 39.99
C SER L 476 -38.14 66.75 39.24
N LEU L 477 -37.09 66.84 38.43
CA LEU L 477 -36.87 68.02 37.60
C LEU L 477 -37.98 68.19 36.58
N PHE L 478 -38.46 67.07 36.05
CA PHE L 478 -39.56 67.07 35.10
C PHE L 478 -40.85 67.55 35.77
N LEU L 479 -41.14 67.00 36.95
CA LEU L 479 -42.32 67.36 37.70
C LEU L 479 -42.33 68.83 38.12
N LYS L 480 -41.16 69.33 38.51
CA LYS L 480 -41.02 70.70 39.00
C LYS L 480 -41.44 71.72 37.94
N GLU L 481 -41.35 71.33 36.68
CA GLU L 481 -41.68 72.22 35.58
C GLU L 481 -43.18 72.49 35.50
N PHE L 482 -43.96 71.69 36.20
CA PHE L 482 -45.42 71.81 36.13
C PHE L 482 -46.01 72.41 37.41
N VAL L 483 -45.15 73.01 38.24
CA VAL L 483 -45.58 73.81 39.37
C VAL L 483 -44.81 75.13 39.37
N GLN L 484 -45.53 76.22 39.12
CA GLN L 484 -44.92 77.52 38.87
C GLN L 484 -44.74 78.39 40.12
N ASN L 485 -45.77 78.46 40.96
CA ASN L 485 -45.80 79.34 42.13
C ASN L 485 -46.43 78.72 43.36
N THR L 486 -46.07 77.48 43.66
CA THR L 486 -46.63 76.85 44.84
C THR L 486 -45.62 76.00 45.58
N ALA L 487 -45.69 76.03 46.91
CA ALA L 487 -44.83 75.15 47.71
C ALA L 487 -45.21 73.72 47.35
N TRP L 488 -44.23 72.96 46.88
CA TRP L 488 -44.49 71.62 46.36
C TRP L 488 -43.45 70.60 46.80
N ALA L 489 -43.93 69.43 47.21
CA ALA L 489 -43.04 68.33 47.60
C ALA L 489 -43.36 67.06 46.82
N HIS L 490 -42.32 66.26 46.58
CA HIS L 490 -42.44 65.02 45.81
C HIS L 490 -41.84 63.87 46.59
N ILE L 491 -42.67 62.91 46.96
CA ILE L 491 -42.21 61.76 47.74
C ILE L 491 -42.15 60.51 46.87
N ASP L 492 -40.92 60.04 46.61
CA ASP L 492 -40.73 58.86 45.77
C ASP L 492 -40.74 57.59 46.61
N ILE L 493 -41.81 56.82 46.48
CA ILE L 493 -42.03 55.65 47.32
C ILE L 493 -41.97 54.33 46.53
N ALA L 494 -41.24 54.32 45.42
CA ALA L 494 -41.13 53.13 44.59
C ALA L 494 -40.45 51.98 45.35
N GLY L 495 -39.45 52.32 46.16
CA GLY L 495 -38.70 51.34 46.91
C GLY L 495 -39.34 50.88 48.22
N VAL L 496 -40.09 51.77 48.85
CA VAL L 496 -40.61 51.53 50.20
C VAL L 496 -42.04 50.99 50.19
N SER L 497 -42.69 51.07 49.04
CA SER L 497 -44.11 50.75 48.95
C SER L 497 -44.42 49.27 49.22
N TRP L 498 -43.58 48.39 48.71
CA TRP L 498 -43.83 46.96 48.81
C TRP L 498 -42.95 46.23 49.81
N ASN L 499 -43.59 45.42 50.66
CA ASN L 499 -42.87 44.55 51.58
C ASN L 499 -42.52 43.22 50.90
N PHE L 500 -41.30 43.14 50.36
CA PHE L 500 -40.88 42.00 49.55
C PHE L 500 -40.75 40.70 50.34
N LYS L 501 -40.33 40.79 51.60
CA LYS L 501 -40.15 39.60 52.42
C LYS L 501 -41.49 39.02 52.82
N ALA L 502 -42.42 39.91 53.18
CA ALA L 502 -43.74 39.50 53.64
C ALA L 502 -44.73 39.29 52.50
N ARG L 503 -44.31 39.59 51.28
CA ARG L 503 -45.18 39.42 50.10
C ARG L 503 -46.46 40.23 50.19
N LYS L 504 -46.36 41.48 50.66
CA LYS L 504 -47.54 42.33 50.78
C LYS L 504 -47.17 43.82 50.75
N PRO L 505 -48.17 44.69 50.57
CA PRO L 505 -47.98 46.14 50.57
C PRO L 505 -47.70 46.67 51.98
N LYS L 506 -47.09 47.84 52.08
CA LYS L 506 -46.89 48.46 53.38
C LYS L 506 -47.98 49.48 53.68
N GLY L 507 -48.64 49.98 52.63
CA GLY L 507 -49.59 51.06 52.79
C GLY L 507 -48.81 52.30 53.18
N PHE L 508 -47.63 52.45 52.58
CA PHE L 508 -46.70 53.51 52.95
C PHE L 508 -47.23 54.88 52.53
N GLY L 509 -47.08 55.86 53.41
CA GLY L 509 -47.45 57.23 53.09
C GLY L 509 -48.69 57.70 53.83
N VAL L 510 -49.57 56.76 54.15
CA VAL L 510 -50.85 57.10 54.77
C VAL L 510 -50.66 57.84 56.09
N ARG L 511 -49.88 57.28 56.99
CA ARG L 511 -49.63 57.92 58.28
C ARG L 511 -48.78 59.17 58.11
N LEU L 512 -47.85 59.14 57.17
CA LEU L 512 -47.00 60.30 56.87
C LEU L 512 -47.78 61.53 56.46
N LEU L 513 -48.68 61.36 55.50
CA LEU L 513 -49.47 62.47 54.99
C LEU L 513 -50.48 62.99 56.01
N THR L 514 -51.04 62.07 56.79
CA THR L 514 -52.06 62.42 57.77
C THR L 514 -51.46 63.27 58.88
N GLU L 515 -50.29 62.89 59.35
CA GLU L 515 -49.58 63.67 60.37
C GLU L 515 -49.20 65.04 59.83
N PHE L 516 -48.91 65.11 58.53
CA PHE L 516 -48.56 66.37 57.87
C PHE L 516 -49.71 67.37 57.94
N VAL L 517 -50.94 66.88 57.75
CA VAL L 517 -52.11 67.74 57.75
C VAL L 517 -52.46 68.25 59.15
N LEU L 518 -52.32 67.37 60.12
CA LEU L 518 -52.69 67.68 61.50
C LEU L 518 -51.75 68.70 62.17
N ASN L 519 -50.45 68.52 61.99
CA ASN L 519 -49.46 69.29 62.74
C ASN L 519 -49.16 70.73 62.30
N ASP L 520 -49.45 71.09 61.05
CA ASP L 520 -49.26 72.49 60.63
C ASP L 520 -50.45 73.37 61.00
ZN ZN M . 42.53 -30.14 -14.51
C CO3 N . 39.00 -30.83 -10.28
O1 CO3 N . 39.36 -31.85 -9.56
O2 CO3 N . 39.85 -30.25 -11.09
O3 CO3 N . 37.78 -30.39 -10.19
ZN ZN O . 40.93 -32.83 -15.46
C12 1PE P . 32.78 -27.73 -20.62
C22 1PE P . 32.55 -28.21 -19.21
OH3 1PE P . 32.79 -29.62 -19.12
C13 1PE P . 32.90 -31.64 -17.87
C23 1PE P . 32.61 -30.15 -17.81
OH4 1PE P . 34.22 -31.90 -17.40
C14 1PE P . 34.34 -33.98 -18.59
C24 1PE P . 34.99 -32.62 -18.36
OH5 1PE P . 34.20 -34.18 -19.99
C15 1PE P . 32.73 -34.81 -21.78
C25 1PE P . 33.06 -34.97 -20.31
OH6 1PE P . 32.49 -33.43 -22.07
C14 1PE Q . 61.05 -3.37 -15.82
OH5 1PE Q . 60.55 -4.70 -15.98
C15 1PE Q . 59.06 -6.34 -15.13
C25 1PE Q . 59.26 -4.86 -15.40
OH6 1PE Q . 60.35 -6.91 -14.92
C16 1PE Q . 61.76 -7.27 -13.02
C26 1PE Q . 60.43 -7.62 -13.69
OH7 1PE Q . 61.67 -7.54 -11.63
C10 3MW R . 36.86 -25.60 -20.92
C21 3MW R . 35.81 -33.81 -14.68
C22 3MW R . 35.22 -35.06 -14.44
C24 3MW R . 33.85 -34.10 -12.71
C23 3MW R . 34.25 -35.19 -13.45
N26 3MW R . 33.69 -36.39 -13.22
C25 3MW R . 34.43 -32.86 -12.95
C19 3MW R . 35.39 -32.71 -13.94
C18 3MW R . 35.94 -31.44 -14.12
O20 3MW R . 35.41 -30.46 -13.61
N13 3MW R . 37.12 -31.38 -14.78
C12 3MW R . 37.84 -30.10 -14.88
C14 3MW R . 39.36 -30.34 -14.74
O15 3MW R . 40.17 -29.62 -15.31
N16 3MW R . 39.69 -31.37 -13.95
O17 3MW R . 41.08 -31.61 -13.78
C03 3MW R . 37.63 -29.29 -16.00
C04 3MW R . 37.40 -29.77 -17.29
C05 3MW R . 37.21 -28.84 -18.33
C02 3MW R . 37.70 -27.93 -15.76
C01 3MW R . 37.52 -27.01 -16.79
C06 3MW R . 37.28 -27.47 -18.07
N07 3MW R . 37.12 -26.56 -19.03
N08 3MW R . 37.09 -25.36 -18.82
C09 3MW R . 36.93 -24.70 -19.95
C11 3MW R . 36.97 -26.79 -20.33
ZN ZN S . 38.73 -57.54 -19.16
C CO3 T . 37.43 -60.64 -23.10
O1 CO3 T . 38.22 -61.10 -24.01
O2 CO3 T . 37.93 -60.14 -22.00
O3 CO3 T . 36.15 -60.69 -23.26
ZN ZN U . 38.77 -55.65 -21.48
S SO4 V . 55.05 -45.30 -20.99
O1 SO4 V . 53.98 -46.17 -20.52
O2 SO4 V . 55.08 -45.26 -22.44
O3 SO4 V . 54.82 -43.95 -20.48
O4 SO4 V . 56.32 -45.81 -20.48
C10 3MW W . 30.24 -54.55 -16.01
C21 3MW W . 34.97 -55.34 -25.65
C22 3MW W . 35.04 -54.88 -26.97
C24 3MW W . 33.66 -56.70 -27.70
C23 3MW W . 34.38 -55.56 -27.99
N26 3MW W . 34.46 -55.12 -29.24
C25 3MW W . 33.58 -57.17 -26.39
C19 3MW W . 34.23 -56.48 -25.36
C18 3MW W . 34.15 -56.98 -24.07
O20 3MW W . 33.71 -58.11 -23.88
N13 3MW W . 34.60 -56.20 -23.08
C12 3MW W . 34.64 -56.73 -21.70
C14 3MW W . 36.07 -56.63 -21.18
O15 3MW W . 36.42 -55.68 -20.50
N16 3MW W . 36.86 -57.66 -21.54
O17 3MW W . 38.20 -57.62 -21.08
C03 3MW W . 33.78 -56.12 -20.78
C04 3MW W . 33.23 -54.85 -20.96
C05 3MW W . 32.40 -54.33 -19.97
C02 3MW W . 33.51 -56.84 -19.63
C01 3MW W . 32.68 -56.33 -18.65
C06 3MW W . 32.12 -55.07 -18.82
N07 3MW W . 31.33 -54.60 -17.86
N08 3MW W . 30.81 -53.52 -17.81
C09 3MW W . 30.10 -53.41 -16.68
C11 3MW W . 31.03 -55.30 -16.76
ZN ZN X . 48.03 -41.07 -39.62
C CO3 Y . 47.19 -35.94 -41.07
O1 CO3 Y . 47.52 -37.18 -40.87
O2 CO3 Y . 48.11 -35.07 -41.36
O3 CO3 Y . 45.95 -35.55 -40.95
ZN ZN Z . 46.29 -39.75 -37.09
S SO4 AA . 45.67 -81.08 -64.87
O1 SO4 AA . 45.89 -82.46 -64.44
O2 SO4 AA . 46.91 -80.52 -65.39
O3 SO4 AA . 44.65 -81.06 -65.93
O4 SO4 AA . 45.21 -80.28 -63.74
OH3 1PE BA . 66.78 -60.24 -57.21
C13 1PE BA . 65.45 -58.41 -56.35
C23 1PE BA . 66.85 -59.00 -56.50
OH4 1PE BA . 64.57 -59.40 -55.85
C14 1PE BA . 62.27 -60.02 -55.39
C24 1PE BA . 63.26 -58.88 -55.61
OH5 1PE BA . 62.15 -60.77 -56.59
C15 1PE BA . 61.45 -62.80 -57.68
C25 1PE BA . 61.49 -62.02 -56.37
C22 1PE CA . 42.87 -22.53 -55.89
OH3 1PE CA . 42.33 -21.33 -55.33
C13 1PE CA . 41.81 -20.12 -53.31
C23 1PE CA . 42.12 -21.48 -53.92
OH4 1PE CA . 40.43 -19.82 -53.49
C14 1PE CA . 38.44 -18.76 -52.60
C24 1PE CA . 39.87 -19.22 -52.32
OH5 1PE CA . 37.51 -19.77 -52.22
C10 3MW DA . 40.35 -44.65 -43.47
C21 3MW DA . 41.99 -35.86 -37.80
C22 3MW DA . 41.59 -34.85 -36.94
C24 3MW DA . 41.48 -33.31 -38.79
C23 3MW DA . 41.34 -33.57 -37.44
N26 3MW DA . 40.95 -32.60 -36.62
C25 3MW DA . 41.88 -34.32 -39.65
C19 3MW DA . 42.12 -35.60 -39.17
C18 3MW DA . 42.55 -36.59 -40.05
O20 3MW DA . 42.50 -36.41 -41.26
N13 3MW DA . 43.09 -37.68 -39.47
C12 3MW DA . 43.73 -38.74 -40.26
C14 3MW DA . 44.93 -39.29 -39.47
O15 3MW DA . 44.76 -40.12 -38.57
N16 3MW DA . 46.13 -38.83 -39.83
O17 3MW DA . 47.28 -39.35 -39.10
C03 3MW DA . 42.94 -39.83 -40.65
C04 3MW DA . 41.90 -40.36 -39.90
C05 3MW DA . 41.19 -41.46 -40.39
C02 3MW DA . 43.28 -40.41 -41.87
C01 3MW DA . 42.57 -41.50 -42.35
C06 3MW DA . 41.53 -42.03 -41.61
N07 3MW DA . 40.89 -43.08 -42.11
N08 3MW DA . 39.98 -43.69 -41.59
C09 3MW DA . 39.58 -44.69 -42.39
C11 3MW DA . 41.18 -43.63 -43.29
ZN ZN EA . 17.07 -31.18 -47.82
C CO3 FA . 19.26 -35.48 -50.35
O1 CO3 FA . 18.94 -34.25 -50.09
O2 CO3 FA . 20.45 -35.93 -50.04
O3 CO3 FA . 18.41 -36.26 -50.94
ZN ZN GA . 17.44 -33.75 -45.78
C10 3MW HA . 25.19 -27.74 -44.42
C21 3MW HA . 21.60 -37.78 -45.15
C22 3MW HA . 21.48 -39.12 -44.78
C24 3MW HA . 22.96 -39.76 -46.56
C23 3MW HA . 22.16 -40.11 -45.49
N26 3MW HA . 22.03 -41.38 -45.14
C25 3MW HA . 23.09 -38.42 -46.93
C19 3MW HA . 22.43 -37.43 -46.22
C18 3MW HA . 22.56 -36.11 -46.62
O20 3MW HA . 23.43 -35.76 -47.42
N13 3MW HA . 21.63 -35.29 -46.12
C12 3MW HA . 21.45 -33.89 -46.54
C14 3MW HA . 19.98 -33.54 -46.35
O15 3MW HA . 19.43 -33.73 -45.28
N16 3MW HA . 19.38 -33.03 -47.43
O17 3MW HA . 18.02 -32.70 -47.31
C03 3MW HA . 22.21 -32.89 -45.92
C04 3MW HA . 22.82 -33.02 -44.67
C05 3MW HA . 23.52 -31.92 -44.15
C02 3MW HA . 22.28 -31.68 -46.60
C01 3MW HA . 22.97 -30.60 -46.09
C06 3MW HA . 23.59 -30.72 -44.86
N07 3MW HA . 24.25 -29.66 -44.41
N08 3MW HA . 24.63 -29.47 -43.28
C09 3MW HA . 25.24 -28.28 -43.21
C11 3MW HA . 24.56 -28.63 -45.18
ZN ZN IA . 8.56 -52.42 -31.55
C CO3 JA . 8.51 -53.36 -25.88
O1 CO3 JA . 7.31 -53.03 -25.51
O2 CO3 JA . 9.51 -53.20 -25.06
O3 CO3 JA . 8.72 -53.86 -27.06
ZN ZN KA . 9.65 -49.62 -30.00
S SO4 LA . -0.12 -34.12 -36.73
O1 SO4 LA . 0.18 -34.28 -35.32
O2 SO4 LA . 0.26 -35.33 -37.45
O3 SO4 LA . -1.56 -33.89 -36.90
O4 SO4 LA . 0.62 -32.97 -37.27
C12 1PE MA . -2.52 -74.98 -55.28
C22 1PE MA . -1.61 -73.78 -55.39
OH3 1PE MA . -1.48 -73.16 -54.12
C13 1PE MA . -0.51 -71.40 -52.77
C23 1PE MA . -0.64 -72.00 -54.17
OH4 1PE MA . -1.80 -71.02 -52.29
C14 1PE MA . -3.11 -70.03 -50.53
C24 1PE MA . -1.75 -70.58 -50.93
OH5 1PE MA . -4.08 -71.07 -50.56
C15 1PE MA . -6.35 -71.74 -50.01
C25 1PE MA . -5.38 -70.59 -50.20
OH6 1PE MA . -6.93 -72.12 -51.25
C15 1PE NA . -6.18 -64.14 -55.48
C25 1PE NA . -6.96 -63.17 -54.61
OH6 1PE NA . -5.86 -65.31 -54.74
C16 1PE NA . -4.68 -67.42 -54.75
C26 1PE NA . -5.39 -66.36 -55.58
OH7 1PE NA . -5.59 -67.99 -53.80
C10 3MW OA . 16.89 -55.29 -34.59
C21 3MW OA . 13.73 -49.91 -26.14
C22 3MW OA . 14.04 -49.02 -25.13
C24 3MW OA . 13.62 -50.72 -23.47
C23 3MW OA . 13.98 -49.42 -23.79
N26 3MW OA . 14.27 -48.57 -22.81
C25 3MW OA . 13.32 -51.62 -24.49
C19 3MW OA . 13.38 -51.22 -25.81
C18 3MW OA . 13.05 -52.16 -26.79
O20 3MW OA . 12.85 -53.33 -26.47
N13 3MW OA . 12.91 -51.71 -28.04
C12 3MW OA . 12.46 -52.64 -29.11
C14 3MW OA . 11.23 -52.06 -29.80
O15 3MW OA . 10.23 -51.74 -29.16
N16 3MW OA . 11.33 -51.94 -31.13
O17 3MW OA . 10.23 -51.43 -31.82
C03 3MW OA . 13.41 -52.94 -30.10
C04 3MW OA . 14.44 -52.08 -30.44
C05 3MW OA . 15.33 -52.46 -31.46
C02 3MW OA . 13.26 -54.16 -30.75
C01 3MW OA . 14.15 -54.53 -31.76
C06 3MW OA . 15.18 -53.68 -32.11
N07 3MW OA . 16.01 -54.07 -33.07
N08 3MW OA . 16.91 -53.44 -33.52
C09 3MW OA . 17.52 -54.13 -34.48
C11 3MW OA . 15.92 -55.24 -33.70
ZN ZN PA . 10.17 -26.03 -20.61
C CO3 QA . 13.38 -22.05 -21.77
O1 CO3 QA . 12.51 -22.87 -21.25
O2 CO3 QA . 14.65 -22.27 -21.67
O3 CO3 QA . 12.97 -20.99 -22.39
ZN ZN RA . 12.10 -27.08 -23.34
C12 1PE SA . -11.83 -40.74 -19.08
C22 1PE SA . -12.97 -39.83 -19.48
OH3 1PE SA . -13.94 -39.84 -18.43
C13 1PE SA . -16.15 -39.23 -17.75
C23 1PE SA . -14.98 -38.90 -18.66
OH4 1PE SA . -15.67 -39.47 -16.43
C24 1PE SA . -16.70 -39.92 -15.55
C10 3MW TA . 16.05 -31.52 -15.24
C21 3MW TA . 17.51 -25.73 -23.89
C22 3MW TA . 18.11 -25.30 -25.06
C24 3MW TA . 19.25 -23.55 -23.84
C23 3MW TA . 18.99 -24.20 -25.04
N26 3MW TA . 19.57 -23.79 -26.17
C25 3MW TA . 18.64 -23.99 -22.68
C19 3MW TA . 17.78 -25.09 -22.69
C18 3MW TA . 17.17 -25.47 -21.50
O20 3MW TA . 17.76 -25.34 -20.41
N13 3MW TA . 15.91 -25.92 -21.63
C12 3MW TA . 15.03 -26.27 -20.49
C14 3MW TA . 13.59 -26.41 -20.98
O15 3MW TA . 13.15 -25.66 -21.86
N16 3MW TA . 12.85 -27.36 -20.38
O17 3MW TA . 11.48 -27.53 -20.80
C03 3MW TA . 15.38 -27.38 -19.71
C04 3MW TA . 16.10 -28.48 -20.16
C05 3MW TA . 16.37 -29.53 -19.29
C02 3MW TA . 14.93 -27.35 -18.39
C01 3MW TA . 15.18 -28.39 -17.52
C06 3MW TA . 15.91 -29.49 -17.97
N07 3MW TA . 16.12 -30.46 -17.10
N08 3MW TA . 16.69 -31.51 -17.29
C09 3MW TA . 16.69 -32.23 -16.17
C11 3MW TA . 15.70 -30.40 -15.83
ZN ZN UA . -13.20 49.90 43.50
C CO3 VA . -16.58 48.54 47.49
O1 CO3 VA . -15.72 47.88 48.21
O2 CO3 VA . -16.14 49.36 46.58
O3 CO3 VA . -17.85 48.38 47.68
ZN ZN WA . -14.46 46.82 42.40
S SO4 XA . -0.70 34.46 37.06
O1 SO4 XA . -1.36 33.31 37.67
O2 SO4 XA . -0.73 34.33 35.61
O3 SO4 XA . -1.40 35.69 37.46
O4 SO4 XA . 0.68 34.54 37.50
S SO4 YA . -6.63 66.71 32.95
O1 SO4 YA . -7.03 65.71 31.96
O2 SO4 YA . -6.13 67.90 32.27
O3 SO4 YA . -7.79 67.05 33.76
O4 SO4 YA . -5.59 66.15 33.80
C12 1PE ZA . 7.08 77.36 42.75
C22 1PE ZA . 5.78 76.92 42.09
OH3 1PE ZA . 5.64 75.51 42.20
C13 1PE ZA . 4.26 73.56 41.91
C23 1PE ZA . 4.39 75.06 41.70
OH4 1PE ZA . 4.43 73.25 43.30
C14 1PE ZA . 4.70 71.56 44.99
C24 1PE ZA . 4.34 71.85 43.54
OH5 1PE ZA . 6.07 71.90 45.22
C25 1PE ZA . 6.41 71.77 46.60
OH3 1PE AB . 9.07 72.18 43.47
C13 1PE AB . 8.46 70.71 41.66
C23 1PE AB . 8.70 72.15 42.09
OH4 1PE AB . 9.24 70.39 40.52
C14 1PE AB . 10.51 68.36 40.06
C24 1PE AB . 10.39 69.64 40.89
OH5 1PE AB . 10.46 67.26 40.97
C15 1PE AB . 11.45 65.21 41.71
C25 1PE AB . 11.20 66.13 40.52
OH6 1PE AB . 11.87 65.99 42.82
C16 1PE AB . 12.66 66.06 45.11
C26 1PE AB . 12.06 65.21 44.00
OH7 1PE AB . 11.71 67.04 45.54
C10 3MW BB . -18.31 54.66 37.85
C21 3MW BB . -20.40 46.02 43.74
C22 3MW BB . -21.06 44.82 43.99
C24 3MW BB . -22.28 45.85 45.80
C23 3MW BB . -22.00 44.73 45.01
N26 3MW BB . -22.63 43.58 45.24
C25 3MW BB . -21.62 47.04 45.55
C19 3MW BB . -20.69 47.14 44.52
C18 3MW BB . -20.01 48.34 44.30
O20 3MW BB . -20.30 49.35 44.93
N13 3MW BB . -19.00 48.25 43.43
C12 3MW BB . -18.04 49.34 43.18
C14 3MW BB . -16.68 48.68 42.98
O15 3MW BB . -16.49 47.91 42.04
N16 3MW BB . -15.75 49.01 43.88
O17 3MW BB . -14.48 48.41 43.71
C03 3MW BB . -18.23 50.17 42.06
C04 3MW BB . -18.96 49.81 40.94
C05 3MW BB . -19.04 50.72 39.87
C02 3MW BB . -17.59 51.41 42.11
C01 3MW BB . -17.68 52.30 41.06
C06 3MW BB . -18.41 51.96 39.94
N07 3MW BB . -18.48 52.82 38.94
N08 3MW BB . -18.87 52.60 37.82
C09 3MW BB . -18.80 53.70 37.08
C11 3MW BB . -18.11 54.10 39.03
ZN ZN CB . -17.14 22.37 38.99
C CO3 DB . -18.60 19.30 34.57
O1 CO3 DB . -17.61 18.56 34.17
O2 CO3 DB . -18.45 20.08 35.60
O3 CO3 DB . -19.74 19.24 33.94
ZN ZN EB . -17.03 24.22 36.30
OH3 1PE FB . -10.45 8.44 65.39
C13 1PE FB . -11.77 10.08 64.22
C23 1PE FB . -11.32 8.63 64.28
OH4 1PE FB . -12.96 10.28 64.98
C14 1PE FB . -14.73 11.82 65.63
C24 1PE FB . -13.39 11.64 64.93
OH5 1PE FB . -14.59 11.50 67.02
C15 1PE FB . -15.06 12.10 69.30
C25 1PE FB . -15.33 12.39 67.83
OH6 1PE FB . -15.06 13.31 70.05
C10 3MW GB . -25.62 26.34 41.13
C21 3MW GB . -20.80 23.97 32.13
C22 3MW GB . -20.59 24.34 30.80
C24 3MW GB . -22.41 22.91 30.13
C23 3MW GB . -21.40 23.81 29.80
N26 3MW GB . -21.20 24.17 28.54
C25 3MW GB . -22.61 22.55 31.45
C19 3MW GB . -21.82 23.08 32.45
C18 3MW GB . -22.00 22.69 33.78
O20 3MW GB . -22.81 21.83 34.09
N13 3MW GB . -21.17 23.30 34.64
C12 3MW GB . -21.06 22.93 36.07
C14 3MW GB . -19.62 23.23 36.47
O15 3MW GB . -19.19 24.39 36.48
N16 3MW GB . -18.89 22.15 36.76
O17 3MW GB . -17.55 22.37 37.11
C03 3MW GB . -21.93 23.55 36.98
C04 3MW GB . -22.62 24.74 36.75
C05 3MW GB . -23.44 25.25 37.76
C02 3MW GB . -22.05 22.91 38.22
C01 3MW GB . -22.87 23.42 39.21
C06 3MW GB . -23.57 24.60 38.98
N07 3MW GB . -24.34 25.06 39.96
N08 3MW GB . -24.61 24.46 40.99
C09 3MW GB . -25.40 25.20 41.76
C11 3MW GB . -24.94 26.26 39.99
ZN ZN HB . -7.92 38.21 18.08
C CO3 IB . -7.84 43.47 16.83
O1 CO3 IB . -7.66 42.21 16.58
O2 CO3 IB . -6.84 44.19 17.26
O3 CO3 IB . -9.01 44.01 16.66
ZN ZN JB . -8.92 39.95 20.45
C10 3MW KB . -16.15 35.06 15.46
C21 3MW KB . -13.25 43.87 19.73
C22 3MW KB . -13.52 44.99 20.51
C24 3MW KB . -14.50 46.08 18.61
C23 3MW KB . -14.15 46.10 19.95
N26 3MW KB . -14.41 47.15 20.71
C25 3MW KB . -14.24 44.97 17.82
C19 3MW KB . -13.61 43.86 18.38
C18 3MW KB . -13.32 42.75 17.60
O20 3MW KB . -13.92 42.52 16.54
N13 3MW KB . -12.29 42.03 18.07
C12 3MW KB . -11.67 40.88 17.41
C14 3MW KB . -10.56 40.33 18.29
O15 3MW KB . -10.80 39.78 19.36
N16 3MW KB . -9.32 40.53 17.81
O17 3MW KB . -8.22 40.04 18.61
C03 3MW KB . -12.51 39.82 17.02
C04 3MW KB . -13.69 39.50 17.67
C05 3MW KB . -14.45 38.42 17.21
C02 3MW KB . -12.08 39.07 15.94
C01 3MW KB . -12.83 37.99 15.48
C06 3MW KB . -14.01 37.66 16.11
N07 3MW KB . -14.71 36.63 15.66
N08 3MW KB . -14.44 36.03 14.63
C09 3MW KB . -15.31 35.04 14.44
C11 3MW KB . -15.77 36.07 16.23
ZN ZN LB . -38.03 48.24 10.09
C CO3 MB . -35.83 43.75 7.20
O1 CO3 MB . -36.17 44.99 7.34
O2 CO3 MB . -34.64 43.34 7.53
O3 CO3 MB . -36.69 42.89 6.73
ZN ZN NB . -38.30 46.02 12.15
S SO4 OB . -55.65 45.52 20.86
O1 SO4 OB . -55.71 44.09 21.06
O2 SO4 OB . -54.75 45.82 19.75
O3 SO4 OB . -56.98 46.04 20.55
O4 SO4 OB . -55.16 46.17 22.08
C10 3MW PB . -30.38 51.70 14.94
C21 3MW PB . -33.96 42.57 12.86
C22 3MW PB . -34.07 41.28 13.36
C24 3MW PB . -32.81 40.46 11.47
C23 3MW PB . -33.49 40.22 12.66
N26 3MW PB . -33.58 38.98 13.12
C25 3MW PB . -32.71 41.75 10.97
C19 3MW PB . -33.27 42.81 11.67
C18 3MW PB . -33.17 44.09 11.14
O20 3MW PB . -32.38 44.33 10.23
N13 3MW PB . -34.01 44.99 11.64
C12 3MW PB . -34.11 46.35 11.09
C14 3MW PB . -35.59 46.74 11.01
O15 3MW PB . -36.02 47.78 11.51
N16 3MW PB . -36.36 45.84 10.36
O17 3MW PB . -37.74 46.14 10.25
C03 3MW PB . -33.39 47.33 11.77
C04 3MW PB . -32.93 47.17 13.07
C05 3MW PB . -32.24 48.22 13.68
C02 3MW PB . -33.17 48.53 11.10
C01 3MW PB . -32.49 49.56 11.70
C06 3MW PB . -32.02 49.41 13.00
N07 3MW PB . -31.36 50.43 13.54
N08 3MW PB . -31.01 51.40 12.92
C09 3MW PB . -30.38 52.25 13.73
C11 3MW PB . -31.00 50.54 14.81
ZN ZN QB . -47.22 27.34 26.14
C CO3 RB . -47.06 26.10 31.36
O1 CO3 RB . -47.95 26.68 32.12
O2 CO3 RB . -46.00 25.58 31.90
O3 CO3 RB . -47.23 26.06 30.07
ZN ZN SB . -46.01 29.92 27.68
S SO4 TB . -57.04 14.63 0.03
O1 SO4 TB . -55.81 14.09 0.58
O2 SO4 TB . -57.86 13.53 -0.50
O3 SO4 TB . -57.79 15.34 1.06
O4 SO4 TB . -56.73 15.56 -1.06
C12 1PE UB . -59.86 4.90 3.89
C22 1PE UB . -58.40 5.00 4.28
OH3 1PE UB . -57.91 6.30 3.95
C13 1PE UB . -56.03 7.84 4.02
C23 1PE UB . -56.49 6.39 4.16
OH4 1PE UB . -57.00 8.66 4.66
C14 1PE UB . -57.86 9.45 6.76
C24 1PE UB . -56.63 8.94 6.00
OH5 1PE UB . -58.88 8.45 6.76
C15 1PE UB . -61.18 7.87 7.22
C25 1PE UB . -60.12 8.95 7.27
OH6 1PE UB . -62.43 8.43 7.58
C10 3MW VB . -38.09 25.77 23.42
C21 3MW VB . -42.13 29.84 31.88
C22 3MW VB . -42.05 30.79 32.88
C24 3MW VB . -41.49 29.06 34.45
C23 3MW VB . -41.73 30.39 34.18
N26 3MW VB . -41.65 31.30 35.15
C25 3MW VB . -41.57 28.11 33.44
C19 3MW VB . -41.88 28.51 32.14
C18 3MW VB . -41.99 27.56 31.13
O20 3MW VB . -41.51 26.44 31.24
N13 3MW VB . -42.72 27.98 30.09
C12 3MW VB . -43.14 27.16 28.94
C14 3MW VB . -44.30 27.90 28.27
O15 3MW VB . -44.14 28.95 27.66
N16 3MW VB . -45.49 27.30 28.43
O17 3MW VB . -46.59 27.95 27.85
C03 3MW VB . -42.17 26.89 27.96
C04 3MW VB . -40.98 27.57 27.79
C05 3MW VB . -40.12 27.20 26.75
C02 3MW VB . -42.50 25.85 27.08
C01 3MW VB . -41.64 25.48 26.06
C06 3MW VB . -40.45 26.16 25.90
N07 3MW VB . -39.64 25.78 24.90
N08 3MW VB . -39.75 24.74 24.29
C09 3MW VB . -38.81 24.66 23.35
C11 3MW VB . -38.63 26.49 24.41
S DMS WB . -34.25 32.15 19.06
O DMS WB . -33.58 30.96 19.68
C1 DMS WB . -34.57 33.40 20.33
C2 DMS WB . -33.04 33.05 18.04
H11 DMS WB . -35.28 33.02 21.02
H12 DMS WB . -34.97 34.27 19.88
H13 DMS WB . -33.68 33.64 20.84
H21 DMS WB . -32.74 32.44 17.23
H22 DMS WB . -32.20 33.31 18.63
H23 DMS WB . -33.49 33.94 17.67
ZN ZN XB . -45.12 53.18 36.92
C CO3 YB . -41.93 57.80 36.06
O1 CO3 YB . -42.73 56.80 36.30
O2 CO3 YB . -40.65 57.64 36.12
O3 CO3 YB . -42.42 58.97 35.74
ZN ZN ZB . -43.72 52.62 34.11
S SO4 AC . -67.31 44.99 55.96
O1 SO4 AC . -66.76 43.70 55.57
O2 SO4 AC . -67.82 45.69 54.79
O3 SO4 AC . -68.41 44.78 56.91
O4 SO4 AC . -66.28 45.79 56.60
C10 3MW BC . -39.07 47.44 41.49
C21 3MW BC . -38.05 53.67 33.41
C22 3MW BC . -37.38 53.88 32.21
C24 3MW BC . -35.98 55.53 33.25
C23 3MW BC . -36.35 54.80 32.13
N26 3MW BC . -35.71 55.00 30.97
C25 3MW BC . -36.64 55.32 34.46
C19 3MW BC . -37.66 54.39 34.55
C18 3MW BC . -38.35 54.21 35.74
O20 3MW BC . -37.99 54.77 36.77
N13 3MW BC . -39.43 53.43 35.66
C12 3MW BC . -40.36 53.23 36.78
C14 3MW BC . -41.76 53.04 36.22
O15 3MW BC . -42.14 51.93 35.83
N16 3MW BC . -42.51 54.14 36.19
O17 3MW BC . -43.80 54.01 35.68
C03 3MW BC . -40.11 52.17 37.66
C04 3MW BC . -39.40 51.03 37.31
C05 3MW BC . -39.23 50.03 38.27
C02 3MW BC . -40.66 52.30 38.92
C01 3MW BC . -40.50 51.31 39.86
C06 3MW BC . -39.78 50.16 39.54
N07 3MW BC . -39.65 49.23 40.47
N08 3MW BC . -40.14 49.28 41.57
C09 3MW BC . -39.83 48.20 42.27
C11 3MW BC . -38.96 48.09 40.35
#